data_6PEW
#
_entry.id   6PEW
#
_entity_poly.entity_id   1
_entity_poly.type   'polypeptide(L)'
_entity_poly.pdbx_seq_one_letter_code
;MKSVSFSNNAELYEYIKDKKNDVEIVACIITNLLGTYFKCFFYVKEITLNKLESGFSFDASSIKLCSDTEVSDFFIKVDH
STCYLEECDGKNILNIMCDIKRYNGFDYYKCPRTILKKTCEFVKNEGIADKVCIGNELEFFIFDKVNYSLDEYNTYLKVY
DRESFSCKNDLSSIYGNHVVNKVEPHKDHFNNPNNEYLINDDSKKVKKKSGYFTTDPYDTSNIIKLRICRALNDMNINVQ
RYHHEVSTSQHEISLKYFDALTNADFLLITKQIIKTTVSSFNRTATFMPKPLVNDNGNGLHCNISLWKNNKNIFYHNDPS
TFFLSKESFYFMYGIVKHAKALQAFCNATMNSYKRLVPGFETCQKLFYSFGSRSAVIRLSLINYSNPSEKRIEFRLPDCA
NSPHLVMAAIILAGYDGIKSKEQPLVPFESKDNHFYISSIFSKYVQHPENFNILTHALEGYESLHTINESPEFKNFFKCE
EPQGISFSLVESLDALEKDHAFLTVNNIFTEEMIQEYIKFKREEIDAYNKYVNAYDYHLYYEC
;
_entity_poly.pdbx_strand_id   D,G,H,I,J,K,L,A,B,C,E,F
#
# COMPACT_ATOMS: atom_id res chain seq x y z
N MET A 1 -44.70 -2.97 -22.44
CA MET A 1 -44.65 -1.62 -22.98
C MET A 1 -45.67 -1.40 -24.07
N LYS A 2 -46.77 -2.14 -24.00
CA LYS A 2 -47.79 -2.02 -25.04
C LYS A 2 -48.51 -0.69 -24.92
N SER A 3 -48.91 -0.15 -26.07
CA SER A 3 -49.59 1.13 -26.14
C SER A 3 -51.09 0.90 -26.23
N VAL A 4 -51.86 1.75 -25.57
CA VAL A 4 -53.31 1.66 -25.56
C VAL A 4 -53.88 2.97 -26.09
N SER A 5 -55.01 2.90 -26.78
CA SER A 5 -55.66 4.05 -27.35
C SER A 5 -57.05 4.24 -26.75
N PHE A 6 -57.49 5.50 -26.72
CA PHE A 6 -58.78 5.85 -26.14
C PHE A 6 -59.43 6.93 -26.99
N SER A 7 -60.74 7.08 -26.84
CA SER A 7 -61.48 8.09 -27.59
C SER A 7 -62.13 9.18 -26.75
N ASN A 8 -62.55 8.85 -25.54
CA ASN A 8 -63.20 9.79 -24.64
C ASN A 8 -62.69 9.62 -23.24
N ASN A 9 -62.78 10.66 -22.42
CA ASN A 9 -62.26 10.53 -21.06
C ASN A 9 -62.93 9.43 -20.27
N ALA A 10 -64.11 8.98 -20.69
CA ALA A 10 -64.80 7.92 -19.96
C ALA A 10 -64.16 6.57 -20.21
N GLU A 11 -63.57 6.36 -21.40
CA GLU A 11 -62.92 5.08 -21.67
C GLU A 11 -61.63 4.90 -20.89
N LEU A 12 -61.06 5.98 -20.35
CA LEU A 12 -60.03 5.81 -19.34
C LEU A 12 -60.59 5.16 -18.09
N TYR A 13 -61.68 5.71 -17.57
CA TYR A 13 -62.19 5.30 -16.26
C TYR A 13 -62.75 3.88 -16.29
N GLU A 14 -63.23 3.42 -17.45
CA GLU A 14 -63.63 2.03 -17.54
C GLU A 14 -62.44 1.11 -17.72
N TYR A 15 -61.38 1.58 -18.38
CA TYR A 15 -60.20 0.76 -18.57
C TYR A 15 -59.36 0.68 -17.29
N ILE A 16 -59.38 1.73 -16.49
CA ILE A 16 -58.62 1.77 -15.26
C ILE A 16 -59.25 0.87 -14.21
N LYS A 17 -60.58 0.92 -14.06
CA LYS A 17 -61.25 0.18 -13.00
C LYS A 17 -61.46 -1.29 -13.32
N ASP A 18 -61.19 -1.73 -14.54
CA ASP A 18 -61.39 -3.13 -14.89
C ASP A 18 -60.26 -3.99 -14.30
N LYS A 19 -60.64 -5.12 -13.72
CA LYS A 19 -59.69 -5.93 -12.96
C LYS A 19 -58.83 -6.83 -13.82
N LYS A 20 -59.14 -6.98 -15.11
CA LYS A 20 -58.33 -7.81 -15.97
C LYS A 20 -56.98 -7.18 -16.31
N ASN A 21 -56.92 -5.85 -16.37
CA ASN A 21 -55.74 -5.18 -16.85
C ASN A 21 -54.69 -4.97 -15.77
N ASP A 22 -55.08 -5.07 -14.51
CA ASP A 22 -54.19 -5.00 -13.34
C ASP A 22 -53.48 -3.65 -13.24
N VAL A 23 -54.13 -2.60 -13.72
CA VAL A 23 -53.54 -1.26 -13.70
C VAL A 23 -53.59 -0.73 -12.28
N GLU A 24 -52.42 -0.47 -11.70
CA GLU A 24 -52.30 -0.10 -10.31
C GLU A 24 -52.02 1.37 -10.09
N ILE A 25 -51.17 1.98 -10.90
CA ILE A 25 -50.76 3.37 -10.77
C ILE A 25 -51.07 4.07 -12.07
N VAL A 26 -51.53 5.32 -11.99
CA VAL A 26 -51.71 6.18 -13.16
C VAL A 26 -50.74 7.34 -13.04
N ALA A 27 -49.84 7.46 -14.00
CA ALA A 27 -48.83 8.51 -13.95
C ALA A 27 -49.15 9.60 -14.97
N CYS A 28 -48.77 10.81 -14.63
CA CYS A 28 -49.01 11.98 -15.47
C CYS A 28 -47.66 12.56 -15.89
N ILE A 29 -47.62 13.24 -17.03
CA ILE A 29 -46.37 13.72 -17.62
C ILE A 29 -46.58 15.17 -18.01
N ILE A 30 -45.77 16.08 -17.47
CA ILE A 30 -45.87 17.51 -17.77
C ILE A 30 -44.56 17.96 -18.39
N THR A 31 -44.57 19.13 -19.03
CA THR A 31 -43.41 19.65 -19.72
C THR A 31 -43.36 21.17 -19.51
N ASN A 32 -42.16 21.72 -19.52
CA ASN A 32 -41.84 23.14 -19.31
C ASN A 32 -41.71 23.88 -20.64
N LEU A 33 -41.52 25.19 -20.54
CA LEU A 33 -41.04 25.95 -21.69
C LEU A 33 -39.64 25.54 -22.07
N LEU A 34 -38.84 25.16 -21.10
CA LEU A 34 -37.58 24.49 -21.34
C LEU A 34 -37.87 23.01 -21.56
N GLY A 35 -36.90 22.24 -21.97
CA GLY A 35 -37.21 20.85 -22.18
C GLY A 35 -37.01 20.02 -20.92
N THR A 36 -38.07 19.75 -20.17
CA THR A 36 -37.94 18.93 -18.97
C THR A 36 -39.03 17.88 -18.99
N TYR A 37 -38.98 16.98 -18.02
CA TYR A 37 -39.84 15.81 -18.02
C TYR A 37 -40.26 15.56 -16.58
N PHE A 38 -41.45 16.01 -16.23
CA PHE A 38 -41.99 15.92 -14.89
C PHE A 38 -43.00 14.79 -14.83
N LYS A 39 -43.17 14.19 -13.65
CA LYS A 39 -43.99 13.00 -13.55
C LYS A 39 -44.45 12.80 -12.11
N CYS A 40 -45.76 12.58 -11.94
CA CYS A 40 -46.36 12.37 -10.65
C CYS A 40 -47.19 11.10 -10.70
N PHE A 41 -47.26 10.39 -9.57
CA PHE A 41 -47.87 9.06 -9.54
C PHE A 41 -49.14 9.08 -8.70
N PHE A 42 -50.23 8.56 -9.28
CA PHE A 42 -51.53 8.55 -8.65
C PHE A 42 -52.02 7.12 -8.57
N TYR A 43 -52.73 6.79 -7.49
CA TYR A 43 -53.18 5.42 -7.31
C TYR A 43 -54.62 5.25 -7.77
N VAL A 44 -54.91 4.06 -8.28
CA VAL A 44 -56.15 3.78 -9.00
C VAL A 44 -57.37 3.79 -8.08
N LYS A 45 -57.27 3.22 -6.88
CA LYS A 45 -58.42 3.10 -5.99
C LYS A 45 -58.95 4.44 -5.51
N GLU A 46 -58.19 5.52 -5.61
CA GLU A 46 -58.64 6.82 -5.17
C GLU A 46 -59.15 7.70 -6.29
N ILE A 47 -58.89 7.36 -7.54
CA ILE A 47 -59.37 8.12 -8.68
C ILE A 47 -60.86 7.89 -8.84
N THR A 48 -61.63 8.97 -8.96
CA THR A 48 -63.07 8.90 -9.11
C THR A 48 -63.45 9.48 -10.46
N LEU A 49 -64.76 9.58 -10.69
CA LEU A 49 -65.29 10.15 -11.92
C LEU A 49 -65.00 11.65 -12.00
N ASN A 50 -65.02 12.32 -10.85
CA ASN A 50 -64.90 13.76 -10.78
C ASN A 50 -63.47 14.24 -11.01
N LYS A 51 -62.47 13.44 -10.63
CA LYS A 51 -61.09 13.83 -10.75
C LYS A 51 -60.53 13.66 -12.16
N LEU A 52 -61.36 13.31 -13.13
CA LEU A 52 -60.88 13.30 -14.50
C LEU A 52 -61.40 14.52 -15.26
N GLU A 53 -62.61 14.98 -14.95
CA GLU A 53 -63.09 16.25 -15.48
C GLU A 53 -62.35 17.42 -14.86
N SER A 54 -62.35 17.48 -13.53
CA SER A 54 -61.41 18.33 -12.82
C SER A 54 -60.01 17.72 -12.90
N GLY A 55 -59.04 18.50 -12.47
CA GLY A 55 -57.68 18.03 -12.52
C GLY A 55 -57.13 17.71 -11.14
N PHE A 56 -55.87 17.33 -11.13
CA PHE A 56 -55.16 16.97 -9.93
C PHE A 56 -54.43 18.19 -9.36
N SER A 57 -54.37 18.25 -8.03
CA SER A 57 -53.73 19.37 -7.37
C SER A 57 -52.22 19.31 -7.52
N PHE A 58 -51.68 20.46 -7.85
CA PHE A 58 -50.30 20.50 -8.17
C PHE A 58 -49.76 21.87 -7.80
N ASP A 59 -48.56 21.88 -7.22
CA ASP A 59 -47.94 23.13 -6.84
C ASP A 59 -46.82 23.35 -7.83
N ALA A 60 -46.88 24.45 -8.55
CA ALA A 60 -45.86 24.73 -9.54
C ALA A 60 -45.06 25.98 -9.20
N SER A 61 -44.93 26.29 -7.91
CA SER A 61 -44.14 27.44 -7.51
C SER A 61 -42.65 27.18 -7.61
N SER A 62 -42.24 25.92 -7.79
CA SER A 62 -40.84 25.52 -7.80
C SER A 62 -40.36 25.08 -9.16
N ILE A 63 -41.25 24.86 -10.10
CA ILE A 63 -40.87 24.49 -11.46
C ILE A 63 -40.46 25.74 -12.22
N LYS A 64 -39.34 25.65 -12.95
CA LYS A 64 -38.79 26.80 -13.64
C LYS A 64 -39.68 27.24 -14.79
N LEU A 65 -39.92 28.55 -14.88
CA LEU A 65 -40.82 29.18 -15.84
C LEU A 65 -42.24 28.63 -15.73
N CYS A 66 -42.73 28.44 -14.51
CA CYS A 66 -44.10 27.99 -14.32
C CYS A 66 -44.74 28.60 -13.09
N SER A 67 -44.37 29.85 -12.77
CA SER A 67 -44.91 30.53 -11.59
C SER A 67 -45.63 31.86 -11.89
N ASP A 68 -46.78 32.05 -11.23
CA ASP A 68 -47.60 33.26 -11.36
C ASP A 68 -47.60 33.93 -9.99
N THR A 69 -47.52 35.27 -9.96
CA THR A 69 -47.43 35.92 -8.65
C THR A 69 -48.24 35.17 -7.61
N GLU A 70 -49.56 35.08 -7.80
CA GLU A 70 -50.43 34.52 -6.79
C GLU A 70 -51.13 33.25 -7.16
N VAL A 71 -51.04 32.81 -8.41
CA VAL A 71 -51.52 31.46 -8.69
C VAL A 71 -50.46 30.51 -8.17
N SER A 72 -50.65 30.03 -6.93
CA SER A 72 -49.75 29.05 -6.34
C SER A 72 -50.30 27.64 -6.49
N ASP A 73 -51.55 27.51 -6.89
CA ASP A 73 -52.19 26.21 -7.07
C ASP A 73 -52.68 26.12 -8.51
N PHE A 74 -52.31 25.04 -9.19
CA PHE A 74 -52.69 24.79 -10.56
C PHE A 74 -53.46 23.49 -10.63
N PHE A 75 -53.75 23.06 -11.84
CA PHE A 75 -54.41 21.81 -12.12
C PHE A 75 -53.48 20.97 -12.99
N ILE A 76 -53.88 19.73 -13.23
CA ILE A 76 -53.24 18.88 -14.23
C ILE A 76 -54.36 18.20 -15.00
N LYS A 77 -54.55 18.60 -16.25
CA LYS A 77 -55.68 18.13 -17.02
C LYS A 77 -55.27 16.89 -17.82
N VAL A 78 -55.95 15.79 -17.55
CA VAL A 78 -55.61 14.51 -18.15
C VAL A 78 -56.10 14.51 -19.59
N ASP A 79 -55.17 14.26 -20.51
CA ASP A 79 -55.49 14.24 -21.93
C ASP A 79 -55.31 12.82 -22.47
N HIS A 80 -56.36 12.32 -23.11
CA HIS A 80 -56.39 10.97 -23.71
C HIS A 80 -55.68 10.86 -25.06
N SER A 81 -55.51 9.64 -25.56
CA SER A 81 -54.86 9.41 -26.86
C SER A 81 -53.32 9.38 -26.87
N THR A 82 -52.70 9.41 -25.70
CA THR A 82 -51.24 9.37 -25.60
C THR A 82 -50.93 8.56 -24.35
N CYS A 83 -51.08 7.25 -24.43
CA CYS A 83 -50.91 6.45 -23.23
C CYS A 83 -50.07 5.22 -23.59
N TYR A 84 -49.38 4.67 -22.60
CA TYR A 84 -48.73 3.39 -22.77
C TYR A 84 -48.55 2.74 -21.42
N LEU A 85 -48.72 1.42 -21.39
CA LEU A 85 -48.55 0.66 -20.17
C LEU A 85 -47.08 0.35 -19.93
N GLU A 86 -46.76 0.02 -18.68
CA GLU A 86 -45.42 -0.39 -18.30
C GLU A 86 -45.49 -1.60 -17.38
N GLU A 87 -44.32 -2.17 -17.12
CA GLU A 87 -44.15 -3.24 -16.15
C GLU A 87 -42.95 -2.86 -15.28
N CYS A 88 -43.20 -2.11 -14.21
CA CYS A 88 -42.16 -1.76 -13.26
C CYS A 88 -42.40 -2.58 -12.00
N ASP A 89 -41.51 -3.54 -11.74
CA ASP A 89 -41.53 -4.41 -10.56
C ASP A 89 -42.84 -5.18 -10.45
N GLY A 90 -43.28 -5.75 -11.56
CA GLY A 90 -44.52 -6.52 -11.57
C GLY A 90 -45.77 -5.70 -11.40
N LYS A 91 -45.70 -4.38 -11.60
CA LYS A 91 -46.84 -3.49 -11.45
C LYS A 91 -47.08 -2.75 -12.75
N ASN A 92 -48.35 -2.61 -13.12
CA ASN A 92 -48.71 -1.97 -14.37
C ASN A 92 -49.01 -0.50 -14.14
N ILE A 93 -48.39 0.37 -14.95
CA ILE A 93 -48.47 1.82 -14.78
C ILE A 93 -48.93 2.40 -16.11
N LEU A 94 -50.07 3.10 -16.11
CA LEU A 94 -50.37 3.96 -17.23
C LEU A 94 -49.49 5.20 -17.20
N ASN A 95 -49.18 5.72 -18.38
CA ASN A 95 -48.40 6.95 -18.50
C ASN A 95 -49.15 7.84 -19.46
N ILE A 96 -49.76 8.90 -18.94
CA ILE A 96 -50.65 9.75 -19.71
C ILE A 96 -50.02 11.12 -19.86
N MET A 97 -50.05 11.66 -21.09
CA MET A 97 -49.65 13.04 -21.30
C MET A 97 -50.72 13.99 -20.80
N CYS A 98 -50.30 15.01 -20.07
CA CYS A 98 -51.21 15.79 -19.24
C CYS A 98 -50.82 17.27 -19.29
N ASP A 99 -51.78 18.12 -19.63
CA ASP A 99 -51.52 19.55 -19.64
C ASP A 99 -51.79 20.18 -18.27
N ILE A 100 -51.34 21.42 -18.11
CA ILE A 100 -51.57 22.20 -16.90
C ILE A 100 -52.48 23.37 -17.22
N LYS A 101 -53.42 23.65 -16.33
CA LYS A 101 -54.41 24.68 -16.56
C LYS A 101 -54.55 25.52 -15.29
N ARG A 102 -55.34 26.57 -15.46
CA ARG A 102 -55.71 27.50 -14.40
C ARG A 102 -56.99 26.98 -13.74
N TYR A 103 -57.48 27.71 -12.75
CA TYR A 103 -58.68 27.30 -12.03
C TYR A 103 -59.96 27.22 -12.86
N ASN A 104 -60.15 28.15 -13.80
CA ASN A 104 -61.38 28.16 -14.58
C ASN A 104 -61.35 27.14 -15.71
N GLY A 105 -60.17 26.71 -16.11
CA GLY A 105 -60.05 25.81 -17.24
C GLY A 105 -59.52 26.55 -18.44
N PHE A 106 -59.05 27.77 -18.21
CA PHE A 106 -58.47 28.54 -19.29
C PHE A 106 -57.07 28.02 -19.62
N ASP A 107 -56.69 28.22 -20.87
CA ASP A 107 -55.42 27.76 -21.40
C ASP A 107 -54.28 28.56 -20.78
N TYR A 108 -53.42 27.88 -20.03
CA TYR A 108 -52.27 28.56 -19.42
C TYR A 108 -51.27 28.95 -20.49
N TYR A 109 -50.79 30.20 -20.43
CA TYR A 109 -49.97 30.71 -21.52
C TYR A 109 -48.52 30.25 -21.45
N LYS A 110 -48.10 29.63 -20.36
CA LYS A 110 -46.77 29.05 -20.27
C LYS A 110 -46.81 27.53 -20.28
N CYS A 111 -47.78 26.95 -20.98
CA CYS A 111 -47.76 25.51 -21.22
C CYS A 111 -47.47 25.23 -22.68
N PRO A 112 -46.41 24.50 -22.98
CA PRO A 112 -46.03 24.32 -24.39
C PRO A 112 -46.92 23.34 -25.14
N ARG A 113 -47.50 22.35 -24.46
CA ARG A 113 -48.40 21.44 -25.13
C ARG A 113 -49.74 22.09 -25.45
N THR A 114 -50.12 23.11 -24.69
CA THR A 114 -51.32 23.87 -25.04
C THR A 114 -51.04 24.84 -26.18
N ILE A 115 -49.76 25.14 -26.45
CA ILE A 115 -49.44 26.00 -27.58
C ILE A 115 -49.54 25.22 -28.88
N LEU A 116 -49.03 23.99 -28.91
CA LEU A 116 -49.18 23.15 -30.11
C LEU A 116 -50.62 22.75 -30.37
N LYS A 117 -51.44 22.62 -29.33
CA LYS A 117 -52.86 22.37 -29.58
C LYS A 117 -53.54 23.59 -30.18
N LYS A 118 -53.01 24.78 -29.94
CA LYS A 118 -53.60 25.99 -30.47
C LYS A 118 -53.11 26.32 -31.87
N THR A 119 -51.83 26.14 -32.15
CA THR A 119 -51.32 26.52 -33.46
C THR A 119 -51.67 25.49 -34.52
N CYS A 120 -51.94 24.25 -34.11
CA CYS A 120 -52.40 23.27 -35.09
C CYS A 120 -53.89 23.41 -35.36
N GLU A 121 -54.66 23.79 -34.35
CA GLU A 121 -56.09 24.06 -34.54
C GLU A 121 -56.34 25.47 -35.04
N PHE A 122 -55.29 26.28 -35.17
CA PHE A 122 -55.41 27.54 -35.87
C PHE A 122 -55.18 27.37 -37.36
N VAL A 123 -54.17 26.58 -37.73
CA VAL A 123 -53.87 26.34 -39.14
C VAL A 123 -54.99 25.56 -39.80
N LYS A 124 -55.60 24.62 -39.07
CA LYS A 124 -56.67 23.79 -39.63
C LYS A 124 -57.94 24.59 -39.89
N ASN A 125 -58.08 25.76 -39.26
CA ASN A 125 -59.31 26.53 -39.40
C ASN A 125 -59.32 27.43 -40.63
N GLU A 126 -58.22 27.49 -41.37
CA GLU A 126 -58.16 28.29 -42.59
C GLU A 126 -58.25 27.49 -43.86
N GLY A 127 -58.61 26.21 -43.80
CA GLY A 127 -58.67 25.39 -44.99
C GLY A 127 -57.33 25.05 -45.59
N ILE A 128 -56.25 25.37 -44.90
CA ILE A 128 -54.88 25.10 -45.34
C ILE A 128 -54.25 24.18 -44.33
N ALA A 129 -53.73 23.03 -44.81
CA ALA A 129 -52.95 22.08 -44.03
C ALA A 129 -53.72 21.56 -42.82
N ASP A 130 -54.74 20.74 -43.10
CA ASP A 130 -55.51 20.10 -42.02
C ASP A 130 -54.64 19.16 -41.20
N LYS A 131 -53.57 18.65 -41.77
CA LYS A 131 -52.62 17.79 -41.09
C LYS A 131 -51.22 18.32 -41.35
N VAL A 132 -50.36 18.25 -40.35
CA VAL A 132 -48.94 18.56 -40.48
C VAL A 132 -48.16 17.31 -40.09
N CYS A 133 -47.47 16.71 -41.04
CA CYS A 133 -46.67 15.53 -40.79
C CYS A 133 -45.21 15.93 -40.65
N ILE A 134 -44.63 15.64 -39.49
CA ILE A 134 -43.25 15.99 -39.18
C ILE A 134 -42.52 14.73 -38.77
N GLY A 135 -41.35 14.49 -39.33
CA GLY A 135 -40.47 13.41 -38.89
C GLY A 135 -39.26 13.97 -38.16
N ASN A 136 -38.55 13.08 -37.47
CA ASN A 136 -37.39 13.50 -36.70
C ASN A 136 -36.28 12.46 -36.78
N GLU A 137 -35.06 12.91 -36.48
CA GLU A 137 -33.87 12.08 -36.52
C GLU A 137 -33.03 12.43 -35.30
N LEU A 138 -33.14 11.65 -34.23
CA LEU A 138 -32.46 11.96 -32.99
C LEU A 138 -31.02 11.50 -33.02
N GLU A 139 -30.13 12.31 -32.47
CA GLU A 139 -28.71 11.97 -32.38
C GLU A 139 -28.28 12.14 -30.94
N PHE A 140 -27.63 11.13 -30.38
CA PHE A 140 -27.26 11.15 -28.97
C PHE A 140 -25.91 10.49 -28.79
N PHE A 141 -25.20 10.87 -27.73
CA PHE A 141 -23.94 10.26 -27.36
C PHE A 141 -24.21 9.29 -26.23
N ILE A 142 -23.42 8.24 -26.13
CA ILE A 142 -23.49 7.32 -25.01
C ILE A 142 -22.11 7.26 -24.37
N PHE A 143 -21.93 7.98 -23.28
CA PHE A 143 -20.70 7.99 -22.51
C PHE A 143 -20.82 6.93 -21.42
N ASP A 144 -19.72 6.69 -20.71
CA ASP A 144 -19.73 5.67 -19.66
C ASP A 144 -19.94 6.32 -18.31
N LYS A 145 -19.19 7.39 -18.09
CA LYS A 145 -19.26 8.15 -16.86
C LYS A 145 -18.89 9.58 -17.16
N VAL A 146 -19.38 10.50 -16.33
CA VAL A 146 -19.07 11.92 -16.50
C VAL A 146 -18.97 12.53 -15.11
N ASN A 147 -17.85 13.19 -14.82
CA ASN A 147 -17.66 13.88 -13.55
C ASN A 147 -17.29 15.32 -13.83
N TYR A 148 -17.95 16.25 -13.15
CA TYR A 148 -17.54 17.63 -13.21
C TYR A 148 -17.68 18.30 -11.85
N SER A 149 -17.20 19.54 -11.76
CA SER A 149 -17.25 20.29 -10.52
C SER A 149 -17.12 21.77 -10.84
N LEU A 150 -17.55 22.60 -9.91
CA LEU A 150 -17.54 24.05 -10.11
C LEU A 150 -16.94 24.81 -8.94
N ASP A 151 -16.14 24.17 -8.10
CA ASP A 151 -15.43 24.87 -7.05
C ASP A 151 -14.42 25.82 -7.66
N GLU A 152 -14.16 26.94 -6.98
CA GLU A 152 -13.35 28.01 -7.53
C GLU A 152 -11.91 27.58 -7.75
N TYR A 153 -11.46 26.60 -6.98
CA TYR A 153 -10.09 26.12 -7.03
C TYR A 153 -9.99 24.75 -7.66
N ASN A 154 -11.11 24.06 -7.81
CA ASN A 154 -11.09 22.68 -8.32
C ASN A 154 -11.96 22.28 -9.52
N THR A 155 -12.36 23.23 -10.35
CA THR A 155 -13.22 22.86 -11.47
C THR A 155 -12.54 21.87 -12.41
N TYR A 156 -13.29 20.85 -12.84
CA TYR A 156 -12.78 19.85 -13.76
C TYR A 156 -13.88 19.28 -14.63
N LEU A 157 -13.48 18.59 -15.68
CA LEU A 157 -14.28 17.64 -16.43
C LEU A 157 -13.53 16.33 -16.51
N LYS A 158 -14.27 15.23 -16.49
CA LYS A 158 -13.71 13.92 -16.82
C LYS A 158 -14.81 13.16 -17.53
N VAL A 159 -14.70 13.01 -18.84
CA VAL A 159 -15.63 12.20 -19.61
C VAL A 159 -14.96 10.87 -19.84
N TYR A 160 -15.58 9.80 -19.35
CA TYR A 160 -15.04 8.45 -19.51
C TYR A 160 -15.74 7.82 -20.71
N ASP A 161 -14.96 7.28 -21.63
CA ASP A 161 -15.50 6.67 -22.83
C ASP A 161 -14.88 5.30 -23.07
N ARG A 162 -15.61 4.48 -23.80
CA ARG A 162 -15.19 3.11 -24.05
C ARG A 162 -14.83 2.86 -25.50
N GLU A 163 -15.35 3.66 -26.43
CA GLU A 163 -15.06 3.49 -27.84
C GLU A 163 -14.03 4.45 -28.37
N SER A 164 -13.85 5.59 -27.73
CA SER A 164 -13.01 6.63 -28.30
C SER A 164 -11.55 6.33 -28.00
N PHE A 165 -10.71 6.44 -29.03
CA PHE A 165 -9.29 6.23 -28.87
C PHE A 165 -8.63 7.37 -28.13
N SER A 166 -9.20 8.58 -28.23
CA SER A 166 -8.52 9.75 -27.72
C SER A 166 -8.86 10.03 -26.25
N CYS A 167 -9.81 9.30 -25.67
CA CYS A 167 -9.97 9.36 -24.23
C CYS A 167 -8.94 8.50 -23.57
N LYS A 168 -8.00 9.14 -22.86
CA LYS A 168 -6.90 8.41 -22.26
C LYS A 168 -7.05 8.31 -20.75
N ASN A 169 -8.28 8.42 -20.25
CA ASN A 169 -8.60 8.05 -18.89
C ASN A 169 -8.61 6.53 -18.77
N ASP A 170 -8.31 6.03 -17.58
CA ASP A 170 -8.34 4.60 -17.35
C ASP A 170 -9.62 4.19 -16.62
N LEU A 171 -10.25 3.12 -17.12
CA LEU A 171 -11.51 2.64 -16.60
C LEU A 171 -11.35 1.48 -15.64
N SER A 172 -10.14 1.23 -15.15
CA SER A 172 -9.94 0.18 -14.17
C SER A 172 -10.46 0.57 -12.80
N SER A 173 -10.57 1.87 -12.53
CA SER A 173 -11.09 2.34 -11.27
C SER A 173 -12.59 2.17 -11.15
N ILE A 174 -13.30 2.15 -12.27
CA ILE A 174 -14.75 2.07 -12.27
C ILE A 174 -15.14 0.67 -11.81
N TYR A 175 -15.92 0.60 -10.74
CA TYR A 175 -16.30 -0.68 -10.18
C TYR A 175 -17.47 -1.29 -10.94
N GLU A 196 -18.38 -4.91 -19.72
CA GLU A 196 -18.33 -4.41 -18.35
C GLU A 196 -16.93 -3.97 -17.92
N TYR A 197 -16.21 -3.34 -18.87
CA TYR A 197 -14.94 -2.65 -18.64
C TYR A 197 -13.85 -3.65 -18.28
N LEU A 198 -13.93 -4.84 -18.87
CA LEU A 198 -13.04 -5.94 -18.50
C LEU A 198 -11.61 -5.69 -18.96
N ILE A 199 -11.40 -5.52 -20.26
CA ILE A 199 -10.05 -5.37 -20.81
C ILE A 199 -10.02 -4.06 -21.56
N ASN A 200 -9.09 -3.19 -21.20
CA ASN A 200 -8.93 -1.91 -21.87
C ASN A 200 -7.83 -2.01 -22.90
N ASP A 201 -8.21 -2.21 -24.16
CA ASP A 201 -7.24 -2.24 -25.24
C ASP A 201 -7.63 -1.22 -26.30
N ASP A 202 -6.64 -0.53 -26.82
CA ASP A 202 -6.82 0.49 -27.83
C ASP A 202 -7.01 -0.09 -29.22
N SER A 203 -7.04 -1.41 -29.35
CA SER A 203 -7.16 -2.05 -30.65
C SER A 203 -8.60 -2.04 -31.15
N LYS A 204 -9.56 -2.14 -30.26
CA LYS A 204 -10.97 -2.13 -30.61
C LYS A 204 -11.64 -0.79 -30.37
N LYS A 205 -10.90 0.31 -30.45
CA LYS A 205 -11.47 1.61 -30.22
C LYS A 205 -11.57 2.38 -31.53
N VAL A 206 -12.55 3.27 -31.60
CA VAL A 206 -12.80 4.05 -32.79
C VAL A 206 -11.98 5.33 -32.74
N LYS A 207 -11.28 5.64 -33.83
CA LYS A 207 -10.54 6.89 -33.89
C LYS A 207 -11.48 8.03 -34.26
N LYS A 208 -10.98 9.26 -34.22
CA LYS A 208 -11.84 10.41 -34.32
C LYS A 208 -12.29 10.66 -35.76
N LYS A 209 -13.56 11.07 -35.91
CA LYS A 209 -14.23 11.38 -37.16
C LYS A 209 -14.18 10.24 -38.16
N SER A 210 -14.07 9.00 -37.68
CA SER A 210 -13.85 7.87 -38.55
C SER A 210 -14.71 6.68 -38.17
N GLY A 211 -15.85 6.92 -37.54
CA GLY A 211 -16.72 5.84 -37.17
C GLY A 211 -18.11 5.95 -37.71
N TYR A 212 -18.30 6.25 -39.00
CA TYR A 212 -19.65 6.53 -39.50
C TYR A 212 -20.56 5.31 -39.40
N PHE A 213 -20.29 4.26 -40.15
CA PHE A 213 -21.06 3.03 -39.99
C PHE A 213 -20.12 2.00 -39.39
N THR A 214 -20.25 1.73 -38.10
CA THR A 214 -19.36 0.76 -37.49
C THR A 214 -20.13 -0.44 -36.96
N THR A 215 -19.35 -1.47 -36.65
CA THR A 215 -19.89 -2.75 -36.32
C THR A 215 -19.62 -3.30 -34.90
N ASP A 216 -19.76 -4.61 -34.72
CA ASP A 216 -19.64 -5.24 -33.39
C ASP A 216 -18.32 -5.10 -32.62
N PRO A 217 -17.16 -5.29 -33.27
CA PRO A 217 -15.98 -5.07 -32.44
C PRO A 217 -15.83 -3.65 -31.97
N TYR A 218 -16.15 -2.68 -32.82
CA TYR A 218 -15.90 -1.27 -32.53
C TYR A 218 -17.11 -0.57 -31.94
N ASP A 219 -18.31 -0.89 -32.40
CA ASP A 219 -19.53 -0.37 -31.80
C ASP A 219 -19.84 -1.17 -30.55
N THR A 220 -19.36 -0.61 -29.43
CA THR A 220 -19.46 -1.15 -28.09
C THR A 220 -20.87 -1.26 -27.56
N SER A 221 -21.78 -0.47 -28.11
CA SER A 221 -23.12 -0.53 -27.58
C SER A 221 -24.12 -0.85 -28.65
N ASN A 222 -24.08 -2.10 -29.11
CA ASN A 222 -25.06 -2.56 -30.09
C ASN A 222 -26.26 -3.23 -29.44
N ILE A 223 -26.08 -3.82 -28.26
CA ILE A 223 -27.17 -4.51 -27.58
C ILE A 223 -28.14 -3.50 -26.99
N ILE A 224 -27.65 -2.30 -26.65
CA ILE A 224 -28.51 -1.25 -26.13
C ILE A 224 -29.50 -0.78 -27.19
N LYS A 225 -29.07 -0.67 -28.43
CA LYS A 225 -29.91 -0.10 -29.47
C LYS A 225 -31.03 -1.04 -29.88
N LEU A 226 -30.79 -2.34 -29.84
CA LEU A 226 -31.86 -3.27 -30.13
C LEU A 226 -32.86 -3.35 -28.99
N ARG A 227 -32.47 -2.96 -27.79
CA ARG A 227 -33.38 -2.91 -26.66
C ARG A 227 -34.10 -1.59 -26.55
N ILE A 228 -33.61 -0.55 -27.21
CA ILE A 228 -34.33 0.72 -27.25
C ILE A 228 -35.46 0.57 -28.23
N CYS A 229 -35.14 0.13 -29.45
CA CYS A 229 -36.14 0.10 -30.51
C CYS A 229 -37.08 -1.09 -30.38
N ARG A 230 -36.75 -2.07 -29.54
CA ARG A 230 -37.77 -3.02 -29.11
C ARG A 230 -38.80 -2.34 -28.24
N ALA A 231 -38.36 -1.41 -27.38
CA ALA A 231 -39.28 -0.72 -26.49
C ALA A 231 -40.03 0.40 -27.19
N LEU A 232 -39.58 0.82 -28.36
CA LEU A 232 -40.28 1.85 -29.12
C LEU A 232 -41.26 1.28 -30.12
N ASN A 233 -40.95 0.12 -30.70
CA ASN A 233 -41.87 -0.49 -31.64
C ASN A 233 -43.03 -1.17 -30.92
N ASP A 234 -42.83 -1.57 -29.67
CA ASP A 234 -43.94 -2.10 -28.89
C ASP A 234 -44.94 -1.01 -28.53
N MET A 235 -44.51 0.24 -28.54
CA MET A 235 -45.32 1.39 -28.18
C MET A 235 -45.90 2.09 -29.41
N ASN A 236 -45.77 1.48 -30.58
CA ASN A 236 -46.13 2.06 -31.88
C ASN A 236 -45.46 3.40 -32.15
N ILE A 237 -44.25 3.60 -31.66
CA ILE A 237 -43.37 4.66 -32.14
C ILE A 237 -42.40 3.95 -33.08
N ASN A 238 -42.78 3.82 -34.34
CA ASN A 238 -42.06 2.96 -35.26
C ASN A 238 -40.77 3.60 -35.72
N VAL A 239 -39.70 2.80 -35.76
CA VAL A 239 -38.37 3.29 -36.12
C VAL A 239 -37.90 2.94 -37.54
N GLN A 240 -37.68 3.98 -38.35
CA GLN A 240 -37.23 3.83 -39.74
C GLN A 240 -35.81 3.30 -40.00
N ARG A 241 -34.83 3.78 -39.24
CA ARG A 241 -33.43 3.37 -39.45
C ARG A 241 -32.52 3.56 -38.23
N TYR A 242 -31.34 2.95 -38.26
CA TYR A 242 -30.41 3.07 -37.13
C TYR A 242 -29.01 3.01 -37.71
N HIS A 243 -28.11 3.85 -37.20
CA HIS A 243 -26.69 3.68 -37.45
C HIS A 243 -25.88 4.34 -36.34
N HIS A 244 -24.58 4.08 -36.35
CA HIS A 244 -23.57 4.85 -35.66
C HIS A 244 -23.39 6.15 -36.42
N GLU A 245 -22.66 7.12 -35.87
CA GLU A 245 -22.48 8.36 -36.61
C GLU A 245 -21.04 8.87 -36.55
N VAL A 246 -20.82 10.05 -37.12
CA VAL A 246 -19.45 10.52 -37.40
C VAL A 246 -18.97 11.17 -36.11
N SER A 247 -18.63 10.33 -35.15
CA SER A 247 -18.04 10.64 -33.86
C SER A 247 -17.87 9.30 -33.17
N THR A 248 -17.05 9.31 -32.14
CA THR A 248 -16.88 8.14 -31.32
C THR A 248 -17.99 8.12 -30.30
N SER A 249 -18.79 7.05 -30.32
CA SER A 249 -20.00 6.85 -29.50
C SER A 249 -21.01 7.97 -29.71
N GLN A 250 -21.47 8.10 -30.96
CA GLN A 250 -22.61 8.94 -31.30
C GLN A 250 -23.52 8.16 -32.25
N HIS A 251 -24.77 8.00 -31.85
CA HIS A 251 -25.70 7.14 -32.54
C HIS A 251 -26.83 7.97 -33.16
N GLU A 252 -27.83 7.28 -33.69
CA GLU A 252 -28.86 7.93 -34.48
C GLU A 252 -30.11 7.08 -34.50
N ILE A 253 -31.28 7.69 -34.25
CA ILE A 253 -32.57 7.04 -34.45
C ILE A 253 -33.40 7.93 -35.35
N SER A 254 -33.92 7.37 -36.44
CA SER A 254 -34.85 8.09 -37.29
C SER A 254 -36.21 7.43 -37.23
N LEU A 255 -37.22 8.21 -36.85
CA LEU A 255 -38.54 7.68 -36.58
C LEU A 255 -39.47 7.85 -37.76
N LYS A 256 -40.64 7.25 -37.64
CA LYS A 256 -41.70 7.35 -38.62
C LYS A 256 -42.31 8.76 -38.58
N TYR A 257 -43.03 9.12 -39.63
CA TYR A 257 -43.68 10.42 -39.70
C TYR A 257 -44.98 10.38 -38.93
N PHE A 258 -45.24 11.42 -38.14
CA PHE A 258 -46.43 11.46 -37.30
C PHE A 258 -47.08 12.82 -37.42
N ASP A 259 -48.28 12.93 -36.86
CA ASP A 259 -48.95 14.20 -36.70
C ASP A 259 -48.13 15.09 -35.76
N ALA A 260 -48.21 16.40 -35.98
CA ALA A 260 -47.31 17.33 -35.30
C ALA A 260 -47.56 17.41 -33.81
N LEU A 261 -48.78 17.11 -33.37
CA LEU A 261 -49.02 17.08 -31.92
C LEU A 261 -48.53 15.78 -31.31
N THR A 262 -48.62 14.67 -32.04
CA THR A 262 -48.14 13.42 -31.48
C THR A 262 -46.67 13.20 -31.76
N ASN A 263 -46.06 14.02 -32.61
CA ASN A 263 -44.62 13.96 -32.77
C ASN A 263 -43.91 14.49 -31.54
N ALA A 264 -44.28 15.68 -31.10
CA ALA A 264 -43.63 16.28 -29.95
C ALA A 264 -43.94 15.53 -28.68
N ASP A 265 -45.09 14.84 -28.63
CA ASP A 265 -45.34 13.92 -27.55
C ASP A 265 -44.41 12.72 -27.61
N PHE A 266 -44.14 12.21 -28.81
CA PHE A 266 -43.29 11.03 -28.92
C PHE A 266 -41.82 11.38 -28.79
N LEU A 267 -41.45 12.65 -28.90
CA LEU A 267 -40.06 13.01 -28.69
C LEU A 267 -39.69 13.03 -27.23
N LEU A 268 -40.59 13.47 -26.34
CA LEU A 268 -40.31 13.39 -24.92
C LEU A 268 -40.27 11.96 -24.43
N ILE A 269 -41.13 11.11 -24.95
CA ILE A 269 -41.16 9.72 -24.52
C ILE A 269 -39.94 8.98 -25.05
N THR A 270 -39.45 9.36 -26.23
CA THR A 270 -38.25 8.72 -26.77
C THR A 270 -37.01 9.09 -25.97
N LYS A 271 -36.84 10.38 -25.66
CA LYS A 271 -35.67 10.82 -24.91
C LYS A 271 -35.60 10.25 -23.51
N GLN A 272 -36.75 9.98 -22.89
CA GLN A 272 -36.71 9.38 -21.57
C GLN A 272 -36.50 7.87 -21.66
N ILE A 273 -36.96 7.24 -22.74
CA ILE A 273 -36.75 5.81 -22.91
C ILE A 273 -35.30 5.54 -23.28
N ILE A 274 -34.70 6.43 -24.07
CA ILE A 274 -33.29 6.33 -24.39
C ILE A 274 -32.44 6.55 -23.14
N LYS A 275 -32.84 7.50 -22.30
CA LYS A 275 -32.07 7.77 -21.08
C LYS A 275 -32.16 6.65 -20.06
N THR A 276 -33.32 6.01 -19.92
CA THR A 276 -33.46 4.97 -18.90
C THR A 276 -32.92 3.63 -19.35
N THR A 277 -33.06 3.28 -20.63
CA THR A 277 -32.55 1.99 -21.07
C THR A 277 -31.04 2.01 -21.17
N VAL A 278 -30.44 3.18 -21.40
CA VAL A 278 -28.99 3.28 -21.36
C VAL A 278 -28.50 3.20 -19.93
N SER A 279 -29.18 3.87 -19.01
CA SER A 279 -28.73 3.88 -17.62
C SER A 279 -28.98 2.57 -16.89
N SER A 280 -29.77 1.68 -17.46
CA SER A 280 -29.89 0.34 -16.90
C SER A 280 -28.74 -0.55 -17.33
N PHE A 281 -27.95 -0.09 -18.29
CA PHE A 281 -26.69 -0.72 -18.68
C PHE A 281 -25.49 -0.08 -17.99
N ASN A 282 -25.76 0.77 -16.99
CA ASN A 282 -24.75 1.56 -16.28
C ASN A 282 -23.93 2.44 -17.22
N ARG A 283 -24.63 3.18 -18.08
CA ARG A 283 -24.01 4.21 -18.90
C ARG A 283 -24.85 5.46 -18.84
N THR A 284 -24.39 6.53 -19.48
CA THR A 284 -25.16 7.75 -19.60
C THR A 284 -25.43 8.03 -21.07
N ALA A 285 -26.53 8.73 -21.33
CA ALA A 285 -26.86 9.16 -22.70
C ALA A 285 -27.19 10.63 -22.67
N THR A 286 -26.65 11.39 -23.61
CA THR A 286 -26.85 12.82 -23.61
C THR A 286 -27.40 13.31 -24.94
N PHE A 287 -28.02 14.48 -24.88
CA PHE A 287 -28.57 15.14 -26.05
C PHE A 287 -28.05 16.58 -26.15
N MET A 288 -26.89 16.84 -25.56
CA MET A 288 -26.27 18.15 -25.68
C MET A 288 -25.91 18.42 -27.13
N PRO A 289 -26.03 19.64 -27.60
CA PRO A 289 -25.28 20.04 -28.79
C PRO A 289 -23.86 20.36 -28.40
N LYS A 290 -22.92 19.72 -29.08
CA LYS A 290 -21.49 19.80 -28.80
C LYS A 290 -21.09 19.52 -27.35
N PRO A 291 -21.07 18.26 -26.93
CA PRO A 291 -20.01 17.83 -26.03
C PRO A 291 -18.79 17.50 -26.88
N LEU A 292 -17.60 17.50 -26.25
CA LEU A 292 -16.36 17.07 -26.90
C LEU A 292 -15.99 17.93 -28.11
N VAL A 293 -15.31 19.04 -27.84
CA VAL A 293 -14.83 20.07 -28.76
C VAL A 293 -14.39 19.56 -30.13
N ASN A 294 -13.61 18.49 -30.15
CA ASN A 294 -13.09 17.99 -31.43
C ASN A 294 -13.96 16.92 -32.06
N ASP A 295 -15.25 16.86 -31.76
CA ASP A 295 -16.15 15.93 -32.45
C ASP A 295 -17.43 16.62 -32.90
N ASN A 296 -18.35 15.87 -33.49
CA ASN A 296 -19.56 16.47 -34.03
C ASN A 296 -20.56 16.78 -32.93
N GLY A 297 -21.66 17.41 -33.32
CA GLY A 297 -22.72 17.75 -32.41
C GLY A 297 -23.93 16.87 -32.61
N ASN A 298 -25.03 17.26 -31.95
CA ASN A 298 -26.28 16.54 -32.03
C ASN A 298 -27.36 17.47 -32.56
N GLY A 299 -28.02 17.07 -33.65
CA GLY A 299 -29.00 17.91 -34.28
C GLY A 299 -30.38 17.29 -34.25
N LEU A 300 -31.33 18.01 -34.82
CA LEU A 300 -32.65 17.49 -35.15
C LEU A 300 -32.94 17.86 -36.58
N HIS A 301 -33.03 16.85 -37.45
CA HIS A 301 -33.52 17.08 -38.79
C HIS A 301 -35.03 16.94 -38.75
N CYS A 302 -35.74 18.03 -39.04
CA CYS A 302 -37.20 18.05 -39.01
C CYS A 302 -37.71 17.99 -40.45
N ASN A 303 -38.09 16.79 -40.88
CA ASN A 303 -38.69 16.65 -42.19
C ASN A 303 -40.16 17.02 -42.14
N ILE A 304 -40.53 18.14 -42.76
CA ILE A 304 -41.86 18.71 -42.64
C ILE A 304 -42.58 18.57 -43.97
N SER A 305 -43.89 18.32 -43.91
CA SER A 305 -44.75 18.32 -45.09
C SER A 305 -46.17 18.59 -44.64
N LEU A 306 -46.96 19.25 -45.49
CA LEU A 306 -48.34 19.58 -45.15
C LEU A 306 -49.30 18.80 -46.04
N TRP A 307 -50.50 18.58 -45.52
CA TRP A 307 -51.48 17.73 -46.20
C TRP A 307 -52.86 18.38 -46.18
N LYS A 308 -53.59 18.20 -47.27
CA LYS A 308 -54.96 18.66 -47.40
C LYS A 308 -55.75 17.59 -48.14
N ASN A 309 -56.73 16.99 -47.47
CA ASN A 309 -57.61 15.96 -48.04
C ASN A 309 -56.82 14.78 -48.59
N ASN A 310 -55.85 14.32 -47.80
CA ASN A 310 -54.88 13.27 -48.16
C ASN A 310 -54.13 13.60 -49.44
N LYS A 311 -53.84 14.88 -49.66
CA LYS A 311 -53.03 15.32 -50.78
C LYS A 311 -51.98 16.31 -50.29
N ASN A 312 -50.78 16.21 -50.84
CA ASN A 312 -49.69 17.10 -50.47
C ASN A 312 -49.96 18.51 -50.96
N ILE A 313 -49.76 19.46 -50.05
CA ILE A 313 -49.81 20.87 -50.38
C ILE A 313 -48.60 21.12 -51.27
N PHE A 314 -47.48 20.46 -50.91
CA PHE A 314 -46.22 20.56 -51.65
C PHE A 314 -46.19 19.60 -52.84
N TYR A 315 -46.97 19.87 -53.88
CA TYR A 315 -46.97 19.03 -55.08
C TYR A 315 -47.93 19.63 -56.09
N HIS A 316 -47.47 19.80 -57.33
CA HIS A 316 -48.29 20.42 -58.36
C HIS A 316 -48.42 19.59 -59.63
N ASN A 317 -47.70 18.47 -59.72
CA ASN A 317 -47.80 17.48 -60.82
C ASN A 317 -47.49 18.12 -62.17
N ASP A 318 -46.25 18.68 -62.15
CA ASP A 318 -45.43 19.37 -63.19
C ASP A 318 -43.91 19.35 -62.77
N PRO A 319 -43.04 19.65 -63.76
CA PRO A 319 -41.58 19.76 -63.85
C PRO A 319 -41.17 21.19 -64.17
N SER A 320 -39.88 21.46 -63.92
CA SER A 320 -39.07 22.71 -64.04
C SER A 320 -39.04 23.47 -62.73
N THR A 321 -39.98 23.12 -61.87
CA THR A 321 -40.07 23.59 -60.49
C THR A 321 -39.95 22.35 -59.57
N PHE A 322 -39.49 21.25 -60.17
CA PHE A 322 -39.34 19.99 -59.46
C PHE A 322 -40.66 19.49 -58.90
N PHE A 323 -41.77 19.70 -59.63
CA PHE A 323 -43.05 19.22 -59.13
C PHE A 323 -43.55 19.96 -57.88
N LEU A 324 -43.00 21.13 -57.60
CA LEU A 324 -43.37 21.93 -56.45
C LEU A 324 -44.35 22.99 -56.89
N SER A 325 -45.00 23.57 -55.89
CA SER A 325 -45.96 24.63 -56.07
C SER A 325 -45.40 25.82 -55.32
N LYS A 326 -45.85 27.01 -55.71
CA LYS A 326 -45.38 28.21 -55.09
C LYS A 326 -45.77 28.15 -53.62
N GLU A 327 -46.76 27.32 -53.30
CA GLU A 327 -47.22 27.28 -51.93
C GLU A 327 -46.20 26.61 -51.03
N SER A 328 -45.15 26.02 -51.60
CA SER A 328 -44.06 25.37 -50.89
C SER A 328 -42.90 26.31 -50.64
N PHE A 329 -42.47 27.06 -51.67
CA PHE A 329 -41.43 28.06 -51.50
C PHE A 329 -41.89 29.21 -50.62
N TYR A 330 -43.19 29.46 -50.54
CA TYR A 330 -43.71 30.40 -49.56
C TYR A 330 -43.48 29.89 -48.14
N PHE A 331 -43.54 28.58 -47.95
CA PHE A 331 -43.32 28.03 -46.62
C PHE A 331 -41.84 28.00 -46.26
N MET A 332 -40.96 27.86 -47.25
CA MET A 332 -39.53 27.87 -46.99
C MET A 332 -39.05 29.27 -46.66
N TYR A 333 -39.42 30.25 -47.49
CA TYR A 333 -38.99 31.62 -47.27
C TYR A 333 -39.62 32.23 -46.03
N GLY A 334 -40.74 31.69 -45.56
CA GLY A 334 -41.26 32.13 -44.27
C GLY A 334 -40.36 31.73 -43.12
N ILE A 335 -39.60 30.65 -43.28
CA ILE A 335 -38.63 30.24 -42.28
C ILE A 335 -37.34 31.04 -42.40
N VAL A 336 -36.88 31.25 -43.64
CA VAL A 336 -35.60 31.91 -43.86
C VAL A 336 -35.69 33.40 -43.53
N LYS A 337 -36.87 33.99 -43.64
CA LYS A 337 -37.04 35.37 -43.23
C LYS A 337 -36.97 35.51 -41.71
N HIS A 338 -37.54 34.55 -40.98
CA HIS A 338 -37.64 34.63 -39.54
C HIS A 338 -36.70 33.68 -38.82
N ALA A 339 -35.57 33.35 -39.42
CA ALA A 339 -34.74 32.28 -38.88
C ALA A 339 -33.91 32.73 -37.69
N LYS A 340 -33.59 34.02 -37.59
CA LYS A 340 -32.87 34.48 -36.41
C LYS A 340 -33.81 34.63 -35.22
N ALA A 341 -35.11 34.74 -35.47
CA ALA A 341 -36.06 34.72 -34.36
C ALA A 341 -36.37 33.29 -33.92
N LEU A 342 -36.31 32.33 -34.84
CA LEU A 342 -36.53 30.94 -34.47
C LEU A 342 -35.36 30.37 -33.70
N GLN A 343 -34.16 30.94 -33.85
CA GLN A 343 -32.99 30.43 -33.16
C GLN A 343 -33.04 30.66 -31.66
N ALA A 344 -33.86 31.58 -31.22
CA ALA A 344 -34.05 31.81 -29.81
C ALA A 344 -34.69 30.56 -29.23
N PHE A 345 -35.67 30.00 -29.95
CA PHE A 345 -36.36 28.80 -29.52
C PHE A 345 -35.73 27.48 -29.95
N CYS A 346 -35.37 27.39 -31.23
CA CYS A 346 -34.77 26.17 -31.77
C CYS A 346 -33.41 25.79 -31.17
N ASN A 347 -32.47 26.71 -31.08
CA ASN A 347 -31.26 26.40 -30.33
C ASN A 347 -31.12 27.55 -29.36
N ALA A 348 -31.42 27.32 -28.10
CA ALA A 348 -31.35 28.37 -27.11
C ALA A 348 -30.58 27.92 -25.92
N THR A 349 -29.31 27.70 -26.16
CA THR A 349 -28.35 27.29 -25.16
C THR A 349 -27.02 27.88 -25.56
N MET A 350 -26.14 28.03 -24.60
CA MET A 350 -24.81 28.54 -24.90
C MET A 350 -23.92 27.48 -25.52
N ASN A 351 -24.30 26.22 -25.39
CA ASN A 351 -23.63 25.13 -26.09
C ASN A 351 -23.89 25.11 -27.56
N SER A 352 -25.07 25.53 -27.99
CA SER A 352 -25.47 25.30 -29.37
C SER A 352 -24.72 26.17 -30.33
N TYR A 353 -24.22 27.30 -29.88
CA TYR A 353 -23.41 28.16 -30.72
C TYR A 353 -21.94 27.77 -30.71
N LYS A 354 -21.60 26.70 -30.02
CA LYS A 354 -20.36 25.99 -30.26
C LYS A 354 -20.55 24.91 -31.31
N ARG A 355 -21.75 24.80 -31.85
CA ARG A 355 -22.00 23.85 -32.93
C ARG A 355 -21.89 24.52 -34.30
N LEU A 356 -21.85 25.85 -34.34
CA LEU A 356 -21.77 26.58 -35.60
C LEU A 356 -20.44 27.26 -35.95
N VAL A 357 -19.61 27.52 -34.94
CA VAL A 357 -18.31 28.16 -35.15
C VAL A 357 -17.43 27.53 -36.24
N PRO A 358 -17.13 26.22 -36.16
CA PRO A 358 -16.17 25.70 -37.13
C PRO A 358 -16.59 25.82 -38.58
N GLY A 359 -17.85 25.53 -38.87
CA GLY A 359 -18.37 25.60 -40.23
C GLY A 359 -18.20 24.31 -41.02
N PHE A 360 -17.51 23.32 -40.44
CA PHE A 360 -17.34 22.07 -41.16
C PHE A 360 -18.63 21.30 -40.95
N GLU A 361 -19.27 20.95 -42.07
CA GLU A 361 -20.55 20.23 -42.07
C GLU A 361 -21.51 21.03 -41.21
N THR A 362 -21.43 22.36 -41.33
CA THR A 362 -22.24 23.26 -40.53
C THR A 362 -22.93 24.26 -41.44
N CYS A 363 -24.01 24.84 -40.92
CA CYS A 363 -24.76 25.83 -41.67
C CYS A 363 -24.11 27.18 -41.48
N GLN A 364 -23.57 27.75 -42.55
CA GLN A 364 -23.06 29.12 -42.49
C GLN A 364 -24.06 30.13 -43.02
N LYS A 365 -24.83 29.77 -44.05
CA LYS A 365 -25.63 30.74 -44.77
C LYS A 365 -27.10 30.35 -44.67
N LEU A 366 -27.96 31.33 -44.93
CA LEU A 366 -29.39 31.20 -44.70
C LEU A 366 -30.11 31.14 -46.05
N PHE A 367 -30.16 29.95 -46.63
CA PHE A 367 -30.84 29.73 -47.90
C PHE A 367 -31.23 28.26 -47.95
N TYR A 368 -31.90 27.87 -49.03
CA TYR A 368 -32.28 26.47 -49.23
C TYR A 368 -31.64 25.92 -50.51
N SER A 369 -30.93 24.81 -50.39
CA SER A 369 -30.26 24.19 -51.54
C SER A 369 -30.37 22.67 -51.59
N PHE A 370 -30.38 22.12 -52.80
CA PHE A 370 -30.48 20.68 -53.01
C PHE A 370 -29.29 19.87 -52.48
N GLY A 371 -28.08 20.37 -52.68
CA GLY A 371 -26.88 19.70 -52.22
C GLY A 371 -25.78 20.57 -51.68
N SER A 372 -26.12 21.71 -51.08
CA SER A 372 -25.12 22.57 -50.45
C SER A 372 -25.06 22.22 -48.97
N ARG A 373 -23.85 21.94 -48.49
CA ARG A 373 -23.69 21.54 -47.09
C ARG A 373 -23.92 22.69 -46.13
N SER A 374 -23.71 23.94 -46.57
CA SER A 374 -23.88 25.09 -45.73
C SER A 374 -25.28 25.70 -45.84
N ALA A 375 -26.26 24.91 -46.22
CA ALA A 375 -27.63 25.39 -46.31
C ALA A 375 -28.40 24.97 -45.07
N VAL A 376 -29.37 25.80 -44.71
CA VAL A 376 -30.18 25.52 -43.53
C VAL A 376 -31.29 24.52 -43.86
N ILE A 377 -31.97 24.75 -44.97
CA ILE A 377 -33.03 23.86 -45.45
C ILE A 377 -32.51 23.11 -46.67
N ARG A 378 -32.67 21.80 -46.69
CA ARG A 378 -32.23 20.99 -47.82
C ARG A 378 -33.40 20.24 -48.41
N LEU A 379 -33.62 20.39 -49.71
CA LEU A 379 -34.71 19.70 -50.38
C LEU A 379 -34.24 18.35 -50.91
N SER A 380 -35.19 17.43 -51.02
CA SER A 380 -34.89 16.03 -51.29
C SER A 380 -34.93 15.78 -52.79
N LEU A 381 -33.85 15.20 -53.31
CA LEU A 381 -33.79 14.80 -54.71
C LEU A 381 -34.02 13.30 -54.91
N ILE A 382 -34.17 12.54 -53.83
CA ILE A 382 -34.64 11.16 -53.92
C ILE A 382 -36.13 11.13 -54.21
N ASN A 383 -36.52 10.41 -55.27
CA ASN A 383 -37.91 10.19 -55.69
C ASN A 383 -38.66 11.51 -55.86
N TYR A 384 -38.15 12.34 -56.76
CA TYR A 384 -38.78 13.63 -57.02
C TYR A 384 -40.13 13.48 -57.69
N SER A 385 -40.40 12.36 -58.35
CA SER A 385 -41.67 12.16 -59.01
C SER A 385 -42.76 11.69 -58.04
N ASN A 386 -42.37 11.18 -56.87
CA ASN A 386 -43.36 10.63 -55.95
C ASN A 386 -43.96 11.73 -55.09
N PRO A 387 -45.29 11.82 -54.97
CA PRO A 387 -45.88 12.91 -54.20
C PRO A 387 -45.79 12.76 -52.69
N SER A 388 -45.86 11.52 -52.22
CA SER A 388 -45.76 11.22 -50.80
C SER A 388 -44.36 11.58 -50.30
N GLU A 389 -43.36 11.28 -51.12
CA GLU A 389 -41.97 11.55 -50.75
C GLU A 389 -41.53 12.97 -51.11
N LYS A 390 -42.15 13.95 -50.47
CA LYS A 390 -41.83 15.35 -50.65
C LYS A 390 -41.67 15.91 -49.24
N ARG A 391 -40.62 16.67 -48.99
CA ARG A 391 -40.45 17.18 -47.64
C ARG A 391 -39.52 18.39 -47.64
N ILE A 392 -39.36 18.96 -46.46
CA ILE A 392 -38.50 20.11 -46.23
C ILE A 392 -37.69 19.79 -44.98
N GLU A 393 -36.37 19.70 -45.13
CA GLU A 393 -35.49 19.29 -44.05
C GLU A 393 -34.84 20.50 -43.42
N PHE A 394 -35.40 20.95 -42.30
CA PHE A 394 -34.86 22.05 -41.52
C PHE A 394 -33.77 21.50 -40.62
N ARG A 395 -32.53 21.99 -40.74
CA ARG A 395 -31.44 21.45 -39.92
C ARG A 395 -30.88 22.24 -38.74
N LEU A 396 -31.44 23.41 -38.46
CA LEU A 396 -30.97 24.25 -37.36
C LEU A 396 -31.14 23.80 -35.89
N PRO A 397 -32.30 23.22 -35.54
CA PRO A 397 -32.69 22.85 -34.17
C PRO A 397 -31.87 21.79 -33.43
N ASP A 398 -31.98 21.81 -32.09
CA ASP A 398 -31.35 20.87 -31.14
C ASP A 398 -32.44 20.21 -30.35
N CYS A 399 -32.06 19.12 -29.72
CA CYS A 399 -32.97 18.40 -28.86
C CYS A 399 -32.92 19.07 -27.49
N ALA A 400 -32.08 20.09 -27.29
CA ALA A 400 -32.04 20.66 -25.95
C ALA A 400 -33.35 21.34 -25.57
N ASN A 401 -33.97 22.07 -26.49
CA ASN A 401 -35.15 22.84 -26.14
C ASN A 401 -36.38 21.93 -26.11
N SER A 402 -37.49 22.50 -25.68
CA SER A 402 -38.73 21.75 -25.60
C SER A 402 -39.32 21.58 -27.00
N PRO A 403 -39.68 20.36 -27.39
CA PRO A 403 -40.10 20.11 -28.77
C PRO A 403 -41.46 20.68 -29.13
N HIS A 404 -42.28 21.05 -28.14
CA HIS A 404 -43.54 21.69 -28.46
C HIS A 404 -43.36 23.17 -28.79
N LEU A 405 -42.41 23.83 -28.15
CA LEU A 405 -42.17 25.23 -28.46
C LEU A 405 -41.45 25.39 -29.79
N VAL A 406 -40.60 24.44 -30.16
CA VAL A 406 -39.85 24.56 -31.41
C VAL A 406 -40.77 24.31 -32.59
N MET A 407 -41.57 23.25 -32.53
CA MET A 407 -42.40 22.88 -33.68
C MET A 407 -43.60 23.81 -33.83
N ALA A 408 -43.96 24.54 -32.78
CA ALA A 408 -44.99 25.54 -32.93
C ALA A 408 -44.46 26.83 -33.51
N ALA A 409 -43.19 27.15 -33.26
CA ALA A 409 -42.62 28.35 -33.82
C ALA A 409 -42.31 28.20 -35.30
N ILE A 410 -42.02 26.97 -35.74
CA ILE A 410 -41.72 26.74 -37.15
C ILE A 410 -42.99 26.84 -37.99
N ILE A 411 -44.09 26.29 -37.48
CA ILE A 411 -45.37 26.36 -38.19
C ILE A 411 -45.88 27.79 -38.23
N LEU A 412 -45.76 28.52 -37.12
CA LEU A 412 -46.23 29.89 -37.09
C LEU A 412 -45.33 30.81 -37.92
N ALA A 413 -44.07 30.44 -38.12
CA ALA A 413 -43.23 31.21 -39.03
C ALA A 413 -43.53 30.83 -40.48
N GLY A 414 -43.71 29.54 -40.74
CA GLY A 414 -43.99 29.10 -42.08
C GLY A 414 -45.39 29.46 -42.55
N TYR A 415 -46.33 29.62 -41.62
CA TYR A 415 -47.66 30.07 -42.01
C TYR A 415 -47.66 31.53 -42.38
N ASP A 416 -46.78 32.32 -41.79
CA ASP A 416 -46.68 33.72 -42.17
C ASP A 416 -45.93 33.90 -43.49
N GLY A 417 -45.39 32.84 -44.05
CA GLY A 417 -44.84 32.93 -45.40
C GLY A 417 -45.84 32.71 -46.49
N ILE A 418 -47.00 32.13 -46.17
CA ILE A 418 -48.02 31.90 -47.18
C ILE A 418 -49.01 33.06 -47.24
N LYS A 419 -49.41 33.58 -46.09
CA LYS A 419 -50.34 34.71 -46.08
C LYS A 419 -49.68 36.00 -46.57
N SER A 420 -48.36 36.13 -46.42
CA SER A 420 -47.71 37.39 -46.77
C SER A 420 -47.51 37.55 -48.26
N LYS A 421 -47.38 36.44 -48.99
CA LYS A 421 -47.21 36.41 -50.45
C LYS A 421 -45.97 37.16 -50.93
N GLU A 422 -44.92 37.21 -50.13
CA GLU A 422 -43.68 37.83 -50.60
C GLU A 422 -42.90 36.87 -51.49
N GLN A 423 -41.88 37.39 -52.16
CA GLN A 423 -41.17 36.54 -53.10
C GLN A 423 -40.19 35.63 -52.36
N PRO A 424 -40.13 34.36 -52.71
CA PRO A 424 -39.10 33.47 -52.19
C PRO A 424 -37.74 33.78 -52.83
N LEU A 425 -36.71 33.14 -52.29
CA LEU A 425 -35.34 33.34 -52.73
C LEU A 425 -34.93 32.24 -53.70
N VAL A 426 -33.87 32.50 -54.44
CA VAL A 426 -33.31 31.54 -55.39
C VAL A 426 -32.68 30.37 -54.62
N PRO A 427 -32.77 29.14 -55.12
CA PRO A 427 -32.13 28.00 -54.42
C PRO A 427 -30.62 28.05 -54.23
N PHE A 428 -29.84 28.63 -55.16
CA PHE A 428 -28.45 29.07 -54.92
C PHE A 428 -27.50 27.91 -54.55
N GLU A 429 -27.39 26.93 -55.44
CA GLU A 429 -26.48 25.82 -55.19
C GLU A 429 -25.05 26.23 -55.50
N SER A 430 -24.14 26.03 -54.56
CA SER A 430 -22.83 26.67 -54.62
C SER A 430 -21.70 25.65 -54.64
N LYS A 431 -21.08 25.46 -55.80
CA LYS A 431 -20.08 24.39 -55.96
C LYS A 431 -18.89 24.57 -55.05
N ASP A 432 -18.41 25.79 -55.00
CA ASP A 432 -17.30 26.16 -54.16
C ASP A 432 -17.91 27.38 -53.50
N ASN A 433 -17.26 28.50 -53.70
CA ASN A 433 -17.78 29.75 -53.19
C ASN A 433 -18.67 30.37 -54.23
N HIS A 434 -18.63 29.81 -55.43
CA HIS A 434 -19.43 30.31 -56.54
C HIS A 434 -20.85 29.76 -56.43
N PHE A 435 -21.81 30.63 -56.12
CA PHE A 435 -23.21 30.24 -56.09
C PHE A 435 -23.72 30.13 -57.52
N TYR A 436 -24.12 28.92 -57.91
CA TYR A 436 -24.74 28.69 -59.20
C TYR A 436 -26.25 28.74 -59.07
N ILE A 437 -26.93 28.69 -60.21
CA ILE A 437 -28.38 28.61 -60.29
C ILE A 437 -28.70 27.47 -61.25
N SER A 438 -29.66 26.62 -60.88
CA SER A 438 -29.99 25.44 -61.68
C SER A 438 -30.54 25.82 -63.05
N SER A 439 -30.53 24.84 -63.95
CA SER A 439 -31.07 25.05 -65.29
C SER A 439 -32.57 25.28 -65.25
N ILE A 440 -33.25 24.66 -64.28
CA ILE A 440 -34.70 24.85 -64.16
C ILE A 440 -35.01 26.23 -63.59
N PHE A 441 -34.09 26.81 -62.81
CA PHE A 441 -34.31 28.16 -62.30
C PHE A 441 -33.57 29.20 -63.14
N SER A 442 -32.80 28.80 -64.12
CA SER A 442 -32.26 29.81 -65.03
C SER A 442 -33.36 30.37 -65.91
N LYS A 443 -34.37 29.57 -66.25
CA LYS A 443 -35.36 30.08 -67.19
C LYS A 443 -36.44 30.98 -66.62
N TYR A 444 -36.26 32.27 -66.90
CA TYR A 444 -37.20 33.33 -66.54
C TYR A 444 -37.69 33.48 -65.10
N VAL A 445 -36.84 33.39 -64.08
CA VAL A 445 -37.44 33.59 -62.76
C VAL A 445 -37.04 34.90 -62.12
N GLN A 446 -36.01 35.58 -62.62
CA GLN A 446 -35.59 36.87 -62.10
C GLN A 446 -35.41 37.80 -63.30
N HIS A 447 -36.32 38.78 -63.43
CA HIS A 447 -36.14 39.81 -64.43
C HIS A 447 -35.02 40.80 -64.08
N PRO A 448 -35.00 41.45 -62.91
CA PRO A 448 -33.90 42.40 -62.67
C PRO A 448 -32.78 41.77 -61.86
N GLU A 449 -31.67 42.52 -61.78
CA GLU A 449 -30.43 42.11 -61.11
C GLU A 449 -29.91 40.77 -61.63
N ASN A 450 -29.54 40.76 -62.90
CA ASN A 450 -28.91 39.59 -63.52
C ASN A 450 -27.41 39.64 -63.24
N PHE A 451 -27.02 39.10 -62.09
CA PHE A 451 -25.64 39.13 -61.63
C PHE A 451 -24.97 37.77 -61.71
N ASN A 452 -25.72 36.69 -61.50
CA ASN A 452 -25.18 35.33 -61.58
C ASN A 452 -25.17 34.78 -63.00
N ILE A 453 -25.23 35.64 -64.02
CA ILE A 453 -25.26 35.18 -65.40
C ILE A 453 -23.95 34.53 -65.82
N LEU A 454 -22.85 34.90 -65.16
CA LEU A 454 -21.59 34.21 -65.37
C LEU A 454 -21.61 32.81 -64.74
N THR A 455 -22.39 32.63 -63.68
CA THR A 455 -22.47 31.35 -62.98
C THR A 455 -23.80 30.65 -63.29
N HIS A 456 -23.81 29.94 -64.42
CA HIS A 456 -24.96 29.11 -64.80
C HIS A 456 -24.54 27.75 -65.36
N ALA A 457 -23.33 27.29 -65.07
CA ALA A 457 -22.82 26.05 -65.64
C ALA A 457 -23.44 24.86 -64.91
N LEU A 458 -24.62 24.43 -65.36
CA LEU A 458 -25.34 23.33 -64.75
C LEU A 458 -26.12 22.56 -65.81
N GLU A 459 -26.29 21.26 -65.55
CA GLU A 459 -27.05 20.36 -66.41
C GLU A 459 -28.15 19.61 -65.67
N GLY A 460 -28.06 19.50 -64.35
CA GLY A 460 -29.13 18.96 -63.52
C GLY A 460 -29.35 17.47 -63.71
N TYR A 461 -30.59 17.05 -63.49
CA TYR A 461 -31.08 15.72 -63.83
C TYR A 461 -31.36 15.68 -65.33
N GLU A 462 -31.73 14.50 -65.83
CA GLU A 462 -31.85 14.35 -67.28
C GLU A 462 -33.19 14.94 -67.73
N SER A 463 -33.13 15.89 -68.66
CA SER A 463 -34.29 16.57 -69.19
C SER A 463 -33.92 17.12 -70.55
N LEU A 464 -34.65 16.74 -71.58
CA LEU A 464 -34.44 17.25 -72.92
C LEU A 464 -35.75 17.75 -73.48
N HIS A 465 -35.67 18.86 -74.23
CA HIS A 465 -36.82 19.59 -74.80
C HIS A 465 -37.79 20.00 -73.69
N THR A 466 -37.29 20.81 -72.76
CA THR A 466 -38.05 21.19 -71.59
C THR A 466 -39.14 22.21 -71.92
N ILE A 467 -40.13 22.28 -71.04
CA ILE A 467 -41.29 23.16 -71.22
C ILE A 467 -41.24 24.21 -70.11
N ASN A 468 -41.35 25.48 -70.50
CA ASN A 468 -41.39 26.60 -69.56
C ASN A 468 -42.84 26.96 -69.25
N GLU A 469 -43.28 26.67 -68.04
CA GLU A 469 -44.62 27.02 -67.62
C GLU A 469 -44.72 28.52 -67.37
N SER A 470 -45.67 29.16 -68.01
CA SER A 470 -45.76 30.62 -67.98
C SER A 470 -46.21 31.22 -66.64
N PRO A 471 -47.29 30.77 -65.96
CA PRO A 471 -47.68 31.50 -64.73
C PRO A 471 -46.80 31.20 -63.52
N GLU A 472 -46.08 30.08 -63.51
CA GLU A 472 -45.21 29.77 -62.37
C GLU A 472 -43.84 30.42 -62.54
N PHE A 473 -43.45 30.72 -63.77
CA PHE A 473 -42.11 31.24 -64.01
C PHE A 473 -41.97 32.74 -64.10
N LYS A 474 -42.79 33.48 -63.38
CA LYS A 474 -42.69 34.93 -63.51
C LYS A 474 -41.46 35.36 -62.77
N ASN A 475 -41.37 36.61 -62.35
CA ASN A 475 -40.18 37.05 -61.61
C ASN A 475 -40.07 36.20 -60.34
N PHE A 476 -41.20 36.05 -59.64
CA PHE A 476 -41.38 35.20 -58.46
C PHE A 476 -40.18 35.02 -57.56
N PHE A 477 -38.98 34.92 -58.13
CA PHE A 477 -37.88 34.77 -57.18
C PHE A 477 -37.08 36.05 -57.13
N LYS A 478 -36.54 36.35 -55.96
CA LYS A 478 -35.66 37.50 -55.81
C LYS A 478 -34.21 37.03 -55.70
N CYS A 479 -33.32 37.74 -56.38
CA CYS A 479 -31.89 37.46 -56.31
C CYS A 479 -31.25 38.47 -55.39
N GLU A 480 -31.25 38.18 -54.09
CA GLU A 480 -30.46 38.89 -53.12
C GLU A 480 -29.33 37.98 -52.68
N GLU A 481 -28.41 38.54 -51.92
CA GLU A 481 -27.38 37.73 -51.30
C GLU A 481 -27.97 36.98 -50.11
N PRO A 482 -27.65 35.69 -49.95
CA PRO A 482 -28.14 34.95 -48.79
C PRO A 482 -27.47 35.43 -47.51
N GLN A 483 -28.29 35.79 -46.53
CA GLN A 483 -27.78 36.33 -45.28
C GLN A 483 -27.18 35.23 -44.42
N GLY A 484 -26.64 35.64 -43.27
CA GLY A 484 -26.05 34.72 -42.33
C GLY A 484 -27.03 34.33 -41.23
N ILE A 485 -26.50 33.57 -40.28
CA ILE A 485 -27.25 33.10 -39.14
C ILE A 485 -26.68 33.80 -37.92
N SER A 486 -27.44 33.86 -36.83
CA SER A 486 -26.89 34.39 -35.60
C SER A 486 -26.00 33.34 -34.94
N PHE A 487 -24.85 33.77 -34.44
CA PHE A 487 -23.87 32.87 -33.85
C PHE A 487 -23.76 33.00 -32.35
N SER A 488 -24.70 33.68 -31.69
CA SER A 488 -24.72 33.75 -30.24
C SER A 488 -26.14 34.09 -29.78
N LEU A 489 -26.39 33.85 -28.49
CA LEU A 489 -27.72 34.15 -27.93
C LEU A 489 -28.01 35.63 -27.84
N VAL A 490 -26.99 36.47 -27.72
CA VAL A 490 -27.24 37.90 -27.64
C VAL A 490 -27.66 38.46 -28.99
N GLU A 491 -27.34 37.75 -30.07
CA GLU A 491 -27.86 38.12 -31.38
C GLU A 491 -29.23 37.55 -31.62
N SER A 492 -29.53 36.38 -31.07
CA SER A 492 -30.80 35.72 -31.34
C SER A 492 -31.92 36.24 -30.45
N LEU A 493 -31.61 36.60 -29.22
CA LEU A 493 -32.63 37.17 -28.35
C LEU A 493 -32.97 38.59 -28.75
N ASP A 494 -32.02 39.32 -29.32
CA ASP A 494 -32.34 40.65 -29.83
C ASP A 494 -33.10 40.57 -31.15
N ALA A 495 -32.91 39.49 -31.91
CA ALA A 495 -33.73 39.30 -33.10
C ALA A 495 -35.14 38.89 -32.74
N LEU A 496 -35.32 38.23 -31.60
CA LEU A 496 -36.66 37.90 -31.13
C LEU A 496 -37.38 39.13 -30.59
N GLU A 497 -36.65 40.09 -30.03
CA GLU A 497 -37.28 41.29 -29.50
C GLU A 497 -37.84 42.20 -30.58
N LYS A 498 -37.18 42.24 -31.73
CA LYS A 498 -37.62 43.08 -32.83
C LYS A 498 -38.46 42.30 -33.83
N ASP A 499 -38.46 40.97 -33.67
CA ASP A 499 -39.23 40.12 -34.57
C ASP A 499 -40.06 39.08 -33.85
N HIS A 500 -41.11 39.54 -33.16
CA HIS A 500 -42.00 38.60 -32.47
C HIS A 500 -43.43 38.77 -32.93
N ALA A 501 -43.61 39.27 -34.16
CA ALA A 501 -44.93 39.58 -34.66
C ALA A 501 -45.64 38.40 -35.28
N PHE A 502 -44.88 37.48 -35.89
CA PHE A 502 -45.51 36.29 -36.47
C PHE A 502 -45.95 35.29 -35.44
N LEU A 503 -45.48 35.41 -34.20
CA LEU A 503 -45.85 34.51 -33.13
C LEU A 503 -47.09 34.97 -32.38
N THR A 504 -47.38 36.25 -32.40
CA THR A 504 -48.47 36.82 -31.63
C THR A 504 -49.79 36.82 -32.39
N VAL A 505 -49.90 36.04 -33.46
CA VAL A 505 -51.13 35.98 -34.22
C VAL A 505 -52.17 35.16 -33.46
N ASN A 506 -53.36 35.75 -33.28
CA ASN A 506 -54.48 35.19 -32.50
C ASN A 506 -54.09 34.90 -31.05
N ASN A 507 -53.09 35.64 -30.54
CA ASN A 507 -52.64 35.58 -29.14
C ASN A 507 -52.20 34.18 -28.74
N ILE A 508 -51.49 33.49 -29.63
CA ILE A 508 -50.98 32.16 -29.32
C ILE A 508 -49.80 32.26 -28.37
N PHE A 509 -48.77 32.97 -28.79
CA PHE A 509 -47.68 33.39 -27.90
C PHE A 509 -48.07 34.77 -27.37
N THR A 510 -48.23 34.91 -26.07
CA THR A 510 -48.58 36.22 -25.57
C THR A 510 -47.34 37.09 -25.48
N GLU A 511 -47.55 38.39 -25.28
CA GLU A 511 -46.44 39.32 -25.13
C GLU A 511 -45.69 39.08 -23.82
N GLU A 512 -46.40 38.71 -22.77
CA GLU A 512 -45.77 38.41 -21.49
C GLU A 512 -45.02 37.10 -21.51
N MET A 513 -45.47 36.17 -22.36
CA MET A 513 -44.76 34.90 -22.55
C MET A 513 -43.36 35.12 -23.11
N ILE A 514 -43.21 36.02 -24.08
CA ILE A 514 -41.92 36.22 -24.72
C ILE A 514 -41.01 37.06 -23.84
N GLN A 515 -41.58 38.04 -23.13
CA GLN A 515 -40.78 38.87 -22.22
C GLN A 515 -40.24 38.06 -21.06
N GLU A 516 -41.04 37.13 -20.52
CA GLU A 516 -40.55 36.30 -19.43
C GLU A 516 -39.60 35.23 -19.91
N TYR A 517 -39.59 34.93 -21.20
CA TYR A 517 -38.65 33.96 -21.74
C TYR A 517 -37.30 34.59 -22.01
N ILE A 518 -37.29 35.81 -22.53
CA ILE A 518 -36.04 36.50 -22.82
C ILE A 518 -35.38 36.95 -21.51
N LYS A 519 -36.19 37.29 -20.51
CA LYS A 519 -35.64 37.64 -19.20
C LYS A 519 -35.02 36.45 -18.51
N PHE A 520 -35.49 35.24 -18.79
CA PHE A 520 -34.88 34.06 -18.18
C PHE A 520 -33.54 33.74 -18.83
N LYS A 521 -33.46 33.82 -20.16
CA LYS A 521 -32.22 33.45 -20.83
C LYS A 521 -31.13 34.48 -20.60
N ARG A 522 -31.50 35.74 -20.39
CA ARG A 522 -30.51 36.77 -20.14
C ARG A 522 -29.98 36.72 -18.72
N GLU A 523 -30.64 35.97 -17.83
CA GLU A 523 -30.02 35.65 -16.55
C GLU A 523 -29.01 34.51 -16.70
N GLU A 524 -29.24 33.61 -17.66
CA GLU A 524 -28.35 32.48 -17.88
C GLU A 524 -27.06 32.88 -18.58
N ILE A 525 -27.10 33.90 -19.42
CA ILE A 525 -25.87 34.36 -20.05
C ILE A 525 -24.99 35.09 -19.03
N ASP A 526 -25.61 35.85 -18.14
CA ASP A 526 -24.83 36.61 -17.16
C ASP A 526 -24.20 35.70 -16.12
N ALA A 527 -24.86 34.62 -15.73
CA ALA A 527 -24.27 33.67 -14.81
C ALA A 527 -23.27 32.77 -15.49
N TYR A 528 -23.25 32.74 -16.81
CA TYR A 528 -22.29 31.93 -17.56
C TYR A 528 -20.98 32.67 -17.77
N ASN A 529 -21.05 34.00 -17.89
CA ASN A 529 -19.85 34.77 -18.20
C ASN A 529 -19.04 35.12 -16.96
N LYS A 530 -19.59 34.93 -15.76
CA LYS A 530 -18.81 35.17 -14.56
C LYS A 530 -17.80 34.08 -14.30
N TYR A 531 -18.01 32.92 -14.88
CA TYR A 531 -17.29 31.71 -14.48
C TYR A 531 -15.92 31.68 -15.13
N VAL A 532 -14.87 31.64 -14.32
CA VAL A 532 -13.50 31.69 -14.82
C VAL A 532 -13.06 30.30 -15.23
N ASN A 533 -12.61 30.18 -16.46
CA ASN A 533 -12.34 28.93 -17.14
C ASN A 533 -10.96 28.40 -16.82
N ALA A 534 -10.61 27.29 -17.47
CA ALA A 534 -9.23 26.82 -17.52
C ALA A 534 -8.52 27.25 -18.79
N TYR A 535 -9.26 27.74 -19.77
CA TYR A 535 -8.68 28.39 -20.94
C TYR A 535 -8.28 29.82 -20.65
N ASP A 536 -8.77 30.39 -19.54
CA ASP A 536 -8.34 31.71 -19.14
C ASP A 536 -6.95 31.68 -18.55
N TYR A 537 -6.60 30.60 -17.86
CA TYR A 537 -5.26 30.44 -17.32
C TYR A 537 -4.25 30.07 -18.38
N HIS A 538 -4.66 29.35 -19.42
CA HIS A 538 -3.72 28.98 -20.45
C HIS A 538 -3.34 30.16 -21.32
N LEU A 539 -4.37 30.88 -21.74
CA LEU A 539 -4.29 32.09 -22.55
C LEU A 539 -3.76 33.39 -21.95
N TYR A 540 -4.17 33.71 -20.73
CA TYR A 540 -3.82 34.99 -20.13
C TYR A 540 -3.18 34.84 -18.78
N TYR A 541 -1.92 34.48 -18.79
CA TYR A 541 -1.17 34.29 -17.56
C TYR A 541 0.32 34.51 -17.81
N MET B 1 -27.27 -18.81 -37.58
CA MET B 1 -26.40 -18.27 -38.61
C MET B 1 -26.65 -18.95 -39.95
N LYS B 2 -27.88 -19.42 -40.16
CA LYS B 2 -28.20 -20.11 -41.40
C LYS B 2 -28.22 -19.12 -42.56
N SER B 3 -27.82 -19.61 -43.73
CA SER B 3 -27.75 -18.80 -44.93
C SER B 3 -29.00 -19.04 -45.77
N VAL B 4 -29.50 -17.98 -46.39
CA VAL B 4 -30.69 -18.05 -47.22
C VAL B 4 -30.33 -17.56 -48.62
N SER B 5 -30.97 -18.13 -49.63
CA SER B 5 -30.73 -17.77 -51.01
C SER B 5 -31.99 -17.22 -51.65
N PHE B 6 -31.80 -16.35 -52.64
CA PHE B 6 -32.89 -15.69 -53.33
C PHE B 6 -32.57 -15.59 -54.81
N SER B 7 -33.60 -15.39 -55.62
CA SER B 7 -33.43 -15.28 -57.07
C SER B 7 -33.79 -13.92 -57.66
N ASN B 8 -34.79 -13.26 -57.08
CA ASN B 8 -35.25 -11.97 -57.57
C ASN B 8 -35.53 -11.04 -56.40
N ASN B 9 -35.47 -9.74 -56.63
CA ASN B 9 -35.68 -8.82 -55.52
C ASN B 9 -37.04 -8.99 -54.87
N ALA B 10 -37.99 -9.61 -55.55
CA ALA B 10 -39.32 -9.80 -54.96
C ALA B 10 -39.31 -10.89 -53.91
N GLU B 11 -38.45 -11.90 -54.05
CA GLU B 11 -38.39 -12.96 -53.06
C GLU B 11 -37.77 -12.50 -51.75
N LEU B 12 -37.07 -11.36 -51.74
CA LEU B 12 -36.75 -10.72 -50.47
C LEU B 12 -38.02 -10.25 -49.77
N TYR B 13 -38.85 -9.50 -50.48
CA TYR B 13 -39.98 -8.82 -49.86
C TYR B 13 -41.06 -9.80 -49.40
N GLU B 14 -41.15 -10.97 -50.03
CA GLU B 14 -42.05 -11.99 -49.51
C GLU B 14 -41.43 -12.72 -48.34
N TYR B 15 -40.11 -12.88 -48.32
CA TYR B 15 -39.47 -13.56 -47.20
C TYR B 15 -39.39 -12.69 -45.97
N ILE B 16 -39.26 -11.38 -46.17
CA ILE B 16 -39.17 -10.43 -45.07
C ILE B 16 -40.51 -10.27 -44.38
N LYS B 17 -41.60 -10.14 -45.15
CA LYS B 17 -42.90 -9.86 -44.57
C LYS B 17 -43.59 -11.10 -44.01
N ASP B 18 -43.06 -12.30 -44.22
CA ASP B 18 -43.70 -13.50 -43.71
C ASP B 18 -43.43 -13.63 -42.21
N LYS B 19 -44.49 -13.98 -41.47
CA LYS B 19 -44.41 -13.96 -40.01
C LYS B 19 -43.78 -15.19 -39.41
N LYS B 20 -43.55 -16.24 -40.20
CA LYS B 20 -42.92 -17.44 -39.66
C LYS B 20 -41.43 -17.24 -39.39
N ASN B 21 -40.76 -16.38 -40.16
CA ASN B 21 -39.32 -16.28 -40.09
C ASN B 21 -38.85 -15.33 -39.01
N ASP B 22 -39.74 -14.47 -38.50
CA ASP B 22 -39.50 -13.56 -37.38
C ASP B 22 -38.38 -12.57 -37.68
N VAL B 23 -38.22 -12.21 -38.95
CA VAL B 23 -37.16 -11.30 -39.36
C VAL B 23 -37.56 -9.89 -38.95
N GLU B 24 -36.76 -9.28 -38.08
CA GLU B 24 -37.08 -8.00 -37.48
C GLU B 24 -36.31 -6.83 -38.06
N ILE B 25 -35.01 -7.02 -38.32
CA ILE B 25 -34.12 -5.97 -38.82
C ILE B 25 -33.50 -6.46 -40.12
N VAL B 26 -33.35 -5.56 -41.08
CA VAL B 26 -32.61 -5.84 -42.31
C VAL B 26 -31.39 -4.96 -42.34
N ALA B 27 -30.21 -5.58 -42.35
CA ALA B 27 -28.96 -4.83 -42.33
C ALA B 27 -28.30 -4.85 -43.70
N CYS B 28 -27.60 -3.77 -44.00
CA CYS B 28 -26.91 -3.60 -45.27
C CYS B 28 -25.41 -3.51 -45.01
N ILE B 29 -24.60 -3.89 -45.99
CA ILE B 29 -23.16 -3.97 -45.82
C ILE B 29 -22.51 -3.29 -47.01
N ILE B 30 -21.68 -2.28 -46.76
CA ILE B 30 -21.01 -1.52 -47.81
C ILE B 30 -19.50 -1.67 -47.61
N THR B 31 -18.73 -1.35 -48.64
CA THR B 31 -17.28 -1.49 -48.60
C THR B 31 -16.66 -0.31 -49.34
N ASN B 32 -15.45 0.07 -48.92
CA ASN B 32 -14.66 1.17 -49.46
C ASN B 32 -13.66 0.69 -50.51
N LEU B 33 -12.96 1.67 -51.11
CA LEU B 33 -11.77 1.34 -51.88
C LEU B 33 -10.68 0.78 -50.97
N LEU B 34 -10.63 1.25 -49.74
CA LEU B 34 -9.83 0.62 -48.71
C LEU B 34 -10.64 -0.53 -48.14
N GLY B 35 -10.04 -1.34 -47.31
CA GLY B 35 -10.83 -2.44 -46.79
C GLY B 35 -11.55 -2.07 -45.53
N THR B 36 -12.83 -1.71 -45.61
CA THR B 36 -13.59 -1.38 -44.42
C THR B 36 -14.92 -2.12 -44.48
N TYR B 37 -15.68 -2.00 -43.40
CA TYR B 37 -16.90 -2.81 -43.25
C TYR B 37 -17.95 -1.92 -42.60
N PHE B 38 -18.83 -1.37 -43.41
CA PHE B 38 -19.86 -0.44 -42.97
C PHE B 38 -21.19 -1.17 -42.90
N LYS B 39 -22.08 -0.71 -42.02
CA LYS B 39 -23.30 -1.45 -41.77
C LYS B 39 -24.37 -0.54 -41.19
N CYS B 40 -25.56 -0.56 -41.77
CA CYS B 40 -26.68 0.25 -41.32
C CYS B 40 -27.88 -0.66 -41.12
N PHE B 41 -28.73 -0.32 -40.15
CA PHE B 41 -29.81 -1.20 -39.72
C PHE B 41 -31.16 -0.58 -40.07
N PHE B 42 -32.00 -1.36 -40.75
CA PHE B 42 -33.31 -0.92 -41.20
C PHE B 42 -34.37 -1.83 -40.63
N TYR B 43 -35.52 -1.26 -40.29
CA TYR B 43 -36.58 -2.06 -39.68
C TYR B 43 -37.59 -2.52 -40.70
N VAL B 44 -38.13 -3.71 -40.45
CA VAL B 44 -38.95 -4.44 -41.42
C VAL B 44 -40.28 -3.76 -41.70
N LYS B 45 -40.97 -3.27 -40.65
CA LYS B 45 -42.30 -2.69 -40.82
C LYS B 45 -42.33 -1.44 -41.68
N GLU B 46 -41.19 -0.79 -41.90
CA GLU B 46 -41.16 0.42 -42.71
C GLU B 46 -40.70 0.18 -44.14
N ILE B 47 -40.12 -0.97 -44.43
CA ILE B 47 -39.68 -1.29 -45.77
C ILE B 47 -40.90 -1.59 -46.63
N THR B 48 -40.96 -0.95 -47.81
CA THR B 48 -42.07 -1.12 -48.72
C THR B 48 -41.55 -1.72 -50.02
N LEU B 49 -42.44 -1.84 -51.00
CA LEU B 49 -42.08 -2.37 -52.31
C LEU B 49 -41.16 -1.41 -53.04
N ASN B 50 -41.35 -0.11 -52.84
CA ASN B 50 -40.64 0.92 -53.58
C ASN B 50 -39.21 1.09 -53.11
N LYS B 51 -38.94 0.83 -51.83
CA LYS B 51 -37.61 1.02 -51.26
C LYS B 51 -36.66 -0.12 -51.57
N LEU B 52 -37.06 -1.09 -52.39
CA LEU B 52 -36.11 -2.10 -52.82
C LEU B 52 -35.65 -1.84 -54.25
N GLU B 53 -36.55 -1.31 -55.10
CA GLU B 53 -36.12 -0.85 -56.42
C GLU B 53 -35.29 0.41 -56.32
N SER B 54 -35.81 1.42 -55.65
CA SER B 54 -34.99 2.53 -55.20
C SER B 54 -34.13 2.08 -54.03
N GLY B 55 -33.19 2.92 -53.66
CA GLY B 55 -32.30 2.60 -52.57
C GLY B 55 -32.60 3.38 -51.33
N PHE B 56 -31.77 3.15 -50.32
CA PHE B 56 -31.88 3.80 -49.03
C PHE B 56 -31.00 5.05 -49.00
N SER B 57 -31.47 6.07 -48.28
CA SER B 57 -30.75 7.33 -48.21
C SER B 57 -29.52 7.18 -47.32
N PHE B 58 -28.44 7.72 -47.84
CA PHE B 58 -27.19 7.53 -47.19
C PHE B 58 -26.31 8.74 -47.46
N ASP B 59 -25.60 9.18 -46.43
CA ASP B 59 -24.71 10.31 -46.58
C ASP B 59 -23.32 9.74 -46.55
N ALA B 60 -22.57 9.95 -47.62
CA ALA B 60 -21.22 9.41 -47.68
C ALA B 60 -20.18 10.52 -47.73
N SER B 61 -20.48 11.67 -47.15
CA SER B 61 -19.50 12.76 -47.13
C SER B 61 -18.40 12.52 -46.12
N SER B 62 -18.57 11.54 -45.22
CA SER B 62 -17.64 11.28 -44.14
C SER B 62 -16.87 9.98 -44.31
N ILE B 63 -17.29 9.12 -45.22
CA ILE B 63 -16.60 7.88 -45.50
C ILE B 63 -15.37 8.17 -46.37
N LYS B 64 -14.23 7.59 -46.03
CA LYS B 64 -12.99 7.86 -46.73
C LYS B 64 -13.01 7.30 -48.14
N LEU B 65 -12.57 8.12 -49.09
CA LEU B 65 -12.61 7.84 -50.53
C LEU B 65 -14.01 7.53 -51.02
N CYS B 66 -15.00 8.28 -50.56
CA CYS B 66 -16.37 8.11 -51.04
C CYS B 66 -17.12 9.43 -51.13
N SER B 67 -16.40 10.51 -51.47
CA SER B 67 -17.01 11.84 -51.58
C SER B 67 -16.87 12.51 -52.96
N ASP B 68 -17.97 13.12 -53.41
CA ASP B 68 -18.02 13.83 -54.70
C ASP B 68 -18.29 15.30 -54.37
N THR B 69 -17.65 16.23 -55.08
CA THR B 69 -17.83 17.63 -54.72
C THR B 69 -19.25 17.89 -54.23
N GLU B 70 -20.24 17.67 -55.08
CA GLU B 70 -21.61 18.03 -54.75
C GLU B 70 -22.58 16.88 -54.64
N VAL B 71 -22.18 15.66 -54.98
CA VAL B 71 -23.04 14.55 -54.64
C VAL B 71 -22.85 14.29 -53.15
N SER B 72 -23.73 14.87 -52.34
CA SER B 72 -23.71 14.66 -50.90
C SER B 72 -24.70 13.60 -50.48
N ASP B 73 -25.59 13.19 -51.39
CA ASP B 73 -26.59 12.18 -51.12
C ASP B 73 -26.42 11.05 -52.12
N PHE B 74 -26.32 9.83 -51.61
CA PHE B 74 -26.16 8.65 -52.44
C PHE B 74 -27.32 7.70 -52.18
N PHE B 75 -27.23 6.53 -52.75
CA PHE B 75 -28.19 5.47 -52.57
C PHE B 75 -27.48 4.27 -51.96
N ILE B 76 -28.24 3.24 -51.62
CA ILE B 76 -27.70 1.94 -51.26
C ILE B 76 -28.57 0.91 -51.96
N LYS B 77 -28.01 0.26 -52.96
CA LYS B 77 -28.79 -0.64 -53.79
C LYS B 77 -28.69 -2.07 -53.24
N VAL B 78 -29.82 -2.62 -52.87
CA VAL B 78 -29.88 -3.92 -52.22
C VAL B 78 -29.66 -4.99 -53.28
N ASP B 79 -28.65 -5.83 -53.08
CA ASP B 79 -28.32 -6.90 -54.01
C ASP B 79 -28.58 -8.25 -53.35
N HIS B 80 -29.37 -9.07 -54.03
CA HIS B 80 -29.74 -10.41 -53.58
C HIS B 80 -28.66 -11.47 -53.79
N SER B 81 -28.87 -12.67 -53.24
CA SER B 81 -27.92 -13.78 -53.39
C SER B 81 -26.71 -13.80 -52.44
N THR B 82 -26.68 -12.91 -51.45
CA THR B 82 -25.60 -12.85 -50.49
C THR B 82 -26.24 -12.47 -49.16
N CYS B 83 -26.92 -13.42 -48.52
CA CYS B 83 -27.63 -13.08 -47.31
C CYS B 83 -27.37 -14.16 -46.28
N TYR B 84 -27.48 -13.80 -45.01
CA TYR B 84 -27.47 -14.79 -43.94
C TYR B 84 -28.19 -14.23 -42.73
N LEU B 85 -28.92 -15.10 -42.05
CA LEU B 85 -29.64 -14.71 -40.86
C LEU B 85 -28.72 -14.73 -39.64
N GLU B 86 -29.15 -14.04 -38.60
CA GLU B 86 -28.43 -14.01 -37.34
C GLU B 86 -29.40 -14.15 -36.18
N GLU B 87 -28.84 -14.34 -34.99
CA GLU B 87 -29.59 -14.34 -33.74
C GLU B 87 -28.85 -13.44 -32.77
N CYS B 88 -29.16 -12.15 -32.80
CA CYS B 88 -28.57 -11.20 -31.85
C CYS B 88 -29.67 -10.83 -30.86
N ASP B 89 -29.50 -11.27 -29.61
CA ASP B 89 -30.40 -11.00 -28.49
C ASP B 89 -31.83 -11.45 -28.78
N GLY B 90 -31.97 -12.66 -29.31
CA GLY B 90 -33.27 -13.19 -29.62
C GLY B 90 -33.98 -12.53 -30.78
N LYS B 91 -33.25 -11.78 -31.61
CA LYS B 91 -33.80 -11.07 -32.75
C LYS B 91 -33.12 -11.54 -34.02
N ASN B 92 -33.91 -11.73 -35.08
CA ASN B 92 -33.38 -12.22 -36.35
C ASN B 92 -33.05 -11.05 -37.27
N ILE B 93 -31.84 -11.05 -37.82
CA ILE B 93 -31.33 -9.97 -38.63
C ILE B 93 -30.87 -10.54 -39.96
N LEU B 94 -31.46 -10.07 -41.05
CA LEU B 94 -30.84 -10.33 -42.35
C LEU B 94 -29.60 -9.46 -42.51
N ASN B 95 -28.64 -9.98 -43.26
CA ASN B 95 -27.43 -9.23 -43.56
C ASN B 95 -27.21 -9.34 -45.06
N ILE B 96 -27.43 -8.25 -45.77
CA ILE B 96 -27.43 -8.25 -47.23
C ILE B 96 -26.25 -7.43 -47.73
N MET B 97 -25.53 -7.97 -48.71
CA MET B 97 -24.51 -7.19 -49.38
C MET B 97 -25.14 -6.19 -50.33
N CYS B 98 -24.66 -4.96 -50.28
CA CYS B 98 -25.37 -3.83 -50.86
C CYS B 98 -24.39 -2.85 -51.51
N ASP B 99 -24.62 -2.54 -52.78
CA ASP B 99 -23.76 -1.57 -53.46
C ASP B 99 -24.28 -0.15 -53.28
N ILE B 100 -23.44 0.82 -53.63
CA ILE B 100 -23.78 2.23 -53.59
C ILE B 100 -23.83 2.78 -55.01
N LYS B 101 -24.83 3.62 -55.27
CA LYS B 101 -25.05 4.13 -56.61
C LYS B 101 -25.31 5.63 -56.51
N ARG B 102 -25.40 6.23 -57.70
CA ARG B 102 -25.72 7.62 -57.92
C ARG B 102 -27.24 7.74 -58.04
N TYR B 103 -27.72 8.96 -58.24
CA TYR B 103 -29.15 9.21 -58.36
C TYR B 103 -29.85 8.52 -59.53
N ASN B 104 -29.20 8.46 -60.70
CA ASN B 104 -29.82 7.89 -61.88
C ASN B 104 -29.80 6.36 -61.85
N GLY B 105 -28.88 5.78 -61.08
CA GLY B 105 -28.71 4.34 -61.09
C GLY B 105 -27.46 3.97 -61.84
N PHE B 106 -26.64 4.97 -62.14
CA PHE B 106 -25.38 4.70 -62.80
C PHE B 106 -24.38 4.11 -61.82
N ASP B 107 -23.47 3.33 -62.37
CA ASP B 107 -22.44 2.64 -61.59
C ASP B 107 -21.44 3.65 -61.04
N TYR B 108 -21.38 3.76 -59.72
CA TYR B 108 -20.43 4.67 -59.08
C TYR B 108 -19.01 4.15 -59.26
N TYR B 109 -18.10 5.04 -59.67
CA TYR B 109 -16.76 4.60 -60.05
C TYR B 109 -15.85 4.35 -58.86
N LYS B 110 -16.25 4.74 -57.65
CA LYS B 110 -15.50 4.41 -56.46
C LYS B 110 -16.21 3.38 -55.59
N CYS B 111 -16.94 2.47 -56.20
CA CYS B 111 -17.47 1.32 -55.48
C CYS B 111 -16.75 0.06 -55.92
N PRO B 112 -16.11 -0.65 -55.01
CA PRO B 112 -15.31 -1.80 -55.40
C PRO B 112 -16.13 -3.02 -55.78
N ARG B 113 -17.32 -3.19 -55.20
CA ARG B 113 -18.15 -4.32 -55.57
C ARG B 113 -18.78 -4.12 -56.94
N THR B 114 -18.95 -2.88 -57.36
CA THR B 114 -19.40 -2.63 -58.72
C THR B 114 -18.27 -2.81 -59.72
N ILE B 115 -17.02 -2.80 -59.27
CA ILE B 115 -15.91 -3.05 -60.17
C ILE B 115 -15.78 -4.53 -60.47
N LEU B 116 -15.92 -5.40 -59.45
CA LEU B 116 -15.92 -6.84 -59.68
C LEU B 116 -17.12 -7.31 -60.47
N LYS B 117 -18.26 -6.64 -60.35
CA LYS B 117 -19.39 -7.00 -61.20
C LYS B 117 -19.14 -6.63 -62.65
N LYS B 118 -18.28 -5.65 -62.90
CA LYS B 118 -17.99 -5.22 -64.26
C LYS B 118 -16.87 -6.02 -64.88
N THR B 119 -15.81 -6.35 -64.13
CA THR B 119 -14.69 -7.05 -64.75
C THR B 119 -14.98 -8.53 -64.92
N CYS B 120 -15.92 -9.07 -64.14
CA CYS B 120 -16.31 -10.46 -64.37
C CYS B 120 -17.31 -10.58 -65.51
N GLU B 121 -18.18 -9.59 -65.68
CA GLU B 121 -19.10 -9.54 -66.80
C GLU B 121 -18.46 -8.97 -68.04
N PHE B 122 -17.21 -8.50 -67.95
CA PHE B 122 -16.45 -8.17 -69.13
C PHE B 122 -15.72 -9.38 -69.68
N VAL B 123 -15.12 -10.17 -68.80
CA VAL B 123 -14.40 -11.37 -69.22
C VAL B 123 -15.35 -12.40 -69.80
N LYS B 124 -16.57 -12.50 -69.24
CA LYS B 124 -17.55 -13.49 -69.69
C LYS B 124 -18.09 -13.15 -71.08
N ASN B 125 -17.94 -11.89 -71.52
CA ASN B 125 -18.50 -11.49 -72.80
C ASN B 125 -17.59 -11.79 -73.98
N GLU B 126 -16.38 -12.28 -73.73
CA GLU B 126 -15.47 -12.63 -74.83
C GLU B 126 -15.36 -14.12 -75.09
N GLY B 127 -16.25 -14.94 -74.52
CA GLY B 127 -16.16 -16.36 -74.71
C GLY B 127 -15.00 -17.03 -74.01
N ILE B 128 -14.29 -16.30 -73.16
CA ILE B 128 -13.15 -16.80 -72.40
C ILE B 128 -13.48 -16.67 -70.93
N ALA B 129 -13.38 -17.79 -70.21
CA ALA B 129 -13.52 -17.85 -68.75
C ALA B 129 -14.87 -17.32 -68.27
N ASP B 130 -15.93 -18.09 -68.57
CA ASP B 130 -17.28 -17.74 -68.09
C ASP B 130 -17.36 -17.75 -66.57
N LYS B 131 -16.49 -18.52 -65.92
CA LYS B 131 -16.42 -18.58 -64.47
C LYS B 131 -14.97 -18.40 -64.07
N VAL B 132 -14.74 -17.71 -62.96
CA VAL B 132 -13.42 -17.58 -62.35
C VAL B 132 -13.53 -18.12 -60.93
N CYS B 133 -12.84 -19.24 -60.66
CA CYS B 133 -12.86 -19.84 -59.34
C CYS B 133 -11.58 -19.45 -58.61
N ILE B 134 -11.74 -18.78 -57.47
CA ILE B 134 -10.62 -18.30 -56.66
C ILE B 134 -10.79 -18.85 -55.25
N GLY B 135 -9.73 -19.41 -54.69
CA GLY B 135 -9.71 -19.80 -53.30
C GLY B 135 -8.80 -18.88 -52.50
N ASN B 136 -8.93 -18.97 -51.17
CA ASN B 136 -8.14 -18.11 -50.30
C ASN B 136 -7.71 -18.85 -49.05
N GLU B 137 -6.66 -18.33 -48.41
CA GLU B 137 -6.08 -18.91 -47.20
C GLU B 137 -5.76 -17.76 -46.26
N LEU B 138 -6.66 -17.51 -45.30
CA LEU B 138 -6.51 -16.37 -44.41
C LEU B 138 -5.56 -16.69 -43.27
N GLU B 139 -4.72 -15.73 -42.90
CA GLU B 139 -3.81 -15.88 -41.79
C GLU B 139 -3.97 -14.70 -40.86
N PHE B 140 -4.14 -14.96 -39.57
CA PHE B 140 -4.45 -13.92 -38.62
C PHE B 140 -3.74 -14.21 -37.30
N PHE B 141 -3.47 -13.17 -36.53
CA PHE B 141 -2.90 -13.30 -35.20
C PHE B 141 -4.02 -13.12 -34.20
N ILE B 142 -3.90 -13.75 -33.04
CA ILE B 142 -4.84 -13.55 -31.95
C ILE B 142 -4.04 -13.11 -30.74
N PHE B 143 -4.04 -11.82 -30.46
CA PHE B 143 -3.40 -11.24 -29.30
C PHE B 143 -4.41 -11.15 -28.19
N ASP B 144 -3.95 -10.78 -27.00
CA ASP B 144 -4.85 -10.69 -25.86
C ASP B 144 -5.30 -9.26 -25.65
N LYS B 145 -4.31 -8.36 -25.69
CA LYS B 145 -4.56 -6.94 -25.52
C LYS B 145 -3.49 -6.18 -26.30
N VAL B 146 -3.82 -4.97 -26.70
CA VAL B 146 -2.87 -4.13 -27.42
C VAL B 146 -3.09 -2.70 -27.00
N ASN B 147 -2.04 -2.02 -26.54
CA ASN B 147 -2.11 -0.61 -26.15
C ASN B 147 -1.07 0.15 -26.92
N TYR B 148 -1.46 1.28 -27.51
CA TYR B 148 -0.49 2.18 -28.10
C TYR B 148 -0.87 3.63 -27.85
N SER B 149 0.03 4.52 -28.24
CA SER B 149 -0.19 5.95 -28.05
C SER B 149 0.70 6.71 -29.00
N LEU B 150 0.34 7.97 -29.26
CA LEU B 150 1.08 8.79 -30.21
C LEU B 150 1.41 10.17 -29.67
N ASP B 151 1.39 10.37 -28.36
CA ASP B 151 1.83 11.62 -27.77
C ASP B 151 3.31 11.83 -28.04
N GLU B 152 3.72 13.08 -28.17
CA GLU B 152 5.09 13.41 -28.59
C GLU B 152 6.12 12.97 -27.56
N TYR B 153 5.71 12.88 -26.32
CA TYR B 153 6.59 12.54 -25.22
C TYR B 153 6.33 11.14 -24.68
N ASN B 154 5.20 10.55 -25.06
CA ASN B 154 4.82 9.24 -24.50
C ASN B 154 4.45 8.10 -25.44
N THR B 155 4.91 8.11 -26.68
CA THR B 155 4.54 7.02 -27.59
C THR B 155 5.03 5.66 -27.09
N TYR B 156 4.16 4.66 -27.17
CA TYR B 156 4.50 3.31 -26.76
C TYR B 156 3.73 2.28 -27.57
N LEU B 157 4.19 1.04 -27.48
CA LEU B 157 3.44 -0.16 -27.80
C LEU B 157 3.48 -1.11 -26.62
N LYS B 158 2.40 -1.85 -26.42
CA LYS B 158 2.40 -2.97 -25.49
C LYS B 158 1.48 -4.02 -26.08
N VAL B 159 2.06 -5.08 -26.63
CA VAL B 159 1.29 -6.20 -27.14
C VAL B 159 1.30 -7.26 -26.06
N TYR B 160 0.14 -7.63 -25.56
CA TYR B 160 0.02 -8.65 -24.53
C TYR B 160 -0.31 -9.97 -25.21
N ASP B 161 0.45 -11.00 -24.91
CA ASP B 161 0.27 -12.31 -25.52
C ASP B 161 0.24 -13.41 -24.46
N ARG B 162 -0.41 -14.51 -24.81
CA ARG B 162 -0.58 -15.61 -23.89
C ARG B 162 0.21 -16.85 -24.30
N GLU B 163 0.55 -16.99 -25.57
CA GLU B 163 1.28 -18.15 -26.04
C GLU B 163 2.76 -17.88 -26.26
N SER B 164 3.15 -16.64 -26.48
CA SER B 164 4.51 -16.35 -26.86
C SER B 164 5.41 -16.32 -25.64
N PHE B 165 6.54 -16.99 -25.74
CA PHE B 165 7.50 -17.00 -24.64
C PHE B 165 8.23 -15.68 -24.53
N SER B 166 8.36 -14.95 -25.64
CA SER B 166 9.21 -13.76 -25.63
C SER B 166 8.45 -12.51 -25.23
N CYS B 167 7.13 -12.58 -25.08
CA CYS B 167 6.42 -11.47 -24.46
C CYS B 167 6.58 -11.55 -22.96
N LYS B 168 7.30 -10.60 -22.39
CA LYS B 168 7.59 -10.64 -20.97
C LYS B 168 6.79 -9.59 -20.20
N ASN B 169 5.67 -9.16 -20.75
CA ASN B 169 4.68 -8.41 -20.01
C ASN B 169 3.94 -9.36 -19.05
N ASP B 170 3.45 -8.81 -17.96
CA ASP B 170 2.69 -9.61 -17.00
C ASP B 170 1.19 -9.36 -17.17
N LEU B 171 0.43 -10.46 -17.19
CA LEU B 171 -1.00 -10.42 -17.41
C LEU B 171 -1.80 -10.48 -16.13
N SER B 172 -1.15 -10.28 -14.98
CA SER B 172 -1.89 -10.28 -13.73
C SER B 172 -2.68 -9.00 -13.54
N SER B 173 -2.31 -7.93 -14.23
CA SER B 173 -3.05 -6.69 -14.14
C SER B 173 -4.35 -6.72 -14.91
N ILE B 174 -4.45 -7.56 -15.93
CA ILE B 174 -5.63 -7.63 -16.76
C ILE B 174 -6.76 -8.25 -15.95
N TYR B 175 -7.85 -7.51 -15.81
CA TYR B 175 -8.96 -7.97 -15.00
C TYR B 175 -9.84 -8.95 -15.77
N GLU B 196 -8.50 -17.87 -18.86
CA GLU B 196 -8.80 -16.52 -18.39
C GLU B 196 -7.68 -15.91 -17.56
N TYR B 197 -6.44 -16.17 -18.00
CA TYR B 197 -5.22 -15.53 -17.50
C TYR B 197 -4.96 -15.92 -16.05
N LEU B 198 -5.30 -17.16 -15.70
CA LEU B 198 -5.25 -17.62 -14.33
C LEU B 198 -3.81 -17.78 -13.85
N ILE B 199 -3.03 -18.62 -14.50
CA ILE B 199 -1.67 -18.91 -14.06
C ILE B 199 -0.73 -18.58 -15.20
N ASN B 200 0.23 -17.72 -14.94
CA ASN B 200 1.21 -17.34 -15.96
C ASN B 200 2.47 -18.17 -15.77
N ASP B 201 2.61 -19.24 -16.55
CA ASP B 201 3.82 -20.03 -16.51
C ASP B 201 4.41 -20.13 -17.91
N ASP B 202 5.72 -20.04 -17.98
CA ASP B 202 6.45 -20.10 -19.23
C ASP B 202 6.63 -21.51 -19.74
N SER B 203 6.07 -22.50 -19.05
CA SER B 203 6.24 -23.89 -19.44
C SER B 203 5.32 -24.27 -20.60
N LYS B 204 4.14 -23.69 -20.66
CA LYS B 204 3.17 -23.95 -21.71
C LYS B 204 3.14 -22.87 -22.77
N LYS B 205 4.25 -22.19 -23.00
CA LYS B 205 4.30 -21.14 -24.00
C LYS B 205 5.11 -21.58 -25.21
N VAL B 206 4.75 -21.05 -26.37
CA VAL B 206 5.41 -21.40 -27.62
C VAL B 206 6.61 -20.49 -27.82
N LYS B 207 7.76 -21.07 -28.16
CA LYS B 207 8.92 -20.26 -28.47
C LYS B 207 8.86 -19.78 -29.91
N LYS B 208 9.78 -18.92 -30.30
CA LYS B 208 9.66 -18.21 -31.57
C LYS B 208 10.01 -19.11 -32.74
N LYS B 209 9.26 -18.95 -33.83
CA LYS B 209 9.38 -19.69 -35.10
C LYS B 209 9.34 -21.18 -34.93
N SER B 210 8.67 -21.65 -33.88
CA SER B 210 8.71 -23.08 -33.55
C SER B 210 7.34 -23.58 -33.18
N GLY B 211 6.28 -22.97 -33.68
CA GLY B 211 4.96 -23.45 -33.37
C GLY B 211 4.12 -23.78 -34.58
N TYR B 212 4.65 -24.53 -35.56
CA TYR B 212 3.93 -24.73 -36.81
C TYR B 212 2.62 -25.48 -36.61
N PHE B 213 2.68 -26.75 -36.22
CA PHE B 213 1.45 -27.47 -35.90
C PHE B 213 1.48 -27.71 -34.40
N THR B 214 0.71 -26.94 -33.64
CA THR B 214 0.73 -27.15 -32.20
C THR B 214 -0.64 -27.57 -31.68
N THR B 215 -0.61 -28.03 -30.44
CA THR B 215 -1.76 -28.66 -29.84
C THR B 215 -2.38 -27.98 -28.60
N ASP B 216 -3.15 -28.73 -27.83
CA ASP B 216 -3.89 -28.18 -26.69
C ASP B 216 -3.11 -27.51 -25.54
N PRO B 217 -2.01 -28.11 -25.07
CA PRO B 217 -1.33 -27.33 -24.02
C PRO B 217 -0.78 -26.03 -24.52
N TYR B 218 -0.23 -25.99 -25.74
CA TYR B 218 0.47 -24.83 -26.25
C TYR B 218 -0.42 -23.93 -27.10
N ASP B 219 -1.32 -24.50 -27.88
CA ASP B 219 -2.29 -23.72 -28.63
C ASP B 219 -3.42 -23.34 -27.68
N THR B 220 -3.27 -22.14 -27.13
CA THR B 220 -4.16 -21.52 -26.16
C THR B 220 -5.53 -21.21 -26.68
N SER B 221 -5.67 -21.08 -27.99
CA SER B 221 -6.98 -20.75 -28.49
C SER B 221 -7.46 -21.77 -29.48
N ASN B 222 -7.80 -22.95 -28.98
CA ASN B 222 -8.37 -23.98 -29.83
C ASN B 222 -9.89 -23.97 -29.82
N ILE B 223 -10.50 -23.50 -28.74
CA ILE B 223 -11.95 -23.48 -28.65
C ILE B 223 -12.52 -22.36 -29.52
N ILE B 224 -11.74 -21.30 -29.74
CA ILE B 224 -12.16 -20.21 -30.61
C ILE B 224 -12.30 -20.69 -32.05
N LYS B 225 -11.38 -21.53 -32.52
CA LYS B 225 -11.36 -21.91 -33.92
C LYS B 225 -12.49 -22.86 -34.26
N LEU B 226 -12.89 -23.71 -33.33
CA LEU B 226 -14.04 -24.56 -33.60
C LEU B 226 -15.33 -23.78 -33.56
N ARG B 227 -15.36 -22.63 -32.91
CA ARG B 227 -16.53 -21.77 -32.90
C ARG B 227 -16.55 -20.80 -34.06
N ILE B 228 -15.42 -20.59 -34.72
CA ILE B 228 -15.41 -19.75 -35.92
C ILE B 228 -15.96 -20.60 -37.05
N CYS B 229 -15.40 -21.79 -37.24
CA CYS B 229 -15.75 -22.59 -38.40
C CYS B 229 -17.08 -23.30 -38.21
N ARG B 230 -17.61 -23.35 -36.99
CA ARG B 230 -19.02 -23.68 -36.82
C ARG B 230 -19.90 -22.59 -37.41
N ALA B 231 -19.50 -21.33 -37.22
CA ALA B 231 -20.28 -20.22 -37.72
C ALA B 231 -20.08 -19.98 -39.20
N LEU B 232 -19.05 -20.55 -39.80
CA LEU B 232 -18.82 -20.42 -41.23
C LEU B 232 -19.43 -21.55 -42.02
N ASN B 233 -19.45 -22.77 -41.47
CA ASN B 233 -20.07 -23.88 -42.17
C ASN B 233 -21.58 -23.82 -42.10
N ASP B 234 -22.14 -23.16 -41.08
CA ASP B 234 -23.57 -22.95 -41.04
C ASP B 234 -24.03 -21.98 -42.11
N MET B 235 -23.13 -21.13 -42.57
CA MET B 235 -23.40 -20.10 -43.55
C MET B 235 -23.04 -20.53 -44.97
N ASN B 236 -22.71 -21.80 -45.16
CA ASN B 236 -22.19 -22.38 -46.40
C ASN B 236 -20.95 -21.66 -46.92
N ILE B 237 -20.11 -21.15 -46.03
CA ILE B 237 -18.73 -20.78 -46.36
C ILE B 237 -17.89 -21.94 -45.86
N ASN B 238 -17.73 -22.96 -46.68
CA ASN B 238 -17.16 -24.22 -46.22
C ASN B 238 -15.65 -24.10 -46.05
N VAL B 239 -15.15 -24.67 -44.94
CA VAL B 239 -13.73 -24.60 -44.60
C VAL B 239 -12.92 -25.87 -44.87
N GLN B 240 -11.95 -25.76 -45.77
CA GLN B 240 -11.07 -26.88 -46.14
C GLN B 240 -10.07 -27.42 -45.10
N ARG B 241 -9.40 -26.53 -44.37
CA ARG B 241 -8.39 -26.95 -43.39
C ARG B 241 -8.11 -25.91 -42.29
N TYR B 242 -7.43 -26.33 -41.23
CA TYR B 242 -7.12 -25.41 -40.13
C TYR B 242 -5.79 -25.87 -39.54
N HIS B 243 -4.92 -24.92 -39.22
CA HIS B 243 -3.77 -25.21 -38.38
C HIS B 243 -3.31 -23.93 -37.68
N HIS B 244 -2.39 -24.11 -36.74
CA HIS B 244 -1.54 -23.07 -36.20
C HIS B 244 -0.49 -22.75 -37.26
N GLU B 245 0.29 -21.68 -37.07
CA GLU B 245 1.29 -21.39 -38.09
C GLU B 245 2.63 -20.99 -37.48
N VAL B 246 3.57 -20.61 -38.33
CA VAL B 246 4.98 -20.48 -37.92
C VAL B 246 5.11 -19.09 -37.32
N SER B 247 4.59 -18.94 -36.12
CA SER B 247 4.67 -17.78 -35.25
C SER B 247 3.92 -18.16 -34.00
N THR B 248 4.13 -17.40 -32.95
CA THR B 248 3.39 -17.59 -31.72
C THR B 248 2.08 -16.85 -31.85
N SER B 249 0.98 -17.60 -31.72
CA SER B 249 -0.41 -17.14 -31.92
C SER B 249 -0.62 -16.56 -33.31
N GLN B 250 -0.39 -17.39 -34.32
CA GLN B 250 -0.77 -17.09 -35.69
C GLN B 250 -1.45 -18.30 -36.30
N HIS B 251 -2.67 -18.13 -36.77
CA HIS B 251 -3.52 -19.23 -37.20
C HIS B 251 -3.77 -19.14 -38.70
N GLU B 252 -4.65 -20.00 -39.20
CA GLU B 252 -4.83 -20.17 -40.63
C GLU B 252 -6.20 -20.76 -40.91
N ILE B 253 -6.94 -20.18 -41.85
CA ILE B 253 -8.17 -20.77 -42.36
C ILE B 253 -8.06 -20.85 -43.87
N SER B 254 -8.26 -22.03 -44.44
CA SER B 254 -8.31 -22.18 -45.88
C SER B 254 -9.71 -22.58 -46.30
N LEU B 255 -10.32 -21.80 -47.18
CA LEU B 255 -11.71 -21.97 -47.53
C LEU B 255 -11.87 -22.73 -48.82
N LYS B 256 -13.11 -23.06 -49.13
CA LYS B 256 -13.50 -23.73 -50.36
C LYS B 256 -13.36 -22.75 -51.52
N TYR B 257 -13.33 -23.28 -52.75
CA TYR B 257 -13.24 -22.45 -53.94
C TYR B 257 -14.61 -21.93 -54.30
N PHE B 258 -14.67 -20.65 -54.66
CA PHE B 258 -15.94 -20.01 -54.95
C PHE B 258 -15.81 -19.19 -56.22
N ASP B 259 -16.94 -18.72 -56.72
CA ASP B 259 -16.97 -17.74 -57.80
C ASP B 259 -16.32 -16.44 -57.31
N ALA B 260 -15.69 -15.71 -58.25
CA ALA B 260 -14.85 -14.58 -57.88
C ALA B 260 -15.64 -13.43 -57.29
N LEU B 261 -16.93 -13.32 -57.63
CA LEU B 261 -17.73 -12.28 -56.99
C LEU B 261 -18.19 -12.70 -55.60
N THR B 262 -18.46 -13.98 -55.39
CA THR B 262 -18.86 -14.42 -54.08
C THR B 262 -17.68 -14.76 -53.19
N ASN B 263 -16.49 -14.82 -53.75
CA ASN B 263 -15.30 -14.97 -52.91
C ASN B 263 -15.01 -13.70 -52.14
N ALA B 264 -14.97 -12.57 -52.84
CA ALA B 264 -14.66 -11.31 -52.17
C ALA B 264 -15.79 -10.88 -51.25
N ASP B 265 -17.02 -11.32 -51.53
CA ASP B 265 -18.09 -11.15 -50.56
C ASP B 265 -17.86 -12.01 -49.33
N PHE B 266 -17.37 -13.23 -49.49
CA PHE B 266 -17.18 -14.11 -48.35
C PHE B 266 -15.92 -13.75 -47.57
N LEU B 267 -15.02 -12.98 -48.16
CA LEU B 267 -13.84 -12.56 -47.39
C LEU B 267 -14.16 -11.47 -46.40
N LEU B 268 -15.04 -10.54 -46.75
CA LEU B 268 -15.46 -9.53 -45.78
C LEU B 268 -16.26 -10.13 -44.65
N ILE B 269 -17.11 -11.11 -44.96
CA ILE B 269 -17.93 -11.73 -43.94
C ILE B 269 -17.07 -12.60 -43.03
N THR B 270 -16.02 -13.21 -43.58
CA THR B 270 -15.13 -14.03 -42.76
C THR B 270 -14.33 -13.18 -41.79
N LYS B 271 -13.75 -12.08 -42.27
CA LYS B 271 -12.93 -11.22 -41.43
C LYS B 271 -13.73 -10.57 -40.31
N GLN B 272 -15.01 -10.32 -40.51
CA GLN B 272 -15.82 -9.75 -39.45
C GLN B 272 -16.28 -10.83 -38.48
N ILE B 273 -16.47 -12.05 -38.97
CA ILE B 273 -16.87 -13.14 -38.09
C ILE B 273 -15.69 -13.59 -37.24
N ILE B 274 -14.49 -13.56 -37.82
CA ILE B 274 -13.28 -13.85 -37.06
C ILE B 274 -13.04 -12.77 -36.01
N LYS B 275 -13.28 -11.51 -36.35
CA LYS B 275 -13.07 -10.43 -35.40
C LYS B 275 -14.07 -10.44 -34.25
N THR B 276 -15.33 -10.77 -34.51
CA THR B 276 -16.34 -10.73 -33.46
C THR B 276 -16.32 -11.96 -32.58
N THR B 277 -16.05 -13.13 -33.14
CA THR B 277 -16.04 -14.33 -32.30
C THR B 277 -14.79 -14.38 -31.45
N VAL B 278 -13.70 -13.75 -31.88
CA VAL B 278 -12.53 -13.64 -31.03
C VAL B 278 -12.77 -12.64 -29.92
N SER B 279 -13.40 -11.51 -30.24
CA SER B 279 -13.62 -10.47 -29.24
C SER B 279 -14.71 -10.83 -28.24
N SER B 280 -15.50 -11.87 -28.50
CA SER B 280 -16.42 -12.35 -27.49
C SER B 280 -15.73 -13.27 -26.49
N PHE B 281 -14.48 -13.65 -26.79
CA PHE B 281 -13.62 -14.35 -25.85
C PHE B 281 -12.69 -13.40 -25.14
N ASN B 282 -12.93 -12.09 -25.26
CA ASN B 282 -12.07 -11.02 -24.72
C ASN B 282 -10.64 -11.10 -25.24
N ARG B 283 -10.49 -11.25 -26.55
CA ARG B 283 -9.20 -11.15 -27.22
C ARG B 283 -9.35 -10.27 -28.43
N THR B 284 -8.23 -10.02 -29.11
CA THR B 284 -8.24 -9.29 -30.36
C THR B 284 -7.72 -10.18 -31.48
N ALA B 285 -8.15 -9.91 -32.70
CA ALA B 285 -7.65 -10.63 -33.87
C ALA B 285 -7.27 -9.62 -34.92
N THR B 286 -6.10 -9.80 -35.54
CA THR B 286 -5.62 -8.83 -36.49
C THR B 286 -5.28 -9.48 -37.82
N PHE B 287 -5.28 -8.66 -38.86
CA PHE B 287 -4.91 -9.07 -40.20
C PHE B 287 -3.83 -8.17 -40.78
N MET B 288 -3.04 -7.55 -39.91
CA MET B 288 -1.91 -6.76 -40.36
C MET B 288 -0.90 -7.64 -41.06
N PRO B 289 -0.24 -7.15 -42.10
CA PRO B 289 1.02 -7.75 -42.52
C PRO B 289 2.13 -7.23 -41.62
N LYS B 290 2.86 -8.16 -41.02
CA LYS B 290 3.91 -7.87 -40.05
C LYS B 290 3.49 -7.00 -38.86
N PRO B 291 2.78 -7.54 -37.89
CA PRO B 291 3.03 -7.16 -36.52
C PRO B 291 4.21 -8.00 -36.03
N LEU B 292 4.88 -7.53 -34.98
CA LEU B 292 5.94 -8.28 -34.29
C LEU B 292 7.12 -8.59 -35.22
N VAL B 293 8.05 -7.64 -35.30
CA VAL B 293 9.27 -7.62 -36.10
C VAL B 293 9.97 -8.97 -36.26
N ASN B 294 10.11 -9.70 -35.17
CA ASN B 294 10.83 -10.96 -35.23
C ASN B 294 9.94 -12.17 -35.47
N ASP B 295 8.76 -12.00 -36.06
CA ASP B 295 7.94 -13.14 -36.45
C ASP B 295 7.42 -13.01 -37.87
N ASN B 296 6.61 -13.97 -38.31
CA ASN B 296 6.14 -13.97 -39.69
C ASN B 296 5.03 -12.96 -39.90
N GLY B 297 4.61 -12.83 -41.15
CA GLY B 297 3.53 -11.94 -41.53
C GLY B 297 2.26 -12.70 -41.84
N ASN B 298 1.30 -11.96 -42.40
CA ASN B 298 0.02 -12.51 -42.80
C ASN B 298 -0.19 -12.29 -44.28
N GLY B 299 -0.43 -13.36 -45.02
CA GLY B 299 -0.57 -13.27 -46.45
C GLY B 299 -1.95 -13.68 -46.92
N LEU B 300 -2.13 -13.62 -48.23
CA LEU B 300 -3.28 -14.22 -48.91
C LEU B 300 -2.73 -15.04 -50.07
N HIS B 301 -2.89 -16.35 -49.98
CA HIS B 301 -2.61 -17.20 -51.13
C HIS B 301 -3.88 -17.28 -51.95
N CYS B 302 -3.83 -16.75 -53.18
CA CYS B 302 -4.99 -16.74 -54.06
C CYS B 302 -4.83 -17.84 -55.10
N ASN B 303 -5.47 -18.98 -54.87
CA ASN B 303 -5.46 -20.04 -55.85
C ASN B 303 -6.49 -19.76 -56.94
N ILE B 304 -6.01 -19.47 -58.15
CA ILE B 304 -6.86 -19.01 -59.24
C ILE B 304 -6.93 -20.08 -60.31
N SER B 305 -8.10 -20.23 -60.93
CA SER B 305 -8.28 -21.10 -62.08
C SER B 305 -9.48 -20.60 -62.87
N LEU B 306 -9.44 -20.78 -64.19
CA LEU B 306 -10.53 -20.33 -65.04
C LEU B 306 -11.27 -21.51 -65.66
N TRP B 307 -12.53 -21.29 -65.99
CA TRP B 307 -13.39 -22.36 -66.44
C TRP B 307 -14.20 -21.93 -67.66
N LYS B 308 -14.40 -22.87 -68.58
CA LYS B 308 -15.24 -22.66 -69.76
C LYS B 308 -16.02 -23.95 -70.02
N ASN B 309 -17.35 -23.87 -69.91
CA ASN B 309 -18.26 -24.98 -70.14
C ASN B 309 -17.93 -26.19 -69.26
N ASN B 310 -17.70 -25.90 -67.98
CA ASN B 310 -17.26 -26.86 -66.96
C ASN B 310 -15.97 -27.57 -67.37
N LYS B 311 -15.08 -26.87 -68.06
CA LYS B 311 -13.77 -27.40 -68.42
C LYS B 311 -12.72 -26.35 -68.09
N ASN B 312 -11.58 -26.82 -67.60
CA ASN B 312 -10.47 -25.93 -67.25
C ASN B 312 -9.85 -25.34 -68.49
N ILE B 313 -9.65 -24.03 -68.45
CA ILE B 313 -8.93 -23.31 -69.47
C ILE B 313 -7.48 -23.79 -69.34
N PHE B 314 -7.04 -23.97 -68.09
CA PHE B 314 -5.69 -24.42 -67.77
C PHE B 314 -5.60 -25.97 -67.82
N TYR B 315 -5.65 -26.54 -69.01
CA TYR B 315 -5.53 -27.99 -69.15
C TYR B 315 -5.59 -28.35 -70.62
N HIS B 316 -4.63 -29.14 -71.09
CA HIS B 316 -4.58 -29.48 -72.51
C HIS B 316 -4.51 -30.98 -72.77
N ASN B 317 -4.40 -31.81 -71.72
CA ASN B 317 -4.46 -33.28 -71.79
C ASN B 317 -3.37 -33.84 -72.70
N ASP B 318 -2.15 -33.44 -72.25
CA ASP B 318 -0.76 -33.73 -72.71
C ASP B 318 0.27 -33.42 -71.54
N PRO B 319 1.50 -33.93 -71.70
CA PRO B 319 2.74 -33.92 -70.92
C PRO B 319 3.84 -33.18 -71.68
N SER B 320 4.87 -32.80 -70.91
CA SER B 320 6.13 -32.04 -71.21
C SER B 320 5.94 -30.55 -70.94
N THR B 321 4.67 -30.17 -70.87
CA THR B 321 4.23 -28.84 -70.46
C THR B 321 3.40 -28.99 -69.17
N PHE B 322 3.51 -30.18 -68.56
CA PHE B 322 2.77 -30.51 -67.36
C PHE B 322 1.26 -30.45 -67.58
N PHE B 323 0.79 -30.85 -68.76
CA PHE B 323 -0.66 -30.82 -69.00
C PHE B 323 -1.23 -29.41 -69.09
N LEU B 324 -0.39 -28.40 -69.28
CA LEU B 324 -0.82 -27.02 -69.37
C LEU B 324 -0.92 -26.63 -70.82
N SER B 325 -1.59 -25.51 -71.03
CA SER B 325 -1.81 -24.94 -72.33
C SER B 325 -1.14 -23.57 -72.30
N LYS B 326 -0.81 -23.06 -73.46
CA LYS B 326 -0.16 -21.78 -73.56
C LYS B 326 -1.11 -20.75 -72.99
N GLU B 327 -2.40 -21.08 -72.92
CA GLU B 327 -3.36 -20.10 -72.47
C GLU B 327 -3.23 -19.88 -70.97
N SER B 328 -2.43 -20.69 -70.29
CA SER B 328 -2.15 -20.60 -68.85
C SER B 328 -0.91 -19.77 -68.56
N PHE B 329 0.18 -20.02 -69.29
CA PHE B 329 1.38 -19.20 -69.14
C PHE B 329 1.17 -17.78 -69.63
N TYR B 330 0.21 -17.57 -70.54
CA TYR B 330 -0.18 -16.22 -70.89
C TYR B 330 -0.83 -15.51 -69.70
N PHE B 331 -1.54 -16.26 -68.85
CA PHE B 331 -2.18 -15.65 -67.69
C PHE B 331 -1.16 -15.39 -66.59
N MET B 332 -0.12 -16.21 -66.49
CA MET B 332 0.91 -15.99 -65.48
C MET B 332 1.78 -14.81 -65.83
N TYR B 333 2.26 -14.75 -67.07
CA TYR B 333 3.12 -13.67 -67.49
C TYR B 333 2.38 -12.34 -67.58
N GLY B 334 1.05 -12.37 -67.70
CA GLY B 334 0.30 -11.13 -67.59
C GLY B 334 0.34 -10.54 -66.20
N ILE B 335 0.53 -11.38 -65.19
CA ILE B 335 0.69 -10.92 -63.82
C ILE B 335 2.13 -10.45 -63.57
N VAL B 336 3.10 -11.21 -64.05
CA VAL B 336 4.51 -10.93 -63.78
C VAL B 336 4.96 -9.68 -64.52
N LYS B 337 4.33 -9.38 -65.66
CA LYS B 337 4.65 -8.13 -66.35
C LYS B 337 4.13 -6.92 -65.59
N HIS B 338 2.95 -7.04 -64.98
CA HIS B 338 2.28 -5.91 -64.33
C HIS B 338 2.32 -6.01 -62.82
N ALA B 339 3.31 -6.69 -62.25
CA ALA B 339 3.25 -7.00 -60.82
C ALA B 339 3.61 -5.80 -59.96
N LYS B 340 4.41 -4.86 -60.45
CA LYS B 340 4.67 -3.68 -59.66
C LYS B 340 3.50 -2.71 -59.68
N ALA B 341 2.63 -2.83 -60.68
CA ALA B 341 1.41 -2.04 -60.67
C ALA B 341 0.34 -2.67 -59.79
N LEU B 342 0.34 -4.00 -59.68
CA LEU B 342 -0.61 -4.67 -58.80
C LEU B 342 -0.26 -4.48 -57.34
N GLN B 343 0.99 -4.19 -57.02
CA GLN B 343 1.41 -4.02 -55.64
C GLN B 343 0.85 -2.76 -55.01
N ALA B 344 0.42 -1.82 -55.82
CA ALA B 344 -0.22 -0.63 -55.31
C ALA B 344 -1.53 -1.05 -54.68
N PHE B 345 -2.24 -1.96 -55.33
CA PHE B 345 -3.52 -2.46 -54.82
C PHE B 345 -3.42 -3.67 -53.90
N CYS B 346 -2.64 -4.67 -54.29
CA CYS B 346 -2.48 -5.89 -53.49
C CYS B 346 -1.84 -5.70 -52.13
N ASN B 347 -0.72 -4.99 -52.04
CA ASN B 347 -0.22 -4.64 -50.71
C ASN B 347 0.02 -3.14 -50.80
N ALA B 348 -0.87 -2.38 -50.17
CA ALA B 348 -0.76 -0.94 -50.23
C ALA B 348 -0.85 -0.36 -48.85
N THR B 349 0.16 -0.67 -48.07
CA THR B 349 0.30 -0.20 -46.71
C THR B 349 1.79 -0.08 -46.45
N MET B 350 2.16 0.73 -45.49
CA MET B 350 3.56 0.87 -45.14
C MET B 350 4.04 -0.29 -44.30
N ASN B 351 3.12 -1.07 -43.72
CA ASN B 351 3.46 -2.30 -43.04
C ASN B 351 3.87 -3.41 -43.98
N SER B 352 3.30 -3.45 -45.17
CA SER B 352 3.46 -4.63 -46.01
C SER B 352 4.85 -4.74 -46.57
N TYR B 353 5.57 -3.63 -46.68
CA TYR B 353 6.94 -3.67 -47.15
C TYR B 353 7.91 -3.91 -46.02
N LYS B 354 7.42 -4.11 -44.81
CA LYS B 354 8.18 -4.76 -43.75
C LYS B 354 7.99 -6.27 -43.79
N ARG B 355 7.22 -6.76 -44.76
CA ARG B 355 7.05 -8.19 -44.92
C ARG B 355 8.01 -8.76 -45.98
N LEU B 356 8.65 -7.88 -46.74
CA LEU B 356 9.57 -8.31 -47.80
C LEU B 356 11.07 -8.10 -47.56
N VAL B 357 11.42 -7.18 -46.67
CA VAL B 357 12.81 -6.88 -46.36
C VAL B 357 13.69 -8.10 -46.03
N PRO B 358 13.31 -8.92 -45.04
CA PRO B 358 14.24 -9.99 -44.66
C PRO B 358 14.58 -10.98 -45.76
N GLY B 359 13.57 -11.40 -46.52
CA GLY B 359 13.76 -12.36 -47.59
C GLY B 359 13.65 -13.81 -47.15
N PHE B 360 13.52 -14.04 -45.85
CA PHE B 360 13.39 -15.42 -45.38
C PHE B 360 11.94 -15.80 -45.61
N GLU B 361 11.75 -16.87 -46.39
CA GLU B 361 10.41 -17.36 -46.76
C GLU B 361 9.66 -16.19 -47.36
N THR B 362 10.36 -15.39 -48.15
CA THR B 362 9.79 -14.20 -48.75
C THR B 362 10.07 -14.19 -50.24
N CYS B 363 9.26 -13.44 -50.97
CA CYS B 363 9.42 -13.32 -52.41
C CYS B 363 10.47 -12.26 -52.70
N GLN B 364 11.59 -12.66 -53.27
CA GLN B 364 12.57 -11.69 -53.73
C GLN B 364 12.46 -11.41 -55.21
N LYS B 365 12.13 -12.41 -56.01
CA LYS B 365 12.23 -12.29 -57.46
C LYS B 365 10.86 -12.50 -58.08
N LEU B 366 10.72 -12.04 -59.32
CA LEU B 366 9.43 -11.96 -60.00
C LEU B 366 9.42 -13.01 -61.12
N PHE B 367 9.09 -14.23 -60.76
CA PHE B 367 8.98 -15.33 -61.72
C PHE B 367 8.04 -16.37 -61.13
N TYR B 368 7.79 -17.44 -61.88
CA TYR B 368 6.95 -18.53 -61.40
C TYR B 368 7.74 -19.83 -61.37
N SER B 369 7.76 -20.50 -60.21
CA SER B 369 8.50 -21.75 -60.05
C SER B 369 7.75 -22.83 -59.25
N PHE B 370 8.00 -24.09 -59.58
CA PHE B 370 7.36 -25.22 -58.90
C PHE B 370 7.72 -25.35 -57.42
N GLY B 371 8.99 -25.16 -57.08
CA GLY B 371 9.44 -25.27 -55.71
C GLY B 371 10.47 -24.25 -55.26
N SER B 372 10.46 -23.05 -55.81
CA SER B 372 11.37 -22.00 -55.37
C SER B 372 10.65 -21.14 -54.35
N ARG B 373 11.27 -20.97 -53.18
CA ARG B 373 10.63 -20.21 -52.11
C ARG B 373 10.56 -18.73 -52.42
N SER B 374 11.47 -18.21 -53.25
CA SER B 374 11.50 -16.80 -53.59
C SER B 374 10.72 -16.48 -54.85
N ALA B 375 9.74 -17.31 -55.21
CA ALA B 375 8.91 -17.07 -56.37
C ALA B 375 7.60 -16.44 -55.94
N VAL B 376 7.03 -15.62 -56.82
CA VAL B 376 5.78 -14.95 -56.53
C VAL B 376 4.60 -15.88 -56.81
N ILE B 377 4.63 -16.56 -57.94
CA ILE B 377 3.60 -17.51 -58.32
C ILE B 377 4.19 -18.91 -58.22
N ARG B 378 3.48 -19.82 -57.56
CA ARG B 378 3.94 -21.19 -57.42
C ARG B 378 2.92 -22.14 -58.00
N LEU B 379 3.36 -23.00 -58.91
CA LEU B 379 2.48 -23.98 -59.53
C LEU B 379 2.47 -25.28 -58.74
N SER B 380 1.36 -25.99 -58.85
CA SER B 380 1.07 -27.12 -57.97
C SER B 380 1.57 -28.40 -58.64
N LEU B 381 2.38 -29.17 -57.93
CA LEU B 381 2.84 -30.47 -58.39
C LEU B 381 2.07 -31.63 -57.76
N ILE B 382 1.16 -31.35 -56.83
CA ILE B 382 0.21 -32.36 -56.37
C ILE B 382 -0.87 -32.60 -57.42
N ASN B 383 -1.05 -33.88 -57.79
CA ASN B 383 -2.06 -34.35 -58.74
C ASN B 383 -2.00 -33.59 -60.07
N TYR B 384 -0.84 -33.69 -60.72
CA TYR B 384 -0.65 -33.01 -61.99
C TYR B 384 -1.51 -33.61 -63.09
N SER B 385 -1.95 -34.86 -62.94
CA SER B 385 -2.77 -35.49 -63.96
C SER B 385 -4.24 -35.10 -63.84
N ASN B 386 -4.65 -34.58 -62.68
CA ASN B 386 -6.07 -34.30 -62.48
C ASN B 386 -6.40 -32.91 -63.03
N PRO B 387 -7.47 -32.78 -63.83
CA PRO B 387 -7.78 -31.48 -64.44
C PRO B 387 -8.39 -30.47 -63.49
N SER B 388 -9.20 -30.95 -62.56
CA SER B 388 -9.85 -30.12 -61.56
C SER B 388 -8.80 -29.49 -60.65
N GLU B 389 -7.80 -30.29 -60.29
CA GLU B 389 -6.74 -29.83 -59.42
C GLU B 389 -5.61 -29.13 -60.15
N LYS B 390 -5.93 -27.99 -60.78
CA LYS B 390 -4.97 -27.18 -61.49
C LYS B 390 -5.19 -25.77 -60.97
N ARG B 391 -4.12 -25.05 -60.65
CA ARG B 391 -4.33 -23.71 -60.13
C ARG B 391 -3.06 -22.89 -60.27
N ILE B 392 -3.17 -21.63 -59.88
CA ILE B 392 -2.08 -20.67 -59.90
C ILE B 392 -2.09 -19.95 -58.55
N GLU B 393 -1.02 -20.12 -57.78
CA GLU B 393 -0.98 -19.60 -56.42
C GLU B 393 -0.19 -18.30 -56.40
N PHE B 394 -0.90 -17.18 -56.40
CA PHE B 394 -0.32 -15.86 -56.31
C PHE B 394 -0.06 -15.57 -54.84
N ARG B 395 1.18 -15.30 -54.43
CA ARG B 395 1.45 -15.07 -53.01
C ARG B 395 1.76 -13.65 -52.51
N LEU B 396 1.72 -12.66 -53.39
CA LEU B 396 2.00 -11.27 -53.01
C LEU B 396 1.05 -10.49 -52.07
N PRO B 397 -0.26 -10.64 -52.25
CA PRO B 397 -1.31 -9.89 -51.55
C PRO B 397 -1.46 -10.05 -50.03
N ASP B 398 -2.10 -9.04 -49.41
CA ASP B 398 -2.42 -8.98 -47.97
C ASP B 398 -3.91 -8.85 -47.82
N CYS B 399 -4.36 -9.12 -46.61
CA CYS B 399 -5.76 -8.98 -46.30
C CYS B 399 -6.00 -7.52 -45.94
N ALA B 400 -4.95 -6.68 -45.90
CA ALA B 400 -5.24 -5.30 -45.52
C ALA B 400 -6.13 -4.57 -46.51
N ASN B 401 -5.90 -4.76 -47.81
CA ASN B 401 -6.64 -4.00 -48.79
C ASN B 401 -8.03 -4.60 -49.00
N SER B 402 -8.83 -3.90 -49.80
CA SER B 402 -10.18 -4.38 -50.07
C SER B 402 -10.13 -5.52 -51.07
N PRO B 403 -10.81 -6.63 -50.78
CA PRO B 403 -10.67 -7.82 -51.63
C PRO B 403 -11.34 -7.71 -52.98
N HIS B 404 -12.23 -6.74 -53.18
CA HIS B 404 -12.81 -6.56 -54.50
C HIS B 404 -11.87 -5.80 -55.43
N LEU B 405 -11.08 -4.87 -54.89
CA LEU B 405 -10.14 -4.16 -55.73
C LEU B 405 -8.93 -5.02 -56.09
N VAL B 406 -8.54 -5.92 -55.20
CA VAL B 406 -7.37 -6.76 -55.48
C VAL B 406 -7.71 -7.80 -56.52
N MET B 407 -8.85 -8.49 -56.36
CA MET B 407 -9.17 -9.58 -57.27
C MET B 407 -9.65 -9.08 -58.62
N ALA B 408 -10.04 -7.81 -58.71
CA ALA B 408 -10.36 -7.26 -60.01
C ALA B 408 -9.11 -6.81 -60.74
N ALA B 409 -8.08 -6.40 -60.02
CA ALA B 409 -6.85 -5.99 -60.68
C ALA B 409 -6.05 -7.18 -61.17
N ILE B 410 -6.19 -8.34 -60.52
CA ILE B 410 -5.47 -9.53 -60.94
C ILE B 410 -6.07 -10.09 -62.22
N ILE B 411 -7.40 -10.10 -62.30
CA ILE B 411 -8.08 -10.58 -63.51
C ILE B 411 -7.82 -9.65 -64.68
N LEU B 412 -7.88 -8.34 -64.44
CA LEU B 412 -7.63 -7.39 -65.52
C LEU B 412 -6.17 -7.37 -65.95
N ALA B 413 -5.25 -7.76 -65.07
CA ALA B 413 -3.86 -7.91 -65.49
C ALA B 413 -3.66 -9.24 -66.21
N GLY B 414 -4.27 -10.30 -65.70
CA GLY B 414 -4.13 -11.59 -66.35
C GLY B 414 -4.88 -11.71 -67.64
N TYR B 415 -5.93 -10.91 -67.83
CA TYR B 415 -6.62 -10.92 -69.10
C TYR B 415 -5.81 -10.20 -70.17
N ASP B 416 -5.01 -9.22 -69.77
CA ASP B 416 -4.14 -8.56 -70.73
C ASP B 416 -2.93 -9.40 -71.09
N GLY B 417 -2.73 -10.53 -70.42
CA GLY B 417 -1.70 -11.45 -70.85
C GLY B 417 -2.13 -12.41 -71.92
N ILE B 418 -3.43 -12.57 -72.12
CA ILE B 418 -3.92 -13.49 -73.14
C ILE B 418 -4.16 -12.76 -74.46
N LYS B 419 -4.72 -11.55 -74.40
CA LYS B 419 -4.96 -10.81 -75.63
C LYS B 419 -3.65 -10.29 -76.24
N SER B 420 -2.62 -10.06 -75.43
CA SER B 420 -1.40 -9.47 -75.95
C SER B 420 -0.54 -10.46 -76.71
N LYS B 421 -0.62 -11.75 -76.37
CA LYS B 421 0.11 -12.84 -77.02
C LYS B 421 1.62 -12.68 -76.95
N GLU B 422 2.15 -12.04 -75.91
CA GLU B 422 3.59 -11.96 -75.76
C GLU B 422 4.14 -13.26 -75.20
N GLN B 423 5.47 -13.39 -75.24
CA GLN B 423 6.05 -14.65 -74.79
C GLN B 423 6.11 -14.70 -73.27
N PRO B 424 5.73 -15.83 -72.69
CA PRO B 424 5.94 -16.04 -71.25
C PRO B 424 7.41 -16.29 -70.94
N LEU B 425 7.71 -16.31 -69.65
CA LEU B 425 9.06 -16.48 -69.15
C LEU B 425 9.30 -17.94 -68.78
N VAL B 426 10.58 -18.30 -68.66
CA VAL B 426 10.98 -19.65 -68.27
C VAL B 426 10.64 -19.87 -66.80
N PRO B 427 10.23 -21.07 -66.39
CA PRO B 427 9.93 -21.31 -64.97
C PRO B 427 11.07 -21.12 -63.96
N PHE B 428 12.33 -21.41 -64.31
CA PHE B 428 13.51 -20.93 -63.59
C PHE B 428 13.59 -21.44 -62.14
N GLU B 429 13.62 -22.75 -61.97
CA GLU B 429 13.74 -23.31 -60.63
C GLU B 429 15.19 -23.25 -60.14
N SER B 430 15.42 -22.67 -58.97
CA SER B 430 16.76 -22.28 -58.58
C SER B 430 17.21 -22.97 -57.30
N LYS B 431 18.10 -23.95 -57.42
CA LYS B 431 18.48 -24.77 -56.27
C LYS B 431 19.12 -23.99 -55.16
N ASP B 432 20.03 -23.12 -55.55
CA ASP B 432 20.71 -22.23 -54.65
C ASP B 432 20.50 -20.93 -55.39
N ASN B 433 21.60 -20.30 -55.75
CA ASN B 433 21.53 -19.09 -56.53
C ASN B 433 21.54 -19.45 -57.99
N HIS B 434 21.83 -20.71 -58.27
CA HIS B 434 21.88 -21.20 -59.65
C HIS B 434 20.47 -21.51 -60.13
N PHE B 435 19.98 -20.70 -61.07
CA PHE B 435 18.68 -20.95 -61.68
C PHE B 435 18.82 -22.09 -62.68
N TYR B 436 18.13 -23.20 -62.43
CA TYR B 436 18.09 -24.30 -63.36
C TYR B 436 16.85 -24.19 -64.24
N ILE B 437 16.77 -25.08 -65.23
CA ILE B 437 15.63 -25.20 -66.11
C ILE B 437 15.27 -26.68 -66.16
N SER B 438 13.97 -26.99 -66.05
CA SER B 438 13.52 -28.38 -65.99
C SER B 438 13.82 -29.13 -67.27
N SER B 439 13.77 -30.47 -67.17
CA SER B 439 14.00 -31.31 -68.33
C SER B 439 12.91 -31.14 -69.37
N ILE B 440 11.69 -30.85 -68.92
CA ILE B 440 10.58 -30.64 -69.84
C ILE B 440 10.70 -29.30 -70.55
N PHE B 441 11.37 -28.32 -69.90
CA PHE B 441 11.59 -27.05 -70.57
C PHE B 441 12.98 -26.93 -71.16
N SER B 442 13.83 -27.93 -70.98
CA SER B 442 15.09 -27.91 -71.71
C SER B 442 14.84 -28.19 -73.19
N LYS B 443 13.83 -29.00 -73.51
CA LYS B 443 13.67 -29.34 -74.92
C LYS B 443 12.98 -28.33 -75.81
N TYR B 444 13.81 -27.66 -76.60
CA TYR B 444 13.39 -26.69 -77.61
C TYR B 444 12.47 -25.53 -77.23
N VAL B 445 12.67 -24.83 -76.12
CA VAL B 445 11.73 -23.74 -75.91
C VAL B 445 12.37 -22.37 -76.08
N GLN B 446 13.70 -22.27 -76.12
CA GLN B 446 14.39 -21.01 -76.35
C GLN B 446 15.45 -21.27 -77.42
N HIS B 447 15.22 -20.70 -78.60
CA HIS B 447 16.25 -20.74 -79.64
C HIS B 447 17.42 -19.81 -79.34
N PRO B 448 17.24 -18.51 -79.10
CA PRO B 448 18.42 -17.67 -78.85
C PRO B 448 18.69 -17.49 -77.36
N GLU B 449 19.87 -16.92 -77.08
CA GLU B 449 20.38 -16.70 -75.72
C GLU B 449 20.41 -17.98 -74.89
N ASN B 450 21.24 -18.92 -75.34
CA ASN B 450 21.48 -20.16 -74.60
C ASN B 450 22.57 -19.90 -73.56
N PHE B 451 22.15 -19.41 -72.40
CA PHE B 451 23.06 -19.05 -71.31
C PHE B 451 23.01 -20.02 -70.14
N ASN B 452 21.85 -20.60 -69.86
CA ASN B 452 21.69 -21.57 -68.79
C ASN B 452 22.06 -22.99 -69.21
N ILE B 453 22.83 -23.16 -70.28
CA ILE B 453 23.18 -24.49 -70.77
C ILE B 453 24.09 -25.23 -69.80
N LEU B 454 24.85 -24.48 -69.00
CA LEU B 454 25.63 -25.09 -67.93
C LEU B 454 24.73 -25.57 -66.79
N THR B 455 23.58 -24.92 -66.59
CA THR B 455 22.65 -25.27 -65.53
C THR B 455 21.42 -25.99 -66.10
N HIS B 456 21.56 -27.30 -66.29
CA HIS B 456 20.45 -28.15 -66.71
C HIS B 456 20.41 -29.48 -65.95
N ALA B 457 21.03 -29.57 -64.78
CA ALA B 457 21.11 -30.82 -64.04
C ALA B 457 19.79 -31.09 -63.35
N LEU B 458 18.86 -31.72 -64.07
CA LEU B 458 17.54 -32.01 -63.52
C LEU B 458 17.03 -33.33 -64.12
N GLU B 459 16.20 -34.02 -63.33
CA GLU B 459 15.56 -35.27 -63.72
C GLU B 459 14.05 -35.23 -63.56
N GLY B 460 13.51 -34.34 -62.74
CA GLY B 460 12.07 -34.10 -62.64
C GLY B 460 11.31 -35.26 -62.00
N TYR B 461 10.05 -35.38 -62.40
CA TYR B 461 9.23 -36.54 -62.10
C TYR B 461 9.60 -37.68 -63.05
N GLU B 462 8.99 -38.85 -62.85
CA GLU B 462 9.44 -40.01 -63.60
C GLU B 462 8.84 -39.96 -65.01
N SER B 463 9.70 -40.00 -66.01
CA SER B 463 9.31 -39.95 -67.41
C SER B 463 10.43 -40.57 -68.23
N LEU B 464 10.10 -41.60 -69.00
CA LEU B 464 11.07 -42.25 -69.88
C LEU B 464 10.49 -42.32 -71.27
N HIS B 465 11.36 -42.12 -72.27
CA HIS B 465 11.02 -42.05 -73.69
C HIS B 465 9.96 -40.97 -73.95
N THR B 466 10.34 -39.74 -73.64
CA THR B 466 9.41 -38.62 -73.69
C THR B 466 9.14 -38.19 -75.13
N ILE B 467 8.02 -37.50 -75.32
CA ILE B 467 7.58 -37.03 -76.63
C ILE B 467 7.62 -35.51 -76.64
N ASN B 468 8.26 -34.95 -77.65
CA ASN B 468 8.35 -33.50 -77.84
C ASN B 468 7.23 -33.04 -78.78
N GLU B 469 6.24 -32.35 -78.23
CA GLU B 469 5.17 -31.82 -79.04
C GLU B 469 5.65 -30.62 -79.84
N SER B 470 5.46 -30.67 -81.15
CA SER B 470 6.03 -29.65 -82.04
C SER B 470 5.38 -28.27 -81.95
N PRO B 471 4.05 -28.08 -81.98
CA PRO B 471 3.54 -26.69 -82.00
C PRO B 471 3.60 -25.99 -80.65
N GLU B 472 3.66 -26.73 -79.54
CA GLU B 472 3.73 -26.11 -78.23
C GLU B 472 5.16 -25.77 -77.85
N PHE B 473 6.13 -26.46 -78.44
CA PHE B 473 7.51 -26.28 -78.06
C PHE B 473 8.34 -25.34 -78.89
N LYS B 474 7.73 -24.31 -79.46
CA LYS B 474 8.50 -23.42 -80.32
C LYS B 474 9.35 -22.57 -79.41
N ASN B 475 9.81 -21.42 -79.87
CA ASN B 475 10.63 -20.57 -78.99
C ASN B 475 9.81 -20.21 -77.76
N PHE B 476 8.56 -19.80 -78.00
CA PHE B 476 7.54 -19.52 -76.99
C PHE B 476 8.03 -18.96 -75.66
N PHE B 477 9.17 -19.43 -75.18
CA PHE B 477 9.57 -18.82 -73.91
C PHE B 477 10.75 -17.91 -74.14
N LYS B 478 10.83 -16.84 -73.36
CA LYS B 478 11.97 -15.95 -73.41
C LYS B 478 12.85 -16.17 -72.20
N CYS B 479 14.16 -16.19 -72.43
CA CYS B 479 15.14 -16.32 -71.34
C CYS B 479 15.72 -14.93 -71.06
N GLU B 480 15.03 -14.18 -70.21
CA GLU B 480 15.58 -12.99 -69.62
C GLU B 480 15.87 -13.26 -68.15
N GLU B 481 16.53 -12.31 -67.53
CA GLU B 481 16.72 -12.39 -66.08
C GLU B 481 15.41 -12.03 -65.38
N PRO B 482 15.03 -12.78 -64.34
CA PRO B 482 13.82 -12.43 -63.59
C PRO B 482 14.03 -11.17 -62.79
N GLN B 483 13.13 -10.21 -62.98
CA GLN B 483 13.26 -8.91 -62.33
C GLN B 483 12.87 -9.01 -60.85
N GLY B 484 13.00 -7.88 -60.15
CA GLY B 484 12.66 -7.81 -58.75
C GLY B 484 11.25 -7.27 -58.54
N ILE B 485 10.93 -7.08 -57.27
CA ILE B 485 9.63 -6.56 -56.85
C ILE B 485 9.90 -5.18 -56.26
N SER B 486 8.86 -4.36 -56.19
CA SER B 486 9.01 -3.08 -55.51
C SER B 486 8.98 -3.31 -54.00
N PHE B 487 9.87 -2.62 -53.28
CA PHE B 487 9.99 -2.79 -51.84
C PHE B 487 9.50 -1.60 -51.05
N SER B 488 8.79 -0.66 -51.67
CA SER B 488 8.19 0.45 -50.96
C SER B 488 7.04 1.00 -51.78
N LEU B 489 6.18 1.80 -51.13
CA LEU B 489 5.04 2.39 -51.81
C LEU B 489 5.43 3.46 -52.80
N VAL B 490 6.57 4.13 -52.61
CA VAL B 490 6.97 5.16 -53.56
C VAL B 490 7.46 4.53 -54.86
N GLU B 491 7.85 3.25 -54.81
CA GLU B 491 8.15 2.54 -56.04
C GLU B 491 6.91 1.97 -56.69
N SER B 492 5.92 1.59 -55.89
CA SER B 492 4.74 0.92 -56.43
C SER B 492 3.72 1.92 -56.95
N LEU B 493 3.61 3.08 -56.31
CA LEU B 493 2.69 4.08 -56.81
C LEU B 493 3.23 4.75 -58.06
N ASP B 494 4.54 4.83 -58.22
CA ASP B 494 5.09 5.35 -59.46
C ASP B 494 5.01 4.32 -60.57
N ALA B 495 5.00 3.02 -60.24
CA ALA B 495 4.76 2.01 -61.26
C ALA B 495 3.31 1.99 -61.69
N LEU B 496 2.40 2.38 -60.80
CA LEU B 496 1.00 2.49 -61.19
C LEU B 496 0.75 3.71 -62.06
N GLU B 497 1.52 4.78 -61.88
CA GLU B 497 1.33 5.98 -62.69
C GLU B 497 1.75 5.79 -64.13
N LYS B 498 2.78 4.98 -64.37
CA LYS B 498 3.26 4.73 -65.71
C LYS B 498 2.66 3.47 -66.30
N ASP B 499 2.02 2.69 -65.45
CA ASP B 499 1.40 1.44 -65.89
C ASP B 499 -0.03 1.27 -65.41
N HIS B 500 -0.94 2.07 -65.95
CA HIS B 500 -2.34 1.94 -65.58
C HIS B 500 -3.21 1.69 -66.81
N ALA B 501 -2.61 1.12 -67.85
CA ALA B 501 -3.31 0.96 -69.12
C ALA B 501 -4.13 -0.30 -69.17
N PHE B 502 -3.70 -1.38 -68.50
CA PHE B 502 -4.46 -2.61 -68.51
C PHE B 502 -5.70 -2.52 -67.63
N LEU B 503 -5.79 -1.52 -66.76
CA LEU B 503 -6.94 -1.36 -65.90
C LEU B 503 -8.02 -0.50 -66.52
N THR B 504 -7.67 0.35 -67.47
CA THR B 504 -8.60 1.30 -68.07
C THR B 504 -9.33 0.72 -69.27
N VAL B 505 -9.32 -0.59 -69.45
CA VAL B 505 -9.99 -1.22 -70.58
C VAL B 505 -11.50 -1.21 -70.33
N ASN B 506 -12.25 -0.70 -71.30
CA ASN B 506 -13.71 -0.50 -71.25
C ASN B 506 -14.14 0.37 -70.07
N ASN B 507 -13.25 1.26 -69.63
CA ASN B 507 -13.49 2.24 -68.58
C ASN B 507 -13.95 1.60 -67.27
N ILE B 508 -13.31 0.49 -66.91
CA ILE B 508 -13.64 -0.18 -65.65
C ILE B 508 -13.06 0.59 -64.47
N PHE B 509 -11.75 0.79 -64.48
CA PHE B 509 -11.09 1.73 -63.59
C PHE B 509 -10.99 3.04 -64.36
N THR B 510 -11.60 4.10 -63.84
CA THR B 510 -11.51 5.35 -64.57
C THR B 510 -10.16 6.02 -64.27
N GLU B 511 -9.84 7.04 -65.06
CA GLU B 511 -8.62 7.80 -64.84
C GLU B 511 -8.67 8.60 -63.55
N GLU B 512 -9.86 9.11 -63.20
CA GLU B 512 -10.02 9.87 -61.97
C GLU B 512 -10.00 8.97 -60.75
N MET B 513 -10.42 7.71 -60.93
CA MET B 513 -10.34 6.71 -59.85
C MET B 513 -8.91 6.47 -59.42
N ILE B 514 -7.98 6.37 -60.37
CA ILE B 514 -6.61 6.04 -60.03
C ILE B 514 -5.87 7.26 -59.50
N GLN B 515 -6.19 8.44 -60.04
CA GLN B 515 -5.57 9.67 -59.56
C GLN B 515 -5.98 9.99 -58.14
N GLU B 516 -7.25 9.76 -57.80
CA GLU B 516 -7.71 10.00 -56.44
C GLU B 516 -7.22 8.93 -55.48
N TYR B 517 -6.81 7.78 -55.98
CA TYR B 517 -6.29 6.74 -55.11
C TYR B 517 -4.82 6.98 -54.81
N ILE B 518 -4.05 7.42 -55.80
CA ILE B 518 -2.63 7.68 -55.58
C ILE B 518 -2.45 8.95 -54.75
N LYS B 519 -3.37 9.92 -54.91
CA LYS B 519 -3.32 11.12 -54.10
C LYS B 519 -3.65 10.82 -52.64
N PHE B 520 -4.45 9.80 -52.36
CA PHE B 520 -4.75 9.45 -50.98
C PHE B 520 -3.56 8.78 -50.32
N LYS B 521 -2.91 7.85 -51.02
CA LYS B 521 -1.81 7.12 -50.40
C LYS B 521 -0.59 8.00 -50.21
N ARG B 522 -0.41 8.99 -51.07
CA ARG B 522 0.73 9.89 -50.93
C ARG B 522 0.53 10.91 -49.82
N GLU B 523 -0.69 11.05 -49.31
CA GLU B 523 -0.89 11.77 -48.07
C GLU B 523 -0.54 10.90 -46.87
N GLU B 524 -0.72 9.59 -46.99
CA GLU B 524 -0.43 8.67 -45.89
C GLU B 524 1.06 8.44 -45.71
N ILE B 525 1.85 8.51 -46.77
CA ILE B 525 3.29 8.36 -46.62
C ILE B 525 3.88 9.61 -45.98
N ASP B 526 3.35 10.78 -46.32
CA ASP B 526 3.90 12.02 -45.77
C ASP B 526 3.56 12.17 -44.30
N ALA B 527 2.39 11.73 -43.88
CA ALA B 527 2.04 11.77 -42.47
C ALA B 527 2.72 10.67 -41.67
N TYR B 528 3.27 9.68 -42.36
CA TYR B 528 3.98 8.59 -41.69
C TYR B 528 5.43 8.94 -41.44
N ASN B 529 6.03 9.75 -42.30
CA ASN B 529 7.44 10.06 -42.19
C ASN B 529 7.72 11.21 -41.25
N LYS B 530 6.70 11.96 -40.83
CA LYS B 530 6.92 13.03 -39.86
C LYS B 530 7.12 12.49 -38.46
N TYR B 531 6.68 11.27 -38.21
CA TYR B 531 6.54 10.76 -36.87
C TYR B 531 7.88 10.26 -36.35
N VAL B 532 8.36 10.84 -35.25
CA VAL B 532 9.67 10.53 -34.70
C VAL B 532 9.56 9.29 -33.83
N ASN B 533 10.38 8.30 -34.14
CA ASN B 533 10.32 6.96 -33.61
C ASN B 533 11.04 6.85 -32.28
N ALA B 534 11.09 5.62 -31.76
CA ALA B 534 11.99 5.29 -30.67
C ALA B 534 13.28 4.64 -31.16
N TYR B 535 13.32 4.25 -32.42
CA TYR B 535 14.56 3.83 -33.06
C TYR B 535 15.40 5.02 -33.50
N ASP B 536 14.81 6.21 -33.54
CA ASP B 536 15.56 7.40 -33.84
C ASP B 536 16.41 7.83 -32.65
N TYR B 537 15.90 7.61 -31.44
CA TYR B 537 16.65 7.91 -30.24
C TYR B 537 17.74 6.90 -29.97
N HIS B 538 17.54 5.65 -30.35
CA HIS B 538 18.54 4.63 -30.10
C HIS B 538 19.74 4.78 -31.02
N LEU B 539 19.43 4.97 -32.29
CA LEU B 539 20.37 5.17 -33.39
C LEU B 539 21.11 6.51 -33.52
N TYR B 540 20.42 7.62 -33.30
CA TYR B 540 21.01 8.94 -33.51
C TYR B 540 20.90 9.83 -32.33
N TYR B 541 21.73 9.59 -31.34
CA TYR B 541 21.71 10.38 -30.12
C TYR B 541 23.10 10.36 -29.47
N MET C 1 -14.24 -40.56 -25.72
CA MET C 1 -12.88 -40.97 -26.05
C MET C 1 -12.82 -42.41 -26.52
N LYS C 2 -13.92 -42.88 -27.11
CA LYS C 2 -13.96 -44.27 -27.56
C LYS C 2 -13.05 -44.47 -28.76
N SER C 3 -12.46 -45.65 -28.86
CA SER C 3 -11.54 -45.98 -29.93
C SER C 3 -12.29 -46.76 -31.00
N VAL C 4 -11.95 -46.51 -32.26
CA VAL C 4 -12.57 -47.17 -33.39
C VAL C 4 -11.48 -47.87 -34.19
N SER C 5 -11.83 -49.00 -34.79
CA SER C 5 -10.88 -49.78 -35.60
C SER C 5 -11.37 -49.89 -37.03
N PHE C 6 -10.41 -50.02 -37.94
CA PHE C 6 -10.71 -50.09 -39.37
C PHE C 6 -9.78 -51.10 -40.01
N SER C 7 -10.17 -51.58 -41.20
CA SER C 7 -9.37 -52.56 -41.92
C SER C 7 -8.81 -52.09 -43.25
N ASN C 8 -9.55 -51.22 -43.94
CA ASN C 8 -9.14 -50.70 -45.25
C ASN C 8 -9.42 -49.22 -45.33
N ASN C 9 -8.70 -48.51 -46.18
CA ASN C 9 -8.92 -47.06 -46.26
C ASN C 9 -10.35 -46.70 -46.65
N ALA C 10 -11.09 -47.63 -47.24
CA ALA C 10 -12.46 -47.35 -47.62
C ALA C 10 -13.39 -47.31 -46.42
N GLU C 11 -13.09 -48.09 -45.37
CA GLU C 11 -13.94 -48.07 -44.18
C GLU C 11 -13.80 -46.79 -43.38
N LEU C 12 -12.74 -46.02 -43.60
CA LEU C 12 -12.73 -44.64 -43.12
C LEU C 12 -13.81 -43.82 -43.79
N TYR C 13 -13.84 -43.83 -45.13
CA TYR C 13 -14.69 -42.93 -45.88
C TYR C 13 -16.17 -43.26 -45.71
N GLU C 14 -16.50 -44.52 -45.43
CA GLU C 14 -17.88 -44.82 -45.10
C GLU C 14 -18.22 -44.46 -43.67
N TYR C 15 -17.26 -44.54 -42.76
CA TYR C 15 -17.52 -44.19 -41.38
C TYR C 15 -17.57 -42.68 -41.18
N ILE C 16 -16.80 -41.94 -41.98
CA ILE C 16 -16.77 -40.49 -41.89
C ILE C 16 -18.05 -39.88 -42.43
N LYS C 17 -18.52 -40.37 -43.58
CA LYS C 17 -19.68 -39.76 -44.24
C LYS C 17 -21.02 -40.18 -43.63
N ASP C 18 -21.04 -41.16 -42.73
CA ASP C 18 -22.30 -41.59 -42.14
C ASP C 18 -22.77 -40.58 -41.11
N LYS C 19 -24.06 -40.27 -41.15
CA LYS C 19 -24.61 -39.19 -40.35
C LYS C 19 -24.92 -39.58 -38.91
N LYS C 20 -24.87 -40.87 -38.58
CA LYS C 20 -25.13 -41.28 -37.21
C LYS C 20 -23.99 -40.93 -36.27
N ASN C 21 -22.75 -40.92 -36.76
CA ASN C 21 -21.60 -40.78 -35.91
C ASN C 21 -21.25 -39.34 -35.60
N ASP C 22 -21.78 -38.39 -36.39
CA ASP C 22 -21.64 -36.95 -36.17
C ASP C 22 -20.19 -36.49 -36.21
N VAL C 23 -19.37 -37.18 -37.00
CA VAL C 23 -17.96 -36.86 -37.12
C VAL C 23 -17.80 -35.60 -37.97
N GLU C 24 -17.27 -34.55 -37.36
CA GLU C 24 -17.22 -33.24 -37.99
C GLU C 24 -15.84 -32.87 -38.50
N ILE C 25 -14.78 -33.18 -37.75
CA ILE C 25 -13.41 -32.83 -38.08
C ILE C 25 -12.59 -34.12 -38.10
N VAL C 26 -11.67 -34.22 -39.05
CA VAL C 26 -10.69 -35.31 -39.09
C VAL C 26 -9.31 -34.72 -38.86
N ALA C 27 -8.66 -35.15 -37.79
CA ALA C 27 -7.35 -34.61 -37.46
C ALA C 27 -6.25 -35.63 -37.78
N CYS C 28 -5.09 -35.12 -38.13
CA CYS C 28 -3.94 -35.93 -38.49
C CYS C 28 -2.83 -35.67 -37.48
N ILE C 29 -1.95 -36.64 -37.28
CA ILE C 29 -0.91 -36.56 -36.26
C ILE C 29 0.41 -36.97 -36.89
N ILE C 30 1.40 -36.10 -36.85
CA ILE C 30 2.72 -36.36 -37.44
C ILE C 30 3.75 -36.29 -36.32
N THR C 31 4.95 -36.83 -36.58
CA THR C 31 6.01 -36.88 -35.59
C THR C 31 7.34 -36.63 -36.29
N ASN C 32 8.29 -36.06 -35.55
CA ASN C 32 9.62 -35.70 -36.00
C ASN C 32 10.65 -36.78 -35.68
N LEU C 33 11.88 -36.57 -36.14
CA LEU C 33 13.00 -37.35 -35.61
C LEU C 33 13.23 -37.05 -34.15
N LEU C 34 12.97 -35.82 -33.72
CA LEU C 34 12.90 -35.48 -32.33
C LEU C 34 11.51 -35.86 -31.85
N GLY C 35 11.26 -35.79 -30.56
CA GLY C 35 9.93 -36.15 -30.13
C GLY C 35 8.99 -34.98 -30.11
N THR C 36 8.18 -34.82 -31.15
CA THR C 36 7.23 -33.72 -31.18
C THR C 36 5.87 -34.26 -31.58
N TYR C 37 4.86 -33.40 -31.54
CA TYR C 37 3.48 -33.84 -31.74
C TYR C 37 2.78 -32.77 -32.55
N PHE C 38 2.68 -33.00 -33.85
CA PHE C 38 2.08 -32.05 -34.79
C PHE C 38 0.68 -32.50 -35.13
N LYS C 39 -0.19 -31.56 -35.48
CA LYS C 39 -1.59 -31.88 -35.67
C LYS C 39 -2.27 -30.84 -36.54
N CYS C 40 -2.98 -31.29 -37.57
CA CYS C 40 -3.69 -30.42 -38.49
C CYS C 40 -5.13 -30.89 -38.58
N PHE C 41 -6.06 -29.95 -38.78
CA PHE C 41 -7.48 -30.23 -38.71
C PHE C 41 -8.13 -30.09 -40.08
N PHE C 42 -8.86 -31.11 -40.49
CA PHE C 42 -9.50 -31.16 -41.80
C PHE C 42 -10.99 -31.36 -41.62
N TYR C 43 -11.80 -30.74 -42.47
CA TYR C 43 -13.23 -30.83 -42.32
C TYR C 43 -13.82 -31.91 -43.22
N VAL C 44 -14.88 -32.53 -42.72
CA VAL C 44 -15.44 -33.75 -43.30
C VAL C 44 -16.08 -33.50 -44.67
N LYS C 45 -16.83 -32.40 -44.83
CA LYS C 45 -17.57 -32.14 -46.07
C LYS C 45 -16.67 -31.93 -47.28
N GLU C 46 -15.39 -31.65 -47.08
CA GLU C 46 -14.49 -31.42 -48.19
C GLU C 46 -13.63 -32.62 -48.53
N ILE C 47 -13.57 -33.62 -47.65
CA ILE C 47 -12.80 -34.82 -47.92
C ILE C 47 -13.53 -35.67 -48.95
N THR C 48 -12.81 -36.10 -49.98
CA THR C 48 -13.38 -36.90 -51.05
C THR C 48 -12.69 -38.25 -51.07
N LEU C 49 -13.04 -39.06 -52.06
CA LEU C 49 -12.44 -40.38 -52.23
C LEU C 49 -10.97 -40.27 -52.63
N ASN C 50 -10.64 -39.23 -53.40
CA ASN C 50 -9.30 -39.08 -53.96
C ASN C 50 -8.29 -38.60 -52.93
N LYS C 51 -8.72 -37.84 -51.93
CA LYS C 51 -7.83 -37.28 -50.93
C LYS C 51 -7.46 -38.27 -49.84
N LEU C 52 -7.86 -39.54 -49.96
CA LEU C 52 -7.39 -40.53 -49.01
C LEU C 52 -6.31 -41.41 -49.64
N GLU C 53 -6.42 -41.67 -50.95
CA GLU C 53 -5.33 -42.33 -51.67
C GLU C 53 -4.14 -41.40 -51.83
N SER C 54 -4.39 -40.23 -52.39
CA SER C 54 -3.44 -39.15 -52.30
C SER C 54 -3.45 -38.58 -50.88
N GLY C 55 -2.48 -37.74 -50.61
CA GLY C 55 -2.38 -37.14 -49.29
C GLY C 55 -2.79 -35.70 -49.27
N PHE C 56 -2.65 -35.11 -48.09
CA PHE C 56 -2.98 -33.72 -47.86
C PHE C 56 -1.75 -32.85 -48.02
N SER C 57 -1.96 -31.64 -48.54
CA SER C 57 -0.86 -30.72 -48.78
C SER C 57 -0.33 -30.17 -47.47
N PHE C 58 0.99 -30.17 -47.41
CA PHE C 58 1.61 -29.81 -46.19
C PHE C 58 2.96 -29.18 -46.49
N ASP C 59 3.29 -28.12 -45.77
CA ASP C 59 4.56 -27.46 -45.97
C ASP C 59 5.39 -27.81 -44.76
N ALA C 60 6.53 -28.45 -44.99
CA ALA C 60 7.39 -28.84 -43.89
C ALA C 60 8.72 -28.14 -43.92
N SER C 61 8.77 -26.93 -44.48
CA SER C 61 10.01 -26.18 -44.50
C SER C 61 10.35 -25.58 -43.14
N SER C 62 9.40 -25.59 -42.21
CA SER C 62 9.57 -24.97 -40.90
C SER C 62 9.66 -25.96 -39.76
N ILE C 63 9.34 -27.20 -40.00
CA ILE C 63 9.45 -28.25 -38.99
C ILE C 63 10.90 -28.69 -38.89
N LYS C 64 11.40 -28.83 -37.67
CA LYS C 64 12.80 -29.15 -37.44
C LYS C 64 13.11 -30.57 -37.87
N LEU C 65 14.23 -30.71 -38.59
CA LEU C 65 14.68 -31.97 -39.21
C LEU C 65 13.63 -32.54 -40.15
N CYS C 66 13.00 -31.70 -40.95
CA CYS C 66 12.04 -32.18 -41.95
C CYS C 66 12.08 -31.36 -43.23
N SER C 67 13.26 -30.87 -43.60
CA SER C 67 13.42 -30.05 -44.80
C SER C 67 14.41 -30.61 -45.85
N ASP C 68 14.01 -30.55 -47.12
CA ASP C 68 14.82 -31.00 -48.25
C ASP C 68 15.12 -29.77 -49.09
N THR C 69 16.35 -29.67 -49.63
CA THR C 69 16.68 -28.46 -50.36
C THR C 69 15.47 -27.92 -51.12
N GLU C 70 14.94 -28.71 -52.05
CA GLU C 70 13.89 -28.22 -52.92
C GLU C 70 12.56 -28.93 -52.79
N VAL C 71 12.48 -29.99 -52.01
CA VAL C 71 11.15 -30.51 -51.71
C VAL C 71 10.56 -29.59 -50.65
N SER C 72 9.80 -28.60 -51.10
CA SER C 72 9.11 -27.68 -50.20
C SER C 72 7.67 -28.11 -49.97
N ASP C 73 7.17 -29.05 -50.75
CA ASP C 73 5.81 -29.55 -50.62
C ASP C 73 5.86 -31.05 -50.39
N PHE C 74 5.18 -31.50 -49.35
CA PHE C 74 5.13 -32.91 -48.99
C PHE C 74 3.68 -33.36 -49.02
N PHE C 75 3.46 -34.58 -48.58
CA PHE C 75 2.15 -35.17 -48.46
C PHE C 75 1.94 -35.54 -46.99
N ILE C 76 0.72 -35.98 -46.69
CA ILE C 76 0.41 -36.59 -45.39
C ILE C 76 -0.44 -37.81 -45.69
N LYS C 77 0.13 -38.99 -45.50
CA LYS C 77 -0.54 -40.21 -45.90
C LYS C 77 -1.32 -40.76 -44.71
N VAL C 78 -2.63 -40.88 -44.89
CA VAL C 78 -3.52 -41.29 -43.81
C VAL C 78 -3.38 -42.78 -43.61
N ASP C 79 -3.05 -43.20 -42.40
CA ASP C 79 -2.87 -44.59 -42.07
C ASP C 79 -3.96 -45.03 -41.10
N HIS C 80 -4.67 -46.10 -41.45
CA HIS C 80 -5.75 -46.68 -40.67
C HIS C 80 -5.27 -47.54 -39.48
N SER C 81 -6.21 -47.96 -38.62
CA SER C 81 -5.88 -48.80 -37.47
C SER C 81 -5.34 -48.11 -36.21
N THR C 82 -5.34 -46.78 -36.19
CA THR C 82 -4.85 -46.02 -35.04
C THR C 82 -5.74 -44.79 -34.97
N CYS C 83 -6.97 -44.97 -34.48
CA CYS C 83 -7.89 -43.85 -34.46
C CYS C 83 -8.60 -43.83 -33.13
N TYR C 84 -9.07 -42.64 -32.73
CA TYR C 84 -9.94 -42.53 -31.57
C TYR C 84 -10.76 -41.27 -31.70
N LEU C 85 -12.01 -41.36 -31.29
CA LEU C 85 -12.92 -40.22 -31.32
C LEU C 85 -12.70 -39.34 -30.09
N GLU C 86 -13.17 -38.10 -30.19
CA GLU C 86 -13.11 -37.15 -29.10
C GLU C 86 -14.44 -36.41 -29.00
N GLU C 87 -14.58 -35.65 -27.91
CA GLU C 87 -15.69 -34.74 -27.71
C GLU C 87 -15.10 -33.41 -27.26
N CYS C 88 -14.76 -32.56 -28.22
CA CYS C 88 -14.27 -31.22 -27.91
C CYS C 88 -15.38 -30.24 -28.28
N ASP C 89 -15.98 -29.62 -27.24
CA ASP C 89 -17.02 -28.62 -27.37
C ASP C 89 -18.23 -29.14 -28.13
N GLY C 90 -18.66 -30.35 -27.78
CA GLY C 90 -19.81 -30.95 -28.45
C GLY C 90 -19.58 -31.36 -29.88
N LYS C 91 -18.32 -31.46 -30.31
CA LYS C 91 -17.97 -31.82 -31.67
C LYS C 91 -17.11 -33.07 -31.66
N ASN C 92 -17.36 -33.98 -32.59
CA ASN C 92 -16.64 -35.24 -32.65
C ASN C 92 -15.48 -35.13 -33.63
N ILE C 93 -14.29 -35.53 -33.17
CA ILE C 93 -13.06 -35.38 -33.93
C ILE C 93 -12.41 -36.75 -34.02
N LEU C 94 -12.20 -37.25 -35.23
CA LEU C 94 -11.28 -38.36 -35.40
C LEU C 94 -9.85 -37.89 -35.24
N ASN C 95 -9.00 -38.78 -34.74
CA ASN C 95 -7.57 -38.49 -34.59
C ASN C 95 -6.83 -39.67 -35.20
N ILE C 96 -6.22 -39.44 -36.35
CA ILE C 96 -5.61 -40.52 -37.13
C ILE C 96 -4.11 -40.33 -37.15
N MET C 97 -3.37 -41.40 -36.91
CA MET C 97 -1.92 -41.36 -37.10
C MET C 97 -1.58 -41.39 -38.58
N CYS C 98 -0.67 -40.51 -38.98
CA CYS C 98 -0.48 -40.18 -40.38
C CYS C 98 1.00 -40.00 -40.70
N ASP C 99 1.49 -40.72 -41.69
CA ASP C 99 2.87 -40.56 -42.10
C ASP C 99 3.04 -39.47 -43.15
N ILE C 100 4.28 -39.07 -43.39
CA ILE C 100 4.62 -38.09 -44.40
C ILE C 100 5.42 -38.76 -45.51
N LYS C 101 5.12 -38.38 -46.74
CA LYS C 101 5.73 -39.02 -47.90
C LYS C 101 6.14 -37.94 -48.89
N ARG C 102 6.85 -38.41 -49.91
CA ARG C 102 7.31 -37.63 -51.04
C ARG C 102 6.21 -37.65 -52.11
N TYR C 103 6.46 -36.97 -53.23
CA TYR C 103 5.49 -36.90 -54.30
C TYR C 103 5.13 -38.24 -54.96
N ASN C 104 6.09 -39.13 -55.14
CA ASN C 104 5.84 -40.39 -55.82
C ASN C 104 5.17 -41.41 -54.90
N GLY C 105 5.31 -41.23 -53.60
CA GLY C 105 4.80 -42.20 -52.65
C GLY C 105 5.94 -43.00 -52.07
N PHE C 106 7.16 -42.54 -52.31
CA PHE C 106 8.32 -43.20 -51.73
C PHE C 106 8.43 -42.87 -50.25
N ASP C 107 9.03 -43.80 -49.52
CA ASP C 107 9.21 -43.69 -48.08
C ASP C 107 10.22 -42.59 -47.77
N TYR C 108 9.76 -41.54 -47.08
CA TYR C 108 10.66 -40.45 -46.71
C TYR C 108 11.63 -40.93 -45.62
N TYR C 109 12.91 -40.61 -45.80
CA TYR C 109 13.93 -41.18 -44.93
C TYR C 109 14.03 -40.47 -43.59
N LYS C 110 13.39 -39.32 -43.43
CA LYS C 110 13.34 -38.66 -42.14
C LYS C 110 11.96 -38.72 -41.51
N CYS C 111 11.22 -39.80 -41.75
CA CYS C 111 10.00 -40.04 -41.01
C CYS C 111 10.18 -41.22 -40.08
N PRO C 112 9.99 -41.02 -38.78
CA PRO C 112 10.27 -42.10 -37.83
C PRO C 112 9.23 -43.20 -37.82
N ARG C 113 7.98 -42.90 -38.13
CA ARG C 113 6.97 -43.94 -38.19
C ARG C 113 7.13 -44.81 -39.41
N THR C 114 7.73 -44.29 -40.47
CA THR C 114 8.06 -45.13 -41.61
C THR C 114 9.29 -45.97 -41.35
N ILE C 115 10.08 -45.62 -40.35
CA ILE C 115 11.24 -46.45 -40.00
C ILE C 115 10.79 -47.67 -39.21
N LEU C 116 9.88 -47.50 -38.26
CA LEU C 116 9.33 -48.65 -37.53
C LEU C 116 8.50 -49.56 -38.41
N LYS C 117 7.84 -49.03 -39.43
CA LYS C 117 7.15 -49.90 -40.37
C LYS C 117 8.12 -50.72 -41.21
N LYS C 118 9.35 -50.23 -41.39
CA LYS C 118 10.33 -50.94 -42.18
C LYS C 118 11.12 -51.94 -41.36
N THR C 119 11.50 -51.60 -40.12
CA THR C 119 12.33 -52.52 -39.36
C THR C 119 11.50 -53.65 -38.76
N CYS C 120 10.20 -53.46 -38.61
CA CYS C 120 9.36 -54.56 -38.15
C CYS C 120 9.01 -55.48 -39.30
N GLU C 121 8.82 -54.94 -40.49
CA GLU C 121 8.58 -55.74 -41.69
C GLU C 121 9.87 -56.27 -42.29
N PHE C 122 11.02 -55.87 -41.76
CA PHE C 122 12.27 -56.51 -42.11
C PHE C 122 12.54 -57.73 -41.25
N VAL C 123 12.28 -57.62 -39.95
CA VAL C 123 12.49 -58.73 -39.03
C VAL C 123 11.52 -59.87 -39.32
N LYS C 124 10.28 -59.53 -39.71
CA LYS C 124 9.27 -60.53 -39.97
C LYS C 124 9.56 -61.33 -41.24
N ASN C 125 10.43 -60.80 -42.12
CA ASN C 125 10.70 -61.47 -43.39
C ASN C 125 11.77 -62.54 -43.27
N GLU C 126 12.41 -62.69 -42.12
CA GLU C 126 13.43 -63.72 -41.93
C GLU C 126 12.96 -64.91 -41.14
N GLY C 127 11.66 -65.06 -40.90
CA GLY C 127 11.16 -66.16 -40.11
C GLY C 127 11.49 -66.09 -38.64
N ILE C 128 12.02 -64.96 -38.18
CA ILE C 128 12.39 -64.74 -36.80
C ILE C 128 11.57 -63.58 -36.28
N ALA C 129 10.84 -63.80 -35.18
CA ALA C 129 10.10 -62.76 -34.46
C ALA C 129 9.06 -62.06 -35.34
N ASP C 130 8.01 -62.81 -35.70
CA ASP C 130 6.91 -62.24 -36.47
C ASP C 130 6.20 -61.13 -35.70
N LYS C 131 6.26 -61.16 -34.37
CA LYS C 131 5.69 -60.14 -33.53
C LYS C 131 6.75 -59.70 -32.52
N VAL C 132 6.78 -58.42 -32.20
CA VAL C 132 7.62 -57.88 -31.14
C VAL C 132 6.70 -57.21 -30.14
N CYS C 133 6.63 -57.75 -28.92
CA CYS C 133 5.80 -57.18 -27.87
C CYS C 133 6.68 -56.38 -26.93
N ILE C 134 6.37 -55.09 -26.81
CA ILE C 134 7.13 -54.16 -25.98
C ILE C 134 6.16 -53.50 -25.02
N GLY C 135 6.51 -53.46 -23.73
CA GLY C 135 5.78 -52.70 -22.76
C GLY C 135 6.56 -51.47 -22.31
N ASN C 136 5.88 -50.56 -21.63
CA ASN C 136 6.52 -49.33 -21.18
C ASN C 136 6.00 -48.91 -19.82
N GLU C 137 6.80 -48.09 -19.15
CA GLU C 137 6.50 -47.59 -17.81
C GLU C 137 6.86 -46.10 -17.79
N LEU C 138 5.87 -45.24 -17.97
CA LEU C 138 6.12 -43.80 -18.06
C LEU C 138 6.25 -43.18 -16.69
N GLU C 139 7.19 -42.26 -16.55
CA GLU C 139 7.39 -41.53 -15.30
C GLU C 139 7.39 -40.04 -15.60
N PHE C 140 6.59 -39.28 -14.87
CA PHE C 140 6.42 -37.87 -15.16
C PHE C 140 6.29 -37.11 -13.85
N PHE C 141 6.67 -35.82 -13.88
CA PHE C 141 6.50 -34.93 -12.75
C PHE C 141 5.27 -34.08 -13.01
N ILE C 142 4.60 -33.65 -11.94
CA ILE C 142 3.49 -32.72 -12.06
C ILE C 142 3.80 -31.52 -11.19
N PHE C 143 4.28 -30.45 -11.79
CA PHE C 143 4.56 -29.19 -11.12
C PHE C 143 3.33 -28.32 -11.20
N ASP C 144 3.35 -27.19 -10.50
CA ASP C 144 2.20 -26.29 -10.50
C ASP C 144 2.41 -25.18 -11.49
N LYS C 145 3.61 -24.60 -11.43
CA LYS C 145 3.98 -23.52 -12.33
C LYS C 145 5.48 -23.57 -12.53
N VAL C 146 5.94 -23.04 -13.65
CA VAL C 146 7.37 -23.00 -13.94
C VAL C 146 7.65 -21.70 -14.70
N ASN C 147 8.59 -20.92 -14.21
CA ASN C 147 9.00 -19.69 -14.87
C ASN C 147 10.49 -19.71 -15.09
N TYR C 148 10.93 -19.39 -16.29
CA TYR C 148 12.35 -19.21 -16.54
C TYR C 148 12.59 -18.04 -17.48
N SER C 149 13.86 -17.71 -17.67
CA SER C 149 14.25 -16.61 -18.54
C SER C 149 15.69 -16.79 -18.94
N LEU C 150 16.08 -16.14 -20.04
CA LEU C 150 17.42 -16.27 -20.58
C LEU C 150 18.08 -14.94 -20.89
N ASP C 151 17.61 -13.84 -20.31
CA ASP C 151 18.26 -12.56 -20.47
C ASP C 151 19.64 -12.61 -19.82
N GLU C 152 20.59 -11.84 -20.38
CA GLU C 152 21.98 -11.93 -19.96
C GLU C 152 22.17 -11.47 -18.52
N TYR C 153 21.29 -10.61 -18.05
CA TYR C 153 21.38 -10.04 -16.73
C TYR C 153 20.32 -10.58 -15.79
N ASN C 154 19.31 -11.26 -16.34
CA ASN C 154 18.20 -11.74 -15.51
C ASN C 154 17.78 -13.21 -15.56
N THR C 155 18.66 -14.11 -15.95
CA THR C 155 18.27 -15.52 -16.03
C THR C 155 17.84 -16.07 -14.67
N TYR C 156 16.74 -16.82 -14.66
CA TYR C 156 16.24 -17.42 -13.43
C TYR C 156 15.50 -18.72 -13.73
N LEU C 157 15.28 -19.49 -12.68
CA LEU C 157 14.28 -20.55 -12.61
C LEU C 157 13.40 -20.32 -11.40
N LYS C 158 12.14 -20.68 -11.52
CA LYS C 158 11.23 -20.75 -10.38
C LYS C 158 10.29 -21.91 -10.64
N VAL C 159 10.50 -23.02 -9.96
CA VAL C 159 9.60 -24.17 -10.05
C VAL C 159 8.69 -24.09 -8.84
N TYR C 160 7.39 -23.97 -9.08
CA TYR C 160 6.42 -23.91 -8.00
C TYR C 160 5.86 -25.31 -7.79
N ASP C 161 5.87 -25.78 -6.56
CA ASP C 161 5.39 -27.12 -6.24
C ASP C 161 4.43 -27.09 -5.06
N ARG C 162 3.59 -28.10 -4.98
CA ARG C 162 2.57 -28.16 -3.96
C ARG C 162 2.80 -29.28 -2.96
N GLU C 163 3.54 -30.32 -3.35
CA GLU C 163 3.80 -31.45 -2.48
C GLU C 163 5.18 -31.41 -1.85
N SER C 164 6.13 -30.73 -2.46
CA SER C 164 7.51 -30.81 -1.99
C SER C 164 7.72 -29.88 -0.81
N PHE C 165 8.35 -30.40 0.23
CA PHE C 165 8.65 -29.60 1.41
C PHE C 165 9.76 -28.61 1.13
N SER C 166 10.65 -28.93 0.19
CA SER C 166 11.85 -28.12 0.03
C SER C 166 11.66 -26.98 -0.96
N CYS C 167 10.51 -26.92 -1.64
CA CYS C 167 10.18 -25.72 -2.39
C CYS C 167 9.65 -24.68 -1.44
N LYS C 168 10.40 -23.60 -1.26
CA LYS C 168 10.02 -22.58 -0.30
C LYS C 168 9.53 -21.31 -0.99
N ASN C 169 9.07 -21.43 -2.23
CA ASN C 169 8.31 -20.39 -2.88
C ASN C 169 6.92 -20.33 -2.27
N ASP C 170 6.31 -19.16 -2.31
CA ASP C 170 4.95 -19.01 -1.80
C ASP C 170 3.94 -18.98 -2.94
N LEU C 171 2.86 -19.73 -2.79
CA LEU C 171 1.84 -19.88 -3.81
C LEU C 171 0.64 -18.98 -3.57
N SER C 172 0.76 -17.99 -2.68
CA SER C 172 -0.34 -17.07 -2.46
C SER C 172 -0.48 -16.08 -3.61
N SER C 173 0.59 -15.86 -4.36
CA SER C 173 0.52 -14.95 -5.49
C SER C 173 -0.21 -15.55 -6.68
N ILE C 174 -0.23 -16.88 -6.80
CA ILE C 174 -0.85 -17.54 -7.92
C ILE C 174 -2.35 -17.36 -7.82
N TYR C 175 -2.95 -16.78 -8.85
CA TYR C 175 -4.37 -16.49 -8.82
C TYR C 175 -5.18 -17.73 -9.20
N GLU C 196 -6.81 -26.03 -4.81
CA GLU C 196 -6.64 -24.78 -5.53
C GLU C 196 -5.83 -23.74 -4.77
N TYR C 197 -4.79 -24.23 -4.08
CA TYR C 197 -3.74 -23.42 -3.44
C TYR C 197 -4.32 -22.62 -2.28
N LEU C 198 -5.29 -23.23 -1.59
CA LEU C 198 -6.03 -22.51 -0.56
C LEU C 198 -5.16 -22.25 0.67
N ILE C 199 -4.65 -23.30 1.30
CA ILE C 199 -3.88 -23.16 2.54
C ILE C 199 -2.52 -23.78 2.31
N ASN C 200 -1.48 -22.99 2.53
CA ASN C 200 -0.12 -23.48 2.37
C ASN C 200 0.44 -23.89 3.73
N ASP C 201 0.39 -25.18 4.02
CA ASP C 201 0.98 -25.70 5.24
C ASP C 201 1.98 -26.78 4.92
N ASP C 202 3.09 -26.76 5.64
CA ASP C 202 4.16 -27.72 5.45
C ASP C 202 3.88 -29.06 6.11
N SER C 203 2.72 -29.22 6.72
CA SER C 203 2.39 -30.44 7.43
C SER C 203 1.98 -31.56 6.47
N LYS C 204 1.33 -31.22 5.36
CA LYS C 204 0.89 -32.17 4.37
C LYS C 204 1.80 -32.23 3.16
N LYS C 205 3.07 -31.93 3.32
CA LYS C 205 4.00 -31.95 2.20
C LYS C 205 4.93 -33.13 2.31
N VAL C 206 5.38 -33.62 1.16
CA VAL C 206 6.27 -34.78 1.11
C VAL C 206 7.71 -34.31 1.20
N LYS C 207 8.50 -34.94 2.06
CA LYS C 207 9.91 -34.61 2.14
C LYS C 207 10.67 -35.35 1.05
N LYS C 208 11.96 -35.04 0.91
CA LYS C 208 12.70 -35.50 -0.25
C LYS C 208 13.08 -36.97 -0.13
N LYS C 209 13.01 -37.67 -1.28
CA LYS C 209 13.31 -39.09 -1.45
C LYS C 209 12.53 -39.99 -0.50
N SER C 210 11.35 -39.54 -0.07
CA SER C 210 10.61 -40.25 0.94
C SER C 210 9.14 -40.34 0.61
N GLY C 211 8.79 -40.31 -0.67
CA GLY C 211 7.40 -40.40 -1.04
C GLY C 211 7.10 -41.52 -1.99
N TYR C 212 7.60 -42.75 -1.75
CA TYR C 212 7.46 -43.81 -2.75
C TYR C 212 6.00 -44.17 -3.00
N PHE C 213 5.32 -44.75 -2.02
CA PHE C 213 3.89 -45.00 -2.18
C PHE C 213 3.18 -44.06 -1.23
N THR C 214 2.59 -42.99 -1.73
CA THR C 214 1.92 -42.07 -0.83
C THR C 214 0.43 -41.99 -1.16
N THR C 215 -0.27 -41.40 -0.21
CA THR C 215 -1.71 -41.38 -0.22
C THR C 215 -2.42 -40.02 -0.35
N ASP C 216 -3.69 -39.95 0.05
CA ASP C 216 -4.51 -38.75 -0.12
C ASP C 216 -4.06 -37.44 0.57
N PRO C 217 -3.66 -37.50 1.85
CA PRO C 217 -3.21 -36.19 2.36
C PRO C 217 -1.98 -35.68 1.67
N TYR C 218 -1.03 -36.55 1.34
CA TYR C 218 0.26 -36.13 0.81
C TYR C 218 0.31 -36.15 -0.71
N ASP C 219 -0.32 -37.12 -1.34
CA ASP C 219 -0.43 -37.14 -2.79
C ASP C 219 -1.55 -36.19 -3.21
N THR C 220 -1.13 -34.98 -3.51
CA THR C 220 -1.96 -33.84 -3.91
C THR C 220 -2.69 -34.03 -5.20
N SER C 221 -2.20 -34.90 -6.06
CA SER C 221 -2.87 -35.06 -7.32
C SER C 221 -3.29 -36.49 -7.55
N ASN C 222 -4.30 -36.91 -6.80
CA ASN C 222 -4.85 -38.25 -6.99
C ASN C 222 -6.05 -38.24 -7.92
N ILE C 223 -6.77 -37.13 -8.01
CA ILE C 223 -7.95 -37.06 -8.85
C ILE C 223 -7.54 -36.96 -10.32
N ILE C 224 -6.36 -36.39 -10.58
CA ILE C 224 -5.84 -36.29 -11.94
C ILE C 224 -5.56 -37.67 -12.52
N LYS C 225 -5.01 -38.57 -11.71
CA LYS C 225 -4.58 -39.87 -12.21
C LYS C 225 -5.75 -40.78 -12.54
N LEU C 226 -6.84 -40.67 -11.79
CA LEU C 226 -8.02 -41.44 -12.14
C LEU C 226 -8.71 -40.91 -13.37
N ARG C 227 -8.49 -39.64 -13.71
CA ARG C 227 -9.04 -39.07 -14.92
C ARG C 227 -8.13 -39.26 -16.12
N ILE C 228 -6.87 -39.59 -15.91
CA ILE C 228 -5.98 -39.91 -17.02
C ILE C 228 -6.32 -41.32 -17.47
N CYS C 229 -6.33 -42.26 -16.53
CA CYS C 229 -6.48 -43.66 -16.89
C CYS C 229 -7.94 -44.01 -17.19
N ARG C 230 -8.88 -43.15 -16.83
CA ARG C 230 -10.21 -43.26 -17.41
C ARG C 230 -10.18 -42.95 -18.90
N ALA C 231 -9.38 -41.97 -19.30
CA ALA C 231 -9.29 -41.57 -20.69
C ALA C 231 -8.40 -42.50 -21.50
N LEU C 232 -7.59 -43.33 -20.85
CA LEU C 232 -6.76 -44.30 -21.54
C LEU C 232 -7.42 -45.65 -21.68
N ASN C 233 -8.21 -46.06 -20.68
CA ASN C 233 -8.89 -47.34 -20.79
C ASN C 233 -10.09 -47.25 -21.71
N ASP C 234 -10.66 -46.06 -21.89
CA ASP C 234 -11.72 -45.90 -22.87
C ASP C 234 -11.21 -46.02 -24.29
N MET C 235 -9.92 -45.78 -24.49
CA MET C 235 -9.26 -45.82 -25.78
C MET C 235 -8.57 -47.14 -26.06
N ASN C 236 -8.80 -48.15 -25.21
CA ASN C 236 -8.13 -49.44 -25.22
C ASN C 236 -6.61 -49.33 -25.16
N ILE C 237 -6.09 -48.33 -24.46
CA ILE C 237 -4.70 -48.32 -24.01
C ILE C 237 -4.76 -48.72 -22.55
N ASN C 238 -4.75 -50.02 -22.29
CA ASN C 238 -5.05 -50.52 -20.96
C ASN C 238 -3.88 -50.32 -20.01
N VAL C 239 -4.19 -49.88 -18.80
CA VAL C 239 -3.18 -49.57 -17.78
C VAL C 239 -3.01 -50.63 -16.69
N GLN C 240 -1.81 -51.21 -16.63
CA GLN C 240 -1.46 -52.23 -15.64
C GLN C 240 -1.35 -51.83 -14.16
N ARG C 241 -0.73 -50.68 -13.87
CA ARG C 241 -0.52 -50.23 -12.49
C ARG C 241 -0.30 -48.72 -12.34
N TYR C 242 -0.39 -48.22 -11.11
CA TYR C 242 -0.20 -46.80 -10.88
C TYR C 242 0.40 -46.66 -9.49
N HIS C 243 1.38 -45.76 -9.34
CA HIS C 243 1.81 -45.33 -8.01
C HIS C 243 2.45 -43.96 -8.12
N HIS C 244 2.70 -43.37 -6.94
CA HIS C 244 3.62 -42.26 -6.75
C HIS C 244 5.04 -42.82 -6.85
N GLU C 245 6.05 -41.96 -6.90
CA GLU C 245 7.41 -42.51 -6.99
C GLU C 245 8.39 -41.78 -6.09
N VAL C 246 9.65 -42.14 -6.18
CA VAL C 246 10.65 -41.74 -5.18
C VAL C 246 11.13 -40.36 -5.59
N SER C 247 10.27 -39.37 -5.35
CA SER C 247 10.50 -37.95 -5.52
C SER C 247 9.20 -37.29 -5.10
N THR C 248 9.28 -36.00 -4.85
CA THR C 248 8.10 -35.23 -4.53
C THR C 248 7.43 -34.84 -5.84
N SER C 249 6.18 -35.26 -6.01
CA SER C 249 5.37 -35.09 -7.23
C SER C 249 6.06 -35.73 -8.45
N GLN C 250 6.28 -37.03 -8.36
CA GLN C 250 6.68 -37.84 -9.50
C GLN C 250 5.87 -39.12 -9.52
N HIS C 251 5.17 -39.36 -10.62
CA HIS C 251 4.19 -40.42 -10.72
C HIS C 251 4.66 -41.47 -11.73
N GLU C 252 3.79 -42.42 -12.03
CA GLU C 252 4.17 -43.59 -12.81
C GLU C 252 2.94 -44.20 -13.45
N ILE C 253 3.00 -44.50 -14.74
CA ILE C 253 1.98 -45.30 -15.42
C ILE C 253 2.66 -46.46 -16.11
N SER C 254 2.22 -47.68 -15.85
CA SER C 254 2.72 -48.84 -16.56
C SER C 254 1.60 -49.43 -17.40
N LEU C 255 1.84 -49.54 -18.70
CA LEU C 255 0.81 -49.92 -19.64
C LEU C 255 0.89 -51.40 -19.98
N LYS C 256 -0.12 -51.85 -20.71
CA LYS C 256 -0.21 -53.22 -21.21
C LYS C 256 0.83 -53.41 -22.33
N TYR C 257 1.12 -54.67 -22.64
CA TYR C 257 2.07 -54.98 -23.70
C TYR C 257 1.38 -54.90 -25.05
N PHE C 258 2.05 -54.31 -26.02
CA PHE C 258 1.44 -54.10 -27.33
C PHE C 258 2.45 -54.47 -28.40
N ASP C 259 1.97 -54.53 -29.64
CA ASP C 259 2.84 -54.65 -30.80
C ASP C 259 3.73 -53.42 -30.90
N ALA C 260 4.94 -53.61 -31.44
CA ALA C 260 5.96 -52.57 -31.40
C ALA C 260 5.60 -51.36 -32.25
N LEU C 261 4.78 -51.53 -33.27
CA LEU C 261 4.34 -50.37 -34.03
C LEU C 261 3.21 -49.64 -33.33
N THR C 262 2.34 -50.36 -32.63
CA THR C 262 1.26 -49.69 -31.92
C THR C 262 1.67 -49.25 -30.53
N ASN C 263 2.84 -49.70 -30.05
CA ASN C 263 3.35 -49.18 -28.80
C ASN C 263 3.83 -47.75 -28.95
N ALA C 264 4.66 -47.48 -29.95
CA ALA C 264 5.18 -46.15 -30.15
C ALA C 264 4.09 -45.19 -30.59
N ASP C 265 3.05 -45.70 -31.24
CA ASP C 265 1.87 -44.89 -31.48
C ASP C 265 1.16 -44.55 -30.19
N PHE C 266 1.07 -45.50 -29.26
CA PHE C 266 0.35 -45.25 -28.02
C PHE C 266 1.17 -44.43 -27.04
N LEU C 267 2.48 -44.32 -27.25
CA LEU C 267 3.28 -43.48 -26.38
C LEU C 267 3.10 -42.01 -26.68
N LEU C 268 2.96 -41.63 -27.96
CA LEU C 268 2.68 -40.24 -28.27
C LEU C 268 1.29 -39.82 -27.81
N ILE C 269 0.32 -40.72 -27.92
CA ILE C 269 -1.04 -40.39 -27.52
C ILE C 269 -1.13 -40.31 -26.00
N THR C 270 -0.34 -41.12 -25.30
CA THR C 270 -0.34 -41.07 -23.84
C THR C 270 0.27 -39.77 -23.33
N LYS C 271 1.42 -39.38 -23.87
CA LYS C 271 2.09 -38.17 -23.42
C LYS C 271 1.29 -36.91 -23.69
N GLN C 272 0.48 -36.90 -24.75
CA GLN C 272 -0.35 -35.73 -24.99
C GLN C 272 -1.60 -35.76 -24.13
N ILE C 273 -2.10 -36.94 -23.80
CA ILE C 273 -3.27 -37.04 -22.93
C ILE C 273 -2.89 -36.71 -21.51
N ILE C 274 -1.69 -37.11 -21.09
CA ILE C 274 -1.18 -36.74 -19.78
C ILE C 274 -0.96 -35.23 -19.70
N LYS C 275 -0.44 -34.63 -20.77
CA LYS C 275 -0.18 -33.20 -20.76
C LYS C 275 -1.45 -32.37 -20.75
N THR C 276 -2.49 -32.79 -21.47
CA THR C 276 -3.71 -32.00 -21.56
C THR C 276 -4.61 -32.18 -20.36
N THR C 277 -4.69 -33.38 -19.79
CA THR C 277 -5.56 -33.58 -18.65
C THR C 277 -4.96 -32.98 -17.39
N VAL C 278 -3.65 -32.87 -17.33
CA VAL C 278 -3.02 -32.16 -16.23
C VAL C 278 -3.23 -30.66 -16.37
N SER C 279 -3.08 -30.14 -17.58
CA SER C 279 -3.21 -28.70 -17.78
C SER C 279 -4.65 -28.21 -17.71
N SER C 280 -5.63 -29.12 -17.73
CA SER C 280 -7.01 -28.70 -17.48
C SER C 280 -7.28 -28.59 -15.99
N PHE C 281 -6.35 -29.06 -15.16
CA PHE C 281 -6.37 -28.84 -13.73
C PHE C 281 -5.50 -27.66 -13.32
N ASN C 282 -5.05 -26.86 -14.30
CA ASN C 282 -4.13 -25.74 -14.13
C ASN C 282 -2.81 -26.17 -13.47
N ARG C 283 -2.21 -27.24 -14.00
CA ARG C 283 -0.87 -27.64 -13.61
C ARG C 283 -0.07 -27.94 -14.87
N THR C 284 1.20 -28.26 -14.69
CA THR C 284 2.05 -28.69 -15.79
C THR C 284 2.52 -30.11 -15.54
N ALA C 285 2.82 -30.83 -16.61
CA ALA C 285 3.37 -32.17 -16.51
C ALA C 285 4.56 -32.27 -17.43
N THR C 286 5.66 -32.82 -16.93
CA THR C 286 6.89 -32.87 -17.72
C THR C 286 7.41 -34.29 -17.83
N PHE C 287 8.23 -34.49 -18.87
CA PHE C 287 8.88 -35.76 -19.12
C PHE C 287 10.38 -35.56 -19.29
N MET C 288 10.92 -34.51 -18.70
CA MET C 288 12.36 -34.28 -18.72
C MET C 288 13.06 -35.39 -17.95
N PRO C 289 14.23 -35.83 -18.40
CA PRO C 289 15.13 -36.53 -17.49
C PRO C 289 15.86 -35.52 -16.64
N LYS C 290 15.78 -35.70 -15.32
CA LYS C 290 16.33 -34.78 -14.34
C LYS C 290 15.90 -33.32 -14.47
N PRO C 291 14.68 -32.98 -14.08
CA PRO C 291 14.48 -31.70 -13.41
C PRO C 291 14.83 -31.91 -11.94
N LEU C 292 15.13 -30.80 -11.25
CA LEU C 292 15.34 -30.81 -9.79
C LEU C 292 16.53 -31.69 -9.37
N VAL C 293 17.73 -31.09 -9.42
CA VAL C 293 19.04 -31.67 -9.10
C VAL C 293 19.05 -32.69 -7.97
N ASN C 294 18.37 -32.38 -6.86
CA ASN C 294 18.40 -33.29 -5.72
C ASN C 294 17.26 -34.28 -5.70
N ASP C 295 16.66 -34.61 -6.83
CA ASP C 295 15.66 -35.66 -6.87
C ASP C 295 15.90 -36.64 -8.02
N ASN C 296 15.02 -37.61 -8.19
CA ASN C 296 15.22 -38.63 -9.21
C ASN C 296 14.88 -38.10 -10.60
N GLY C 297 15.14 -38.94 -11.60
CA GLY C 297 14.84 -38.63 -12.97
C GLY C 297 13.63 -39.38 -13.48
N ASN C 298 13.43 -39.29 -14.79
CA ASN C 298 12.33 -39.96 -15.47
C ASN C 298 12.89 -40.91 -16.51
N GLY C 299 12.52 -42.18 -16.44
CA GLY C 299 13.06 -43.17 -17.33
C GLY C 299 11.98 -43.80 -18.18
N LEU C 300 12.41 -44.73 -19.03
CA LEU C 300 11.52 -45.64 -19.74
C LEU C 300 12.06 -47.04 -19.54
N HIS C 301 11.33 -47.87 -18.83
CA HIS C 301 11.65 -49.28 -18.78
C HIS C 301 10.95 -49.96 -19.95
N CYS C 302 11.73 -50.51 -20.87
CA CYS C 302 11.20 -51.15 -22.07
C CYS C 302 11.27 -52.66 -21.87
N ASN C 303 10.16 -53.26 -21.48
CA ASN C 303 10.09 -54.70 -21.37
C ASN C 303 9.86 -55.33 -22.74
N ILE C 304 10.88 -56.00 -23.27
CA ILE C 304 10.87 -56.50 -24.64
C ILE C 304 10.78 -58.02 -24.62
N SER C 305 10.05 -58.58 -25.58
CA SER C 305 10.00 -60.03 -25.80
C SER C 305 9.61 -60.27 -27.24
N LEU C 306 10.10 -61.36 -27.82
CA LEU C 306 9.81 -61.70 -29.21
C LEU C 306 8.95 -62.95 -29.29
N TRP C 307 8.19 -63.06 -30.38
CA TRP C 307 7.21 -64.13 -30.51
C TRP C 307 7.27 -64.73 -31.90
N LYS C 308 7.09 -66.05 -31.97
CA LYS C 308 7.01 -66.78 -33.23
C LYS C 308 5.94 -67.85 -33.10
N ASN C 309 4.87 -67.72 -33.89
CA ASN C 309 3.74 -68.65 -33.93
C ASN C 309 3.09 -68.81 -32.56
N ASN C 310 2.87 -67.67 -31.89
CA ASN C 310 2.37 -67.58 -30.53
C ASN C 310 3.23 -68.35 -29.53
N LYS C 311 4.54 -68.38 -29.77
CA LYS C 311 5.50 -68.99 -28.85
C LYS C 311 6.66 -68.03 -28.64
N ASN C 312 7.14 -67.97 -27.40
CA ASN C 312 8.27 -67.12 -27.07
C ASN C 312 9.54 -67.63 -27.69
N ILE C 313 10.27 -66.70 -28.31
CA ILE C 313 11.60 -66.97 -28.83
C ILE C 313 12.47 -67.20 -27.60
N PHE C 314 12.21 -66.39 -26.56
CA PHE C 314 12.93 -66.44 -25.29
C PHE C 314 12.35 -67.52 -24.37
N TYR C 315 12.54 -68.80 -24.69
CA TYR C 315 12.05 -69.88 -23.84
C TYR C 315 12.46 -71.20 -24.46
N HIS C 316 13.06 -72.08 -23.66
CA HIS C 316 13.55 -73.36 -24.17
C HIS C 316 13.04 -74.56 -23.40
N ASN C 317 12.32 -74.34 -22.29
CA ASN C 317 11.63 -75.40 -21.51
C ASN C 317 12.63 -76.43 -20.99
N ASP C 318 13.59 -75.82 -20.24
CA ASP C 318 14.74 -76.35 -19.47
C ASP C 318 15.21 -75.27 -18.40
N PRO C 319 16.02 -75.72 -17.43
CA PRO C 319 16.68 -75.15 -16.26
C PRO C 319 18.19 -75.19 -16.42
N SER C 320 18.86 -74.36 -15.60
CA SER C 320 20.32 -74.06 -15.44
C SER C 320 20.71 -72.85 -16.28
N THR C 321 19.86 -72.54 -17.24
CA THR C 321 19.94 -71.35 -18.08
C THR C 321 18.67 -70.52 -17.81
N PHE C 322 17.98 -70.86 -16.73
CA PHE C 322 16.74 -70.20 -16.34
C PHE C 322 15.66 -70.33 -17.41
N PHE C 323 15.61 -71.48 -18.09
CA PHE C 323 14.58 -71.65 -19.13
C PHE C 323 14.79 -70.76 -20.35
N LEU C 324 15.99 -70.21 -20.53
CA LEU C 324 16.30 -69.34 -21.65
C LEU C 324 17.00 -70.16 -22.71
N SER C 325 17.06 -69.55 -23.89
CA SER C 325 17.69 -70.12 -25.05
C SER C 325 18.82 -69.17 -25.42
N LYS C 326 19.79 -69.69 -26.14
CA LYS C 326 20.92 -68.88 -26.54
C LYS C 326 20.39 -67.76 -27.42
N GLU C 327 19.19 -67.96 -27.98
CA GLU C 327 18.68 -66.96 -28.90
C GLU C 327 18.26 -65.71 -28.15
N SER C 328 18.24 -65.75 -26.82
CA SER C 328 17.91 -64.64 -25.95
C SER C 328 19.13 -63.85 -25.52
N PHE C 329 20.20 -64.54 -25.08
CA PHE C 329 21.44 -63.88 -24.75
C PHE C 329 22.11 -63.27 -25.97
N TYR C 330 21.83 -63.80 -27.16
CA TYR C 330 22.27 -63.15 -28.38
C TYR C 330 21.57 -61.80 -28.56
N PHE C 331 20.33 -61.69 -28.11
CA PHE C 331 19.62 -60.43 -28.23
C PHE C 331 20.06 -59.43 -27.17
N MET C 332 20.48 -59.91 -26.01
CA MET C 332 20.96 -59.01 -24.97
C MET C 332 22.33 -58.46 -25.32
N TYR C 333 23.25 -59.33 -25.72
CA TYR C 333 24.60 -58.90 -26.04
C TYR C 333 24.64 -58.08 -27.32
N GLY C 334 23.64 -58.18 -28.18
CA GLY C 334 23.54 -57.28 -29.31
C GLY C 334 23.26 -55.85 -28.87
N ILE C 335 22.62 -55.67 -27.74
CA ILE C 335 22.38 -54.34 -27.18
C ILE C 335 23.61 -53.85 -26.44
N VAL C 336 24.24 -54.71 -25.65
CA VAL C 336 25.37 -54.30 -24.82
C VAL C 336 26.59 -54.00 -25.67
N LYS C 337 26.71 -54.63 -26.83
CA LYS C 337 27.80 -54.30 -27.73
C LYS C 337 27.61 -52.92 -28.35
N HIS C 338 26.37 -52.57 -28.69
CA HIS C 338 26.08 -51.34 -29.40
C HIS C 338 25.43 -50.28 -28.52
N ALA C 339 25.68 -50.30 -27.21
CA ALA C 339 24.90 -49.47 -26.31
C ALA C 339 25.35 -48.02 -26.33
N LYS C 340 26.61 -47.76 -26.66
CA LYS C 340 27.02 -46.36 -26.77
C LYS C 340 26.54 -45.73 -28.07
N ALA C 341 26.21 -46.55 -29.06
CA ALA C 341 25.58 -46.01 -30.26
C ALA C 341 24.09 -45.81 -30.08
N LEU C 342 23.45 -46.62 -29.24
CA LEU C 342 22.03 -46.44 -28.95
C LEU C 342 21.78 -45.23 -28.07
N GLN C 343 22.78 -44.79 -27.31
CA GLN C 343 22.60 -43.65 -26.42
C GLN C 343 22.45 -42.34 -27.15
N ALA C 344 22.87 -42.30 -28.41
CA ALA C 344 22.69 -41.14 -29.24
C ALA C 344 21.20 -40.95 -29.44
N PHE C 345 20.50 -42.06 -29.69
CA PHE C 345 19.06 -42.04 -29.91
C PHE C 345 18.20 -42.17 -28.65
N CYS C 346 18.55 -43.13 -27.80
CA CYS C 346 17.79 -43.37 -26.56
C CYS C 346 17.82 -42.23 -25.55
N ASN C 347 18.98 -41.68 -25.24
CA ASN C 347 18.98 -40.46 -24.43
C ASN C 347 19.86 -39.51 -25.21
N ALA C 348 19.25 -38.53 -25.86
CA ALA C 348 20.00 -37.60 -26.68
C ALA C 348 19.61 -36.20 -26.33
N THR C 349 19.94 -35.83 -25.11
CA THR C 349 19.70 -34.51 -24.57
C THR C 349 20.82 -34.24 -23.60
N MET C 350 21.06 -32.97 -23.33
CA MET C 350 22.10 -32.60 -22.37
C MET C 350 21.60 -32.77 -20.95
N ASN C 351 20.29 -32.88 -20.75
CA ASN C 351 19.72 -33.22 -19.46
C ASN C 351 19.94 -34.64 -19.06
N SER C 352 19.97 -35.56 -20.02
CA SER C 352 19.93 -36.97 -19.69
C SER C 352 21.21 -37.45 -19.06
N TYR C 353 22.31 -36.78 -19.34
CA TYR C 353 23.57 -37.13 -18.72
C TYR C 353 23.77 -36.46 -17.38
N LYS C 354 22.77 -35.71 -16.91
CA LYS C 354 22.65 -35.37 -15.51
C LYS C 354 21.84 -36.42 -14.77
N ARG C 355 21.42 -37.46 -15.47
CA ARG C 355 20.71 -38.56 -14.82
C ARG C 355 21.66 -39.70 -14.46
N LEU C 356 22.88 -39.67 -14.99
CA LEU C 356 23.85 -40.75 -14.74
C LEU C 356 25.04 -40.41 -13.82
N VAL C 357 25.35 -39.13 -13.67
CA VAL C 357 26.46 -38.69 -12.82
C VAL C 357 26.47 -39.26 -11.40
N PRO C 358 25.38 -39.11 -10.62
CA PRO C 358 25.48 -39.53 -9.22
C PRO C 358 25.77 -41.01 -9.03
N GLY C 359 25.11 -41.86 -9.80
CA GLY C 359 25.28 -43.30 -9.69
C GLY C 359 24.34 -43.95 -8.68
N PHE C 360 23.60 -43.15 -7.93
CA PHE C 360 22.69 -43.74 -6.96
C PHE C 360 21.47 -44.19 -7.75
N GLU C 361 21.16 -45.49 -7.66
CA GLU C 361 20.05 -46.10 -8.37
C GLU C 361 20.21 -45.75 -9.84
N THR C 362 21.46 -45.78 -10.30
CA THR C 362 21.79 -45.43 -11.67
C THR C 362 22.64 -46.52 -12.30
N CYS C 363 22.65 -46.55 -13.62
CA CYS C 363 23.43 -47.53 -14.36
C CYS C 363 24.84 -47.01 -14.49
N GLN C 364 25.80 -47.70 -13.87
CA GLN C 364 27.20 -47.37 -14.08
C GLN C 364 27.86 -48.27 -15.10
N LYS C 365 27.48 -49.54 -15.15
CA LYS C 365 28.22 -50.53 -15.92
C LYS C 365 27.30 -51.12 -16.98
N LEU C 366 27.92 -51.73 -17.98
CA LEU C 366 27.21 -52.19 -19.18
C LEU C 366 27.20 -53.71 -19.18
N PHE C 367 26.25 -54.30 -18.48
CA PHE C 367 26.07 -55.74 -18.41
C PHE C 367 24.62 -56.00 -18.07
N TYR C 368 24.26 -57.29 -18.00
CA TYR C 368 22.90 -57.68 -17.61
C TYR C 368 22.93 -58.54 -16.34
N SER C 369 22.17 -58.13 -15.33
CA SER C 369 22.12 -58.86 -14.06
C SER C 369 20.72 -59.00 -13.48
N PHE C 370 20.50 -60.10 -12.75
CA PHE C 370 19.20 -60.37 -12.12
C PHE C 370 18.79 -59.37 -11.04
N GLY C 371 19.75 -58.97 -10.19
CA GLY C 371 19.48 -58.04 -9.12
C GLY C 371 20.56 -57.01 -8.84
N SER C 372 21.33 -56.61 -9.85
CA SER C 372 22.32 -55.57 -9.67
C SER C 372 21.72 -54.24 -10.07
N ARG C 373 21.79 -53.25 -9.17
CA ARG C 373 21.18 -51.96 -9.43
C ARG C 373 21.91 -51.18 -10.51
N SER C 374 23.21 -51.44 -10.69
CA SER C 374 24.01 -50.74 -11.68
C SER C 374 24.05 -51.45 -13.01
N ALA C 375 23.07 -52.28 -13.31
CA ALA C 375 23.01 -52.97 -14.58
C ALA C 375 22.07 -52.24 -15.53
N VAL C 376 22.36 -52.35 -16.82
CA VAL C 376 21.54 -51.69 -17.83
C VAL C 376 20.31 -52.52 -18.16
N ILE C 377 20.50 -53.82 -18.35
CA ILE C 377 19.42 -54.75 -18.62
C ILE C 377 19.22 -55.62 -17.38
N ARG C 378 17.97 -55.75 -16.93
CA ARG C 378 17.67 -56.57 -15.77
C ARG C 378 16.68 -57.66 -16.16
N LEU C 379 17.03 -58.90 -15.86
CA LEU C 379 16.16 -60.02 -16.17
C LEU C 379 15.24 -60.32 -14.99
N SER C 380 14.08 -60.89 -15.31
CA SER C 380 12.99 -61.02 -14.36
C SER C 380 13.09 -62.38 -13.67
N LEU C 381 13.08 -62.36 -12.35
CA LEU C 381 13.06 -63.58 -11.55
C LEU C 381 11.67 -63.91 -11.00
N ILE C 382 10.68 -63.04 -11.23
CA ILE C 382 9.29 -63.39 -10.98
C ILE C 382 8.77 -64.34 -12.05
N ASN C 383 8.22 -65.47 -11.62
CA ASN C 383 7.59 -66.49 -12.47
C ASN C 383 8.54 -66.96 -13.58
N TYR C 384 9.69 -67.49 -13.15
CA TYR C 384 10.67 -67.97 -14.11
C TYR C 384 10.19 -69.19 -14.87
N SER C 385 9.21 -69.93 -14.33
CA SER C 385 8.71 -71.12 -15.01
C SER C 385 7.67 -70.78 -16.07
N ASN C 386 7.10 -69.58 -16.02
CA ASN C 386 6.02 -69.24 -16.94
C ASN C 386 6.60 -68.71 -18.25
N PRO C 387 6.16 -69.22 -19.40
CA PRO C 387 6.75 -68.78 -20.67
C PRO C 387 6.31 -67.41 -21.15
N SER C 388 5.06 -67.05 -20.86
CA SER C 388 4.51 -65.76 -21.22
C SER C 388 5.23 -64.66 -20.45
N GLU C 389 5.51 -64.93 -19.17
CA GLU C 389 6.20 -63.96 -18.33
C GLU C 389 7.72 -64.03 -18.44
N LYS C 390 8.23 -63.71 -19.64
CA LYS C 390 9.66 -63.69 -19.91
C LYS C 390 9.90 -62.35 -20.58
N ARG C 391 10.92 -61.62 -20.17
CA ARG C 391 11.14 -60.33 -20.81
C ARG C 391 12.56 -59.86 -20.58
N ILE C 392 12.88 -58.72 -21.19
CA ILE C 392 14.19 -58.09 -21.08
C ILE C 392 13.93 -56.62 -20.80
N GLU C 393 14.37 -56.15 -19.64
CA GLU C 393 14.08 -54.79 -19.18
C GLU C 393 15.27 -53.89 -19.45
N PHE C 394 15.21 -53.16 -20.55
CA PHE C 394 16.23 -52.17 -20.91
C PHE C 394 15.94 -50.89 -20.14
N ARG C 395 16.87 -50.41 -19.32
CA ARG C 395 16.59 -49.20 -18.54
C ARG C 395 17.26 -47.88 -18.91
N LEU C 396 18.04 -47.85 -19.98
CA LEU C 396 18.73 -46.63 -20.41
C LEU C 396 17.93 -45.41 -20.95
N PRO C 397 16.90 -45.66 -21.77
CA PRO C 397 16.12 -44.63 -22.49
C PRO C 397 15.29 -43.63 -21.67
N ASP C 398 14.98 -42.49 -22.32
CA ASP C 398 14.15 -41.40 -21.78
C ASP C 398 12.97 -41.21 -22.68
N CYS C 399 11.98 -40.50 -22.16
CA CYS C 399 10.81 -40.19 -22.93
C CYS C 399 11.13 -38.94 -23.74
N ALA C 400 12.31 -38.34 -23.58
CA ALA C 400 12.54 -37.12 -24.35
C ALA C 400 12.58 -37.37 -25.85
N ASN C 401 13.21 -38.45 -26.29
CA ASN C 401 13.38 -38.66 -27.71
C ASN C 401 12.11 -39.23 -28.33
N SER C 402 12.11 -39.35 -29.65
CA SER C 402 10.95 -39.87 -30.34
C SER C 402 10.89 -41.39 -30.18
N PRO C 403 9.74 -41.94 -29.78
CA PRO C 403 9.67 -43.37 -29.45
C PRO C 403 9.76 -44.28 -30.65
N HIS C 404 9.57 -43.79 -31.86
CA HIS C 404 9.75 -44.63 -33.04
C HIS C 404 11.21 -44.79 -33.39
N LEU C 405 12.02 -43.77 -33.17
CA LEU C 405 13.45 -43.89 -33.45
C LEU C 405 14.16 -44.73 -32.41
N VAL C 406 13.70 -44.69 -31.16
CA VAL C 406 14.37 -45.45 -30.12
C VAL C 406 14.06 -46.93 -30.26
N MET C 407 12.79 -47.28 -30.47
CA MET C 407 12.43 -48.69 -30.51
C MET C 407 12.84 -49.34 -31.82
N ALA C 408 13.13 -48.56 -32.84
CA ALA C 408 13.68 -49.14 -34.06
C ALA C 408 15.17 -49.37 -33.95
N ALA C 409 15.87 -48.56 -33.16
CA ALA C 409 17.29 -48.75 -33.01
C ALA C 409 17.60 -49.92 -32.09
N ILE C 410 16.71 -50.22 -31.14
CA ILE C 410 16.91 -51.34 -30.23
C ILE C 410 16.72 -52.66 -30.96
N ILE C 411 15.71 -52.74 -31.82
CA ILE C 411 15.45 -53.96 -32.58
C ILE C 411 16.56 -54.19 -33.59
N LEU C 412 17.02 -53.13 -34.25
CA LEU C 412 18.08 -53.27 -35.24
C LEU C 412 19.42 -53.56 -34.58
N ALA C 413 19.60 -53.17 -33.33
CA ALA C 413 20.81 -53.58 -32.62
C ALA C 413 20.68 -54.99 -32.10
N GLY C 414 19.51 -55.35 -31.59
CA GLY C 414 19.32 -56.69 -31.08
C GLY C 414 19.23 -57.74 -32.17
N TYR C 415 18.81 -57.34 -33.37
CA TYR C 415 18.80 -58.30 -34.47
C TYR C 415 20.21 -58.58 -34.96
N ASP C 416 21.11 -57.62 -34.84
CA ASP C 416 22.50 -57.88 -35.20
C ASP C 416 23.23 -58.69 -34.15
N GLY C 417 22.60 -58.97 -33.02
CA GLY C 417 23.19 -59.90 -32.08
C GLY C 417 22.86 -61.34 -32.35
N ILE C 418 21.85 -61.61 -33.16
CA ILE C 418 21.47 -62.98 -33.46
C ILE C 418 22.16 -63.46 -34.74
N LYS C 419 22.23 -62.61 -35.76
CA LYS C 419 22.90 -63.00 -37.00
C LYS C 419 24.41 -63.09 -36.83
N SER C 420 24.99 -62.34 -35.88
CA SER C 420 26.44 -62.31 -35.77
C SER C 420 27.01 -63.54 -35.06
N LYS C 421 26.21 -64.16 -34.18
CA LYS C 421 26.58 -65.37 -33.43
C LYS C 421 27.82 -65.20 -32.58
N GLU C 422 28.09 -64.00 -32.07
CA GLU C 422 29.19 -63.83 -31.15
C GLU C 422 28.82 -64.29 -29.75
N GLN C 423 29.82 -64.39 -28.89
CA GLN C 423 29.53 -64.92 -27.57
C GLN C 423 28.92 -63.84 -26.68
N PRO C 424 27.86 -64.17 -25.94
CA PRO C 424 27.34 -63.26 -24.93
C PRO C 424 28.26 -63.18 -23.72
N LEU C 425 27.95 -62.25 -22.84
CA LEU C 425 28.74 -61.99 -21.64
C LEU C 425 28.12 -62.70 -20.44
N VAL C 426 28.91 -62.86 -19.38
CA VAL C 426 28.47 -63.48 -18.14
C VAL C 426 27.49 -62.53 -17.44
N PRO C 427 26.45 -63.05 -16.77
CA PRO C 427 25.51 -62.17 -16.05
C PRO C 427 26.07 -61.30 -14.93
N PHE C 428 27.08 -61.74 -14.18
CA PHE C 428 27.94 -60.87 -13.36
C PHE C 428 27.17 -60.15 -12.24
N GLU C 429 26.53 -60.91 -11.36
CA GLU C 429 25.81 -60.31 -10.25
C GLU C 429 26.78 -59.91 -9.14
N SER C 430 26.72 -58.65 -8.71
CA SER C 430 27.81 -58.08 -7.91
C SER C 430 27.31 -57.60 -6.55
N LYS C 431 27.63 -58.36 -5.49
CA LYS C 431 27.08 -58.07 -4.17
C LYS C 431 27.48 -56.70 -3.65
N ASP C 432 28.76 -56.40 -3.81
CA ASP C 432 29.30 -55.13 -3.44
C ASP C 432 30.02 -54.80 -4.71
N ASN C 433 31.33 -54.63 -4.59
CA ASN C 433 32.14 -54.37 -5.76
C ASN C 433 32.60 -55.70 -6.33
N HIS C 434 32.38 -56.77 -5.57
CA HIS C 434 32.78 -58.10 -5.98
C HIS C 434 31.74 -58.68 -6.92
N PHE C 435 32.09 -58.82 -8.19
CA PHE C 435 31.22 -59.45 -9.16
C PHE C 435 31.23 -60.96 -8.94
N TYR C 436 30.09 -61.52 -8.58
CA TYR C 436 29.95 -62.96 -8.46
C TYR C 436 29.40 -63.54 -9.76
N ILE C 437 29.35 -64.87 -9.81
CA ILE C 437 28.75 -65.61 -10.92
C ILE C 437 27.83 -66.65 -10.29
N SER C 438 26.62 -66.79 -10.84
CA SER C 438 25.62 -67.69 -10.27
C SER C 438 26.07 -69.14 -10.33
N SER C 439 25.38 -69.97 -9.53
CA SER C 439 25.68 -71.39 -9.51
C SER C 439 25.31 -72.04 -10.83
N ILE C 440 24.30 -71.53 -11.52
CA ILE C 440 23.89 -72.07 -12.80
C ILE C 440 24.90 -71.68 -13.89
N PHE C 441 25.57 -70.54 -13.71
CA PHE C 441 26.60 -70.16 -14.67
C PHE C 441 28.00 -70.52 -14.20
N SER C 442 28.15 -71.05 -13.00
CA SER C 442 29.46 -71.58 -12.63
C SER C 442 29.75 -72.85 -13.41
N LYS C 443 28.75 -73.64 -13.73
CA LYS C 443 29.04 -74.91 -14.37
C LYS C 443 29.32 -74.88 -15.87
N TYR C 444 30.61 -75.01 -16.17
CA TYR C 444 31.13 -75.10 -17.53
C TYR C 444 30.77 -74.04 -18.58
N VAL C 445 30.77 -72.74 -18.26
CA VAL C 445 30.44 -71.85 -19.36
C VAL C 445 31.62 -71.05 -19.86
N GLN C 446 32.73 -70.99 -19.13
CA GLN C 446 33.93 -70.31 -19.57
C GLN C 446 35.10 -71.27 -19.34
N HIS C 447 35.67 -71.76 -20.44
CA HIS C 447 36.90 -72.54 -20.34
C HIS C 447 38.12 -71.67 -20.00
N PRO C 448 38.46 -70.62 -20.75
CA PRO C 448 39.66 -69.87 -20.38
C PRO C 448 39.34 -68.65 -19.53
N GLU C 449 40.41 -68.05 -18.99
CA GLU C 449 40.34 -66.88 -18.09
C GLU C 449 39.44 -67.14 -16.87
N ASN C 450 39.86 -68.11 -16.06
CA ASN C 450 39.19 -68.40 -14.79
C ASN C 450 39.72 -67.46 -13.72
N PHE C 451 39.13 -66.27 -13.64
CA PHE C 451 39.56 -65.23 -12.72
C PHE C 451 38.60 -65.03 -11.56
N ASN C 452 37.30 -65.22 -11.78
CA ASN C 452 36.29 -65.08 -10.73
C ASN C 452 36.12 -66.36 -9.90
N ILE C 453 37.11 -67.25 -9.91
CA ILE C 453 36.99 -68.52 -9.18
C ILE C 453 36.98 -68.29 -7.68
N LEU C 454 37.58 -67.19 -7.22
CA LEU C 454 37.47 -66.80 -5.81
C LEU C 454 36.06 -66.31 -5.49
N THR C 455 35.38 -65.72 -6.46
CA THR C 455 34.03 -65.18 -6.26
C THR C 455 32.99 -66.10 -6.90
N HIS C 456 32.58 -67.12 -6.14
CA HIS C 456 31.50 -68.02 -6.55
C HIS C 456 30.55 -68.36 -5.40
N ALA C 457 30.52 -67.55 -4.34
CA ALA C 457 29.72 -67.86 -3.16
C ALA C 457 28.26 -67.53 -3.46
N LEU C 458 27.54 -68.50 -4.03
CA LEU C 458 26.13 -68.31 -4.37
C LEU C 458 25.40 -69.63 -4.24
N GLU C 459 24.10 -69.53 -3.92
CA GLU C 459 23.20 -70.67 -3.79
C GLU C 459 21.96 -70.54 -4.65
N GLY C 460 21.58 -69.33 -5.07
CA GLY C 460 20.51 -69.11 -6.03
C GLY C 460 19.13 -69.42 -5.49
N TYR C 461 18.25 -69.82 -6.40
CA TYR C 461 16.95 -70.38 -6.07
C TYR C 461 17.14 -71.84 -5.67
N GLU C 462 16.05 -72.49 -5.25
CA GLU C 462 16.20 -73.84 -4.71
C GLU C 462 16.32 -74.85 -5.85
N SER C 463 17.41 -75.61 -5.83
CA SER C 463 17.71 -76.60 -6.85
C SER C 463 18.67 -77.61 -6.23
N LEU C 464 18.27 -78.88 -6.24
CA LEU C 464 19.10 -79.95 -5.74
C LEU C 464 19.20 -81.04 -6.80
N HIS C 465 20.39 -81.63 -6.91
CA HIS C 465 20.75 -82.64 -7.92
C HIS C 465 20.51 -82.10 -9.33
N THR C 466 21.22 -81.02 -9.65
CA THR C 466 21.02 -80.31 -10.90
C THR C 466 21.60 -81.09 -12.09
N ILE C 467 21.10 -80.76 -13.28
CA ILE C 467 21.51 -81.42 -14.51
C ILE C 467 22.22 -80.40 -15.39
N ASN C 468 23.41 -80.75 -15.86
CA ASN C 468 24.19 -79.91 -16.76
C ASN C 468 23.90 -80.30 -18.20
N GLU C 469 23.21 -79.42 -18.93
CA GLU C 469 22.93 -79.68 -20.33
C GLU C 469 24.19 -79.44 -21.15
N SER C 470 24.57 -80.44 -21.94
CA SER C 470 25.83 -80.41 -22.66
C SER C 470 25.91 -79.41 -23.82
N PRO C 471 24.94 -79.31 -24.77
CA PRO C 471 25.18 -78.39 -25.90
C PRO C 471 24.97 -76.92 -25.56
N GLU C 472 24.22 -76.60 -24.50
CA GLU C 472 24.02 -75.21 -24.12
C GLU C 472 25.15 -74.70 -23.23
N PHE C 473 25.83 -75.60 -22.55
CA PHE C 473 26.86 -75.19 -21.60
C PHE C 473 28.29 -75.16 -22.10
N LYS C 474 28.48 -74.88 -23.37
CA LYS C 474 29.86 -74.91 -23.88
C LYS C 474 30.53 -73.66 -23.35
N ASN C 475 31.61 -73.20 -24.01
CA ASN C 475 32.27 -71.99 -23.53
C ASN C 475 31.27 -70.84 -23.59
N PHE C 476 30.55 -70.74 -24.72
CA PHE C 476 29.45 -69.81 -24.97
C PHE C 476 29.53 -68.47 -24.30
N PHE C 477 30.03 -68.41 -23.06
CA PHE C 477 30.07 -67.07 -22.50
C PHE C 477 31.52 -66.61 -22.42
N LYS C 478 31.74 -65.32 -22.59
CA LYS C 478 33.06 -64.74 -22.45
C LYS C 478 33.15 -63.99 -21.12
N CYS C 479 34.27 -64.16 -20.43
CA CYS C 479 34.53 -63.45 -19.19
C CYS C 479 35.48 -62.30 -19.49
N GLU C 480 34.92 -61.17 -19.89
CA GLU C 480 35.65 -59.92 -19.95
C GLU C 480 35.14 -59.03 -18.82
N GLU C 481 35.82 -57.92 -18.64
CA GLU C 481 35.34 -56.91 -17.71
C GLU C 481 34.17 -56.15 -18.35
N PRO C 482 33.10 -55.91 -17.60
CA PRO C 482 31.98 -55.13 -18.15
C PRO C 482 32.38 -53.67 -18.32
N GLN C 483 32.18 -53.16 -19.53
CA GLN C 483 32.58 -51.81 -19.86
C GLN C 483 31.61 -50.81 -19.26
N GLY C 484 31.93 -49.52 -19.47
CA GLY C 484 31.10 -48.44 -18.98
C GLY C 484 30.15 -47.93 -20.04
N ILE C 485 29.44 -46.87 -19.67
CA ILE C 485 28.48 -46.21 -20.54
C ILE C 485 29.05 -44.85 -20.87
N SER C 486 28.58 -44.24 -21.96
CA SER C 486 28.98 -42.87 -22.24
C SER C 486 28.22 -41.92 -21.33
N PHE C 487 28.92 -40.92 -20.81
CA PHE C 487 28.35 -39.99 -19.86
C PHE C 487 28.17 -38.59 -20.43
N SER C 488 28.27 -38.43 -21.75
CA SER C 488 28.01 -37.14 -22.40
C SER C 488 27.68 -37.38 -23.86
N LEU C 489 27.09 -36.36 -24.49
CA LEU C 489 26.74 -36.47 -25.90
C LEU C 489 27.94 -36.47 -26.82
N VAL C 490 29.06 -35.87 -26.41
CA VAL C 490 30.22 -35.87 -27.28
C VAL C 490 30.88 -37.25 -27.30
N GLU C 491 30.60 -38.08 -26.29
CA GLU C 491 31.04 -39.46 -26.35
C GLU C 491 30.06 -40.34 -27.11
N SER C 492 28.77 -40.02 -27.07
CA SER C 492 27.77 -40.87 -27.70
C SER C 492 27.63 -40.58 -29.17
N LEU C 493 27.79 -39.33 -29.58
CA LEU C 493 27.72 -39.03 -31.00
C LEU C 493 28.97 -39.49 -31.73
N ASP C 494 30.12 -39.54 -31.05
CA ASP C 494 31.30 -40.10 -31.68
C ASP C 494 31.25 -41.62 -31.71
N ALA C 495 30.52 -42.24 -30.79
CA ALA C 495 30.31 -43.68 -30.89
C ALA C 495 29.33 -44.02 -31.98
N LEU C 496 28.41 -43.11 -32.31
CA LEU C 496 27.51 -43.33 -33.43
C LEU C 496 28.23 -43.16 -34.76
N GLU C 497 29.23 -42.29 -34.82
CA GLU C 497 29.96 -42.07 -36.06
C GLU C 497 30.81 -43.27 -36.47
N LYS C 498 31.36 -43.97 -35.49
CA LYS C 498 32.20 -45.13 -35.76
C LYS C 498 31.41 -46.42 -35.71
N ASP C 499 30.18 -46.33 -35.20
CA ASP C 499 29.33 -47.50 -35.07
C ASP C 499 27.91 -47.27 -35.59
N HIS C 500 27.78 -47.14 -36.91
CA HIS C 500 26.46 -46.96 -37.49
C HIS C 500 26.18 -48.04 -38.53
N ALA C 501 26.83 -49.18 -38.38
CA ALA C 501 26.74 -50.24 -39.38
C ALA C 501 25.55 -51.14 -39.19
N PHE C 502 25.13 -51.37 -37.94
CA PHE C 502 23.97 -52.21 -37.69
C PHE C 502 22.67 -51.52 -38.04
N LEU C 503 22.68 -50.20 -38.22
CA LEU C 503 21.48 -49.46 -38.55
C LEU C 503 21.27 -49.34 -40.04
N THR C 504 22.32 -49.46 -40.84
CA THR C 504 22.26 -49.27 -42.28
C THR C 504 21.93 -50.55 -43.02
N VAL C 505 21.43 -51.58 -42.34
CA VAL C 505 21.09 -52.83 -42.99
C VAL C 505 19.80 -52.65 -43.78
N ASN C 506 19.84 -53.03 -45.07
CA ASN C 506 18.75 -52.87 -46.04
C ASN C 506 18.31 -51.41 -46.19
N ASN C 507 19.23 -50.48 -45.92
CA ASN C 507 19.04 -49.03 -46.09
C ASN C 507 17.84 -48.51 -45.30
N ILE C 508 17.69 -48.99 -44.07
CA ILE C 508 16.61 -48.53 -43.20
C ILE C 508 16.92 -47.13 -42.68
N PHE C 509 18.04 -47.00 -42.00
CA PHE C 509 18.62 -45.70 -41.66
C PHE C 509 19.60 -45.38 -42.78
N THR C 510 19.38 -44.28 -43.50
CA THR C 510 20.32 -43.97 -44.55
C THR C 510 21.55 -43.29 -43.96
N GLU C 511 22.59 -43.17 -44.79
CA GLU C 511 23.80 -42.49 -44.36
C GLU C 511 23.58 -41.00 -44.19
N GLU C 512 22.73 -40.41 -45.02
CA GLU C 512 22.42 -38.99 -44.91
C GLU C 512 21.52 -38.71 -43.72
N MET C 513 20.71 -39.68 -43.33
CA MET C 513 19.87 -39.57 -42.13
C MET C 513 20.71 -39.40 -40.88
N ILE C 514 21.80 -40.17 -40.77
CA ILE C 514 22.59 -40.13 -39.54
C ILE C 514 23.51 -38.92 -39.54
N GLN C 515 24.00 -38.50 -40.70
CA GLN C 515 24.85 -37.32 -40.78
C GLN C 515 24.06 -36.05 -40.47
N GLU C 516 22.81 -35.97 -40.93
CA GLU C 516 21.99 -34.82 -40.63
C GLU C 516 21.50 -34.82 -39.19
N TYR C 517 21.52 -35.98 -38.53
CA TYR C 517 21.11 -36.03 -37.14
C TYR C 517 22.24 -35.64 -36.22
N ILE C 518 23.46 -36.06 -36.53
CA ILE C 518 24.62 -35.71 -35.69
C ILE C 518 24.97 -34.24 -35.90
N LYS C 519 24.75 -33.72 -37.10
CA LYS C 519 24.98 -32.30 -37.34
C LYS C 519 23.98 -31.43 -36.60
N PHE C 520 22.78 -31.94 -36.34
CA PHE C 520 21.80 -31.15 -35.59
C PHE C 520 22.16 -31.11 -34.12
N LYS C 521 22.56 -32.25 -33.54
CA LYS C 521 22.84 -32.28 -32.11
C LYS C 521 24.12 -31.54 -31.78
N ARG C 522 25.07 -31.50 -32.70
CA ARG C 522 26.31 -30.79 -32.46
C ARG C 522 26.15 -29.28 -32.59
N GLU C 523 25.03 -28.82 -33.14
CA GLU C 523 24.68 -27.41 -33.02
C GLU C 523 24.06 -27.11 -31.66
N GLU C 524 23.38 -28.10 -31.07
CA GLU C 524 22.75 -27.90 -29.77
C GLU C 524 23.74 -27.92 -28.62
N ILE C 525 24.84 -28.64 -28.75
CA ILE C 525 25.85 -28.63 -27.71
C ILE C 525 26.60 -27.30 -27.73
N ASP C 526 26.86 -26.77 -28.93
CA ASP C 526 27.60 -25.52 -29.02
C ASP C 526 26.79 -24.33 -28.54
N ALA C 527 25.49 -24.33 -28.76
CA ALA C 527 24.64 -23.27 -28.25
C ALA C 527 24.36 -23.43 -26.78
N TYR C 528 24.63 -24.60 -26.21
CA TYR C 528 24.43 -24.83 -24.79
C TYR C 528 25.63 -24.40 -23.97
N ASN C 529 26.83 -24.48 -24.54
CA ASN C 529 28.04 -24.18 -23.79
C ASN C 529 28.38 -22.70 -23.79
N LYS C 530 27.73 -21.91 -24.64
CA LYS C 530 27.98 -20.47 -24.62
C LYS C 530 27.31 -19.81 -23.43
N TYR C 531 26.31 -20.45 -22.85
CA TYR C 531 25.40 -19.81 -21.92
C TYR C 531 26.03 -19.75 -20.53
N VAL C 532 26.21 -18.55 -20.00
CA VAL C 532 26.87 -18.34 -18.73
C VAL C 532 25.87 -18.54 -17.60
N ASN C 533 26.21 -19.43 -16.69
CA ASN C 533 25.33 -19.96 -15.66
C ASN C 533 25.30 -19.04 -14.43
N ALA C 534 24.57 -19.49 -13.41
CA ALA C 534 24.68 -18.91 -12.08
C ALA C 534 25.61 -19.70 -11.19
N TYR C 535 26.00 -20.90 -11.60
CA TYR C 535 27.06 -21.64 -10.94
C TYR C 535 28.43 -21.14 -11.34
N ASP C 536 28.52 -20.39 -12.43
CA ASP C 536 29.78 -19.79 -12.82
C ASP C 536 30.13 -18.62 -11.93
N TYR C 537 29.13 -17.88 -11.46
CA TYR C 537 29.36 -16.79 -10.53
C TYR C 537 29.66 -17.28 -9.13
N HIS C 538 29.09 -18.40 -8.73
CA HIS C 538 29.33 -18.90 -7.38
C HIS C 538 30.72 -19.45 -7.23
N LEU C 539 31.09 -20.28 -8.21
CA LEU C 539 32.39 -20.93 -8.34
C LEU C 539 33.63 -20.12 -8.72
N TYR C 540 33.48 -19.22 -9.69
CA TYR C 540 34.63 -18.48 -10.21
C TYR C 540 34.44 -16.99 -10.18
N TYR C 541 34.58 -16.43 -9.00
CA TYR C 541 34.41 -15.00 -8.82
C TYR C 541 35.22 -14.52 -7.61
N MET D 1 -18.63 -46.49 1.29
CA MET D 1 -17.60 -46.99 2.19
C MET D 1 -18.00 -48.31 2.81
N LYS D 2 -18.83 -49.08 2.11
CA LYS D 2 -19.29 -50.35 2.65
C LYS D 2 -18.16 -51.36 2.68
N SER D 3 -18.19 -52.22 3.68
CA SER D 3 -17.16 -53.23 3.87
C SER D 3 -17.65 -54.55 3.29
N VAL D 4 -16.75 -55.30 2.69
CA VAL D 4 -17.06 -56.60 2.09
C VAL D 4 -16.17 -57.66 2.73
N SER D 5 -16.70 -58.86 2.87
CA SER D 5 -15.97 -59.97 3.47
C SER D 5 -15.79 -61.11 2.47
N PHE D 6 -14.72 -61.87 2.65
CA PHE D 6 -14.39 -62.97 1.75
C PHE D 6 -13.84 -64.12 2.58
N SER D 7 -13.86 -65.31 1.98
CA SER D 7 -13.37 -66.51 2.65
C SER D 7 -12.16 -67.16 2.01
N ASN D 8 -12.06 -67.08 0.69
CA ASN D 8 -10.96 -67.69 -0.06
C ASN D 8 -10.48 -66.75 -1.14
N ASN D 9 -9.23 -66.89 -1.57
CA ASN D 9 -8.73 -65.97 -2.59
C ASN D 9 -9.54 -66.02 -3.87
N ALA D 10 -10.31 -67.09 -4.10
CA ALA D 10 -11.09 -67.18 -5.32
C ALA D 10 -12.31 -66.28 -5.26
N GLU D 11 -12.87 -66.03 -4.07
CA GLU D 11 -14.03 -65.15 -3.97
C GLU D 11 -13.68 -63.71 -4.20
N LEU D 12 -12.39 -63.33 -4.13
CA LEU D 12 -11.99 -62.04 -4.66
C LEU D 12 -12.18 -61.99 -6.16
N TYR D 13 -11.66 -62.99 -6.88
CA TYR D 13 -11.61 -62.93 -8.33
C TYR D 13 -13.00 -63.04 -8.96
N GLU D 14 -13.94 -63.68 -8.27
CA GLU D 14 -15.30 -63.67 -8.77
C GLU D 14 -16.01 -62.37 -8.43
N TYR D 15 -15.66 -61.74 -7.30
CA TYR D 15 -16.29 -60.48 -6.94
C TYR D 15 -15.74 -59.33 -7.75
N ILE D 16 -14.46 -59.41 -8.13
CA ILE D 16 -13.83 -58.35 -8.91
C ILE D 16 -14.34 -58.35 -10.34
N LYS D 17 -14.46 -59.53 -10.96
CA LYS D 17 -14.82 -59.61 -12.37
C LYS D 17 -16.32 -59.46 -12.61
N ASP D 18 -17.15 -59.45 -11.58
CA ASP D 18 -18.59 -59.32 -11.78
C ASP D 18 -18.94 -57.88 -12.11
N LYS D 19 -19.82 -57.71 -13.11
CA LYS D 19 -20.09 -56.39 -13.66
C LYS D 19 -21.11 -55.60 -12.84
N LYS D 20 -21.79 -56.22 -11.89
CA LYS D 20 -22.75 -55.50 -11.08
C LYS D 20 -22.08 -54.56 -10.08
N ASN D 21 -20.89 -54.91 -9.60
CA ASN D 21 -20.28 -54.18 -8.51
C ASN D 21 -19.49 -52.97 -8.97
N ASP D 22 -19.16 -52.91 -10.27
CA ASP D 22 -18.49 -51.78 -10.91
C ASP D 22 -17.12 -51.49 -10.31
N VAL D 23 -16.45 -52.55 -9.84
CA VAL D 23 -15.14 -52.39 -9.22
C VAL D 23 -14.11 -52.17 -10.32
N GLU D 24 -13.47 -51.00 -10.28
CA GLU D 24 -12.56 -50.58 -11.35
C GLU D 24 -11.10 -50.70 -10.98
N ILE D 25 -10.72 -50.34 -9.76
CA ILE D 25 -9.34 -50.34 -9.30
C ILE D 25 -9.26 -51.23 -8.06
N VAL D 26 -8.18 -51.98 -7.93
CA VAL D 26 -7.89 -52.75 -6.73
C VAL D 26 -6.63 -52.18 -6.10
N ALA D 27 -6.74 -51.67 -4.88
CA ALA D 27 -5.60 -51.06 -4.21
C ALA D 27 -5.06 -51.96 -3.12
N CYS D 28 -3.76 -51.87 -2.89
CA CYS D 28 -3.07 -52.68 -1.91
C CYS D 28 -2.50 -51.76 -0.84
N ILE D 29 -2.33 -52.27 0.37
CA ILE D 29 -1.90 -51.45 1.50
C ILE D 29 -0.77 -52.19 2.22
N ILE D 30 0.39 -51.55 2.34
CA ILE D 30 1.55 -52.15 2.97
C ILE D 30 1.93 -51.28 4.17
N THR D 31 2.75 -51.83 5.08
CA THR D 31 3.15 -51.13 6.29
C THR D 31 4.62 -51.46 6.58
N ASN D 32 5.31 -50.53 7.22
CA ASN D 32 6.72 -50.61 7.60
C ASN D 32 6.90 -51.10 9.02
N LEU D 33 8.16 -51.28 9.42
CA LEU D 33 8.48 -51.42 10.83
C LEU D 33 8.18 -50.14 11.58
N LEU D 34 8.35 -49.00 10.92
CA LEU D 34 7.86 -47.74 11.42
C LEU D 34 6.38 -47.64 11.04
N GLY D 35 5.69 -46.65 11.54
CA GLY D 35 4.29 -46.59 11.18
C GLY D 35 4.07 -45.78 9.92
N THR D 36 3.93 -46.44 8.77
CA THR D 36 3.68 -45.73 7.53
C THR D 36 2.54 -46.41 6.79
N TYR D 37 2.12 -45.81 5.70
CA TYR D 37 0.91 -46.25 5.01
C TYR D 37 1.17 -46.13 3.52
N PHE D 38 1.53 -47.24 2.89
CA PHE D 38 1.88 -47.29 1.49
C PHE D 38 0.70 -47.86 0.71
N LYS D 39 0.60 -47.49 -0.57
CA LYS D 39 -0.58 -47.85 -1.34
C LYS D 39 -0.28 -47.79 -2.83
N CYS D 40 -0.62 -48.86 -3.53
CA CYS D 40 -0.42 -48.95 -4.98
C CYS D 40 -1.73 -49.35 -5.63
N PHE D 41 -1.94 -48.87 -6.85
CA PHE D 41 -3.23 -49.01 -7.53
C PHE D 41 -3.10 -49.92 -8.73
N PHE D 42 -3.97 -50.93 -8.81
CA PHE D 42 -3.95 -51.93 -9.86
C PHE D 42 -5.29 -51.93 -10.56
N TYR D 43 -5.29 -52.15 -11.86
CA TYR D 43 -6.54 -52.11 -12.61
C TYR D 43 -7.10 -53.50 -12.82
N VAL D 44 -8.44 -53.56 -12.85
CA VAL D 44 -9.17 -54.83 -12.79
C VAL D 44 -9.00 -55.66 -14.05
N LYS D 45 -9.05 -55.04 -15.24
CA LYS D 45 -8.97 -55.78 -16.50
C LYS D 45 -7.67 -56.52 -16.71
N GLU D 46 -6.61 -56.17 -15.99
CA GLU D 46 -5.33 -56.83 -16.17
C GLU D 46 -5.05 -57.89 -15.12
N ILE D 47 -5.82 -57.92 -14.03
CA ILE D 47 -5.63 -58.92 -12.99
C ILE D 47 -6.16 -60.27 -13.50
N THR D 48 -5.34 -61.31 -13.35
CA THR D 48 -5.71 -62.64 -13.82
C THR D 48 -5.77 -63.57 -12.61
N LEU D 49 -5.99 -64.85 -12.88
CA LEU D 49 -6.02 -65.86 -11.83
C LEU D 49 -4.66 -66.07 -11.21
N ASN D 50 -3.60 -65.93 -12.01
CA ASN D 50 -2.25 -66.23 -11.59
C ASN D 50 -1.66 -65.15 -10.70
N LYS D 51 -2.08 -63.89 -10.88
CA LYS D 51 -1.55 -62.78 -10.12
C LYS D 51 -2.16 -62.65 -8.73
N LEU D 52 -2.99 -63.59 -8.31
CA LEU D 52 -3.45 -63.56 -6.93
C LEU D 52 -2.72 -64.61 -6.10
N GLU D 53 -2.38 -65.76 -6.70
CA GLU D 53 -1.52 -66.73 -6.03
C GLU D 53 -0.09 -66.21 -5.94
N SER D 54 0.47 -65.82 -7.07
CA SER D 54 1.66 -65.02 -7.07
C SER D 54 1.33 -63.59 -6.65
N GLY D 55 2.35 -62.81 -6.41
CA GLY D 55 2.13 -61.44 -5.99
C GLY D 55 2.46 -60.45 -7.07
N PHE D 56 2.34 -59.18 -6.71
CA PHE D 56 2.59 -58.07 -7.60
C PHE D 56 4.03 -57.60 -7.44
N SER D 57 4.61 -57.16 -8.55
CA SER D 57 6.00 -56.70 -8.54
C SER D 57 6.13 -55.37 -7.85
N PHE D 58 7.13 -55.31 -7.01
CA PHE D 58 7.27 -54.17 -6.18
C PHE D 58 8.74 -53.96 -5.89
N ASP D 59 9.18 -52.70 -5.92
CA ASP D 59 10.56 -52.40 -5.63
C ASP D 59 10.56 -51.73 -4.27
N ALA D 60 11.27 -52.34 -3.32
CA ALA D 60 11.31 -51.79 -1.99
C ALA D 60 12.70 -51.32 -1.60
N SER D 61 13.50 -50.92 -2.57
CA SER D 61 14.83 -50.42 -2.26
C SER D 61 14.80 -49.01 -1.68
N SER D 62 13.66 -48.33 -1.75
CA SER D 62 13.53 -46.95 -1.33
C SER D 62 12.67 -46.78 -0.09
N ILE D 63 11.96 -47.81 0.32
CA ILE D 63 11.16 -47.77 1.53
C ILE D 63 12.06 -47.98 2.73
N LYS D 64 11.88 -47.16 3.77
CA LYS D 64 12.76 -47.21 4.94
C LYS D 64 12.55 -48.49 5.74
N LEU D 65 13.66 -49.11 6.12
CA LEU D 65 13.73 -50.41 6.80
C LEU D 65 13.03 -51.50 6.00
N CYS D 66 13.24 -51.52 4.68
CA CYS D 66 12.69 -52.58 3.84
C CYS D 66 13.62 -52.97 2.71
N SER D 67 14.92 -52.90 2.96
CA SER D 67 15.92 -53.24 1.94
C SER D 67 16.89 -54.39 2.31
N ASP D 68 17.12 -55.27 1.35
CA ASP D 68 18.04 -56.41 1.51
C ASP D 68 19.19 -56.19 0.53
N THR D 69 20.42 -56.51 0.93
CA THR D 69 21.54 -56.23 0.03
C THR D 69 21.13 -56.43 -1.42
N GLU D 70 20.77 -57.65 -1.79
CA GLU D 70 20.51 -57.97 -3.18
C GLU D 70 19.09 -58.36 -3.51
N VAL D 71 18.21 -58.51 -2.52
CA VAL D 71 16.81 -58.64 -2.87
C VAL D 71 16.33 -57.24 -3.21
N SER D 72 16.33 -56.91 -4.49
CA SER D 72 15.83 -55.63 -4.97
C SER D 72 14.41 -55.76 -5.48
N ASP D 73 13.92 -56.98 -5.64
CA ASP D 73 12.57 -57.23 -6.13
C ASP D 73 11.84 -58.08 -5.10
N PHE D 74 10.66 -57.62 -4.69
CA PHE D 74 9.84 -58.30 -3.72
C PHE D 74 8.50 -58.65 -4.35
N PHE D 75 7.60 -59.15 -3.53
CA PHE D 75 6.25 -59.46 -3.93
C PHE D 75 5.30 -58.64 -3.07
N ILE D 76 4.02 -58.71 -3.38
CA ILE D 76 2.97 -58.18 -2.53
C ILE D 76 1.87 -59.24 -2.50
N LYS D 77 1.71 -59.89 -1.36
CA LYS D 77 0.80 -61.01 -1.27
C LYS D 77 -0.56 -60.52 -0.79
N VAL D 78 -1.57 -60.73 -1.62
CA VAL D 78 -2.91 -60.22 -1.36
C VAL D 78 -3.55 -61.09 -0.29
N ASP D 79 -3.98 -60.47 0.81
CA ASP D 79 -4.61 -61.18 1.91
C ASP D 79 -6.07 -60.76 2.01
N HIS D 80 -6.95 -61.75 2.01
CA HIS D 80 -8.40 -61.57 2.11
C HIS D 80 -8.91 -61.28 3.53
N SER D 81 -10.18 -60.93 3.66
CA SER D 81 -10.79 -60.66 4.97
C SER D 81 -10.58 -59.26 5.57
N THR D 82 -10.00 -58.35 4.80
CA THR D 82 -9.75 -56.99 5.27
C THR D 82 -9.94 -56.10 4.05
N CYS D 83 -11.19 -55.87 3.65
CA CYS D 83 -11.43 -55.11 2.45
C CYS D 83 -12.53 -54.11 2.71
N TYR D 84 -12.53 -53.02 1.94
CA TYR D 84 -13.66 -52.10 1.96
C TYR D 84 -13.70 -51.35 0.65
N LEU D 85 -14.90 -51.11 0.15
CA LEU D 85 -15.09 -50.36 -1.08
C LEU D 85 -15.03 -48.87 -0.80
N GLU D 86 -14.81 -48.11 -1.87
CA GLU D 86 -14.80 -46.67 -1.82
C GLU D 86 -15.55 -46.09 -3.00
N GLU D 87 -15.77 -44.78 -2.95
CA GLU D 87 -16.34 -44.01 -4.06
C GLU D 87 -15.47 -42.79 -4.24
N CYS D 88 -14.41 -42.91 -5.03
CA CYS D 88 -13.55 -41.78 -5.36
C CYS D 88 -13.85 -41.39 -6.80
N ASP D 89 -14.47 -40.22 -6.98
CA ASP D 89 -14.80 -39.62 -8.27
C ASP D 89 -15.67 -40.56 -9.12
N GLY D 90 -16.71 -41.12 -8.49
CA GLY D 90 -17.59 -42.02 -9.19
C GLY D 90 -17.00 -43.35 -9.58
N LYS D 91 -15.87 -43.73 -8.97
CA LYS D 91 -15.18 -44.97 -9.27
C LYS D 91 -15.06 -45.80 -8.01
N ASN D 92 -15.29 -47.11 -8.13
CA ASN D 92 -15.25 -48.00 -6.98
C ASN D 92 -13.87 -48.63 -6.85
N ILE D 93 -13.30 -48.56 -5.66
CA ILE D 93 -11.93 -49.01 -5.39
C ILE D 93 -11.99 -50.00 -4.24
N LEU D 94 -11.55 -51.23 -4.46
CA LEU D 94 -11.25 -52.11 -3.33
C LEU D 94 -9.98 -51.65 -2.64
N ASN D 95 -9.91 -51.89 -1.34
CA ASN D 95 -8.73 -51.57 -0.56
C ASN D 95 -8.40 -52.80 0.25
N ILE D 96 -7.34 -53.51 -0.10
CA ILE D 96 -7.02 -54.80 0.48
C ILE D 96 -5.72 -54.67 1.27
N MET D 97 -5.73 -55.22 2.49
CA MET D 97 -4.49 -55.33 3.24
C MET D 97 -3.61 -56.43 2.69
N CYS D 98 -2.33 -56.13 2.51
CA CYS D 98 -1.45 -56.93 1.68
C CYS D 98 -0.07 -57.03 2.32
N ASP D 99 0.42 -58.25 2.51
CA ASP D 99 1.76 -58.43 3.06
C ASP D 99 2.81 -58.46 1.95
N ILE D 100 4.07 -58.36 2.36
CA ILE D 100 5.21 -58.43 1.45
C ILE D 100 6.00 -59.70 1.74
N LYS D 101 6.45 -60.36 0.68
CA LYS D 101 7.12 -61.64 0.81
C LYS D 101 8.36 -61.63 -0.09
N ARG D 102 9.12 -62.71 0.07
CA ARG D 102 10.31 -63.00 -0.71
C ARG D 102 9.88 -63.81 -1.94
N TYR D 103 10.85 -64.17 -2.78
CA TYR D 103 10.57 -64.92 -3.99
C TYR D 103 9.95 -66.31 -3.77
N ASN D 104 10.40 -67.03 -2.75
CA ASN D 104 9.91 -68.40 -2.54
C ASN D 104 8.55 -68.40 -1.86
N GLY D 105 8.18 -67.32 -1.18
CA GLY D 105 6.96 -67.29 -0.43
C GLY D 105 7.25 -67.40 1.05
N PHE D 106 8.53 -67.25 1.40
CA PHE D 106 8.91 -67.27 2.80
C PHE D 106 8.52 -65.96 3.46
N ASP D 107 8.29 -66.04 4.76
CA ASP D 107 7.87 -64.91 5.58
C ASP D 107 9.02 -63.93 5.71
N TYR D 108 8.85 -62.71 5.19
CA TYR D 108 9.88 -61.70 5.30
C TYR D 108 9.99 -61.21 6.74
N TYR D 109 11.21 -61.13 7.26
CA TYR D 109 11.40 -60.86 8.67
C TYR D 109 11.25 -59.40 9.04
N LYS D 110 11.17 -58.50 8.07
CA LYS D 110 10.89 -57.09 8.33
C LYS D 110 9.50 -56.69 7.86
N CYS D 111 8.55 -57.61 7.91
CA CYS D 111 7.16 -57.23 7.69
C CYS D 111 6.39 -57.35 8.99
N PRO D 112 5.79 -56.25 9.44
CA PRO D 112 5.13 -56.27 10.76
C PRO D 112 3.81 -57.03 10.77
N ARG D 113 3.08 -57.06 9.65
CA ARG D 113 1.84 -57.81 9.62
C ARG D 113 2.09 -59.30 9.58
N THR D 114 3.25 -59.72 9.07
CA THR D 114 3.61 -61.13 9.15
C THR D 114 4.09 -61.51 10.54
N ILE D 115 4.45 -60.52 11.36
CA ILE D 115 4.85 -60.82 12.73
C ILE D 115 3.63 -61.08 13.60
N LEU D 116 2.58 -60.26 13.44
CA LEU D 116 1.34 -60.51 14.17
C LEU D 116 0.63 -61.78 13.72
N LYS D 117 0.78 -62.17 12.46
CA LYS D 117 0.23 -63.46 12.05
C LYS D 117 0.99 -64.61 12.68
N LYS D 118 2.24 -64.41 13.04
CA LYS D 118 3.04 -65.47 13.64
C LYS D 118 2.88 -65.54 15.15
N THR D 119 2.81 -64.39 15.83
CA THR D 119 2.73 -64.45 17.29
C THR D 119 1.32 -64.78 17.76
N CYS D 120 0.31 -64.53 16.93
CA CYS D 120 -1.03 -64.96 17.30
C CYS D 120 -1.25 -66.43 17.02
N GLU D 121 -0.64 -66.95 15.95
CA GLU D 121 -0.70 -68.37 15.64
C GLU D 121 0.34 -69.16 16.41
N PHE D 122 1.20 -68.49 17.17
CA PHE D 122 2.05 -69.18 18.12
C PHE D 122 1.36 -69.36 19.45
N VAL D 123 0.66 -68.33 19.93
CA VAL D 123 -0.05 -68.42 21.20
C VAL D 123 -1.21 -69.40 21.11
N LYS D 124 -1.87 -69.46 19.94
CA LYS D 124 -3.02 -70.34 19.77
C LYS D 124 -2.61 -71.82 19.74
N ASN D 125 -1.32 -72.10 19.50
CA ASN D 125 -0.88 -73.49 19.38
C ASN D 125 -0.55 -74.12 20.72
N GLU D 126 -0.59 -73.37 21.81
CA GLU D 126 -0.32 -73.92 23.13
C GLU D 126 -1.57 -74.14 23.97
N GLY D 127 -2.76 -74.08 23.39
CA GLY D 127 -3.97 -74.25 24.15
C GLY D 127 -4.30 -73.11 25.09
N ILE D 128 -3.57 -72.01 25.00
CA ILE D 128 -3.76 -70.82 25.84
C ILE D 128 -4.10 -69.68 24.92
N ALA D 129 -5.24 -69.02 25.19
CA ALA D 129 -5.66 -67.79 24.52
C ALA D 129 -5.80 -67.98 23.00
N ASP D 130 -6.82 -68.76 22.61
CA ASP D 130 -7.11 -68.94 21.19
C ASP D 130 -7.50 -67.62 20.51
N LYS D 131 -8.01 -66.68 21.27
CA LYS D 131 -8.37 -65.35 20.78
C LYS D 131 -7.75 -64.32 21.71
N VAL D 132 -7.29 -63.21 21.15
CA VAL D 132 -6.83 -62.06 21.91
C VAL D 132 -7.68 -60.87 21.49
N CYS D 133 -8.47 -60.35 22.40
CA CYS D 133 -9.32 -59.20 22.13
C CYS D 133 -8.66 -57.95 22.70
N ILE D 134 -8.38 -56.99 21.83
CA ILE D 134 -7.70 -55.75 22.18
C ILE D 134 -8.58 -54.59 21.72
N GLY D 135 -8.82 -53.63 22.59
CA GLY D 135 -9.48 -52.39 22.22
C GLY D 135 -8.49 -51.24 22.22
N ASN D 136 -8.91 -50.11 21.64
CA ASN D 136 -8.04 -48.96 21.54
C ASN D 136 -8.83 -47.67 21.71
N GLU D 137 -8.11 -46.61 22.06
CA GLU D 137 -8.68 -45.28 22.30
C GLU D 137 -7.75 -44.27 21.67
N LEU D 138 -8.07 -43.82 20.46
CA LEU D 138 -7.19 -42.92 19.73
C LEU D 138 -7.38 -41.48 20.17
N GLU D 139 -6.28 -40.75 20.29
CA GLU D 139 -6.33 -39.33 20.64
C GLU D 139 -5.54 -38.55 19.62
N PHE D 140 -6.13 -37.50 19.07
CA PHE D 140 -5.52 -36.76 17.99
C PHE D 140 -5.82 -35.27 18.16
N PHE D 141 -4.94 -34.43 17.63
CA PHE D 141 -5.14 -32.99 17.60
C PHE D 141 -5.63 -32.62 16.21
N ILE D 142 -6.41 -31.55 16.12
CA ILE D 142 -6.82 -31.01 14.83
C ILE D 142 -6.41 -29.55 14.79
N PHE D 143 -5.30 -29.27 14.13
CA PHE D 143 -4.79 -27.93 13.93
C PHE D 143 -5.34 -27.40 12.62
N ASP D 144 -5.11 -26.12 12.36
CA ASP D 144 -5.62 -25.53 11.12
C ASP D 144 -4.53 -25.49 10.07
N LYS D 145 -3.36 -25.06 10.49
CA LYS D 145 -2.21 -24.98 9.61
C LYS D 145 -0.96 -25.15 10.46
N VAL D 146 0.11 -25.61 9.83
CA VAL D 146 1.37 -25.79 10.52
C VAL D 146 2.50 -25.47 9.54
N ASN D 147 3.38 -24.57 9.92
CA ASN D 147 4.54 -24.22 9.09
C ASN D 147 5.80 -24.38 9.91
N TYR D 148 6.80 -25.05 9.35
CA TYR D 148 8.10 -25.11 9.98
C TYR D 148 9.21 -25.00 8.94
N SER D 149 10.43 -24.91 9.42
CA SER D 149 11.59 -24.80 8.56
C SER D 149 12.83 -25.21 9.33
N LEU D 150 13.88 -25.57 8.61
CA LEU D 150 15.11 -26.05 9.22
C LEU D 150 16.36 -25.38 8.68
N ASP D 151 16.23 -24.21 8.06
CA ASP D 151 17.40 -23.45 7.62
C ASP D 151 18.19 -23.00 8.83
N GLU D 152 19.51 -22.88 8.68
CA GLU D 152 20.40 -22.62 9.81
C GLU D 152 20.16 -21.26 10.42
N TYR D 153 19.64 -20.34 9.62
CA TYR D 153 19.42 -18.96 10.05
C TYR D 153 17.95 -18.66 10.22
N ASN D 154 17.07 -19.53 9.71
CA ASN D 154 15.62 -19.25 9.74
C ASN D 154 14.66 -20.28 10.33
N THR D 155 15.13 -21.18 11.19
CA THR D 155 14.21 -22.18 11.72
C THR D 155 13.06 -21.56 12.51
N TYR D 156 11.85 -22.07 12.28
CA TYR D 156 10.67 -21.59 12.97
C TYR D 156 9.64 -22.69 13.12
N LEU D 157 8.67 -22.43 13.99
CA LEU D 157 7.39 -23.10 14.04
C LEU D 157 6.28 -22.07 14.01
N LYS D 158 5.17 -22.41 13.38
CA LYS D 158 3.95 -21.62 13.48
C LYS D 158 2.79 -22.61 13.44
N VAL D 159 2.17 -22.86 14.58
CA VAL D 159 0.99 -23.69 14.65
C VAL D 159 -0.20 -22.76 14.69
N TYR D 160 -1.07 -22.86 13.70
CA TYR D 160 -2.27 -22.04 13.64
C TYR D 160 -3.42 -22.83 14.22
N ASP D 161 -4.14 -22.25 15.16
CA ASP D 161 -5.25 -22.91 15.83
C ASP D 161 -6.49 -22.03 15.84
N ARG D 162 -7.64 -22.67 15.96
CA ARG D 162 -8.90 -21.96 15.92
C ARG D 162 -9.63 -22.00 17.25
N GLU D 163 -9.36 -22.98 18.10
CA GLU D 163 -10.01 -23.09 19.39
C GLU D 163 -9.17 -22.60 20.54
N SER D 164 -7.86 -22.57 20.40
CA SER D 164 -7.01 -22.28 21.54
C SER D 164 -6.91 -20.79 21.76
N PHE D 165 -7.08 -20.36 23.00
CA PHE D 165 -6.98 -18.96 23.34
C PHE D 165 -5.54 -18.48 23.30
N SER D 166 -4.59 -19.38 23.53
CA SER D 166 -3.21 -18.95 23.70
C SER D 166 -2.44 -18.90 22.39
N CYS D 167 -3.04 -19.37 21.30
CA CYS D 167 -2.45 -19.12 20.00
C CYS D 167 -2.80 -17.72 19.56
N LYS D 168 -1.80 -16.85 19.48
CA LYS D 168 -2.04 -15.46 19.17
C LYS D 168 -1.57 -15.11 17.77
N ASN D 169 -1.47 -16.10 16.90
CA ASN D 169 -1.34 -15.88 15.46
C ASN D 169 -2.67 -15.40 14.91
N ASP D 170 -2.61 -14.63 13.82
CA ASP D 170 -3.83 -14.17 13.18
C ASP D 170 -4.13 -15.00 11.94
N LEU D 171 -5.39 -15.39 11.80
CA LEU D 171 -5.84 -16.25 10.71
C LEU D 171 -6.48 -15.48 9.58
N SER D 172 -6.31 -14.16 9.56
CA SER D 172 -6.87 -13.38 8.45
C SER D 172 -6.06 -13.55 7.18
N SER D 173 -4.79 -13.95 7.30
CA SER D 173 -3.97 -14.17 6.14
C SER D 173 -4.32 -15.45 5.40
N ILE D 174 -4.88 -16.43 6.11
CA ILE D 174 -5.20 -17.72 5.51
C ILE D 174 -6.34 -17.53 4.54
N TYR D 175 -6.13 -17.90 3.29
CA TYR D 175 -7.13 -17.69 2.26
C TYR D 175 -8.17 -18.81 2.29
N GLU D 196 -15.01 -21.21 8.49
CA GLU D 196 -14.02 -20.90 7.46
C GLU D 196 -13.23 -19.63 7.77
N TYR D 197 -12.90 -19.45 9.05
CA TYR D 197 -11.99 -18.42 9.56
C TYR D 197 -12.57 -17.03 9.36
N LEU D 198 -13.90 -16.93 9.48
CA LEU D 198 -14.60 -15.70 9.17
C LEU D 198 -14.31 -14.60 10.19
N ILE D 199 -14.64 -14.85 11.46
CA ILE D 199 -14.48 -13.84 12.50
C ILE D 199 -13.59 -14.42 13.57
N ASN D 200 -12.50 -13.72 13.88
CA ASN D 200 -11.58 -14.15 14.91
C ASN D 200 -11.89 -13.43 16.21
N ASP D 201 -12.63 -14.10 17.10
CA ASP D 201 -12.91 -13.54 18.41
C ASP D 201 -12.46 -14.51 19.48
N ASP D 202 -11.88 -13.95 20.53
CA ASP D 202 -11.38 -14.73 21.65
C ASP D 202 -12.48 -15.15 22.61
N SER D 203 -13.72 -14.83 22.31
CA SER D 203 -14.83 -15.14 23.19
C SER D 203 -15.25 -16.59 23.10
N LYS D 204 -15.14 -17.18 21.91
CA LYS D 204 -15.52 -18.57 21.68
C LYS D 204 -14.31 -19.49 21.62
N LYS D 205 -13.23 -19.16 22.30
CA LYS D 205 -12.05 -19.99 22.28
C LYS D 205 -11.88 -20.70 23.61
N VAL D 206 -11.26 -21.87 23.57
CA VAL D 206 -11.05 -22.69 24.75
C VAL D 206 -9.74 -22.30 25.41
N LYS D 207 -9.77 -22.09 26.72
CA LYS D 207 -8.54 -21.80 27.44
C LYS D 207 -7.80 -23.10 27.74
N LYS D 208 -6.59 -22.98 28.27
CA LYS D 208 -5.71 -24.15 28.38
C LYS D 208 -6.13 -25.05 29.53
N LYS D 209 -6.02 -26.36 29.29
CA LYS D 209 -6.35 -27.45 30.23
C LYS D 209 -7.76 -27.37 30.77
N SER D 210 -8.67 -26.76 30.02
CA SER D 210 -10.00 -26.50 30.52
C SER D 210 -11.06 -26.81 29.50
N GLY D 211 -10.79 -27.72 28.58
CA GLY D 211 -11.78 -28.07 27.59
C GLY D 211 -12.12 -29.55 27.55
N TYR D 212 -12.37 -30.19 28.70
CA TYR D 212 -12.54 -31.65 28.71
C TYR D 212 -13.75 -32.08 27.89
N PHE D 213 -14.96 -31.75 28.33
CA PHE D 213 -16.13 -32.05 27.53
C PHE D 213 -16.68 -30.72 27.04
N THR D 214 -16.45 -30.37 25.78
CA THR D 214 -16.94 -29.09 25.30
C THR D 214 -17.95 -29.28 24.18
N THR D 215 -18.64 -28.18 23.91
CA THR D 215 -19.76 -28.20 23.01
C THR D 215 -19.66 -27.37 21.72
N ASP D 216 -20.80 -27.05 21.11
CA ASP D 216 -20.83 -26.36 19.82
C ASP D 216 -20.19 -24.97 19.69
N PRO D 217 -20.43 -24.05 20.65
CA PRO D 217 -19.72 -22.79 20.44
C PRO D 217 -18.21 -22.95 20.52
N TYR D 218 -17.71 -23.77 21.44
CA TYR D 218 -16.28 -23.87 21.71
C TYR D 218 -15.62 -25.00 20.94
N ASP D 219 -16.28 -26.13 20.78
CA ASP D 219 -15.79 -27.21 19.94
C ASP D 219 -16.06 -26.88 18.49
N THR D 220 -15.05 -26.28 17.87
CA THR D 220 -15.04 -25.80 16.49
C THR D 220 -15.17 -26.90 15.46
N SER D 221 -14.80 -28.11 15.82
CA SER D 221 -14.88 -29.15 14.83
C SER D 221 -15.76 -30.29 15.29
N ASN D 222 -17.06 -30.03 15.32
CA ASN D 222 -18.01 -31.08 15.66
C ASN D 222 -18.56 -31.77 14.42
N ILE D 223 -18.60 -31.08 13.29
CA ILE D 223 -19.15 -31.66 12.07
C ILE D 223 -18.16 -32.67 11.49
N ILE D 224 -16.87 -32.47 11.74
CA ILE D 224 -15.84 -33.40 11.27
C ILE D 224 -16.00 -34.76 11.95
N LYS D 225 -16.31 -34.77 13.24
CA LYS D 225 -16.34 -36.01 13.99
C LYS D 225 -17.53 -36.88 13.63
N LEU D 226 -18.66 -36.26 13.29
CA LEU D 226 -19.79 -37.06 12.84
C LEU D 226 -19.58 -37.59 11.45
N ARG D 227 -18.69 -36.99 10.67
CA ARG D 227 -18.37 -37.49 9.35
C ARG D 227 -17.23 -38.50 9.38
N ILE D 228 -16.47 -38.57 10.47
CA ILE D 228 -15.45 -39.59 10.60
C ILE D 228 -16.16 -40.88 10.97
N CYS D 229 -16.98 -40.81 12.02
CA CYS D 229 -17.58 -42.04 12.54
C CYS D 229 -18.76 -42.50 11.71
N ARG D 230 -19.27 -41.67 10.81
CA ARG D 230 -20.13 -42.18 9.75
C ARG D 230 -19.34 -43.06 8.80
N ALA D 231 -18.10 -42.68 8.50
CA ALA D 231 -17.28 -43.44 7.59
C ALA D 231 -16.65 -44.66 8.25
N LEU D 232 -16.65 -44.73 9.57
CA LEU D 232 -16.13 -45.89 10.27
C LEU D 232 -17.20 -46.92 10.59
N ASN D 233 -18.42 -46.47 10.87
CA ASN D 233 -19.50 -47.41 11.14
C ASN D 233 -20.02 -48.04 9.87
N ASP D 234 -19.87 -47.37 8.73
CA ASP D 234 -20.22 -47.99 7.47
C ASP D 234 -19.27 -49.11 7.10
N MET D 235 -18.06 -49.08 7.65
CA MET D 235 -17.01 -50.06 7.37
C MET D 235 -16.95 -51.16 8.42
N ASN D 236 -17.94 -51.21 9.32
CA ASN D 236 -17.98 -52.10 10.49
C ASN D 236 -16.76 -51.96 11.39
N ILE D 237 -16.19 -50.76 11.49
CA ILE D 237 -15.27 -50.42 12.57
C ILE D 237 -16.10 -49.62 13.55
N ASN D 238 -16.78 -50.31 14.46
CA ASN D 238 -17.81 -49.68 15.28
C ASN D 238 -17.19 -48.83 16.37
N VAL D 239 -17.75 -47.64 16.57
CA VAL D 239 -17.24 -46.67 17.55
C VAL D 239 -18.03 -46.58 18.86
N GLN D 240 -17.37 -46.92 19.96
CA GLN D 240 -17.96 -46.89 21.30
C GLN D 240 -18.31 -45.52 21.92
N ARG D 241 -17.43 -44.53 21.78
CA ARG D 241 -17.65 -43.21 22.38
C ARG D 241 -16.85 -42.08 21.72
N TYR D 242 -17.21 -40.83 22.02
CA TYR D 242 -16.52 -39.69 21.44
C TYR D 242 -16.57 -38.57 22.46
N HIS D 243 -15.47 -37.86 22.62
CA HIS D 243 -15.49 -36.59 23.33
C HIS D 243 -14.32 -35.72 22.87
N HIS D 244 -14.35 -34.47 23.30
CA HIS D 244 -13.22 -33.56 23.33
C HIS D 244 -12.29 -34.00 24.46
N GLU D 245 -11.09 -33.46 24.55
CA GLU D 245 -10.23 -33.88 25.65
C GLU D 245 -9.51 -32.71 26.30
N VAL D 246 -8.62 -33.02 27.25
CA VAL D 246 -8.07 -32.00 28.16
C VAL D 246 -6.91 -31.38 27.42
N SER D 247 -7.25 -30.53 26.45
CA SER D 247 -6.35 -29.69 25.66
C SER D 247 -7.26 -28.94 24.71
N THR D 248 -6.73 -27.89 24.14
CA THR D 248 -7.45 -27.14 23.13
C THR D 248 -7.25 -27.85 21.80
N SER D 249 -8.36 -28.27 21.19
CA SER D 249 -8.41 -29.05 19.95
C SER D 249 -7.65 -30.37 20.09
N GLN D 250 -8.10 -31.19 21.04
CA GLN D 250 -7.66 -32.58 21.15
C GLN D 250 -8.87 -33.46 21.38
N HIS D 251 -9.06 -34.44 20.51
CA HIS D 251 -10.27 -35.23 20.48
C HIS D 251 -9.95 -36.68 20.85
N GLU D 252 -10.94 -37.55 20.70
CA GLU D 252 -10.83 -38.92 21.20
C GLU D 252 -11.82 -39.81 20.47
N ILE D 253 -11.36 -40.97 20.00
CA ILE D 253 -12.24 -42.01 19.47
C ILE D 253 -11.92 -43.30 20.20
N SER D 254 -12.93 -43.93 20.78
CA SER D 254 -12.76 -45.24 21.38
C SER D 254 -13.55 -46.27 20.60
N LEU D 255 -12.87 -47.30 20.12
CA LEU D 255 -13.46 -48.26 19.21
C LEU D 255 -13.91 -49.50 19.94
N LYS D 256 -14.62 -50.36 19.20
CA LYS D 256 -15.08 -51.64 19.67
C LYS D 256 -13.88 -52.59 19.83
N TYR D 257 -14.08 -53.67 20.59
CA TYR D 257 -13.03 -54.66 20.78
C TYR D 257 -12.98 -55.60 19.59
N PHE D 258 -11.78 -55.91 19.13
CA PHE D 258 -11.61 -56.74 17.95
C PHE D 258 -10.53 -57.77 18.21
N ASP D 259 -10.42 -58.72 17.30
CA ASP D 259 -9.30 -59.65 17.28
C ASP D 259 -8.01 -58.89 17.06
N ALA D 260 -6.91 -59.42 17.61
CA ALA D 260 -5.66 -58.66 17.66
C ALA D 260 -5.05 -58.47 16.27
N LEU D 261 -5.34 -59.35 15.33
CA LEU D 261 -4.85 -59.13 13.97
C LEU D 261 -5.71 -58.12 13.23
N THR D 262 -7.01 -58.10 13.48
CA THR D 262 -7.86 -57.13 12.82
C THR D 262 -7.92 -55.81 13.56
N ASN D 263 -7.41 -55.75 14.78
CA ASN D 263 -7.28 -54.47 15.46
C ASN D 263 -6.21 -53.61 14.83
N ALA D 264 -5.02 -54.17 14.66
CA ALA D 264 -3.93 -53.41 14.09
C ALA D 264 -4.17 -53.10 12.63
N ASP D 265 -4.95 -53.92 11.94
CA ASP D 265 -5.42 -53.54 10.61
C ASP D 265 -6.38 -52.37 10.67
N PHE D 266 -7.25 -52.33 11.67
CA PHE D 266 -8.23 -51.26 11.74
C PHE D 266 -7.62 -49.98 12.28
N LEU D 267 -6.46 -50.05 12.91
CA LEU D 267 -5.82 -48.83 13.37
C LEU D 267 -5.17 -48.06 12.24
N LEU D 268 -4.58 -48.75 11.26
CA LEU D 268 -4.04 -48.05 10.10
C LEU D 268 -5.14 -47.43 9.27
N ILE D 269 -6.26 -48.13 9.12
CA ILE D 269 -7.36 -47.61 8.33
C ILE D 269 -8.03 -46.45 9.02
N THR D 270 -8.07 -46.46 10.36
CA THR D 270 -8.65 -45.35 11.09
C THR D 270 -7.81 -44.10 11.00
N LYS D 271 -6.50 -44.22 11.18
CA LYS D 271 -5.61 -43.07 11.12
C LYS D 271 -5.57 -42.43 9.75
N GLN D 272 -5.77 -43.19 8.68
CA GLN D 272 -5.80 -42.59 7.36
C GLN D 272 -7.16 -41.98 7.07
N ILE D 273 -8.22 -42.55 7.63
CA ILE D 273 -9.55 -41.98 7.43
C ILE D 273 -9.71 -40.70 8.23
N ILE D 274 -9.11 -40.66 9.41
CA ILE D 274 -9.08 -39.44 10.21
C ILE D 274 -8.26 -38.36 9.51
N LYS D 275 -7.14 -38.73 8.92
CA LYS D 275 -6.30 -37.76 8.24
C LYS D 275 -6.94 -37.21 6.97
N THR D 276 -7.64 -38.03 6.21
CA THR D 276 -8.22 -37.56 4.95
C THR D 276 -9.52 -36.80 5.14
N THR D 277 -10.35 -37.21 6.10
CA THR D 277 -11.61 -36.50 6.29
C THR D 277 -11.39 -35.16 6.97
N VAL D 278 -10.32 -35.03 7.75
CA VAL D 278 -9.97 -33.74 8.31
C VAL D 278 -9.41 -32.83 7.23
N SER D 279 -8.55 -33.36 6.36
CA SER D 279 -7.93 -32.55 5.33
C SER D 279 -8.88 -32.18 4.21
N SER D 280 -10.04 -32.80 4.12
CA SER D 280 -11.05 -32.34 3.17
C SER D 280 -11.84 -31.18 3.74
N PHE D 281 -11.66 -30.87 5.02
CA PHE D 281 -12.18 -29.67 5.64
C PHE D 281 -11.13 -28.57 5.71
N ASN D 282 -10.02 -28.75 4.99
CA ASN D 282 -8.86 -27.85 4.99
C ASN D 282 -8.28 -27.66 6.39
N ARG D 283 -8.06 -28.76 7.11
CA ARG D 283 -7.35 -28.74 8.37
C ARG D 283 -6.33 -29.86 8.37
N THR D 284 -5.54 -29.94 9.43
CA THR D 284 -4.60 -31.03 9.62
C THR D 284 -4.96 -31.81 10.86
N ALA D 285 -4.61 -33.09 10.90
CA ALA D 285 -4.82 -33.92 12.08
C ALA D 285 -3.52 -34.64 12.37
N THR D 286 -3.11 -34.65 13.63
CA THR D 286 -1.84 -35.26 13.99
C THR D 286 -2.01 -36.30 15.08
N PHE D 287 -1.03 -37.19 15.15
CA PHE D 287 -0.96 -38.23 16.16
C PHE D 287 0.38 -38.22 16.88
N MET D 288 1.04 -37.06 16.89
CA MET D 288 2.28 -36.91 17.64
C MET D 288 2.01 -37.09 19.12
N PRO D 289 2.93 -37.71 19.86
CA PRO D 289 2.95 -37.51 21.30
C PRO D 289 3.63 -36.19 21.61
N LYS D 290 2.93 -35.35 22.36
CA LYS D 290 3.35 -34.00 22.70
C LYS D 290 3.73 -33.10 21.51
N PRO D 291 2.75 -32.60 20.77
CA PRO D 291 2.87 -31.24 20.26
C PRO D 291 2.46 -30.30 21.37
N LEU D 292 2.89 -29.04 21.28
CA LEU D 292 2.46 -27.97 22.19
C LEU D 292 2.82 -28.25 23.64
N VAL D 293 4.05 -27.88 24.01
CA VAL D 293 4.70 -28.02 25.31
C VAL D 293 3.78 -27.88 26.52
N ASN D 294 2.92 -26.86 26.52
CA ASN D 294 2.07 -26.63 27.67
C ASN D 294 0.70 -27.30 27.57
N ASP D 295 0.55 -28.36 26.79
CA ASP D 295 -0.70 -29.11 26.77
C ASP D 295 -0.45 -30.61 26.87
N ASN D 296 -1.52 -31.40 26.81
CA ASN D 296 -1.38 -32.84 26.99
C ASN D 296 -0.84 -33.50 25.73
N GLY D 297 -0.59 -34.81 25.85
CA GLY D 297 -0.11 -35.60 24.75
C GLY D 297 -1.19 -36.49 24.18
N ASN D 298 -0.76 -37.41 23.31
CA ASN D 298 -1.65 -38.36 22.67
C ASN D 298 -1.19 -39.78 23.01
N GLY D 299 -2.09 -40.58 23.57
CA GLY D 299 -1.73 -41.91 24.00
C GLY D 299 -2.51 -42.96 23.25
N LEU D 300 -2.22 -44.22 23.61
CA LEU D 300 -3.04 -45.35 23.22
C LEU D 300 -3.32 -46.16 24.48
N HIS D 301 -4.57 -46.20 24.89
CA HIS D 301 -4.98 -47.11 25.94
C HIS D 301 -5.34 -48.44 25.27
N CYS D 302 -4.57 -49.49 25.58
CA CYS D 302 -4.78 -50.81 25.00
C CYS D 302 -5.49 -51.68 26.03
N ASN D 303 -6.80 -51.81 25.91
CA ASN D 303 -7.54 -52.70 26.77
C ASN D 303 -7.42 -54.14 26.27
N ILE D 304 -6.71 -54.98 27.01
CA ILE D 304 -6.37 -56.32 26.56
C ILE D 304 -7.11 -57.33 27.40
N SER D 305 -7.54 -58.43 26.77
CA SER D 305 -8.15 -59.57 27.47
C SER D 305 -7.96 -60.80 26.60
N LEU D 306 -7.82 -61.96 27.24
CA LEU D 306 -7.61 -63.21 26.52
C LEU D 306 -8.81 -64.12 26.68
N TRP D 307 -9.01 -65.00 25.70
CA TRP D 307 -10.21 -65.83 25.65
C TRP D 307 -9.85 -67.27 25.31
N LYS D 308 -10.55 -68.21 25.92
CA LYS D 308 -10.41 -69.63 25.63
C LYS D 308 -11.80 -70.26 25.67
N ASN D 309 -12.24 -70.77 24.51
CA ASN D 309 -13.55 -71.43 24.35
C ASN D 309 -14.70 -70.54 24.78
N ASN D 310 -14.64 -69.28 24.33
CA ASN D 310 -15.58 -68.20 24.69
C ASN D 310 -15.65 -68.00 26.20
N LYS D 311 -14.53 -68.18 26.89
CA LYS D 311 -14.43 -67.91 28.32
C LYS D 311 -13.17 -67.10 28.59
N ASN D 312 -13.28 -66.15 29.51
CA ASN D 312 -12.15 -65.31 29.88
C ASN D 312 -11.11 -66.11 30.62
N ILE D 313 -9.86 -65.93 30.20
CA ILE D 313 -8.71 -66.49 30.89
C ILE D 313 -8.64 -65.73 32.21
N PHE D 314 -8.92 -64.42 32.13
CA PHE D 314 -8.90 -63.52 33.28
C PHE D 314 -10.23 -63.57 34.04
N TYR D 315 -10.52 -64.67 34.74
CA TYR D 315 -11.75 -64.78 35.52
C TYR D 315 -11.75 -66.13 36.22
N HIS D 316 -12.00 -66.14 37.53
CA HIS D 316 -11.97 -67.37 38.29
C HIS D 316 -13.25 -67.63 39.10
N ASN D 317 -14.18 -66.66 39.12
CA ASN D 317 -15.52 -66.81 39.73
C ASN D 317 -15.40 -67.13 41.22
N ASP D 318 -14.70 -66.15 41.86
CA ASP D 318 -14.35 -65.93 43.28
C ASP D 318 -13.94 -64.41 43.51
N PRO D 319 -13.90 -64.00 44.79
CA PRO D 319 -13.61 -62.75 45.46
C PRO D 319 -12.37 -62.88 46.34
N SER D 320 -11.81 -61.72 46.69
CA SER D 320 -10.60 -61.38 47.51
C SER D 320 -9.39 -61.18 46.59
N THR D 321 -9.52 -61.68 45.38
CA THR D 321 -8.58 -61.48 44.29
C THR D 321 -9.33 -60.73 43.16
N PHE D 322 -10.48 -60.18 43.52
CA PHE D 322 -11.32 -59.45 42.58
C PHE D 322 -11.78 -60.34 41.43
N PHE D 323 -12.05 -61.62 41.69
CA PHE D 323 -12.51 -62.50 40.61
C PHE D 323 -11.44 -62.80 39.57
N LEU D 324 -10.17 -62.54 39.90
CA LEU D 324 -9.06 -62.78 38.98
C LEU D 324 -8.43 -64.12 39.31
N SER D 325 -7.62 -64.57 38.38
CA SER D 325 -6.88 -65.81 38.48
C SER D 325 -5.42 -65.42 38.41
N LYS D 326 -4.58 -66.30 38.93
CA LYS D 326 -3.16 -66.03 38.93
C LYS D 326 -2.71 -65.92 37.49
N GLU D 327 -3.50 -66.48 36.57
CA GLU D 327 -3.08 -66.48 35.18
C GLU D 327 -3.17 -65.09 34.60
N SER D 328 -3.76 -64.14 35.31
CA SER D 328 -3.88 -62.74 34.93
C SER D 328 -2.74 -61.89 35.45
N PHE D 329 -2.40 -62.03 36.73
CA PHE D 329 -1.26 -61.33 37.28
C PHE D 329 0.06 -61.81 36.68
N TYR D 330 0.09 -63.05 36.20
CA TYR D 330 1.24 -63.50 35.43
C TYR D 330 1.37 -62.73 34.12
N PHE D 331 0.25 -62.33 33.53
CA PHE D 331 0.30 -61.56 32.30
C PHE D 331 0.66 -60.11 32.55
N MET D 332 0.28 -59.58 33.72
CA MET D 332 0.64 -58.20 34.03
C MET D 332 2.11 -58.07 34.36
N TYR D 333 2.61 -58.95 35.23
CA TYR D 333 4.01 -58.90 35.62
C TYR D 333 4.94 -59.27 34.49
N GLY D 334 4.46 -59.98 33.47
CA GLY D 334 5.27 -60.19 32.29
C GLY D 334 5.50 -58.91 31.51
N ILE D 335 4.59 -57.96 31.62
CA ILE D 335 4.76 -56.66 31.00
C ILE D 335 5.65 -55.77 31.84
N VAL D 336 5.43 -55.77 33.16
CA VAL D 336 6.16 -54.86 34.05
C VAL D 336 7.62 -55.29 34.17
N LYS D 337 7.91 -56.57 34.01
CA LYS D 337 9.30 -57.00 33.99
C LYS D 337 10.03 -56.52 32.75
N HIS D 338 9.35 -56.54 31.59
CA HIS D 338 9.97 -56.23 30.32
C HIS D 338 9.55 -54.88 29.77
N ALA D 339 9.19 -53.93 30.64
CA ALA D 339 8.57 -52.71 30.15
C ALA D 339 9.58 -51.73 29.57
N LYS D 340 10.84 -51.78 30.01
CA LYS D 340 11.83 -50.91 29.39
C LYS D 340 12.27 -51.45 28.04
N ALA D 341 12.06 -52.74 27.78
CA ALA D 341 12.31 -53.26 26.45
C ALA D 341 11.14 -53.00 25.52
N LEU D 342 9.93 -52.94 26.05
CA LEU D 342 8.77 -52.61 25.22
C LEU D 342 8.74 -51.15 24.82
N GLN D 343 9.41 -50.28 25.58
CA GLN D 343 9.40 -48.85 25.29
C GLN D 343 10.18 -48.51 24.03
N ALA D 344 11.05 -49.41 23.61
CA ALA D 344 11.78 -49.22 22.37
C ALA D 344 10.77 -49.26 21.24
N PHE D 345 9.83 -50.19 21.32
CA PHE D 345 8.78 -50.35 20.31
C PHE D 345 7.53 -49.52 20.54
N CYS D 346 7.01 -49.54 21.76
CA CYS D 346 5.79 -48.80 22.10
C CYS D 346 5.89 -47.28 21.98
N ASN D 347 6.92 -46.67 22.55
CA ASN D 347 7.14 -45.26 22.26
C ASN D 347 8.59 -45.17 21.83
N ALA D 348 8.81 -45.01 20.54
CA ALA D 348 10.16 -44.96 20.03
C ALA D 348 10.33 -43.76 19.15
N THR D 349 10.26 -42.61 19.78
CA THR D 349 10.43 -41.33 19.15
C THR D 349 11.03 -40.41 20.19
N MET D 350 11.67 -39.37 19.74
CA MET D 350 12.25 -38.40 20.67
C MET D 350 11.18 -37.47 21.23
N ASN D 351 10.02 -37.41 20.59
CA ASN D 351 8.88 -36.68 21.13
C ASN D 351 8.25 -37.37 22.31
N SER D 352 8.27 -38.68 22.35
CA SER D 352 7.46 -39.39 23.33
C SER D 352 8.00 -39.25 24.72
N TYR D 353 9.29 -38.99 24.86
CA TYR D 353 9.86 -38.77 26.17
C TYR D 353 9.76 -37.32 26.61
N LYS D 354 9.12 -36.48 25.81
CA LYS D 354 8.58 -35.22 26.28
C LYS D 354 7.16 -35.39 26.80
N ARG D 355 6.66 -36.61 26.78
CA ARG D 355 5.33 -36.88 27.32
C ARG D 355 5.42 -37.40 28.77
N LEU D 356 6.62 -37.76 29.21
CA LEU D 356 6.81 -38.28 30.57
C LEU D 356 7.51 -37.38 31.60
N VAL D 357 8.27 -36.40 31.11
CA VAL D 357 8.98 -35.47 31.99
C VAL D 357 8.14 -34.80 33.09
N PRO D 358 7.03 -34.13 32.75
CA PRO D 358 6.33 -33.40 33.80
C PRO D 358 5.81 -34.25 34.94
N GLY D 359 5.23 -35.40 34.62
CA GLY D 359 4.67 -36.29 35.62
C GLY D 359 3.23 -35.99 35.98
N PHE D 360 2.68 -34.90 35.44
CA PHE D 360 1.29 -34.60 35.75
C PHE D 360 0.46 -35.48 34.84
N GLU D 361 -0.40 -36.30 35.46
CA GLU D 361 -1.26 -37.25 34.76
C GLU D 361 -0.35 -38.09 33.87
N THR D 362 0.80 -38.45 34.41
CA THR D 362 1.80 -39.21 33.67
C THR D 362 2.25 -40.40 34.50
N CYS D 363 2.79 -41.40 33.81
CA CYS D 363 3.28 -42.60 34.47
C CYS D 363 4.69 -42.34 34.97
N GLN D 364 4.87 -42.34 36.29
CA GLN D 364 6.21 -42.27 36.85
C GLN D 364 6.77 -43.63 37.23
N LYS D 365 5.92 -44.52 37.72
CA LYS D 365 6.38 -45.75 38.33
C LYS D 365 5.83 -46.93 37.56
N LEU D 366 6.46 -48.08 37.76
CA LEU D 366 6.20 -49.29 36.96
C LEU D 366 5.52 -50.31 37.83
N PHE D 367 4.19 -50.19 37.97
CA PHE D 367 3.39 -51.12 38.74
C PHE D 367 1.98 -51.06 38.19
N TYR D 368 1.09 -51.88 38.76
CA TYR D 368 -0.32 -51.87 38.36
C TYR D 368 -1.21 -51.52 39.55
N SER D 369 -2.05 -50.51 39.38
CA SER D 369 -2.95 -50.07 40.46
C SER D 369 -4.37 -49.73 39.99
N PHE D 370 -5.34 -49.94 40.88
CA PHE D 370 -6.75 -49.67 40.58
C PHE D 370 -7.07 -48.19 40.33
N GLY D 371 -6.49 -47.31 41.13
CA GLY D 371 -6.73 -45.89 41.00
C GLY D 371 -5.54 -44.98 41.21
N SER D 372 -4.33 -45.44 40.90
CA SER D 372 -3.15 -44.60 41.00
C SER D 372 -2.87 -44.00 39.63
N ARG D 373 -2.75 -42.67 39.58
CA ARG D 373 -2.55 -41.99 38.32
C ARG D 373 -1.17 -42.25 37.74
N SER D 374 -0.17 -42.55 38.58
CA SER D 374 1.18 -42.80 38.13
C SER D 374 1.45 -44.27 37.88
N ALA D 375 0.43 -45.05 37.59
CA ALA D 375 0.61 -46.46 37.28
C ALA D 375 0.59 -46.66 35.78
N VAL D 376 1.31 -47.69 35.33
CA VAL D 376 1.38 -47.98 33.91
C VAL D 376 0.17 -48.79 33.47
N ILE D 377 -0.17 -49.81 34.25
CA ILE D 377 -1.33 -50.65 33.99
C ILE D 377 -2.40 -50.33 35.02
N ARG D 378 -3.63 -50.09 34.57
CA ARG D 378 -4.72 -49.80 35.49
C ARG D 378 -5.84 -50.82 35.31
N LEU D 379 -6.23 -51.45 36.40
CA LEU D 379 -7.30 -52.44 36.36
C LEU D 379 -8.66 -51.78 36.60
N SER D 380 -9.69 -52.41 36.05
CA SER D 380 -11.01 -51.81 35.97
C SER D 380 -11.82 -52.21 37.19
N LEU D 381 -12.38 -51.22 37.88
CA LEU D 381 -13.27 -51.46 39.00
C LEU D 381 -14.75 -51.30 38.63
N ILE D 382 -15.04 -50.88 37.40
CA ILE D 382 -16.41 -50.94 36.89
C ILE D 382 -16.79 -52.38 36.55
N ASN D 383 -17.92 -52.83 37.10
CA ASN D 383 -18.52 -54.15 36.87
C ASN D 383 -17.50 -55.28 37.13
N TYR D 384 -17.01 -55.32 38.36
CA TYR D 384 -16.05 -56.34 38.74
C TYR D 384 -16.66 -57.74 38.75
N SER D 385 -17.99 -57.84 38.88
CA SER D 385 -18.64 -59.15 38.90
C SER D 385 -18.87 -59.70 37.50
N ASN D 386 -18.80 -58.86 36.48
CA ASN D 386 -19.11 -59.31 35.13
C ASN D 386 -17.87 -59.91 34.49
N PRO D 387 -17.97 -61.10 33.89
CA PRO D 387 -16.77 -61.74 33.33
C PRO D 387 -16.32 -61.16 32.00
N SER D 388 -17.26 -60.72 31.18
CA SER D 388 -16.97 -60.11 29.89
C SER D 388 -16.22 -58.80 30.11
N GLU D 389 -16.65 -58.04 31.11
CA GLU D 389 -16.03 -56.76 31.42
C GLU D 389 -14.81 -56.88 32.32
N LYS D 390 -13.77 -57.54 31.83
CA LYS D 390 -12.51 -57.70 32.54
C LYS D 390 -11.44 -57.30 31.54
N ARG D 391 -10.47 -56.49 31.95
CA ARG D 391 -9.46 -56.10 31.00
C ARG D 391 -8.22 -55.60 31.73
N ILE D 392 -7.21 -55.28 30.93
CA ILE D 392 -5.94 -54.76 31.41
C ILE D 392 -5.61 -53.55 30.55
N GLU D 393 -5.53 -52.37 31.16
CA GLU D 393 -5.34 -51.13 30.42
C GLU D 393 -3.89 -50.71 30.49
N PHE D 394 -3.14 -51.01 29.44
CA PHE D 394 -1.75 -50.62 29.30
C PHE D 394 -1.72 -49.19 28.78
N ARG D 395 -1.12 -48.25 29.51
CA ARG D 395 -1.12 -46.85 29.05
C ARG D 395 0.15 -46.23 28.47
N LEU D 396 1.23 -46.99 28.36
CA LEU D 396 2.50 -46.48 27.84
C LEU D 396 2.63 -46.06 26.36
N PRO D 397 2.06 -46.83 25.44
CA PRO D 397 2.19 -46.67 23.98
C PRO D 397 1.65 -45.39 23.32
N ASP D 398 2.17 -45.10 22.12
CA ASP D 398 1.79 -43.97 21.26
C ASP D 398 1.32 -44.52 19.95
N CYS D 399 0.64 -43.67 19.21
CA CYS D 399 0.18 -44.03 17.90
C CYS D 399 1.32 -43.77 16.92
N ALA D 400 2.46 -43.24 17.39
CA ALA D 400 3.50 -42.98 16.40
C ALA D 400 4.05 -44.24 15.78
N ASN D 401 4.25 -45.30 16.56
CA ASN D 401 4.89 -46.49 16.03
C ASN D 401 3.88 -47.33 15.26
N SER D 402 4.40 -48.39 14.62
CA SER D 402 3.53 -49.26 13.85
C SER D 402 2.74 -50.16 14.79
N PRO D 403 1.41 -50.25 14.61
CA PRO D 403 0.59 -50.98 15.58
C PRO D 403 0.74 -52.49 15.54
N HIS D 404 1.33 -53.04 14.48
CA HIS D 404 1.58 -54.47 14.46
C HIS D 404 2.81 -54.83 15.27
N LEU D 405 3.82 -53.98 15.28
CA LEU D 405 5.00 -54.25 16.08
C LEU D 405 4.76 -54.05 17.56
N VAL D 406 3.90 -53.10 17.92
CA VAL D 406 3.64 -52.85 19.33
C VAL D 406 2.80 -53.96 19.93
N MET D 407 1.73 -54.36 19.25
CA MET D 407 0.82 -55.35 19.82
C MET D 407 1.40 -56.75 19.76
N ALA D 408 2.41 -56.97 18.94
CA ALA D 408 3.09 -58.25 18.97
C ALA D 408 4.11 -58.32 20.07
N ALA D 409 4.71 -57.19 20.44
CA ALA D 409 5.68 -57.20 21.51
C ALA D 409 5.01 -57.31 22.88
N ILE D 410 3.79 -56.81 23.00
CA ILE D 410 3.07 -56.90 24.27
C ILE D 410 2.63 -58.33 24.53
N ILE D 411 2.15 -59.03 23.51
CA ILE D 411 1.72 -60.41 23.65
C ILE D 411 2.92 -61.31 23.93
N LEU D 412 4.04 -61.08 23.23
CA LEU D 412 5.21 -61.89 23.45
C LEU D 412 5.88 -61.60 24.79
N ALA D 413 5.67 -60.41 25.33
CA ALA D 413 6.14 -60.15 26.69
C ALA D 413 5.19 -60.73 27.72
N GLY D 414 3.89 -60.61 27.48
CA GLY D 414 2.93 -61.13 28.42
C GLY D 414 2.84 -62.64 28.39
N TYR D 415 3.20 -63.26 27.26
CA TYR D 415 3.23 -64.71 27.24
C TYR D 415 4.41 -65.26 28.00
N ASP D 416 5.50 -64.52 28.06
CA ASP D 416 6.64 -64.95 28.86
C ASP D 416 6.41 -64.72 30.34
N GLY D 417 5.31 -64.09 30.73
CA GLY D 417 4.98 -64.02 32.13
C GLY D 417 4.18 -65.19 32.63
N ILE D 418 3.59 -65.98 31.73
CA ILE D 418 2.82 -67.14 32.14
C ILE D 418 3.68 -68.39 32.17
N LYS D 419 4.54 -68.57 31.17
CA LYS D 419 5.41 -69.74 31.15
C LYS D 419 6.50 -69.67 32.22
N SER D 420 6.90 -68.46 32.63
CA SER D 420 8.00 -68.34 33.57
C SER D 420 7.61 -68.65 35.00
N LYS D 421 6.34 -68.43 35.35
CA LYS D 421 5.77 -68.71 36.68
C LYS D 421 6.47 -67.94 37.80
N GLU D 422 7.00 -66.76 37.53
CA GLU D 422 7.57 -65.95 38.60
C GLU D 422 6.49 -65.24 39.38
N GLN D 423 6.87 -64.67 40.52
CA GLN D 423 5.85 -64.05 41.35
C GLN D 423 5.48 -62.68 40.82
N PRO D 424 4.19 -62.36 40.75
CA PRO D 424 3.76 -61.00 40.44
C PRO D 424 4.02 -60.06 41.61
N LEU D 425 3.82 -58.77 41.34
CA LEU D 425 4.05 -57.71 42.30
C LEU D 425 2.75 -57.31 42.98
N VAL D 426 2.86 -56.64 44.12
CA VAL D 426 1.71 -56.15 44.88
C VAL D 426 1.07 -55.00 44.09
N PRO D 427 -0.26 -54.87 44.11
CA PRO D 427 -0.92 -53.75 43.41
C PRO D 427 -0.55 -52.33 43.83
N PHE D 428 -0.26 -52.07 45.12
CA PHE D 428 0.45 -50.87 45.58
C PHE D 428 -0.30 -49.56 45.28
N GLU D 429 -1.51 -49.44 45.79
CA GLU D 429 -2.27 -48.21 45.59
C GLU D 429 -1.79 -47.12 46.54
N SER D 430 -1.45 -45.95 46.00
CA SER D 430 -0.68 -44.96 46.75
C SER D 430 -1.42 -43.65 46.91
N LYS D 431 -1.95 -43.38 48.10
CA LYS D 431 -2.81 -42.21 48.30
C LYS D 431 -2.11 -40.90 48.02
N ASP D 432 -0.90 -40.81 48.54
CA ASP D 432 -0.05 -39.67 48.34
C ASP D 432 1.21 -40.38 47.90
N ASN D 433 2.27 -40.18 48.66
CA ASN D 433 3.50 -40.86 48.39
C ASN D 433 3.52 -42.17 49.15
N HIS D 434 2.54 -42.33 50.04
CA HIS D 434 2.44 -43.53 50.85
C HIS D 434 1.74 -44.62 50.04
N PHE D 435 2.49 -45.65 49.67
CA PHE D 435 1.93 -46.80 48.98
C PHE D 435 1.17 -47.66 49.99
N TYR D 436 -0.13 -47.78 49.81
CA TYR D 436 -0.94 -48.67 50.63
C TYR D 436 -1.09 -50.01 49.94
N ILE D 437 -1.70 -50.95 50.66
CA ILE D 437 -2.04 -52.28 50.15
C ILE D 437 -3.50 -52.52 50.52
N SER D 438 -4.28 -53.03 49.56
CA SER D 438 -5.71 -53.23 49.77
C SER D 438 -5.99 -54.25 50.87
N SER D 439 -7.24 -54.22 51.36
CA SER D 439 -7.65 -55.17 52.38
C SER D 439 -7.67 -56.60 51.84
N ILE D 440 -7.96 -56.75 50.55
CA ILE D 440 -7.98 -58.07 49.94
C ILE D 440 -6.56 -58.59 49.74
N PHE D 441 -5.59 -57.70 49.59
CA PHE D 441 -4.20 -58.13 49.48
C PHE D 441 -3.45 -58.03 50.80
N SER D 442 -4.07 -57.49 51.84
CA SER D 442 -3.43 -57.57 53.15
C SER D 442 -3.44 -59.01 53.66
N LYS D 443 -4.46 -59.78 53.32
CA LYS D 443 -4.53 -61.11 53.92
C LYS D 443 -3.66 -62.19 53.26
N TYR D 444 -2.57 -62.49 53.97
CA TYR D 444 -1.64 -63.56 53.62
C TYR D 444 -1.02 -63.60 52.22
N VAL D 445 -0.56 -62.49 51.64
CA VAL D 445 0.03 -62.70 50.32
C VAL D 445 1.53 -62.52 50.31
N GLN D 446 2.12 -61.94 51.34
CA GLN D 446 3.57 -61.78 51.45
C GLN D 446 3.98 -62.27 52.85
N HIS D 447 4.67 -63.41 52.89
CA HIS D 447 5.24 -63.85 54.17
C HIS D 447 6.45 -63.00 54.58
N PRO D 448 7.51 -62.84 53.78
CA PRO D 448 8.64 -62.06 54.27
C PRO D 448 8.57 -60.59 53.81
N GLU D 449 9.46 -59.79 54.40
CA GLU D 449 9.55 -58.34 54.16
C GLU D 449 8.21 -57.63 54.41
N ASN D 450 7.77 -57.68 55.67
CA ASN D 450 6.58 -56.95 56.10
C ASN D 450 6.98 -55.52 56.45
N PHE D 451 7.00 -54.66 55.43
CA PHE D 451 7.43 -53.27 55.56
C PHE D 451 6.27 -52.29 55.48
N ASN D 452 5.25 -52.59 54.68
CA ASN D 452 4.08 -51.74 54.55
C ASN D 452 3.03 -51.99 55.62
N ILE D 453 3.40 -52.58 56.75
CA ILE D 453 2.44 -52.91 57.81
C ILE D 453 1.92 -51.65 58.47
N LEU D 454 2.68 -50.56 58.43
CA LEU D 454 2.18 -49.27 58.89
C LEU D 454 1.16 -48.70 57.91
N THR D 455 1.29 -49.03 56.63
CA THR D 455 0.37 -48.52 55.60
C THR D 455 -0.59 -49.62 55.15
N HIS D 456 -1.69 -49.77 55.91
CA HIS D 456 -2.78 -50.68 55.55
C HIS D 456 -4.16 -50.07 55.79
N ALA D 457 -4.26 -48.74 55.85
CA ALA D 457 -5.53 -48.09 56.18
C ALA D 457 -6.41 -48.09 54.94
N LEU D 458 -7.18 -49.16 54.75
CA LEU D 458 -8.06 -49.31 53.59
C LEU D 458 -9.29 -50.11 54.00
N GLU D 459 -10.40 -49.81 53.31
CA GLU D 459 -11.67 -50.50 53.49
C GLU D 459 -12.24 -51.05 52.19
N GLY D 460 -11.82 -50.54 51.04
CA GLY D 460 -12.16 -51.11 49.74
C GLY D 460 -13.63 -50.92 49.37
N TYR D 461 -14.12 -51.86 48.57
CA TYR D 461 -15.53 -52.01 48.27
C TYR D 461 -16.21 -52.71 49.46
N GLU D 462 -17.53 -52.85 49.39
CA GLU D 462 -18.24 -53.35 50.57
C GLU D 462 -18.11 -54.87 50.62
N SER D 463 -17.61 -55.37 51.74
CA SER D 463 -17.38 -56.79 51.96
C SER D 463 -17.34 -57.02 53.46
N LEU D 464 -18.22 -57.89 53.96
CA LEU D 464 -18.24 -58.24 55.37
C LEU D 464 -18.22 -59.75 55.49
N HIS D 465 -17.50 -60.23 56.51
CA HIS D 465 -17.23 -61.65 56.78
C HIS D 465 -16.59 -62.33 55.57
N THR D 466 -15.41 -61.83 55.20
CA THR D 466 -14.73 -62.27 54.00
C THR D 466 -14.12 -63.66 54.18
N ILE D 467 -13.88 -64.32 53.06
CA ILE D 467 -13.34 -65.67 53.02
C ILE D 467 -11.95 -65.62 52.40
N ASN D 468 -10.97 -66.20 53.09
CA ASN D 468 -9.59 -66.28 52.59
C ASN D 468 -9.39 -67.62 51.88
N GLU D 469 -9.25 -67.56 50.56
CA GLU D 469 -8.99 -68.76 49.78
C GLU D 469 -7.55 -69.20 49.98
N SER D 470 -7.36 -70.46 50.37
CA SER D 470 -6.05 -70.96 50.74
C SER D 470 -5.05 -71.13 49.59
N PRO D 471 -5.38 -71.77 48.45
CA PRO D 471 -4.32 -71.97 47.45
C PRO D 471 -3.97 -70.73 46.64
N GLU D 472 -4.86 -69.74 46.56
CA GLU D 472 -4.55 -68.52 45.83
C GLU D 472 -3.81 -67.51 46.69
N PHE D 473 -3.95 -67.62 48.00
CA PHE D 473 -3.36 -66.64 48.89
C PHE D 473 -2.00 -66.96 49.48
N LYS D 474 -1.18 -67.72 48.76
CA LYS D 474 0.09 -68.10 49.35
C LYS D 474 0.97 -66.87 49.31
N ASN D 475 2.30 -67.03 49.36
CA ASN D 475 3.16 -65.86 49.31
C ASN D 475 2.91 -65.13 47.98
N PHE D 476 2.86 -65.90 46.89
CA PHE D 476 2.52 -65.46 45.54
C PHE D 476 2.90 -64.05 45.16
N PHE D 477 2.80 -63.10 46.09
CA PHE D 477 3.19 -61.78 45.64
C PHE D 477 4.51 -61.41 46.30
N LYS D 478 5.33 -60.65 45.58
CA LYS D 478 6.58 -60.14 46.13
C LYS D 478 6.43 -58.66 46.45
N CYS D 479 6.95 -58.27 47.60
CA CYS D 479 6.95 -56.87 48.01
C CYS D 479 8.35 -56.30 47.76
N GLU D 480 8.57 -55.84 46.55
CA GLU D 480 9.74 -55.02 46.23
C GLU D 480 9.27 -53.60 45.99
N GLU D 481 10.22 -52.71 45.86
CA GLU D 481 9.90 -51.34 45.46
C GLU D 481 9.58 -51.31 43.97
N PRO D 482 8.53 -50.59 43.57
CA PRO D 482 8.22 -50.47 42.14
C PRO D 482 9.27 -49.62 41.44
N GLN D 483 9.83 -50.16 40.37
CA GLN D 483 10.90 -49.49 39.66
C GLN D 483 10.34 -48.36 38.79
N GLY D 484 11.24 -47.66 38.13
CA GLY D 484 10.87 -46.57 37.25
C GLY D 484 10.78 -47.00 35.80
N ILE D 485 10.54 -46.03 34.95
CA ILE D 485 10.44 -46.22 33.51
C ILE D 485 11.64 -45.54 32.89
N SER D 486 12.00 -45.93 31.67
CA SER D 486 13.05 -45.21 30.96
C SER D 486 12.50 -43.90 30.42
N PHE D 487 13.28 -42.83 30.56
CA PHE D 487 12.84 -41.50 30.15
C PHE D 487 13.57 -40.99 28.92
N SER D 488 14.28 -41.84 28.19
CA SER D 488 14.90 -41.45 26.94
C SER D 488 15.16 -42.69 26.10
N LEU D 489 15.40 -42.47 24.80
CA LEU D 489 15.67 -43.59 23.90
C LEU D 489 17.00 -44.26 24.15
N VAL D 490 17.98 -43.54 24.70
CA VAL D 490 19.27 -44.17 24.95
C VAL D 490 19.17 -45.12 26.15
N GLU D 491 18.17 -44.94 27.00
CA GLU D 491 17.91 -45.91 28.05
C GLU D 491 17.07 -47.07 27.55
N SER D 492 16.18 -46.84 26.60
CA SER D 492 15.26 -47.88 26.15
C SER D 492 15.91 -48.78 25.11
N LEU D 493 16.76 -48.22 24.25
CA LEU D 493 17.45 -49.06 23.28
C LEU D 493 18.52 -49.90 23.93
N ASP D 494 19.12 -49.42 25.02
CA ASP D 494 20.07 -50.27 25.74
C ASP D 494 19.36 -51.32 26.57
N ALA D 495 18.12 -51.06 26.98
CA ALA D 495 17.35 -52.11 27.64
C ALA D 495 16.89 -53.16 26.65
N LEU D 496 16.70 -52.78 25.40
CA LEU D 496 16.36 -53.77 24.38
C LEU D 496 17.56 -54.62 24.00
N GLU D 497 18.77 -54.07 24.08
CA GLU D 497 19.97 -54.83 23.73
C GLU D 497 20.28 -55.93 24.74
N LYS D 498 19.98 -55.69 26.01
CA LYS D 498 20.25 -56.67 27.05
C LYS D 498 19.01 -57.51 27.36
N ASP D 499 17.87 -57.08 26.82
CA ASP D 499 16.62 -57.78 27.06
C ASP D 499 15.83 -58.01 25.77
N HIS D 500 16.32 -58.90 24.92
CA HIS D 500 15.60 -59.22 23.69
C HIS D 500 15.33 -60.71 23.59
N ALA D 501 15.27 -61.38 24.74
CA ALA D 501 15.16 -62.83 24.77
C ALA D 501 13.73 -63.30 24.67
N PHE D 502 12.77 -62.54 25.21
CA PHE D 502 11.37 -62.94 25.13
C PHE D 502 10.79 -62.73 23.74
N LEU D 503 11.47 -61.97 22.88
CA LEU D 503 10.99 -61.72 21.53
C LEU D 503 11.51 -62.74 20.54
N THR D 504 12.61 -63.40 20.84
CA THR D 504 13.26 -64.33 19.92
C THR D 504 12.74 -65.75 20.07
N VAL D 505 11.60 -65.95 20.72
CA VAL D 505 11.04 -67.27 20.91
C VAL D 505 10.43 -67.75 19.58
N ASN D 506 10.83 -68.95 19.15
CA ASN D 506 10.45 -69.56 17.87
C ASN D 506 10.82 -68.69 16.66
N ASN D 507 11.84 -67.85 16.83
CA ASN D 507 12.41 -67.00 15.77
C ASN D 507 11.37 -66.07 15.17
N ILE D 508 10.52 -65.49 16.01
CA ILE D 508 9.51 -64.55 15.52
C ILE D 508 10.16 -63.22 15.19
N PHE D 509 10.82 -62.61 16.15
CA PHE D 509 11.72 -61.48 15.92
C PHE D 509 13.12 -62.08 15.74
N THR D 510 13.72 -61.88 14.59
CA THR D 510 15.05 -62.43 14.42
C THR D 510 16.08 -61.53 15.09
N GLU D 511 17.29 -62.05 15.22
CA GLU D 511 18.38 -61.27 15.79
C GLU D 511 18.79 -60.13 14.87
N GLU D 512 18.74 -60.34 13.57
CA GLU D 512 19.08 -59.30 12.62
C GLU D 512 18.00 -58.24 12.52
N MET D 513 16.75 -58.62 12.80
CA MET D 513 15.65 -57.67 12.86
C MET D 513 15.86 -56.63 13.95
N ILE D 514 16.33 -57.06 15.12
CA ILE D 514 16.46 -56.13 16.24
C ILE D 514 17.72 -55.29 16.09
N GLN D 515 18.79 -55.88 15.54
CA GLN D 515 20.03 -55.12 15.31
C GLN D 515 19.83 -54.04 14.26
N GLU D 516 19.07 -54.33 13.21
CA GLU D 516 18.82 -53.33 12.19
C GLU D 516 17.83 -52.28 12.65
N TYR D 517 17.05 -52.59 13.69
CA TYR D 517 16.12 -51.60 14.21
C TYR D 517 16.81 -50.64 15.16
N ILE D 518 17.71 -51.16 16.00
CA ILE D 518 18.43 -50.30 16.94
C ILE D 518 19.46 -49.45 16.20
N LYS D 519 20.02 -49.97 15.11
CA LYS D 519 20.93 -49.20 14.29
C LYS D 519 20.22 -48.06 13.57
N PHE D 520 18.93 -48.22 13.25
CA PHE D 520 18.20 -47.15 12.61
C PHE D 520 17.89 -46.03 13.59
N LYS D 521 17.46 -46.37 14.81
CA LYS D 521 17.06 -45.35 15.76
C LYS D 521 18.26 -44.59 16.29
N ARG D 522 19.43 -45.24 16.35
CA ARG D 522 20.62 -44.57 16.82
C ARG D 522 21.22 -43.64 15.77
N GLU D 523 20.78 -43.75 14.52
CA GLU D 523 21.07 -42.71 13.54
C GLU D 523 20.15 -41.50 13.72
N GLU D 524 18.93 -41.74 14.20
CA GLU D 524 17.96 -40.66 14.38
C GLU D 524 18.27 -39.81 15.61
N ILE D 525 18.86 -40.40 16.65
CA ILE D 525 19.24 -39.60 17.81
C ILE D 525 20.42 -38.73 17.48
N ASP D 526 21.37 -39.24 16.69
CA ASP D 526 22.56 -38.47 16.37
C ASP D 526 22.25 -37.31 15.44
N ALA D 527 21.31 -37.49 14.51
CA ALA D 527 20.91 -36.39 13.65
C ALA D 527 19.98 -35.41 14.35
N TYR D 528 19.44 -35.79 15.50
CA TYR D 528 18.58 -34.91 16.28
C TYR D 528 19.38 -34.00 17.19
N ASN D 529 20.53 -34.47 17.68
CA ASN D 529 21.31 -33.71 18.64
C ASN D 529 22.24 -32.70 17.98
N LYS D 530 22.44 -32.78 16.67
CA LYS D 530 23.26 -31.80 15.99
C LYS D 530 22.55 -30.48 15.82
N TYR D 531 21.22 -30.49 15.89
CA TYR D 531 20.41 -29.38 15.46
C TYR D 531 20.34 -28.32 16.56
N VAL D 532 20.79 -27.11 16.23
CA VAL D 532 20.88 -26.03 17.20
C VAL D 532 19.53 -25.35 17.31
N ASN D 533 19.01 -25.27 18.52
CA ASN D 533 17.66 -24.87 18.84
C ASN D 533 17.53 -23.36 18.93
N ALA D 534 16.32 -22.91 19.29
CA ALA D 534 16.11 -21.54 19.73
C ALA D 534 16.12 -21.41 21.24
N TYR D 535 16.07 -22.52 21.96
CA TYR D 535 16.30 -22.53 23.39
C TYR D 535 17.78 -22.49 23.73
N ASP D 536 18.63 -22.78 22.76
CA ASP D 536 20.06 -22.65 22.97
C ASP D 536 20.49 -21.19 22.99
N TYR D 537 19.83 -20.36 22.19
CA TYR D 537 20.12 -18.93 22.19
C TYR D 537 19.54 -18.23 23.39
N HIS D 538 18.43 -18.70 23.92
CA HIS D 538 17.83 -18.05 25.07
C HIS D 538 18.61 -18.31 26.34
N LEU D 539 18.95 -19.57 26.52
CA LEU D 539 19.74 -20.11 27.62
C LEU D 539 21.24 -19.84 27.70
N TYR D 540 21.93 -19.92 26.58
CA TYR D 540 23.39 -19.81 26.56
C TYR D 540 23.89 -18.78 25.61
N TYR D 541 23.76 -17.52 25.99
CA TYR D 541 24.20 -16.42 25.14
C TYR D 541 24.54 -15.21 26.00
N MET E 1 -36.04 -30.65 16.45
CA MET E 1 -35.84 -30.33 17.85
C MET E 1 -37.00 -30.77 18.71
N LYS E 2 -37.71 -31.81 18.28
CA LYS E 2 -38.86 -32.27 19.03
C LYS E 2 -38.43 -32.92 20.33
N SER E 3 -39.25 -32.78 21.35
CA SER E 3 -38.98 -33.32 22.67
C SER E 3 -39.71 -34.63 22.84
N VAL E 4 -39.08 -35.58 23.51
CA VAL E 4 -39.66 -36.89 23.75
C VAL E 4 -39.69 -37.14 25.25
N SER E 5 -40.71 -37.85 25.71
CA SER E 5 -40.88 -38.15 27.13
C SER E 5 -40.83 -39.65 27.36
N PHE E 6 -40.40 -40.03 28.56
CA PHE E 6 -40.24 -41.43 28.93
C PHE E 6 -40.68 -41.61 30.38
N SER E 7 -40.98 -42.85 30.75
CA SER E 7 -41.41 -43.16 32.10
C SER E 7 -40.46 -44.07 32.89
N ASN E 8 -39.80 -44.99 32.19
CA ASN E 8 -38.89 -45.94 32.83
C ASN E 8 -37.65 -46.10 31.99
N ASN E 9 -36.54 -46.50 32.61
CA ASN E 9 -35.31 -46.63 31.84
C ASN E 9 -35.42 -47.62 30.69
N ALA E 10 -36.42 -48.51 30.72
CA ALA E 10 -36.57 -49.47 29.65
C ALA E 10 -37.15 -48.83 28.41
N GLU E 11 -37.98 -47.79 28.56
CA GLU E 11 -38.55 -47.13 27.39
C GLU E 11 -37.52 -46.31 26.62
N LEU E 12 -36.37 -46.00 27.23
CA LEU E 12 -35.24 -45.52 26.45
C LEU E 12 -34.76 -46.58 25.49
N TYR E 13 -34.49 -47.79 26.01
CA TYR E 13 -33.82 -48.83 25.24
C TYR E 13 -34.70 -49.37 24.13
N GLU E 14 -36.02 -49.30 24.29
CA GLU E 14 -36.88 -49.66 23.18
C GLU E 14 -37.01 -48.54 22.17
N TYR E 15 -36.92 -47.28 22.61
CA TYR E 15 -37.01 -46.16 21.69
C TYR E 15 -35.72 -45.97 20.92
N ILE E 16 -34.59 -46.30 21.54
CA ILE E 16 -33.29 -46.16 20.91
C ILE E 16 -33.09 -47.21 19.82
N LYS E 17 -33.45 -48.47 20.11
CA LYS E 17 -33.19 -49.56 19.19
C LYS E 17 -34.20 -49.65 18.05
N ASP E 18 -35.28 -48.89 18.09
CA ASP E 18 -36.27 -48.96 17.03
C ASP E 18 -35.78 -48.23 15.78
N LYS E 19 -35.97 -48.86 14.63
CA LYS E 19 -35.37 -48.36 13.39
C LYS E 19 -36.16 -47.24 12.74
N LYS E 20 -37.38 -46.96 13.19
CA LYS E 20 -38.16 -45.88 12.62
C LYS E 20 -37.63 -44.51 13.01
N ASN E 21 -37.05 -44.39 14.20
CA ASN E 21 -36.69 -43.08 14.73
C ASN E 21 -35.32 -42.60 14.26
N ASP E 22 -34.50 -43.52 13.73
CA ASP E 22 -33.20 -43.22 13.13
C ASP E 22 -32.23 -42.58 14.13
N VAL E 23 -32.37 -42.93 15.40
CA VAL E 23 -31.53 -42.36 16.45
C VAL E 23 -30.16 -43.00 16.37
N GLU E 24 -29.14 -42.19 16.10
CA GLU E 24 -27.79 -42.68 15.83
C GLU E 24 -26.83 -42.49 17.00
N ILE E 25 -26.90 -41.34 17.67
CA ILE E 25 -25.99 -40.99 18.76
C ILE E 25 -26.84 -40.68 19.98
N VAL E 26 -26.37 -41.09 21.16
CA VAL E 26 -26.99 -40.72 22.42
C VAL E 26 -26.00 -39.86 23.19
N ALA E 27 -26.37 -38.62 23.47
CA ALA E 27 -25.48 -37.70 24.16
C ALA E 27 -25.92 -37.50 25.61
N CYS E 28 -24.95 -37.27 26.48
CA CYS E 28 -25.17 -37.09 27.90
C CYS E 28 -24.75 -35.68 28.27
N ILE E 29 -25.35 -35.13 29.32
CA ILE E 29 -25.13 -33.74 29.71
C ILE E 29 -24.86 -33.71 31.21
N ILE E 30 -23.71 -33.18 31.61
CA ILE E 30 -23.31 -33.11 33.02
C ILE E 30 -23.12 -31.64 33.38
N THR E 31 -23.11 -31.34 34.67
CA THR E 31 -22.99 -29.97 35.16
C THR E 31 -22.10 -29.97 36.41
N ASN E 32 -21.41 -28.86 36.63
CA ASN E 32 -20.48 -28.63 37.73
C ASN E 32 -21.16 -27.90 38.89
N LEU E 33 -20.40 -27.74 39.98
CA LEU E 33 -20.80 -26.79 41.00
C LEU E 33 -20.77 -25.37 40.47
N LEU E 34 -19.86 -25.08 39.56
CA LEU E 34 -19.90 -23.86 38.78
C LEU E 34 -20.86 -24.09 37.63
N GLY E 35 -21.18 -23.04 36.88
CA GLY E 35 -22.11 -23.29 35.81
C GLY E 35 -21.39 -23.68 34.53
N THR E 36 -21.32 -24.97 34.21
CA THR E 36 -20.67 -25.39 32.99
C THR E 36 -21.58 -26.40 32.30
N TYR E 37 -21.18 -26.79 31.09
CA TYR E 37 -22.05 -27.62 30.26
C TYR E 37 -21.17 -28.63 29.55
N PHE E 38 -21.11 -29.85 30.08
CA PHE E 38 -20.27 -30.91 29.58
C PHE E 38 -21.12 -31.88 28.78
N LYS E 39 -20.51 -32.56 27.81
CA LYS E 39 -21.28 -33.38 26.90
C LYS E 39 -20.40 -34.43 26.25
N CYS E 40 -20.84 -35.69 26.30
CA CYS E 40 -20.12 -36.80 25.70
C CYS E 40 -21.06 -37.57 24.78
N PHE E 41 -20.50 -38.14 23.72
CA PHE E 41 -21.31 -38.74 22.66
C PHE E 41 -21.11 -40.25 22.63
N PHE E 42 -22.21 -40.99 22.65
CA PHE E 42 -22.20 -42.44 22.68
C PHE E 42 -22.98 -42.97 21.49
N TYR E 43 -22.52 -44.08 20.92
CA TYR E 43 -23.18 -44.61 19.74
C TYR E 43 -24.16 -45.71 20.10
N VAL E 44 -25.23 -45.78 19.31
CA VAL E 44 -26.40 -46.60 19.62
C VAL E 44 -26.10 -48.09 19.54
N LYS E 45 -25.37 -48.54 18.53
CA LYS E 45 -25.13 -49.97 18.33
C LYS E 45 -24.33 -50.62 19.45
N GLU E 46 -23.64 -49.85 20.28
CA GLU E 46 -22.85 -50.41 21.35
C GLU E 46 -23.54 -50.36 22.70
N ILE E 47 -24.61 -49.59 22.83
CA ILE E 47 -25.35 -49.50 24.08
C ILE E 47 -26.15 -50.77 24.27
N THR E 48 -26.04 -51.37 25.45
CA THR E 48 -26.73 -52.61 25.77
C THR E 48 -27.69 -52.35 26.91
N LEU E 49 -28.32 -53.42 27.39
CA LEU E 49 -29.25 -53.34 28.52
C LEU E 49 -28.52 -53.01 29.80
N ASN E 50 -27.29 -53.50 29.94
CA ASN E 50 -26.52 -53.38 31.17
C ASN E 50 -25.95 -51.99 31.37
N LYS E 51 -25.65 -51.28 30.28
CA LYS E 51 -25.04 -49.95 30.36
C LYS E 51 -26.05 -48.85 30.65
N LEU E 52 -27.31 -49.18 30.92
CA LEU E 52 -28.23 -48.16 31.36
C LEU E 52 -28.48 -48.25 32.86
N GLU E 53 -28.47 -49.46 33.41
CA GLU E 53 -28.50 -49.62 34.87
C GLU E 53 -27.18 -49.20 35.48
N SER E 54 -26.09 -49.76 35.00
CA SER E 54 -24.78 -49.21 35.26
C SER E 54 -24.59 -47.94 34.45
N GLY E 55 -23.53 -47.22 34.74
CA GLY E 55 -23.27 -46.00 34.03
C GLY E 55 -22.11 -46.12 33.07
N PHE E 56 -21.80 -44.99 32.45
CA PHE E 56 -20.72 -44.89 31.48
C PHE E 56 -19.44 -44.44 32.17
N SER E 57 -18.31 -44.95 31.68
CA SER E 57 -17.02 -44.64 32.27
C SER E 57 -16.62 -43.22 31.93
N PHE E 58 -16.15 -42.56 32.97
CA PHE E 58 -15.87 -41.17 32.83
C PHE E 58 -14.74 -40.79 33.76
N ASP E 59 -13.81 -39.98 33.27
CA ASP E 59 -12.70 -39.54 34.10
C ASP E 59 -12.98 -38.10 34.43
N ALA E 60 -13.09 -37.81 35.71
CA ALA E 60 -13.37 -36.45 36.13
C ALA E 60 -12.22 -35.84 36.92
N SER E 61 -11.00 -36.28 36.65
CA SER E 61 -9.85 -35.70 37.34
C SER E 61 -9.49 -34.32 36.81
N SER E 62 -10.07 -33.92 35.67
CA SER E 62 -9.73 -32.67 35.01
C SER E 62 -10.85 -31.65 35.05
N ILE E 63 -12.05 -32.05 35.43
CA ILE E 63 -13.17 -31.14 35.57
C ILE E 63 -13.05 -30.39 36.88
N LYS E 64 -13.26 -29.07 36.85
CA LYS E 64 -13.08 -28.24 38.02
C LYS E 64 -14.15 -28.53 39.07
N LEU E 65 -13.69 -28.65 40.32
CA LEU E 65 -14.52 -29.03 41.48
C LEU E 65 -15.22 -30.37 41.27
N CYS E 66 -14.51 -31.34 40.71
CA CYS E 66 -15.07 -32.68 40.54
C CYS E 66 -14.04 -33.77 40.74
N SER E 67 -13.07 -33.54 41.63
CA SER E 67 -12.01 -34.51 41.89
C SER E 67 -11.91 -35.00 43.35
N ASP E 68 -11.72 -36.31 43.51
CA ASP E 68 -11.57 -36.96 44.82
C ASP E 68 -10.16 -37.53 44.88
N THR E 69 -9.49 -37.44 46.03
CA THR E 69 -8.11 -37.90 46.07
C THR E 69 -7.91 -39.11 45.16
N GLU E 70 -8.60 -40.21 45.46
CA GLU E 70 -8.37 -41.45 44.75
C GLU E 70 -9.52 -41.96 43.93
N VAL E 71 -10.70 -41.34 44.01
CA VAL E 71 -11.71 -41.70 43.05
C VAL E 71 -11.33 -41.00 41.74
N SER E 72 -10.64 -41.72 40.87
CA SER E 72 -10.27 -41.22 39.56
C SER E 72 -11.24 -41.68 38.50
N ASP E 73 -12.09 -42.64 38.81
CA ASP E 73 -13.07 -43.16 37.88
C ASP E 73 -14.46 -42.99 38.48
N PHE E 74 -15.36 -42.39 37.71
CA PHE E 74 -16.71 -42.15 38.13
C PHE E 74 -17.66 -42.84 37.17
N PHE E 75 -18.94 -42.59 37.35
CA PHE E 75 -19.99 -43.10 36.50
C PHE E 75 -20.72 -41.92 35.89
N ILE E 76 -21.65 -42.21 34.98
CA ILE E 76 -22.59 -41.23 34.47
C ILE E 76 -23.95 -41.93 34.44
N LYS E 77 -24.84 -41.53 35.33
CA LYS E 77 -26.10 -42.23 35.48
C LYS E 77 -27.16 -41.56 34.61
N VAL E 78 -27.70 -42.32 33.67
CA VAL E 78 -28.65 -41.79 32.69
C VAL E 78 -29.99 -41.59 33.39
N ASP E 79 -30.50 -40.38 33.34
CA ASP E 79 -31.78 -40.04 33.95
C ASP E 79 -32.79 -39.69 32.87
N HIS E 80 -33.94 -40.38 32.92
CA HIS E 80 -35.04 -40.18 31.97
C HIS E 80 -35.91 -38.96 32.25
N SER E 81 -36.81 -38.63 31.32
CA SER E 81 -37.72 -37.49 31.50
C SER E 81 -37.18 -36.10 31.13
N THR E 82 -35.98 -36.04 30.54
CA THR E 82 -35.37 -34.78 30.14
C THR E 82 -34.62 -35.07 28.85
N CYS E 83 -35.35 -35.21 27.75
CA CYS E 83 -34.68 -35.59 26.52
C CYS E 83 -35.22 -34.73 25.40
N TYR E 84 -34.42 -34.55 24.35
CA TYR E 84 -34.90 -33.93 23.13
C TYR E 84 -34.04 -34.38 21.97
N LEU E 85 -34.68 -34.59 20.83
CA LEU E 85 -33.99 -35.00 19.62
C LEU E 85 -33.39 -33.78 18.92
N GLU E 86 -32.42 -34.05 18.05
CA GLU E 86 -31.80 -33.03 17.25
C GLU E 86 -31.64 -33.53 15.81
N GLU E 87 -31.25 -32.60 14.93
CA GLU E 87 -30.89 -32.91 13.56
C GLU E 87 -29.57 -32.20 13.28
N CYS E 88 -28.46 -32.86 13.57
CA CYS E 88 -27.14 -32.32 13.26
C CYS E 88 -26.59 -33.12 12.09
N ASP E 89 -26.49 -32.46 10.93
CA ASP E 89 -25.95 -33.02 9.69
C ASP E 89 -26.71 -34.27 9.26
N GLY E 90 -28.03 -34.20 9.29
CA GLY E 90 -28.85 -35.33 8.89
C GLY E 90 -28.80 -36.51 9.83
N LYS E 91 -28.33 -36.32 11.06
CA LYS E 91 -28.22 -37.38 12.06
C LYS E 91 -29.03 -37.01 13.29
N ASN E 92 -29.74 -37.98 13.85
CA ASN E 92 -30.58 -37.74 15.01
C ASN E 92 -29.82 -38.06 16.28
N ILE E 93 -29.86 -37.13 17.23
CA ILE E 93 -29.09 -37.23 18.47
C ILE E 93 -30.06 -37.05 19.62
N LEU E 94 -30.16 -38.05 20.50
CA LEU E 94 -30.79 -37.81 21.79
C LEU E 94 -29.87 -36.99 22.67
N ASN E 95 -30.46 -36.18 23.55
CA ASN E 95 -29.71 -35.39 24.50
C ASN E 95 -30.35 -35.62 25.85
N ILE E 96 -29.68 -36.35 26.72
CA ILE E 96 -30.23 -36.79 27.99
C ILE E 96 -29.49 -36.12 29.12
N MET E 97 -30.24 -35.60 30.09
CA MET E 97 -29.64 -35.10 31.31
C MET E 97 -29.20 -36.25 32.20
N CYS E 98 -27.98 -36.17 32.71
CA CYS E 98 -27.29 -37.31 33.29
C CYS E 98 -26.51 -36.90 34.53
N ASP E 99 -26.75 -37.59 35.64
CA ASP E 99 -26.00 -37.30 36.86
C ASP E 99 -24.72 -38.13 36.92
N ILE E 100 -23.84 -37.75 37.85
CA ILE E 100 -22.61 -38.46 38.12
C ILE E 100 -22.66 -39.10 39.49
N LYS E 101 -22.16 -40.33 39.59
CA LYS E 101 -22.25 -41.08 40.82
C LYS E 101 -20.90 -41.73 41.09
N ARG E 102 -20.84 -42.34 42.26
CA ARG E 102 -19.70 -43.10 42.76
C ARG E 102 -19.89 -44.56 42.32
N TYR E 103 -18.94 -45.41 42.68
CA TYR E 103 -18.98 -46.82 42.29
C TYR E 103 -20.18 -47.60 42.85
N ASN E 104 -20.58 -47.35 44.08
CA ASN E 104 -21.66 -48.11 44.69
C ASN E 104 -23.04 -47.62 44.22
N GLY E 105 -23.11 -46.40 43.74
CA GLY E 105 -24.39 -45.83 43.37
C GLY E 105 -24.82 -44.81 44.40
N PHE E 106 -23.89 -44.44 45.28
CA PHE E 106 -24.19 -43.42 46.26
C PHE E 106 -24.18 -42.05 45.61
N ASP E 107 -24.96 -41.15 46.21
CA ASP E 107 -25.12 -39.79 45.73
C ASP E 107 -23.82 -39.01 45.93
N TYR E 108 -23.21 -38.58 44.84
CA TYR E 108 -21.98 -37.80 44.94
C TYR E 108 -22.28 -36.41 45.48
N TYR E 109 -21.48 -35.97 46.46
CA TYR E 109 -21.81 -34.74 47.17
C TYR E 109 -21.44 -33.49 46.41
N LYS E 110 -20.68 -33.59 45.33
CA LYS E 110 -20.39 -32.46 44.48
C LYS E 110 -21.11 -32.53 43.14
N CYS E 111 -22.29 -33.12 43.11
CA CYS E 111 -23.14 -33.04 41.93
C CYS E 111 -24.33 -32.16 42.21
N PRO E 112 -24.52 -31.09 41.44
CA PRO E 112 -25.60 -30.15 41.76
C PRO E 112 -26.97 -30.65 41.39
N ARG E 113 -27.10 -31.50 40.37
CA ARG E 113 -28.40 -32.05 40.04
C ARG E 113 -28.85 -33.09 41.05
N THR E 114 -27.92 -33.73 41.73
CA THR E 114 -28.29 -34.63 42.82
C THR E 114 -28.66 -33.85 44.07
N ILE E 115 -28.27 -32.59 44.15
CA ILE E 115 -28.67 -31.76 45.29
C ILE E 115 -30.11 -31.31 45.15
N LEU E 116 -30.52 -30.88 43.95
CA LEU E 116 -31.92 -30.53 43.73
C LEU E 116 -32.85 -31.72 43.80
N LYS E 117 -32.37 -32.92 43.45
CA LYS E 117 -33.22 -34.09 43.64
C LYS E 117 -33.40 -34.41 45.12
N LYS E 118 -32.46 -33.99 45.96
CA LYS E 118 -32.56 -34.26 47.38
C LYS E 118 -33.34 -33.20 48.13
N THR E 119 -33.18 -31.92 47.79
CA THR E 119 -33.87 -30.88 48.54
C THR E 119 -35.33 -30.78 48.13
N CYS E 120 -35.67 -31.23 46.92
CA CYS E 120 -37.08 -31.25 46.55
C CYS E 120 -37.79 -32.46 47.13
N GLU E 121 -37.09 -33.59 47.23
CA GLU E 121 -37.65 -34.78 47.86
C GLU E 121 -37.50 -34.74 49.37
N PHE E 122 -36.84 -33.72 49.90
CA PHE E 122 -36.87 -33.48 51.34
C PHE E 122 -38.06 -32.63 51.73
N VAL E 123 -38.35 -31.59 50.95
CA VAL E 123 -39.48 -30.72 51.24
C VAL E 123 -40.80 -31.46 51.06
N LYS E 124 -40.87 -32.36 50.08
CA LYS E 124 -42.09 -33.09 49.80
C LYS E 124 -42.41 -34.11 50.89
N ASN E 125 -41.42 -34.47 51.71
CA ASN E 125 -41.64 -35.49 52.73
C ASN E 125 -42.22 -34.93 54.02
N GLU E 126 -42.38 -33.62 54.13
CA GLU E 126 -42.97 -33.01 55.32
C GLU E 126 -44.40 -32.57 55.14
N GLY E 127 -45.07 -32.96 54.06
CA GLY E 127 -46.43 -32.51 53.82
C GLY E 127 -46.57 -31.06 53.46
N ILE E 128 -45.46 -30.37 53.22
CA ILE E 128 -45.43 -28.97 52.85
C ILE E 128 -44.81 -28.85 51.47
N ALA E 129 -45.53 -28.22 50.55
CA ALA E 129 -45.03 -27.88 49.21
C ALA E 129 -44.59 -29.13 48.43
N ASP E 130 -45.57 -29.95 48.04
CA ASP E 130 -45.29 -31.13 47.22
C ASP E 130 -44.72 -30.74 45.85
N LYS E 131 -45.03 -29.53 45.39
CA LYS E 131 -44.51 -29.01 44.15
C LYS E 131 -43.95 -27.62 44.41
N VAL E 132 -42.86 -27.29 43.74
CA VAL E 132 -42.29 -25.93 43.75
C VAL E 132 -42.26 -25.45 42.32
N CYS E 133 -43.04 -24.42 42.01
CA CYS E 133 -43.09 -23.85 40.68
C CYS E 133 -42.24 -22.59 40.65
N ILE E 134 -41.22 -22.58 39.80
CA ILE E 134 -40.29 -21.47 39.67
C ILE E 134 -40.27 -21.04 38.22
N GLY E 135 -40.39 -19.73 37.97
CA GLY E 135 -40.20 -19.18 36.64
C GLY E 135 -38.90 -18.39 36.57
N ASN E 136 -38.49 -18.07 35.34
CA ASN E 136 -37.25 -17.34 35.14
C ASN E 136 -37.37 -16.35 34.01
N GLU E 137 -36.47 -15.37 34.01
CA GLU E 137 -36.44 -14.30 33.02
C GLU E 137 -34.97 -14.07 32.66
N LEU E 138 -34.52 -14.67 31.56
CA LEU E 138 -33.12 -14.59 31.18
C LEU E 138 -32.81 -13.29 30.46
N GLU E 139 -31.66 -12.70 30.76
CA GLU E 139 -31.22 -11.48 30.09
C GLU E 139 -29.81 -11.70 29.58
N PHE E 140 -29.58 -11.39 28.31
CA PHE E 140 -28.31 -11.68 27.68
C PHE E 140 -27.96 -10.56 26.72
N PHE E 141 -26.66 -10.38 26.47
CA PHE E 141 -26.18 -9.42 25.49
C PHE E 141 -25.80 -10.19 24.24
N ILE E 142 -25.91 -9.54 23.09
CA ILE E 142 -25.45 -10.13 21.84
C ILE E 142 -24.46 -9.16 21.23
N PHE E 143 -23.18 -9.45 21.39
CA PHE E 143 -22.10 -8.69 20.79
C PHE E 143 -21.75 -9.30 19.46
N ASP E 144 -20.88 -8.63 18.70
CA ASP E 144 -20.50 -9.13 17.39
C ASP E 144 -19.19 -9.89 17.47
N LYS E 145 -18.23 -9.27 18.16
CA LYS E 145 -16.93 -9.85 18.36
C LYS E 145 -16.37 -9.34 19.66
N VAL E 146 -15.47 -10.11 20.26
CA VAL E 146 -14.84 -9.71 21.51
C VAL E 146 -13.40 -10.21 21.49
N ASN E 147 -12.45 -9.31 21.70
CA ASN E 147 -11.04 -9.68 21.76
C ASN E 147 -10.46 -9.18 23.07
N TYR E 148 -9.73 -10.03 23.76
CA TYR E 148 -8.99 -9.60 24.93
C TYR E 148 -7.64 -10.28 25.00
N SER E 149 -6.83 -9.86 25.96
CA SER E 149 -5.49 -10.42 26.15
C SER E 149 -5.03 -10.11 27.55
N LEU E 150 -4.05 -10.88 28.02
CA LEU E 150 -3.55 -10.75 29.38
C LEU E 150 -2.03 -10.68 29.46
N ASP E 151 -1.35 -10.36 28.37
CA ASP E 151 0.09 -10.15 28.41
C ASP E 151 0.41 -8.94 29.27
N GLU E 152 1.57 -8.98 29.93
CA GLU E 152 1.91 -7.97 30.92
C GLU E 152 2.08 -6.59 30.29
N TYR E 153 2.42 -6.56 29.02
CA TYR E 153 2.68 -5.32 28.31
C TYR E 153 1.58 -4.99 27.32
N ASN E 154 0.72 -5.95 27.01
CA ASN E 154 -0.32 -5.75 25.99
C ASN E 154 -1.79 -6.04 26.31
N THR E 155 -2.18 -6.00 27.58
CA THR E 155 -3.57 -6.30 27.89
C THR E 155 -4.54 -5.30 27.25
N TYR E 156 -5.63 -5.83 26.68
CA TYR E 156 -6.63 -5.00 26.04
C TYR E 156 -8.01 -5.64 26.14
N LEU E 157 -9.02 -4.84 25.86
CA LEU E 157 -10.36 -5.26 25.49
C LEU E 157 -10.76 -4.59 24.19
N LYS E 158 -11.52 -5.29 23.37
CA LYS E 158 -12.17 -4.69 22.22
C LYS E 158 -13.51 -5.40 22.06
N VAL E 159 -14.59 -4.73 22.44
CA VAL E 159 -15.93 -5.26 22.25
C VAL E 159 -16.47 -4.60 20.99
N TYR E 160 -16.80 -5.40 19.99
CA TYR E 160 -17.34 -4.90 18.74
C TYR E 160 -18.86 -5.02 18.81
N ASP E 161 -19.56 -3.93 18.52
CA ASP E 161 -21.01 -3.90 18.59
C ASP E 161 -21.61 -3.30 17.33
N ARG E 162 -22.85 -3.66 17.06
CA ARG E 162 -23.51 -3.22 15.84
C ARG E 162 -24.66 -2.27 16.12
N GLU E 163 -25.23 -2.30 17.32
CA GLU E 163 -26.35 -1.44 17.67
C GLU E 163 -25.95 -0.24 18.51
N SER E 164 -24.84 -0.33 19.23
CA SER E 164 -24.50 0.72 20.18
C SER E 164 -23.86 1.89 19.48
N PHE E 165 -24.33 3.09 19.80
CA PHE E 165 -23.76 4.29 19.22
C PHE E 165 -22.39 4.60 19.79
N SER E 166 -22.13 4.16 21.03
CA SER E 166 -20.93 4.59 21.71
C SER E 166 -19.75 3.66 21.46
N CYS E 167 -19.97 2.53 20.79
CA CYS E 167 -18.83 1.75 20.31
C CYS E 167 -18.31 2.38 19.04
N LYS E 168 -17.10 2.93 19.10
CA LYS E 168 -16.54 3.63 17.97
C LYS E 168 -15.42 2.84 17.31
N ASN E 169 -15.43 1.52 17.49
CA ASN E 169 -14.62 0.63 16.68
C ASN E 169 -15.23 0.52 15.28
N ASP E 170 -14.38 0.25 14.30
CA ASP E 170 -14.87 0.08 12.93
C ASP E 170 -14.96 -1.40 12.57
N LEU E 171 -16.07 -1.78 11.97
CA LEU E 171 -16.36 -3.16 11.61
C LEU E 171 -16.05 -3.48 10.17
N SER E 172 -15.31 -2.60 9.48
CA SER E 172 -14.94 -2.89 8.10
C SER E 172 -13.85 -3.93 8.02
N SER E 173 -13.07 -4.11 9.09
CA SER E 173 -12.03 -5.11 9.11
C SER E 173 -12.58 -6.52 9.25
N ILE E 174 -13.75 -6.67 9.85
CA ILE E 174 -14.34 -7.98 10.10
C ILE E 174 -14.75 -8.57 8.77
N TYR E 175 -14.22 -9.74 8.45
CA TYR E 175 -14.49 -10.36 7.17
C TYR E 175 -15.82 -11.11 7.20
N GLU E 196 -24.89 -8.22 7.71
CA GLU E 196 -23.54 -8.76 7.59
C GLU E 196 -22.48 -7.66 7.49
N TYR E 197 -22.68 -6.59 8.28
CA TYR E 197 -21.71 -5.52 8.51
C TYR E 197 -21.46 -4.74 7.23
N LEU E 198 -22.51 -4.58 6.42
CA LEU E 198 -22.39 -3.98 5.10
C LEU E 198 -22.11 -2.48 5.19
N ILE E 199 -23.00 -1.72 5.81
CA ILE E 199 -22.86 -0.27 5.87
C ILE E 199 -22.86 0.13 7.33
N ASN E 200 -21.82 0.84 7.74
CA ASN E 200 -21.72 1.31 9.11
C ASN E 200 -22.19 2.75 9.18
N ASP E 201 -23.44 2.95 9.59
CA ASP E 201 -23.95 4.29 9.79
C ASP E 201 -24.49 4.43 11.21
N ASP E 202 -24.22 5.58 11.80
CA ASP E 202 -24.64 5.88 13.16
C ASP E 202 -26.09 6.29 13.24
N SER E 203 -26.81 6.29 12.12
CA SER E 203 -28.19 6.72 12.11
C SER E 203 -29.13 5.65 12.64
N LYS E 204 -28.82 4.39 12.42
CA LYS E 204 -29.63 3.27 12.88
C LYS E 204 -29.06 2.62 14.12
N LYS E 205 -28.35 3.34 14.96
CA LYS E 205 -27.78 2.78 16.16
C LYS E 205 -28.52 3.28 17.39
N VAL E 206 -28.54 2.45 18.43
CA VAL E 206 -29.24 2.77 19.66
C VAL E 206 -28.29 3.54 20.58
N LYS E 207 -28.76 4.64 21.14
CA LYS E 207 -27.97 5.38 22.11
C LYS E 207 -28.10 4.73 23.49
N LYS E 208 -27.31 5.20 24.44
CA LYS E 208 -27.19 4.50 25.70
C LYS E 208 -28.40 4.73 26.60
N LYS E 209 -28.80 3.67 27.30
CA LYS E 209 -29.93 3.62 28.24
C LYS E 209 -31.23 4.06 27.61
N SER E 210 -31.36 3.92 26.30
CA SER E 210 -32.52 4.46 25.60
C SER E 210 -33.06 3.49 24.58
N GLY E 211 -32.87 2.19 24.80
CA GLY E 211 -33.41 1.22 23.88
C GLY E 211 -34.31 0.19 24.51
N TYR E 212 -35.28 0.59 25.34
CA TYR E 212 -36.07 -0.39 26.08
C TYR E 212 -36.88 -1.29 25.17
N PHE E 213 -37.87 -0.75 24.48
CA PHE E 213 -38.59 -1.55 23.50
C PHE E 213 -38.22 -1.01 22.12
N THR E 214 -37.36 -1.70 21.40
CA THR E 214 -36.99 -1.18 20.09
C THR E 214 -37.39 -2.14 18.99
N THR E 215 -37.33 -1.62 17.78
CA THR E 215 -37.85 -2.29 16.62
C THR E 215 -36.86 -2.68 15.51
N ASP E 216 -37.36 -2.91 14.30
CA ASP E 216 -36.54 -3.41 13.20
C ASP E 216 -35.36 -2.55 12.70
N PRO E 217 -35.54 -1.23 12.53
CA PRO E 217 -34.32 -0.52 12.12
C PRO E 217 -33.24 -0.55 13.17
N TYR E 218 -33.60 -0.44 14.45
CA TYR E 218 -32.63 -0.30 15.53
C TYR E 218 -32.27 -1.62 16.19
N ASP E 219 -33.24 -2.51 16.34
CA ASP E 219 -32.99 -3.85 16.85
C ASP E 219 -32.45 -4.70 15.71
N THR E 220 -31.12 -4.74 15.65
CA THR E 220 -30.33 -5.43 14.65
C THR E 220 -30.48 -6.93 14.66
N SER E 221 -30.89 -7.49 15.79
CA SER E 221 -31.00 -8.92 15.81
C SER E 221 -32.38 -9.36 16.19
N ASN E 222 -33.31 -9.17 15.26
CA ASN E 222 -34.68 -9.64 15.47
C ASN E 222 -34.91 -11.02 14.87
N ILE E 223 -34.16 -11.39 13.84
CA ILE E 223 -34.34 -12.69 13.20
C ILE E 223 -33.76 -13.79 14.09
N ILE E 224 -32.76 -13.46 14.89
CA ILE E 224 -32.16 -14.42 15.82
C ILE E 224 -33.18 -14.85 16.88
N LYS E 225 -33.98 -13.91 17.38
CA LYS E 225 -34.87 -14.20 18.49
C LYS E 225 -36.04 -15.05 18.07
N LEU E 226 -36.52 -14.89 16.84
CA LEU E 226 -37.58 -15.77 16.37
C LEU E 226 -37.07 -17.16 16.08
N ARG E 227 -35.78 -17.32 15.85
CA ARG E 227 -35.19 -18.62 15.65
C ARG E 227 -34.76 -19.28 16.94
N ILE E 228 -34.63 -18.52 18.02
CA ILE E 228 -34.34 -19.11 19.32
C ILE E 228 -35.63 -19.71 19.83
N CYS E 229 -36.70 -18.91 19.85
CA CYS E 229 -37.93 -19.35 20.48
C CYS E 229 -38.73 -20.28 19.59
N ARG E 230 -38.38 -20.38 18.30
CA ARG E 230 -38.84 -21.51 17.52
C ARG E 230 -38.22 -22.81 18.01
N ALA E 231 -36.94 -22.76 18.38
CA ALA E 231 -36.25 -23.94 18.85
C ALA E 231 -36.57 -24.28 20.29
N LEU E 232 -37.16 -23.36 21.04
CA LEU E 232 -37.56 -23.62 22.41
C LEU E 232 -39.00 -24.07 22.52
N ASN E 233 -39.88 -23.58 21.67
CA ASN E 233 -41.27 -24.03 21.70
C ASN E 233 -41.43 -25.40 21.07
N ASP E 234 -40.53 -25.78 20.17
CA ASP E 234 -40.55 -27.14 19.64
C ASP E 234 -40.16 -28.15 20.68
N MET E 235 -39.41 -27.73 21.70
CA MET E 235 -38.91 -28.58 22.76
C MET E 235 -39.79 -28.55 24.00
N ASN E 236 -40.96 -27.93 23.91
CA ASN E 236 -41.88 -27.68 25.02
C ASN E 236 -41.24 -26.91 26.17
N ILE E 237 -40.30 -26.02 25.87
CA ILE E 237 -39.86 -24.98 26.81
C ILE E 237 -40.58 -23.73 26.35
N ASN E 238 -41.80 -23.53 26.82
CA ASN E 238 -42.67 -22.51 26.25
C ASN E 238 -42.26 -21.12 26.72
N VAL E 239 -42.26 -20.17 25.79
CA VAL E 239 -41.83 -18.80 26.06
C VAL E 239 -42.96 -17.78 26.23
N GLN E 240 -43.05 -17.20 27.43
CA GLN E 240 -44.06 -16.19 27.74
C GLN E 240 -43.99 -14.81 27.06
N ARG E 241 -42.79 -14.24 26.95
CA ARG E 241 -42.63 -12.90 26.36
C ARG E 241 -41.22 -12.62 25.84
N TYR E 242 -41.07 -11.56 25.04
CA TYR E 242 -39.77 -11.21 24.49
C TYR E 242 -39.73 -9.70 24.35
N HIS E 243 -38.60 -9.09 24.69
CA HIS E 243 -38.35 -7.71 24.32
C HIS E 243 -36.85 -7.45 24.29
N HIS E 244 -36.50 -6.28 23.76
CA HIS E 244 -35.20 -5.65 23.93
C HIS E 244 -35.15 -5.10 25.36
N GLU E 245 -33.99 -4.65 25.83
CA GLU E 245 -33.95 -4.14 27.19
C GLU E 245 -33.14 -2.85 27.30
N VAL E 246 -32.97 -2.36 28.53
CA VAL E 246 -32.47 -1.00 28.74
C VAL E 246 -30.95 -1.11 28.69
N SER E 247 -30.44 -1.25 27.48
CA SER E 247 -29.03 -1.27 27.12
C SER E 247 -29.01 -1.46 25.62
N THR E 248 -27.88 -1.17 25.02
CA THR E 248 -27.70 -1.40 23.60
C THR E 248 -27.29 -2.86 23.43
N SER E 249 -28.10 -3.60 22.67
CA SER E 249 -27.98 -5.05 22.44
C SER E 249 -28.03 -5.84 23.75
N GLN E 250 -29.14 -5.69 24.46
CA GLN E 250 -29.46 -6.54 25.60
C GLN E 250 -30.91 -6.97 25.50
N HIS E 251 -31.14 -8.27 25.48
CA HIS E 251 -32.44 -8.85 25.20
C HIS E 251 -32.98 -9.57 26.44
N GLU E 252 -34.10 -10.26 26.26
CA GLU E 252 -34.82 -10.82 27.40
C GLU E 252 -35.70 -11.97 26.92
N ILE E 253 -35.65 -13.10 27.64
CA ILE E 253 -36.59 -14.19 27.42
C ILE E 253 -37.23 -14.53 28.76
N SER E 254 -38.55 -14.54 28.82
CA SER E 254 -39.26 -14.98 30.01
C SER E 254 -40.01 -16.26 29.71
N LEU E 255 -39.73 -17.29 30.47
CA LEU E 255 -40.25 -18.62 30.19
C LEU E 255 -41.47 -18.93 31.03
N LYS E 256 -42.09 -20.06 30.71
CA LYS E 256 -43.23 -20.59 31.43
C LYS E 256 -42.77 -21.11 32.79
N TYR E 257 -43.73 -21.29 33.71
CA TYR E 257 -43.43 -21.80 35.03
C TYR E 257 -43.31 -23.32 34.97
N PHE E 258 -42.30 -23.85 35.65
CA PHE E 258 -42.04 -25.28 35.60
C PHE E 258 -41.77 -25.78 37.01
N ASP E 259 -41.71 -27.10 37.15
CA ASP E 259 -41.24 -27.74 38.37
C ASP E 259 -39.78 -27.37 38.60
N ALA E 260 -39.38 -27.30 39.88
CA ALA E 260 -38.07 -26.76 40.23
C ALA E 260 -36.92 -27.64 39.75
N LEU E 261 -37.16 -28.93 39.58
CA LEU E 261 -36.10 -29.78 39.03
C LEU E 261 -36.03 -29.65 37.52
N THR E 262 -37.15 -29.45 36.85
CA THR E 262 -37.10 -29.30 35.40
C THR E 262 -36.87 -27.85 34.99
N ASN E 263 -36.96 -26.92 35.92
CA ASN E 263 -36.57 -25.55 35.61
C ASN E 263 -35.07 -25.42 35.43
N ALA E 264 -34.31 -25.92 36.39
CA ALA E 264 -32.86 -25.81 36.32
C ALA E 264 -32.30 -26.68 35.20
N ASP E 265 -33.01 -27.75 34.83
CA ASP E 265 -32.66 -28.48 33.63
C ASP E 265 -32.91 -27.65 32.39
N PHE E 266 -34.00 -26.89 32.36
CA PHE E 266 -34.33 -26.13 31.17
C PHE E 266 -33.49 -24.85 31.08
N LEU E 267 -32.87 -24.43 32.18
CA LEU E 267 -32.01 -23.25 32.10
C LEU E 267 -30.68 -23.56 31.44
N LEU E 268 -30.12 -24.74 31.68
CA LEU E 268 -28.90 -25.12 30.99
C LEU E 268 -29.13 -25.33 29.50
N ILE E 269 -30.27 -25.91 29.14
CA ILE E 269 -30.58 -26.15 27.75
C ILE E 269 -30.89 -24.86 27.03
N THR E 270 -31.48 -23.88 27.73
CA THR E 270 -31.75 -22.59 27.11
C THR E 270 -30.48 -21.82 26.84
N LYS E 271 -29.57 -21.76 27.82
CA LYS E 271 -28.33 -21.01 27.66
C LYS E 271 -27.44 -21.59 26.57
N GLN E 272 -27.49 -22.89 26.33
CA GLN E 272 -26.70 -23.46 25.25
C GLN E 272 -27.37 -23.28 23.91
N ILE E 273 -28.70 -23.24 23.89
CA ILE E 273 -29.42 -23.02 22.64
C ILE E 273 -29.30 -21.56 22.23
N ILE E 274 -29.31 -20.66 23.20
CA ILE E 274 -29.08 -19.24 22.92
C ILE E 274 -27.66 -19.03 22.43
N LYS E 275 -26.68 -19.71 23.02
CA LYS E 275 -25.29 -19.55 22.60
C LYS E 275 -25.02 -20.10 21.21
N THR E 276 -25.63 -21.22 20.85
CA THR E 276 -25.35 -21.84 19.56
C THR E 276 -26.13 -21.20 18.42
N THR E 277 -27.36 -20.77 18.65
CA THR E 277 -28.12 -20.17 17.57
C THR E 277 -27.63 -18.76 17.29
N VAL E 278 -27.05 -18.09 18.28
CA VAL E 278 -26.43 -16.80 18.03
C VAL E 278 -25.13 -16.98 17.27
N SER E 279 -24.33 -17.97 17.64
CA SER E 279 -23.04 -18.16 17.00
C SER E 279 -23.15 -18.75 15.61
N SER E 280 -24.33 -19.24 15.21
CA SER E 280 -24.52 -19.64 13.82
C SER E 280 -24.86 -18.44 12.95
N PHE E 281 -25.11 -17.29 13.58
CA PHE E 281 -25.24 -16.01 12.89
C PHE E 281 -23.95 -15.23 12.91
N ASN E 282 -22.85 -15.87 13.32
CA ASN E 282 -21.54 -15.24 13.51
C ASN E 282 -21.58 -14.08 14.49
N ARG E 283 -22.20 -14.29 15.65
CA ARG E 283 -22.16 -13.35 16.75
C ARG E 283 -21.85 -14.11 18.03
N THR E 284 -21.70 -13.37 19.12
CA THR E 284 -21.53 -13.97 20.44
C THR E 284 -22.69 -13.58 21.34
N ALA E 285 -22.99 -14.42 22.31
CA ALA E 285 -24.01 -14.11 23.30
C ALA E 285 -23.44 -14.38 24.67
N THR E 286 -23.65 -13.45 25.61
CA THR E 286 -23.06 -13.58 26.92
C THR E 286 -24.11 -13.49 28.01
N PHE E 287 -23.77 -14.03 29.16
CA PHE E 287 -24.61 -13.99 30.35
C PHE E 287 -23.84 -13.45 31.54
N MET E 288 -22.81 -12.65 31.29
CA MET E 288 -22.07 -11.99 32.35
C MET E 288 -22.98 -11.03 33.08
N PRO E 289 -22.84 -10.90 34.39
CA PRO E 289 -23.34 -9.70 35.06
C PRO E 289 -22.34 -8.57 34.87
N LYS E 290 -22.84 -7.45 34.35
CA LYS E 290 -22.03 -6.29 34.00
C LYS E 290 -20.84 -6.57 33.06
N PRO E 291 -21.08 -6.76 31.78
CA PRO E 291 -20.16 -6.22 30.79
C PRO E 291 -20.54 -4.77 30.58
N LEU E 292 -19.59 -3.98 30.06
CA LEU E 292 -19.84 -2.59 29.65
C LEU E 292 -20.28 -1.70 30.81
N VAL E 293 -19.30 -1.17 31.54
CA VAL E 293 -19.39 -0.31 32.72
C VAL E 293 -20.56 0.67 32.71
N ASN E 294 -20.79 1.35 31.60
CA ASN E 294 -21.84 2.35 31.55
C ASN E 294 -23.17 1.81 31.05
N ASP E 295 -23.44 0.51 31.16
CA ASP E 295 -24.76 -0.01 30.83
C ASP E 295 -25.28 -0.95 31.91
N ASN E 296 -26.45 -1.54 31.69
CA ASN E 296 -27.06 -2.38 32.71
C ASN E 296 -26.40 -3.75 32.75
N GLY E 297 -26.84 -4.55 33.73
CA GLY E 297 -26.35 -5.89 33.91
C GLY E 297 -27.37 -6.92 33.47
N ASN E 298 -27.07 -8.18 33.80
CA ASN E 298 -27.94 -9.30 33.47
C ASN E 298 -28.34 -10.00 34.76
N GLY E 299 -29.64 -10.14 34.98
CA GLY E 299 -30.13 -10.72 36.20
C GLY E 299 -30.91 -11.99 35.95
N LEU E 300 -31.40 -12.58 37.04
CA LEU E 300 -32.39 -13.64 37.00
C LEU E 300 -33.49 -13.26 37.97
N HIS E 301 -34.67 -12.99 37.45
CA HIS E 301 -35.84 -12.85 38.30
C HIS E 301 -36.44 -14.22 38.50
N CYS E 302 -36.43 -14.71 39.74
CA CYS E 302 -36.95 -16.03 40.07
C CYS E 302 -38.31 -15.87 40.70
N ASN E 303 -39.36 -16.05 39.91
CA ASN E 303 -40.71 -16.02 40.44
C ASN E 303 -41.06 -17.37 41.08
N ILE E 304 -41.17 -17.39 42.40
CA ILE E 304 -41.31 -18.62 43.16
C ILE E 304 -42.72 -18.69 43.74
N SER E 305 -43.28 -19.90 43.79
CA SER E 305 -44.55 -20.17 44.45
C SER E 305 -44.59 -21.64 44.83
N LEU E 306 -45.26 -21.95 45.93
CA LEU E 306 -45.36 -23.33 46.40
C LEU E 306 -46.79 -23.84 46.28
N TRP E 307 -46.93 -25.15 46.15
CA TRP E 307 -48.22 -25.76 45.89
C TRP E 307 -48.43 -26.98 46.75
N LYS E 308 -49.67 -27.17 47.20
CA LYS E 308 -50.07 -28.34 47.97
C LYS E 308 -51.46 -28.76 47.50
N ASN E 309 -51.56 -29.95 46.91
CA ASN E 309 -52.81 -30.54 46.43
C ASN E 309 -53.52 -29.62 45.43
N ASN E 310 -52.72 -29.10 44.49
CA ASN E 310 -53.13 -28.11 43.48
C ASN E 310 -53.73 -26.85 44.12
N LYS E 311 -53.21 -26.46 45.28
CA LYS E 311 -53.61 -25.23 45.94
C LYS E 311 -52.36 -24.48 46.38
N ASN E 312 -52.40 -23.15 46.24
CA ASN E 312 -51.29 -22.31 46.63
C ASN E 312 -51.14 -22.30 48.14
N ILE E 313 -49.89 -22.48 48.58
CA ILE E 313 -49.53 -22.34 49.97
C ILE E 313 -49.68 -20.85 50.28
N PHE E 314 -49.29 -20.02 49.31
CA PHE E 314 -49.35 -18.57 49.40
C PHE E 314 -50.74 -18.05 49.01
N TYR E 315 -51.75 -18.29 49.86
CA TYR E 315 -53.10 -17.79 49.58
C TYR E 315 -54.00 -18.20 50.74
N HIS E 316 -54.75 -17.24 51.29
CA HIS E 316 -55.60 -17.51 52.44
C HIS E 316 -57.06 -17.10 52.23
N ASN E 317 -57.38 -16.44 51.11
CA ASN E 317 -58.75 -16.09 50.70
C ASN E 317 -59.43 -15.20 51.75
N ASP E 318 -58.69 -14.08 51.95
CA ASP E 318 -58.91 -12.88 52.79
C ASP E 318 -58.01 -11.68 52.27
N PRO E 319 -58.34 -10.46 52.74
CA PRO E 319 -57.82 -9.11 52.55
C PRO E 319 -57.27 -8.54 53.85
N SER E 320 -56.45 -7.50 53.69
CA SER E 320 -55.68 -6.66 54.68
C SER E 320 -54.26 -7.19 54.81
N THR E 321 -54.08 -8.43 54.38
CA THR E 321 -52.78 -9.09 54.26
C THR E 321 -52.57 -9.41 52.76
N PHE E 322 -53.38 -8.78 51.92
CA PHE E 322 -53.34 -8.99 50.48
C PHE E 322 -53.62 -10.45 50.10
N PHE E 323 -54.52 -11.11 50.84
CA PHE E 323 -54.81 -12.51 50.49
C PHE E 323 -53.66 -13.46 50.77
N LEU E 324 -52.69 -13.05 51.57
CA LEU E 324 -51.53 -13.87 51.90
C LEU E 324 -51.77 -14.53 53.24
N SER E 325 -50.93 -15.52 53.51
CA SER E 325 -50.95 -16.28 54.73
C SER E 325 -49.59 -16.06 55.37
N LYS E 326 -49.54 -16.26 56.67
CA LYS E 326 -48.30 -16.07 57.39
C LYS E 326 -47.29 -17.06 56.83
N GLU E 327 -47.79 -18.11 56.18
CA GLU E 327 -46.87 -19.14 55.71
C GLU E 327 -46.07 -18.63 54.52
N SER E 328 -46.41 -17.45 53.98
CA SER E 328 -45.73 -16.80 52.88
C SER E 328 -44.66 -15.83 53.36
N PHE E 329 -44.99 -14.98 54.34
CA PHE E 329 -44.00 -14.09 54.92
C PHE E 329 -42.93 -14.85 55.69
N TYR E 330 -43.24 -16.04 56.17
CA TYR E 330 -42.22 -16.91 56.73
C TYR E 330 -41.23 -17.34 55.67
N PHE E 331 -41.69 -17.51 54.43
CA PHE E 331 -40.79 -17.90 53.36
C PHE E 331 -39.96 -16.73 52.86
N MET E 332 -40.50 -15.52 52.94
CA MET E 332 -39.74 -14.35 52.52
C MET E 332 -38.66 -14.01 53.52
N TYR E 333 -39.02 -13.97 54.81
CA TYR E 333 -38.06 -13.63 55.84
C TYR E 333 -37.01 -14.71 56.02
N GLY E 334 -37.28 -15.94 55.61
CA GLY E 334 -36.24 -16.95 55.59
C GLY E 334 -35.17 -16.66 54.57
N ILE E 335 -35.51 -15.95 53.52
CA ILE E 335 -34.52 -15.52 52.53
C ILE E 335 -33.78 -14.27 53.00
N VAL E 336 -34.50 -13.32 53.57
CA VAL E 336 -33.90 -12.05 53.96
C VAL E 336 -32.98 -12.22 55.17
N LYS E 337 -33.24 -13.22 56.00
CA LYS E 337 -32.34 -13.51 57.10
C LYS E 337 -31.03 -14.10 56.60
N HIS E 338 -31.09 -14.96 55.59
CA HIS E 338 -29.93 -15.69 55.11
C HIS E 338 -29.42 -15.18 53.77
N ALA E 339 -29.65 -13.90 53.45
CA ALA E 339 -29.39 -13.43 52.10
C ALA E 339 -27.91 -13.20 51.84
N LYS E 340 -27.13 -12.90 52.87
CA LYS E 340 -25.69 -12.76 52.64
C LYS E 340 -25.02 -14.11 52.51
N ALA E 341 -25.65 -15.17 52.99
CA ALA E 341 -25.13 -16.51 52.75
C ALA E 341 -25.54 -17.03 51.38
N LEU E 342 -26.71 -16.60 50.88
CA LEU E 342 -27.12 -17.01 49.54
C LEU E 342 -26.33 -16.30 48.45
N GLN E 343 -25.73 -15.14 48.76
CA GLN E 343 -24.97 -14.40 47.77
C GLN E 343 -23.68 -15.08 47.38
N ALA E 344 -23.21 -16.00 48.21
CA ALA E 344 -22.04 -16.77 47.89
C ALA E 344 -22.38 -17.65 46.69
N PHE E 345 -23.58 -18.23 46.70
CA PHE E 345 -24.05 -19.08 45.61
C PHE E 345 -24.77 -18.36 44.49
N CYS E 346 -25.70 -17.47 44.83
CA CYS E 346 -26.48 -16.74 43.84
C CYS E 346 -25.67 -15.80 42.95
N ASN E 347 -24.82 -14.96 43.52
CA ASN E 347 -23.89 -14.21 42.67
C ASN E 347 -22.53 -14.46 43.28
N ALA E 348 -21.74 -15.30 42.62
CA ALA E 348 -20.44 -15.63 43.15
C ALA E 348 -19.40 -15.47 42.09
N THR E 349 -19.21 -14.22 41.70
CA THR E 349 -18.24 -13.82 40.73
C THR E 349 -17.79 -12.42 41.11
N MET E 350 -16.61 -12.04 40.66
CA MET E 350 -16.12 -10.70 40.94
C MET E 350 -16.77 -9.67 40.04
N ASN E 351 -17.40 -10.11 38.95
CA ASN E 351 -18.21 -9.23 38.11
C ASN E 351 -19.51 -8.83 38.75
N SER E 352 -20.10 -9.69 39.56
CA SER E 352 -21.47 -9.46 40.00
C SER E 352 -21.55 -8.33 41.00
N TYR E 353 -20.48 -8.03 41.70
CA TYR E 353 -20.47 -6.92 42.63
C TYR E 353 -20.10 -5.62 41.95
N LYS E 354 -19.90 -5.64 40.64
CA LYS E 354 -19.95 -4.45 39.82
C LYS E 354 -21.35 -4.19 39.32
N ARG E 355 -22.30 -5.04 39.72
CA ARG E 355 -23.70 -4.82 39.36
C ARG E 355 -24.46 -4.11 40.48
N LEU E 356 -23.85 -4.02 41.66
CA LEU E 356 -24.51 -3.38 42.81
C LEU E 356 -23.98 -2.00 43.25
N VAL E 357 -22.75 -1.69 42.89
CA VAL E 357 -22.13 -0.41 43.24
C VAL E 357 -22.96 0.84 42.92
N PRO E 358 -23.39 1.03 41.67
CA PRO E 358 -24.06 2.30 41.38
C PRO E 358 -25.33 2.56 42.17
N GLY E 359 -26.17 1.55 42.31
CA GLY E 359 -27.42 1.68 43.02
C GLY E 359 -28.58 2.13 42.16
N PHE E 360 -28.32 2.48 40.90
CA PHE E 360 -29.40 2.90 40.03
C PHE E 360 -30.07 1.63 39.55
N GLU E 361 -31.37 1.52 39.83
CA GLU E 361 -32.18 0.35 39.49
C GLU E 361 -31.48 -0.86 40.07
N THR E 362 -30.95 -0.70 41.28
CA THR E 362 -30.19 -1.75 41.94
C THR E 362 -30.71 -1.95 43.35
N CYS E 363 -30.45 -3.12 43.90
CA CYS E 363 -30.87 -3.44 45.25
C CYS E 363 -29.84 -2.90 46.23
N GLN E 364 -30.24 -1.92 47.04
CA GLN E 364 -29.39 -1.45 48.11
C GLN E 364 -29.72 -2.09 49.45
N LYS E 365 -31.00 -2.34 49.72
CA LYS E 365 -31.44 -2.72 51.04
C LYS E 365 -32.08 -4.10 50.99
N LEU E 366 -32.17 -4.73 52.15
CA LEU E 366 -32.58 -6.12 52.27
C LEU E 366 -33.95 -6.17 52.93
N PHE E 367 -34.99 -6.01 52.11
CA PHE E 367 -36.38 -6.08 52.57
C PHE E 367 -37.24 -6.45 51.38
N TYR E 368 -38.53 -6.59 51.62
CA TYR E 368 -39.49 -6.89 50.54
C TYR E 368 -40.53 -5.78 50.42
N SER E 369 -40.68 -5.22 49.22
CA SER E 369 -41.63 -4.13 48.99
C SER E 369 -42.41 -4.26 47.68
N PHE E 370 -43.64 -3.76 47.68
CA PHE E 370 -44.51 -3.80 46.50
C PHE E 370 -44.01 -2.99 45.30
N GLY E 371 -43.48 -1.80 45.56
CA GLY E 371 -42.98 -0.95 44.51
C GLY E 371 -41.73 -0.16 44.82
N SER E 372 -40.85 -0.69 45.67
CA SER E 372 -39.57 -0.05 45.95
C SER E 372 -38.52 -0.64 45.05
N ARG E 373 -37.80 0.23 44.32
CA ARG E 373 -36.81 -0.25 43.38
C ARG E 373 -35.58 -0.84 44.06
N SER E 374 -35.30 -0.42 45.29
CA SER E 374 -34.14 -0.90 46.03
C SER E 374 -34.48 -2.09 46.92
N ALA E 375 -35.52 -2.83 46.60
CA ALA E 375 -35.88 -4.01 47.36
C ALA E 375 -35.36 -5.26 46.67
N VAL E 376 -35.05 -6.27 47.47
CA VAL E 376 -34.53 -7.53 46.93
C VAL E 376 -35.67 -8.40 46.44
N ILE E 377 -36.73 -8.52 47.23
CA ILE E 377 -37.91 -9.29 46.87
C ILE E 377 -39.04 -8.32 46.58
N ARG E 378 -39.72 -8.50 45.46
CA ARG E 378 -40.83 -7.63 45.10
C ARG E 378 -42.09 -8.46 44.92
N LEU E 379 -43.15 -8.08 45.64
CA LEU E 379 -44.42 -8.78 45.53
C LEU E 379 -45.30 -8.18 44.44
N SER E 380 -46.16 -9.00 43.89
CA SER E 380 -46.90 -8.67 42.69
C SER E 380 -48.24 -8.06 43.07
N LEU E 381 -48.53 -6.89 42.52
CA LEU E 381 -49.82 -6.23 42.72
C LEU E 381 -50.75 -6.39 41.52
N ILE E 382 -50.28 -7.03 40.44
CA ILE E 382 -51.18 -7.46 39.36
C ILE E 382 -51.97 -8.67 39.79
N ASN E 383 -53.30 -8.58 39.65
CA ASN E 383 -54.26 -9.65 39.94
C ASN E 383 -54.08 -10.22 41.35
N TYR E 384 -54.23 -9.33 42.34
CA TYR E 384 -54.07 -9.74 43.72
C TYR E 384 -55.20 -10.68 44.17
N SER E 385 -56.35 -10.66 43.49
CA SER E 385 -57.44 -11.54 43.87
C SER E 385 -57.29 -12.94 43.31
N ASN E 386 -56.43 -13.13 42.31
CA ASN E 386 -56.31 -14.43 41.67
C ASN E 386 -55.33 -15.31 42.44
N PRO E 387 -55.70 -16.55 42.76
CA PRO E 387 -54.79 -17.39 43.55
C PRO E 387 -53.61 -17.96 42.80
N SER E 388 -53.82 -18.28 41.52
CA SER E 388 -52.78 -18.81 40.66
C SER E 388 -51.70 -17.76 40.47
N GLU E 389 -52.12 -16.51 40.29
CA GLU E 389 -51.18 -15.41 40.08
C GLU E 389 -50.65 -14.81 41.39
N LYS E 390 -49.92 -15.63 42.13
CA LYS E 390 -49.29 -15.21 43.38
C LYS E 390 -47.85 -15.66 43.28
N ARG E 391 -46.90 -14.80 43.62
CA ARG E 391 -45.52 -15.22 43.49
C ARG E 391 -44.62 -14.35 44.35
N ILE E 392 -43.34 -14.71 44.36
CA ILE E 392 -42.31 -13.99 45.09
C ILE E 392 -41.14 -13.81 44.13
N GLU E 393 -40.81 -12.56 43.81
CA GLU E 393 -39.81 -12.26 42.80
C GLU E 393 -38.49 -11.92 43.49
N PHE E 394 -37.60 -12.89 43.56
CA PHE E 394 -36.26 -12.71 44.11
C PHE E 394 -35.38 -12.13 43.01
N ARG E 395 -34.78 -10.96 43.22
CA ARG E 395 -33.97 -10.35 42.15
C ARG E 395 -32.45 -10.33 42.27
N LEU E 396 -31.90 -10.92 43.31
CA LEU E 396 -30.44 -10.95 43.51
C LEU E 396 -29.53 -11.77 42.56
N PRO E 397 -29.94 -12.97 42.17
CA PRO E 397 -29.16 -13.93 41.38
C PRO E 397 -28.75 -13.56 39.96
N ASP E 398 -27.70 -14.23 39.46
CA ASP E 398 -27.13 -14.11 38.11
C ASP E 398 -27.20 -15.45 37.44
N CYS E 399 -27.05 -15.42 36.13
CA CYS E 399 -27.03 -16.63 35.36
C CYS E 399 -25.59 -17.17 35.39
N ALA E 400 -24.65 -16.46 36.02
CA ALA E 400 -23.30 -17.00 35.99
C ALA E 400 -23.17 -18.32 36.74
N ASN E 401 -23.80 -18.45 37.89
CA ASN E 401 -23.61 -19.64 38.70
C ASN E 401 -24.47 -20.79 38.17
N SER E 402 -24.27 -21.96 38.75
CA SER E 402 -25.03 -23.13 38.32
C SER E 402 -26.44 -23.06 38.86
N PRO E 403 -27.45 -23.25 38.01
CA PRO E 403 -28.84 -23.04 38.45
C PRO E 403 -29.36 -24.09 39.40
N HIS E 404 -28.71 -25.24 39.53
CA HIS E 404 -29.15 -26.22 40.49
C HIS E 404 -28.67 -25.86 41.89
N LEU E 405 -27.49 -25.26 42.02
CA LEU E 405 -27.02 -24.87 43.33
C LEU E 405 -27.74 -23.63 43.85
N VAL E 406 -28.15 -22.73 42.96
CA VAL E 406 -28.83 -21.53 43.40
C VAL E 406 -30.24 -21.84 43.86
N MET E 407 -30.98 -22.62 43.07
CA MET E 407 -32.37 -22.88 43.40
C MET E 407 -32.52 -23.87 44.54
N ALA E 408 -31.47 -24.62 44.85
CA ALA E 408 -31.53 -25.46 46.04
C ALA E 408 -31.20 -24.68 47.30
N ALA E 409 -30.38 -23.64 47.19
CA ALA E 409 -30.07 -22.85 48.36
C ALA E 409 -31.21 -21.93 48.74
N ILE E 410 -32.02 -21.52 47.77
CA ILE E 410 -33.16 -20.64 48.05
C ILE E 410 -34.25 -21.42 48.76
N ILE E 411 -34.51 -22.64 48.32
CA ILE E 411 -35.53 -23.48 48.96
C ILE E 411 -35.09 -23.88 50.36
N LEU E 412 -33.82 -24.23 50.54
CA LEU E 412 -33.34 -24.62 51.85
C LEU E 412 -33.25 -23.42 52.79
N ALA E 413 -33.11 -22.21 52.27
CA ALA E 413 -33.19 -21.04 53.12
C ALA E 413 -34.63 -20.68 53.43
N GLY E 414 -35.50 -20.78 52.43
CA GLY E 414 -36.90 -20.45 52.65
C GLY E 414 -37.63 -21.49 53.47
N TYR E 415 -37.15 -22.74 53.45
CA TYR E 415 -37.76 -23.74 54.30
C TYR E 415 -37.39 -23.54 55.75
N ASP E 416 -36.22 -22.99 56.01
CA ASP E 416 -35.85 -22.69 57.39
C ASP E 416 -36.55 -21.44 57.90
N GLY E 417 -37.30 -20.74 57.07
CA GLY E 417 -38.12 -19.66 57.57
C GLY E 417 -39.49 -20.09 58.04
N ILE E 418 -39.92 -21.29 57.66
CA ILE E 418 -41.23 -21.78 58.07
C ILE E 418 -41.11 -22.61 59.35
N LYS E 419 -40.09 -23.45 59.46
CA LYS E 419 -39.92 -24.25 60.66
C LYS E 419 -39.48 -23.41 61.85
N SER E 420 -38.79 -22.29 61.61
CA SER E 420 -38.26 -21.50 62.72
C SER E 420 -39.31 -20.67 63.42
N LYS E 421 -40.36 -20.27 62.69
CA LYS E 421 -41.48 -19.48 63.21
C LYS E 421 -41.06 -18.13 63.80
N GLU E 422 -39.99 -17.53 63.28
CA GLU E 422 -39.63 -16.19 63.73
C GLU E 422 -40.50 -15.14 63.06
N GLN E 423 -40.42 -13.91 63.57
CA GLN E 423 -41.30 -12.90 63.03
C GLN E 423 -40.76 -12.35 61.71
N PRO E 424 -41.61 -12.20 60.71
CA PRO E 424 -41.21 -11.52 59.48
C PRO E 424 -41.07 -10.01 59.70
N LEU E 425 -40.54 -9.34 58.68
CA LEU E 425 -40.29 -7.90 58.73
C LEU E 425 -41.42 -7.15 58.06
N VAL E 426 -41.51 -5.85 58.34
CA VAL E 426 -42.51 -4.97 57.74
C VAL E 426 -42.19 -4.78 56.27
N PRO E 427 -43.18 -4.68 55.38
CA PRO E 427 -42.90 -4.45 53.96
C PRO E 427 -42.16 -3.16 53.57
N PHE E 428 -42.35 -2.05 54.29
CA PHE E 428 -41.44 -0.89 54.26
C PHE E 428 -41.32 -0.23 52.88
N GLU E 429 -42.44 0.23 52.35
CA GLU E 429 -42.42 0.90 51.05
C GLU E 429 -41.94 2.34 51.21
N SER E 430 -40.93 2.74 50.45
CA SER E 430 -40.19 3.96 50.75
C SER E 430 -40.26 4.96 49.60
N LYS E 431 -41.05 6.02 49.76
CA LYS E 431 -41.29 6.94 48.65
C LYS E 431 -40.03 7.64 48.17
N ASP E 432 -39.26 8.08 49.13
CA ASP E 432 -37.99 8.72 48.87
C ASP E 432 -37.14 7.93 49.83
N ASN E 433 -36.53 8.63 50.76
CA ASN E 433 -35.73 7.98 51.77
C ASN E 433 -36.63 7.64 52.95
N HIS E 434 -37.84 8.20 52.92
CA HIS E 434 -38.80 7.97 54.00
C HIS E 434 -39.49 6.64 53.78
N PHE E 435 -39.21 5.67 54.65
CA PHE E 435 -39.88 4.38 54.60
C PHE E 435 -41.28 4.54 55.18
N TYR E 436 -42.29 4.31 54.36
CA TYR E 436 -43.67 4.31 54.81
C TYR E 436 -44.10 2.88 55.15
N ILE E 437 -45.31 2.77 55.71
CA ILE E 437 -45.96 1.50 55.98
C ILE E 437 -47.37 1.60 55.44
N SER E 438 -47.83 0.55 54.75
CA SER E 438 -49.12 0.55 54.11
C SER E 438 -50.27 0.67 55.11
N SER E 439 -51.44 1.04 54.60
CA SER E 439 -52.62 1.14 55.45
C SER E 439 -53.05 -0.21 55.97
N ILE E 440 -52.80 -1.27 55.19
CA ILE E 440 -53.16 -2.61 55.63
C ILE E 440 -52.18 -3.11 56.70
N PHE E 441 -50.95 -2.60 56.69
CA PHE E 441 -50.00 -2.97 57.75
C PHE E 441 -49.91 -1.92 58.83
N SER E 442 -50.60 -0.79 58.70
CA SER E 442 -50.68 0.11 59.84
C SER E 442 -51.54 -0.47 60.94
N LYS E 443 -52.56 -1.25 60.60
CA LYS E 443 -53.45 -1.73 61.65
C LYS E 443 -52.97 -2.93 62.46
N TYR E 444 -52.54 -2.60 63.67
CA TYR E 444 -52.12 -3.57 64.68
C TYR E 444 -51.07 -4.63 64.34
N VAL E 445 -49.98 -4.30 63.66
CA VAL E 445 -49.05 -5.42 63.45
C VAL E 445 -47.78 -5.29 64.27
N GLN E 446 -47.48 -4.12 64.84
CA GLN E 446 -46.32 -3.94 65.69
C GLN E 446 -46.80 -3.23 66.96
N HIS E 447 -46.78 -3.97 68.06
CA HIS E 447 -47.05 -3.33 69.36
C HIS E 447 -45.89 -2.44 69.83
N PRO E 448 -44.65 -2.92 69.95
CA PRO E 448 -43.62 -2.01 70.44
C PRO E 448 -42.82 -1.36 69.30
N GLU E 449 -42.00 -0.38 69.69
CA GLU E 449 -41.18 0.43 68.77
C GLU E 449 -42.03 1.09 67.67
N ASN E 450 -42.93 1.98 68.09
CA ASN E 450 -43.72 2.78 67.17
C ASN E 450 -42.91 4.00 66.77
N PHE E 451 -42.08 3.84 65.74
CA PHE E 451 -41.18 4.88 65.26
C PHE E 451 -41.62 5.48 63.93
N ASN E 452 -42.23 4.68 63.06
CA ASN E 452 -42.71 5.15 61.76
C ASN E 452 -44.11 5.76 61.84
N ILE E 453 -44.55 6.19 63.03
CA ILE E 453 -45.90 6.74 63.18
C ILE E 453 -46.03 8.08 62.47
N LEU E 454 -44.92 8.79 62.29
CA LEU E 454 -44.93 9.99 61.47
C LEU E 454 -45.08 9.66 60.00
N THR E 455 -44.58 8.49 59.58
CA THR E 455 -44.65 8.07 58.18
C THR E 455 -45.72 7.00 57.99
N HIS E 456 -46.96 7.44 57.81
CA HIS E 456 -48.08 6.57 57.48
C HIS E 456 -49.00 7.13 56.41
N ALA E 457 -48.51 8.09 55.61
CA ALA E 457 -49.36 8.75 54.61
C ALA E 457 -49.54 7.83 53.42
N LEU E 458 -50.55 6.96 53.48
CA LEU E 458 -50.83 6.01 52.41
C LEU E 458 -52.33 5.75 52.33
N GLU E 459 -52.78 5.44 51.12
CA GLU E 459 -54.17 5.10 50.83
C GLU E 459 -54.33 3.77 50.12
N GLY E 460 -53.28 3.27 49.46
CA GLY E 460 -53.27 1.92 48.89
C GLY E 460 -54.18 1.76 47.69
N TYR E 461 -54.66 0.55 47.52
CA TYR E 461 -55.73 0.21 46.58
C TYR E 461 -57.06 0.61 47.20
N GLU E 462 -58.15 0.46 46.45
CA GLU E 462 -59.42 0.96 46.92
C GLU E 462 -60.02 -0.02 47.93
N SER E 463 -60.31 0.47 49.13
CA SER E 463 -60.86 -0.33 50.21
C SER E 463 -61.56 0.63 51.16
N LEU E 464 -62.85 0.40 51.40
CA LEU E 464 -63.61 1.20 52.34
C LEU E 464 -64.33 0.27 53.31
N HIS E 465 -64.39 0.70 54.57
CA HIS E 465 -64.93 -0.06 55.71
C HIS E 465 -64.22 -1.41 55.86
N THR E 466 -62.91 -1.33 56.09
CA THR E 466 -62.07 -2.51 56.12
C THR E 466 -62.28 -3.32 57.40
N ILE E 467 -61.91 -4.60 57.34
CA ILE E 467 -62.08 -5.52 58.45
C ILE E 467 -60.70 -5.94 58.93
N ASN E 468 -60.47 -5.82 60.24
CA ASN E 468 -59.21 -6.23 60.86
C ASN E 468 -59.35 -7.66 61.38
N GLU E 469 -58.65 -8.59 60.74
CA GLU E 469 -58.67 -9.97 61.19
C GLU E 469 -57.81 -10.11 62.43
N SER E 470 -58.39 -10.68 63.48
CA SER E 470 -57.73 -10.73 64.78
C SER E 470 -56.53 -11.70 64.88
N PRO E 471 -56.60 -12.98 64.44
CA PRO E 471 -55.43 -13.84 64.68
C PRO E 471 -54.25 -13.58 63.74
N GLU E 472 -54.49 -12.98 62.57
CA GLU E 472 -53.40 -12.69 61.65
C GLU E 472 -52.71 -11.38 61.99
N PHE E 473 -53.42 -10.48 62.66
CA PHE E 473 -52.89 -9.15 62.92
C PHE E 473 -52.21 -8.93 64.26
N LYS E 474 -51.60 -9.97 64.81
CA LYS E 474 -51.01 -9.78 66.13
C LYS E 474 -49.74 -8.97 65.92
N ASN E 475 -48.79 -9.04 66.86
CA ASN E 475 -47.56 -8.27 66.67
C ASN E 475 -46.88 -8.76 65.39
N PHE E 476 -46.80 -10.08 65.23
CA PHE E 476 -46.32 -10.78 64.05
C PHE E 476 -45.23 -10.11 63.25
N PHE E 477 -45.27 -8.77 63.12
CA PHE E 477 -44.18 -8.21 62.35
C PHE E 477 -43.24 -7.47 63.29
N LYS E 478 -41.95 -7.48 62.97
CA LYS E 478 -40.97 -6.72 63.73
C LYS E 478 -40.57 -5.48 62.94
N CYS E 479 -40.46 -4.36 63.65
CA CYS E 479 -40.00 -3.12 63.04
C CYS E 479 -38.55 -2.90 63.44
N GLU E 480 -37.65 -3.49 62.66
CA GLU E 480 -36.23 -3.16 62.73
C GLU E 480 -35.87 -2.37 61.48
N GLU E 481 -34.66 -1.86 61.47
CA GLU E 481 -34.14 -1.23 60.27
C GLU E 481 -33.75 -2.31 59.25
N PRO E 482 -34.09 -2.12 57.98
CA PRO E 482 -33.69 -3.10 56.97
C PRO E 482 -32.18 -3.03 56.73
N GLN E 483 -31.53 -4.17 56.83
CA GLN E 483 -30.08 -4.25 56.71
C GLN E 483 -29.67 -4.13 55.24
N GLY E 484 -28.36 -4.12 55.02
CA GLY E 484 -27.80 -4.04 53.69
C GLY E 484 -27.46 -5.40 53.13
N ILE E 485 -26.85 -5.37 51.95
CA ILE E 485 -26.41 -6.56 51.24
C ILE E 485 -24.90 -6.55 51.25
N SER E 486 -24.28 -7.71 51.04
CA SER E 486 -22.84 -7.74 50.88
C SER E 486 -22.46 -7.25 49.50
N PHE E 487 -21.43 -6.42 49.41
CA PHE E 487 -21.01 -5.82 48.16
C PHE E 487 -19.68 -6.37 47.64
N SER E 488 -19.20 -7.49 48.19
CA SER E 488 -18.00 -8.14 47.68
C SER E 488 -18.02 -9.60 48.12
N LEU E 489 -17.18 -10.40 47.45
CA LEU E 489 -17.09 -11.82 47.78
C LEU E 489 -16.44 -12.08 49.13
N VAL E 490 -15.58 -11.19 49.60
CA VAL E 490 -14.95 -11.40 50.89
C VAL E 490 -15.94 -11.17 52.02
N GLU E 491 -17.01 -10.42 51.76
CA GLU E 491 -18.08 -10.32 52.72
C GLU E 491 -19.06 -11.48 52.63
N SER E 492 -19.26 -12.02 51.43
CA SER E 492 -20.26 -13.06 51.24
C SER E 492 -19.73 -14.44 51.60
N LEU E 493 -18.44 -14.68 51.35
CA LEU E 493 -17.87 -15.96 51.74
C LEU E 493 -17.67 -16.05 53.24
N ASP E 494 -17.44 -14.93 53.91
CA ASP E 494 -17.37 -14.95 55.36
C ASP E 494 -18.75 -15.05 55.99
N ALA E 495 -19.78 -14.59 55.30
CA ALA E 495 -21.13 -14.82 55.79
C ALA E 495 -21.56 -16.27 55.59
N LEU E 496 -21.02 -16.94 54.58
CA LEU E 496 -21.29 -18.34 54.42
C LEU E 496 -20.56 -19.20 55.45
N GLU E 497 -19.40 -18.76 55.92
CA GLU E 497 -18.65 -19.51 56.91
C GLU E 497 -19.31 -19.52 58.28
N LYS E 498 -19.97 -18.43 58.62
CA LYS E 498 -20.64 -18.32 59.92
C LYS E 498 -22.12 -18.67 59.81
N ASP E 499 -22.60 -18.78 58.58
CA ASP E 499 -24.00 -19.10 58.35
C ASP E 499 -24.20 -20.20 57.31
N HIS E 500 -23.84 -21.43 57.68
CA HIS E 500 -24.04 -22.55 56.78
C HIS E 500 -24.88 -23.64 57.43
N ALA E 501 -25.69 -23.25 58.40
CA ALA E 501 -26.46 -24.20 59.19
C ALA E 501 -27.76 -24.61 58.54
N PHE E 502 -28.39 -23.70 57.80
CA PHE E 502 -29.65 -24.04 57.12
C PHE E 502 -29.43 -24.93 55.91
N LEU E 503 -28.20 -25.04 55.43
CA LEU E 503 -27.90 -25.87 54.27
C LEU E 503 -27.53 -27.29 54.66
N THR E 504 -27.08 -27.50 55.87
CA THR E 504 -26.60 -28.81 56.32
C THR E 504 -27.71 -29.66 56.92
N VAL E 505 -28.97 -29.32 56.68
CA VAL E 505 -30.08 -30.09 57.21
C VAL E 505 -30.22 -31.38 56.41
N ASN E 506 -30.26 -32.51 57.12
CA ASN E 506 -30.29 -33.88 56.56
C ASN E 506 -29.12 -34.17 55.64
N ASN E 507 -28.00 -33.47 55.86
CA ASN E 507 -26.72 -33.66 55.16
C ASN E 507 -26.88 -33.49 53.66
N ILE E 508 -27.64 -32.49 53.24
CA ILE E 508 -27.82 -32.21 51.82
C ILE E 508 -26.57 -31.55 51.26
N PHE E 509 -26.18 -30.43 51.82
CA PHE E 509 -24.87 -29.83 51.59
C PHE E 509 -23.97 -30.36 52.69
N THR E 510 -22.90 -31.06 52.33
CA THR E 510 -22.04 -31.55 53.38
C THR E 510 -21.10 -30.44 53.84
N GLU E 511 -20.42 -30.69 54.96
CA GLU E 511 -19.46 -29.73 55.47
C GLU E 511 -18.24 -29.63 54.57
N GLU E 512 -17.83 -30.74 53.96
CA GLU E 512 -16.69 -30.74 53.06
C GLU E 512 -17.03 -30.10 51.73
N MET E 513 -18.30 -30.14 51.33
CA MET E 513 -18.78 -29.47 50.13
C MET E 513 -18.60 -27.96 50.23
N ILE E 514 -18.92 -27.38 51.39
CA ILE E 514 -18.86 -25.94 51.52
C ILE E 514 -17.42 -25.47 51.73
N GLN E 515 -16.62 -26.27 52.43
CA GLN E 515 -15.20 -25.91 52.62
C GLN E 515 -14.43 -25.96 51.32
N GLU E 516 -14.72 -26.93 50.46
CA GLU E 516 -14.05 -27.01 49.18
C GLU E 516 -14.57 -25.97 48.20
N TYR E 517 -15.74 -25.41 48.45
CA TYR E 517 -16.26 -24.37 47.58
C TYR E 517 -15.69 -23.01 47.96
N ILE E 518 -15.55 -22.73 49.25
CA ILE E 518 -15.00 -21.46 49.69
C ILE E 518 -13.50 -21.42 49.43
N LYS E 519 -12.83 -22.58 49.50
CA LYS E 519 -11.41 -22.64 49.17
C LYS E 519 -11.17 -22.42 47.69
N PHE E 520 -12.12 -22.76 46.83
CA PHE E 520 -11.95 -22.51 45.41
C PHE E 520 -12.11 -21.03 45.08
N LYS E 521 -13.12 -20.39 45.67
CA LYS E 521 -13.36 -18.99 45.33
C LYS E 521 -12.30 -18.07 45.90
N ARG E 522 -11.70 -18.47 47.02
CA ARG E 522 -10.64 -17.65 47.61
C ARG E 522 -9.32 -17.79 46.89
N GLU E 523 -9.19 -18.79 46.01
CA GLU E 523 -8.09 -18.79 45.07
C GLU E 523 -8.35 -17.87 43.90
N GLU E 524 -9.62 -17.68 43.53
CA GLU E 524 -9.99 -16.82 42.41
C GLU E 524 -9.88 -15.34 42.75
N ILE E 525 -10.10 -14.97 44.01
CA ILE E 525 -9.94 -13.58 44.40
C ILE E 525 -8.47 -13.21 44.44
N ASP E 526 -7.62 -14.14 44.89
CA ASP E 526 -6.20 -13.84 45.00
C ASP E 526 -5.54 -13.75 43.63
N ALA E 527 -5.97 -14.55 42.67
CA ALA E 527 -5.44 -14.45 41.33
C ALA E 527 -6.03 -13.27 40.56
N TYR E 528 -7.10 -12.68 41.07
CA TYR E 528 -7.71 -11.53 40.44
C TYR E 528 -7.06 -10.24 40.89
N ASN E 529 -6.56 -10.19 42.11
CA ASN E 529 -6.01 -8.97 42.66
C ASN E 529 -4.55 -8.77 42.29
N LYS E 530 -3.88 -9.78 41.76
CA LYS E 530 -2.50 -9.60 41.33
C LYS E 530 -2.41 -8.84 40.03
N TYR E 531 -3.50 -8.80 39.27
CA TYR E 531 -3.46 -8.37 37.88
C TYR E 531 -3.49 -6.86 37.80
N VAL E 532 -2.47 -6.27 37.21
CA VAL E 532 -2.32 -4.81 37.14
C VAL E 532 -3.13 -4.29 35.97
N ASN E 533 -4.01 -3.35 36.26
CA ASN E 533 -5.03 -2.85 35.37
C ASN E 533 -4.50 -1.77 34.45
N ALA E 534 -5.40 -1.20 33.65
CA ALA E 534 -5.14 0.05 32.94
C ALA E 534 -5.70 1.25 33.67
N TYR E 535 -6.54 1.02 34.68
CA TYR E 535 -6.97 2.08 35.59
C TYR E 535 -5.93 2.36 36.64
N ASP E 536 -4.97 1.45 36.82
CA ASP E 536 -3.87 1.71 37.74
C ASP E 536 -2.88 2.71 37.16
N TYR E 537 -2.70 2.68 35.84
CA TYR E 537 -1.84 3.64 35.18
C TYR E 537 -2.48 5.00 35.05
N HIS E 538 -3.79 5.06 34.93
CA HIS E 538 -4.45 6.35 34.80
C HIS E 538 -4.47 7.11 36.10
N LEU E 539 -4.85 6.39 37.15
CA LEU E 539 -4.93 6.85 38.52
C LEU E 539 -3.66 7.11 39.33
N TYR E 540 -2.68 6.22 39.21
CA TYR E 540 -1.47 6.30 40.03
C TYR E 540 -0.20 6.29 39.21
N TYR E 541 0.09 7.43 38.60
CA TYR E 541 1.28 7.55 37.78
C TYR E 541 1.74 9.00 37.74
N MET F 1 -49.07 -8.89 4.58
CA MET F 1 -49.34 -7.64 5.27
C MET F 1 -50.82 -7.31 5.26
N LYS F 2 -51.67 -8.33 5.21
CA LYS F 2 -53.10 -8.10 5.17
C LYS F 2 -53.60 -7.59 6.51
N SER F 3 -54.61 -6.74 6.46
CA SER F 3 -55.19 -6.13 7.66
C SER F 3 -56.42 -6.90 8.06
N VAL F 4 -56.63 -7.05 9.36
CA VAL F 4 -57.77 -7.76 9.91
C VAL F 4 -58.54 -6.82 10.82
N SER F 5 -59.86 -6.98 10.87
CA SER F 5 -60.72 -6.14 11.69
C SER F 5 -61.45 -6.99 12.72
N PHE F 6 -61.77 -6.35 13.85
CA PHE F 6 -62.44 -7.03 14.96
C PHE F 6 -63.46 -6.09 15.56
N SER F 7 -64.40 -6.67 16.30
CA SER F 7 -65.45 -5.87 16.94
C SER F 7 -65.45 -5.91 18.47
N ASN F 8 -65.04 -7.04 19.04
CA ASN F 8 -65.01 -7.20 20.49
C ASN F 8 -63.75 -7.93 20.90
N ASN F 9 -63.32 -7.74 22.15
CA ASN F 9 -62.08 -8.37 22.56
C ASN F 9 -62.12 -9.90 22.45
N ALA F 10 -63.33 -10.48 22.39
CA ALA F 10 -63.42 -11.92 22.28
C ALA F 10 -63.08 -12.41 20.89
N GLU F 11 -63.34 -11.60 19.86
CA GLU F 11 -62.99 -12.02 18.50
C GLU F 11 -61.50 -12.01 18.25
N LEU F 12 -60.71 -11.35 19.09
CA LEU F 12 -59.27 -11.59 19.08
C LEU F 12 -58.97 -13.02 19.49
N TYR F 13 -59.51 -13.45 20.63
CA TYR F 13 -59.11 -14.72 21.24
C TYR F 13 -59.59 -15.90 20.43
N GLU F 14 -60.67 -15.74 19.66
CA GLU F 14 -61.06 -16.81 18.76
C GLU F 14 -60.21 -16.79 17.48
N TYR F 15 -59.78 -15.61 17.04
CA TYR F 15 -58.96 -15.55 15.84
C TYR F 15 -57.54 -15.97 16.12
N ILE F 16 -57.05 -15.73 17.33
CA ILE F 16 -55.69 -16.09 17.70
C ILE F 16 -55.55 -17.60 17.86
N LYS F 17 -56.52 -18.24 18.53
CA LYS F 17 -56.41 -19.65 18.83
C LYS F 17 -56.78 -20.56 17.66
N ASP F 18 -57.31 -20.03 16.57
CA ASP F 18 -57.68 -20.87 15.44
C ASP F 18 -56.44 -21.28 14.66
N LYS F 19 -56.39 -22.56 14.29
CA LYS F 19 -55.18 -23.13 13.72
C LYS F 19 -55.03 -22.85 12.23
N LYS F 20 -56.06 -22.34 11.56
CA LYS F 20 -55.94 -22.03 10.14
C LYS F 20 -55.08 -20.81 9.88
N ASN F 21 -55.06 -19.85 10.79
CA ASN F 21 -54.42 -18.58 10.54
C ASN F 21 -52.93 -18.59 10.83
N ASP F 22 -52.46 -19.59 11.60
CA ASP F 22 -51.04 -19.82 11.90
C ASP F 22 -50.41 -18.64 12.65
N VAL F 23 -51.22 -17.95 13.44
CA VAL F 23 -50.73 -16.79 14.19
C VAL F 23 -49.90 -17.27 15.36
N GLU F 24 -48.63 -16.92 15.37
CA GLU F 24 -47.67 -17.43 16.34
C GLU F 24 -47.31 -16.44 17.43
N ILE F 25 -47.12 -15.17 17.07
CA ILE F 25 -46.71 -14.13 18.01
C ILE F 25 -47.76 -13.02 17.96
N VAL F 26 -48.06 -12.43 19.11
CA VAL F 26 -48.91 -11.25 19.18
C VAL F 26 -48.07 -10.10 19.70
N ALA F 27 -47.93 -9.05 18.90
CA ALA F 27 -47.11 -7.92 19.28
C ALA F 27 -47.97 -6.73 19.67
N CYS F 28 -47.46 -5.93 20.59
CA CYS F 28 -48.15 -4.76 21.10
C CYS F 28 -47.34 -3.52 20.74
N ILE F 29 -48.01 -2.37 20.60
CA ILE F 29 -47.37 -1.15 20.14
C ILE F 29 -47.77 -0.02 21.08
N ILE F 30 -46.80 0.63 21.69
CA ILE F 30 -47.04 1.72 22.63
C ILE F 30 -46.39 2.99 22.09
N THR F 31 -46.78 4.14 22.62
CA THR F 31 -46.27 5.42 22.14
C THR F 31 -46.10 6.35 23.34
N ASN F 32 -45.14 7.26 23.25
CA ASN F 32 -44.77 8.24 24.26
C ASN F 32 -45.47 9.58 24.04
N LEU F 33 -45.25 10.50 24.99
CA LEU F 33 -45.57 11.90 24.74
C LEU F 33 -44.70 12.47 23.64
N LEU F 34 -43.47 11.99 23.55
CA LEU F 34 -42.62 12.26 22.39
C LEU F 34 -43.00 11.24 21.32
N GLY F 35 -42.48 11.40 20.13
CA GLY F 35 -42.86 10.43 19.13
C GLY F 35 -41.94 9.24 19.10
N THR F 36 -42.32 8.13 19.75
CA THR F 36 -41.49 6.95 19.72
C THR F 36 -42.36 5.75 19.40
N TYR F 37 -41.74 4.60 19.23
CA TYR F 37 -42.43 3.42 18.74
C TYR F 37 -41.89 2.22 19.49
N PHE F 38 -42.61 1.79 20.51
CA PHE F 38 -42.22 0.70 21.39
C PHE F 38 -42.99 -0.55 21.00
N LYS F 39 -42.41 -1.71 21.26
CA LYS F 39 -43.00 -2.95 20.78
C LYS F 39 -42.50 -4.14 21.60
N CYS F 40 -43.43 -4.95 22.07
CA CYS F 40 -43.10 -6.14 22.86
C CYS F 40 -43.81 -7.34 22.24
N PHE F 41 -43.19 -8.50 22.35
CA PHE F 41 -43.65 -9.69 21.65
C PHE F 41 -44.14 -10.74 22.63
N PHE F 42 -45.36 -11.23 22.40
CA PHE F 42 -46.02 -12.20 23.27
C PHE F 42 -46.36 -13.44 22.46
N TYR F 43 -46.26 -14.60 23.09
CA TYR F 43 -46.52 -15.84 22.37
C TYR F 43 -47.94 -16.32 22.61
N VAL F 44 -48.49 -16.96 21.56
CA VAL F 44 -49.91 -17.29 21.49
C VAL F 44 -50.30 -18.36 22.50
N LYS F 45 -49.50 -19.41 22.68
CA LYS F 45 -49.86 -20.52 23.56
C LYS F 45 -49.99 -20.13 25.02
N GLU F 46 -49.45 -18.99 25.43
CA GLU F 46 -49.52 -18.58 26.82
C GLU F 46 -50.61 -17.55 27.09
N ILE F 47 -51.17 -16.94 26.04
CA ILE F 47 -52.24 -15.98 26.21
C ILE F 47 -53.52 -16.70 26.57
N THR F 48 -54.20 -16.23 27.62
CA THR F 48 -55.43 -16.84 28.08
C THR F 48 -56.56 -15.83 27.95
N LEU F 49 -57.73 -16.21 28.43
CA LEU F 49 -58.89 -15.33 28.43
C LEU F 49 -58.72 -14.16 29.36
N ASN F 50 -58.01 -14.38 30.48
CA ASN F 50 -57.87 -13.39 31.53
C ASN F 50 -56.88 -12.29 31.17
N LYS F 51 -55.87 -12.61 30.36
CA LYS F 51 -54.84 -11.66 30.01
C LYS F 51 -55.26 -10.70 28.90
N LEU F 52 -56.51 -10.74 28.46
CA LEU F 52 -56.96 -9.73 27.53
C LEU F 52 -57.82 -8.68 28.23
N GLU F 53 -58.60 -9.10 29.25
CA GLU F 53 -59.30 -8.14 30.09
C GLU F 53 -58.33 -7.39 30.98
N SER F 54 -57.51 -8.12 31.72
CA SER F 54 -56.35 -7.54 32.34
C SER F 54 -55.28 -7.28 31.28
N GLY F 55 -54.25 -6.57 31.67
CA GLY F 55 -53.19 -6.26 30.74
C GLY F 55 -51.93 -7.04 31.00
N PHE F 56 -50.92 -6.73 30.21
CA PHE F 56 -49.62 -7.37 30.29
C PHE F 56 -48.69 -6.55 31.18
N SER F 57 -47.83 -7.26 31.91
CA SER F 57 -46.92 -6.59 32.83
C SER F 57 -45.82 -5.88 32.07
N PHE F 58 -45.58 -4.67 32.51
CA PHE F 58 -44.69 -3.84 31.81
C PHE F 58 -44.01 -2.89 32.78
N ASP F 59 -42.72 -2.68 32.60
CA ASP F 59 -41.99 -1.77 33.48
C ASP F 59 -41.70 -0.55 32.64
N ALA F 60 -42.19 0.59 33.08
CA ALA F 60 -41.99 1.82 32.34
C ALA F 60 -41.13 2.82 33.11
N SER F 61 -40.25 2.33 33.97
CA SER F 61 -39.37 3.23 34.69
C SER F 61 -38.25 3.78 33.83
N SER F 62 -38.05 3.21 32.64
CA SER F 62 -36.94 3.57 31.77
C SER F 62 -37.40 4.28 30.51
N ILE F 63 -38.67 4.29 30.20
CA ILE F 63 -39.21 4.99 29.06
C ILE F 63 -39.34 6.47 29.39
N LYS F 64 -38.89 7.34 28.47
CA LYS F 64 -38.88 8.77 28.73
C LYS F 64 -40.28 9.33 28.80
N LEU F 65 -40.51 10.18 29.81
CA LEU F 65 -41.81 10.77 30.15
C LEU F 65 -42.87 9.70 30.39
N CYS F 66 -42.52 8.63 31.10
CA CYS F 66 -43.49 7.61 31.44
C CYS F 66 -43.24 7.02 32.82
N SER F 67 -42.74 7.83 33.75
CA SER F 67 -42.45 7.37 35.11
C SER F 67 -43.20 8.12 36.23
N ASP F 68 -43.70 7.35 37.20
CA ASP F 68 -44.43 7.87 38.36
C ASP F 68 -43.58 7.54 39.59
N THR F 69 -43.49 8.45 40.56
CA THR F 69 -42.63 8.17 41.70
C THR F 69 -42.64 6.69 42.04
N GLU F 70 -43.79 6.16 42.42
CA GLU F 70 -43.86 4.79 42.92
C GLU F 70 -44.68 3.85 42.07
N VAL F 71 -45.35 4.31 41.03
CA VAL F 71 -45.91 3.35 40.10
C VAL F 71 -44.75 2.87 39.24
N SER F 72 -44.16 1.75 39.61
CA SER F 72 -43.09 1.13 38.85
C SER F 72 -43.62 0.02 37.96
N ASP F 73 -44.86 -0.40 38.17
CA ASP F 73 -45.49 -1.44 37.37
C ASP F 73 -46.75 -0.89 36.74
N PHE F 74 -46.87 -1.06 35.44
CA PHE F 74 -48.01 -0.60 34.68
C PHE F 74 -48.67 -1.79 34.00
N PHE F 75 -49.65 -1.49 33.16
CA PHE F 75 -50.33 -2.47 32.36
C PHE F 75 -50.14 -2.13 30.90
N ILE F 76 -50.61 -2.99 30.02
CA ILE F 76 -50.72 -2.70 28.59
C ILE F 76 -52.08 -3.21 28.17
N LYS F 77 -52.98 -2.29 27.86
CA LYS F 77 -54.36 -2.67 27.57
C LYS F 77 -54.53 -2.86 26.07
N VAL F 78 -54.91 -4.07 25.67
CA VAL F 78 -55.01 -4.43 24.27
C VAL F 78 -56.27 -3.80 23.70
N ASP F 79 -56.11 -3.01 22.65
CA ASP F 79 -57.23 -2.35 22.00
C ASP F 79 -57.42 -2.90 20.60
N HIS F 80 -58.65 -3.34 20.32
CA HIS F 80 -59.04 -3.92 19.03
C HIS F 80 -59.29 -2.88 17.93
N SER F 81 -59.48 -3.35 16.69
CA SER F 81 -59.75 -2.46 15.56
C SER F 81 -58.55 -1.79 14.88
N THR F 82 -57.33 -2.17 15.26
CA THR F 82 -56.13 -1.60 14.69
C THR F 82 -55.11 -2.74 14.64
N CYS F 83 -55.30 -3.66 13.70
CA CYS F 83 -54.42 -4.82 13.66
C CYS F 83 -53.99 -5.06 12.23
N TYR F 84 -52.84 -5.71 12.07
CA TYR F 84 -52.43 -6.18 10.76
C TYR F 84 -51.47 -7.34 10.93
N LEU F 85 -51.59 -8.33 10.05
CA LEU F 85 -50.71 -9.48 10.07
C LEU F 85 -49.40 -9.17 9.36
N GLU F 86 -48.40 -9.98 9.64
CA GLU F 86 -47.10 -9.88 8.99
C GLU F 86 -46.60 -11.27 8.62
N GLU F 87 -45.52 -11.29 7.86
CA GLU F 87 -44.79 -12.50 7.51
C GLU F 87 -43.32 -12.22 7.76
N CYS F 88 -42.86 -12.45 8.98
CA CYS F 88 -41.45 -12.31 9.32
C CYS F 88 -40.88 -13.71 9.50
N ASP F 89 -40.02 -14.11 8.55
CA ASP F 89 -39.32 -15.39 8.55
C ASP F 89 -40.29 -16.56 8.59
N GLY F 90 -41.33 -16.51 7.76
CA GLY F 90 -42.31 -17.57 7.70
C GLY F 90 -43.20 -17.68 8.91
N LYS F 91 -43.26 -16.64 9.75
CA LYS F 91 -44.05 -16.62 10.97
C LYS F 91 -45.04 -15.47 10.91
N ASN F 92 -46.28 -15.72 11.34
CA ASN F 92 -47.32 -14.71 11.29
C ASN F 92 -47.41 -13.99 12.64
N ILE F 93 -47.40 -12.66 12.58
CA ILE F 93 -47.36 -11.81 13.76
C ILE F 93 -48.53 -10.84 13.68
N LEU F 94 -49.42 -10.87 14.67
CA LEU F 94 -50.35 -9.77 14.83
C LEU F 94 -49.62 -8.56 15.38
N ASN F 95 -50.10 -7.38 15.01
CA ASN F 95 -49.55 -6.12 15.53
C ASN F 95 -50.73 -5.29 15.98
N ILE F 96 -50.88 -5.15 17.29
CA ILE F 96 -52.06 -4.52 17.87
C ILE F 96 -51.64 -3.22 18.53
N MET F 97 -52.41 -2.16 18.29
CA MET F 97 -52.21 -0.92 19.02
C MET F 97 -52.76 -1.05 20.43
N CYS F 98 -51.97 -0.61 21.40
CA CYS F 98 -52.18 -0.95 22.80
C CYS F 98 -51.90 0.24 23.70
N ASP F 99 -52.86 0.60 24.55
CA ASP F 99 -52.65 1.69 25.49
C ASP F 99 -52.04 1.19 26.79
N ILE F 100 -51.57 2.14 27.60
CA ILE F 100 -51.01 1.85 28.91
C ILE F 100 -51.92 2.43 29.98
N LYS F 101 -52.11 1.67 31.06
CA LYS F 101 -53.04 2.07 32.10
C LYS F 101 -52.37 1.83 33.46
N ARG F 102 -53.09 2.29 34.48
CA ARG F 102 -52.74 2.14 35.88
C ARG F 102 -53.35 0.83 36.38
N TYR F 103 -53.12 0.52 37.64
CA TYR F 103 -53.64 -0.71 38.23
C TYR F 103 -55.17 -0.85 38.26
N ASN F 104 -55.88 0.24 38.52
CA ASN F 104 -57.34 0.17 38.63
C ASN F 104 -58.00 0.14 37.25
N GLY F 105 -57.31 0.61 36.23
CA GLY F 105 -57.92 0.71 34.92
C GLY F 105 -58.23 2.16 34.60
N PHE F 106 -57.70 3.06 35.43
CA PHE F 106 -57.90 4.47 35.18
C PHE F 106 -57.00 4.93 34.03
N ASP F 107 -57.46 5.97 33.35
CA ASP F 107 -56.77 6.54 32.20
C ASP F 107 -55.49 7.23 32.65
N TYR F 108 -54.35 6.71 32.20
CA TYR F 108 -53.07 7.32 32.54
C TYR F 108 -52.92 8.66 31.84
N TYR F 109 -52.50 9.69 32.59
CA TYR F 109 -52.52 11.03 32.04
C TYR F 109 -51.33 11.33 31.14
N LYS F 110 -50.34 10.46 31.09
CA LYS F 110 -49.24 10.61 30.15
C LYS F 110 -49.27 9.57 29.05
N CYS F 111 -50.47 9.14 28.64
CA CYS F 111 -50.60 8.32 27.46
C CYS F 111 -51.28 9.12 26.36
N PRO F 112 -50.62 9.28 25.20
CA PRO F 112 -51.18 10.14 24.16
C PRO F 112 -52.35 9.52 23.43
N ARG F 113 -52.40 8.20 23.29
CA ARG F 113 -53.52 7.57 22.64
C ARG F 113 -54.77 7.60 23.50
N THR F 114 -54.61 7.68 24.82
CA THR F 114 -55.77 7.86 25.69
C THR F 114 -56.24 9.31 25.68
N ILE F 115 -55.39 10.23 25.22
CA ILE F 115 -55.82 11.62 25.11
C ILE F 115 -56.70 11.82 23.89
N LEU F 116 -56.32 11.22 22.75
CA LEU F 116 -57.17 11.29 21.57
C LEU F 116 -58.47 10.53 21.73
N LYS F 117 -58.49 9.47 22.53
CA LYS F 117 -59.76 8.81 22.81
C LYS F 117 -60.66 9.67 23.66
N LYS F 118 -60.09 10.58 24.44
CA LYS F 118 -60.88 11.45 25.30
C LYS F 118 -61.34 12.71 24.59
N THR F 119 -60.50 13.33 23.77
CA THR F 119 -60.89 14.58 23.13
C THR F 119 -61.83 14.34 21.96
N CYS F 120 -61.80 13.15 21.37
CA CYS F 120 -62.76 12.84 20.33
C CYS F 120 -64.10 12.45 20.90
N GLU F 121 -64.11 11.76 22.04
CA GLU F 121 -65.33 11.41 22.74
C GLU F 121 -65.84 12.55 23.61
N PHE F 122 -65.08 13.64 23.70
CA PHE F 122 -65.60 14.86 24.31
C PHE F 122 -66.33 15.71 23.29
N VAL F 123 -65.76 15.85 22.10
CA VAL F 123 -66.38 16.64 21.04
C VAL F 123 -67.68 16.00 20.57
N LYS F 124 -67.73 14.66 20.53
CA LYS F 124 -68.91 13.96 20.06
C LYS F 124 -70.07 14.07 21.05
N ASN F 125 -69.79 14.44 22.30
CA ASN F 125 -70.85 14.49 23.30
C ASN F 125 -71.60 15.82 23.30
N GLU F 126 -71.18 16.78 22.49
CA GLU F 126 -71.88 18.07 22.42
C GLU F 126 -72.73 18.23 21.18
N GLY F 127 -72.99 17.16 20.43
CA GLY F 127 -73.76 17.28 19.21
C GLY F 127 -73.07 18.00 18.08
N ILE F 128 -71.78 18.29 18.23
CA ILE F 128 -70.98 18.98 17.23
C ILE F 128 -69.86 18.04 16.81
N ALA F 129 -69.75 17.78 15.51
CA ALA F 129 -68.65 17.03 14.90
C ALA F 129 -68.53 15.62 15.49
N ASP F 130 -69.52 14.77 15.16
CA ASP F 130 -69.47 13.37 15.58
C ASP F 130 -68.29 12.64 14.97
N LYS F 131 -67.79 13.11 13.84
CA LYS F 131 -66.62 12.54 13.18
C LYS F 131 -65.67 13.69 12.85
N VAL F 132 -64.37 13.43 12.97
CA VAL F 132 -63.34 14.35 12.54
C VAL F 132 -62.49 13.63 11.51
N CYS F 133 -62.52 14.10 10.27
CA CYS F 133 -61.74 13.50 9.20
C CYS F 133 -60.49 14.34 8.96
N ILE F 134 -59.33 13.72 9.12
CA ILE F 134 -58.05 14.39 8.98
C ILE F 134 -57.23 13.61 7.97
N GLY F 135 -56.64 14.31 7.00
CA GLY F 135 -55.68 13.71 6.09
C GLY F 135 -54.27 14.20 6.38
N ASN F 136 -53.29 13.52 5.80
CA ASN F 136 -51.90 13.88 6.03
C ASN F 136 -51.08 13.70 4.77
N GLU F 137 -49.93 14.39 4.75
CA GLU F 137 -49.00 14.38 3.61
C GLU F 137 -47.59 14.28 4.18
N LEU F 138 -47.04 13.07 4.22
CA LEU F 138 -45.74 12.85 4.84
C LEU F 138 -44.62 13.20 3.88
N GLU F 139 -43.57 13.82 4.41
CA GLU F 139 -42.39 14.17 3.60
C GLU F 139 -41.17 13.65 4.33
N PHE F 140 -40.32 12.92 3.60
CA PHE F 140 -39.18 12.28 4.22
C PHE F 140 -37.99 12.33 3.27
N PHE F 141 -36.79 12.28 3.82
CA PHE F 141 -35.56 12.21 3.04
C PHE F 141 -35.10 10.78 3.05
N ILE F 142 -34.40 10.37 1.99
CA ILE F 142 -33.78 9.05 1.95
C ILE F 142 -32.31 9.25 1.67
N PHE F 143 -31.49 9.19 2.71
CA PHE F 143 -30.05 9.28 2.61
C PHE F 143 -29.48 7.88 2.47
N ASP F 144 -28.18 7.78 2.21
CA ASP F 144 -27.55 6.48 2.03
C ASP F 144 -26.89 6.04 3.32
N LYS F 145 -26.15 6.97 3.91
CA LYS F 145 -25.46 6.73 5.16
C LYS F 145 -25.34 8.04 5.89
N VAL F 146 -25.22 7.97 7.22
CA VAL F 146 -25.06 9.16 8.04
C VAL F 146 -24.14 8.81 9.19
N ASN F 147 -23.08 9.58 9.37
CA ASN F 147 -22.15 9.40 10.47
C ASN F 147 -22.02 10.70 11.23
N TYR F 148 -22.12 10.63 12.55
CA TYR F 148 -21.82 11.79 13.37
C TYR F 148 -21.09 11.38 14.64
N SER F 149 -20.65 12.38 15.40
CA SER F 149 -19.93 12.15 16.64
C SER F 149 -20.02 13.39 17.49
N LEU F 150 -19.79 13.23 18.79
CA LEU F 150 -19.90 14.32 19.74
C LEU F 150 -18.70 14.43 20.68
N ASP F 151 -17.55 13.85 20.32
CA ASP F 151 -16.35 14.03 21.10
C ASP F 151 -15.92 15.49 21.06
N GLU F 152 -15.29 15.96 22.14
CA GLU F 152 -14.98 17.38 22.29
C GLU F 152 -13.98 17.84 21.26
N TYR F 153 -13.15 16.94 20.76
CA TYR F 153 -12.10 17.25 19.81
C TYR F 153 -12.41 16.73 18.42
N ASN F 154 -13.40 15.85 18.30
CA ASN F 154 -13.69 15.23 17.01
C ASN F 154 -15.12 15.27 16.44
N THR F 155 -15.94 16.21 16.85
CA THR F 155 -17.32 16.24 16.35
C THR F 155 -17.36 16.42 14.82
N TYR F 156 -18.22 15.65 14.16
CA TYR F 156 -18.37 15.73 12.71
C TYR F 156 -19.78 15.36 12.31
N LEU F 157 -20.10 15.70 11.06
CA LEU F 157 -21.20 15.13 10.29
C LEU F 157 -20.67 14.63 8.97
N LYS F 158 -21.25 13.54 8.48
CA LYS F 158 -21.01 13.09 7.11
C LYS F 158 -22.32 12.50 6.62
N VAL F 159 -23.02 13.22 5.77
CA VAL F 159 -24.24 12.71 5.15
C VAL F 159 -23.85 12.22 3.77
N TYR F 160 -24.05 10.95 3.50
CA TYR F 160 -23.73 10.37 2.21
C TYR F 160 -25.01 10.33 1.39
N ASP F 161 -24.96 10.85 0.18
CA ASP F 161 -26.12 10.90 -0.69
C ASP F 161 -25.79 10.38 -2.08
N ARG F 162 -26.82 9.93 -2.78
CA ARG F 162 -26.65 9.33 -4.10
C ARG F 162 -27.25 10.18 -5.20
N GLU F 163 -28.21 11.03 -4.89
CA GLU F 163 -28.85 11.86 -5.89
C GLU F 163 -28.36 13.30 -5.89
N SER F 164 -27.82 13.77 -4.79
CA SER F 164 -27.49 15.18 -4.68
C SER F 164 -26.16 15.46 -5.35
N PHE F 165 -26.12 16.51 -6.17
CA PHE F 165 -24.89 16.89 -6.83
C PHE F 165 -23.93 17.54 -5.86
N SER F 166 -24.42 18.16 -4.80
CA SER F 166 -23.56 18.96 -3.94
C SER F 166 -22.95 18.14 -2.81
N CYS F 167 -23.35 16.89 -2.65
CA CYS F 167 -22.59 16.01 -1.76
C CYS F 167 -21.37 15.50 -2.47
N LYS F 168 -20.20 15.93 -2.01
CA LYS F 168 -18.96 15.58 -2.68
C LYS F 168 -18.16 14.56 -1.90
N ASN F 169 -18.83 13.80 -1.03
CA ASN F 169 -18.25 12.61 -0.44
C ASN F 169 -18.19 11.51 -1.49
N ASP F 170 -17.24 10.60 -1.34
CA ASP F 170 -17.12 9.48 -2.26
C ASP F 170 -17.70 8.22 -1.65
N LEU F 171 -18.50 7.50 -2.44
CA LEU F 171 -19.19 6.31 -1.99
C LEU F 171 -18.48 5.03 -2.39
N SER F 172 -17.22 5.12 -2.82
CA SER F 172 -16.48 3.91 -3.16
C SER F 172 -16.05 3.15 -1.92
N SER F 173 -15.96 3.83 -0.78
CA SER F 173 -15.60 3.17 0.47
C SER F 173 -16.71 2.31 1.03
N ILE F 174 -17.96 2.65 0.72
CA ILE F 174 -19.11 1.94 1.25
C ILE F 174 -19.15 0.55 0.64
N TYR F 175 -19.11 -0.48 1.48
CA TYR F 175 -19.07 -1.83 0.99
C TYR F 175 -20.47 -2.32 0.63
N GLU F 196 -26.56 -0.04 -6.35
CA GLU F 196 -25.69 -0.48 -5.26
C GLU F 196 -24.32 0.19 -5.31
N TYR F 197 -24.33 1.48 -5.65
CA TYR F 197 -23.18 2.39 -5.55
C TYR F 197 -22.09 1.98 -6.54
N LEU F 198 -22.52 1.49 -7.70
CA LEU F 198 -21.60 0.92 -8.68
C LEU F 198 -20.74 2.00 -9.33
N ILE F 199 -21.37 2.97 -9.99
CA ILE F 199 -20.64 4.00 -10.73
C ILE F 199 -21.06 5.34 -10.18
N ASN F 200 -20.10 6.13 -9.74
CA ASN F 200 -20.39 7.46 -9.22
C ASN F 200 -20.14 8.48 -10.31
N ASP F 201 -21.20 8.91 -10.97
CA ASP F 201 -21.10 9.96 -11.97
C ASP F 201 -22.06 11.09 -11.63
N ASP F 202 -21.57 12.31 -11.81
CA ASP F 202 -22.34 13.52 -11.53
C ASP F 202 -23.34 13.85 -12.62
N SER F 203 -23.44 13.02 -13.64
CA SER F 203 -24.34 13.28 -14.75
C SER F 203 -25.78 12.95 -14.42
N LYS F 204 -26.00 11.92 -13.61
CA LYS F 204 -27.34 11.51 -13.21
C LYS F 204 -27.71 11.97 -11.81
N LYS F 205 -27.16 13.10 -11.37
CA LYS F 205 -27.47 13.60 -10.04
C LYS F 205 -28.34 14.84 -10.13
N VAL F 206 -29.16 15.04 -9.11
CA VAL F 206 -30.09 16.16 -9.06
C VAL F 206 -29.39 17.36 -8.44
N LYS F 207 -29.50 18.52 -9.08
CA LYS F 207 -28.95 19.73 -8.51
C LYS F 207 -29.91 20.30 -7.47
N LYS F 208 -29.48 21.34 -6.76
CA LYS F 208 -30.23 21.79 -5.60
C LYS F 208 -31.45 22.60 -6.00
N LYS F 209 -32.55 22.39 -5.25
CA LYS F 209 -33.84 23.03 -5.42
C LYS F 209 -34.42 22.87 -6.81
N SER F 210 -34.04 21.80 -7.50
CA SER F 210 -34.41 21.65 -8.90
C SER F 210 -34.86 20.24 -9.20
N GLY F 211 -35.38 19.52 -8.21
CA GLY F 211 -35.85 18.18 -8.46
C GLY F 211 -37.28 17.94 -8.09
N TYR F 212 -38.21 18.82 -8.47
CA TYR F 212 -39.59 18.70 -7.98
C TYR F 212 -40.25 17.40 -8.44
N PHE F 213 -40.51 17.26 -9.72
CA PHE F 213 -41.02 16.00 -10.22
C PHE F 213 -39.92 15.35 -11.05
N THR F 214 -39.24 14.36 -10.51
CA THR F 214 -38.16 13.74 -11.26
C THR F 214 -38.45 12.28 -11.54
N THR F 215 -37.66 11.76 -12.47
CA THR F 215 -37.88 10.44 -13.00
C THR F 215 -36.81 9.36 -12.76
N ASP F 216 -36.82 8.31 -13.57
CA ASP F 216 -35.91 7.17 -13.38
C ASP F 216 -34.40 7.40 -13.41
N PRO F 217 -33.87 8.17 -14.38
CA PRO F 217 -32.42 8.35 -14.27
C PRO F 217 -32.02 9.11 -13.03
N TYR F 218 -32.79 10.13 -12.63
CA TYR F 218 -32.41 11.01 -11.56
C TYR F 218 -33.00 10.61 -10.21
N ASP F 219 -34.23 10.12 -10.20
CA ASP F 219 -34.83 9.58 -8.99
C ASP F 219 -34.31 8.16 -8.77
N THR F 220 -33.26 8.10 -7.97
CA THR F 220 -32.51 6.90 -7.60
C THR F 220 -33.31 5.90 -6.82
N SER F 221 -34.36 6.34 -6.14
CA SER F 221 -35.10 5.40 -5.36
C SER F 221 -36.55 5.37 -5.75
N ASN F 222 -36.80 4.80 -6.93
CA ASN F 222 -38.19 4.63 -7.38
C ASN F 222 -38.73 3.26 -7.04
N ILE F 223 -37.87 2.25 -6.91
CA ILE F 223 -38.33 0.91 -6.60
C ILE F 223 -38.73 0.81 -5.13
N ILE F 224 -38.13 1.64 -4.28
CA ILE F 224 -38.48 1.67 -2.86
C ILE F 224 -39.92 2.15 -2.67
N LYS F 225 -40.34 3.15 -3.44
CA LYS F 225 -41.64 3.76 -3.22
C LYS F 225 -42.77 2.87 -3.66
N LEU F 226 -42.56 2.07 -4.71
CA LEU F 226 -43.59 1.12 -5.10
C LEU F 226 -43.70 -0.03 -4.13
N ARG F 227 -42.64 -0.30 -3.37
CA ARG F 227 -42.68 -1.32 -2.35
C ARG F 227 -43.18 -0.82 -1.02
N ILE F 228 -43.19 0.50 -0.80
CA ILE F 228 -43.76 1.05 0.41
C ILE F 228 -45.27 1.02 0.24
N CYS F 229 -45.76 1.57 -0.86
CA CYS F 229 -47.19 1.73 -1.03
C CYS F 229 -47.87 0.43 -1.44
N ARG F 230 -47.10 -0.57 -1.86
CA ARG F 230 -47.64 -1.93 -1.90
C ARG F 230 -47.93 -2.44 -0.50
N ALA F 231 -47.06 -2.12 0.45
CA ALA F 231 -47.24 -2.57 1.82
C ALA F 231 -48.24 -1.74 2.58
N LEU F 232 -48.61 -0.58 2.08
CA LEU F 232 -49.62 0.25 2.73
C LEU F 232 -51.01 0.01 2.17
N ASN F 233 -51.13 -0.28 0.88
CA ASN F 233 -52.43 -0.57 0.31
C ASN F 233 -52.91 -1.96 0.67
N ASP F 234 -51.99 -2.88 0.96
CA ASP F 234 -52.39 -4.19 1.47
C ASP F 234 -52.98 -4.10 2.87
N MET F 235 -52.63 -3.07 3.60
CA MET F 235 -53.05 -2.86 4.97
C MET F 235 -54.25 -1.93 5.08
N ASN F 236 -54.88 -1.58 3.95
CA ASN F 236 -55.94 -0.60 3.83
C ASN F 236 -55.57 0.76 4.39
N ILE F 237 -54.31 1.15 4.29
CA ILE F 237 -53.89 2.55 4.44
C ILE F 237 -53.70 3.06 3.03
N ASN F 238 -54.78 3.52 2.42
CA ASN F 238 -54.77 3.80 1.00
C ASN F 238 -54.03 5.09 0.68
N VAL F 239 -53.20 5.04 -0.36
CA VAL F 239 -52.37 6.18 -0.77
C VAL F 239 -52.87 6.98 -1.97
N GLN F 240 -53.18 8.25 -1.73
CA GLN F 240 -53.67 9.16 -2.77
C GLN F 240 -52.71 9.60 -3.90
N ARG F 241 -51.46 9.91 -3.54
CA ARG F 241 -50.48 10.38 -4.54
C ARG F 241 -49.02 10.20 -4.12
N TYR F 242 -48.10 10.33 -5.08
CA TYR F 242 -46.69 10.17 -4.78
C TYR F 242 -45.93 11.10 -5.71
N HIS F 243 -44.91 11.77 -5.19
CA HIS F 243 -43.93 12.43 -6.05
C HIS F 243 -42.61 12.59 -5.30
N HIS F 244 -41.59 12.99 -6.05
CA HIS F 244 -40.36 13.56 -5.53
C HIS F 244 -40.67 14.97 -5.05
N GLU F 245 -39.74 15.64 -4.36
CA GLU F 245 -40.06 16.99 -3.91
C GLU F 245 -38.88 17.94 -4.10
N VAL F 246 -39.05 19.18 -3.64
CA VAL F 246 -38.13 20.26 -4.00
C VAL F 246 -36.97 20.17 -3.03
N SER F 247 -36.11 19.18 -3.28
CA SER F 247 -34.85 18.91 -2.61
C SER F 247 -34.30 17.68 -3.28
N THR F 248 -33.02 17.44 -3.08
CA THR F 248 -32.39 16.24 -3.57
C THR F 248 -32.65 15.13 -2.58
N SER F 249 -33.30 14.07 -3.05
CA SER F 249 -33.76 12.92 -2.25
C SER F 249 -34.69 13.34 -1.12
N GLN F 250 -35.81 13.96 -1.50
CA GLN F 250 -36.92 14.22 -0.60
C GLN F 250 -38.21 13.84 -1.29
N HIS F 251 -38.97 12.95 -0.66
CA HIS F 251 -40.14 12.34 -1.29
C HIS F 251 -41.40 12.77 -0.54
N GLU F 252 -42.52 12.15 -0.91
CA GLU F 252 -43.82 12.61 -0.43
C GLU F 252 -44.83 11.48 -0.54
N ILE F 253 -45.59 11.23 0.52
CA ILE F 253 -46.74 10.33 0.48
C ILE F 253 -47.95 11.09 0.99
N SER F 254 -49.02 11.11 0.22
CA SER F 254 -50.28 11.68 0.68
C SER F 254 -51.32 10.60 0.81
N LEU F 255 -51.89 10.45 1.99
CA LEU F 255 -52.76 9.34 2.30
C LEU F 255 -54.23 9.74 2.18
N LYS F 256 -55.08 8.74 2.29
CA LYS F 256 -56.52 8.91 2.27
C LYS F 256 -56.97 9.56 3.58
N TYR F 257 -58.18 10.11 3.60
CA TYR F 257 -58.73 10.73 4.78
C TYR F 257 -59.29 9.67 5.71
N PHE F 258 -59.01 9.81 7.00
CA PHE F 258 -59.43 8.81 7.97
C PHE F 258 -60.02 9.50 9.18
N ASP F 259 -60.63 8.71 10.05
CA ASP F 259 -61.06 9.18 11.36
C ASP F 259 -59.83 9.60 12.17
N ALA F 260 -60.02 10.59 13.06
CA ALA F 260 -58.89 11.23 13.72
C ALA F 260 -58.17 10.29 14.69
N LEU F 261 -58.86 9.28 15.21
CA LEU F 261 -58.18 8.32 16.06
C LEU F 261 -57.43 7.29 15.23
N THR F 262 -57.94 6.91 14.06
CA THR F 262 -57.24 5.97 13.23
C THR F 262 -56.24 6.63 12.31
N ASN F 263 -56.27 7.96 12.21
CA ASN F 263 -55.22 8.65 11.47
C ASN F 263 -53.91 8.62 12.23
N ALA F 264 -53.94 9.00 13.50
CA ALA F 264 -52.71 9.02 14.28
C ALA F 264 -52.19 7.62 14.54
N ASP F 265 -53.06 6.63 14.54
CA ASP F 265 -52.61 5.25 14.54
C ASP F 265 -51.92 4.89 13.23
N PHE F 266 -52.44 5.37 12.11
CA PHE F 266 -51.85 5.02 10.83
C PHE F 266 -50.59 5.83 10.54
N LEU F 267 -50.37 6.92 11.27
CA LEU F 267 -49.13 7.66 11.06
C LEU F 267 -47.94 6.97 11.71
N LEU F 268 -48.12 6.35 12.87
CA LEU F 268 -47.03 5.60 13.47
C LEU F 268 -46.69 4.37 12.65
N ILE F 269 -47.70 3.70 12.11
CA ILE F 269 -47.47 2.50 11.33
C ILE F 269 -46.83 2.85 9.99
N THR F 270 -47.16 4.02 9.43
CA THR F 270 -46.54 4.44 8.18
C THR F 270 -45.07 4.78 8.37
N LYS F 271 -44.74 5.54 9.40
CA LYS F 271 -43.36 5.93 9.65
C LYS F 271 -42.46 4.75 9.95
N GLN F 272 -42.98 3.69 10.55
CA GLN F 272 -42.15 2.53 10.80
C GLN F 272 -42.04 1.66 9.56
N ILE F 273 -43.07 1.65 8.72
CA ILE F 273 -43.01 0.88 7.48
C ILE F 273 -42.09 1.56 6.48
N ILE F 274 -42.10 2.89 6.47
CA ILE F 274 -41.18 3.65 5.63
C ILE F 274 -39.75 3.44 6.11
N LYS F 275 -39.53 3.41 7.42
CA LYS F 275 -38.18 3.22 7.95
C LYS F 275 -37.64 1.83 7.71
N THR F 276 -38.47 0.80 7.79
CA THR F 276 -37.98 -0.57 7.64
C THR F 276 -37.82 -0.97 6.18
N THR F 277 -38.71 -0.52 5.30
CA THR F 277 -38.59 -0.90 3.91
C THR F 277 -37.45 -0.16 3.24
N VAL F 278 -37.11 1.03 3.73
CA VAL F 278 -35.93 1.73 3.21
C VAL F 278 -34.67 1.05 3.72
N SER F 279 -34.64 0.66 4.99
CA SER F 279 -33.44 0.06 5.55
C SER F 279 -33.20 -1.36 5.08
N SER F 280 -34.19 -1.99 4.44
CA SER F 280 -33.94 -3.28 3.81
C SER F 280 -33.30 -3.11 2.44
N PHE F 281 -33.26 -1.88 1.94
CA PHE F 281 -32.50 -1.52 0.75
C PHE F 281 -31.14 -0.96 1.09
N ASN F 282 -30.72 -1.09 2.36
CA ASN F 282 -29.48 -0.52 2.90
C ASN F 282 -29.41 0.99 2.72
N ARG F 283 -30.48 1.69 3.08
CA ARG F 283 -30.48 3.14 3.14
C ARG F 283 -31.11 3.57 4.44
N THR F 284 -31.13 4.88 4.69
CA THR F 284 -31.81 5.44 5.85
C THR F 284 -32.92 6.36 5.39
N ALA F 285 -33.94 6.51 6.21
CA ALA F 285 -35.03 7.44 5.94
C ALA F 285 -35.28 8.26 7.17
N THR F 286 -35.41 9.58 7.00
CA THR F 286 -35.56 10.47 8.13
C THR F 286 -36.80 11.32 8.02
N PHE F 287 -37.26 11.80 9.17
CA PHE F 287 -38.41 12.70 9.25
C PHE F 287 -38.05 13.95 10.05
N MET F 288 -36.78 14.31 10.07
CA MET F 288 -36.34 15.54 10.70
C MET F 288 -36.93 16.73 9.98
N PRO F 289 -37.32 17.78 10.69
CA PRO F 289 -37.46 19.07 10.03
C PRO F 289 -36.08 19.71 9.89
N LYS F 290 -35.75 20.08 8.65
CA LYS F 290 -34.45 20.62 8.27
C LYS F 290 -33.24 19.75 8.68
N PRO F 291 -32.98 18.67 7.95
CA PRO F 291 -31.59 18.32 7.68
C PRO F 291 -31.15 19.14 6.48
N LEU F 292 -29.84 19.30 6.33
CA LEU F 292 -29.23 19.94 5.15
C LEU F 292 -29.68 21.39 4.98
N VAL F 293 -28.97 22.29 5.66
CA VAL F 293 -29.15 23.74 5.71
C VAL F 293 -29.64 24.39 4.43
N ASN F 294 -29.04 24.03 3.30
CA ASN F 294 -29.41 24.67 2.04
C ASN F 294 -30.50 23.93 1.28
N ASP F 295 -31.33 23.13 1.93
CA ASP F 295 -32.47 22.51 1.26
C ASP F 295 -33.75 22.67 2.05
N ASN F 296 -34.85 22.11 1.57
CA ASN F 296 -36.13 22.28 2.22
C ASN F 296 -36.24 21.39 3.45
N GLY F 297 -37.36 21.57 4.18
CA GLY F 297 -37.65 20.79 5.35
C GLY F 297 -38.73 19.76 5.10
N ASN F 298 -39.19 19.16 6.19
CA ASN F 298 -40.24 18.15 6.14
C ASN F 298 -41.41 18.62 6.99
N GLY F 299 -42.60 18.68 6.39
CA GLY F 299 -43.76 19.18 7.08
C GLY F 299 -44.83 18.13 7.22
N LEU F 300 -45.93 18.53 7.84
CA LEU F 300 -47.18 17.78 7.83
C LEU F 300 -48.29 18.74 7.45
N HIS F 301 -48.88 18.53 6.29
CA HIS F 301 -50.09 19.25 5.93
C HIS F 301 -51.27 18.46 6.48
N CYS F 302 -51.99 19.04 7.43
CA CYS F 302 -53.13 18.39 8.06
C CYS F 302 -54.41 18.96 7.46
N ASN F 303 -54.99 18.24 6.51
CA ASN F 303 -56.27 18.63 5.96
C ASN F 303 -57.40 18.20 6.87
N ILE F 304 -58.06 19.15 7.51
CA ILE F 304 -59.04 18.87 8.55
C ILE F 304 -60.43 19.24 8.04
N SER F 305 -61.43 18.46 8.43
CA SER F 305 -62.83 18.76 8.15
C SER F 305 -63.68 18.04 9.19
N LEU F 306 -64.81 18.63 9.55
CA LEU F 306 -65.70 18.05 10.54
C LEU F 306 -67.00 17.61 9.90
N TRP F 307 -67.65 16.61 10.52
CA TRP F 307 -68.83 16.00 9.94
C TRP F 307 -69.91 15.81 10.99
N LYS F 308 -71.16 16.01 10.58
CA LYS F 308 -72.32 15.77 11.43
C LYS F 308 -73.41 15.15 10.57
N ASN F 309 -73.78 13.90 10.89
CA ASN F 309 -74.83 13.14 10.20
C ASN F 309 -74.55 13.01 8.71
N ASN F 310 -73.29 12.68 8.39
CA ASN F 310 -72.75 12.61 7.02
C ASN F 310 -72.93 13.92 6.27
N LYS F 311 -72.84 15.04 6.96
CA LYS F 311 -72.87 16.36 6.36
C LYS F 311 -71.74 17.20 6.91
N ASN F 312 -71.12 18.00 6.05
CA ASN F 312 -70.03 18.87 6.44
C ASN F 312 -70.54 19.99 7.33
N ILE F 313 -69.82 20.19 8.43
CA ILE F 313 -70.05 21.31 9.32
C ILE F 313 -69.63 22.55 8.51
N PHE F 314 -68.54 22.39 7.75
CA PHE F 314 -67.98 23.45 6.92
C PHE F 314 -68.69 23.51 5.55
N TYR F 315 -69.94 23.97 5.52
CA TYR F 315 -70.68 24.08 4.27
C TYR F 315 -72.05 24.66 4.56
N HIS F 316 -72.44 25.70 3.84
CA HIS F 316 -73.72 26.36 4.09
C HIS F 316 -74.60 26.48 2.85
N ASN F 317 -74.09 26.10 1.67
CA ASN F 317 -74.84 26.03 0.41
C ASN F 317 -75.42 27.39 0.03
N ASP F 318 -74.43 28.30 -0.07
CA ASP F 318 -74.41 29.74 -0.46
C ASP F 318 -72.94 30.18 -0.88
N PRO F 319 -72.85 31.33 -1.55
CA PRO F 319 -71.76 32.12 -2.12
C PRO F 319 -71.62 33.46 -1.42
N SER F 320 -70.43 34.06 -1.62
CA SER F 320 -69.87 35.35 -1.12
C SER F 320 -69.04 35.11 0.15
N THR F 321 -69.26 33.94 0.74
CA THR F 321 -68.50 33.42 1.86
C THR F 321 -67.84 32.10 1.38
N PHE F 322 -67.85 31.90 0.07
CA PHE F 322 -67.30 30.71 -0.55
C PHE F 322 -68.01 29.44 -0.06
N PHE F 323 -69.32 29.52 0.16
CA PHE F 323 -70.05 28.33 0.61
C PHE F 323 -69.68 27.88 2.03
N LEU F 324 -69.06 28.76 2.81
CA LEU F 324 -68.65 28.45 4.16
C LEU F 324 -69.70 29.00 5.12
N SER F 325 -69.59 28.52 6.35
CA SER F 325 -70.46 28.91 7.44
C SER F 325 -69.55 29.54 8.48
N LYS F 326 -70.14 30.36 9.33
CA LYS F 326 -69.38 31.03 10.35
C LYS F 326 -68.79 29.95 11.26
N GLU F 327 -69.38 28.76 11.22
CA GLU F 327 -68.91 27.72 12.13
C GLU F 327 -67.56 27.20 11.69
N SER F 328 -67.08 27.59 10.51
CA SER F 328 -65.79 27.23 9.96
C SER F 328 -64.70 28.25 10.30
N PHE F 329 -64.99 29.54 10.12
CA PHE F 329 -64.05 30.59 10.52
C PHE F 329 -63.88 30.64 12.03
N TYR F 330 -64.86 30.18 12.79
CA TYR F 330 -64.67 30.01 14.22
C TYR F 330 -63.64 28.95 14.51
N PHE F 331 -63.56 27.92 13.67
CA PHE F 331 -62.57 26.87 13.88
C PHE F 331 -61.19 27.30 13.45
N MET F 332 -61.10 28.18 12.44
CA MET F 332 -59.80 28.66 11.99
C MET F 332 -59.22 29.64 13.00
N TYR F 333 -60.02 30.61 13.43
CA TYR F 333 -59.54 31.61 14.38
C TYR F 333 -59.28 31.02 15.75
N GLY F 334 -59.87 29.87 16.08
CA GLY F 334 -59.49 29.19 17.30
C GLY F 334 -58.08 28.64 17.25
N ILE F 335 -57.59 28.34 16.05
CA ILE F 335 -56.21 27.92 15.88
C ILE F 335 -55.26 29.10 15.86
N VAL F 336 -55.64 30.17 15.17
CA VAL F 336 -54.75 31.33 15.00
C VAL F 336 -54.62 32.10 16.31
N LYS F 337 -55.63 32.04 17.18
CA LYS F 337 -55.50 32.66 18.48
C LYS F 337 -54.51 31.89 19.37
N HIS F 338 -54.53 30.57 19.28
CA HIS F 338 -53.73 29.73 20.17
C HIS F 338 -52.55 29.09 19.47
N ALA F 339 -52.02 29.72 18.41
CA ALA F 339 -51.04 29.05 17.58
C ALA F 339 -49.66 29.02 18.20
N LYS F 340 -49.33 29.99 19.07
CA LYS F 340 -48.05 29.93 19.74
C LYS F 340 -48.06 28.92 20.88
N ALA F 341 -49.24 28.55 21.36
CA ALA F 341 -49.32 27.47 22.33
C ALA F 341 -49.30 26.11 21.66
N LEU F 342 -49.82 26.02 20.43
CA LEU F 342 -49.77 24.76 19.69
C LEU F 342 -48.38 24.44 19.19
N GLN F 343 -47.52 25.46 19.04
CA GLN F 343 -46.17 25.24 18.54
C GLN F 343 -45.29 24.50 19.53
N ALA F 344 -45.68 24.49 20.79
CA ALA F 344 -44.96 23.73 21.79
C ALA F 344 -45.12 22.26 21.46
N PHE F 345 -46.34 21.87 21.07
CA PHE F 345 -46.62 20.48 20.70
C PHE F 345 -46.40 20.13 19.24
N CYS F 346 -46.88 20.98 18.33
CA CYS F 346 -46.76 20.75 16.89
C CYS F 346 -45.31 20.74 16.37
N ASN F 347 -44.51 21.73 16.71
CA ASN F 347 -43.09 21.62 16.38
C ASN F 347 -42.39 21.90 17.68
N ALA F 348 -41.86 20.87 18.31
CA ALA F 348 -41.20 21.03 19.58
C ALA F 348 -39.86 20.36 19.56
N THR F 349 -38.99 20.93 18.75
CA THR F 349 -37.63 20.50 18.58
C THR F 349 -36.81 21.72 18.24
N MET F 350 -35.53 21.66 18.50
CA MET F 350 -34.66 22.77 18.17
C MET F 350 -34.34 22.81 16.68
N ASN F 351 -34.57 21.71 15.98
CA ASN F 351 -34.47 21.67 14.54
C ASN F 351 -35.57 22.41 13.84
N SER F 352 -36.78 22.42 14.41
CA SER F 352 -37.93 22.89 13.68
C SER F 352 -37.91 24.39 13.48
N TYR F 353 -37.23 25.11 14.35
CA TYR F 353 -37.11 26.55 14.19
C TYR F 353 -35.95 26.93 13.31
N LYS F 354 -35.25 25.95 12.75
CA LYS F 354 -34.42 26.17 11.58
C LYS F 354 -35.21 25.97 10.30
N ARG F 355 -36.49 25.67 10.42
CA ARG F 355 -37.35 25.54 9.26
C ARG F 355 -38.10 26.85 8.96
N LEU F 356 -38.09 27.78 9.91
CA LEU F 356 -38.79 29.06 9.74
C LEU F 356 -37.95 30.32 9.50
N VAL F 357 -36.67 30.27 9.89
CA VAL F 357 -35.77 31.41 9.70
C VAL F 357 -35.73 32.01 8.29
N PRO F 358 -35.46 31.21 7.26
CA PRO F 358 -35.29 31.85 5.94
C PRO F 358 -36.52 32.61 5.43
N GLY F 359 -37.69 32.01 5.60
CA GLY F 359 -38.93 32.62 5.13
C GLY F 359 -39.27 32.28 3.69
N PHE F 360 -38.38 31.59 2.99
CA PHE F 360 -38.69 31.22 1.61
C PHE F 360 -39.59 30.01 1.69
N GLU F 361 -40.78 30.14 1.10
CA GLU F 361 -41.81 29.09 1.11
C GLU F 361 -42.04 28.69 2.56
N THR F 362 -42.04 29.70 3.42
CA THR F 362 -42.19 29.48 4.86
C THR F 362 -43.28 30.38 5.40
N CYS F 363 -43.82 29.99 6.55
CA CYS F 363 -44.87 30.76 7.19
C CYS F 363 -44.23 31.87 8.02
N GLN F 364 -44.46 33.11 7.64
CA GLN F 364 -44.01 34.23 8.45
C GLN F 364 -45.12 34.78 9.34
N LYS F 365 -46.36 34.79 8.85
CA LYS F 365 -47.43 35.51 9.51
C LYS F 365 -48.52 34.54 9.89
N LEU F 366 -49.37 34.97 10.82
CA LEU F 366 -50.37 34.10 11.45
C LEU F 366 -51.75 34.54 10.98
N PHE F 367 -52.15 34.04 9.82
CA PHE F 367 -53.47 34.34 9.26
C PHE F 367 -53.81 33.20 8.31
N TYR F 368 -55.01 33.27 7.72
CA TYR F 368 -55.44 32.27 6.75
C TYR F 368 -55.71 32.93 5.40
N SER F 369 -55.08 32.42 4.34
CA SER F 369 -55.25 32.98 3.00
C SER F 369 -55.38 31.92 1.89
N PHE F 370 -56.13 32.25 0.85
CA PHE F 370 -56.34 31.36 -0.29
C PHE F 370 -55.08 31.02 -1.08
N GLY F 371 -54.25 32.03 -1.33
CA GLY F 371 -53.02 31.84 -2.08
C GLY F 371 -51.81 32.60 -1.60
N SER F 372 -51.70 32.86 -0.30
CA SER F 372 -50.53 33.53 0.25
C SER F 372 -49.58 32.46 0.76
N ARG F 373 -48.33 32.52 0.31
CA ARG F 373 -47.35 31.51 0.69
C ARG F 373 -46.95 31.62 2.15
N SER F 374 -47.03 32.82 2.73
CA SER F 374 -46.65 33.04 4.12
C SER F 374 -47.81 32.89 5.08
N ALA F 375 -48.84 32.13 4.71
CA ALA F 375 -49.98 31.90 5.58
C ALA F 375 -49.83 30.55 6.26
N VAL F 376 -50.38 30.46 7.46
CA VAL F 376 -50.30 29.22 8.23
C VAL F 376 -51.38 28.25 7.78
N ILE F 377 -52.60 28.75 7.63
CA ILE F 377 -53.73 27.95 7.16
C ILE F 377 -54.07 28.39 5.75
N ARG F 378 -54.21 27.44 4.84
CA ARG F 378 -54.56 27.75 3.46
C ARG F 378 -55.86 27.05 3.07
N LEU F 379 -56.82 27.82 2.58
CA LEU F 379 -58.09 27.26 2.16
C LEU F 379 -58.06 26.87 0.69
N SER F 380 -58.88 25.89 0.35
CA SER F 380 -58.81 25.23 -0.94
C SER F 380 -59.75 25.92 -1.91
N LEU F 381 -59.23 26.31 -3.07
CA LEU F 381 -60.03 26.89 -4.14
C LEU F 381 -60.34 25.89 -5.25
N ILE F 382 -59.80 24.67 -5.17
CA ILE F 382 -60.25 23.58 -6.04
C ILE F 382 -61.61 23.06 -5.58
N ASN F 383 -62.56 23.02 -6.53
CA ASN F 383 -63.92 22.51 -6.33
C ASN F 383 -64.61 23.16 -5.14
N TYR F 384 -64.75 24.48 -5.23
CA TYR F 384 -65.39 25.23 -4.16
C TYR F 384 -66.88 24.91 -4.06
N SER F 385 -67.50 24.41 -5.13
CA SER F 385 -68.92 24.09 -5.09
C SER F 385 -69.18 22.73 -4.47
N ASN F 386 -68.18 21.87 -4.38
CA ASN F 386 -68.40 20.52 -3.89
C ASN F 386 -68.33 20.50 -2.36
N PRO F 387 -69.31 19.89 -1.69
CA PRO F 387 -69.31 19.91 -0.22
C PRO F 387 -68.32 18.97 0.44
N SER F 388 -68.09 17.82 -0.19
CA SER F 388 -67.14 16.84 0.31
C SER F 388 -65.73 17.41 0.25
N GLU F 389 -65.43 18.13 -0.82
CA GLU F 389 -64.11 18.72 -1.01
C GLU F 389 -63.98 20.09 -0.34
N LYS F 390 -64.07 20.10 0.99
CA LYS F 390 -63.92 21.31 1.78
C LYS F 390 -62.93 20.93 2.88
N ARG F 391 -61.95 21.77 3.14
CA ARG F 391 -60.99 21.39 4.16
C ARG F 391 -60.24 22.63 4.67
N ILE F 392 -59.40 22.39 5.66
CA ILE F 392 -58.56 23.42 6.27
C ILE F 392 -57.16 22.84 6.36
N GLU F 393 -56.21 23.47 5.67
CA GLU F 393 -54.86 22.94 5.57
C GLU F 393 -53.95 23.68 6.54
N PHE F 394 -53.71 23.08 7.70
CA PHE F 394 -52.80 23.60 8.70
C PHE F 394 -51.38 23.20 8.31
N ARG F 395 -50.48 24.15 8.10
CA ARG F 395 -49.12 23.78 7.67
C ARG F 395 -47.95 23.88 8.66
N LEU F 396 -48.22 24.27 9.89
CA LEU F 396 -47.17 24.40 10.92
C LEU F 396 -46.40 23.16 11.44
N PRO F 397 -47.11 22.05 11.68
CA PRO F 397 -46.59 20.83 12.30
C PRO F 397 -45.49 20.04 11.58
N ASP F 398 -44.76 19.22 12.36
CA ASP F 398 -43.69 18.31 11.91
C ASP F 398 -44.07 16.91 12.30
N CYS F 399 -43.39 15.97 11.68
CA CYS F 399 -43.59 14.58 11.99
C CYS F 399 -42.72 14.25 13.20
N ALA F 400 -41.91 15.21 13.69
CA ALA F 400 -41.07 14.82 14.81
C ALA F 400 -41.87 14.47 16.07
N ASN F 401 -42.92 15.23 16.37
CA ASN F 401 -43.64 15.02 17.61
C ASN F 401 -44.60 13.84 17.48
N SER F 402 -45.21 13.47 18.59
CA SER F 402 -46.15 12.37 18.59
C SER F 402 -47.47 12.81 17.97
N PRO F 403 -48.00 12.04 17.01
CA PRO F 403 -49.18 12.50 16.26
C PRO F 403 -50.47 12.49 17.06
N HIS F 404 -50.52 11.80 18.20
CA HIS F 404 -51.71 11.85 19.03
C HIS F 404 -51.76 13.12 19.85
N LEU F 405 -50.61 13.63 20.29
CA LEU F 405 -50.61 14.86 21.05
C LEU F 405 -50.84 16.08 20.16
N VAL F 406 -50.39 16.03 18.91
CA VAL F 406 -50.57 17.17 18.02
C VAL F 406 -52.02 17.28 17.58
N MET F 407 -52.62 16.16 17.17
CA MET F 407 -53.98 16.22 16.65
C MET F 407 -55.01 16.39 17.74
N ALA F 408 -54.65 16.13 18.98
CA ALA F 408 -55.57 16.43 20.06
C ALA F 408 -55.48 17.88 20.48
N ALA F 409 -54.33 18.51 20.32
CA ALA F 409 -54.22 19.91 20.68
C ALA F 409 -54.87 20.81 19.64
N ILE F 410 -54.92 20.37 18.38
CA ILE F 410 -55.55 21.16 17.33
C ILE F 410 -57.06 21.15 17.49
N ILE F 411 -57.63 20.00 17.81
CA ILE F 411 -59.07 19.89 18.02
C ILE F 411 -59.49 20.65 19.26
N LEU F 412 -58.71 20.55 20.34
CA LEU F 412 -59.06 21.27 21.56
C LEU F 412 -58.85 22.77 21.42
N ALA F 413 -57.98 23.20 20.52
CA ALA F 413 -57.87 24.62 20.24
C ALA F 413 -58.98 25.08 19.32
N GLY F 414 -59.29 24.27 18.30
CA GLY F 414 -60.34 24.65 17.38
C GLY F 414 -61.72 24.54 17.97
N TYR F 415 -61.90 23.68 18.98
CA TYR F 415 -63.19 23.62 19.64
C TYR F 415 -63.42 24.83 20.54
N ASP F 416 -62.35 25.41 21.06
CA ASP F 416 -62.50 26.63 21.84
C ASP F 416 -62.71 27.85 20.97
N GLY F 417 -62.63 27.70 19.65
CA GLY F 417 -63.01 28.80 18.78
C GLY F 417 -64.48 28.83 18.45
N ILE F 418 -65.20 27.74 18.69
CA ILE F 418 -66.63 27.71 18.39
C ILE F 418 -67.44 28.09 19.62
N LYS F 419 -67.05 27.60 20.79
CA LYS F 419 -67.78 27.94 22.01
C LYS F 419 -67.55 29.39 22.43
N SER F 420 -66.41 29.98 22.06
CA SER F 420 -66.10 31.32 22.52
C SER F 420 -66.85 32.40 21.76
N LYS F 421 -67.20 32.14 20.50
CA LYS F 421 -67.95 33.05 19.62
C LYS F 421 -67.26 34.39 19.41
N GLU F 422 -65.93 34.43 19.43
CA GLU F 422 -65.24 35.67 19.11
C GLU F 422 -65.18 35.89 17.61
N GLN F 423 -64.78 37.09 17.22
CA GLN F 423 -64.79 37.37 15.79
C GLN F 423 -63.56 36.77 15.11
N PRO F 424 -63.75 36.14 13.96
CA PRO F 424 -62.61 35.69 13.16
C PRO F 424 -61.92 36.89 12.48
N LEU F 425 -60.78 36.59 11.86
CA LEU F 425 -59.96 37.60 11.21
C LEU F 425 -60.24 37.61 9.72
N VAL F 426 -59.84 38.69 9.06
CA VAL F 426 -59.99 38.84 7.61
C VAL F 426 -59.03 37.89 6.91
N PRO F 427 -59.41 37.30 5.77
CA PRO F 427 -58.48 36.40 5.05
C PRO F 427 -57.16 37.01 4.55
N PHE F 428 -57.12 38.28 4.15
CA PHE F 428 -55.86 39.05 4.02
C PHE F 428 -54.89 38.48 2.97
N GLU F 429 -55.35 38.39 1.73
CA GLU F 429 -54.48 37.89 0.67
C GLU F 429 -53.53 38.99 0.20
N SER F 430 -52.23 38.71 0.18
CA SER F 430 -51.23 39.76 0.08
C SER F 430 -50.36 39.59 -1.15
N LYS F 431 -50.57 40.42 -2.17
CA LYS F 431 -49.89 40.23 -3.45
C LYS F 431 -48.39 40.35 -3.34
N ASP F 432 -47.97 41.37 -2.61
CA ASP F 432 -46.57 41.62 -2.34
C ASP F 432 -46.65 41.79 -0.85
N ASN F 433 -46.25 42.96 -0.39
CA ASN F 433 -46.35 43.27 1.01
C ASN F 433 -47.69 43.91 1.29
N HIS F 434 -48.39 44.25 0.21
CA HIS F 434 -49.70 44.88 0.32
C HIS F 434 -50.75 43.80 0.56
N PHE F 435 -51.32 43.80 1.76
CA PHE F 435 -52.41 42.87 2.08
C PHE F 435 -53.69 43.41 1.44
N TYR F 436 -54.25 42.64 0.51
CA TYR F 436 -55.53 42.97 -0.08
C TYR F 436 -56.65 42.24 0.65
N ILE F 437 -57.89 42.57 0.28
CA ILE F 437 -59.08 41.92 0.78
C ILE F 437 -59.93 41.57 -0.44
N SER F 438 -60.47 40.35 -0.47
CA SER F 438 -61.22 39.87 -1.61
C SER F 438 -62.49 40.67 -1.84
N SER F 439 -63.04 40.55 -3.05
CA SER F 439 -64.28 41.23 -3.38
C SER F 439 -65.45 40.69 -2.57
N ILE F 440 -65.41 39.41 -2.22
CA ILE F 440 -66.46 38.82 -1.41
C ILE F 440 -66.36 39.28 0.04
N PHE F 441 -65.15 39.62 0.49
CA PHE F 441 -65.02 40.15 1.85
C PHE F 441 -64.93 41.67 1.88
N SER F 442 -64.93 42.32 0.72
CA SER F 442 -65.06 43.77 0.75
C SER F 442 -66.46 44.18 1.16
N LYS F 443 -67.46 43.39 0.80
CA LYS F 443 -68.82 43.84 1.09
C LYS F 443 -69.32 43.63 2.50
N TYR F 444 -69.34 44.74 3.24
CA TYR F 444 -69.87 44.84 4.59
C TYR F 444 -69.37 43.88 5.68
N VAL F 445 -68.07 43.60 5.80
CA VAL F 445 -67.75 42.69 6.90
C VAL F 445 -67.02 43.39 8.03
N GLN F 446 -66.51 44.60 7.85
CA GLN F 446 -65.86 45.37 8.90
C GLN F 446 -66.46 46.77 8.87
N HIS F 447 -67.24 47.09 9.90
CA HIS F 447 -67.71 48.47 10.05
C HIS F 447 -66.59 49.43 10.49
N PRO F 448 -65.86 49.20 11.59
CA PRO F 448 -64.85 50.18 11.96
C PRO F 448 -63.46 49.79 11.47
N GLU F 449 -62.53 50.74 11.59
CA GLU F 449 -61.15 50.63 11.14
C GLU F 449 -61.05 50.25 9.64
N ASN F 450 -61.55 51.16 8.81
CA ASN F 450 -61.42 51.02 7.35
C ASN F 450 -60.06 51.56 6.93
N PHE F 451 -59.05 50.69 6.99
CA PHE F 451 -57.68 51.05 6.67
C PHE F 451 -57.20 50.48 5.34
N ASN F 452 -57.67 49.29 4.98
CA ASN F 452 -57.31 48.65 3.71
C ASN F 452 -58.16 49.12 2.54
N ILE F 453 -58.83 50.28 2.65
CA ILE F 453 -59.71 50.76 1.59
C ILE F 453 -58.91 51.14 0.34
N LEU F 454 -57.64 51.50 0.51
CA LEU F 454 -56.77 51.72 -0.64
C LEU F 454 -56.42 50.39 -1.32
N THR F 455 -56.38 49.30 -0.55
CA THR F 455 -56.03 47.99 -1.10
C THR F 455 -57.28 47.11 -1.23
N HIS F 456 -57.98 47.28 -2.34
CA HIS F 456 -59.13 46.43 -2.68
C HIS F 456 -59.14 46.02 -4.15
N ALA F 457 -58.01 46.07 -4.84
CA ALA F 457 -57.97 45.79 -6.27
C ALA F 457 -58.01 44.29 -6.49
N LEU F 458 -59.23 43.73 -6.56
CA LEU F 458 -59.41 42.30 -6.74
C LEU F 458 -60.69 42.06 -7.55
N GLU F 459 -60.68 40.95 -8.30
CA GLU F 459 -61.80 40.51 -9.10
C GLU F 459 -62.23 39.07 -8.80
N GLY F 460 -61.35 38.26 -8.22
CA GLY F 460 -61.70 36.94 -7.73
C GLY F 460 -61.99 35.94 -8.83
N TYR F 461 -62.85 34.97 -8.50
CA TYR F 461 -63.45 34.06 -9.46
C TYR F 461 -64.59 34.77 -10.18
N GLU F 462 -65.18 34.10 -11.15
CA GLU F 462 -66.18 34.80 -11.98
C GLU F 462 -67.50 34.86 -11.24
N SER F 463 -68.02 36.08 -11.06
CA SER F 463 -69.27 36.33 -10.36
C SER F 463 -69.79 37.67 -10.84
N LEU F 464 -71.01 37.69 -11.37
CA LEU F 464 -71.65 38.91 -11.80
C LEU F 464 -73.03 38.99 -11.18
N HIS F 465 -73.42 40.21 -10.80
CA HIS F 465 -74.66 40.53 -10.09
C HIS F 465 -74.77 39.72 -8.78
N THR F 466 -73.80 39.95 -7.91
CA THR F 466 -73.67 39.19 -6.68
C THR F 466 -74.74 39.57 -5.66
N ILE F 467 -74.99 38.67 -4.72
CA ILE F 467 -75.99 38.86 -3.69
C ILE F 467 -75.29 38.94 -2.34
N ASN F 468 -75.61 39.98 -1.56
CA ASN F 468 -75.05 40.18 -0.23
C ASN F 468 -76.02 39.60 0.80
N GLU F 469 -75.62 38.48 1.42
CA GLU F 469 -76.44 37.88 2.46
C GLU F 469 -76.35 38.71 3.74
N SER F 470 -77.49 39.10 4.27
CA SER F 470 -77.54 40.02 5.40
C SER F 470 -77.07 39.45 6.74
N PRO F 471 -77.51 38.26 7.22
CA PRO F 471 -77.07 37.86 8.57
C PRO F 471 -75.63 37.35 8.64
N GLU F 472 -75.06 36.89 7.52
CA GLU F 472 -73.69 36.42 7.53
C GLU F 472 -72.69 37.56 7.35
N PHE F 473 -73.14 38.65 6.76
CA PHE F 473 -72.22 39.75 6.45
C PHE F 473 -72.16 40.89 7.44
N LYS F 474 -72.37 40.61 8.72
CA LYS F 474 -72.37 41.70 9.68
C LYS F 474 -70.92 42.10 9.87
N ASN F 475 -70.59 42.75 10.99
CA ASN F 475 -69.19 43.14 11.20
C ASN F 475 -68.34 41.87 11.22
N PHE F 476 -68.80 40.86 11.95
CA PHE F 476 -68.24 39.52 12.02
C PHE F 476 -66.73 39.40 11.87
N PHE F 477 -66.12 40.20 11.00
CA PHE F 477 -64.69 40.03 10.93
C PHE F 477 -64.00 41.23 11.57
N LYS F 478 -62.86 41.00 12.19
CA LYS F 478 -62.07 42.07 12.76
C LYS F 478 -60.86 42.34 11.87
N CYS F 479 -60.57 43.61 11.65
CA CYS F 479 -59.39 44.01 10.88
C CYS F 479 -58.32 44.46 11.86
N GLU F 480 -57.54 43.49 12.34
CA GLU F 480 -56.30 43.77 13.05
C GLU F 480 -55.14 43.39 12.15
N GLU F 481 -53.95 43.75 12.58
CA GLU F 481 -52.76 43.29 11.89
C GLU F 481 -52.51 41.82 12.22
N PRO F 482 -52.16 40.99 11.22
CA PRO F 482 -51.86 39.59 11.51
C PRO F 482 -50.53 39.48 12.26
N GLN F 483 -50.57 38.78 13.38
CA GLN F 483 -49.41 38.65 14.24
C GLN F 483 -48.41 37.66 13.65
N GLY F 484 -47.29 37.51 14.33
CA GLY F 484 -46.25 36.60 13.91
C GLY F 484 -46.35 35.26 14.62
N ILE F 485 -45.37 34.42 14.35
CA ILE F 485 -45.26 33.09 14.93
C ILE F 485 -44.06 33.11 15.86
N SER F 486 -44.00 32.17 16.80
CA SER F 486 -42.80 32.05 17.62
C SER F 486 -41.71 31.36 16.83
N PHE F 487 -40.49 31.88 16.94
CA PHE F 487 -39.36 31.36 16.17
C PHE F 487 -38.35 30.62 17.03
N SER F 488 -38.70 30.27 18.26
CA SER F 488 -37.82 29.46 19.11
C SER F 488 -38.67 28.79 20.19
N LEU F 489 -38.08 27.76 20.82
CA LEU F 489 -38.78 27.05 21.88
C LEU F 489 -38.95 27.87 23.14
N VAL F 490 -38.06 28.82 23.40
CA VAL F 490 -38.21 29.63 24.60
C VAL F 490 -39.36 30.61 24.45
N GLU F 491 -39.76 30.91 23.22
CA GLU F 491 -40.98 31.69 23.02
C GLU F 491 -42.22 30.83 23.05
N SER F 492 -42.13 29.58 22.61
CA SER F 492 -43.30 28.73 22.50
C SER F 492 -43.65 28.07 23.82
N LEU F 493 -42.63 27.72 24.62
CA LEU F 493 -42.92 27.14 25.93
C LEU F 493 -43.42 28.19 26.90
N ASP F 494 -43.02 29.44 26.74
CA ASP F 494 -43.58 30.49 27.57
C ASP F 494 -44.98 30.88 27.12
N ALA F 495 -45.30 30.68 25.85
CA ALA F 495 -46.68 30.88 25.41
C ALA F 495 -47.58 29.75 25.89
N LEU F 496 -47.03 28.56 26.08
CA LEU F 496 -47.81 27.47 26.65
C LEU F 496 -48.04 27.66 28.14
N GLU F 497 -47.11 28.31 28.84
CA GLU F 497 -47.29 28.53 30.27
C GLU F 497 -48.38 29.52 30.60
N LYS F 498 -48.56 30.52 29.74
CA LYS F 498 -49.58 31.54 29.96
C LYS F 498 -50.86 31.21 29.20
N ASP F 499 -50.77 30.23 28.31
CA ASP F 499 -51.92 29.84 27.52
C ASP F 499 -52.15 28.34 27.49
N HIS F 500 -52.56 27.77 28.62
CA HIS F 500 -52.85 26.35 28.68
C HIS F 500 -54.27 26.09 29.14
N ALA F 501 -55.15 27.05 28.93
CA ALA F 501 -56.50 26.98 29.45
C ALA F 501 -57.44 26.23 28.54
N PHE F 502 -57.23 26.29 27.22
CA PHE F 502 -58.09 25.56 26.30
C PHE F 502 -57.80 24.07 26.30
N LEU F 503 -56.67 23.64 26.86
CA LEU F 503 -56.33 22.24 26.91
C LEU F 503 -56.84 21.55 28.16
N THR F 504 -57.08 22.31 29.23
CA THR F 504 -57.47 21.76 30.51
C THR F 504 -58.98 21.61 30.65
N VAL F 505 -59.72 21.66 29.56
CA VAL F 505 -61.17 21.51 29.61
C VAL F 505 -61.52 20.05 29.86
N ASN F 506 -62.36 19.81 30.86
CA ASN F 506 -62.77 18.48 31.34
C ASN F 506 -61.58 17.61 31.75
N ASN F 507 -60.47 18.25 32.15
CA ASN F 507 -59.27 17.61 32.66
C ASN F 507 -58.67 16.61 31.66
N ILE F 508 -58.65 16.99 30.39
CA ILE F 508 -58.07 16.13 29.36
C ILE F 508 -56.55 16.17 29.44
N PHE F 509 -55.99 17.36 29.33
CA PHE F 509 -54.59 17.60 29.65
C PHE F 509 -54.56 18.05 31.11
N THR F 510 -53.89 17.31 31.97
CA THR F 510 -53.86 17.76 33.35
C THR F 510 -52.82 18.86 33.52
N GLU F 511 -52.86 19.52 34.68
CA GLU F 511 -51.88 20.55 34.98
C GLU F 511 -50.50 19.97 35.20
N GLU F 512 -50.42 18.77 35.76
CA GLU F 512 -49.14 18.11 35.97
C GLU F 512 -48.57 17.56 34.69
N MET F 513 -49.43 17.23 33.73
CA MET F 513 -49.00 16.81 32.40
C MET F 513 -48.23 17.90 31.68
N ILE F 514 -48.70 19.14 31.77
CA ILE F 514 -48.06 20.22 31.03
C ILE F 514 -46.80 20.69 31.75
N GLN F 515 -46.82 20.68 33.08
CA GLN F 515 -45.63 21.07 33.84
C GLN F 515 -44.50 20.09 33.64
N GLU F 516 -44.80 18.79 33.58
CA GLU F 516 -43.76 17.81 33.36
C GLU F 516 -43.29 17.79 31.91
N TYR F 517 -44.08 18.34 31.00
CA TYR F 517 -43.66 18.41 29.61
C TYR F 517 -42.76 19.60 29.36
N ILE F 518 -43.07 20.74 29.98
CA ILE F 518 -42.24 21.93 29.81
C ILE F 518 -40.93 21.77 30.56
N LYS F 519 -40.95 21.05 31.69
CA LYS F 519 -39.72 20.78 32.42
C LYS F 519 -38.81 19.84 31.64
N PHE F 520 -39.36 18.97 30.81
CA PHE F 520 -38.51 18.09 30.01
C PHE F 520 -37.85 18.85 28.88
N LYS F 521 -38.59 19.71 28.18
CA LYS F 521 -38.02 20.41 27.03
C LYS F 521 -37.01 21.46 27.47
N ARG F 522 -37.18 22.02 28.65
CA ARG F 522 -36.23 23.01 29.14
C ARG F 522 -34.94 22.39 29.65
N GLU F 523 -34.92 21.07 29.84
CA GLU F 523 -33.66 20.37 30.02
C GLU F 523 -32.96 20.15 28.69
N GLU F 524 -33.73 20.00 27.61
CA GLU F 524 -33.16 19.75 26.29
C GLU F 524 -32.56 21.01 25.67
N ILE F 525 -33.10 22.18 25.99
CA ILE F 525 -32.51 23.41 25.48
C ILE F 525 -31.20 23.70 26.19
N ASP F 526 -31.13 23.41 27.49
CA ASP F 526 -29.91 23.69 28.25
C ASP F 526 -28.78 22.76 27.86
N ALA F 527 -29.08 21.51 27.56
CA ALA F 527 -28.05 20.59 27.10
C ALA F 527 -27.67 20.82 25.66
N TYR F 528 -28.47 21.58 24.93
CA TYR F 528 -28.16 21.90 23.54
C TYR F 528 -27.26 23.11 23.42
N ASN F 529 -27.37 24.05 24.35
CA ASN F 529 -26.60 25.28 24.27
C ASN F 529 -25.21 25.15 24.85
N LYS F 530 -24.92 24.08 25.57
CA LYS F 530 -23.56 23.89 26.08
C LYS F 530 -22.61 23.45 24.99
N TYR F 531 -23.13 22.91 23.90
CA TYR F 531 -22.33 22.18 22.94
C TYR F 531 -21.64 23.15 21.99
N VAL F 532 -20.31 23.12 21.96
CA VAL F 532 -19.53 24.06 21.16
C VAL F 532 -19.44 23.54 19.74
N ASN F 533 -19.83 24.39 18.80
CA ASN F 533 -20.05 24.06 17.41
C ASN F 533 -18.75 24.13 16.61
N ALA F 534 -18.88 23.91 15.31
CA ALA F 534 -17.83 24.24 14.36
C ALA F 534 -18.04 25.59 13.71
N TYR F 535 -19.22 26.17 13.85
CA TYR F 535 -19.47 27.55 13.47
C TYR F 535 -18.96 28.52 14.51
N ASP F 536 -18.68 28.05 15.71
CA ASP F 536 -18.08 28.90 16.72
C ASP F 536 -16.62 29.15 16.43
N TYR F 537 -15.92 28.17 15.86
CA TYR F 537 -14.54 28.34 15.48
C TYR F 537 -14.39 29.17 14.22
N HIS F 538 -15.35 29.11 13.32
CA HIS F 538 -15.24 29.88 12.09
C HIS F 538 -15.46 31.35 12.33
N LEU F 539 -16.53 31.63 13.07
CA LEU F 539 -16.96 32.96 13.48
C LEU F 539 -16.17 33.73 14.55
N TYR F 540 -15.74 33.05 15.60
CA TYR F 540 -15.09 33.71 16.72
C TYR F 540 -13.76 33.11 17.07
N TYR F 541 -12.77 33.43 16.27
CA TYR F 541 -11.43 32.92 16.48
C TYR F 541 -10.40 33.88 15.89
N MET G 1 23.11 24.30 37.23
CA MET G 1 22.31 23.69 38.27
C MET G 1 22.93 23.88 39.64
N LYS G 2 23.70 24.94 39.81
CA LYS G 2 24.37 25.17 41.08
C LYS G 2 23.35 25.55 42.16
N SER G 3 23.63 25.14 43.39
CA SER G 3 22.76 25.38 44.52
C SER G 3 23.27 26.59 45.28
N VAL G 4 22.35 27.41 45.78
CA VAL G 4 22.68 28.61 46.54
C VAL G 4 22.02 28.50 47.91
N SER G 5 22.68 29.05 48.92
CA SER G 5 22.18 29.03 50.29
C SER G 5 21.95 30.44 50.80
N PHE G 6 21.00 30.56 51.72
CA PHE G 6 20.63 31.86 52.28
C PHE G 6 20.34 31.69 53.77
N SER G 7 20.37 32.81 54.49
CA SER G 7 20.12 32.79 55.92
C SER G 7 18.88 33.55 56.38
N ASN G 8 18.55 34.63 55.67
CA ASN G 8 17.42 35.46 56.03
C ASN G 8 16.67 35.87 54.77
N ASN G 9 15.38 36.18 54.89
CA ASN G 9 14.63 36.54 53.70
C ASN G 9 15.20 37.74 52.97
N ALA G 10 16.01 38.55 53.64
CA ALA G 10 16.59 39.72 52.99
C ALA G 10 17.70 39.34 52.03
N GLU G 11 18.43 38.25 52.32
CA GLU G 11 19.50 37.84 51.42
C GLU G 11 18.97 37.26 50.12
N LEU G 12 17.69 36.88 50.06
CA LEU G 12 17.07 36.64 48.76
C LEU G 12 17.00 37.92 47.94
N TYR G 13 16.47 38.99 48.55
CA TYR G 13 16.16 40.20 47.80
C TYR G 13 17.42 40.93 47.35
N GLU G 14 18.52 40.75 48.08
CA GLU G 14 19.78 41.30 47.58
C GLU G 14 20.40 40.42 46.52
N TYR G 15 20.19 39.11 46.60
CA TYR G 15 20.75 38.22 45.58
C TYR G 15 19.96 38.27 44.29
N ILE G 16 18.65 38.51 44.39
CA ILE G 16 17.80 38.58 43.22
C ILE G 16 18.05 39.86 42.44
N LYS G 17 18.17 40.99 43.12
CA LYS G 17 18.30 42.27 42.44
C LYS G 17 19.70 42.56 41.93
N ASP G 18 20.69 41.75 42.28
CA ASP G 18 22.05 42.00 41.84
C ASP G 18 22.21 41.59 40.37
N LYS G 19 22.87 42.44 39.59
CA LYS G 19 22.92 42.27 38.15
C LYS G 19 23.98 41.28 37.70
N LYS G 20 24.87 40.84 38.58
CA LYS G 20 25.89 39.87 38.20
C LYS G 20 25.32 38.48 38.00
N ASN G 21 24.27 38.13 38.73
CA ASN G 21 23.78 36.76 38.75
C ASN G 21 22.81 36.47 37.62
N ASP G 22 22.26 37.51 37.00
CA ASP G 22 21.38 37.42 35.82
C ASP G 22 20.11 36.62 36.10
N VAL G 23 19.64 36.68 37.34
CA VAL G 23 18.45 35.94 37.74
C VAL G 23 17.23 36.66 37.19
N GLU G 24 16.49 35.98 36.33
CA GLU G 24 15.38 36.58 35.60
C GLU G 24 14.02 36.19 36.13
N ILE G 25 13.83 34.92 36.49
CA ILE G 25 12.55 34.39 36.94
C ILE G 25 12.77 33.77 38.32
N VAL G 26 11.81 33.94 39.21
CA VAL G 26 11.80 33.27 40.50
C VAL G 26 10.62 32.31 40.53
N ALA G 27 10.89 31.03 40.68
CA ALA G 27 9.83 30.03 40.67
C ALA G 27 9.58 29.50 42.07
N CYS G 28 8.34 29.14 42.33
CA CYS G 28 7.91 28.63 43.63
C CYS G 28 7.44 27.19 43.45
N ILE G 29 7.52 26.39 44.51
CA ILE G 29 7.23 24.97 44.43
C ILE G 29 6.31 24.62 45.61
N ILE G 30 5.13 24.08 45.32
CA ILE G 30 4.16 23.72 46.34
C ILE G 30 3.91 22.22 46.25
N THR G 31 3.31 21.64 47.30
CA THR G 31 3.07 20.21 47.35
C THR G 31 1.72 19.99 48.04
N ASN G 32 1.06 18.89 47.68
CA ASN G 32 -0.25 18.48 48.16
C ASN G 32 -0.14 17.47 49.31
N LEU G 33 -1.29 17.11 49.87
CA LEU G 33 -1.35 15.94 50.74
C LEU G 33 -1.05 14.68 49.96
N LEU G 34 -1.44 14.64 48.69
CA LEU G 34 -0.99 13.63 47.76
C LEU G 34 0.37 14.05 47.25
N GLY G 35 1.06 13.18 46.52
CA GLY G 35 2.35 13.61 46.06
C GLY G 35 2.28 14.30 44.71
N THR G 36 2.27 15.63 44.70
CA THR G 36 2.24 16.35 43.44
C THR G 36 3.29 17.43 43.47
N TYR G 37 3.47 18.11 42.34
CA TYR G 37 4.57 19.05 42.18
C TYR G 37 4.05 20.23 41.39
N PHE G 38 3.70 21.30 42.10
CA PHE G 38 3.12 22.49 41.51
C PHE G 38 4.19 23.57 41.42
N LYS G 39 4.04 24.47 40.45
CA LYS G 39 5.09 25.43 40.19
C LYS G 39 4.55 26.65 39.46
N CYS G 40 4.85 27.84 39.97
CA CYS G 40 4.41 29.09 39.39
C CYS G 40 5.62 29.99 39.18
N PHE G 41 5.57 30.81 38.13
CA PHE G 41 6.73 31.58 37.71
C PHE G 41 6.49 33.07 37.91
N PHE G 42 7.43 33.73 38.60
CA PHE G 42 7.32 35.14 38.94
C PHE G 42 8.51 35.88 38.37
N TYR G 43 8.31 37.10 37.92
CA TYR G 43 9.40 37.85 37.31
C TYR G 43 10.06 38.79 38.31
N VAL G 44 11.36 38.98 38.12
CA VAL G 44 12.22 39.64 39.10
C VAL G 44 11.91 41.13 39.22
N LYS G 45 11.68 41.83 38.11
CA LYS G 45 11.48 43.28 38.14
C LYS G 45 10.23 43.70 38.89
N GLU G 46 9.28 42.80 39.12
CA GLU G 46 8.06 43.16 39.82
C GLU G 46 8.07 42.78 41.29
N ILE G 47 9.01 41.94 41.71
CA ILE G 47 9.10 41.55 43.11
C ILE G 47 9.66 42.71 43.91
N THR G 48 9.00 43.03 45.02
CA THR G 48 9.40 44.13 45.87
C THR G 48 9.76 43.58 47.25
N LEU G 49 10.05 44.49 48.18
CA LEU G 49 10.37 44.12 49.55
C LEU G 49 9.15 43.55 50.26
N ASN G 50 7.96 44.06 49.93
CA ASN G 50 6.73 43.71 50.61
C ASN G 50 6.21 42.34 50.23
N LYS G 51 6.48 41.91 49.00
CA LYS G 51 5.98 40.63 48.50
C LYS G 51 6.80 39.45 48.97
N LEU G 52 7.78 39.63 49.84
CA LEU G 52 8.46 38.49 50.41
C LEU G 52 7.99 38.25 51.84
N GLU G 53 7.68 39.31 52.59
CA GLU G 53 7.03 39.14 53.89
C GLU G 53 5.60 38.66 53.74
N SER G 54 4.82 39.37 52.95
CA SER G 54 3.57 38.85 52.46
C SER G 54 3.84 37.79 51.39
N GLY G 55 2.80 37.09 51.01
CA GLY G 55 2.94 36.06 50.01
C GLY G 55 2.35 36.44 48.68
N PHE G 56 2.41 35.50 47.76
CA PHE G 56 1.90 35.67 46.42
C PHE G 56 0.47 35.15 46.33
N SER G 57 -0.34 35.82 45.51
CA SER G 57 -1.74 35.45 45.37
C SER G 57 -1.87 34.16 44.58
N PHE G 58 -2.72 33.31 45.12
CA PHE G 58 -2.83 32.00 44.57
C PHE G 58 -4.24 31.49 44.78
N ASP G 59 -4.80 30.85 43.77
CA ASP G 59 -6.13 30.31 43.88
C ASP G 59 -5.95 28.81 43.98
N ALA G 60 -6.43 28.23 45.08
CA ALA G 60 -6.29 26.81 45.27
C ALA G 60 -7.63 26.09 45.29
N SER G 61 -8.62 26.65 44.61
CA SER G 61 -9.93 25.99 44.55
C SER G 61 -9.93 24.78 43.63
N SER G 62 -8.89 24.61 42.82
CA SER G 62 -8.82 23.55 41.83
C SER G 62 -7.79 22.49 42.15
N ILE G 63 -6.92 22.74 43.10
CA ILE G 63 -5.93 21.76 43.52
C ILE G 63 -6.59 20.75 44.45
N LYS G 64 -6.31 19.48 44.23
CA LYS G 64 -6.96 18.41 44.98
C LYS G 64 -6.49 18.40 46.43
N LEU G 65 -7.47 18.27 47.34
CA LEU G 65 -7.28 18.35 48.79
C LEU G 65 -6.63 19.65 49.22
N CYS G 66 -7.07 20.77 48.63
CA CYS G 66 -6.56 22.08 49.03
C CYS G 66 -7.64 23.15 48.97
N SER G 67 -8.88 22.78 49.25
CA SER G 67 -10.00 23.72 49.21
C SER G 67 -10.77 23.89 50.53
N ASP G 68 -11.09 25.14 50.88
CA ASP G 68 -11.84 25.49 52.08
C ASP G 68 -13.16 26.10 51.61
N THR G 69 -14.27 25.80 52.28
CA THR G 69 -15.55 26.31 51.79
C THR G 69 -15.38 27.70 51.19
N GLU G 70 -14.96 28.67 51.99
CA GLU G 70 -14.92 30.05 51.55
C GLU G 70 -13.54 30.67 51.48
N VAL G 71 -12.51 29.99 51.94
CA VAL G 71 -11.17 30.49 51.64
C VAL G 71 -10.88 30.12 50.19
N SER G 72 -11.16 31.04 49.28
CA SER G 72 -10.86 30.86 47.87
C SER G 72 -9.55 31.49 47.49
N ASP G 73 -8.97 32.32 48.36
CA ASP G 73 -7.72 32.98 48.12
C ASP G 73 -6.75 32.61 49.22
N PHE G 74 -5.56 32.15 48.83
CA PHE G 74 -4.52 31.75 49.76
C PHE G 74 -3.28 32.59 49.50
N PHE G 75 -2.22 32.24 50.18
CA PHE G 75 -0.92 32.87 50.03
C PHE G 75 0.07 31.81 49.57
N ILE G 76 1.28 32.25 49.27
CA ILE G 76 2.41 31.36 49.04
C ILE G 76 3.59 31.98 49.78
N LYS G 77 4.01 31.35 50.87
CA LYS G 77 5.03 31.93 51.73
C LYS G 77 6.40 31.42 51.30
N VAL G 78 7.26 32.33 50.90
CA VAL G 78 8.57 31.98 50.37
C VAL G 78 9.46 31.57 51.53
N ASP G 79 10.02 30.37 51.46
CA ASP G 79 10.89 29.84 52.49
C ASP G 79 12.30 29.68 51.94
N HIS G 80 13.26 30.28 52.64
CA HIS G 80 14.68 30.25 52.29
C HIS G 80 15.40 28.94 52.65
N SER G 81 16.63 28.78 52.19
CA SER G 81 17.43 27.58 52.49
C SER G 81 17.19 26.33 51.63
N THR G 82 16.39 26.47 50.56
CA THR G 82 16.10 25.35 49.67
C THR G 82 16.00 25.96 48.28
N CYS G 83 17.13 26.31 47.69
CA CYS G 83 17.08 26.99 46.41
C CYS G 83 18.11 26.36 45.49
N TYR G 84 17.87 26.46 44.18
CA TYR G 84 18.89 26.09 43.21
C TYR G 84 18.63 26.83 41.92
N LEU G 85 19.70 27.25 41.27
CA LEU G 85 19.61 27.94 39.99
C LEU G 85 19.46 26.95 38.85
N GLU G 86 18.97 27.45 37.72
CA GLU G 86 18.84 26.66 36.52
C GLU G 86 19.31 27.47 35.32
N GLU G 87 19.41 26.78 34.19
CA GLU G 87 19.70 27.40 32.89
C GLU G 87 18.69 26.84 31.90
N CYS G 88 17.53 27.48 31.80
CA CYS G 88 16.53 27.09 30.81
C CYS G 88 16.53 28.15 29.73
N ASP G 89 17.00 27.76 28.54
CA ASP G 89 17.04 28.61 27.34
C ASP G 89 17.84 29.89 27.57
N GLY G 90 19.01 29.74 28.19
CA GLY G 90 19.85 30.90 28.46
C GLY G 90 19.33 31.83 29.52
N LYS G 91 18.36 31.41 30.32
CA LYS G 91 17.75 32.22 31.36
C LYS G 91 17.94 31.55 32.71
N ASN G 92 18.27 32.34 33.73
CA ASN G 92 18.51 31.81 35.07
C ASN G 92 17.24 31.89 35.90
N ILE G 93 16.89 30.77 36.53
CA ILE G 93 15.64 30.63 37.27
C ILE G 93 16.00 30.15 38.67
N LEU G 94 15.64 30.93 39.69
CA LEU G 94 15.62 30.37 41.03
C LEU G 94 14.45 29.44 41.20
N ASN G 95 14.63 28.43 42.06
CA ASN G 95 13.57 27.48 42.36
C ASN G 95 13.51 27.37 43.88
N ILE G 96 12.48 27.93 44.48
CA ILE G 96 12.39 28.06 45.92
C ILE G 96 11.25 27.19 46.42
N MET G 97 11.51 26.43 47.49
CA MET G 97 10.44 25.71 48.16
C MET G 97 9.59 26.66 48.98
N CYS G 98 8.28 26.53 48.85
CA CYS G 98 7.34 27.56 49.29
C CYS G 98 6.11 26.93 49.92
N ASP G 99 5.78 27.33 51.14
CA ASP G 99 4.58 26.83 51.79
C ASP G 99 3.36 27.68 51.45
N ILE G 100 2.19 27.16 51.78
CA ILE G 100 0.92 27.85 51.60
C ILE G 100 0.32 28.17 52.95
N LYS G 101 -0.23 29.37 53.08
CA LYS G 101 -0.76 29.84 54.35
C LYS G 101 -2.12 30.48 54.11
N ARG G 102 -2.74 30.82 55.24
CA ARG G 102 -4.01 31.51 55.32
C ARG G 102 -3.73 33.02 55.33
N TYR G 103 -4.78 33.82 55.40
CA TYR G 103 -4.64 35.27 55.39
C TYR G 103 -3.86 35.85 56.59
N ASN G 104 -4.06 35.31 57.79
CA ASN G 104 -3.41 35.86 58.98
C ASN G 104 -1.95 35.43 59.08
N GLY G 105 -1.59 34.33 58.42
CA GLY G 105 -0.25 33.79 58.55
C GLY G 105 -0.29 32.55 59.41
N PHE G 106 -1.48 32.05 59.68
CA PHE G 106 -1.61 30.83 60.44
C PHE G 106 -1.25 29.62 59.58
N ASP G 107 -0.78 28.58 60.26
CA ASP G 107 -0.35 27.35 59.61
C ASP G 107 -1.55 26.62 59.03
N TYR G 108 -1.59 26.47 57.71
CA TYR G 108 -2.67 25.75 57.06
C TYR G 108 -2.58 24.26 57.37
N TYR G 109 -3.70 23.66 57.76
CA TYR G 109 -3.66 22.29 58.26
C TYR G 109 -3.60 21.25 57.15
N LYS G 110 -3.78 21.63 55.90
CA LYS G 110 -3.59 20.73 54.78
C LYS G 110 -2.36 21.06 53.97
N CYS G 111 -1.32 21.57 54.61
CA CYS G 111 -0.03 21.72 53.95
C CYS G 111 0.96 20.74 54.55
N PRO G 112 1.52 19.85 53.73
CA PRO G 112 2.40 18.81 54.28
C PRO G 112 3.76 19.31 54.71
N ARG G 113 4.29 20.35 54.07
CA ARG G 113 5.57 20.89 54.48
C ARG G 113 5.46 21.66 55.78
N THR G 114 4.29 22.19 56.10
CA THR G 114 4.09 22.80 57.39
C THR G 114 3.88 21.76 58.48
N ILE G 115 3.57 20.52 58.10
CA ILE G 115 3.45 19.45 59.08
C ILE G 115 4.82 18.97 59.51
N LEU G 116 5.75 18.79 58.57
CA LEU G 116 7.11 18.42 58.93
C LEU G 116 7.84 19.52 59.67
N LYS G 117 7.52 20.78 59.42
CA LYS G 117 8.11 21.84 60.23
C LYS G 117 7.60 21.83 61.64
N LYS G 118 6.41 21.28 61.87
CA LYS G 118 5.83 21.22 63.20
C LYS G 118 6.26 19.99 63.96
N THR G 119 6.33 18.83 63.31
CA THR G 119 6.66 17.62 64.05
C THR G 119 8.15 17.52 64.33
N CYS G 120 8.98 18.21 63.55
CA CYS G 120 10.39 18.24 63.86
C CYS G 120 10.71 19.26 64.95
N GLU G 121 9.99 20.37 64.97
CA GLU G 121 10.12 21.36 66.02
C GLU G 121 9.31 21.00 67.25
N PHE G 122 8.54 19.92 67.19
CA PHE G 122 7.93 19.37 68.40
C PHE G 122 8.86 18.40 69.09
N VAL G 123 9.52 17.54 68.32
CA VAL G 123 10.44 16.57 68.89
C VAL G 123 11.66 17.26 69.49
N LYS G 124 12.12 18.35 68.87
CA LYS G 124 13.30 19.07 69.34
C LYS G 124 13.03 19.80 70.65
N ASN G 125 11.75 20.02 71.00
CA ASN G 125 11.44 20.78 72.20
C ASN G 125 11.40 19.92 73.46
N GLU G 126 11.56 18.61 73.34
CA GLU G 126 11.58 17.74 74.50
C GLU G 126 12.97 17.26 74.90
N GLY G 127 14.03 17.85 74.34
CA GLY G 127 15.37 17.41 74.65
C GLY G 127 15.74 16.05 74.09
N ILE G 128 14.90 15.49 73.23
CA ILE G 128 15.11 14.20 72.59
C ILE G 128 15.18 14.43 71.10
N ALA G 129 16.28 13.98 70.47
CA ALA G 129 16.47 13.97 69.03
C ALA G 129 16.36 15.38 68.41
N ASP G 130 17.35 16.21 68.71
CA ASP G 130 17.42 17.55 68.13
C ASP G 130 17.55 17.50 66.61
N LYS G 131 18.10 16.42 66.08
CA LYS G 131 18.23 16.21 64.66
C LYS G 131 17.69 14.81 64.33
N VAL G 132 17.03 14.69 63.17
CA VAL G 132 16.59 13.41 62.65
C VAL G 132 17.24 13.25 61.28
N CYS G 133 18.13 12.28 61.15
CA CYS G 133 18.80 12.02 59.88
C CYS G 133 18.13 10.83 59.20
N ILE G 134 17.61 11.05 58.00
CA ILE G 134 16.90 10.05 57.23
C ILE G 134 17.57 9.95 55.87
N GLY G 135 17.86 8.72 55.43
CA GLY G 135 18.31 8.49 54.07
C GLY G 135 17.24 7.80 53.25
N ASN G 136 17.44 7.78 51.94
CA ASN G 136 16.46 7.18 51.04
C ASN G 136 17.13 6.45 49.89
N GLU G 137 16.38 5.54 49.28
CA GLU G 137 16.87 4.73 48.17
C GLU G 137 15.74 4.65 47.15
N LEU G 138 15.80 5.50 46.12
CA LEU G 138 14.72 5.57 45.14
C LEU G 138 14.85 4.48 44.09
N GLU G 139 13.73 3.90 43.70
CA GLU G 139 13.69 2.88 42.67
C GLU G 139 12.66 3.29 41.63
N PHE G 140 13.05 3.28 40.37
CA PHE G 140 12.18 3.76 39.31
C PHE G 140 12.37 2.89 38.07
N PHE G 141 11.33 2.83 37.24
CA PHE G 141 11.39 2.14 35.96
C PHE G 141 11.59 3.19 34.88
N ILE G 142 12.24 2.81 33.78
CA ILE G 142 12.36 3.68 32.63
C ILE G 142 11.81 2.92 31.43
N PHE G 143 10.59 3.23 31.06
CA PHE G 143 9.92 2.67 29.89
C PHE G 143 10.18 3.58 28.71
N ASP G 144 9.79 3.13 27.52
CA ASP G 144 10.02 3.93 26.32
C ASP G 144 8.77 4.71 25.96
N LYS G 145 7.65 4.01 25.98
CA LYS G 145 6.35 4.61 25.70
C LYS G 145 5.29 3.85 26.47
N VAL G 146 4.19 4.51 26.74
CA VAL G 146 3.08 3.89 27.45
C VAL G 146 1.78 4.45 26.89
N ASN G 147 0.89 3.58 26.44
CA ASN G 147 -0.42 3.98 25.94
C ASN G 147 -1.49 3.24 26.70
N TYR G 148 -2.50 3.97 27.16
CA TYR G 148 -3.67 3.33 27.74
C TYR G 148 -4.94 4.05 27.33
N SER G 149 -6.08 3.46 27.70
CA SER G 149 -7.37 4.03 27.38
C SER G 149 -8.40 3.45 28.33
N LEU G 150 -9.52 4.16 28.46
CA LEU G 150 -10.57 3.75 29.37
C LEU G 150 -11.96 3.75 28.74
N ASP G 151 -12.06 3.70 27.42
CA ASP G 151 -13.35 3.57 26.76
C ASP G 151 -13.96 2.22 27.11
N GLU G 152 -15.30 2.16 27.15
CA GLU G 152 -15.99 0.98 27.64
C GLU G 152 -15.78 -0.21 26.72
N TYR G 153 -15.50 0.05 25.45
CA TYR G 153 -15.35 -0.99 24.45
C TYR G 153 -13.90 -1.14 24.02
N ASN G 154 -13.05 -0.18 24.36
CA ASN G 154 -11.65 -0.21 23.89
C ASN G 154 -10.51 -0.09 24.91
N THR G 155 -10.73 -0.41 26.17
CA THR G 155 -9.65 -0.26 27.14
C THR G 155 -8.44 -1.14 26.79
N TYR G 156 -7.24 -0.56 26.91
CA TYR G 156 -6.01 -1.28 26.64
C TYR G 156 -4.87 -0.75 27.47
N LEU G 157 -3.80 -1.53 27.51
CA LEU G 157 -2.47 -1.10 27.90
C LEU G 157 -1.48 -1.49 26.81
N LYS G 158 -0.47 -0.66 26.60
CA LYS G 158 0.66 -1.02 25.77
C LYS G 158 1.88 -0.37 26.38
N VAL G 159 2.71 -1.17 27.06
CA VAL G 159 3.97 -0.68 27.61
C VAL G 159 5.05 -1.07 26.62
N TYR G 160 5.75 -0.09 26.08
CA TYR G 160 6.83 -0.33 25.14
C TYR G 160 8.14 -0.31 25.91
N ASP G 161 8.95 -1.34 25.74
CA ASP G 161 10.22 -1.45 26.45
C ASP G 161 11.35 -1.80 25.49
N ARG G 162 12.56 -1.45 25.89
CA ARG G 162 13.72 -1.65 25.06
C ARG G 162 14.67 -2.70 25.61
N GLU G 163 14.64 -2.96 26.91
CA GLU G 163 15.52 -3.93 27.53
C GLU G 163 14.84 -5.25 27.81
N SER G 164 13.53 -5.28 27.95
CA SER G 164 12.86 -6.49 28.39
C SER G 164 12.66 -7.44 27.24
N PHE G 165 13.01 -8.70 27.46
CA PHE G 165 12.83 -9.72 26.44
C PHE G 165 11.36 -10.08 26.26
N SER G 166 10.56 -9.91 27.30
CA SER G 166 9.19 -10.41 27.25
C SER G 166 8.21 -9.38 26.70
N CYS G 167 8.65 -8.15 26.48
CA CYS G 167 7.81 -7.23 25.71
C CYS G 167 7.96 -7.54 24.24
N LYS G 168 6.88 -8.02 23.63
CA LYS G 168 6.92 -8.42 22.25
C LYS G 168 6.19 -7.45 21.35
N ASN G 169 6.03 -6.21 21.79
CA ASN G 169 5.64 -5.12 20.92
C ASN G 169 6.80 -4.74 20.01
N ASP G 170 6.48 -4.21 18.84
CA ASP G 170 7.51 -3.78 17.91
C ASP G 170 7.68 -2.26 17.96
N LEU G 171 8.93 -1.82 18.02
CA LEU G 171 9.26 -0.41 18.15
C LEU G 171 9.62 0.23 16.82
N SER G 172 9.32 -0.44 15.71
CA SER G 172 9.60 0.16 14.41
C SER G 172 8.61 1.26 14.07
N SER G 173 7.43 1.23 14.68
CA SER G 173 6.44 2.26 14.45
C SER G 173 6.78 3.58 15.13
N ILE G 174 7.54 3.53 16.21
CA ILE G 174 7.88 4.72 16.97
C ILE G 174 8.83 5.57 16.14
N TYR G 175 8.43 6.80 15.88
CA TYR G 175 9.22 7.68 15.03
C TYR G 175 10.35 8.33 15.82
N GLU G 196 18.35 4.93 19.73
CA GLU G 196 17.17 5.55 19.14
C GLU G 196 16.33 4.57 18.34
N TYR G 197 16.22 3.34 18.86
CA TYR G 197 15.31 2.29 18.40
C TYR G 197 15.71 1.82 17.01
N LEU G 198 17.01 1.79 16.75
CA LEU G 198 17.53 1.51 15.43
C LEU G 198 17.32 0.05 15.05
N ILE G 199 17.88 -0.88 15.81
CA ILE G 199 17.81 -2.30 15.49
C ILE G 199 17.17 -3.01 16.66
N ASN G 200 16.09 -3.74 16.39
CA ASN G 200 15.41 -4.49 17.42
C ASN G 200 15.88 -5.94 17.39
N ASP G 201 16.81 -6.28 18.26
CA ASP G 201 17.26 -7.66 18.38
C ASP G 201 17.10 -8.13 19.80
N ASP G 202 16.65 -9.37 19.96
CA ASP G 202 16.43 -9.98 21.25
C ASP G 202 17.71 -10.48 21.89
N SER G 203 18.86 -10.27 21.25
CA SER G 203 20.12 -10.76 21.76
C SER G 203 20.65 -9.89 22.89
N LYS G 204 20.41 -8.59 22.83
CA LYS G 204 20.86 -7.63 23.83
C LYS G 204 19.76 -7.24 24.80
N LYS G 205 18.79 -8.11 25.04
CA LYS G 205 17.70 -7.78 25.94
C LYS G 205 17.84 -8.57 27.24
N VAL G 206 17.33 -8.00 28.32
CA VAL G 206 17.43 -8.62 29.64
C VAL G 206 16.21 -9.51 29.84
N LYS G 207 16.44 -10.74 30.30
CA LYS G 207 15.33 -11.63 30.61
C LYS G 207 14.79 -11.31 32.00
N LYS G 208 13.67 -11.93 32.36
CA LYS G 208 12.96 -11.52 33.56
C LYS G 208 13.64 -12.01 34.83
N LYS G 209 13.62 -11.14 35.85
CA LYS G 209 14.21 -11.36 37.19
C LYS G 209 15.68 -11.72 37.13
N SER G 210 16.38 -11.30 36.09
CA SER G 210 17.75 -11.73 35.88
C SER G 210 18.64 -10.58 35.47
N GLY G 211 18.31 -9.36 35.85
CA GLY G 211 19.14 -8.23 35.51
C GLY G 211 19.61 -7.42 36.69
N TYR G 212 20.12 -8.04 37.75
CA TYR G 212 20.43 -7.29 38.97
C TYR G 212 21.51 -6.27 38.74
N PHE G 213 22.74 -6.68 38.47
CA PHE G 213 23.78 -5.72 38.13
C PHE G 213 24.10 -5.94 36.66
N THR G 214 23.63 -5.06 35.78
CA THR G 214 23.91 -5.25 34.37
C THR G 214 24.71 -4.09 33.81
N THR G 215 25.24 -4.35 32.63
CA THR G 215 26.19 -3.46 32.01
C THR G 215 25.78 -2.79 30.68
N ASP G 216 26.77 -2.31 29.93
CA ASP G 216 26.51 -1.55 28.69
C ASP G 216 25.72 -2.22 27.55
N PRO G 217 26.04 -3.48 27.20
CA PRO G 217 25.18 -4.02 26.13
C PRO G 217 23.73 -4.16 26.56
N TYR G 218 23.47 -4.57 27.79
CA TYR G 218 22.14 -4.89 28.26
C TYR G 218 21.46 -3.73 28.96
N ASP G 219 22.20 -2.94 29.73
CA ASP G 219 21.67 -1.74 30.34
C ASP G 219 21.66 -0.64 29.30
N THR G 220 20.50 -0.51 28.66
CA THR G 220 20.21 0.42 27.58
C THR G 220 20.26 1.87 27.99
N SER G 221 20.08 2.15 29.26
CA SER G 221 20.09 3.54 29.66
C SER G 221 21.13 3.81 30.70
N ASN G 222 22.39 3.77 30.27
CA ASN G 222 23.48 4.12 31.17
C ASN G 222 23.89 5.58 31.07
N ILE G 223 23.65 6.21 29.91
CA ILE G 223 24.03 7.59 29.73
C ILE G 223 23.07 8.51 30.47
N ILE G 224 21.83 8.06 30.65
CA ILE G 224 20.83 8.82 31.39
C ILE G 224 21.23 8.96 32.85
N LYS G 225 21.76 7.90 33.44
CA LYS G 225 22.03 7.89 34.87
C LYS G 225 23.23 8.75 35.22
N LEU G 226 24.21 8.84 34.34
CA LEU G 226 25.32 9.74 34.61
C LEU G 226 24.93 11.19 34.42
N ARG G 227 23.87 11.46 33.68
CA ARG G 227 23.37 12.81 33.52
C ARG G 227 22.36 13.18 34.59
N ILE G 228 21.80 12.22 35.31
CA ILE G 228 20.93 12.51 36.42
C ILE G 228 21.81 12.92 37.58
N CYS G 229 22.79 12.08 37.91
CA CYS G 229 23.58 12.31 39.11
C CYS G 229 24.65 13.38 38.89
N ARG G 230 24.91 13.77 37.65
CA ARG G 230 25.62 15.03 37.42
C ARG G 230 24.77 16.21 37.85
N ALA G 231 23.46 16.14 37.58
CA ALA G 231 22.57 17.23 37.94
C ALA G 231 22.19 17.23 39.40
N LEU G 232 22.43 16.13 40.11
CA LEU G 232 22.15 16.07 41.54
C LEU G 232 23.35 16.42 42.38
N ASN G 233 24.56 16.08 41.94
CA ASN G 233 25.75 16.43 42.70
C ASN G 233 26.11 17.89 42.52
N ASP G 234 25.69 18.52 41.41
CA ASP G 234 25.88 19.95 41.26
C ASP G 234 24.99 20.73 42.20
N MET G 235 23.90 20.13 42.66
CA MET G 235 22.92 20.75 43.53
C MET G 235 23.14 20.41 45.00
N ASN G 236 24.27 19.77 45.32
CA ASN G 236 24.60 19.22 46.64
C ASN G 236 23.55 18.26 47.17
N ILE G 237 22.89 17.51 46.29
CA ILE G 237 22.14 16.32 46.69
C ILE G 237 23.05 15.16 46.33
N ASN G 238 23.93 14.80 47.25
CA ASN G 238 25.02 13.88 46.93
C ASN G 238 24.52 12.46 46.85
N VAL G 239 24.99 11.72 45.84
CA VAL G 239 24.56 10.35 45.57
C VAL G 239 25.56 9.26 46.00
N GLN G 240 25.13 8.43 46.95
CA GLN G 240 25.94 7.32 47.47
C GLN G 240 26.25 6.14 46.54
N ARG G 241 25.27 5.66 45.77
CA ARG G 241 25.46 4.50 44.91
C ARG G 241 24.46 4.41 43.75
N TYR G 242 24.74 3.55 42.76
CA TYR G 242 23.86 3.41 41.62
C TYR G 242 23.97 1.97 41.16
N HIS G 243 22.85 1.36 40.81
CA HIS G 243 22.87 0.10 40.07
C HIS G 243 21.56 -0.06 39.30
N HIS G 244 21.55 -1.07 38.43
CA HIS G 244 20.35 -1.66 37.87
C HIS G 244 19.69 -2.49 38.96
N GLU G 245 18.46 -2.97 38.73
CA GLU G 245 17.85 -3.78 39.79
C GLU G 245 17.14 -5.00 39.23
N VAL G 246 16.46 -5.74 40.11
CA VAL G 246 15.99 -7.10 39.77
C VAL G 246 14.65 -6.90 39.07
N SER G 247 14.74 -6.47 37.82
CA SER G 247 13.65 -6.31 36.86
C SER G 247 14.30 -5.79 35.61
N THR G 248 13.58 -5.88 34.51
CA THR G 248 14.03 -5.33 33.26
C THR G 248 13.68 -3.85 33.25
N SER G 249 14.71 -3.01 33.12
CA SER G 249 14.62 -1.54 33.18
C SER G 249 14.03 -1.06 34.50
N GLN G 250 14.70 -1.42 35.59
CA GLN G 250 14.43 -0.86 36.90
C GLN G 250 15.74 -0.48 37.57
N HIS G 251 15.88 0.77 37.94
CA HIS G 251 17.13 1.33 38.41
C HIS G 251 17.02 1.73 39.88
N GLU G 252 18.05 2.39 40.39
CA GLU G 252 18.16 2.64 41.82
C GLU G 252 19.09 3.82 42.06
N ILE G 253 18.67 4.78 42.89
CA ILE G 253 19.54 5.84 43.38
C ILE G 253 19.48 5.83 44.90
N SER G 254 20.63 5.77 45.55
CA SER G 254 20.69 5.90 46.99
C SER G 254 21.43 7.17 47.35
N LEU G 255 20.79 8.03 48.12
CA LEU G 255 21.30 9.36 48.39
C LEU G 255 22.00 9.42 49.74
N LYS G 256 22.63 10.55 49.98
CA LYS G 256 23.29 10.85 51.23
C LYS G 256 22.24 11.07 52.32
N TYR G 257 22.67 11.00 53.58
CA TYR G 257 21.77 11.23 54.70
C TYR G 257 21.61 12.72 54.94
N PHE G 258 20.37 13.15 55.18
CA PHE G 258 20.09 14.57 55.34
C PHE G 258 19.18 14.76 56.54
N ASP G 259 19.00 16.01 56.93
CA ASP G 259 18.00 16.39 57.91
C ASP G 259 16.61 16.06 57.36
N ALA G 260 15.68 15.74 58.27
CA ALA G 260 14.39 15.21 57.86
C ALA G 260 13.53 16.21 57.12
N LEU G 261 13.75 17.51 57.36
CA LEU G 261 13.01 18.50 56.59
C LEU G 261 13.63 18.72 55.22
N THR G 262 14.95 18.62 55.11
CA THR G 262 15.57 18.77 53.80
C THR G 262 15.63 17.48 53.03
N ASN G 263 15.32 16.35 53.67
CA ASN G 263 15.21 15.11 52.92
C ASN G 263 13.96 15.11 52.07
N ALA G 264 12.81 15.41 52.66
CA ALA G 264 11.56 15.40 51.92
C ALA G 264 11.52 16.51 50.89
N ASP G 265 12.26 17.60 51.13
CA ASP G 265 12.44 18.60 50.09
C ASP G 265 13.28 18.05 48.94
N PHE G 266 14.31 17.26 49.25
CA PHE G 266 15.17 16.75 48.19
C PHE G 266 14.54 15.58 47.47
N LEU G 267 13.51 14.96 48.05
CA LEU G 267 12.85 13.88 47.33
C LEU G 267 11.95 14.39 46.23
N LEU G 268 11.27 15.52 46.43
CA LEU G 268 10.48 16.09 45.36
C LEU G 268 11.35 16.62 44.23
N ILE G 269 12.49 17.19 44.56
CA ILE G 269 13.38 17.74 43.55
C ILE G 269 14.05 16.61 42.78
N THR G 270 14.31 15.48 43.44
CA THR G 270 14.91 14.34 42.75
C THR G 270 13.94 13.71 41.77
N LYS G 271 12.69 13.48 42.20
CA LYS G 271 11.71 12.86 41.33
C LYS G 271 11.37 13.70 40.12
N GLN G 272 11.46 15.02 40.22
CA GLN G 272 11.20 15.85 39.05
C GLN G 272 12.42 15.93 38.16
N ILE G 273 13.61 15.84 38.73
CA ILE G 273 14.83 15.86 37.92
C ILE G 273 14.99 14.53 37.19
N ILE G 274 14.61 13.43 37.84
CA ILE G 274 14.60 12.14 37.19
C ILE G 274 13.57 12.10 36.07
N LYS G 275 12.41 12.69 36.29
CA LYS G 275 11.37 12.70 35.26
C LYS G 275 11.72 13.55 34.06
N THR G 276 12.37 14.70 34.27
CA THR G 276 12.66 15.59 33.16
C THR G 276 13.90 15.17 32.38
N THR G 277 14.92 14.65 33.06
CA THR G 277 16.12 14.25 32.33
C THR G 277 15.89 12.96 31.55
N VAL G 278 14.96 12.12 32.01
CA VAL G 278 14.59 10.95 31.23
C VAL G 278 13.76 11.37 30.02
N SER G 279 12.82 12.29 30.20
CA SER G 279 11.96 12.69 29.10
C SER G 279 12.66 13.56 28.07
N SER G 280 13.86 14.05 28.37
CA SER G 280 14.63 14.74 27.34
C SER G 280 15.39 13.75 26.49
N PHE G 281 15.40 12.48 26.89
CA PHE G 281 15.90 11.39 26.07
C PHE G 281 14.78 10.67 25.33
N ASN G 282 13.59 11.26 25.33
CA ASN G 282 12.36 10.69 24.76
C ASN G 282 12.02 9.33 25.38
N ARG G 283 12.03 9.26 26.71
CA ARG G 283 11.55 8.10 27.43
C ARG G 283 10.66 8.57 28.57
N THR G 284 10.08 7.62 29.28
CA THR G 284 9.30 7.92 30.47
C THR G 284 9.94 7.28 31.69
N ALA G 285 9.72 7.87 32.86
CA ALA G 285 10.20 7.31 34.10
C ALA G 285 9.06 7.29 35.09
N THR G 286 8.87 6.18 35.78
CA THR G 286 7.75 6.05 36.69
C THR G 286 8.20 5.67 38.09
N PHE G 287 7.34 5.96 39.05
CA PHE G 287 7.55 5.62 40.44
C PHE G 287 6.36 4.86 41.01
N MET G 288 5.61 4.19 40.15
CA MET G 288 4.50 3.35 40.59
C MET G 288 5.03 2.21 41.43
N PRO G 289 4.32 1.81 42.47
CA PRO G 289 4.53 0.47 43.01
C PRO G 289 3.80 -0.54 42.15
N LYS G 290 4.53 -1.55 41.68
CA LYS G 290 4.04 -2.56 40.76
C LYS G 290 3.38 -2.03 39.48
N PRO G 291 4.15 -1.56 38.51
CA PRO G 291 3.81 -1.82 37.12
C PRO G 291 4.33 -3.21 36.79
N LEU G 292 3.76 -3.82 35.74
CA LEU G 292 4.24 -5.10 35.19
C LEU G 292 4.17 -6.24 36.21
N VAL G 293 2.99 -6.86 36.28
CA VAL G 293 2.59 -7.96 37.15
C VAL G 293 3.68 -8.98 37.47
N ASN G 294 4.43 -9.41 36.44
CA ASN G 294 5.45 -10.43 36.66
C ASN G 294 6.83 -9.87 36.96
N ASP G 295 6.94 -8.64 37.45
CA ASP G 295 8.24 -8.11 37.88
C ASP G 295 8.16 -7.47 39.24
N ASN G 296 9.27 -6.91 39.72
CA ASN G 296 9.31 -6.34 41.06
C ASN G 296 8.63 -4.99 41.10
N GLY G 297 8.53 -4.44 42.32
CA GLY G 297 7.95 -3.15 42.54
C GLY G 297 8.99 -2.10 42.85
N ASN G 298 8.51 -0.94 43.27
CA ASN G 298 9.36 0.19 43.63
C ASN G 298 9.10 0.57 45.07
N GLY G 299 10.16 0.59 45.88
CA GLY G 299 10.01 0.86 47.30
C GLY G 299 10.74 2.12 47.70
N LEU G 300 10.65 2.42 48.99
CA LEU G 300 11.49 3.42 49.64
C LEU G 300 12.06 2.78 50.90
N HIS G 301 13.36 2.57 50.91
CA HIS G 301 14.03 2.17 52.15
C HIS G 301 14.39 3.45 52.89
N CYS G 302 13.81 3.64 54.07
CA CYS G 302 14.04 4.83 54.87
C CYS G 302 14.99 4.48 56.01
N ASN G 303 16.26 4.76 55.83
CA ASN G 303 17.23 4.56 56.90
C ASN G 303 17.17 5.71 57.89
N ILE G 304 16.67 5.43 59.10
CA ILE G 304 16.39 6.46 60.09
C ILE G 304 17.37 6.34 61.24
N SER G 305 17.79 7.47 61.80
CA SER G 305 18.61 7.52 63.00
C SER G 305 18.40 8.86 63.67
N LEU G 306 18.47 8.90 65.00
CA LEU G 306 18.27 10.13 65.74
C LEU G 306 19.57 10.58 66.41
N TRP G 307 19.68 11.88 66.64
CA TRP G 307 20.92 12.46 67.12
C TRP G 307 20.65 13.45 68.24
N LYS G 308 21.54 13.47 69.23
CA LYS G 308 21.48 14.43 70.33
C LYS G 308 22.91 14.86 70.64
N ASN G 309 23.20 16.15 70.45
CA ASN G 309 24.51 16.76 70.71
C ASN G 309 25.63 16.05 69.96
N ASN G 310 25.38 15.80 68.67
CA ASN G 310 26.25 15.03 67.78
C ASN G 310 26.57 13.63 68.32
N LYS G 311 25.61 13.02 69.01
CA LYS G 311 25.73 11.66 69.49
C LYS G 311 24.46 10.90 69.14
N ASN G 312 24.63 9.63 68.75
CA ASN G 312 23.50 8.79 68.41
C ASN G 312 22.69 8.45 69.64
N ILE G 313 21.37 8.59 69.49
CA ILE G 313 20.42 8.17 70.50
C ILE G 313 20.51 6.64 70.51
N PHE G 314 20.63 6.08 69.31
CA PHE G 314 20.73 4.63 69.10
C PHE G 314 22.18 4.14 69.29
N TYR G 315 22.67 4.13 70.53
CA TYR G 315 24.03 3.64 70.79
C TYR G 315 24.29 3.74 72.28
N HIS G 316 24.75 2.65 72.89
CA HIS G 316 24.98 2.62 74.32
C HIS G 316 26.39 2.18 74.72
N ASN G 317 27.22 1.77 73.75
CA ASN G 317 28.65 1.45 73.94
C ASN G 317 28.83 0.32 74.96
N ASP G 318 28.15 -0.79 74.55
CA ASP G 318 28.02 -2.16 75.12
C ASP G 318 27.52 -3.15 74.01
N PRO G 319 27.67 -4.46 74.28
CA PRO G 319 27.37 -5.71 73.59
C PRO G 319 26.32 -6.52 74.34
N SER G 320 25.72 -7.47 73.61
CA SER G 320 24.63 -8.45 73.93
C SER G 320 23.28 -7.90 73.52
N THR G 321 23.25 -6.59 73.33
CA THR G 321 22.12 -5.85 72.79
C THR G 321 22.59 -5.19 71.47
N PHE G 322 23.72 -5.67 70.97
CA PHE G 322 24.32 -5.15 69.75
C PHE G 322 24.65 -3.66 69.87
N PHE G 323 25.09 -3.22 71.05
CA PHE G 323 25.43 -1.80 71.20
C PHE G 323 24.23 -0.87 71.13
N LEU G 324 23.02 -1.40 71.29
CA LEU G 324 21.80 -0.61 71.23
C LEU G 324 21.37 -0.27 72.64
N SER G 325 20.46 0.68 72.71
CA SER G 325 19.88 1.15 73.94
C SER G 325 18.39 0.87 73.83
N LYS G 326 17.73 0.78 74.97
CA LYS G 326 16.32 0.50 74.99
C LYS G 326 15.62 1.64 74.27
N GLU G 327 16.30 2.78 74.16
CA GLU G 327 15.64 3.93 73.56
C GLU G 327 15.50 3.74 72.06
N SER G 328 16.10 2.69 71.50
CA SER G 328 16.02 2.34 70.09
C SER G 328 14.92 1.33 69.81
N PHE G 329 14.81 0.27 70.62
CA PHE G 329 13.72 -0.67 70.48
C PHE G 329 12.38 -0.04 70.83
N TYR G 330 12.38 1.00 71.65
CA TYR G 330 11.15 1.77 71.87
C TYR G 330 10.73 2.48 70.58
N PHE G 331 11.69 2.89 69.76
CA PHE G 331 11.36 3.56 68.52
C PHE G 331 10.90 2.56 67.46
N MET G 332 11.41 1.34 67.50
CA MET G 332 11.00 0.33 66.54
C MET G 332 9.60 -0.17 66.84
N TYR G 333 9.34 -0.51 68.11
CA TYR G 333 8.03 -1.02 68.49
C TYR G 333 6.96 0.05 68.41
N GLY G 334 7.32 1.33 68.45
CA GLY G 334 6.35 2.37 68.19
C GLY G 334 5.86 2.36 66.75
N ILE G 335 6.69 1.88 65.83
CA ILE G 335 6.28 1.73 64.45
C ILE G 335 5.47 0.46 64.24
N VAL G 336 5.90 -0.64 64.85
CA VAL G 336 5.26 -1.94 64.65
C VAL G 336 3.90 -1.98 65.30
N LYS G 337 3.71 -1.20 66.37
CA LYS G 337 2.38 -1.12 66.97
C LYS G 337 1.41 -0.36 66.07
N HIS G 338 1.88 0.69 65.42
CA HIS G 338 1.01 1.57 64.63
C HIS G 338 1.21 1.39 63.13
N ALA G 339 1.61 0.20 62.69
CA ALA G 339 2.02 0.05 61.29
C ALA G 339 0.84 -0.04 60.35
N LYS G 340 -0.31 -0.51 60.82
CA LYS G 340 -1.48 -0.53 59.95
C LYS G 340 -2.10 0.85 59.82
N ALA G 341 -1.81 1.75 60.75
CA ALA G 341 -2.23 3.13 60.60
C ALA G 341 -1.28 3.92 59.71
N LEU G 342 0.01 3.55 59.71
CA LEU G 342 0.96 4.21 58.84
C LEU G 342 0.78 3.81 57.39
N GLN G 343 0.18 2.65 57.13
CA GLN G 343 -0.01 2.18 55.77
C GLN G 343 -1.02 3.00 55.00
N ALA G 344 -1.87 3.73 55.70
CA ALA G 344 -2.81 4.62 55.05
C ALA G 344 -2.01 5.71 54.37
N PHE G 345 -0.97 6.20 55.05
CA PHE G 345 -0.12 7.25 54.51
C PHE G 345 1.07 6.77 53.70
N CYS G 346 1.80 5.78 54.22
CA CYS G 346 2.97 5.24 53.55
C CYS G 346 2.70 4.56 52.21
N ASN G 347 1.74 3.66 52.14
CA ASN G 347 1.34 3.16 50.83
C ASN G 347 -0.15 3.34 50.79
N ALA G 348 -0.62 4.35 50.05
CA ALA G 348 -2.04 4.62 49.99
C ALA G 348 -2.47 4.74 48.57
N THR G 349 -2.40 3.62 47.88
CA THR G 349 -2.80 3.50 46.49
C THR G 349 -3.29 2.08 46.33
N MET G 350 -4.11 1.86 45.33
CA MET G 350 -4.61 0.52 45.04
C MET G 350 -3.56 -0.32 44.34
N ASN G 351 -2.53 0.32 43.78
CA ASN G 351 -1.40 -0.39 43.23
C ASN G 351 -0.51 -1.00 44.28
N SER G 352 -0.37 -0.37 45.44
CA SER G 352 0.65 -0.77 46.38
C SER G 352 0.34 -2.08 47.03
N TYR G 353 -0.92 -2.46 47.10
CA TYR G 353 -1.29 -3.75 47.65
C TYR G 353 -1.25 -4.85 46.61
N LYS G 354 -0.83 -4.53 45.39
CA LYS G 354 -0.35 -5.52 44.45
C LYS G 354 1.15 -5.73 44.60
N ARG G 355 1.76 -5.05 45.55
CA ARG G 355 3.17 -5.24 45.82
C ARG G 355 3.39 -6.23 46.98
N LEU G 356 2.32 -6.55 47.71
CA LEU G 356 2.42 -7.46 48.87
C LEU G 356 1.83 -8.87 48.71
N VAL G 357 0.90 -9.03 47.76
CA VAL G 357 0.27 -10.32 47.51
C VAL G 357 1.22 -11.50 47.34
N PRO G 358 2.18 -11.44 46.41
CA PRO G 358 2.98 -12.65 46.18
C PRO G 358 3.76 -13.15 47.38
N GLY G 359 4.39 -12.23 48.10
CA GLY G 359 5.19 -12.58 49.27
C GLY G 359 6.64 -12.88 48.93
N PHE G 360 6.98 -12.93 47.65
CA PHE G 360 8.37 -13.22 47.30
C PHE G 360 9.12 -11.90 47.47
N GLU G 361 10.14 -11.93 48.33
CA GLU G 361 10.96 -10.76 48.65
C GLU G 361 10.00 -9.65 49.09
N THR G 362 8.99 -10.06 49.86
CA THR G 362 7.96 -9.14 50.31
C THR G 362 7.78 -9.28 51.82
N CYS G 363 7.22 -8.24 52.42
CA CYS G 363 6.98 -8.25 53.85
C CYS G 363 5.66 -8.95 54.13
N GLN G 364 5.70 -10.09 54.80
CA GLN G 364 4.48 -10.75 55.23
C GLN G 364 4.13 -10.43 56.67
N LYS G 365 5.13 -10.31 57.54
CA LYS G 365 4.90 -10.25 58.97
C LYS G 365 5.42 -8.94 59.52
N LEU G 366 4.95 -8.58 60.71
CA LEU G 366 5.18 -7.27 61.29
C LEU G 366 6.11 -7.43 62.49
N PHE G 367 7.40 -7.47 62.22
CA PHE G 367 8.42 -7.57 63.26
C PHE G 367 9.71 -7.00 62.69
N TYR G 368 10.75 -6.97 63.52
CA TYR G 368 12.06 -6.50 63.08
C TYR G 368 13.11 -7.61 63.21
N SER G 369 13.81 -7.89 62.11
CA SER G 369 14.83 -8.95 62.11
C SER G 369 16.11 -8.57 61.35
N PHE G 370 17.23 -9.13 61.81
CA PHE G 370 18.53 -8.87 61.19
C PHE G 370 18.67 -9.37 59.75
N GLY G 371 18.16 -10.57 59.47
CA GLY G 371 18.23 -11.15 58.15
C GLY G 371 17.02 -11.91 57.68
N SER G 372 15.82 -11.53 58.13
CA SER G 372 14.59 -12.16 57.66
C SER G 372 14.03 -11.33 56.52
N ARG G 373 13.77 -11.97 55.39
CA ARG G 373 13.28 -11.26 54.23
C ARG G 373 11.86 -10.77 54.40
N SER G 374 11.06 -11.44 55.24
CA SER G 374 9.67 -11.06 55.45
C SER G 374 9.51 -10.13 56.64
N ALA G 375 10.55 -9.38 56.99
CA ALA G 375 10.46 -8.42 58.08
C ALA G 375 10.24 -7.02 57.51
N VAL G 376 9.54 -6.19 58.29
CA VAL G 376 9.25 -4.83 57.86
C VAL G 376 10.44 -3.92 58.14
N ILE G 377 11.02 -4.04 59.33
CA ILE G 377 12.19 -3.27 59.72
C ILE G 377 13.38 -4.20 59.77
N ARG G 378 14.49 -3.83 59.15
CA ARG G 378 15.69 -4.64 59.16
C ARG G 378 16.84 -3.87 59.75
N LEU G 379 17.49 -4.44 60.76
CA LEU G 379 18.63 -3.80 61.40
C LEU G 379 19.93 -4.21 60.72
N SER G 380 20.91 -3.31 60.81
CA SER G 380 22.13 -3.42 60.03
C SER G 380 23.18 -4.16 60.84
N LEU G 381 23.75 -5.21 60.23
CA LEU G 381 24.84 -5.95 60.84
C LEU G 381 26.20 -5.58 60.26
N ILE G 382 26.24 -4.70 59.26
CA ILE G 382 27.50 -4.10 58.82
C ILE G 382 27.95 -3.04 59.82
N ASN G 383 29.19 -3.17 60.28
CA ASN G 383 29.86 -2.25 61.20
C ASN G 383 29.03 -1.99 62.47
N TYR G 384 28.77 -3.08 63.18
CA TYR G 384 27.98 -2.97 64.41
C TYR G 384 28.73 -2.21 65.50
N SER G 385 30.06 -2.14 65.43
CA SER G 385 30.81 -1.42 66.45
C SER G 385 30.86 0.07 66.20
N ASN G 386 30.54 0.51 64.98
CA ASN G 386 30.65 1.93 64.66
C ASN G 386 29.39 2.67 65.07
N PRO G 387 29.49 3.80 65.79
CA PRO G 387 28.29 4.48 66.25
C PRO G 387 27.55 5.27 65.19
N SER G 388 28.29 5.84 64.25
CA SER G 388 27.72 6.60 63.16
C SER G 388 26.90 5.68 62.26
N GLU G 389 27.42 4.47 62.03
CA GLU G 389 26.74 3.49 61.19
C GLU G 389 25.71 2.65 61.94
N LYS G 390 24.68 3.32 62.44
CA LYS G 390 23.59 2.68 63.14
C LYS G 390 22.32 3.21 62.50
N ARG G 391 21.37 2.35 62.17
CA ARG G 391 20.18 2.86 61.54
C ARG G 391 19.03 1.87 61.68
N ILE G 392 17.87 2.28 61.18
CA ILE G 392 16.66 1.48 61.19
C ILE G 392 16.06 1.58 59.80
N GLU G 393 15.98 0.44 59.11
CA GLU G 393 15.55 0.42 57.71
C GLU G 393 14.10 0.00 57.63
N PHE G 394 13.21 0.99 57.50
CA PHE G 394 11.78 0.76 57.33
C PHE G 394 11.53 0.47 55.86
N ARG G 395 10.97 -0.69 55.52
CA ARG G 395 10.76 -1.01 54.09
C ARG G 395 9.35 -0.96 53.49
N LEU G 396 8.36 -0.59 54.28
CA LEU G 396 6.97 -0.53 53.80
C LEU G 396 6.54 0.51 52.74
N PRO G 397 7.02 1.76 52.86
CA PRO G 397 6.63 2.90 52.03
C PRO G 397 6.92 2.87 50.53
N ASP G 398 6.17 3.70 49.78
CA ASP G 398 6.29 3.90 48.32
C ASP G 398 6.58 5.35 48.07
N CYS G 399 7.03 5.62 46.86
CA CYS G 399 7.30 6.97 46.44
C CYS G 399 5.98 7.56 45.95
N ALA G 400 4.90 6.77 45.92
CA ALA G 400 3.68 7.37 45.39
C ALA G 400 3.15 8.51 46.26
N ASN G 401 3.19 8.35 47.58
CA ASN G 401 2.59 9.35 48.45
C ASN G 401 3.52 10.53 48.63
N SER G 402 3.02 11.56 49.29
CA SER G 402 3.82 12.75 49.52
C SER G 402 4.85 12.49 50.62
N PRO G 403 6.12 12.82 50.39
CA PRO G 403 7.17 12.44 51.34
C PRO G 403 7.16 13.22 52.63
N HIS G 404 6.45 14.36 52.69
CA HIS G 404 6.34 15.07 53.94
C HIS G 404 5.30 14.45 54.86
N LEU G 405 4.23 13.90 54.30
CA LEU G 405 3.24 13.24 55.14
C LEU G 405 3.72 11.89 55.64
N VAL G 406 4.54 11.19 54.86
CA VAL G 406 5.00 9.88 55.29
C VAL G 406 6.03 10.02 56.39
N MET G 407 7.01 10.91 56.21
CA MET G 407 8.09 11.02 57.19
C MET G 407 7.65 11.72 58.45
N ALA G 408 6.54 12.43 58.41
CA ALA G 408 6.00 12.99 59.64
C ALA G 408 5.19 11.98 60.42
N ALA G 409 4.56 11.03 59.72
CA ALA G 409 3.80 10.02 60.42
C ALA G 409 4.69 8.98 61.07
N ILE G 410 5.87 8.75 60.50
CA ILE G 410 6.80 7.77 61.07
C ILE G 410 7.42 8.31 62.35
N ILE G 411 7.78 9.60 62.35
CA ILE G 411 8.36 10.22 63.54
C ILE G 411 7.32 10.32 64.65
N LEU G 412 6.08 10.69 64.30
CA LEU G 412 5.04 10.81 65.31
C LEU G 412 4.59 9.44 65.82
N ALA G 413 4.78 8.39 65.04
CA ALA G 413 4.52 7.04 65.55
C ALA G 413 5.69 6.56 66.40
N GLY G 414 6.91 6.82 65.94
CA GLY G 414 8.07 6.39 66.70
C GLY G 414 8.30 7.19 67.96
N TYR G 415 7.82 8.43 68.00
CA TYR G 415 7.92 9.20 69.23
C TYR G 415 6.94 8.70 70.28
N ASP G 416 5.81 8.16 69.85
CA ASP G 416 4.87 7.59 70.81
C ASP G 416 5.33 6.22 71.31
N GLY G 417 6.41 5.68 70.76
CA GLY G 417 6.98 4.48 71.33
C GLY G 417 7.95 4.73 72.45
N ILE G 418 8.46 5.96 72.58
CA ILE G 418 9.39 6.27 73.64
C ILE G 418 8.67 6.80 74.87
N LYS G 419 7.68 7.66 74.68
CA LYS G 419 6.94 8.18 75.82
C LYS G 419 6.05 7.12 76.47
N SER G 420 5.61 6.12 75.70
CA SER G 420 4.68 5.15 76.24
C SER G 420 5.35 4.12 77.15
N LYS G 421 6.64 3.84 76.91
CA LYS G 421 7.44 2.89 77.69
C LYS G 421 6.87 1.48 77.71
N GLU G 422 6.19 1.06 76.65
CA GLU G 422 5.73 -0.33 76.59
C GLU G 422 6.86 -1.25 76.17
N GLN G 423 6.64 -2.55 76.31
CA GLN G 423 7.71 -3.47 76.01
C GLN G 423 7.85 -3.68 74.51
N PRO G 424 9.07 -3.67 73.99
CA PRO G 424 9.31 -4.04 72.60
C PRO G 424 9.17 -5.54 72.40
N LEU G 425 9.20 -5.95 71.14
CA LEU G 425 9.03 -7.33 70.76
C LEU G 425 10.39 -7.98 70.52
N VAL G 426 10.41 -9.31 70.52
CA VAL G 426 11.61 -10.10 70.26
C VAL G 426 12.00 -9.94 68.80
N PRO G 427 13.30 -9.90 68.46
CA PRO G 427 13.70 -9.79 67.05
C PRO G 427 13.28 -10.93 66.11
N PHE G 428 13.19 -12.17 66.57
CA PHE G 428 12.46 -13.25 65.88
C PHE G 428 13.01 -13.59 64.48
N GLU G 429 14.28 -13.97 64.42
CA GLU G 429 14.88 -14.35 63.14
C GLU G 429 14.46 -15.76 62.75
N SER G 430 13.92 -15.93 61.55
CA SER G 430 13.20 -17.15 61.21
C SER G 430 13.83 -17.87 60.03
N LYS G 431 14.52 -18.98 60.30
CA LYS G 431 15.28 -19.65 59.25
C LYS G 431 14.42 -20.16 58.11
N ASP G 432 13.32 -20.77 58.49
CA ASP G 432 12.34 -21.26 57.56
C ASP G 432 11.11 -20.65 58.17
N ASN G 433 10.17 -21.51 58.55
CA ASN G 433 8.99 -21.06 59.21
C ASN G 433 9.23 -21.04 60.71
N HIS G 434 10.35 -21.63 61.11
CA HIS G 434 10.71 -21.70 62.52
C HIS G 434 11.36 -20.38 62.93
N PHE G 435 10.65 -19.62 63.76
CA PHE G 435 11.20 -18.38 64.31
C PHE G 435 12.19 -18.73 65.41
N TYR G 436 13.46 -18.39 65.21
CA TYR G 436 14.49 -18.56 66.23
C TYR G 436 14.64 -17.27 67.02
N ILE G 437 15.45 -17.34 68.07
CA ILE G 437 15.83 -16.20 68.89
C ILE G 437 17.34 -16.24 69.04
N SER G 438 18.00 -15.09 68.88
CA SER G 438 19.45 -15.02 68.90
C SER G 438 20.01 -15.41 70.26
N SER G 439 21.31 -15.72 70.27
CA SER G 439 21.99 -16.07 71.51
C SER G 439 22.05 -14.88 72.46
N ILE G 440 22.13 -13.67 71.91
CA ILE G 440 22.17 -12.48 72.73
C ILE G 440 20.80 -12.18 73.33
N PHE G 441 19.73 -12.61 72.65
CA PHE G 441 18.40 -12.44 73.22
C PHE G 441 17.88 -13.69 73.89
N SER G 442 18.62 -14.79 73.84
CA SER G 442 18.22 -15.93 74.65
C SER G 442 18.46 -15.64 76.13
N LYS G 443 19.47 -14.86 76.46
CA LYS G 443 19.77 -14.68 77.87
C LYS G 443 18.92 -13.66 78.62
N TYR G 444 18.00 -14.22 79.41
CA TYR G 444 17.12 -13.48 80.31
C TYR G 444 16.27 -12.32 79.77
N VAL G 445 15.62 -12.42 78.62
CA VAL G 445 14.83 -11.25 78.25
C VAL G 445 13.34 -11.49 78.35
N GLN G 446 12.88 -12.72 78.46
CA GLN G 446 11.47 -13.04 78.62
C GLN G 446 11.36 -14.03 79.79
N HIS G 447 10.80 -13.56 80.90
CA HIS G 447 10.50 -14.48 82.00
C HIS G 447 9.31 -15.39 81.69
N PRO G 448 8.11 -14.88 81.33
CA PRO G 448 7.01 -15.82 81.10
C PRO G 448 6.87 -16.16 79.61
N GLU G 449 6.02 -17.17 79.36
CA GLU G 449 5.75 -17.71 78.02
C GLU G 449 7.03 -18.15 77.30
N ASN G 450 7.68 -19.15 77.88
CA ASN G 450 8.85 -19.77 77.27
C ASN G 450 8.38 -20.83 76.28
N PHE G 451 8.11 -20.40 75.05
CA PHE G 451 7.57 -21.27 74.00
C PHE G 451 8.59 -21.58 72.93
N ASN G 452 9.49 -20.65 72.62
CA ASN G 452 10.53 -20.85 71.63
C ASN G 452 11.77 -21.54 72.18
N ILE G 453 11.65 -22.23 73.31
CA ILE G 453 12.81 -22.88 73.94
C ILE G 453 13.32 -24.03 73.09
N LEU G 454 12.46 -24.63 72.28
CA LEU G 454 12.90 -25.62 71.32
C LEU G 454 13.69 -24.98 70.18
N THR G 455 13.37 -23.73 69.85
CA THR G 455 14.04 -23.02 68.76
C THR G 455 15.01 -21.97 69.31
N HIS G 456 16.23 -22.44 69.62
CA HIS G 456 17.32 -21.56 70.04
C HIS G 456 18.66 -21.94 69.39
N ALA G 457 18.64 -22.66 68.28
CA ALA G 457 19.88 -23.13 67.66
C ALA G 457 20.53 -21.99 66.90
N LEU G 458 21.35 -21.20 67.61
CA LEU G 458 22.03 -20.05 67.01
C LEU G 458 23.38 -19.87 67.68
N GLU G 459 24.33 -19.32 66.90
CA GLU G 459 25.67 -19.00 67.36
C GLU G 459 26.06 -17.55 67.10
N GLY G 460 25.40 -16.86 66.17
CA GLY G 460 25.56 -15.43 65.97
C GLY G 460 26.92 -15.06 65.38
N TYR G 461 27.36 -13.85 65.71
CA TYR G 461 28.71 -13.38 65.45
C TYR G 461 29.64 -13.97 66.50
N GLU G 462 30.94 -13.72 66.37
CA GLU G 462 31.88 -14.38 67.26
C GLU G 462 31.91 -13.67 68.61
N SER G 463 31.65 -14.43 69.67
CA SER G 463 31.61 -13.91 71.03
C SER G 463 31.86 -15.09 71.96
N LEU G 464 32.88 -14.99 72.80
CA LEU G 464 33.18 -16.01 73.78
C LEU G 464 33.33 -15.35 75.15
N HIS G 465 32.84 -16.05 76.17
CA HIS G 465 32.77 -15.59 77.57
C HIS G 465 32.00 -14.27 77.67
N THR G 466 30.73 -14.33 77.26
CA THR G 466 29.90 -13.14 77.16
C THR G 466 29.47 -12.65 78.55
N ILE G 467 29.10 -11.37 78.60
CA ILE G 467 28.69 -10.72 79.83
C ILE G 467 27.22 -10.35 79.72
N ASN G 468 26.44 -10.74 80.72
CA ASN G 468 25.01 -10.41 80.79
C ASN G 468 24.81 -9.15 81.60
N GLU G 469 24.45 -8.06 80.94
CA GLU G 469 24.17 -6.82 81.64
C GLU G 469 22.84 -6.90 82.36
N SER G 470 22.85 -6.61 83.64
CA SER G 470 21.67 -6.81 84.49
C SER G 470 20.52 -5.83 84.24
N PRO G 471 20.70 -4.49 84.17
CA PRO G 471 19.50 -3.65 84.03
C PRO G 471 18.89 -3.62 82.64
N GLU G 472 19.66 -3.96 81.60
CA GLU G 472 19.12 -3.99 80.26
C GLU G 472 18.43 -5.31 79.94
N PHE G 473 18.81 -6.36 80.65
CA PHE G 473 18.29 -7.68 80.34
C PHE G 473 17.10 -8.16 81.15
N LYS G 474 16.24 -7.25 81.58
CA LYS G 474 15.13 -7.68 82.41
C LYS G 474 14.14 -8.36 81.48
N ASN G 475 12.87 -8.45 81.87
CA ASN G 475 11.90 -9.10 80.99
C ASN G 475 11.85 -8.31 79.68
N PHE G 476 11.78 -6.97 79.80
CA PHE G 476 11.84 -6.01 78.70
C PHE G 476 11.27 -6.44 77.37
N PHE G 477 11.44 -7.71 76.99
CA PHE G 477 10.83 -8.03 75.71
C PHE G 477 9.62 -8.91 75.94
N LYS G 478 8.63 -8.77 75.08
CA LYS G 478 7.45 -9.62 75.13
C LYS G 478 7.51 -10.63 73.99
N CYS G 479 7.16 -11.88 74.30
CA CYS G 479 7.09 -12.94 73.31
C CYS G 479 5.62 -13.15 72.94
N GLU G 480 5.15 -12.37 71.99
CA GLU G 480 3.87 -12.62 71.34
C GLU G 480 4.15 -13.10 69.92
N GLU G 481 3.11 -13.54 69.25
CA GLU G 481 3.23 -13.87 67.84
C GLU G 481 3.28 -12.57 67.03
N PRO G 482 4.17 -12.49 66.03
CA PRO G 482 4.21 -11.30 65.19
C PRO G 482 2.99 -11.23 64.29
N GLN G 483 2.30 -10.10 64.33
CA GLN G 483 1.06 -9.94 63.59
C GLN G 483 1.36 -9.71 62.11
N GLY G 484 0.28 -9.60 61.33
CA GLY G 484 0.39 -9.36 59.91
C GLY G 484 0.27 -7.90 59.56
N ILE G 485 0.26 -7.64 58.26
CA ILE G 485 0.13 -6.30 57.71
C ILE G 485 -1.22 -6.23 57.03
N SER G 486 -1.73 -5.02 56.82
CA SER G 486 -2.95 -4.89 56.04
C SER G 486 -2.63 -5.03 54.56
N PHE G 487 -3.48 -5.78 53.84
CA PHE G 487 -3.25 -6.06 52.44
C PHE G 487 -4.22 -5.34 51.52
N SER G 488 -4.96 -4.36 52.02
CA SER G 488 -5.84 -3.55 51.17
C SER G 488 -6.10 -2.23 51.86
N LEU G 489 -6.59 -1.25 51.09
CA LEU G 489 -6.90 0.06 51.65
C LEU G 489 -8.09 0.05 52.58
N VAL G 490 -9.03 -0.87 52.39
CA VAL G 490 -10.19 -0.90 53.28
C VAL G 490 -9.80 -1.44 54.65
N GLU G 491 -8.68 -2.16 54.74
CA GLU G 491 -8.15 -2.53 56.04
C GLU G 491 -7.31 -1.44 56.65
N SER G 492 -6.62 -0.65 55.83
CA SER G 492 -5.70 0.35 56.35
C SER G 492 -6.42 1.64 56.72
N LEU G 493 -7.46 2.01 55.97
CA LEU G 493 -8.21 3.19 56.33
C LEU G 493 -9.07 2.96 57.56
N ASP G 494 -9.52 1.72 57.78
CA ASP G 494 -10.25 1.44 59.01
C ASP G 494 -9.30 1.34 60.20
N ALA G 495 -8.05 0.98 59.97
CA ALA G 495 -7.08 1.03 61.05
C ALA G 495 -6.69 2.45 61.40
N LEU G 496 -6.76 3.36 60.43
CA LEU G 496 -6.51 4.76 60.71
C LEU G 496 -7.67 5.40 61.45
N GLU G 497 -8.90 4.92 61.24
CA GLU G 497 -10.05 5.49 61.92
C GLU G 497 -10.08 5.16 63.40
N LYS G 498 -9.59 3.98 63.77
CA LYS G 498 -9.57 3.56 65.17
C LYS G 498 -8.23 3.84 65.81
N ASP G 499 -7.25 4.20 64.99
CA ASP G 499 -5.91 4.48 65.50
C ASP G 499 -5.33 5.77 64.94
N HIS G 500 -5.88 6.91 65.36
CA HIS G 500 -5.35 8.19 64.91
C HIS G 500 -4.97 9.07 66.10
N ALA G 501 -4.65 8.42 67.22
CA ALA G 501 -4.39 9.16 68.45
C ALA G 501 -2.95 9.62 68.57
N PHE G 502 -2.00 8.87 68.02
CA PHE G 502 -0.60 9.27 68.07
C PHE G 502 -0.29 10.41 67.11
N LEU G 503 -1.18 10.69 66.16
CA LEU G 503 -0.97 11.77 65.21
C LEU G 503 -1.54 13.09 65.70
N THR G 504 -2.52 13.05 66.58
CA THR G 504 -3.22 14.25 67.04
C THR G 504 -2.54 14.90 68.24
N VAL G 505 -1.30 14.56 68.53
CA VAL G 505 -0.58 15.13 69.66
C VAL G 505 -0.17 16.56 69.32
N ASN G 506 -0.52 17.50 70.20
CA ASN G 506 -0.31 18.95 70.02
C ASN G 506 -0.95 19.49 68.76
N ASN G 507 -2.01 18.83 68.30
CA ASN G 507 -2.84 19.23 67.15
C ASN G 507 -2.01 19.40 65.88
N ILE G 508 -1.09 18.46 65.65
CA ILE G 508 -0.28 18.49 64.44
C ILE G 508 -1.10 18.04 63.24
N PHE G 509 -1.64 16.84 63.31
CA PHE G 509 -2.67 16.38 62.40
C PHE G 509 -4.00 16.70 63.05
N THR G 510 -4.82 17.52 62.41
CA THR G 510 -6.10 17.81 63.03
C THR G 510 -7.08 16.68 62.77
N GLU G 511 -8.20 16.70 63.48
CA GLU G 511 -9.25 15.71 63.27
C GLU G 511 -9.92 15.87 61.92
N GLU G 512 -10.06 17.11 61.46
CA GLU G 512 -10.67 17.37 60.16
C GLU G 512 -9.73 17.01 59.03
N MET G 513 -8.42 17.09 59.27
CA MET G 513 -7.42 16.66 58.31
C MET G 513 -7.54 15.18 57.98
N ILE G 514 -7.75 14.35 58.99
CA ILE G 514 -7.78 12.91 58.76
C ILE G 514 -9.13 12.48 58.19
N GLN G 515 -10.22 13.15 58.60
CA GLN G 515 -11.53 12.83 58.07
C GLN G 515 -11.63 13.20 56.59
N GLU G 516 -11.04 14.32 56.20
CA GLU G 516 -11.06 14.71 54.80
C GLU G 516 -10.11 13.89 53.96
N TYR G 517 -9.14 13.23 54.59
CA TYR G 517 -8.23 12.37 53.84
C TYR G 517 -8.84 10.99 53.61
N ILE G 518 -9.52 10.46 54.61
CA ILE G 518 -10.15 9.15 54.46
C ILE G 518 -11.37 9.24 53.54
N LYS G 519 -12.06 10.38 53.56
CA LYS G 519 -13.17 10.59 52.65
C LYS G 519 -12.71 10.71 51.21
N PHE G 520 -11.49 11.20 50.97
CA PHE G 520 -10.98 11.27 49.60
C PHE G 520 -10.61 9.89 49.08
N LYS G 521 -9.95 9.08 49.90
CA LYS G 521 -9.50 7.77 49.41
C LYS G 521 -10.66 6.82 49.23
N ARG G 522 -11.73 6.98 50.01
CA ARG G 522 -12.88 6.11 49.86
C ARG G 522 -13.74 6.48 48.67
N GLU G 523 -13.50 7.64 48.07
CA GLU G 523 -14.07 7.92 46.75
C GLU G 523 -13.25 7.26 45.66
N GLU G 524 -11.95 7.09 45.88
CA GLU G 524 -11.07 6.47 44.88
C GLU G 524 -11.24 4.96 44.81
N ILE G 525 -11.58 4.33 45.92
CA ILE G 525 -11.83 2.89 45.88
C ILE G 525 -13.14 2.60 45.17
N ASP G 526 -14.15 3.44 45.38
CA ASP G 526 -15.45 3.21 44.75
C ASP G 526 -15.41 3.44 43.26
N ALA G 527 -14.63 4.42 42.81
CA ALA G 527 -14.50 4.64 41.37
C ALA G 527 -13.56 3.63 40.72
N TYR G 528 -12.80 2.89 41.52
CA TYR G 528 -11.91 1.87 40.99
C TYR G 528 -12.63 0.55 40.80
N ASN G 529 -13.62 0.26 41.64
CA ASN G 529 -14.29 -1.03 41.59
C ASN G 529 -15.41 -1.07 40.57
N LYS G 530 -15.82 0.07 40.03
CA LYS G 530 -16.85 0.07 38.99
C LYS G 530 -16.30 -0.39 37.66
N TYR G 531 -14.99 -0.31 37.48
CA TYR G 531 -14.37 -0.42 36.18
C TYR G 531 -14.22 -1.89 35.79
N VAL G 532 -14.84 -2.28 34.68
CA VAL G 532 -14.86 -3.66 34.24
C VAL G 532 -13.58 -3.97 33.47
N ASN G 533 -12.88 -4.99 33.92
CA ASN G 533 -11.54 -5.33 33.50
C ASN G 533 -11.54 -6.16 32.23
N ALA G 534 -10.34 -6.58 31.82
CA ALA G 534 -10.19 -7.63 30.82
C ALA G 534 -9.95 -8.99 31.45
N TYR G 535 -9.66 -9.04 32.75
CA TYR G 535 -9.64 -10.28 33.50
C TYR G 535 -11.04 -10.74 33.87
N ASP G 536 -12.02 -9.84 33.79
CA ASP G 536 -13.39 -10.24 34.03
C ASP G 536 -13.95 -11.03 32.86
N TYR G 537 -13.53 -10.71 31.65
CA TYR G 537 -13.95 -11.45 30.48
C TYR G 537 -13.24 -12.78 30.36
N HIS G 538 -12.00 -12.89 30.83
CA HIS G 538 -11.29 -14.14 30.74
C HIS G 538 -11.82 -15.17 31.71
N LEU G 539 -11.99 -14.71 32.95
CA LEU G 539 -12.52 -15.48 34.07
C LEU G 539 -14.01 -15.83 34.14
N TYR G 540 -14.87 -14.89 33.77
CA TYR G 540 -16.31 -15.09 33.92
C TYR G 540 -17.07 -14.83 32.65
N TYR G 541 -16.99 -15.79 31.75
CA TYR G 541 -17.68 -15.66 30.47
C TYR G 541 -17.99 -17.06 29.91
N MET H 1 41.20 5.03 28.03
CA MET H 1 41.21 3.65 28.47
C MET H 1 42.54 3.25 29.06
N LYS H 2 43.26 4.22 29.62
CA LYS H 2 44.57 3.93 30.18
C LYS H 2 44.44 3.11 31.45
N SER H 3 45.41 2.23 31.69
CA SER H 3 45.42 1.35 32.83
C SER H 3 46.29 1.94 33.91
N VAL H 4 45.89 1.79 35.16
CA VAL H 4 46.62 2.30 36.30
C VAL H 4 46.94 1.15 37.23
N SER H 5 48.09 1.21 37.90
CA SER H 5 48.53 0.18 38.81
C SER H 5 48.67 0.74 40.23
N PHE H 6 48.49 -0.15 41.20
CA PHE H 6 48.54 0.24 42.62
C PHE H 6 49.23 -0.88 43.39
N SER H 7 49.71 -0.54 44.59
CA SER H 7 50.40 -1.50 45.44
C SER H 7 49.70 -1.80 46.77
N ASN H 8 49.02 -0.81 47.32
CA ASN H 8 48.34 -0.96 48.61
C ASN H 8 46.98 -0.29 48.55
N ASN H 9 46.05 -0.72 49.39
CA ASN H 9 44.72 -0.11 49.33
C ASN H 9 44.74 1.38 49.59
N ALA H 10 45.80 1.90 50.20
CA ALA H 10 45.87 3.32 50.48
C ALA H 10 46.16 4.12 49.23
N GLU H 11 46.89 3.55 48.26
CA GLU H 11 47.19 4.27 47.03
C GLU H 11 45.96 4.40 46.14
N LEU H 12 44.92 3.61 46.37
CA LEU H 12 43.63 3.93 45.76
C LEU H 12 43.09 5.25 46.30
N TYR H 13 43.03 5.38 47.63
CA TYR H 13 42.33 6.50 48.25
C TYR H 13 43.07 7.81 48.03
N GLU H 14 44.39 7.77 47.81
CA GLU H 14 45.07 8.99 47.43
C GLU H 14 44.91 9.29 45.96
N TYR H 15 44.78 8.27 45.12
CA TYR H 15 44.60 8.51 43.70
C TYR H 15 43.17 8.94 43.38
N ILE H 16 42.21 8.46 44.16
CA ILE H 16 40.81 8.81 43.95
C ILE H 16 40.54 10.25 44.36
N LYS H 17 41.05 10.67 45.51
CA LYS H 17 40.75 12.00 46.04
C LYS H 17 41.56 13.12 45.39
N ASP H 18 42.55 12.80 44.57
CA ASP H 18 43.35 13.84 43.94
C ASP H 18 42.57 14.49 42.80
N LYS H 19 42.62 15.81 42.74
CA LYS H 19 41.77 16.57 41.82
C LYS H 19 42.33 16.63 40.41
N LYS H 20 43.57 16.22 40.18
CA LYS H 20 44.12 16.24 38.84
C LYS H 20 43.54 15.16 37.95
N ASN H 21 43.16 14.02 38.52
CA ASN H 21 42.77 12.87 37.73
C ASN H 21 41.32 12.90 37.31
N ASP H 22 40.49 13.73 37.99
CA ASP H 22 39.08 13.96 37.66
C ASP H 22 38.25 12.68 37.76
N VAL H 23 38.64 11.79 38.66
CA VAL H 23 37.94 10.52 38.83
C VAL H 23 36.64 10.78 39.58
N GLU H 24 35.52 10.49 38.93
CA GLU H 24 34.20 10.85 39.45
C GLU H 24 33.45 9.65 40.01
N ILE H 25 33.51 8.50 39.34
CA ILE H 25 32.78 7.31 39.73
C ILE H 25 33.79 6.18 39.93
N VAL H 26 33.58 5.34 40.92
CA VAL H 26 34.36 4.12 41.12
C VAL H 26 33.44 2.93 40.93
N ALA H 27 33.73 2.10 39.94
CA ALA H 27 32.89 0.95 39.64
C ALA H 27 33.55 -0.34 40.11
N CYS H 28 32.72 -1.29 40.50
CA CYS H 28 33.17 -2.58 40.99
C CYS H 28 32.68 -3.66 40.04
N ILE H 29 33.38 -4.78 39.98
CA ILE H 29 33.09 -5.84 39.01
C ILE H 29 33.09 -7.17 39.76
N ILE H 30 31.97 -7.90 39.71
CA ILE H 30 31.83 -9.17 40.40
C ILE H 30 31.56 -10.24 39.34
N THR H 31 31.74 -11.51 39.72
CA THR H 31 31.56 -12.63 38.80
C THR H 31 30.92 -13.78 39.57
N ASN H 32 30.15 -14.61 38.84
CA ASN H 32 29.42 -15.76 39.34
C ASN H 32 30.21 -17.05 39.17
N LEU H 33 29.64 -18.15 39.69
CA LEU H 33 30.12 -19.46 39.30
C LEU H 33 29.86 -19.73 37.84
N LEU H 34 28.78 -19.19 37.31
CA LEU H 34 28.56 -19.14 35.88
C LEU H 34 29.32 -17.94 35.34
N GLY H 35 29.40 -17.80 34.04
CA GLY H 35 30.14 -16.65 33.56
C GLY H 35 29.27 -15.44 33.38
N THR H 36 29.27 -14.53 34.35
CA THR H 36 28.47 -13.32 34.23
C THR H 36 29.33 -12.13 34.61
N TYR H 37 28.79 -10.94 34.43
CA TYR H 37 29.57 -9.71 34.58
C TYR H 37 28.67 -8.68 35.24
N PHE H 38 28.84 -8.54 36.55
CA PHE H 38 28.04 -7.64 37.37
C PHE H 38 28.82 -6.38 37.66
N LYS H 39 28.12 -5.27 37.88
CA LYS H 39 28.81 -3.99 38.00
C LYS H 39 27.94 -2.99 38.75
N CYS H 40 28.51 -2.35 39.75
CA CYS H 40 27.80 -1.35 40.55
C CYS H 40 28.64 -0.09 40.59
N PHE H 41 27.98 1.06 40.67
CA PHE H 41 28.63 2.35 40.53
C PHE H 41 28.59 3.12 41.83
N PHE H 42 29.74 3.59 42.29
CA PHE H 42 29.88 4.30 43.55
C PHE H 42 30.49 5.66 43.29
N TYR H 43 30.06 6.67 44.03
CA TYR H 43 30.55 8.02 43.80
C TYR H 43 31.68 8.37 44.75
N VAL H 44 32.61 9.18 44.24
CA VAL H 44 33.88 9.44 44.89
C VAL H 44 33.73 10.24 46.18
N LYS H 45 32.88 11.27 46.21
CA LYS H 45 32.74 12.14 47.37
C LYS H 45 32.23 11.43 48.60
N GLU H 46 31.61 10.26 48.47
CA GLU H 46 31.08 9.55 49.61
C GLU H 46 31.98 8.43 50.10
N ILE H 47 32.98 8.03 49.32
CA ILE H 47 33.91 6.99 49.73
C ILE H 47 34.85 7.56 50.78
N THR H 48 35.01 6.83 51.88
CA THR H 48 35.86 7.27 52.98
C THR H 48 36.98 6.24 53.15
N LEU H 49 37.79 6.45 54.18
CA LEU H 49 38.88 5.53 54.51
C LEU H 49 38.35 4.19 54.97
N ASN H 50 37.22 4.20 55.67
CA ASN H 50 36.67 3.01 56.30
C ASN H 50 36.00 2.07 55.30
N LYS H 51 35.45 2.62 54.22
CA LYS H 51 34.74 1.81 53.23
C LYS H 51 35.66 1.11 52.25
N LEU H 52 36.97 1.17 52.45
CA LEU H 52 37.86 0.37 51.62
C LEU H 52 38.37 -0.84 52.39
N GLU H 53 38.57 -0.70 53.70
CA GLU H 53 38.87 -1.87 54.54
C GLU H 53 37.64 -2.74 54.70
N SER H 54 36.54 -2.14 55.14
CA SER H 54 35.25 -2.78 55.02
C SER H 54 34.80 -2.74 53.57
N GLY H 55 33.74 -3.47 53.29
CA GLY H 55 33.24 -3.51 51.93
C GLY H 55 31.95 -2.74 51.77
N PHE H 56 31.43 -2.81 50.56
CA PHE H 56 30.19 -2.14 50.18
C PHE H 56 29.01 -3.09 50.36
N SER H 57 27.88 -2.51 50.76
CA SER H 57 26.69 -3.31 50.99
C SER H 57 26.09 -3.78 49.68
N PHE H 58 25.74 -5.05 49.69
CA PHE H 58 25.30 -5.66 48.49
C PHE H 58 24.32 -6.76 48.83
N ASP H 59 23.25 -6.85 48.04
CA ASP H 59 22.26 -7.89 48.26
C ASP H 59 22.45 -8.87 47.14
N ALA H 60 22.74 -10.11 47.49
CA ALA H 60 22.95 -11.14 46.49
C ALA H 60 21.90 -12.23 46.55
N SER H 61 20.71 -11.91 47.00
CA SER H 61 19.64 -12.89 47.04
C SER H 61 19.06 -13.17 45.67
N SER H 62 19.38 -12.35 44.66
CA SER H 62 18.82 -12.44 43.34
C SER H 62 19.82 -12.89 42.29
N ILE H 63 21.09 -12.90 42.61
CA ILE H 63 22.13 -13.36 41.70
C ILE H 63 22.17 -14.88 41.73
N LYS H 64 22.24 -15.49 40.54
CA LYS H 64 22.18 -16.94 40.44
C LYS H 64 23.43 -17.59 41.00
N LEU H 65 23.23 -18.64 41.80
CA LEU H 65 24.27 -19.35 42.55
C LEU H 65 25.05 -18.43 43.46
N CYS H 66 24.35 -17.53 44.15
CA CYS H 66 25.00 -16.66 45.12
C CYS H 66 24.14 -16.37 46.33
N SER H 67 23.32 -17.34 46.73
CA SER H 67 22.42 -17.18 47.88
C SER H 67 22.63 -18.19 49.02
N ASP H 68 22.60 -17.68 50.25
CA ASP H 68 22.74 -18.49 51.46
C ASP H 68 21.42 -18.39 52.22
N THR H 69 20.96 -19.48 52.81
CA THR H 69 19.65 -19.43 53.48
C THR H 69 19.43 -18.06 54.10
N GLU H 70 20.26 -17.69 55.07
CA GLU H 70 20.03 -16.47 55.83
C GLU H 70 21.07 -15.40 55.68
N VAL H 71 22.17 -15.67 54.98
CA VAL H 71 23.04 -14.55 54.64
C VAL H 71 22.38 -13.83 53.48
N SER H 72 21.62 -12.79 53.78
CA SER H 72 20.97 -11.96 52.78
C SER H 72 21.79 -10.72 52.48
N ASP H 73 22.77 -10.41 53.32
CA ASP H 73 23.63 -9.25 53.15
C ASP H 73 25.08 -9.72 53.05
N PHE H 74 25.76 -9.28 52.00
CA PHE H 74 27.15 -9.62 51.75
C PHE H 74 27.98 -8.35 51.73
N PHE H 75 29.23 -8.50 51.38
CA PHE H 75 30.16 -7.40 51.22
C PHE H 75 30.67 -7.42 49.79
N ILE H 76 31.43 -6.41 49.43
CA ILE H 76 32.19 -6.37 48.19
C ILE H 76 33.57 -5.85 48.53
N LYS H 77 34.56 -6.72 48.47
CA LYS H 77 35.89 -6.37 48.92
C LYS H 77 36.71 -5.87 47.74
N VAL H 78 37.16 -4.63 47.84
CA VAL H 78 37.86 -3.96 46.75
C VAL H 78 39.27 -4.52 46.69
N ASP H 79 39.66 -5.04 45.53
CA ASP H 79 40.98 -5.61 45.33
C ASP H 79 41.75 -4.77 44.33
N HIS H 80 42.94 -4.35 44.73
CA HIS H 80 43.84 -3.53 43.93
C HIS H 80 44.62 -4.31 42.85
N SER H 81 45.32 -3.59 41.97
CA SER H 81 46.12 -4.22 40.91
C SER H 81 45.38 -4.66 39.64
N THR H 82 44.11 -4.31 39.51
CA THR H 82 43.32 -4.67 38.34
C THR H 82 42.39 -3.49 38.10
N CYS H 83 42.92 -2.40 37.57
CA CYS H 83 42.09 -1.22 37.39
C CYS H 83 42.35 -0.64 36.01
N TYR H 84 41.36 0.09 35.50
CA TYR H 84 41.56 0.86 34.28
C TYR H 84 40.56 2.00 34.25
N LEU H 85 41.02 3.14 33.77
CA LEU H 85 40.16 4.31 33.65
C LEU H 85 39.33 4.24 32.38
N GLU H 86 38.27 5.02 32.35
CA GLU H 86 37.41 5.13 31.18
C GLU H 86 37.06 6.59 30.94
N GLU H 87 36.44 6.84 29.79
CA GLU H 87 35.88 8.14 29.43
C GLU H 87 34.47 7.89 28.93
N CYS H 88 33.50 7.86 29.82
CA CYS H 88 32.10 7.72 29.44
C CYS H 88 31.44 9.08 29.65
N ASP H 89 31.07 9.73 28.54
CA ASP H 89 30.38 11.02 28.51
C ASP H 89 31.17 12.10 29.24
N GLY H 90 32.47 12.16 28.97
CA GLY H 90 33.31 13.16 29.60
C GLY H 90 33.56 12.95 31.08
N LYS H 91 33.29 11.75 31.59
CA LYS H 91 33.44 11.43 33.00
C LYS H 91 34.41 10.26 33.14
N ASN H 92 35.29 10.34 34.13
CA ASN H 92 36.31 9.33 34.34
C ASN H 92 35.82 8.32 35.37
N ILE H 93 35.91 7.04 35.03
CA ILE H 93 35.39 5.95 35.85
C ILE H 93 36.52 4.96 36.09
N LEU H 94 36.87 4.74 37.35
CA LEU H 94 37.69 3.57 37.66
C LEU H 94 36.85 2.31 37.55
N ASN H 95 37.51 1.21 37.18
CA ASN H 95 36.85 -0.09 37.10
C ASN H 95 37.74 -1.07 37.85
N ILE H 96 37.30 -1.51 39.01
CA ILE H 96 38.11 -2.31 39.91
C ILE H 96 37.51 -3.70 40.01
N MET H 97 38.37 -4.72 39.91
CA MET H 97 37.93 -6.08 40.17
C MET H 97 37.77 -6.30 41.67
N CYS H 98 36.65 -6.90 42.06
CA CYS H 98 36.19 -6.88 43.43
C CYS H 98 35.60 -8.22 43.83
N ASP H 99 36.09 -8.81 44.91
CA ASP H 99 35.55 -10.07 45.39
C ASP H 99 34.38 -9.83 46.36
N ILE H 100 33.65 -10.90 46.63
CA ILE H 100 32.54 -10.89 47.58
C ILE H 100 32.91 -11.74 48.79
N LYS H 101 32.55 -11.26 49.98
CA LYS H 101 32.93 -11.91 51.21
C LYS H 101 31.70 -11.95 52.13
N ARG H 102 31.91 -12.66 53.23
CA ARG H 102 30.96 -12.80 54.33
C ARG H 102 31.21 -11.66 55.32
N TYR H 103 30.43 -11.63 56.39
CA TYR H 103 30.55 -10.59 57.40
C TYR H 103 31.90 -10.55 58.13
N ASN H 104 32.48 -11.71 58.44
CA ASN H 104 33.72 -11.73 59.21
C ASN H 104 34.93 -11.44 58.33
N GLY H 105 34.80 -11.63 57.02
CA GLY H 105 35.94 -11.48 56.14
C GLY H 105 36.44 -12.83 55.69
N PHE H 106 35.64 -13.86 55.97
CA PHE H 106 36.00 -15.20 55.53
C PHE H 106 35.74 -15.34 54.04
N ASP H 107 36.51 -16.23 53.43
CA ASP H 107 36.46 -16.49 51.99
C ASP H 107 35.15 -17.18 51.66
N TYR H 108 34.30 -16.53 50.86
CA TYR H 108 33.04 -17.13 50.45
C TYR H 108 33.29 -18.28 49.47
N TYR H 109 32.64 -19.41 49.70
CA TYR H 109 32.96 -20.61 48.95
C TYR H 109 32.33 -20.64 47.57
N LYS H 110 31.42 -19.72 47.26
CA LYS H 110 30.87 -19.60 45.92
C LYS H 110 31.36 -18.35 45.21
N CYS H 111 32.57 -17.91 45.50
CA CYS H 111 33.18 -16.85 44.71
C CYS H 111 34.33 -17.42 43.89
N PRO H 112 34.26 -17.29 42.57
CA PRO H 112 35.28 -17.93 41.72
C PRO H 112 36.62 -17.22 41.74
N ARG H 113 36.65 -15.91 41.95
CA ARG H 113 37.92 -15.21 42.03
C ARG H 113 38.64 -15.50 43.33
N THR H 114 37.91 -15.86 44.38
CA THR H 114 38.55 -16.29 45.61
C THR H 114 39.05 -17.72 45.50
N ILE H 115 38.56 -18.47 44.51
CA ILE H 115 39.06 -19.83 44.31
C ILE H 115 40.41 -19.80 43.60
N LEU H 116 40.55 -18.95 42.58
CA LEU H 116 41.85 -18.80 41.92
C LEU H 116 42.90 -18.16 42.82
N LYS H 117 42.50 -17.30 43.74
CA LYS H 117 43.46 -16.80 44.70
C LYS H 117 43.93 -17.87 45.66
N LYS H 118 43.12 -18.90 45.88
CA LYS H 118 43.48 -19.98 46.79
C LYS H 118 44.28 -21.07 46.11
N THR H 119 43.93 -21.43 44.88
CA THR H 119 44.64 -22.54 44.23
C THR H 119 45.98 -22.09 43.68
N CYS H 120 46.16 -20.80 43.43
CA CYS H 120 47.47 -20.33 43.02
C CYS H 120 48.39 -20.14 44.21
N GLU H 121 47.84 -19.73 45.36
CA GLU H 121 48.60 -19.61 46.58
C GLU H 121 48.72 -20.94 47.32
N PHE H 122 48.06 -21.98 46.82
CA PHE H 122 48.31 -23.33 47.30
C PHE H 122 49.46 -23.97 46.56
N VAL H 123 49.51 -23.80 45.24
CA VAL H 123 50.58 -24.38 44.43
C VAL H 123 51.91 -23.72 44.76
N LYS H 124 51.90 -22.42 45.04
CA LYS H 124 53.13 -21.67 45.31
C LYS H 124 53.72 -22.07 46.66
N ASN H 125 52.94 -22.69 47.55
CA ASN H 125 53.43 -23.03 48.88
C ASN H 125 54.16 -24.36 48.92
N GLU H 126 54.21 -25.10 47.82
CA GLU H 126 54.93 -26.37 47.79
C GLU H 126 56.27 -26.30 47.07
N GLY H 127 56.77 -25.11 46.76
CA GLY H 127 58.02 -24.99 46.04
C GLY H 127 57.95 -25.41 44.59
N ILE H 128 56.74 -25.65 44.07
CA ILE H 128 56.52 -26.06 42.70
C ILE H 128 55.66 -25.00 42.04
N ALA H 129 56.14 -24.45 40.92
CA ALA H 129 55.39 -23.52 40.06
C ALA H 129 54.94 -22.27 40.83
N ASP H 130 55.93 -21.43 41.18
CA ASP H 130 55.62 -20.15 41.83
C ASP H 130 54.79 -19.25 40.93
N LYS H 131 54.89 -19.42 39.62
CA LYS H 131 54.12 -18.67 38.64
C LYS H 131 53.48 -19.66 37.68
N VAL H 132 52.25 -19.36 37.26
CA VAL H 132 51.58 -20.12 36.22
C VAL H 132 51.24 -19.13 35.10
N CYS H 133 51.85 -19.31 33.94
CA CYS H 133 51.61 -18.46 32.80
C CYS H 133 50.65 -19.16 31.84
N ILE H 134 49.51 -18.54 31.59
CA ILE H 134 48.46 -19.08 30.75
C ILE H 134 48.14 -18.06 29.67
N GLY H 135 48.09 -18.49 28.41
CA GLY H 135 47.63 -17.66 27.33
C GLY H 135 46.27 -18.13 26.84
N ASN H 136 45.61 -17.29 26.03
CA ASN H 136 44.28 -17.61 25.54
C ASN H 136 44.11 -17.12 24.11
N GLU H 137 43.14 -17.71 23.43
CA GLU H 137 42.82 -17.40 22.03
C GLU H 137 41.30 -17.36 21.91
N LEU H 138 40.73 -16.17 21.96
CA LEU H 138 39.28 -16.02 21.95
C LEU H 138 38.73 -16.09 20.55
N GLU H 139 37.59 -16.75 20.38
CA GLU H 139 36.92 -16.85 19.09
C GLU H 139 35.48 -16.44 19.27
N PHE H 140 35.01 -15.53 18.44
CA PHE H 140 33.68 -14.97 18.59
C PHE H 140 33.06 -14.75 17.22
N PHE H 141 31.73 -14.77 17.17
CA PHE H 141 30.98 -14.45 15.95
C PHE H 141 30.48 -13.03 16.07
N ILE H 142 30.32 -12.37 14.94
CA ILE H 142 29.71 -11.04 14.91
C ILE H 142 28.54 -11.10 13.95
N PHE H 143 27.34 -11.22 14.50
CA PHE H 143 26.10 -11.21 13.75
C PHE H 143 25.59 -9.79 13.68
N ASP H 144 24.54 -9.56 12.89
CA ASP H 144 24.00 -8.22 12.75
C ASP H 144 22.80 -8.05 13.66
N LYS H 145 21.93 -9.03 13.62
CA LYS H 145 20.73 -9.05 14.45
C LYS H 145 20.36 -10.48 14.74
N VAL H 146 19.65 -10.69 15.84
CA VAL H 146 19.21 -12.03 16.22
C VAL H 146 17.85 -11.90 16.88
N ASN H 147 16.87 -12.63 16.38
CA ASN H 147 15.53 -12.63 16.97
C ASN H 147 15.14 -14.06 17.28
N TYR H 148 14.63 -14.29 18.48
CA TYR H 148 14.06 -15.59 18.80
C TYR H 148 12.82 -15.44 19.66
N SER H 149 12.14 -16.55 19.90
CA SER H 149 10.93 -16.57 20.69
C SER H 149 10.68 -17.96 21.20
N LEU H 150 9.89 -18.08 22.26
CA LEU H 150 9.61 -19.35 22.89
C LEU H 150 8.13 -19.61 23.14
N ASP H 151 7.24 -18.91 22.44
CA ASP H 151 5.82 -19.18 22.53
C ASP H 151 5.53 -20.57 21.97
N GLU H 152 4.51 -21.23 22.52
CA GLU H 152 4.25 -22.63 22.19
C GLU H 152 3.84 -22.81 20.75
N TYR H 153 3.28 -21.77 20.15
CA TYR H 153 2.79 -21.81 18.79
C TYR H 153 3.66 -21.01 17.84
N ASN H 154 4.56 -20.19 18.38
CA ASN H 154 5.36 -19.31 17.52
C ASN H 154 6.89 -19.30 17.66
N THR H 155 7.49 -20.36 18.19
CA THR H 155 8.94 -20.33 18.36
C THR H 155 9.68 -20.18 17.02
N TYR H 156 10.69 -19.33 17.00
CA TYR H 156 11.49 -19.11 15.81
C TYR H 156 12.91 -18.72 16.17
N LEU H 157 13.77 -18.79 15.16
CA LEU H 157 15.07 -18.13 15.12
C LEU H 157 15.17 -17.33 13.85
N LYS H 158 15.84 -16.19 13.92
CA LYS H 158 16.23 -15.44 12.73
C LYS H 158 17.58 -14.82 13.03
N VAL H 159 18.64 -15.37 12.45
CA VAL H 159 19.97 -14.81 12.58
C VAL H 159 20.22 -14.01 11.31
N TYR H 160 20.45 -12.71 11.46
CA TYR H 160 20.71 -11.85 10.32
C TYR H 160 22.22 -11.69 10.19
N ASP H 161 22.75 -11.93 9.01
CA ASP H 161 24.19 -11.86 8.76
C ASP H 161 24.49 -11.02 7.53
N ARG H 162 25.69 -10.48 7.49
CA ARG H 162 26.09 -9.61 6.40
C ARG H 162 27.17 -10.21 5.53
N GLU H 163 27.95 -11.16 6.05
CA GLU H 163 29.01 -11.79 5.29
C GLU H 163 28.64 -13.16 4.75
N SER H 164 27.69 -13.84 5.35
CA SER H 164 27.42 -15.21 4.98
C SER H 164 26.55 -15.27 3.74
N PHE H 165 26.94 -16.11 2.79
CA PHE H 165 26.17 -16.28 1.58
C PHE H 165 24.90 -17.06 1.83
N SER H 166 24.90 -17.92 2.85
CA SER H 166 23.80 -18.85 3.03
C SER H 166 22.69 -18.27 3.90
N CYS H 167 22.90 -17.10 4.50
CA CYS H 167 21.79 -16.40 5.13
C CYS H 167 20.99 -15.69 4.07
N LYS H 168 19.76 -16.14 3.84
CA LYS H 168 18.94 -15.59 2.79
C LYS H 168 17.82 -14.73 3.33
N ASN H 169 17.98 -14.22 4.54
CA ASN H 169 17.13 -13.15 5.05
C ASN H 169 17.50 -11.84 4.36
N ASP H 170 16.54 -10.94 4.26
CA ASP H 170 16.79 -9.64 3.66
C ASP H 170 16.97 -8.58 4.73
N LEU H 171 17.99 -7.75 4.57
CA LEU H 171 18.34 -6.72 5.53
C LEU H 171 17.82 -5.35 5.15
N SER H 172 16.90 -5.28 4.19
CA SER H 172 16.33 -4.00 3.83
C SER H 172 15.34 -3.50 4.87
N SER H 173 14.78 -4.40 5.67
CA SER H 173 13.87 -4.01 6.72
C SER H 173 14.57 -3.37 7.91
N ILE H 174 15.84 -3.69 8.13
CA ILE H 174 16.57 -3.18 9.27
C ILE H 174 16.82 -1.69 9.06
N TYR H 175 16.35 -0.88 9.99
CA TYR H 175 16.47 0.56 9.86
C TYR H 175 17.84 1.03 10.28
N GLU H 196 26.54 0.03 6.49
CA GLU H 196 25.25 0.27 7.12
C GLU H 196 24.09 -0.30 6.33
N TYR H 197 24.30 -1.49 5.76
CA TYR H 197 23.30 -2.33 5.12
C TYR H 197 22.75 -1.65 3.86
N LEU H 198 23.63 -0.94 3.16
CA LEU H 198 23.21 -0.13 2.02
C LEU H 198 22.81 -0.99 0.84
N ILE H 199 23.71 -1.82 0.33
CA ILE H 199 23.45 -2.62 -0.86
C ILE H 199 23.65 -4.07 -0.50
N ASN H 200 22.64 -4.89 -0.72
CA ASN H 200 22.72 -6.31 -0.44
C ASN H 200 23.05 -7.05 -1.72
N ASP H 201 24.32 -7.39 -1.91
CA ASP H 201 24.74 -8.18 -3.05
C ASP H 201 25.48 -9.41 -2.57
N ASP H 202 25.21 -10.54 -3.21
CA ASP H 202 25.83 -11.80 -2.88
C ASP H 202 27.23 -11.94 -3.45
N SER H 203 27.73 -10.91 -4.11
CA SER H 203 29.05 -10.97 -4.73
C SER H 203 30.17 -10.81 -3.72
N LYS H 204 29.95 -10.00 -2.69
CA LYS H 204 30.93 -9.74 -1.65
C LYS H 204 30.66 -10.54 -0.38
N LYS H 205 30.03 -11.69 -0.48
CA LYS H 205 29.74 -12.49 0.69
C LYS H 205 30.62 -13.72 0.73
N VAL H 206 30.90 -14.19 1.94
CA VAL H 206 31.77 -15.34 2.15
C VAL H 206 30.93 -16.60 2.11
N LYS H 207 31.37 -17.60 1.35
CA LYS H 207 30.69 -18.88 1.33
C LYS H 207 31.12 -19.71 2.53
N LYS H 208 30.46 -20.86 2.73
CA LYS H 208 30.62 -21.60 3.97
C LYS H 208 31.94 -22.36 4.00
N LYS H 209 32.57 -22.38 5.18
CA LYS H 209 33.85 -23.04 5.48
C LYS H 209 34.97 -22.60 4.56
N SER H 210 34.89 -21.39 4.04
CA SER H 210 35.84 -20.95 3.03
C SER H 210 36.30 -19.53 3.28
N GLY H 211 36.28 -19.08 4.53
CA GLY H 211 36.73 -17.75 4.82
C GLY H 211 37.83 -17.67 5.84
N TYR H 212 38.88 -18.50 5.74
CA TYR H 212 39.88 -18.57 6.81
C TYR H 212 40.61 -17.24 6.99
N PHE H 213 41.40 -16.82 6.02
CA PHE H 213 42.03 -15.51 6.11
C PHE H 213 41.38 -14.64 5.04
N THR H 214 40.48 -13.75 5.42
CA THR H 214 39.82 -12.93 4.42
C THR H 214 40.14 -11.46 4.63
N THR H 215 39.81 -10.70 3.59
CA THR H 215 40.18 -9.32 3.52
C THR H 215 39.06 -8.27 3.48
N ASP H 216 39.38 -7.06 3.01
CA ASP H 216 38.42 -5.94 3.03
C ASP H 216 37.10 -6.07 2.27
N PRO H 217 37.11 -6.58 1.02
CA PRO H 217 35.78 -6.71 0.43
C PRO H 217 34.90 -7.70 1.14
N TYR H 218 35.46 -8.81 1.60
CA TYR H 218 34.68 -9.91 2.18
C TYR H 218 34.58 -9.83 3.70
N ASP H 219 35.64 -9.42 4.36
CA ASP H 219 35.61 -9.20 5.80
C ASP H 219 34.97 -7.85 6.07
N THR H 220 33.66 -7.90 6.30
CA THR H 220 32.78 -6.77 6.54
C THR H 220 33.08 -6.01 7.81
N SER H 221 33.73 -6.65 8.76
CA SER H 221 33.99 -5.95 9.99
C SER H 221 35.46 -5.90 10.30
N ASN H 222 36.18 -5.11 9.52
CA ASN H 222 37.61 -4.92 9.80
C ASN H 222 37.87 -3.69 10.65
N ILE H 223 36.99 -2.69 10.59
CA ILE H 223 37.18 -1.47 11.36
C ILE H 223 36.89 -1.71 12.83
N ILE H 224 36.01 -2.67 13.12
CA ILE H 224 35.69 -3.04 14.50
C ILE H 224 36.90 -3.63 15.20
N LYS H 225 37.67 -4.46 14.50
CA LYS H 225 38.76 -5.17 15.14
C LYS H 225 39.93 -4.27 15.47
N LEU H 226 40.17 -3.24 14.65
CA LEU H 226 41.21 -2.30 14.98
C LEU H 226 40.80 -1.38 16.12
N ARG H 227 39.51 -1.24 16.37
CA ARG H 227 39.04 -0.46 17.49
C ARG H 227 38.90 -1.28 18.76
N ILE H 228 38.89 -2.60 18.65
CA ILE H 228 38.88 -3.45 19.83
C ILE H 228 40.29 -3.46 20.38
N CYS H 229 41.26 -3.77 19.52
CA CYS H 229 42.62 -3.97 19.99
C CYS H 229 43.35 -2.64 20.22
N ARG H 230 42.79 -1.54 19.74
CA ARG H 230 43.22 -0.23 20.24
C ARG H 230 42.82 -0.06 21.70
N ALA H 231 41.64 -0.53 22.06
CA ALA H 231 41.15 -0.41 23.42
C ALA H 231 41.75 -1.44 24.35
N LEU H 232 42.37 -2.49 23.83
CA LEU H 232 43.02 -3.48 24.65
C LEU H 232 44.49 -3.20 24.86
N ASN H 233 45.16 -2.64 23.85
CA ASN H 233 46.57 -2.31 24.02
C ASN H 233 46.75 -1.05 24.85
N ASP H 234 45.75 -0.18 24.90
CA ASP H 234 45.82 0.96 25.79
C ASP H 234 45.71 0.55 27.24
N MET H 235 45.13 -0.61 27.50
CA MET H 235 44.90 -1.14 28.84
C MET H 235 45.96 -2.13 29.26
N ASN H 236 47.05 -2.25 28.49
CA ASN H 236 48.11 -3.23 28.65
C ASN H 236 47.60 -4.68 28.66
N ILE H 237 46.54 -4.96 27.92
CA ILE H 237 46.17 -6.33 27.57
C ILE H 237 46.67 -6.50 26.14
N ASN H 238 47.93 -6.88 25.99
CA ASN H 238 48.58 -6.84 24.69
C ASN H 238 48.13 -7.98 23.80
N VAL H 239 47.86 -7.67 22.54
CA VAL H 239 47.35 -8.63 21.56
C VAL H 239 48.39 -9.18 20.58
N GLN H 240 48.63 -10.48 20.64
CA GLN H 240 49.58 -11.17 19.76
C GLN H 240 49.24 -11.29 18.26
N ARG H 241 48.00 -11.61 17.93
CA ARG H 241 47.60 -11.80 16.52
C ARG H 241 46.10 -11.64 16.27
N TYR H 242 45.71 -11.50 14.99
CA TYR H 242 44.32 -11.34 14.66
C TYR H 242 44.10 -11.99 13.29
N HIS H 243 42.99 -12.70 13.14
CA HIS H 243 42.54 -13.11 11.81
C HIS H 243 41.05 -13.35 11.84
N HIS H 244 40.48 -13.53 10.64
CA HIS H 244 39.18 -14.14 10.42
C HIS H 244 39.33 -15.64 10.65
N GLU H 245 38.23 -16.38 10.70
CA GLU H 245 38.37 -17.82 10.92
C GLU H 245 37.46 -18.64 10.01
N VAL H 246 37.46 -19.95 10.22
CA VAL H 246 36.87 -20.88 9.24
C VAL H 246 35.39 -20.94 9.58
N SER H 247 34.69 -19.88 9.20
CA SER H 247 33.25 -19.69 9.27
C SER H 247 33.00 -18.31 8.71
N THR H 248 31.75 -18.06 8.36
CA THR H 248 31.35 -16.75 7.91
C THR H 248 31.08 -15.90 9.15
N SER H 249 31.81 -14.79 9.27
CA SER H 249 31.79 -13.88 10.41
C SER H 249 32.14 -14.59 11.72
N GLN H 250 33.34 -15.17 11.75
CA GLN H 250 33.93 -15.69 12.98
C GLN H 250 35.38 -15.23 13.05
N HIS H 251 35.73 -14.53 14.12
CA HIS H 251 37.01 -13.87 14.25
C HIS H 251 37.83 -14.52 15.36
N GLU H 252 38.96 -13.90 15.69
CA GLU H 252 39.92 -14.52 16.59
C GLU H 252 40.81 -13.45 17.19
N ILE H 253 41.01 -13.48 18.51
CA ILE H 253 42.00 -12.65 19.19
C ILE H 253 42.89 -13.56 20.02
N SER H 254 44.19 -13.48 19.82
CA SER H 254 45.13 -14.21 20.66
C SER H 254 45.95 -13.22 21.48
N LEU H 255 45.91 -13.37 22.79
CA LEU H 255 46.49 -12.41 23.70
C LEU H 255 47.87 -12.85 24.16
N LYS H 256 48.54 -11.94 24.86
CA LYS H 256 49.83 -12.18 25.47
C LYS H 256 49.68 -13.13 26.66
N TYR H 257 50.78 -13.73 27.08
CA TYR H 257 50.77 -14.63 28.23
C TYR H 257 50.79 -13.83 29.52
N PHE H 258 49.97 -14.23 30.48
CA PHE H 258 49.86 -13.49 31.73
C PHE H 258 49.87 -14.48 32.88
N ASP H 259 49.98 -13.93 34.09
CA ASP H 259 49.79 -14.70 35.30
C ASP H 259 48.36 -15.22 35.36
N ALA H 260 48.18 -16.39 36.00
CA ALA H 260 46.91 -17.09 35.92
C ALA H 260 45.79 -16.35 36.64
N LEU H 261 46.11 -15.53 37.63
CA LEU H 261 45.07 -14.73 38.27
C LEU H 261 44.71 -13.52 37.44
N THR H 262 45.69 -12.92 36.75
CA THR H 262 45.38 -11.78 35.91
C THR H 262 44.94 -12.17 34.52
N ASN H 263 45.08 -13.44 34.16
CA ASN H 263 44.52 -13.90 32.90
C ASN H 263 43.00 -13.97 32.96
N ALA H 264 42.47 -14.62 33.99
CA ALA H 264 41.03 -14.74 34.11
C ALA H 264 40.38 -13.41 34.41
N ASP H 265 41.11 -12.48 35.02
CA ASP H 265 40.63 -11.12 35.12
C ASP H 265 40.58 -10.45 33.76
N PHE H 266 41.58 -10.69 32.91
CA PHE H 266 41.60 -10.04 31.62
C PHE H 266 40.66 -10.69 30.63
N LEU H 267 40.19 -11.91 30.91
CA LEU H 267 39.22 -12.51 30.01
C LEU H 267 37.83 -11.92 30.19
N LEU H 268 37.43 -11.60 31.41
CA LEU H 268 36.15 -10.93 31.60
C LEU H 268 36.16 -9.53 31.02
N ILE H 269 37.27 -8.82 31.15
CA ILE H 269 37.35 -7.46 30.63
C ILE H 269 37.39 -7.47 29.11
N THR H 270 38.00 -8.51 28.52
CA THR H 270 38.04 -8.60 27.07
C THR H 270 36.66 -8.89 26.49
N LYS H 271 35.95 -9.85 27.07
CA LYS H 271 34.63 -10.21 26.57
C LYS H 271 33.61 -9.09 26.68
N GLN H 272 33.75 -8.21 27.68
CA GLN H 272 32.84 -7.09 27.77
C GLN H 272 33.26 -5.96 26.84
N ILE H 273 34.56 -5.83 26.57
CA ILE H 273 35.02 -4.80 25.65
C ILE H 273 34.69 -5.19 24.22
N ILE H 274 34.77 -6.48 23.92
CA ILE H 274 34.36 -6.98 22.62
C ILE H 274 32.86 -6.81 22.43
N LYS H 275 32.08 -7.06 23.47
CA LYS H 275 30.63 -6.93 23.38
C LYS H 275 30.18 -5.49 23.22
N THR H 276 30.82 -4.54 23.90
CA THR H 276 30.39 -3.15 23.84
C THR H 276 30.88 -2.43 22.60
N THR H 277 32.10 -2.72 22.14
CA THR H 277 32.59 -2.03 20.96
C THR H 277 31.92 -2.55 19.70
N VAL H 278 31.46 -3.79 19.71
CA VAL H 278 30.69 -4.30 18.59
C VAL H 278 29.29 -3.69 18.61
N SER H 279 28.67 -3.58 19.78
CA SER H 279 27.32 -3.06 19.85
C SER H 279 27.24 -1.56 19.65
N SER H 280 28.37 -0.85 19.68
CA SER H 280 28.36 0.56 19.31
C SER H 280 28.42 0.72 17.80
N PHE H 281 28.67 -0.36 17.07
CA PHE H 281 28.55 -0.40 15.63
C PHE H 281 27.21 -0.96 15.18
N ASN H 282 26.27 -1.10 16.12
CA ASN H 282 24.95 -1.70 15.90
C ASN H 282 25.05 -3.13 15.38
N ARG H 283 25.87 -3.94 16.02
CA ARG H 283 25.92 -5.37 15.76
C ARG H 283 25.92 -6.12 17.08
N THR H 284 25.89 -7.44 17.01
CA THR H 284 26.00 -8.28 18.19
C THR H 284 27.26 -9.14 18.09
N ALA H 285 27.81 -9.51 19.23
CA ALA H 285 28.95 -10.42 19.28
C ALA H 285 28.66 -11.51 20.27
N THR H 286 28.93 -12.75 19.90
CA THR H 286 28.59 -13.87 20.76
C THR H 286 29.80 -14.75 21.02
N PHE H 287 29.72 -15.50 22.11
CA PHE H 287 30.74 -16.44 22.51
C PHE H 287 30.13 -17.82 22.76
N MET H 288 29.01 -18.11 22.12
CA MET H 288 28.40 -19.43 22.21
C MET H 288 29.32 -20.46 21.58
N PRO H 289 29.40 -21.65 22.13
CA PRO H 289 29.89 -22.79 21.35
C PRO H 289 28.76 -23.29 20.46
N LYS H 290 29.05 -23.37 19.17
CA LYS H 290 28.08 -23.74 18.13
C LYS H 290 26.78 -22.92 18.12
N PRO H 291 26.81 -21.69 17.63
CA PRO H 291 25.68 -21.22 16.84
C PRO H 291 25.87 -21.73 15.42
N LEU H 292 24.77 -21.78 14.66
CA LEU H 292 24.80 -22.11 13.22
C LEU H 292 25.37 -23.51 12.97
N VAL H 293 24.46 -24.50 13.03
CA VAL H 293 24.68 -25.94 12.85
C VAL H 293 25.72 -26.31 11.80
N ASN H 294 25.69 -25.68 10.64
CA ASN H 294 26.62 -26.03 9.58
C ASN H 294 27.89 -25.21 9.57
N ASP H 295 28.29 -24.62 10.68
CA ASP H 295 29.57 -23.93 10.74
C ASP H 295 30.36 -24.34 11.99
N ASN H 296 31.53 -23.73 12.18
CA ASN H 296 32.39 -24.11 13.29
C ASN H 296 31.89 -23.53 14.60
N GLY H 297 32.57 -23.91 15.68
CA GLY H 297 32.26 -23.43 17.00
C GLY H 297 33.28 -22.43 17.50
N ASN H 298 33.17 -22.11 18.78
CA ASN H 298 34.07 -21.17 19.44
C ASN H 298 34.75 -21.87 20.59
N GLY H 299 36.09 -21.87 20.60
CA GLY H 299 36.84 -22.57 21.60
C GLY H 299 37.68 -21.63 22.43
N LEU H 300 38.40 -22.22 23.38
CA LEU H 300 39.47 -21.56 24.10
C LEU H 300 40.69 -22.46 24.07
N HIS H 301 41.73 -22.03 23.37
CA HIS H 301 43.00 -22.72 23.45
C HIS H 301 43.76 -22.13 24.63
N CYS H 302 44.01 -22.96 25.65
CA CYS H 302 44.71 -22.52 26.86
C CYS H 302 46.15 -23.00 26.79
N ASN H 303 47.06 -22.13 26.38
CA ASN H 303 48.47 -22.46 26.38
C ASN H 303 49.04 -22.29 27.79
N ILE H 304 49.39 -23.40 28.43
CA ILE H 304 49.78 -23.41 29.83
C ILE H 304 51.26 -23.73 29.93
N SER H 305 51.94 -23.10 30.89
CA SER H 305 53.32 -23.41 31.22
C SER H 305 53.59 -22.99 32.66
N LEU H 306 54.46 -23.70 33.35
CA LEU H 306 54.77 -23.40 34.73
C LEU H 306 56.20 -22.90 34.87
N TRP H 307 56.44 -22.11 35.91
CA TRP H 307 57.73 -21.44 36.07
C TRP H 307 58.20 -21.55 37.51
N LYS H 308 59.52 -21.71 37.68
CA LYS H 308 60.16 -21.73 38.99
C LYS H 308 61.48 -20.99 38.87
N ASN H 309 61.59 -19.86 39.59
CA ASN H 309 62.81 -19.03 39.63
C ASN H 309 63.22 -18.57 38.24
N ASN H 310 62.22 -18.10 37.47
CA ASN H 310 62.36 -17.70 36.07
C ASN H 310 62.92 -18.83 35.20
N LYS H 311 62.58 -20.07 35.52
CA LYS H 311 62.96 -21.23 34.72
C LYS H 311 61.74 -22.09 34.50
N ASN H 312 61.63 -22.65 33.29
CA ASN H 312 60.53 -23.52 32.97
C ASN H 312 60.63 -24.85 33.70
N ILE H 313 59.51 -25.24 34.30
CA ILE H 313 59.37 -26.54 34.91
C ILE H 313 59.43 -27.55 33.75
N PHE H 314 58.79 -27.16 32.65
CA PHE H 314 58.73 -27.98 31.43
C PHE H 314 59.98 -27.77 30.56
N TYR H 315 61.13 -28.28 31.00
CA TYR H 315 62.35 -28.16 30.21
C TYR H 315 63.47 -28.86 30.96
N HIS H 316 64.20 -29.74 30.29
CA HIS H 316 65.27 -30.50 30.94
C HIS H 316 66.62 -30.39 30.23
N ASN H 317 66.68 -29.73 29.06
CA ASN H 317 67.91 -29.42 28.32
C ASN H 317 68.68 -30.70 27.96
N ASP H 318 67.88 -31.51 27.22
CA ASP H 318 68.11 -32.82 26.56
C ASP H 318 67.02 -33.08 25.45
N PRO H 319 67.30 -34.06 24.57
CA PRO H 319 66.63 -34.63 23.41
C PRO H 319 66.26 -36.09 23.65
N SER H 320 65.32 -36.57 22.82
CA SER H 320 64.66 -37.91 22.71
C SER H 320 63.33 -37.90 23.48
N THR H 321 63.21 -36.92 24.36
CA THR H 321 61.99 -36.61 25.09
C THR H 321 61.55 -35.19 24.68
N PHE H 322 62.14 -34.70 23.58
CA PHE H 322 61.87 -33.37 23.07
C PHE H 322 62.22 -32.29 24.09
N PHE H 323 63.29 -32.47 24.86
CA PHE H 323 63.67 -31.45 25.84
C PHE H 323 62.68 -31.32 26.99
N LEU H 324 61.82 -32.31 27.20
CA LEU H 324 60.83 -32.29 28.26
C LEU H 324 61.35 -33.08 29.43
N SER H 325 60.69 -32.88 30.55
CA SER H 325 60.99 -33.55 31.79
C SER H 325 59.74 -34.34 32.15
N LYS H 326 59.93 -35.36 32.97
CA LYS H 326 58.82 -36.19 33.37
C LYS H 326 57.84 -35.31 34.12
N GLU H 327 58.31 -34.18 34.62
CA GLU H 327 57.44 -33.34 35.42
C GLU H 327 56.40 -32.66 34.55
N SER H 328 56.52 -32.77 33.22
CA SER H 328 55.59 -32.22 32.24
C SER H 328 54.54 -33.23 31.83
N PHE H 329 54.95 -34.46 31.52
CA PHE H 329 53.98 -35.51 31.21
C PHE H 329 53.15 -35.89 32.42
N TYR H 330 53.67 -35.67 33.62
CA TYR H 330 52.83 -35.82 34.82
C TYR H 330 51.72 -34.78 34.84
N PHE H 331 51.98 -33.59 34.30
CA PHE H 331 50.96 -32.56 34.27
C PHE H 331 49.95 -32.81 33.17
N MET H 332 50.36 -33.45 32.07
CA MET H 332 49.42 -33.74 30.99
C MET H 332 48.50 -34.89 31.39
N TYR H 333 49.08 -35.98 31.91
CA TYR H 333 48.27 -37.13 32.29
C TYR H 333 47.39 -36.84 33.49
N GLY H 334 47.72 -35.83 34.29
CA GLY H 334 46.79 -35.41 35.33
C GLY H 334 45.53 -34.79 34.77
N ILE H 335 45.61 -34.22 33.58
CA ILE H 335 44.43 -33.69 32.91
C ILE H 335 43.65 -34.79 32.20
N VAL H 336 44.37 -35.70 31.53
CA VAL H 336 43.72 -36.74 30.74
C VAL H 336 43.05 -37.77 31.64
N LYS H 337 43.55 -37.94 32.85
CA LYS H 337 42.88 -38.84 33.79
C LYS H 337 41.57 -38.23 34.27
N HIS H 338 41.54 -36.93 34.51
CA HIS H 338 40.39 -36.26 35.09
C HIS H 338 39.62 -35.42 34.09
N ALA H 339 39.66 -35.78 32.81
CA ALA H 339 39.12 -34.87 31.79
C ALA H 339 37.61 -34.92 31.72
N LYS H 340 36.99 -36.03 32.10
CA LYS H 340 35.53 -36.06 32.12
C LYS H 340 34.98 -35.32 33.33
N ALA H 341 35.79 -35.13 34.37
CA ALA H 341 35.37 -34.30 35.48
C ALA H 341 35.59 -32.82 35.19
N LEU H 342 36.60 -32.49 34.38
CA LEU H 342 36.82 -31.11 33.99
C LEU H 342 35.78 -30.62 33.01
N GLN H 343 35.13 -31.52 32.27
CA GLN H 343 34.15 -31.12 31.28
C GLN H 343 32.88 -30.57 31.90
N ALA H 344 32.66 -30.86 33.17
CA ALA H 344 31.53 -30.31 33.88
C ALA H 344 31.74 -28.81 33.98
N PHE H 345 32.97 -28.41 34.27
CA PHE H 345 33.33 -26.99 34.39
C PHE H 345 33.77 -26.33 33.10
N CYS H 346 34.65 -26.97 32.36
CA CYS H 346 35.16 -26.42 31.10
C CYS H 346 34.13 -26.22 30.00
N ASN H 347 33.31 -27.22 29.71
CA ASN H 347 32.18 -26.95 28.82
C ASN H 347 30.98 -27.49 29.56
N ALA H 348 30.17 -26.58 30.09
CA ALA H 348 29.02 -27.00 30.86
C ALA H 348 27.80 -26.27 30.38
N THR H 349 27.43 -26.59 29.17
CA THR H 349 26.26 -26.05 28.50
C THR H 349 25.76 -27.14 27.58
N MET H 350 24.49 -27.06 27.23
CA MET H 350 23.92 -28.03 26.31
C MET H 350 24.31 -27.72 24.87
N ASN H 351 24.78 -26.50 24.61
CA ASN H 351 25.33 -26.15 23.32
C ASN H 351 26.67 -26.77 23.06
N SER H 352 27.49 -26.97 24.09
CA SER H 352 28.87 -27.33 23.86
C SER H 352 29.02 -28.74 23.36
N TYR H 353 28.06 -29.59 23.65
CA TYR H 353 28.10 -30.95 23.14
C TYR H 353 27.48 -31.07 21.76
N LYS H 354 27.07 -29.96 21.18
CA LYS H 354 26.85 -29.86 19.75
C LYS H 354 28.13 -29.43 19.04
N ARG H 355 29.20 -29.24 19.80
CA ARG H 355 30.49 -28.90 19.20
C ARG H 355 31.36 -30.15 19.00
N LEU H 356 30.97 -31.27 19.61
CA LEU H 356 31.74 -32.51 19.50
C LEU H 356 31.16 -33.64 18.63
N VAL H 357 29.85 -33.61 18.40
CA VAL H 357 29.19 -34.63 17.58
C VAL H 357 29.82 -34.90 16.21
N PRO H 358 30.01 -33.89 15.36
CA PRO H 358 30.48 -34.21 14.01
C PRO H 358 31.84 -34.89 13.96
N GLY H 359 32.78 -34.41 14.75
CA GLY H 359 34.13 -34.97 14.78
C GLY H 359 35.07 -34.33 13.77
N PHE H 360 34.55 -33.47 12.91
CA PHE H 360 35.42 -32.83 11.93
C PHE H 360 36.13 -31.71 12.68
N GLU H 361 37.47 -31.76 12.68
CA GLU H 361 38.32 -30.80 13.37
C GLU H 361 37.85 -30.74 14.82
N THR H 362 37.51 -31.92 15.35
CA THR H 362 36.99 -32.03 16.71
C THR H 362 37.76 -33.08 17.47
N CYS H 363 37.71 -32.98 18.79
CA CYS H 363 38.39 -33.93 19.65
C CYS H 363 37.50 -35.15 19.83
N GLN H 364 37.95 -36.30 19.33
CA GLN H 364 37.24 -37.54 19.60
C GLN H 364 37.86 -38.33 20.73
N LYS H 365 39.18 -38.30 20.85
CA LYS H 365 39.88 -39.20 21.76
C LYS H 365 40.64 -38.40 22.80
N LEU H 366 40.99 -39.07 23.89
CA LEU H 366 41.55 -38.42 25.07
C LEU H 366 43.02 -38.81 25.20
N PHE H 367 43.87 -38.10 24.48
CA PHE H 367 45.31 -38.32 24.52
C PHE H 367 45.99 -37.02 24.11
N TYR H 368 47.32 -37.03 24.12
CA TYR H 368 48.09 -35.86 23.69
C TYR H 368 48.98 -36.22 22.50
N SER H 369 48.87 -35.46 21.41
CA SER H 369 49.66 -35.72 20.21
C SER H 369 50.21 -34.45 19.55
N PHE H 370 51.37 -34.59 18.90
CA PHE H 370 52.02 -33.47 18.22
C PHE H 370 51.23 -32.90 17.03
N GLY H 371 50.65 -33.79 16.23
CA GLY H 371 49.90 -33.37 15.06
C GLY H 371 48.63 -34.15 14.76
N SER H 372 47.97 -34.69 15.78
CA SER H 372 46.71 -35.40 15.58
C SER H 372 45.57 -34.42 15.83
N ARG H 373 44.67 -34.31 14.86
CA ARG H 373 43.58 -33.36 14.98
C ARG H 373 42.56 -33.77 16.02
N SER H 374 42.44 -35.06 16.32
CA SER H 374 41.48 -35.56 17.29
C SER H 374 42.09 -35.70 18.68
N ALA H 375 43.13 -34.93 18.98
CA ALA H 375 43.73 -34.96 20.30
C ALA H 375 43.22 -33.78 21.12
N VAL H 376 43.17 -33.99 22.43
CA VAL H 376 42.68 -32.94 23.33
C VAL H 376 43.80 -31.96 23.65
N ILE H 377 44.98 -32.47 23.95
CA ILE H 377 46.15 -31.66 24.23
C ILE H 377 47.12 -31.80 23.07
N ARG H 378 47.61 -30.67 22.55
CA ARG H 378 48.56 -30.70 21.45
C ARG H 378 49.84 -29.99 21.85
N LEU H 379 50.96 -30.69 21.69
CA LEU H 379 52.26 -30.12 22.03
C LEU H 379 52.87 -29.41 20.82
N SER H 380 53.70 -28.42 21.12
CA SER H 380 54.19 -27.49 20.11
C SER H 380 55.50 -28.01 19.54
N LEU H 381 55.57 -28.10 18.22
CA LEU H 381 56.80 -28.48 17.54
C LEU H 381 57.53 -27.26 16.93
N ILE H 382 56.95 -26.07 17.02
CA ILE H 382 57.68 -24.84 16.71
C ILE H 382 58.66 -24.51 17.83
N ASN H 383 59.93 -24.31 17.46
CA ASN H 383 61.03 -23.92 18.35
C ASN H 383 61.14 -24.87 19.54
N TYR H 384 61.37 -26.13 19.25
CA TYR H 384 61.51 -27.13 20.29
C TYR H 384 62.76 -26.93 21.13
N SER H 385 63.77 -26.24 20.58
CA SER H 385 65.00 -26.01 21.33
C SER H 385 64.89 -24.83 22.28
N ASN H 386 63.91 -23.97 22.10
CA ASN H 386 63.81 -22.77 22.92
C ASN H 386 63.06 -23.08 24.21
N PRO H 387 63.60 -22.69 25.38
CA PRO H 387 62.94 -23.04 26.64
C PRO H 387 61.71 -22.21 26.97
N SER H 388 61.73 -20.94 26.58
CA SER H 388 60.61 -20.04 26.80
C SER H 388 59.40 -20.51 25.98
N GLU H 389 59.66 -20.96 24.76
CA GLU H 389 58.60 -21.43 23.88
C GLU H 389 58.25 -22.90 24.10
N LYS H 390 57.73 -23.20 25.29
CA LYS H 390 57.30 -24.54 25.63
C LYS H 390 55.92 -24.37 26.23
N ARG H 391 54.95 -25.19 25.82
CA ARG H 391 53.62 -25.00 26.36
C ARG H 391 52.80 -26.27 26.18
N ILE H 392 51.59 -26.22 26.71
CA ILE H 392 50.63 -27.31 26.63
C ILE H 392 49.30 -26.69 26.21
N GLU H 393 48.80 -27.10 25.04
CA GLU H 393 47.61 -26.49 24.47
C GLU H 393 46.40 -27.37 24.74
N PHE H 394 45.63 -27.03 25.76
CA PHE H 394 44.40 -27.72 26.11
C PHE H 394 43.30 -27.16 25.21
N ARG H 395 42.64 -28.00 24.42
CA ARG H 395 41.59 -27.48 23.52
C ARG H 395 40.12 -27.72 23.83
N LEU H 396 39.82 -28.38 24.93
CA LEU H 396 38.42 -28.67 25.31
C LEU H 396 37.45 -27.55 25.69
N PRO H 397 37.90 -26.56 26.46
CA PRO H 397 37.09 -25.48 27.04
C PRO H 397 36.40 -24.49 26.10
N ASP H 398 35.36 -23.83 26.62
CA ASP H 398 34.55 -22.78 25.95
C ASP H 398 34.64 -21.53 26.76
N CYS H 399 34.27 -20.44 26.13
CA CYS H 399 34.23 -19.16 26.79
C CYS H 399 32.88 -19.06 27.51
N ALA H 400 32.01 -20.06 27.37
CA ALA H 400 30.72 -19.88 28.05
C ALA H 400 30.87 -19.87 29.57
N ASN H 401 31.70 -20.73 30.14
CA ASN H 401 31.77 -20.83 31.58
C ASN H 401 32.62 -19.71 32.16
N SER H 402 32.65 -19.63 33.48
CA SER H 402 33.43 -18.60 34.15
C SER H 402 34.91 -18.97 34.10
N PRO H 403 35.77 -18.03 33.68
CA PRO H 403 37.18 -18.37 33.47
C PRO H 403 37.97 -18.61 34.74
N HIS H 404 37.46 -18.19 35.90
CA HIS H 404 38.15 -18.49 37.14
C HIS H 404 37.89 -19.91 37.60
N LEU H 405 36.70 -20.44 37.35
CA LEU H 405 36.42 -21.82 37.72
C LEU H 405 37.09 -22.81 36.80
N VAL H 406 37.25 -22.46 35.53
CA VAL H 406 37.88 -23.38 34.59
C VAL H 406 39.37 -23.48 34.84
N MET H 407 40.03 -22.33 34.99
CA MET H 407 41.49 -22.35 35.13
C MET H 407 41.92 -22.81 36.51
N ALA H 408 41.02 -22.80 37.48
CA ALA H 408 41.36 -23.38 38.77
C ALA H 408 41.19 -24.88 38.78
N ALA H 409 40.26 -25.40 37.98
CA ALA H 409 40.07 -26.84 37.92
C ALA H 409 41.17 -27.51 37.12
N ILE H 410 41.75 -26.82 36.16
CA ILE H 410 42.83 -27.39 35.35
C ILE H 410 44.10 -27.50 36.17
N ILE H 411 44.41 -26.46 36.96
CA ILE H 411 45.59 -26.49 37.81
C ILE H 411 45.45 -27.54 38.90
N LEU H 412 44.27 -27.63 39.51
CA LEU H 412 44.06 -28.61 40.56
C LEU H 412 44.02 -30.03 40.02
N ALA H 413 43.66 -30.20 38.75
CA ALA H 413 43.78 -31.52 38.15
C ALA H 413 45.21 -31.82 37.75
N GLY H 414 45.90 -30.84 37.19
CA GLY H 414 47.27 -31.05 36.78
C GLY H 414 48.23 -31.14 37.94
N TYR H 415 47.88 -30.55 39.09
CA TYR H 415 48.73 -30.70 40.25
C TYR H 415 48.60 -32.08 40.85
N ASP H 416 47.44 -32.71 40.70
CA ASP H 416 47.29 -34.07 41.17
C ASP H 416 47.94 -35.08 40.25
N GLY H 417 48.45 -34.65 39.10
CA GLY H 417 49.24 -35.53 38.29
C GLY H 417 50.69 -35.59 38.64
N ILE H 418 51.18 -34.61 39.41
CA ILE H 418 52.58 -34.60 39.81
C ILE H 418 52.78 -35.28 41.16
N LYS H 419 51.86 -35.04 42.10
CA LYS H 419 51.99 -35.68 43.41
C LYS H 419 51.68 -37.17 43.34
N SER H 420 50.86 -37.60 42.39
CA SER H 420 50.44 -39.00 42.35
C SER H 420 51.52 -39.91 41.79
N LYS H 421 52.39 -39.40 40.92
CA LYS H 421 53.49 -40.13 40.30
C LYS H 421 53.05 -41.35 39.51
N GLU H 422 51.86 -41.33 38.92
CA GLU H 422 51.44 -42.42 38.06
C GLU H 422 52.07 -42.30 36.68
N GLN H 423 51.96 -43.36 35.89
CA GLN H 423 52.63 -43.34 34.60
C GLN H 423 51.80 -42.53 33.59
N PRO H 424 52.45 -41.67 32.82
CA PRO H 424 51.78 -41.00 31.71
C PRO H 424 51.54 -41.96 30.55
N LEU H 425 50.78 -41.49 29.57
CA LEU H 425 50.40 -42.28 28.41
C LEU H 425 51.32 -41.97 27.25
N VAL H 426 51.31 -42.86 26.25
CA VAL H 426 52.11 -42.70 25.04
C VAL H 426 51.52 -41.57 24.21
N PRO H 427 52.34 -40.76 23.52
CA PRO H 427 51.80 -39.69 22.68
C PRO H 427 50.87 -40.09 21.52
N PHE H 428 51.07 -41.23 20.88
CA PHE H 428 50.06 -41.89 20.03
C PHE H 428 49.64 -41.06 18.81
N GLU H 429 50.60 -40.72 17.97
CA GLU H 429 50.28 -39.95 16.76
C GLU H 429 49.70 -40.87 15.70
N SER H 430 48.53 -40.52 15.16
CA SER H 430 47.75 -41.47 14.38
C SER H 430 47.51 -40.99 12.96
N LYS H 431 48.21 -41.58 11.99
CA LYS H 431 48.16 -41.08 10.62
C LYS H 431 46.78 -41.14 10.01
N ASP H 432 46.14 -42.27 10.22
CA ASP H 432 44.79 -42.50 9.77
C ASP H 432 44.19 -42.99 11.07
N ASN H 433 43.68 -44.21 11.03
CA ASN H 433 43.15 -44.83 12.21
C ASN H 433 44.27 -45.58 12.92
N HIS H 434 45.39 -45.72 12.22
CA HIS H 434 46.55 -46.42 12.77
C HIS H 434 47.32 -45.50 13.69
N PHE H 435 47.28 -45.77 14.98
CA PHE H 435 48.07 -45.01 15.96
C PHE H 435 49.52 -45.44 15.86
N TYR H 436 50.40 -44.53 15.48
CA TYR H 436 51.83 -44.79 15.46
C TYR H 436 52.45 -44.30 16.77
N ILE H 437 53.73 -44.61 16.92
CA ILE H 437 54.54 -44.14 18.04
C ILE H 437 55.83 -43.57 17.45
N SER H 438 56.25 -42.41 17.94
CA SER H 438 57.42 -41.73 17.39
C SER H 438 58.70 -42.54 17.59
N SER H 439 59.72 -42.17 16.82
CA SER H 439 61.02 -42.83 16.94
C SER H 439 61.67 -42.55 18.28
N ILE H 440 61.39 -41.37 18.85
CA ILE H 440 61.94 -41.04 20.16
C ILE H 440 61.23 -41.80 21.26
N PHE H 441 59.96 -42.16 21.04
CA PHE H 441 59.26 -42.97 22.03
C PHE H 441 59.25 -44.45 21.68
N SER H 442 59.80 -44.83 20.53
CA SER H 442 59.97 -46.26 20.29
C SER H 442 61.06 -46.82 21.19
N LYS H 443 62.08 -46.02 21.51
CA LYS H 443 63.18 -46.60 22.27
C LYS H 443 62.97 -46.74 23.77
N TYR H 444 62.73 -47.98 24.17
CA TYR H 444 62.60 -48.40 25.56
C TYR H 444 61.61 -47.68 26.48
N VAL H 445 60.39 -47.37 26.07
CA VAL H 445 59.55 -46.71 27.07
C VAL H 445 58.43 -47.60 27.57
N GLN H 446 58.12 -48.70 26.91
CA GLN H 446 57.11 -49.65 27.36
C GLN H 446 57.72 -51.05 27.30
N HIS H 447 57.97 -51.63 28.47
CA HIS H 447 58.40 -53.03 28.50
C HIS H 447 57.26 -53.99 28.17
N PRO H 448 56.10 -53.98 28.85
CA PRO H 448 55.08 -54.96 28.49
C PRO H 448 54.06 -54.40 27.52
N GLU H 449 53.22 -55.31 27.01
CA GLU H 449 52.18 -55.01 26.02
C GLU H 449 52.75 -54.31 24.77
N ASN H 450 53.61 -55.05 24.05
CA ASN H 450 54.15 -54.58 22.79
C ASN H 450 53.16 -54.93 21.67
N PHE H 451 52.19 -54.06 21.46
CA PHE H 451 51.13 -54.26 20.50
C PHE H 451 51.26 -53.39 19.26
N ASN H 452 51.79 -52.18 19.41
CA ASN H 452 51.99 -51.26 18.30
C ASN H 452 53.32 -51.50 17.57
N ILE H 453 53.91 -52.68 17.71
CA ILE H 453 55.20 -52.96 17.07
C ILE H 453 55.08 -53.01 15.56
N LEU H 454 53.89 -53.34 15.05
CA LEU H 454 53.64 -53.25 13.61
C LEU H 454 53.56 -51.79 13.17
N THR H 455 53.13 -50.90 14.05
CA THR H 455 52.99 -49.47 13.70
C THR H 455 54.11 -48.65 14.36
N HIS H 456 55.25 -48.61 13.67
CA HIS H 456 56.38 -47.77 14.07
C HIS H 456 57.03 -47.05 12.89
N ALA H 457 56.33 -46.89 11.78
CA ALA H 457 56.93 -46.30 10.59
C ALA H 457 56.99 -44.79 10.75
N LEU H 458 58.07 -44.30 11.36
CA LEU H 458 58.25 -42.88 11.60
C LEU H 458 59.73 -42.53 11.52
N GLU H 459 60.00 -41.29 11.12
CA GLU H 459 61.35 -40.73 11.04
C GLU H 459 61.51 -39.43 11.81
N GLY H 460 60.42 -38.71 12.09
CA GLY H 460 60.44 -37.56 12.97
C GLY H 460 61.15 -36.35 12.36
N TYR H 461 61.71 -35.53 13.24
CA TYR H 461 62.62 -34.46 12.88
C TYR H 461 64.00 -35.06 12.62
N GLU H 462 64.95 -34.23 12.20
CA GLU H 462 66.23 -34.77 11.76
C GLU H 462 67.09 -35.07 13.00
N SER H 463 67.53 -36.32 13.10
CA SER H 463 68.34 -36.78 14.22
C SER H 463 69.09 -38.01 13.75
N LEU H 464 70.41 -37.97 13.84
CA LEU H 464 71.25 -39.11 13.48
C LEU H 464 72.20 -39.40 14.63
N HIS H 465 72.44 -40.69 14.86
CA HIS H 465 73.24 -41.22 15.97
C HIS H 465 72.71 -40.73 17.32
N THR H 466 71.47 -41.10 17.60
CA THR H 466 70.76 -40.61 18.77
C THR H 466 71.27 -41.28 20.05
N ILE H 467 71.02 -40.62 21.16
CA ILE H 467 71.47 -41.08 22.48
C ILE H 467 70.23 -41.42 23.31
N ASN H 468 70.22 -42.62 23.89
CA ASN H 468 69.14 -43.08 24.75
C ASN H 468 69.50 -42.79 26.21
N GLU H 469 68.81 -41.82 26.81
CA GLU H 469 69.04 -41.52 28.21
C GLU H 469 68.42 -42.58 29.09
N SER H 470 69.23 -43.15 29.98
CA SER H 470 68.81 -44.30 30.77
C SER H 470 67.76 -44.01 31.85
N PRO H 471 67.87 -42.99 32.71
CA PRO H 471 66.84 -42.86 33.77
C PRO H 471 65.51 -42.30 33.30
N GLU H 472 65.47 -41.59 32.18
CA GLU H 472 64.23 -41.05 31.68
C GLU H 472 63.47 -42.07 30.82
N PHE H 473 64.20 -43.03 30.26
CA PHE H 473 63.59 -43.98 29.35
C PHE H 473 63.14 -45.30 29.92
N LYS H 474 62.74 -45.32 31.19
CA LYS H 474 62.36 -46.60 31.77
C LYS H 474 61.01 -46.96 31.20
N ASN H 475 60.23 -47.82 31.87
CA ASN H 475 58.93 -48.17 31.34
C ASN H 475 58.09 -46.89 31.25
N PHE H 476 58.12 -46.10 32.32
CA PHE H 476 57.51 -44.77 32.43
C PHE H 476 56.23 -44.55 31.65
N PHE H 477 56.12 -45.10 30.44
CA PHE H 477 54.86 -44.84 29.77
C PHE H 477 54.03 -46.11 29.75
N LYS H 478 52.72 -45.96 29.83
CA LYS H 478 51.82 -47.09 29.72
C LYS H 478 51.16 -47.09 28.34
N CYS H 479 51.06 -48.26 27.74
CA CYS H 479 50.38 -48.43 26.46
C CYS H 479 49.00 -49.02 26.73
N GLU H 480 48.04 -48.14 26.99
CA GLU H 480 46.64 -48.50 27.00
C GLU H 480 45.99 -47.87 25.78
N GLU H 481 44.75 -48.25 25.54
CA GLU H 481 43.97 -47.59 24.51
C GLU H 481 43.53 -46.22 25.01
N PRO H 482 43.62 -45.18 24.16
CA PRO H 482 43.14 -43.86 24.58
C PRO H 482 41.62 -43.84 24.66
N GLN H 483 41.12 -43.41 25.81
CA GLN H 483 39.69 -43.41 26.05
C GLN H 483 39.01 -42.27 25.31
N GLY H 484 37.69 -42.21 25.43
CA GLY H 484 36.91 -41.18 24.80
C GLY H 484 36.61 -40.03 25.75
N ILE H 485 35.81 -39.10 25.26
CA ILE H 485 35.38 -37.92 26.00
C ILE H 485 33.89 -38.09 26.26
N SER H 486 33.37 -37.38 27.26
CA SER H 486 31.93 -37.38 27.46
C SER H 486 31.27 -36.47 26.43
N PHE H 487 30.16 -36.93 25.86
CA PHE H 487 29.47 -36.20 24.80
C PHE H 487 28.14 -35.61 25.25
N SER H 488 27.87 -35.56 26.56
CA SER H 488 26.68 -34.91 27.07
C SER H 488 26.90 -34.55 28.53
N LEU H 489 26.05 -33.66 29.04
CA LEU H 489 26.16 -33.23 30.43
C LEU H 489 25.78 -34.32 31.43
N VAL H 490 24.92 -35.25 31.04
CA VAL H 490 24.56 -36.30 31.97
C VAL H 490 25.70 -37.30 32.14
N GLU H 491 26.63 -37.34 31.20
CA GLU H 491 27.84 -38.12 31.38
C GLU H 491 28.89 -37.36 32.16
N SER H 492 28.94 -36.03 32.01
CA SER H 492 30.00 -35.24 32.63
C SER H 492 29.66 -34.91 34.08
N LEU H 493 28.39 -34.69 34.40
CA LEU H 493 28.02 -34.43 35.77
C LEU H 493 28.09 -35.70 36.62
N ASP H 494 27.87 -36.87 36.01
CA ASP H 494 28.05 -38.10 36.76
C ASP H 494 29.52 -38.45 36.92
N ALA H 495 30.37 -37.99 36.00
CA ALA H 495 31.81 -38.16 36.21
C ALA H 495 32.33 -37.22 37.27
N LEU H 496 31.69 -36.07 37.45
CA LEU H 496 32.07 -35.17 38.53
C LEU H 496 31.62 -35.70 39.89
N GLU H 497 30.51 -36.45 39.94
CA GLU H 497 30.03 -36.98 41.20
C GLU H 497 30.91 -38.08 41.75
N LYS H 498 31.51 -38.87 40.87
CA LYS H 498 32.38 -39.96 41.30
C LYS H 498 33.84 -39.54 41.29
N ASP H 499 34.11 -38.39 40.69
CA ASP H 499 35.48 -37.89 40.62
C ASP H 499 35.61 -36.43 41.03
N HIS H 500 35.43 -36.16 42.31
CA HIS H 500 35.59 -34.79 42.81
C HIS H 500 36.63 -34.72 43.91
N ALA H 501 37.57 -35.67 43.90
CA ALA H 501 38.54 -35.77 44.98
C ALA H 501 39.74 -34.89 44.78
N PHE H 502 40.15 -34.66 43.53
CA PHE H 502 41.29 -33.79 43.28
C PHE H 502 40.95 -32.31 43.47
N LEU H 503 39.67 -31.97 43.55
CA LEU H 503 39.26 -30.59 43.75
C LEU H 503 39.12 -30.23 45.22
N THR H 504 38.90 -31.22 46.08
CA THR H 504 38.64 -30.98 47.49
C THR H 504 39.91 -30.95 48.32
N VAL H 505 41.07 -30.79 47.70
CA VAL H 505 42.33 -30.74 48.43
C VAL H 505 42.46 -29.39 49.12
N ASN H 506 42.74 -29.43 50.43
CA ASN H 506 42.81 -28.25 51.31
C ASN H 506 41.53 -27.43 51.32
N ASN H 507 40.40 -28.09 51.02
CA ASN H 507 39.05 -27.51 51.07
C ASN H 507 38.92 -26.29 50.17
N ILE H 508 39.49 -26.37 48.96
CA ILE H 508 39.40 -25.27 48.01
C ILE H 508 38.02 -25.25 47.38
N PHE H 509 37.61 -26.35 46.76
CA PHE H 509 36.24 -26.58 46.36
C PHE H 509 35.58 -27.35 47.51
N THR H 510 34.56 -26.78 48.12
CA THR H 510 33.93 -27.52 49.20
C THR H 510 32.98 -28.57 48.64
N GLU H 511 32.54 -29.48 49.51
CA GLU H 511 31.58 -30.49 49.10
C GLU H 511 30.22 -29.90 48.79
N GLU H 512 29.83 -28.85 49.51
CA GLU H 512 28.56 -28.19 49.26
C GLU H 512 28.60 -27.34 48.02
N MET H 513 29.79 -26.85 47.65
CA MET H 513 29.99 -26.12 46.40
C MET H 513 29.67 -26.99 45.20
N ILE H 514 30.12 -28.24 45.21
CA ILE H 514 29.95 -29.09 44.03
C ILE H 514 28.52 -29.65 43.98
N GLN H 515 27.93 -29.93 45.15
CA GLN H 515 26.55 -30.41 45.18
C GLN H 515 25.58 -29.35 44.72
N GLU H 516 25.81 -28.09 45.09
CA GLU H 516 24.93 -27.03 44.64
C GLU H 516 25.16 -26.67 43.19
N TYR H 517 26.31 -27.04 42.63
CA TYR H 517 26.56 -26.78 41.23
C TYR H 517 25.92 -27.84 40.34
N ILE H 518 25.99 -29.10 40.76
CA ILE H 518 25.39 -30.18 39.98
C ILE H 518 23.87 -30.12 40.08
N LYS H 519 23.35 -29.67 41.22
CA LYS H 519 21.91 -29.49 41.36
C LYS H 519 21.39 -28.36 40.48
N PHE H 520 22.22 -27.35 40.20
CA PHE H 520 21.78 -26.27 39.32
C PHE H 520 21.73 -26.74 37.87
N LYS H 521 22.75 -27.47 37.42
CA LYS H 521 22.81 -27.86 36.02
C LYS H 521 21.77 -28.92 35.70
N ARG H 522 21.41 -29.75 36.68
CA ARG H 522 20.39 -30.77 36.45
C ARG H 522 18.99 -30.20 36.45
N GLU H 523 18.81 -28.96 36.90
CA GLU H 523 17.56 -28.25 36.64
C GLU H 523 17.54 -27.70 35.23
N GLU H 524 18.70 -27.35 34.67
CA GLU H 524 18.77 -26.80 33.32
C GLU H 524 18.58 -27.85 32.24
N ILE H 525 18.98 -29.09 32.50
CA ILE H 525 18.75 -30.15 31.53
C ILE H 525 17.28 -30.51 31.49
N ASP H 526 16.61 -30.52 32.64
CA ASP H 526 15.21 -30.90 32.69
C ASP H 526 14.32 -29.85 32.05
N ALA H 527 14.66 -28.57 32.20
CA ALA H 527 13.89 -27.53 31.55
C ALA H 527 14.22 -27.40 30.08
N TYR H 528 15.30 -28.02 29.63
CA TYR H 528 15.67 -28.01 28.22
C TYR H 528 14.98 -29.12 27.45
N ASN H 529 14.71 -30.25 28.09
CA ASN H 529 14.13 -31.39 27.40
C ASN H 529 12.62 -31.32 27.31
N LYS H 530 11.97 -30.42 28.03
CA LYS H 530 10.53 -30.27 27.91
C LYS H 530 10.15 -29.55 26.64
N TYR H 531 11.07 -28.81 26.05
CA TYR H 531 10.76 -27.85 25.02
C TYR H 531 10.63 -28.54 23.67
N VAL H 532 9.45 -28.44 23.05
CA VAL H 532 9.16 -29.13 21.81
C VAL H 532 9.69 -28.32 20.64
N ASN H 533 10.51 -28.95 19.82
CA ASN H 533 11.31 -28.33 18.79
C ASN H 533 10.52 -28.16 17.50
N ALA H 534 11.21 -27.67 16.48
CA ALA H 534 10.71 -27.72 15.11
C ALA H 534 11.28 -28.90 14.34
N TYR H 535 12.30 -29.56 14.87
CA TYR H 535 12.76 -30.84 14.35
C TYR H 535 11.89 -31.98 14.80
N ASP H 536 11.07 -31.77 15.81
CA ASP H 536 10.13 -32.80 16.24
C ASP H 536 8.97 -32.90 15.28
N TYR H 537 8.55 -31.78 14.68
CA TYR H 537 7.50 -31.79 13.69
C TYR H 537 7.98 -32.31 12.35
N HIS H 538 9.24 -32.10 12.01
CA HIS H 538 9.73 -32.57 10.74
C HIS H 538 9.90 -34.08 10.72
N LEU H 539 10.53 -34.57 11.77
CA LEU H 539 10.79 -35.97 12.03
C LEU H 539 9.66 -36.92 12.43
N TYR H 540 8.77 -36.45 13.31
CA TYR H 540 7.71 -37.33 13.84
C TYR H 540 6.34 -36.75 13.66
N TYR H 541 5.84 -36.83 12.46
CA TYR H 541 4.52 -36.30 12.15
C TYR H 541 3.92 -37.05 10.96
N MET I 1 49.77 5.45 1.38
CA MET I 1 50.03 4.25 0.59
C MET I 1 51.45 4.23 0.06
N LYS I 2 52.37 4.89 0.76
CA LYS I 2 53.74 4.95 0.31
C LYS I 2 54.41 3.59 0.43
N SER I 3 55.31 3.30 -0.49
CA SER I 3 56.02 2.02 -0.54
C SER I 3 57.38 2.20 0.10
N VAL I 4 57.82 1.18 0.84
CA VAL I 4 59.11 1.19 1.51
C VAL I 4 59.92 0.00 1.01
N SER I 5 61.23 0.17 0.94
CA SER I 5 62.14 -0.87 0.49
C SER I 5 63.12 -1.25 1.59
N PHE I 6 63.56 -2.51 1.53
CA PHE I 6 64.47 -3.04 2.54
C PHE I 6 65.48 -3.94 1.85
N SER I 7 66.60 -4.19 2.54
CA SER I 7 67.65 -5.03 2.00
C SER I 7 67.92 -6.33 2.77
N ASN I 8 67.73 -6.28 4.09
CA ASN I 8 67.97 -7.44 4.94
C ASN I 8 66.87 -7.56 5.97
N ASN I 9 66.65 -8.76 6.49
CA ASN I 9 65.56 -8.91 7.46
C ASN I 9 65.75 -8.05 8.69
N ALA I 10 66.96 -7.58 8.95
CA ALA I 10 67.19 -6.74 10.13
C ALA I 10 66.66 -5.33 9.92
N GLU I 11 66.65 -4.84 8.68
CA GLU I 11 66.13 -3.50 8.44
C GLU I 11 64.62 -3.43 8.57
N LEU I 12 63.92 -4.57 8.54
CA LEU I 12 62.54 -4.58 8.99
C LEU I 12 62.45 -4.25 10.47
N TYR I 13 63.21 -4.96 11.30
CA TYR I 13 63.06 -4.88 12.75
C TYR I 13 63.51 -3.53 13.29
N GLU I 14 64.42 -2.83 12.60
CA GLU I 14 64.74 -1.49 13.01
C GLU I 14 63.70 -0.48 12.51
N TYR I 15 63.08 -0.75 11.36
CA TYR I 15 62.06 0.16 10.86
C TYR I 15 60.76 0.01 11.60
N ILE I 16 60.46 -1.21 12.07
CA ILE I 16 59.23 -1.47 12.80
C ILE I 16 59.27 -0.86 14.19
N LYS I 17 60.39 -1.01 14.89
CA LYS I 17 60.48 -0.56 16.28
C LYS I 17 60.74 0.93 16.42
N ASP I 18 61.01 1.65 15.34
CA ASP I 18 61.27 3.08 15.44
C ASP I 18 59.96 3.83 15.63
N LYS I 19 59.97 4.79 16.55
CA LYS I 19 58.75 5.45 16.96
C LYS I 19 58.31 6.57 16.04
N LYS I 20 59.16 6.98 15.09
CA LYS I 20 58.77 8.04 14.16
C LYS I 20 57.75 7.56 13.13
N ASN I 21 57.79 6.29 12.76
CA ASN I 21 57.00 5.80 11.65
C ASN I 21 55.59 5.40 12.06
N ASP I 22 55.37 5.20 13.38
CA ASP I 22 54.05 4.92 13.97
C ASP I 22 53.45 3.63 13.43
N VAL I 23 54.30 2.67 13.08
CA VAL I 23 53.84 1.40 12.53
C VAL I 23 53.27 0.55 13.67
N GLU I 24 51.99 0.24 13.59
CA GLU I 24 51.27 -0.42 14.66
C GLU I 24 51.01 -1.89 14.40
N ILE I 25 50.64 -2.26 13.18
CA ILE I 25 50.29 -3.62 12.81
C ILE I 25 51.20 -4.04 11.65
N VAL I 26 51.64 -5.29 11.66
CA VAL I 26 52.36 -5.87 10.54
C VAL I 26 51.52 -6.97 9.95
N ALA I 27 51.14 -6.84 8.69
CA ALA I 27 50.28 -7.82 8.04
C ALA I 27 51.07 -8.67 7.06
N CYS I 28 50.65 -9.91 6.92
CA CYS I 28 51.30 -10.87 6.04
C CYS I 28 50.33 -11.27 4.94
N ILE I 29 50.84 -11.68 3.79
CA ILE I 29 50.01 -11.96 2.62
C ILE I 29 50.46 -13.29 2.04
N ILE I 30 49.55 -14.25 1.94
CA ILE I 30 49.84 -15.58 1.43
C ILE I 30 48.98 -15.82 0.20
N THR I 31 49.34 -16.82 -0.61
CA THR I 31 48.64 -17.12 -1.85
C THR I 31 48.58 -18.63 -2.01
N ASN I 32 47.53 -19.10 -2.69
CA ASN I 32 47.25 -20.52 -2.96
C ASN I 32 47.75 -20.93 -4.34
N LEU I 33 47.62 -22.23 -4.63
CA LEU I 33 47.75 -22.69 -6.01
C LEU I 33 46.65 -22.12 -6.88
N LEU I 34 45.47 -21.92 -6.30
CA LEU I 34 44.42 -21.16 -6.94
C LEU I 34 44.70 -19.69 -6.66
N GLY I 35 43.97 -18.79 -7.29
CA GLY I 35 44.27 -17.41 -7.01
C GLY I 35 43.49 -16.88 -5.84
N THR I 36 44.08 -16.83 -4.65
CA THR I 36 43.38 -16.29 -3.49
C THR I 36 44.30 -15.32 -2.79
N TYR I 37 43.77 -14.65 -1.77
CA TYR I 37 44.48 -13.56 -1.12
C TYR I 37 44.19 -13.66 0.37
N PHE I 38 45.13 -14.25 1.11
CA PHE I 38 45.00 -14.47 2.53
C PHE I 38 45.82 -13.44 3.29
N LYS I 39 45.40 -13.12 4.51
CA LYS I 39 46.02 -12.03 5.24
C LYS I 39 45.79 -12.17 6.73
N CYS I 40 46.86 -12.08 7.50
CA CYS I 40 46.80 -12.18 8.95
C CYS I 40 47.51 -10.98 9.56
N PHE I 41 47.03 -10.54 10.72
CA PHE I 41 47.47 -9.29 11.31
C PHE I 41 48.24 -9.55 12.60
N PHE I 42 49.44 -8.98 12.70
CA PHE I 42 50.32 -9.17 13.84
C PHE I 42 50.65 -7.83 14.45
N TYR I 43 50.77 -7.78 15.77
CA TYR I 43 51.03 -6.51 16.43
C TYR I 43 52.50 -6.32 16.71
N VAL I 44 52.93 -5.06 16.66
CA VAL I 44 54.34 -4.68 16.67
C VAL I 44 55.02 -4.98 18.00
N LYS I 45 54.36 -4.67 19.13
CA LYS I 45 54.97 -4.82 20.44
C LYS I 45 55.31 -6.25 20.80
N GLU I 46 54.74 -7.24 20.12
CA GLU I 46 55.01 -8.63 20.42
C GLU I 46 56.03 -9.28 19.48
N ILE I 47 56.32 -8.64 18.36
CA ILE I 47 57.31 -9.16 17.43
C ILE I 47 58.69 -8.97 18.01
N THR I 48 59.49 -10.04 18.00
CA THR I 48 60.84 -10.01 18.54
C THR I 48 61.82 -10.30 17.40
N LEU I 49 63.09 -10.41 17.77
CA LEU I 49 64.15 -10.72 16.81
C LEU I 49 64.01 -12.14 16.30
N ASN I 50 63.54 -13.05 17.15
CA ASN I 50 63.48 -14.47 16.84
C ASN I 50 62.35 -14.82 15.90
N LYS I 51 61.25 -14.07 15.95
CA LYS I 51 60.07 -14.35 15.13
C LYS I 51 60.20 -13.84 13.71
N LEU I 52 61.35 -13.33 13.31
CA LEU I 52 61.54 -12.99 11.91
C LEU I 52 62.41 -14.04 11.21
N GLU I 53 63.38 -14.61 11.93
CA GLU I 53 64.11 -15.76 11.39
C GLU I 53 63.23 -17.00 11.35
N SER I 54 62.65 -17.34 12.48
CA SER I 54 61.55 -18.28 12.49
C SER I 54 60.30 -17.60 11.93
N GLY I 55 59.28 -18.40 11.70
CA GLY I 55 58.05 -17.87 11.16
C GLY I 55 56.94 -17.82 12.17
N PHE I 56 55.78 -17.40 11.69
CA PHE I 56 54.59 -17.28 12.50
C PHE I 56 53.75 -18.54 12.40
N SER I 57 53.10 -18.90 13.50
CA SER I 57 52.30 -20.11 13.54
C SER I 57 51.02 -19.93 12.75
N PHE I 58 50.74 -20.95 11.96
CA PHE I 58 49.65 -20.85 11.06
C PHE I 58 49.08 -22.24 10.84
N ASP I 59 47.75 -22.33 10.80
CA ASP I 59 47.10 -23.59 10.58
C ASP I 59 46.56 -23.53 9.17
N ALA I 60 46.99 -24.44 8.32
CA ALA I 60 46.54 -24.44 6.94
C ALA I 60 45.74 -25.69 6.61
N SER I 61 45.07 -26.27 7.60
CA SER I 61 44.24 -27.44 7.34
C SER I 61 42.94 -27.09 6.64
N SER I 62 42.60 -25.80 6.58
CA SER I 62 41.33 -25.34 6.03
C SER I 62 41.48 -24.58 4.73
N ILE I 63 42.68 -24.20 4.37
CA ILE I 63 42.94 -23.52 3.10
C ILE I 63 42.97 -24.55 1.98
N LYS I 64 42.30 -24.24 0.88
CA LYS I 64 42.19 -25.18 -0.23
C LYS I 64 43.52 -25.40 -0.93
N LEU I 65 43.83 -26.67 -1.19
CA LEU I 65 45.11 -27.12 -1.75
C LEU I 65 46.30 -26.68 -0.91
N CYS I 66 46.17 -26.78 0.42
CA CYS I 66 47.29 -26.46 1.29
C CYS I 66 47.34 -27.36 2.52
N SER I 67 46.94 -28.63 2.35
CA SER I 67 46.93 -29.59 3.46
C SER I 67 47.78 -30.85 3.24
N ASP I 68 48.52 -31.24 4.29
CA ASP I 68 49.37 -32.43 4.28
C ASP I 68 48.80 -33.39 5.30
N THR I 69 48.78 -34.70 5.01
CA THR I 69 48.16 -35.62 5.95
C THR I 69 48.37 -35.16 7.38
N GLU I 70 49.63 -35.10 7.83
CA GLU I 70 49.91 -34.83 9.22
C GLU I 70 50.65 -33.54 9.49
N VAL I 71 51.10 -32.83 8.46
CA VAL I 71 51.58 -31.48 8.73
C VAL I 71 50.34 -30.61 8.93
N SER I 72 49.94 -30.42 10.18
CA SER I 72 48.82 -29.56 10.52
C SER I 72 49.29 -28.19 10.94
N ASP I 73 50.59 -28.02 11.18
CA ASP I 73 51.16 -26.76 11.59
C ASP I 73 52.24 -26.37 10.59
N PHE I 74 52.15 -25.15 10.07
CA PHE I 74 53.09 -24.62 9.11
C PHE I 74 53.74 -23.38 9.69
N PHE I 75 54.52 -22.72 8.86
CA PHE I 75 55.16 -21.47 9.19
C PHE I 75 54.68 -20.41 8.22
N ILE I 76 55.08 -19.16 8.45
CA ILE I 76 54.91 -18.08 7.49
C ILE I 76 56.22 -17.32 7.48
N LYS I 77 56.96 -17.43 6.39
CA LYS I 77 58.29 -16.86 6.33
C LYS I 77 58.22 -15.46 5.73
N VAL I 78 58.64 -14.48 6.51
CA VAL I 78 58.54 -13.08 6.12
C VAL I 78 59.62 -12.78 5.09
N ASP I 79 59.21 -12.30 3.93
CA ASP I 79 60.11 -11.97 2.84
C ASP I 79 60.12 -10.47 2.61
N HIS I 80 61.32 -9.88 2.65
CA HIS I 80 61.54 -8.45 2.44
C HIS I 80 61.49 -8.01 0.97
N SER I 81 61.51 -6.69 0.74
CA SER I 81 61.49 -6.15 -0.62
C SER I 81 60.12 -6.04 -1.32
N THR I 82 59.04 -6.29 -0.60
CA THR I 82 57.69 -6.21 -1.15
C THR I 82 56.82 -5.68 -0.03
N CYS I 83 56.92 -4.39 0.26
CA CYS I 83 56.18 -3.86 1.39
C CYS I 83 55.53 -2.55 0.97
N TYR I 84 54.44 -2.19 1.65
CA TYR I 84 53.86 -0.87 1.49
C TYR I 84 53.06 -0.53 2.73
N LEU I 85 53.13 0.74 3.12
CA LEU I 85 52.38 1.22 4.27
C LEU I 85 50.95 1.54 3.89
N GLU I 86 50.09 1.61 4.90
CA GLU I 86 48.71 1.98 4.73
C GLU I 86 48.28 2.96 5.80
N GLU I 87 47.09 3.51 5.63
CA GLU I 87 46.44 4.35 6.64
C GLU I 87 45.02 3.85 6.78
N CYS I 88 44.80 2.87 7.64
CA CYS I 88 43.45 2.37 7.93
C CYS I 88 43.07 2.88 9.31
N ASP I 89 42.10 3.81 9.34
CA ASP I 89 41.54 4.38 10.56
C ASP I 89 42.63 5.04 11.43
N GLY I 90 43.49 5.83 10.79
CA GLY I 90 44.54 6.50 11.50
C GLY I 90 45.64 5.61 12.03
N LYS I 91 45.74 4.38 11.53
CA LYS I 91 46.72 3.41 11.97
C LYS I 91 47.56 2.97 10.79
N ASN I 92 48.87 2.85 11.01
CA ASN I 92 49.79 2.48 9.94
C ASN I 92 50.03 0.97 9.96
N ILE I 93 49.89 0.35 8.79
CA ILE I 93 49.97 -1.10 8.64
C ILE I 93 51.00 -1.40 7.57
N LEU I 94 52.05 -2.14 7.93
CA LEU I 94 52.88 -2.74 6.90
C LEU I 94 52.14 -3.91 6.27
N ASN I 95 52.43 -4.14 4.99
CA ASN I 95 51.85 -5.27 4.26
C ASN I 95 53.00 -5.96 3.56
N ILE I 96 53.37 -7.14 4.05
CA ILE I 96 54.56 -7.85 3.59
C ILE I 96 54.14 -9.12 2.88
N MET I 97 54.74 -9.37 1.72
CA MET I 97 54.54 -10.64 1.04
C MET I 97 55.33 -11.73 1.75
N CYS I 98 54.69 -12.86 1.97
CA CYS I 98 55.17 -13.87 2.91
C CYS I 98 54.93 -15.27 2.38
N ASP I 99 55.98 -16.08 2.32
CA ASP I 99 55.83 -17.45 1.88
C ASP I 99 55.49 -18.38 3.05
N ILE I 100 55.09 -19.60 2.72
CA ILE I 100 54.80 -20.63 3.70
C ILE I 100 55.81 -21.76 3.56
N LYS I 101 56.27 -22.27 4.70
CA LYS I 101 57.31 -23.28 4.72
C LYS I 101 56.91 -24.37 5.69
N ARG I 102 57.74 -25.41 5.66
CA ARG I 102 57.66 -26.57 6.53
C ARG I 102 58.47 -26.27 7.80
N TYR I 103 58.51 -27.23 8.72
CA TYR I 103 59.23 -27.06 9.97
C TYR I 103 60.74 -26.86 9.84
N ASN I 104 61.39 -27.56 8.91
CA ASN I 104 62.84 -27.47 8.78
C ASN I 104 63.25 -26.22 8.01
N GLY I 105 62.36 -25.65 7.24
CA GLY I 105 62.71 -24.51 6.41
C GLY I 105 62.82 -24.95 4.96
N PHE I 106 62.36 -26.17 4.68
CA PHE I 106 62.36 -26.65 3.31
C PHE I 106 61.24 -25.98 2.52
N ASP I 107 61.48 -25.88 1.22
CA ASP I 107 60.55 -25.25 0.29
C ASP I 107 59.30 -26.11 0.14
N TYR I 108 58.15 -25.58 0.55
CA TYR I 108 56.90 -26.31 0.42
C TYR I 108 56.50 -26.40 -1.04
N TYR I 109 56.11 -27.60 -1.48
CA TYR I 109 55.90 -27.83 -2.91
C TYR I 109 54.55 -27.32 -3.40
N LYS I 110 53.65 -26.93 -2.50
CA LYS I 110 52.40 -26.31 -2.89
C LYS I 110 52.35 -24.83 -2.55
N CYS I 111 53.49 -24.15 -2.59
CA CYS I 111 53.50 -22.71 -2.49
C CYS I 111 53.90 -22.10 -3.82
N PRO I 112 53.04 -21.26 -4.41
CA PRO I 112 53.32 -20.75 -5.74
C PRO I 112 54.40 -19.69 -5.77
N ARG I 113 54.56 -18.91 -4.71
CA ARG I 113 55.62 -17.91 -4.69
C ARG I 113 56.98 -18.55 -4.51
N THR I 114 57.04 -19.72 -3.91
CA THR I 114 58.30 -20.45 -3.84
C THR I 114 58.61 -21.12 -5.16
N ILE I 115 57.62 -21.29 -6.04
CA ILE I 115 57.88 -21.86 -7.35
C ILE I 115 58.51 -20.82 -8.27
N LEU I 116 58.00 -19.58 -8.26
CA LEU I 116 58.63 -18.51 -9.03
C LEU I 116 60.01 -18.14 -8.52
N LYS I 117 60.27 -18.29 -7.23
CA LYS I 117 61.63 -18.07 -6.75
C LYS I 117 62.57 -19.15 -7.22
N LYS I 118 62.06 -20.33 -7.53
CA LYS I 118 62.89 -21.43 -7.98
C LYS I 118 63.10 -21.41 -9.49
N THR I 119 62.06 -21.10 -10.27
CA THR I 119 62.23 -21.16 -11.71
C THR I 119 62.96 -19.94 -12.25
N CYS I 120 62.95 -18.83 -11.50
CA CYS I 120 63.74 -17.68 -11.93
C CYS I 120 65.19 -17.85 -11.53
N GLU I 121 65.46 -18.48 -10.39
CA GLU I 121 66.82 -18.77 -9.97
C GLU I 121 67.35 -20.04 -10.61
N PHE I 122 66.52 -20.76 -11.36
CA PHE I 122 67.01 -21.84 -12.20
C PHE I 122 67.46 -21.33 -13.56
N VAL I 123 66.69 -20.42 -14.15
CA VAL I 123 67.03 -19.87 -15.45
C VAL I 123 68.29 -19.01 -15.35
N LYS I 124 68.45 -18.29 -14.24
CA LYS I 124 69.60 -17.41 -14.06
C LYS I 124 70.91 -18.20 -13.89
N ASN I 125 70.81 -19.48 -13.55
CA ASN I 125 72.02 -20.26 -13.29
C ASN I 125 72.62 -20.86 -14.54
N GLU I 126 71.97 -20.70 -15.69
CA GLU I 126 72.52 -21.22 -16.94
C GLU I 126 73.13 -20.16 -17.84
N GLY I 127 73.34 -18.95 -17.34
CA GLY I 127 73.89 -17.89 -18.16
C GLY I 127 72.95 -17.35 -19.21
N ILE I 128 71.68 -17.76 -19.17
CA ILE I 128 70.65 -17.33 -20.10
C ILE I 128 69.58 -16.61 -19.31
N ALA I 129 69.28 -15.37 -19.71
CA ALA I 129 68.17 -14.59 -19.17
C ALA I 129 68.29 -14.38 -17.65
N ASP I 130 69.28 -13.57 -17.26
CA ASP I 130 69.45 -13.22 -15.84
C ASP I 130 68.26 -12.45 -15.30
N LYS I 131 67.53 -11.76 -16.18
CA LYS I 131 66.33 -11.03 -15.81
C LYS I 131 65.22 -11.42 -16.78
N VAL I 132 64.00 -11.53 -16.29
CA VAL I 132 62.82 -11.73 -17.11
C VAL I 132 61.88 -10.56 -16.84
N CYS I 133 61.65 -9.73 -17.85
CA CYS I 133 60.75 -8.59 -17.72
C CYS I 133 59.41 -8.94 -18.35
N ILE I 134 58.36 -8.88 -17.53
CA ILE I 134 57.01 -9.22 -17.96
C ILE I 134 56.10 -8.04 -17.64
N GLY I 135 55.30 -7.62 -18.61
CA GLY I 135 54.27 -6.64 -18.38
C GLY I 135 52.89 -7.27 -18.42
N ASN I 136 51.89 -6.52 -17.95
CA ASN I 136 50.53 -7.05 -17.90
C ASN I 136 49.52 -5.96 -18.22
N GLU I 137 48.33 -6.40 -18.61
CA GLU I 137 47.23 -5.51 -19.00
C GLU I 137 45.96 -6.09 -18.40
N LEU I 138 45.54 -5.57 -17.25
CA LEU I 138 44.39 -6.11 -16.54
C LEU I 138 43.10 -5.58 -17.11
N GLU I 139 42.10 -6.45 -17.21
CA GLU I 139 40.77 -6.06 -17.69
C GLU I 139 39.75 -6.53 -16.68
N PHE I 140 38.86 -5.63 -16.27
CA PHE I 140 37.91 -5.94 -15.22
C PHE I 140 36.58 -5.27 -15.52
N PHE I 141 35.49 -5.85 -15.00
CA PHE I 141 34.17 -5.26 -15.11
C PHE I 141 33.86 -4.58 -13.79
N ILE I 142 33.03 -3.55 -13.84
CA ILE I 142 32.55 -2.90 -12.62
C ILE I 142 31.04 -2.91 -12.69
N PHE I 143 30.42 -3.84 -11.97
CA PHE I 143 28.98 -3.95 -11.85
C PHE I 143 28.54 -3.18 -10.63
N ASP I 144 27.23 -3.03 -10.46
CA ASP I 144 26.72 -2.29 -9.32
C ASP I 144 26.33 -3.24 -8.20
N LYS I 145 25.62 -4.28 -8.58
CA LYS I 145 25.18 -5.29 -7.65
C LYS I 145 25.05 -6.60 -8.39
N VAL I 146 25.17 -7.71 -7.66
CA VAL I 146 25.05 -9.03 -8.25
C VAL I 146 24.38 -9.93 -7.24
N ASN I 147 23.28 -10.58 -7.63
CA ASN I 147 22.58 -11.53 -6.76
C ASN I 147 22.45 -12.85 -7.49
N TYR I 148 22.78 -13.94 -6.81
CA TYR I 148 22.53 -15.26 -7.35
C TYR I 148 22.06 -16.20 -6.26
N SER I 149 21.67 -17.41 -6.67
CA SER I 149 21.21 -18.42 -5.74
C SER I 149 21.30 -19.78 -6.41
N LEU I 150 21.32 -20.82 -5.59
CA LEU I 150 21.49 -22.18 -6.08
C LEU I 150 20.47 -23.15 -5.52
N ASP I 151 19.35 -22.67 -5.00
CA ASP I 151 18.27 -23.55 -4.56
C ASP I 151 17.70 -24.30 -5.76
N GLU I 152 17.22 -25.52 -5.52
CA GLU I 152 16.80 -26.40 -6.62
C GLU I 152 15.59 -25.85 -7.35
N TYR I 153 14.80 -25.04 -6.66
CA TYR I 153 13.57 -24.51 -7.21
C TYR I 153 13.68 -23.02 -7.51
N ASN I 154 14.72 -22.36 -6.98
CA ASN I 154 14.85 -20.91 -7.13
C ASN I 154 16.14 -20.30 -7.68
N THR I 155 16.92 -21.06 -8.43
CA THR I 155 18.17 -20.50 -8.94
C THR I 155 17.93 -19.28 -9.84
N TYR I 156 18.74 -18.24 -9.65
CA TYR I 156 18.64 -17.04 -10.45
C TYR I 156 19.98 -16.35 -10.58
N LEU I 157 20.05 -15.43 -11.53
CA LEU I 157 21.05 -14.38 -11.60
C LEU I 157 20.35 -13.04 -11.73
N LYS I 158 20.94 -12.01 -11.14
CA LYS I 158 20.53 -10.64 -11.38
C LYS I 158 21.78 -9.78 -11.33
N VAL I 159 22.26 -9.34 -12.49
CA VAL I 159 23.39 -8.44 -12.56
C VAL I 159 22.82 -7.06 -12.75
N TYR I 160 23.09 -6.16 -11.82
CA TYR I 160 22.62 -4.79 -11.89
C TYR I 160 23.73 -3.94 -12.48
N ASP I 161 23.42 -3.17 -13.51
CA ASP I 161 24.41 -2.33 -14.18
C ASP I 161 23.90 -0.91 -14.35
N ARG I 162 24.83 0.01 -14.49
CA ARG I 162 24.48 1.42 -14.58
C ARG I 162 24.81 2.01 -15.95
N GLU I 163 25.72 1.41 -16.69
CA GLU I 163 26.10 1.90 -18.01
C GLU I 163 25.46 1.13 -19.15
N SER I 164 25.07 -0.12 -18.93
CA SER I 164 24.63 -0.94 -20.02
C SER I 164 23.18 -0.66 -20.36
N PHE I 165 22.91 -0.48 -21.64
CA PHE I 165 21.56 -0.24 -22.09
C PHE I 165 20.70 -1.48 -22.00
N SER I 166 21.31 -2.66 -22.09
CA SER I 166 20.54 -3.89 -22.22
C SER I 166 20.21 -4.50 -20.86
N CYS I 167 20.75 -3.97 -19.77
CA CYS I 167 20.26 -4.37 -18.46
C CYS I 167 18.98 -3.61 -18.17
N LYS I 168 17.87 -4.33 -18.11
CA LYS I 168 16.58 -3.71 -17.92
C LYS I 168 16.03 -3.96 -16.52
N ASN I 169 16.91 -4.24 -15.57
CA ASN I 169 16.57 -4.19 -14.16
C ASN I 169 16.43 -2.73 -13.72
N ASP I 170 15.62 -2.50 -12.71
CA ASP I 170 15.45 -1.16 -12.17
C ASP I 170 16.25 -0.98 -10.89
N LEU I 171 16.97 0.13 -10.80
CA LEU I 171 17.85 0.42 -9.69
C LEU I 171 17.20 1.34 -8.66
N SER I 172 15.89 1.53 -8.73
CA SER I 172 15.23 2.36 -7.74
C SER I 172 15.09 1.64 -6.41
N SER I 173 15.13 0.32 -6.41
CA SER I 173 15.05 -0.45 -5.18
C SER I 173 16.34 -0.39 -4.37
N ILE I 174 17.47 -0.17 -5.02
CA ILE I 174 18.76 -0.16 -4.35
C ILE I 174 18.84 1.08 -3.47
N TYR I 175 19.04 0.87 -2.18
CA TYR I 175 19.06 1.98 -1.24
C TYR I 175 20.42 2.68 -1.24
N GLU I 196 24.95 8.10 -7.63
CA GLU I 196 24.33 7.31 -6.58
C GLU I 196 22.92 6.87 -6.94
N TYR I 197 22.73 6.49 -8.21
CA TYR I 197 21.53 5.85 -8.74
C TYR I 197 20.34 6.79 -8.68
N LEU I 198 20.61 8.08 -8.91
CA LEU I 198 19.59 9.11 -8.74
C LEU I 198 18.54 9.04 -9.83
N ILE I 199 18.93 9.17 -11.09
CA ILE I 199 17.99 9.22 -12.20
C ILE I 199 18.37 8.11 -13.16
N ASN I 200 17.42 7.24 -13.46
CA ASN I 200 17.65 6.14 -14.39
C ASN I 200 17.13 6.54 -15.76
N ASP I 201 18.01 6.99 -16.63
CA ASP I 201 17.64 7.30 -17.99
C ASP I 201 18.51 6.52 -18.97
N ASP I 202 17.89 6.02 -20.02
CA ASP I 202 18.57 5.24 -21.03
C ASP I 202 19.33 6.11 -22.02
N SER I 203 19.34 7.41 -21.83
CA SER I 203 20.00 8.33 -22.75
C SER I 203 21.50 8.35 -22.56
N LYS I 204 21.97 8.20 -21.32
CA LYS I 204 23.38 8.20 -21.00
C LYS I 204 23.93 6.79 -20.79
N LYS I 205 23.37 5.79 -21.43
CA LYS I 205 23.85 4.44 -21.27
C LYS I 205 24.56 3.98 -22.53
N VAL I 206 25.52 3.07 -22.34
CA VAL I 206 26.33 2.56 -23.44
C VAL I 206 25.63 1.35 -24.04
N LYS I 207 25.52 1.32 -25.36
CA LYS I 207 24.94 0.16 -26.03
C LYS I 207 26.02 -0.91 -26.19
N LYS I 208 25.61 -2.09 -26.65
CA LYS I 208 26.50 -3.25 -26.60
C LYS I 208 27.55 -3.19 -27.69
N LYS I 209 28.77 -3.62 -27.35
CA LYS I 209 29.96 -3.67 -28.20
C LYS I 209 30.30 -2.34 -28.84
N SER I 210 29.91 -1.24 -28.19
CA SER I 210 30.05 0.07 -28.81
C SER I 210 30.58 1.08 -27.82
N GLY I 211 31.32 0.66 -26.81
CA GLY I 211 31.87 1.59 -25.87
C GLY I 211 33.37 1.53 -25.73
N TYR I 212 34.13 1.51 -26.83
CA TYR I 212 35.58 1.29 -26.72
C TYR I 212 36.27 2.40 -25.96
N PHE I 213 36.32 3.61 -26.50
CA PHE I 213 36.86 4.72 -25.75
C PHE I 213 35.70 5.64 -25.41
N THR I 214 35.23 5.62 -24.18
CA THR I 214 34.10 6.46 -23.84
C THR I 214 34.48 7.48 -22.77
N THR I 215 33.61 8.45 -22.63
CA THR I 215 33.86 9.61 -21.80
C THR I 215 32.95 9.84 -20.57
N ASP I 216 32.92 11.07 -20.07
CA ASP I 216 32.19 11.39 -18.85
C ASP I 216 30.67 11.15 -18.79
N PRO I 217 29.92 11.54 -19.84
CA PRO I 217 28.50 11.21 -19.69
C PRO I 217 28.24 9.72 -19.66
N TYR I 218 28.96 8.95 -20.47
CA TYR I 218 28.68 7.52 -20.65
C TYR I 218 29.54 6.65 -19.74
N ASP I 219 30.80 7.01 -19.53
CA ASP I 219 31.65 6.31 -18.59
C ASP I 219 31.31 6.78 -17.19
N THR I 220 30.42 6.02 -16.56
CA THR I 220 29.88 6.25 -15.23
C THR I 220 30.90 6.16 -14.12
N SER I 221 31.99 5.45 -14.35
CA SER I 221 32.95 5.34 -13.28
C SER I 221 34.30 5.84 -13.70
N ASN I 222 34.41 7.15 -13.83
CA ASN I 222 35.70 7.76 -14.14
C ASN I 222 36.44 8.22 -12.89
N ILE I 223 35.71 8.53 -11.83
CA ILE I 223 36.34 8.99 -10.59
C ILE I 223 37.01 7.83 -9.87
N ILE I 224 36.48 6.62 -10.05
CA ILE I 224 37.07 5.42 -9.45
C ILE I 224 38.46 5.16 -10.02
N LYS I 225 38.63 5.35 -11.33
CA LYS I 225 39.88 4.98 -11.98
C LYS I 225 41.01 5.93 -11.62
N LEU I 226 40.71 7.21 -11.40
CA LEU I 226 41.75 8.13 -10.96
C LEU I 226 42.12 7.89 -9.52
N ARG I 227 41.25 7.26 -8.74
CA ARG I 227 41.56 6.93 -7.36
C ARG I 227 42.23 5.57 -7.24
N ILE I 228 42.15 4.73 -8.26
CA ILE I 228 42.87 3.47 -8.25
C ILE I 228 44.31 3.77 -8.56
N CYS I 229 44.55 4.49 -9.66
CA CYS I 229 45.91 4.69 -10.12
C CYS I 229 46.63 5.78 -9.33
N ARG I 230 45.91 6.56 -8.53
CA ARG I 230 46.57 7.34 -7.49
C ARG I 230 47.14 6.42 -6.42
N ALA I 231 46.42 5.36 -6.08
CA ALA I 231 46.88 4.44 -5.06
C ALA I 231 47.91 3.46 -5.57
N LEU I 232 48.07 3.33 -6.88
CA LEU I 232 49.09 2.47 -7.45
C LEU I 232 50.37 3.20 -7.76
N ASN I 233 50.29 4.46 -8.15
CA ASN I 233 51.50 5.22 -8.40
C ASN I 233 52.18 5.67 -7.11
N ASP I 234 51.42 5.79 -6.02
CA ASP I 234 52.03 6.07 -4.74
C ASP I 234 52.82 4.89 -4.23
N MET I 235 52.51 3.69 -4.70
CA MET I 235 53.14 2.45 -4.28
C MET I 235 54.24 2.01 -5.24
N ASN I 236 54.62 2.87 -6.18
CA ASN I 236 55.55 2.58 -7.27
C ASN I 236 55.15 1.37 -8.10
N ILE I 237 53.85 1.12 -8.26
CA ILE I 237 53.34 0.25 -9.30
C ILE I 237 52.86 1.18 -10.40
N ASN I 238 53.76 1.58 -11.28
CA ASN I 238 53.48 2.66 -12.22
C ASN I 238 52.57 2.20 -13.34
N VAL I 239 51.58 3.04 -13.68
CA VAL I 239 50.59 2.73 -14.69
C VAL I 239 50.80 3.40 -16.05
N GLN I 240 51.02 2.58 -17.07
CA GLN I 240 51.22 3.06 -18.45
C GLN I 240 50.04 3.71 -19.20
N ARG I 241 48.85 3.12 -19.09
CA ARG I 241 47.68 3.64 -19.81
C ARG I 241 46.33 3.23 -19.19
N TYR I 242 45.25 3.88 -19.62
CA TYR I 242 43.93 3.57 -19.09
C TYR I 242 42.93 3.83 -20.20
N HIS I 243 41.95 2.94 -20.35
CA HIS I 243 40.79 3.24 -21.16
C HIS I 243 39.61 2.39 -20.71
N HIS I 244 38.44 2.73 -21.24
CA HIS I 244 37.26 1.87 -21.26
C HIS I 244 37.51 0.77 -22.30
N GLU I 245 36.66 -0.24 -22.36
CA GLU I 245 36.90 -1.29 -23.36
C GLU I 245 35.63 -1.71 -24.07
N VAL I 246 35.75 -2.73 -24.93
CA VAL I 246 34.68 -3.06 -25.88
C VAL I 246 33.71 -3.94 -25.11
N SER I 247 32.93 -3.32 -24.25
CA SER I 247 31.83 -3.89 -23.48
C SER I 247 31.30 -2.74 -22.65
N THR I 248 30.11 -2.92 -22.13
CA THR I 248 29.52 -1.95 -21.23
C THR I 248 30.06 -2.21 -19.84
N SER I 249 30.72 -1.21 -19.27
CA SER I 249 31.42 -1.27 -17.98
C SER I 249 32.49 -2.36 -17.96
N GLN I 250 33.45 -2.24 -18.86
CA GLN I 250 34.67 -3.02 -18.83
C GLN I 250 35.87 -2.12 -19.07
N HIS I 251 36.80 -2.12 -18.13
CA HIS I 251 37.90 -1.18 -18.12
C HIS I 251 39.22 -1.90 -18.34
N GLU I 252 40.31 -1.16 -18.19
CA GLU I 252 41.63 -1.67 -18.56
C GLU I 252 42.70 -0.90 -17.82
N ILE I 253 43.67 -1.61 -17.23
CA ILE I 253 44.87 -1.00 -16.67
C ILE I 253 46.07 -1.71 -17.28
N SER I 254 46.99 -0.95 -17.86
CA SER I 254 48.24 -1.52 -18.35
C SER I 254 49.39 -0.96 -17.53
N LEU I 255 50.16 -1.85 -16.93
CA LEU I 255 51.18 -1.46 -15.98
C LEU I 255 52.56 -1.42 -16.63
N LYS I 256 53.52 -0.92 -15.87
CA LYS I 256 54.91 -0.85 -16.26
C LYS I 256 55.50 -2.26 -16.26
N TYR I 257 56.64 -2.42 -16.94
CA TYR I 257 57.32 -3.71 -16.98
C TYR I 257 58.13 -3.90 -15.72
N PHE I 258 58.07 -5.11 -15.17
CA PHE I 258 58.75 -5.39 -13.90
C PHE I 258 59.46 -6.72 -14.02
N ASP I 259 60.30 -7.01 -13.02
CA ASP I 259 60.89 -8.33 -12.86
C ASP I 259 59.79 -9.35 -12.61
N ALA I 260 60.02 -10.59 -13.06
CA ALA I 260 58.97 -11.60 -13.08
C ALA I 260 58.53 -12.02 -11.69
N LEU I 261 59.40 -11.89 -10.70
CA LEU I 261 58.97 -12.19 -9.34
C LEU I 261 58.19 -11.03 -8.73
N THR I 262 58.53 -9.80 -9.07
CA THR I 262 57.79 -8.67 -8.54
C THR I 262 56.59 -8.32 -9.39
N ASN I 263 56.47 -8.91 -10.58
CA ASN I 263 55.25 -8.73 -11.34
C ASN I 263 54.09 -9.49 -10.72
N ALA I 264 54.30 -10.77 -10.43
CA ALA I 264 53.23 -11.57 -9.86
C ALA I 264 52.90 -11.14 -8.45
N ASP I 265 53.86 -10.54 -7.75
CA ASP I 265 53.55 -9.89 -6.48
C ASP I 265 52.68 -8.66 -6.69
N PHE I 266 52.95 -7.88 -7.75
CA PHE I 266 52.18 -6.67 -7.96
C PHE I 266 50.83 -6.96 -8.58
N LEU I 267 50.62 -8.16 -9.13
CA LEU I 267 49.30 -8.48 -9.64
C LEU I 267 48.32 -8.80 -8.54
N LEU I 268 48.76 -9.47 -7.48
CA LEU I 268 47.86 -9.71 -6.35
C LEU I 268 47.52 -8.42 -5.63
N ILE I 269 48.47 -7.51 -5.50
CA ILE I 269 48.23 -6.25 -4.82
C ILE I 269 47.34 -5.36 -5.66
N THR I 270 47.45 -5.44 -6.98
CA THR I 270 46.59 -4.63 -7.85
C THR I 270 45.15 -5.11 -7.79
N LYS I 271 44.93 -6.42 -7.88
CA LYS I 271 43.57 -6.96 -7.87
C LYS I 271 42.86 -6.71 -6.55
N GLN I 272 43.58 -6.63 -5.44
CA GLN I 272 42.92 -6.34 -4.18
C GLN I 272 42.69 -4.85 -4.02
N ILE I 273 43.56 -4.02 -4.60
CA ILE I 273 43.36 -2.59 -4.53
C ILE I 273 42.23 -2.16 -5.44
N ILE I 274 42.09 -2.82 -6.60
CA ILE I 274 40.97 -2.58 -7.48
C ILE I 274 39.67 -3.03 -6.83
N LYS I 275 39.69 -4.16 -6.13
CA LYS I 275 38.48 -4.65 -5.48
C LYS I 275 38.04 -3.78 -4.31
N THR I 276 38.97 -3.26 -3.52
CA THR I 276 38.60 -2.48 -2.35
C THR I 276 38.24 -1.05 -2.68
N THR I 277 38.91 -0.43 -3.65
CA THR I 277 38.58 0.94 -3.97
C THR I 277 37.29 1.03 -4.75
N VAL I 278 36.92 -0.02 -5.46
CA VAL I 278 35.61 -0.05 -6.11
C VAL I 278 34.53 -0.27 -5.07
N SER I 279 34.75 -1.16 -4.11
CA SER I 279 33.73 -1.46 -3.12
C SER I 279 33.56 -0.35 -2.09
N SER I 280 34.47 0.61 -2.03
CA SER I 280 34.25 1.77 -1.19
C SER I 280 33.37 2.80 -1.89
N PHE I 281 33.12 2.60 -3.18
CA PHE I 281 32.14 3.36 -3.93
C PHE I 281 30.80 2.65 -4.02
N ASN I 282 30.63 1.59 -3.22
CA ASN I 282 29.45 0.71 -3.22
C ASN I 282 29.20 0.09 -4.60
N ARG I 283 30.24 -0.47 -5.21
CA ARG I 283 30.11 -1.25 -6.42
C ARG I 283 30.91 -2.53 -6.25
N THR I 284 30.84 -3.40 -7.26
CA THR I 284 31.64 -4.61 -7.29
C THR I 284 32.56 -4.57 -8.50
N ALA I 285 33.70 -5.25 -8.40
CA ALA I 285 34.63 -5.37 -9.52
C ALA I 285 34.99 -6.83 -9.67
N THR I 286 34.97 -7.33 -10.90
CA THR I 286 35.22 -8.74 -11.13
C THR I 286 36.33 -8.95 -12.14
N PHE I 287 36.93 -10.13 -12.07
CA PHE I 287 37.98 -10.55 -12.98
C PHE I 287 37.64 -11.89 -13.62
N MET I 288 36.36 -12.22 -13.69
CA MET I 288 35.92 -13.43 -14.36
C MET I 288 36.27 -13.35 -15.84
N PRO I 289 36.65 -14.45 -16.46
CA PRO I 289 36.55 -14.54 -17.91
C PRO I 289 35.12 -14.86 -18.29
N LYS I 290 34.54 -14.03 -19.15
CA LYS I 290 33.15 -14.12 -19.56
C LYS I 290 32.12 -14.14 -18.42
N PRO I 291 31.85 -13.00 -17.80
CA PRO I 291 30.47 -12.72 -17.40
C PRO I 291 29.76 -12.15 -18.61
N LEU I 292 28.42 -12.24 -18.59
CA LEU I 292 27.57 -11.60 -19.61
C LEU I 292 27.84 -12.15 -21.01
N VAL I 293 27.16 -13.27 -21.33
CA VAL I 293 27.20 -14.03 -22.58
C VAL I 293 27.39 -13.21 -23.85
N ASN I 294 26.65 -12.12 -23.98
CA ASN I 294 26.74 -11.33 -25.20
C ASN I 294 27.74 -10.19 -25.13
N ASP I 295 28.74 -10.26 -24.27
CA ASP I 295 29.81 -9.25 -24.27
C ASP I 295 31.19 -9.90 -24.24
N ASN I 296 32.24 -9.08 -24.17
CA ASN I 296 33.59 -9.61 -24.24
C ASN I 296 34.00 -10.20 -22.89
N GLY I 297 35.19 -10.79 -22.88
CA GLY I 297 35.76 -11.38 -21.69
C GLY I 297 36.87 -10.53 -21.11
N ASN I 298 37.58 -11.12 -20.15
CA ASN I 298 38.70 -10.47 -19.50
C ASN I 298 39.94 -11.31 -19.68
N GLY I 299 41.00 -10.71 -20.24
CA GLY I 299 42.20 -11.44 -20.53
C GLY I 299 43.38 -10.91 -19.75
N LEU I 300 44.53 -11.54 -19.98
CA LEU I 300 45.83 -11.03 -19.54
C LEU I 300 46.76 -11.08 -20.75
N HIS I 301 47.16 -9.92 -21.24
CA HIS I 301 48.21 -9.87 -22.23
C HIS I 301 49.54 -9.82 -21.49
N CYS I 302 50.36 -10.85 -21.66
CA CYS I 302 51.64 -10.96 -20.98
C CYS I 302 52.73 -10.60 -21.98
N ASN I 303 53.21 -9.36 -21.93
CA ASN I 303 54.33 -8.96 -22.76
C ASN I 303 55.63 -9.41 -22.13
N ILE I 304 56.30 -10.38 -22.76
CA ILE I 304 57.47 -11.03 -22.18
C ILE I 304 58.70 -10.64 -22.98
N SER I 305 59.82 -10.47 -22.29
CA SER I 305 61.12 -10.25 -22.92
C SER I 305 62.20 -10.69 -21.95
N LEU I 306 63.32 -11.19 -22.48
CA LEU I 306 64.41 -11.66 -21.64
C LEU I 306 65.63 -10.76 -21.81
N TRP I 307 66.46 -10.72 -20.78
CA TRP I 307 67.59 -9.79 -20.73
C TRP I 307 68.85 -10.49 -20.24
N LYS I 308 69.98 -10.11 -20.83
CA LYS I 308 71.29 -10.60 -20.41
C LYS I 308 72.27 -9.44 -20.48
N ASN I 309 72.81 -9.06 -19.32
CA ASN I 309 73.79 -7.97 -19.18
C ASN I 309 73.27 -6.65 -19.76
N ASN I 310 72.02 -6.34 -19.41
CA ASN I 310 71.27 -5.19 -19.92
C ASN I 310 71.18 -5.19 -21.44
N LYS I 311 71.09 -6.36 -22.05
CA LYS I 311 70.90 -6.50 -23.49
C LYS I 311 69.80 -7.52 -23.73
N ASN I 312 68.97 -7.25 -24.73
CA ASN I 312 67.88 -8.13 -25.09
C ASN I 312 68.41 -9.41 -25.71
N ILE I 313 67.88 -10.53 -25.22
CA ILE I 313 68.15 -11.84 -25.80
C ILE I 313 67.48 -11.81 -27.17
N PHE I 314 66.29 -11.19 -27.22
CA PHE I 314 65.49 -11.06 -28.44
C PHE I 314 65.95 -9.86 -29.27
N TYR I 315 67.12 -9.94 -29.89
CA TYR I 315 67.62 -8.85 -30.73
C TYR I 315 68.96 -9.25 -31.32
N HIS I 316 69.12 -9.13 -32.63
CA HIS I 316 70.34 -9.55 -33.29
C HIS I 316 70.97 -8.46 -34.16
N ASN I 317 70.31 -7.30 -34.32
CA ASN I 317 70.84 -6.11 -35.00
C ASN I 317 71.21 -6.42 -36.44
N ASP I 318 70.12 -6.90 -37.10
CA ASP I 318 69.90 -7.30 -38.52
C ASP I 318 68.34 -7.30 -38.85
N PRO I 319 68.02 -7.33 -40.14
CA PRO I 319 66.78 -7.33 -40.91
C PRO I 319 66.63 -8.63 -41.69
N SER I 320 65.37 -8.89 -42.11
CA SER I 320 64.78 -10.03 -42.87
C SER I 320 64.20 -11.07 -41.89
N THR I 321 64.65 -10.97 -40.66
CA THR I 321 64.13 -11.73 -39.52
C THR I 321 63.55 -10.73 -38.52
N PHE I 322 63.34 -9.49 -38.99
CA PHE I 322 62.82 -8.42 -38.17
C PHE I 322 63.72 -8.12 -36.98
N PHE I 323 65.04 -8.22 -37.15
CA PHE I 323 65.95 -7.93 -36.03
C PHE I 323 65.88 -8.95 -34.91
N LEU I 324 65.31 -10.13 -35.17
CA LEU I 324 65.18 -11.18 -34.18
C LEU I 324 66.31 -12.17 -34.35
N SER I 325 66.47 -12.99 -33.34
CA SER I 325 67.46 -14.03 -33.28
C SER I 325 66.69 -15.33 -33.16
N LYS I 326 67.33 -16.42 -33.55
CA LYS I 326 66.69 -17.71 -33.49
C LYS I 326 66.38 -17.99 -32.02
N GLU I 327 67.08 -17.30 -31.12
CA GLU I 327 66.88 -17.59 -29.72
C GLU I 327 65.53 -17.09 -29.25
N SER I 328 64.82 -16.33 -30.08
CA SER I 328 63.48 -15.81 -29.81
C SER I 328 62.38 -16.72 -30.33
N PHE I 329 62.51 -17.19 -31.58
CA PHE I 329 61.56 -18.15 -32.11
C PHE I 329 61.64 -19.49 -31.40
N TYR I 330 62.78 -19.81 -30.80
CA TYR I 330 62.86 -20.97 -29.94
C TYR I 330 62.00 -20.79 -28.69
N PHE I 331 61.88 -19.55 -28.22
CA PHE I 331 61.05 -19.30 -27.03
C PHE I 331 59.58 -19.28 -27.39
N MET I 332 59.23 -18.87 -28.61
CA MET I 332 57.84 -18.86 -29.02
C MET I 332 57.34 -20.27 -29.27
N TYR I 333 58.10 -21.06 -30.02
CA TYR I 333 57.69 -22.42 -30.33
C TYR I 333 57.72 -23.33 -29.11
N GLY I 334 58.48 -22.97 -28.08
CA GLY I 334 58.39 -23.70 -26.83
C GLY I 334 57.06 -23.53 -26.15
N ILE I 335 56.39 -22.40 -26.39
CA ILE I 335 55.05 -22.17 -25.87
C ILE I 335 54.01 -22.85 -26.72
N VAL I 336 54.14 -22.76 -28.05
CA VAL I 336 53.14 -23.29 -28.97
C VAL I 336 53.15 -24.82 -28.96
N LYS I 337 54.30 -25.42 -28.67
CA LYS I 337 54.34 -26.87 -28.54
C LYS I 337 53.60 -27.34 -27.28
N HIS I 338 53.73 -26.59 -26.19
CA HIS I 338 53.19 -27.00 -24.90
C HIS I 338 51.97 -26.20 -24.50
N ALA I 339 51.21 -25.67 -25.46
CA ALA I 339 50.17 -24.70 -25.12
C ALA I 339 48.93 -25.37 -24.56
N LYS I 340 48.66 -26.63 -24.90
CA LYS I 340 47.52 -27.30 -24.30
C LYS I 340 47.83 -27.75 -22.88
N ALA I 341 49.11 -27.88 -22.54
CA ALA I 341 49.46 -28.14 -21.16
C ALA I 341 49.46 -26.88 -20.31
N LEU I 342 49.77 -25.73 -20.92
CA LEU I 342 49.72 -24.47 -20.20
C LEU I 342 48.30 -24.02 -19.93
N GLN I 343 47.33 -24.49 -20.72
CA GLN I 343 45.94 -24.09 -20.54
C GLN I 343 45.32 -24.64 -19.27
N ALA I 344 45.92 -25.68 -18.72
CA ALA I 344 45.47 -26.23 -17.46
C ALA I 344 45.71 -25.17 -16.39
N PHE I 345 46.87 -24.52 -16.46
CA PHE I 345 47.23 -23.48 -15.50
C PHE I 345 46.80 -22.07 -15.87
N CYS I 346 47.03 -21.68 -17.13
CA CYS I 346 46.67 -20.33 -17.60
C CYS I 346 45.18 -20.03 -17.61
N ASN I 347 44.35 -20.90 -18.15
CA ASN I 347 42.91 -20.70 -17.97
C ASN I 347 42.42 -22.03 -17.46
N ALA I 348 42.11 -22.10 -16.17
CA ALA I 348 41.67 -23.34 -15.58
C ALA I 348 40.41 -23.12 -14.79
N THR I 349 39.37 -22.79 -15.52
CA THR I 349 38.05 -22.55 -14.99
C THR I 349 37.08 -22.98 -16.06
N MET I 350 35.86 -23.29 -15.67
CA MET I 350 34.84 -23.66 -16.64
C MET I 350 34.27 -22.44 -17.33
N ASN I 351 34.48 -21.25 -16.77
CA ASN I 351 34.14 -20.01 -17.43
C ASN I 351 35.03 -19.68 -18.59
N SER I 352 36.30 -20.05 -18.53
CA SER I 352 37.25 -19.54 -19.49
C SER I 352 37.06 -20.14 -20.86
N TYR I 353 36.47 -21.31 -20.94
CA TYR I 353 36.18 -21.92 -22.22
C TYR I 353 34.85 -21.47 -22.78
N LYS I 354 34.18 -20.57 -22.10
CA LYS I 354 33.13 -19.76 -22.70
C LYS I 354 33.70 -18.48 -23.29
N ARG I 355 35.01 -18.31 -23.20
CA ARG I 355 35.68 -17.16 -23.80
C ARG I 355 36.24 -17.49 -25.20
N LEU I 356 36.28 -18.78 -25.54
CA LEU I 356 36.82 -19.21 -26.83
C LEU I 356 35.82 -19.73 -27.87
N VAL I 357 34.64 -20.16 -27.44
CA VAL I 357 33.61 -20.67 -28.33
C VAL I 357 33.27 -19.78 -29.53
N PRO I 358 32.91 -18.50 -29.31
CA PRO I 358 32.45 -17.72 -30.47
C PRO I 358 33.49 -17.55 -31.57
N GLY I 359 34.73 -17.27 -31.19
CA GLY I 359 35.80 -17.06 -32.15
C GLY I 359 35.93 -15.62 -32.62
N PHE I 360 35.00 -14.76 -32.22
CA PHE I 360 35.10 -13.36 -32.64
C PHE I 360 36.12 -12.72 -31.70
N GLU I 361 37.17 -12.16 -32.31
CA GLU I 361 38.28 -11.54 -31.58
C GLU I 361 38.79 -12.56 -30.57
N THR I 362 38.85 -13.82 -31.01
CA THR I 362 39.26 -14.90 -30.16
C THR I 362 40.34 -15.72 -30.85
N CYS I 363 41.11 -16.45 -30.05
CA CYS I 363 42.17 -17.30 -30.58
C CYS I 363 41.56 -18.62 -31.01
N GLN I 364 41.60 -18.90 -32.30
CA GLN I 364 41.20 -20.22 -32.78
C GLN I 364 42.37 -21.14 -33.02
N LYS I 365 43.50 -20.60 -33.48
CA LYS I 365 44.59 -21.43 -33.96
C LYS I 365 45.84 -21.16 -33.13
N LEU I 366 46.78 -22.09 -33.19
CA LEU I 366 47.95 -22.08 -32.31
C LEU I 366 49.19 -21.78 -33.15
N PHE I 367 49.43 -20.48 -33.37
CA PHE I 367 50.59 -20.03 -34.11
C PHE I 367 50.87 -18.60 -33.66
N TYR I 368 51.94 -18.02 -34.21
CA TYR I 368 52.30 -16.63 -33.90
C TYR I 368 52.26 -15.78 -35.18
N SER I 369 51.51 -14.68 -35.15
CA SER I 369 51.40 -13.79 -36.31
C SER I 369 51.44 -12.31 -35.96
N PHE I 370 51.96 -11.50 -36.88
CA PHE I 370 52.06 -10.05 -36.70
C PHE I 370 50.72 -9.32 -36.59
N GLY I 371 49.75 -9.71 -37.42
CA GLY I 371 48.44 -9.09 -37.42
C GLY I 371 47.26 -10.01 -37.63
N SER I 372 47.36 -11.27 -37.21
CA SER I 372 46.23 -12.19 -37.30
C SER I 372 45.50 -12.19 -35.97
N ARG I 373 44.19 -11.94 -36.04
CA ARG I 373 43.40 -11.86 -34.81
C ARG I 373 43.24 -13.20 -34.13
N SER I 374 43.31 -14.30 -34.88
CA SER I 374 43.15 -15.63 -34.33
C SER I 374 44.48 -16.27 -33.94
N ALA I 375 45.49 -15.47 -33.65
CA ALA I 375 46.77 -15.98 -33.22
C ALA I 375 46.88 -15.90 -31.71
N VAL I 376 47.63 -16.82 -31.13
CA VAL I 376 47.81 -16.86 -29.69
C VAL I 376 48.90 -15.88 -29.26
N ILE I 377 50.01 -15.88 -29.98
CA ILE I 377 51.12 -14.97 -29.71
C ILE I 377 51.17 -13.94 -30.84
N ARG I 378 51.25 -12.66 -30.49
CA ARG I 378 51.32 -11.61 -31.49
C ARG I 378 52.59 -10.80 -31.30
N LEU I 379 53.37 -10.67 -32.36
CA LEU I 379 54.60 -9.91 -32.31
C LEU I 379 54.35 -8.45 -32.69
N SER I 380 55.20 -7.58 -32.15
CA SER I 380 54.98 -6.14 -32.21
C SER I 380 55.67 -5.56 -33.44
N LEU I 381 54.91 -4.83 -34.24
CA LEU I 381 55.46 -4.13 -35.39
C LEU I 381 55.67 -2.64 -35.13
N ILE I 382 55.28 -2.14 -33.96
CA ILE I 382 55.67 -0.80 -33.53
C ILE I 382 57.13 -0.79 -33.09
N ASN I 383 57.90 0.13 -33.68
CA ASN I 383 59.32 0.37 -33.38
C ASN I 383 60.15 -0.91 -33.48
N TYR I 384 60.13 -1.51 -34.68
CA TYR I 384 60.87 -2.73 -34.90
C TYR I 384 62.37 -2.51 -34.84
N SER I 385 62.86 -1.28 -35.04
CA SER I 385 64.28 -1.01 -34.99
C SER I 385 64.79 -0.82 -33.56
N ASN I 386 63.90 -0.57 -32.62
CA ASN I 386 64.33 -0.28 -31.26
C ASN I 386 64.53 -1.58 -30.48
N PRO I 387 65.66 -1.76 -29.80
CA PRO I 387 65.92 -3.03 -29.11
C PRO I 387 65.15 -3.21 -27.82
N SER I 388 64.94 -2.12 -27.10
CA SER I 388 64.19 -2.13 -25.85
C SER I 388 62.74 -2.51 -26.12
N GLU I 389 62.19 -1.99 -27.21
CA GLU I 389 60.81 -2.27 -27.58
C GLU I 389 60.66 -3.55 -28.40
N LYS I 390 60.97 -4.68 -27.78
CA LYS I 390 60.83 -5.98 -28.39
C LYS I 390 60.10 -6.82 -27.37
N ARG I 391 59.09 -7.57 -27.79
CA ARG I 391 58.37 -8.36 -26.81
C ARG I 391 57.60 -9.49 -27.49
N ILE I 392 56.96 -10.30 -26.67
CA ILE I 392 56.15 -11.42 -27.10
C ILE I 392 54.85 -11.35 -26.32
N GLU I 393 53.75 -11.17 -27.02
CA GLU I 393 52.45 -10.95 -26.38
C GLU I 393 51.65 -12.24 -26.40
N PHE I 394 51.67 -12.96 -25.27
CA PHE I 394 50.91 -14.17 -25.09
C PHE I 394 49.49 -13.77 -24.69
N ARG I 395 48.48 -14.16 -25.44
CA ARG I 395 47.10 -13.75 -25.10
C ARG I 395 46.12 -14.76 -24.51
N LEU I 396 46.56 -15.99 -24.27
CA LEU I 396 45.69 -17.03 -23.71
C LEU I 396 45.15 -16.93 -22.27
N PRO I 397 46.00 -16.50 -21.32
CA PRO I 397 45.72 -16.47 -19.88
C PRO I 397 44.59 -15.56 -19.36
N ASP I 398 44.10 -15.89 -18.16
CA ASP I 398 43.06 -15.14 -17.42
C ASP I 398 43.63 -14.72 -16.10
N CYS I 399 42.95 -13.78 -15.47
CA CYS I 399 43.34 -13.33 -14.16
C CYS I 399 42.73 -14.28 -13.14
N ALA I 400 41.93 -15.27 -13.58
CA ALA I 400 41.34 -16.12 -12.56
C ALA I 400 42.37 -16.94 -11.79
N ASN I 401 43.38 -17.47 -12.48
CA ASN I 401 44.32 -18.36 -11.81
C ASN I 401 45.35 -17.55 -11.03
N SER I 402 46.19 -18.26 -10.29
CA SER I 402 47.21 -17.60 -9.50
C SER I 402 48.36 -17.16 -10.41
N PRO I 403 48.79 -15.90 -10.31
CA PRO I 403 49.77 -15.37 -11.26
C PRO I 403 51.16 -15.93 -11.09
N HIS I 404 51.48 -16.55 -9.95
CA HIS I 404 52.78 -17.17 -9.80
C HIS I 404 52.84 -18.52 -10.50
N LEU I 405 51.74 -19.25 -10.52
CA LEU I 405 51.75 -20.54 -11.21
C LEU I 405 51.71 -20.36 -12.72
N VAL I 406 51.06 -19.31 -13.20
CA VAL I 406 50.96 -19.11 -14.64
C VAL I 406 52.30 -18.66 -15.20
N MET I 407 52.93 -17.67 -14.56
CA MET I 407 54.16 -17.11 -15.10
C MET I 407 55.34 -18.04 -14.89
N ALA I 408 55.24 -19.00 -13.99
CA ALA I 408 56.28 -20.00 -13.87
C ALA I 408 56.14 -21.09 -14.91
N ALA I 409 54.91 -21.39 -15.32
CA ALA I 409 54.72 -22.41 -16.33
C ALA I 409 55.10 -21.92 -17.72
N ILE I 410 54.97 -20.62 -17.97
CA ILE I 410 55.33 -20.05 -19.26
C ILE I 410 56.84 -20.03 -19.44
N ILE I 411 57.57 -19.67 -18.38
CA ILE I 411 59.03 -19.65 -18.44
C ILE I 411 59.58 -21.06 -18.57
N LEU I 412 59.01 -22.00 -17.82
CA LEU I 412 59.49 -23.38 -17.89
C LEU I 412 59.11 -24.05 -19.21
N ALA I 413 58.05 -23.57 -19.87
CA ALA I 413 57.76 -24.07 -21.21
C ALA I 413 58.64 -23.40 -22.23
N GLY I 414 58.86 -22.09 -22.10
CA GLY I 414 59.69 -21.39 -23.05
C GLY I 414 61.16 -21.70 -22.90
N TYR I 415 61.59 -22.12 -21.71
CA TYR I 415 62.97 -22.53 -21.55
C TYR I 415 63.22 -23.87 -22.20
N ASP I 416 62.22 -24.73 -22.25
CA ASP I 416 62.38 -26.00 -22.94
C ASP I 416 62.32 -25.85 -24.45
N GLY I 417 62.01 -24.65 -24.96
CA GLY I 417 62.13 -24.42 -26.37
C GLY I 417 63.51 -24.02 -26.82
N ILE I 418 64.37 -23.59 -25.90
CA ILE I 418 65.72 -23.18 -26.27
C ILE I 418 66.69 -24.34 -26.14
N LYS I 419 66.56 -25.14 -25.07
CA LYS I 419 67.45 -26.28 -24.90
C LYS I 419 67.16 -27.40 -25.90
N SER I 420 65.91 -27.49 -26.38
CA SER I 420 65.55 -28.60 -27.26
C SER I 420 66.05 -28.42 -28.68
N LYS I 421 66.21 -27.17 -29.13
CA LYS I 421 66.70 -26.81 -30.46
C LYS I 421 65.85 -27.38 -31.60
N GLU I 422 64.55 -27.54 -31.39
CA GLU I 422 63.69 -27.97 -32.49
C GLU I 422 63.35 -26.79 -33.39
N GLN I 423 62.77 -27.11 -34.55
CA GLN I 423 62.50 -26.04 -35.49
C GLN I 423 61.25 -25.26 -35.09
N PRO I 424 61.29 -23.95 -35.14
CA PRO I 424 60.08 -23.14 -34.96
C PRO I 424 59.18 -23.23 -36.19
N LEU I 425 57.98 -22.67 -36.04
CA LEU I 425 56.96 -22.70 -37.07
C LEU I 425 56.98 -21.40 -37.86
N VAL I 426 56.37 -21.42 -39.03
CA VAL I 426 56.25 -20.25 -39.90
C VAL I 426 55.28 -19.26 -39.26
N PRO I 427 55.51 -17.95 -39.38
CA PRO I 427 54.57 -16.97 -38.81
C PRO I 427 53.14 -16.97 -39.33
N PHE I 428 52.89 -17.29 -40.60
CA PHE I 428 51.57 -17.69 -41.11
C PHE I 428 50.49 -16.60 -40.97
N GLU I 429 50.74 -15.45 -41.57
CA GLU I 429 49.75 -14.37 -41.52
C GLU I 429 48.64 -14.62 -42.52
N SER I 430 47.39 -14.59 -42.06
CA SER I 430 46.28 -15.14 -42.85
C SER I 430 45.23 -14.09 -43.15
N LYS I 431 45.18 -13.61 -44.39
CA LYS I 431 44.30 -12.49 -44.74
C LYS I 431 42.84 -12.79 -44.53
N ASP I 432 42.46 -13.97 -44.98
CA ASP I 432 41.12 -14.46 -44.81
C ASP I 432 41.44 -15.82 -44.25
N ASN I 433 41.00 -16.85 -44.95
CA ASN I 433 41.30 -18.20 -44.55
C ASN I 433 42.61 -18.62 -45.19
N HIS I 434 43.07 -17.80 -46.13
CA HIS I 434 44.31 -18.09 -46.84
C HIS I 434 45.49 -17.64 -45.99
N PHE I 435 46.26 -18.60 -45.49
CA PHE I 435 47.47 -18.31 -44.75
C PHE I 435 48.56 -17.90 -45.73
N TYR I 436 49.03 -16.66 -45.62
CA TYR I 436 50.15 -16.19 -46.41
C TYR I 436 51.44 -16.34 -45.62
N ILE I 437 52.55 -16.07 -46.30
CA ILE I 437 53.88 -16.04 -45.70
C ILE I 437 54.54 -14.75 -46.14
N SER I 438 55.18 -14.05 -45.21
CA SER I 438 55.77 -12.74 -45.48
C SER I 438 56.89 -12.84 -46.50
N SER I 439 57.24 -11.68 -47.07
CA SER I 439 58.33 -11.62 -48.03
C SER I 439 59.66 -11.93 -47.38
N ILE I 440 59.81 -11.59 -46.10
CA ILE I 440 61.05 -11.87 -45.39
C ILE I 440 61.15 -13.35 -45.06
N PHE I 441 60.02 -14.04 -44.92
CA PHE I 441 60.06 -15.48 -44.69
C PHE I 441 59.82 -16.28 -45.96
N SER I 442 59.55 -15.63 -47.09
CA SER I 442 59.54 -16.37 -48.33
C SER I 442 60.94 -16.79 -48.73
N LYS I 443 61.95 -15.99 -48.40
CA LYS I 443 63.28 -16.33 -48.88
C LYS I 443 64.04 -17.38 -48.09
N TYR I 444 64.08 -18.56 -48.70
CA TYR I 444 64.82 -19.73 -48.20
C TYR I 444 64.61 -20.22 -46.77
N VAL I 445 63.39 -20.31 -46.25
CA VAL I 445 63.35 -20.83 -44.88
C VAL I 445 62.76 -22.22 -44.80
N GLN I 446 62.10 -22.72 -45.83
CA GLN I 446 61.57 -24.08 -45.86
C GLN I 446 62.02 -24.71 -47.19
N HIS I 447 62.93 -25.67 -47.10
CA HIS I 447 63.27 -26.45 -48.29
C HIS I 447 62.17 -27.42 -48.70
N PRO I 448 61.67 -28.33 -47.85
CA PRO I 448 60.63 -29.24 -48.33
C PRO I 448 59.23 -28.75 -48.00
N GLU I 449 58.25 -29.44 -48.59
CA GLU I 449 56.82 -29.12 -48.46
C GLU I 449 56.51 -27.67 -48.86
N ASN I 450 56.76 -27.36 -50.14
CA ASN I 450 56.40 -26.06 -50.70
C ASN I 450 54.94 -26.11 -51.13
N PHE I 451 54.05 -25.81 -50.19
CA PHE I 451 52.61 -25.86 -50.42
C PHE I 451 51.97 -24.48 -50.48
N ASN I 452 52.49 -23.51 -49.73
CA ASN I 452 51.98 -22.15 -49.74
C ASN I 452 52.57 -21.30 -50.86
N ILE I 453 53.12 -21.91 -51.90
CA ILE I 453 53.75 -21.16 -52.98
C ILE I 453 52.72 -20.37 -53.78
N LEU I 454 51.47 -20.81 -53.79
CA LEU I 454 50.39 -20.03 -54.38
C LEU I 454 50.07 -18.81 -53.52
N THR I 455 50.27 -18.92 -52.21
CA THR I 455 49.96 -17.82 -51.29
C THR I 455 51.25 -17.15 -50.81
N HIS I 456 51.74 -16.20 -51.61
CA HIS I 456 52.87 -15.37 -51.26
C HIS I 456 52.68 -13.90 -51.63
N ALA I 457 51.44 -13.45 -51.81
CA ALA I 457 51.18 -12.09 -52.25
C ALA I 457 51.34 -11.13 -51.09
N LEU I 458 52.58 -10.67 -50.86
CA LEU I 458 52.87 -9.77 -49.75
C LEU I 458 54.00 -8.83 -50.16
N GLU I 459 53.98 -7.63 -49.57
CA GLU I 459 54.99 -6.60 -49.77
C GLU I 459 55.59 -6.10 -48.47
N GLY I 460 54.91 -6.27 -47.34
CA GLY I 460 55.48 -5.99 -46.03
C GLY I 460 55.67 -4.50 -45.76
N TYR I 461 56.66 -4.21 -44.93
CA TYR I 461 57.17 -2.87 -44.71
C TYR I 461 58.09 -2.50 -45.87
N GLU I 462 58.59 -1.26 -45.88
CA GLU I 462 59.34 -0.82 -47.04
C GLU I 462 60.76 -1.34 -46.97
N SER I 463 61.18 -2.06 -48.01
CA SER I 463 62.49 -2.66 -48.10
C SER I 463 62.79 -2.89 -49.56
N LEU I 464 63.89 -2.32 -50.04
CA LEU I 464 64.33 -2.50 -51.41
C LEU I 464 65.78 -2.94 -51.43
N HIS I 465 66.10 -3.85 -52.35
CA HIS I 465 67.41 -4.50 -52.49
C HIS I 465 67.82 -5.19 -51.18
N THR I 466 67.00 -6.17 -50.78
CA THR I 466 67.17 -6.84 -49.51
C THR I 466 68.35 -7.80 -49.53
N ILE I 467 68.84 -8.12 -48.34
CA ILE I 467 69.99 -9.01 -48.17
C ILE I 467 69.52 -10.27 -47.47
N ASN I 468 69.86 -11.42 -48.03
CA ASN I 468 69.54 -12.71 -47.46
C ASN I 468 70.71 -13.21 -46.62
N GLU I 469 70.54 -13.22 -45.31
CA GLU I 469 71.58 -13.73 -44.42
C GLU I 469 71.62 -15.24 -44.49
N SER I 470 72.81 -15.78 -44.76
CA SER I 470 72.95 -17.21 -45.01
C SER I 470 72.78 -18.12 -43.78
N PRO I 471 73.41 -17.88 -42.62
CA PRO I 471 73.24 -18.88 -41.54
C PRO I 471 71.91 -18.82 -40.82
N GLU I 472 71.20 -17.69 -40.88
CA GLU I 472 69.90 -17.60 -40.22
C GLU I 472 68.78 -18.12 -41.11
N PHE I 473 69.00 -18.11 -42.42
CA PHE I 473 67.95 -18.50 -43.35
C PHE I 473 67.94 -19.93 -43.83
N LYS I 474 68.40 -20.87 -43.00
CA LYS I 474 68.46 -22.24 -43.47
C LYS I 474 67.03 -22.76 -43.48
N ASN I 475 66.83 -24.08 -43.43
CA ASN I 475 65.46 -24.59 -43.42
C ASN I 475 64.75 -24.04 -42.18
N PHE I 476 65.44 -24.12 -41.04
CA PHE I 476 65.03 -23.55 -39.75
C PHE I 476 63.54 -23.51 -39.47
N PHE I 477 62.71 -23.23 -40.47
CA PHE I 477 61.31 -23.23 -40.11
C PHE I 477 60.63 -24.45 -40.71
N LYS I 478 59.64 -24.98 -40.01
CA LYS I 478 58.85 -26.08 -40.52
C LYS I 478 57.49 -25.58 -40.97
N CYS I 479 57.03 -26.07 -42.11
CA CYS I 479 55.72 -25.74 -42.64
C CYS I 479 54.79 -26.90 -42.35
N GLU I 480 54.20 -26.90 -41.16
CA GLU I 480 53.09 -27.77 -40.84
C GLU I 480 51.83 -26.92 -40.75
N GLU I 481 50.71 -27.59 -40.64
CA GLU I 481 49.45 -26.88 -40.38
C GLU I 481 49.41 -26.44 -38.92
N PRO I 482 48.99 -25.21 -38.63
CA PRO I 482 48.87 -24.77 -37.24
C PRO I 482 47.72 -25.49 -36.55
N GLN I 483 48.02 -26.09 -35.42
CA GLN I 483 47.04 -26.88 -34.69
C GLN I 483 46.06 -25.97 -33.96
N GLY I 484 45.09 -26.59 -33.29
CA GLY I 484 44.09 -25.86 -32.54
C GLY I 484 44.45 -25.79 -31.06
N ILE I 485 43.52 -25.23 -30.31
CA ILE I 485 43.65 -25.06 -28.87
C ILE I 485 42.63 -25.98 -28.23
N SER I 486 42.82 -26.32 -26.96
CA SER I 486 41.81 -27.09 -26.25
C SER I 486 40.67 -26.17 -25.86
N PHE I 487 39.44 -26.63 -26.03
CA PHE I 487 38.25 -25.83 -25.77
C PHE I 487 37.48 -26.29 -24.54
N SER I 488 38.07 -27.14 -23.70
CA SER I 488 37.44 -27.54 -22.45
C SER I 488 38.52 -28.04 -21.48
N LEU I 489 38.16 -28.12 -20.21
CA LEU I 489 39.10 -28.60 -19.20
C LEU I 489 39.39 -30.07 -19.31
N VAL I 490 38.48 -30.87 -19.85
CA VAL I 490 38.75 -32.29 -19.98
C VAL I 490 39.75 -32.54 -21.09
N GLU I 491 39.91 -31.60 -22.02
CA GLU I 491 40.98 -31.70 -22.99
C GLU I 491 42.29 -31.16 -22.46
N SER I 492 42.25 -30.17 -21.59
CA SER I 492 43.47 -29.53 -21.11
C SER I 492 44.09 -30.29 -19.96
N LEU I 493 43.27 -30.89 -19.10
CA LEU I 493 43.82 -31.69 -18.02
C LEU I 493 44.39 -33.01 -18.53
N ASP I 494 43.84 -33.55 -19.62
CA ASP I 494 44.44 -34.74 -20.20
C ASP I 494 45.69 -34.41 -20.99
N ALA I 495 45.80 -33.18 -21.50
CA ALA I 495 47.06 -32.78 -22.12
C ALA I 495 48.13 -32.53 -21.08
N LEU I 496 47.75 -32.15 -19.87
CA LEU I 496 48.71 -32.00 -18.79
C LEU I 496 49.19 -33.34 -18.27
N GLU I 497 48.34 -34.37 -18.33
CA GLU I 497 48.72 -35.69 -17.84
C GLU I 497 49.76 -36.37 -18.73
N LYS I 498 49.68 -36.12 -20.04
CA LYS I 498 50.62 -36.72 -20.97
C LYS I 498 51.78 -35.78 -21.28
N ASP I 499 51.64 -34.52 -20.86
CA ASP I 499 52.67 -33.54 -21.11
C ASP I 499 53.03 -32.73 -19.87
N HIS I 500 53.68 -33.37 -18.91
CA HIS I 500 54.12 -32.66 -17.71
C HIS I 500 55.62 -32.79 -17.50
N ALA I 501 56.34 -33.01 -18.60
CA ALA I 501 57.77 -33.29 -18.51
C ALA I 501 58.61 -32.02 -18.47
N PHE I 502 58.17 -30.96 -19.12
CA PHE I 502 58.92 -29.71 -19.09
C PHE I 502 58.79 -28.98 -17.77
N LEU I 503 57.83 -29.36 -16.94
CA LEU I 503 57.63 -28.73 -15.65
C LEU I 503 58.42 -29.41 -14.54
N THR I 504 58.77 -30.68 -14.72
CA THR I 504 59.42 -31.46 -13.69
C THR I 504 60.94 -31.35 -13.75
N VAL I 505 61.47 -30.36 -14.45
CA VAL I 505 62.91 -30.18 -14.56
C VAL I 505 63.45 -29.62 -13.25
N ASN I 506 64.47 -30.28 -12.69
CA ASN I 506 65.08 -29.98 -11.39
C ASN I 506 64.07 -30.00 -10.24
N ASN I 507 63.00 -30.78 -10.41
CA ASN I 507 61.96 -31.02 -9.40
C ASN I 507 61.31 -29.71 -8.93
N ILE I 508 61.04 -28.81 -9.86
CA ILE I 508 60.38 -27.55 -9.53
C ILE I 508 58.90 -27.79 -9.26
N PHE I 509 58.21 -28.35 -10.24
CA PHE I 509 56.86 -28.90 -10.05
C PHE I 509 57.04 -30.38 -9.72
N THR I 510 56.61 -30.80 -8.55
CA THR I 510 56.77 -32.22 -8.26
C THR I 510 55.67 -33.02 -8.93
N GLU I 511 55.85 -34.34 -8.95
CA GLU I 511 54.83 -35.23 -9.52
C GLU I 511 53.58 -35.24 -8.68
N GLU I 512 53.71 -35.14 -7.36
CA GLU I 512 52.56 -35.11 -6.47
C GLU I 512 51.83 -33.79 -6.53
N MET I 513 52.55 -32.71 -6.85
CA MET I 513 51.95 -31.40 -7.07
C MET I 513 50.96 -31.42 -8.22
N ILE I 514 51.31 -32.07 -9.32
CA ILE I 514 50.45 -32.05 -10.50
C ILE I 514 49.29 -33.02 -10.34
N GLN I 515 49.53 -34.16 -9.68
CA GLN I 515 48.46 -35.13 -9.44
C GLN I 515 47.40 -34.57 -8.49
N GLU I 516 47.83 -33.84 -7.47
CA GLU I 516 46.87 -33.23 -6.55
C GLU I 516 46.16 -32.04 -7.16
N TYR I 517 46.72 -31.46 -8.22
CA TYR I 517 46.06 -30.35 -8.88
C TYR I 517 45.02 -30.83 -9.86
N ILE I 518 45.32 -31.91 -10.59
CA ILE I 518 44.36 -32.45 -11.55
C ILE I 518 43.22 -33.13 -10.82
N LYS I 519 43.51 -33.74 -9.66
CA LYS I 519 42.45 -34.34 -8.85
C LYS I 519 41.51 -33.30 -8.28
N PHE I 520 42.00 -32.08 -8.03
CA PHE I 520 41.12 -31.03 -7.52
C PHE I 520 40.20 -30.52 -8.60
N LYS I 521 40.73 -30.29 -9.81
CA LYS I 521 39.90 -29.72 -10.87
C LYS I 521 38.88 -30.72 -11.38
N ARG I 522 39.19 -32.01 -11.32
CA ARG I 522 38.25 -33.02 -11.77
C ARG I 522 37.13 -33.26 -10.77
N GLU I 523 37.28 -32.76 -9.54
CA GLU I 523 36.13 -32.69 -8.64
C GLU I 523 35.25 -31.50 -8.96
N GLU I 524 35.84 -30.43 -9.50
CA GLU I 524 35.06 -29.23 -9.84
C GLU I 524 34.25 -29.39 -11.10
N ILE I 525 34.72 -30.20 -12.05
CA ILE I 525 33.93 -30.45 -13.25
C ILE I 525 32.74 -31.33 -12.93
N ASP I 526 32.92 -32.31 -12.04
CA ASP I 526 31.84 -33.22 -11.69
C ASP I 526 30.76 -32.53 -10.89
N ALA I 527 31.12 -31.61 -10.02
CA ALA I 527 30.13 -30.86 -9.27
C ALA I 527 29.48 -29.78 -10.11
N TYR I 528 30.06 -29.45 -11.25
CA TYR I 528 29.49 -28.46 -12.15
C TYR I 528 28.46 -29.06 -13.08
N ASN I 529 28.64 -30.32 -13.45
CA ASN I 529 27.75 -30.95 -14.43
C ASN I 529 26.49 -31.52 -13.79
N LYS I 530 26.44 -31.62 -12.47
CA LYS I 530 25.22 -32.10 -11.83
C LYS I 530 24.14 -31.04 -11.82
N TYR I 531 24.52 -29.79 -11.97
CA TYR I 531 23.64 -28.67 -11.68
C TYR I 531 22.71 -28.41 -12.85
N VAL I 532 21.40 -28.51 -12.61
CA VAL I 532 20.41 -28.38 -13.66
C VAL I 532 20.12 -26.90 -13.90
N ASN I 533 20.26 -26.49 -15.15
CA ASN I 533 20.27 -25.11 -15.59
C ASN I 533 18.85 -24.59 -15.81
N ALA I 534 18.77 -23.34 -16.28
CA ALA I 534 17.54 -22.81 -16.84
C ALA I 534 17.50 -22.90 -18.35
N TYR I 535 18.63 -23.21 -18.98
CA TYR I 535 18.68 -23.55 -20.39
C TYR I 535 18.25 -24.99 -20.63
N ASP I 536 18.23 -25.81 -19.59
CA ASP I 536 17.73 -27.16 -19.72
C ASP I 536 16.22 -27.19 -19.83
N TYR I 537 15.54 -26.27 -19.15
CA TYR I 537 14.10 -26.17 -19.25
C TYR I 537 13.66 -25.53 -20.54
N HIS I 538 14.45 -24.63 -21.10
CA HIS I 538 14.06 -23.97 -22.33
C HIS I 538 14.16 -24.91 -23.51
N LEU I 539 15.31 -25.58 -23.58
CA LEU I 539 15.67 -26.56 -24.58
C LEU I 539 15.00 -27.94 -24.58
N TYR I 540 14.84 -28.54 -23.41
CA TYR I 540 14.32 -29.90 -23.32
C TYR I 540 13.14 -30.03 -22.42
N TYR I 541 12.00 -29.60 -22.91
CA TYR I 541 10.77 -29.66 -22.14
C TYR I 541 9.56 -29.74 -23.07
N MET J 1 40.23 25.15 -16.09
CA MET J 1 39.95 24.91 -17.49
C MET J 1 40.74 25.84 -18.38
N LYS J 2 41.90 26.29 -17.91
CA LYS J 2 42.70 27.21 -18.69
C LYS J 2 43.31 26.51 -19.91
N SER J 3 43.45 27.26 -20.98
CA SER J 3 43.98 26.74 -22.24
C SER J 3 45.44 27.09 -22.35
N VAL J 4 46.23 26.17 -22.89
CA VAL J 4 47.66 26.35 -23.05
C VAL J 4 47.99 26.21 -24.53
N SER J 5 48.99 26.94 -25.00
CA SER J 5 49.42 26.92 -26.39
C SER J 5 50.86 26.45 -26.49
N PHE J 6 51.18 25.83 -27.63
CA PHE J 6 52.51 25.29 -27.87
C PHE J 6 52.88 25.53 -29.33
N SER J 7 54.19 25.46 -29.60
CA SER J 7 54.68 25.68 -30.95
C SER J 7 55.35 24.47 -31.61
N ASN J 8 56.00 23.64 -30.80
CA ASN J 8 56.72 22.48 -31.29
C ASN J 8 56.47 21.30 -30.37
N ASN J 9 56.60 20.08 -30.89
CA ASN J 9 56.34 18.93 -30.02
C ASN J 9 57.24 18.87 -28.81
N ALA J 10 58.38 19.58 -28.84
CA ALA J 10 59.28 19.57 -27.69
C ALA J 10 58.74 20.40 -26.54
N GLU J 11 57.98 21.45 -26.84
CA GLU J 11 57.43 22.27 -25.76
C GLU J 11 56.31 21.57 -25.01
N LEU J 12 55.74 20.49 -25.57
CA LEU J 12 54.92 19.61 -24.75
C LEU J 12 55.75 18.93 -23.69
N TYR J 13 56.87 18.31 -24.09
CA TYR J 13 57.63 17.45 -23.20
C TYR J 13 58.32 18.25 -22.10
N GLU J 14 58.62 19.52 -22.34
CA GLU J 14 59.13 20.35 -21.26
C GLU J 14 58.02 20.85 -20.35
N TYR J 15 56.83 21.07 -20.91
CA TYR J 15 55.72 21.52 -20.07
C TYR J 15 55.13 20.39 -19.24
N ILE J 16 55.19 19.17 -19.77
CA ILE J 16 54.65 18.01 -19.06
C ILE J 16 55.55 17.63 -17.89
N LYS J 17 56.87 17.62 -18.09
CA LYS J 17 57.79 17.16 -17.07
C LYS J 17 58.08 18.19 -16.00
N ASP J 18 57.64 19.43 -16.16
CA ASP J 18 57.91 20.45 -15.16
C ASP J 18 57.00 20.27 -13.96
N LYS J 19 57.58 20.39 -12.76
CA LYS J 19 56.86 20.04 -11.54
C LYS J 19 55.96 21.15 -11.04
N LYS J 20 56.06 22.36 -11.59
CA LYS J 20 55.18 23.44 -11.15
C LYS J 20 53.75 23.27 -11.61
N ASN J 21 53.55 22.64 -12.78
CA ASN J 21 52.23 22.60 -13.40
C ASN J 21 51.37 21.46 -12.87
N ASP J 22 52.00 20.47 -12.23
CA ASP J 22 51.32 19.35 -11.57
C ASP J 22 50.51 18.50 -12.55
N VAL J 23 50.96 18.44 -13.80
CA VAL J 23 50.25 17.70 -14.84
C VAL J 23 50.49 16.22 -14.62
N GLU J 24 49.42 15.47 -14.35
CA GLU J 24 49.51 14.07 -13.97
C GLU J 24 49.13 13.11 -15.08
N ILE J 25 48.09 13.42 -15.84
CA ILE J 25 47.58 12.55 -16.90
C ILE J 25 47.58 13.35 -18.19
N VAL J 26 47.93 12.70 -19.31
CA VAL J 26 47.82 13.28 -20.63
C VAL J 26 46.77 12.50 -21.41
N ALA J 27 45.70 13.16 -21.81
CA ALA J 27 44.62 12.49 -22.52
C ALA J 27 44.65 12.85 -24.00
N CYS J 28 44.22 11.89 -24.82
CA CYS J 28 44.19 12.05 -26.26
C CYS J 28 42.75 11.98 -26.73
N ILE J 29 42.44 12.62 -27.86
CA ILE J 29 41.07 12.74 -28.34
C ILE J 29 41.06 12.37 -29.82
N ILE J 30 40.26 11.37 -30.19
CA ILE J 30 40.18 10.90 -31.57
C ILE J 30 38.74 11.09 -32.04
N THR J 31 38.52 11.03 -33.35
CA THR J 31 37.21 11.24 -33.93
C THR J 31 37.05 10.29 -35.12
N ASN J 32 35.81 9.89 -35.39
CA ASN J 32 35.41 8.98 -36.45
C ASN J 32 34.96 9.72 -37.70
N LEU J 33 34.67 8.96 -38.75
CA LEU J 33 33.93 9.51 -39.88
C LEU J 33 32.52 9.91 -39.46
N LEU J 34 31.94 9.17 -38.53
CA LEU J 34 30.73 9.60 -37.86
C LEU J 34 31.14 10.55 -36.75
N GLY J 35 30.17 11.20 -36.12
CA GLY J 35 30.59 12.11 -35.07
C GLY J 35 30.69 11.44 -33.73
N THR J 36 31.89 11.04 -33.31
CA THR J 36 32.05 10.42 -32.01
C THR J 36 33.22 11.07 -31.30
N TYR J 37 33.43 10.69 -30.04
CA TYR J 37 34.39 11.36 -29.20
C TYR J 37 35.08 10.30 -28.36
N PHE J 38 36.26 9.89 -28.78
CA PHE J 38 37.03 8.84 -28.14
C PHE J 38 38.14 9.47 -27.32
N LYS J 39 38.57 8.77 -26.27
CA LYS J 39 39.51 9.38 -25.34
C LYS J 39 40.24 8.30 -24.55
N CYS J 40 41.57 8.39 -24.51
CA CYS J 40 42.41 7.45 -23.79
C CYS J 40 43.34 8.22 -22.88
N PHE J 41 43.67 7.63 -21.73
CA PHE J 41 44.40 8.33 -20.68
C PHE J 41 45.79 7.74 -20.51
N PHE J 42 46.80 8.60 -20.54
CA PHE J 42 48.20 8.20 -20.45
C PHE J 42 48.84 8.91 -19.26
N TYR J 43 49.75 8.22 -18.58
CA TYR J 43 50.35 8.81 -17.40
C TYR J 43 51.70 9.43 -17.73
N VAL J 44 52.01 10.50 -17.01
CA VAL J 44 53.13 11.38 -17.33
C VAL J 44 54.48 10.71 -17.10
N LYS J 45 54.65 9.97 -16.01
CA LYS J 45 55.95 9.38 -15.68
C LYS J 45 56.43 8.34 -16.68
N GLU J 46 55.54 7.81 -17.53
CA GLU J 46 55.94 6.82 -18.51
C GLU J 46 56.16 7.38 -19.91
N ILE J 47 55.72 8.60 -20.16
CA ILE J 47 55.92 9.24 -21.45
C ILE J 47 57.38 9.65 -21.59
N THR J 48 57.98 9.29 -22.71
CA THR J 48 59.39 9.60 -22.96
C THR J 48 59.47 10.50 -24.18
N LEU J 49 60.70 10.78 -24.60
CA LEU J 49 60.94 11.59 -25.79
C LEU J 49 60.51 10.88 -27.05
N ASN J 50 60.65 9.55 -27.07
CA ASN J 50 60.41 8.75 -28.26
C ASN J 50 58.93 8.55 -28.54
N LYS J 51 58.09 8.54 -27.49
CA LYS J 51 56.67 8.30 -27.64
C LYS J 51 55.90 9.54 -28.09
N LEU J 52 56.57 10.64 -28.40
CA LEU J 52 55.86 11.76 -28.99
C LEU J 52 56.12 11.85 -30.48
N GLU J 53 57.31 11.47 -30.93
CA GLU J 53 57.56 11.35 -32.36
C GLU J 53 56.84 10.13 -32.93
N SER J 54 57.06 8.97 -32.33
CA SER J 54 56.19 7.85 -32.56
C SER J 54 54.86 8.07 -31.85
N GLY J 55 53.90 7.21 -32.13
CA GLY J 55 52.61 7.35 -31.51
C GLY J 55 52.34 6.28 -30.47
N PHE J 56 51.14 6.33 -29.93
CA PHE J 56 50.70 5.41 -28.91
C PHE J 56 49.96 4.24 -29.55
N SER J 57 50.12 3.06 -28.95
CA SER J 57 49.50 1.85 -29.48
C SER J 57 48.01 1.87 -29.24
N PHE J 58 47.31 1.52 -30.29
CA PHE J 58 45.89 1.63 -30.24
C PHE J 58 45.29 0.55 -31.14
N ASP J 59 44.22 -0.07 -30.67
CA ASP J 59 43.56 -1.09 -31.45
C ASP J 59 42.27 -0.46 -31.91
N ALA J 60 42.10 -0.40 -33.23
CA ALA J 60 40.89 0.21 -33.77
C ALA J 60 40.04 -0.80 -34.53
N SER J 61 40.11 -2.07 -34.15
CA SER J 61 39.29 -3.07 -34.81
C SER J 61 37.84 -3.01 -34.38
N SER J 62 37.53 -2.26 -33.32
CA SER J 62 36.21 -2.20 -32.74
C SER J 62 35.53 -0.85 -32.94
N ILE J 63 36.26 0.15 -33.36
CA ILE J 63 35.70 1.47 -33.64
C ILE J 63 35.03 1.44 -35.00
N LYS J 64 33.82 2.00 -35.08
CA LYS J 64 33.04 1.95 -36.32
C LYS J 64 33.67 2.81 -37.40
N LEU J 65 33.76 2.25 -38.61
CA LEU J 65 34.41 2.83 -39.78
C LEU J 65 35.88 3.17 -39.50
N CYS J 66 36.58 2.28 -38.81
CA CYS J 66 38.01 2.48 -38.58
C CYS J 66 38.79 1.18 -38.61
N SER J 67 38.36 0.24 -39.46
CA SER J 67 39.03 -1.06 -39.58
C SER J 67 39.56 -1.40 -40.97
N ASP J 68 40.77 -1.95 -41.02
CA ASP J 68 41.44 -2.37 -42.25
C ASP J 68 41.60 -3.89 -42.18
N THR J 69 41.41 -4.60 -43.28
CA THR J 69 41.48 -6.05 -43.21
C THR J 69 42.54 -6.49 -42.20
N GLU J 70 43.79 -6.14 -42.44
CA GLU J 70 44.88 -6.64 -41.62
C GLU J 70 45.63 -5.59 -40.83
N VAL J 71 45.36 -4.32 -41.04
CA VAL J 71 45.92 -3.35 -40.10
C VAL J 71 45.07 -3.43 -38.85
N SER J 72 45.51 -4.21 -37.88
CA SER J 72 44.84 -4.33 -36.60
C SER J 72 45.49 -3.43 -35.56
N ASP J 73 46.66 -2.89 -35.84
CA ASP J 73 47.37 -2.01 -34.94
C ASP J 73 47.62 -0.68 -35.64
N PHE J 74 47.24 0.40 -34.98
CA PHE J 74 47.40 1.74 -35.50
C PHE J 74 48.26 2.54 -34.54
N PHE J 75 48.38 3.83 -34.83
CA PHE J 75 49.10 4.77 -33.99
C PHE J 75 48.13 5.84 -33.53
N ILE J 76 48.59 6.72 -32.67
CA ILE J 76 47.89 7.93 -32.30
C ILE J 76 48.91 9.05 -32.29
N LYS J 77 48.84 9.94 -33.27
CA LYS J 77 49.85 10.96 -33.44
C LYS J 77 49.44 12.22 -32.70
N VAL J 78 50.26 12.62 -31.73
CA VAL J 78 49.94 13.74 -30.86
C VAL J 78 50.17 15.02 -31.65
N ASP J 79 49.14 15.85 -31.73
CA ASP J 79 49.19 17.12 -32.45
C ASP J 79 49.06 18.27 -31.48
N HIS J 80 50.03 19.18 -31.53
CA HIS J 80 50.08 20.37 -30.68
C HIS J 80 49.16 21.51 -31.11
N SER J 81 49.03 22.54 -30.27
CA SER J 81 48.19 23.70 -30.59
C SER J 81 46.69 23.57 -30.31
N THR J 82 46.27 22.50 -29.65
CA THR J 82 44.87 22.28 -29.33
C THR J 82 44.87 21.58 -27.98
N CYS J 83 45.13 22.33 -26.92
CA CYS J 83 45.23 21.69 -25.61
C CYS J 83 44.48 22.53 -24.60
N TYR J 84 44.04 21.90 -23.52
CA TYR J 84 43.49 22.62 -22.39
C TYR J 84 43.61 21.78 -21.14
N LEU J 85 43.92 22.43 -20.03
CA LEU J 85 44.04 21.76 -18.76
C LEU J 85 42.68 21.56 -18.13
N GLU J 86 42.62 20.62 -17.18
CA GLU J 86 41.41 20.36 -16.41
C GLU J 86 41.76 20.20 -14.94
N GLU J 87 40.71 20.15 -14.13
CA GLU J 87 40.81 19.83 -12.70
C GLU J 87 39.76 18.78 -12.40
N CYS J 88 40.11 17.51 -12.56
CA CYS J 88 39.22 16.41 -12.22
C CYS J 88 39.77 15.77 -10.95
N ASP J 89 39.02 15.94 -9.85
CA ASP J 89 39.35 15.37 -8.54
C ASP J 89 40.73 15.80 -8.05
N GLY J 90 41.02 17.09 -8.18
CA GLY J 90 42.30 17.60 -7.73
C GLY J 90 43.48 17.18 -8.57
N LYS J 91 43.24 16.68 -9.78
CA LYS J 91 44.29 16.20 -10.68
C LYS J 91 44.23 16.98 -11.98
N ASN J 92 45.40 17.35 -12.50
CA ASN J 92 45.47 18.13 -13.72
C ASN J 92 45.65 17.21 -14.92
N ILE J 93 44.83 17.41 -15.94
CA ILE J 93 44.79 16.55 -17.12
C ILE J 93 44.95 17.43 -18.35
N LEU J 94 46.00 17.20 -19.13
CA LEU J 94 46.01 17.75 -20.48
C LEU J 94 45.03 17.01 -21.36
N ASN J 95 44.48 17.72 -22.34
CA ASN J 95 43.57 17.13 -23.30
C ASN J 95 44.04 17.58 -24.68
N ILE J 96 44.62 16.66 -25.44
CA ILE J 96 45.28 16.98 -26.69
C ILE J 96 44.50 16.36 -27.84
N MET J 97 44.26 17.13 -28.90
CA MET J 97 43.69 16.58 -30.11
C MET J 97 44.74 15.79 -30.87
N CYS J 98 44.36 14.60 -31.31
CA CYS J 98 45.31 13.58 -31.75
C CYS J 98 44.79 12.84 -32.96
N ASP J 99 45.57 12.80 -34.02
CA ASP J 99 45.17 12.05 -35.21
C ASP J 99 45.63 10.59 -35.14
N ILE J 100 45.09 9.77 -36.03
CA ILE J 100 45.45 8.37 -36.15
C ILE J 100 46.16 8.15 -37.47
N LYS J 101 47.21 7.33 -37.44
CA LYS J 101 48.04 7.12 -38.61
C LYS J 101 48.31 5.62 -38.74
N ARG J 102 48.96 5.30 -39.85
CA ARG J 102 49.42 3.98 -40.21
C ARG J 102 50.84 3.81 -39.66
N TYR J 103 51.41 2.64 -39.88
CA TYR J 103 52.76 2.34 -39.39
C TYR J 103 53.87 3.24 -39.95
N ASN J 104 53.80 3.59 -41.24
CA ASN J 104 54.87 4.37 -41.84
C ASN J 104 54.75 5.85 -41.50
N GLY J 105 53.56 6.30 -41.12
CA GLY J 105 53.34 7.71 -40.87
C GLY J 105 52.54 8.30 -42.01
N PHE J 106 51.99 7.44 -42.86
CA PHE J 106 51.16 7.91 -43.95
C PHE J 106 49.79 8.33 -43.42
N ASP J 107 49.18 9.26 -44.13
CA ASP J 107 47.88 9.82 -43.77
C ASP J 107 46.80 8.76 -43.96
N TYR J 108 46.14 8.37 -42.87
CA TYR J 108 45.07 7.39 -42.95
C TYR J 108 43.86 8.00 -43.63
N TYR J 109 43.27 7.28 -44.58
CA TYR J 109 42.23 7.86 -45.42
C TYR J 109 40.87 7.89 -44.75
N LYS J 110 40.70 7.23 -43.61
CA LYS J 110 39.47 7.32 -42.84
C LYS J 110 39.67 8.10 -41.55
N CYS J 111 40.55 9.08 -41.55
CA CYS J 111 40.63 10.01 -40.43
C CYS J 111 40.13 11.38 -40.86
N PRO J 112 39.10 11.89 -40.19
CA PRO J 112 38.50 13.15 -40.64
C PRO J 112 39.34 14.38 -40.33
N ARG J 113 40.13 14.36 -39.25
CA ARG J 113 40.98 15.49 -38.95
C ARG J 113 42.17 15.57 -39.90
N THR J 114 42.58 14.45 -40.48
CA THR J 114 43.60 14.47 -41.49
C THR J 114 43.04 14.93 -42.84
N ILE J 115 41.72 14.89 -43.00
CA ILE J 115 41.12 15.38 -44.22
C ILE J 115 41.07 16.90 -44.21
N LEU J 116 40.68 17.51 -43.08
CA LEU J 116 40.70 18.97 -42.96
C LEU J 116 42.11 19.54 -42.99
N LYS J 117 43.10 18.80 -42.53
CA LYS J 117 44.47 19.28 -42.68
C LYS J 117 44.93 19.25 -44.12
N LYS J 118 44.32 18.39 -44.94
CA LYS J 118 44.69 18.30 -46.34
C LYS J 118 43.94 19.26 -47.22
N THR J 119 42.64 19.48 -46.97
CA THR J 119 41.88 20.35 -47.85
C THR J 119 42.14 21.82 -47.54
N CYS J 120 42.60 22.13 -46.33
CA CYS J 120 42.98 23.50 -46.04
C CYS J 120 44.36 23.82 -46.56
N GLU J 121 45.27 22.84 -46.52
CA GLU J 121 46.60 23.01 -47.09
C GLU J 121 46.62 22.75 -48.59
N PHE J 122 45.49 22.34 -49.16
CA PHE J 122 45.36 22.32 -50.61
C PHE J 122 44.90 23.66 -51.14
N VAL J 123 43.92 24.27 -50.47
CA VAL J 123 43.41 25.57 -50.90
C VAL J 123 44.47 26.65 -50.74
N LYS J 124 45.29 26.56 -49.70
CA LYS J 124 46.31 27.56 -49.43
C LYS J 124 47.43 27.51 -50.46
N ASN J 125 47.57 26.40 -51.19
CA ASN J 125 48.67 26.25 -52.12
C ASN J 125 48.37 26.86 -53.48
N GLU J 126 47.16 27.35 -53.72
CA GLU J 126 46.82 27.97 -54.98
C GLU J 126 46.76 29.48 -54.94
N GLY J 127 47.25 30.11 -53.86
CA GLY J 127 47.18 31.54 -53.75
C GLY J 127 45.79 32.10 -53.53
N ILE J 128 44.82 31.24 -53.27
CA ILE J 128 43.44 31.61 -53.02
C ILE J 128 43.08 31.15 -51.62
N ALA J 129 42.60 32.10 -50.79
CA ALA J 129 42.07 31.82 -49.46
C ALA J 129 43.09 31.13 -48.56
N ASP J 130 44.12 31.88 -48.17
CA ASP J 130 45.12 31.36 -47.23
C ASP J 130 44.52 31.04 -45.87
N LYS J 131 43.41 31.69 -45.53
CA LYS J 131 42.68 31.44 -44.30
C LYS J 131 41.21 31.25 -44.64
N VAL J 132 40.56 30.34 -43.93
CA VAL J 132 39.11 30.15 -44.03
C VAL J 132 38.54 30.37 -42.64
N CYS J 133 37.75 31.41 -42.47
CA CYS J 133 37.12 31.71 -41.18
C CYS J 133 35.69 31.25 -41.21
N ILE J 134 35.34 30.34 -40.30
CA ILE J 134 34.02 29.75 -40.21
C ILE J 134 33.51 29.97 -38.80
N GLY J 135 32.27 30.45 -38.66
CA GLY J 135 31.61 30.52 -37.38
C GLY J 135 30.49 29.50 -37.29
N ASN J 136 30.00 29.29 -36.08
CA ASN J 136 28.94 28.29 -35.86
C ASN J 136 27.96 28.77 -34.82
N GLU J 137 26.77 28.17 -34.84
CA GLU J 137 25.68 28.50 -33.94
C GLU J 137 25.03 27.19 -33.51
N LEU J 138 25.40 26.69 -32.35
CA LEU J 138 24.93 25.38 -31.89
C LEU J 138 23.55 25.50 -31.26
N GLU J 139 22.70 24.52 -31.52
CA GLU J 139 21.36 24.47 -30.94
C GLU J 139 21.17 23.11 -30.31
N PHE J 140 20.73 23.08 -29.07
CA PHE J 140 20.61 21.83 -28.34
C PHE J 140 19.38 21.87 -27.45
N PHE J 141 18.84 20.69 -27.14
CA PHE J 141 17.73 20.56 -26.22
C PHE J 141 18.29 20.11 -24.89
N ILE J 142 17.62 20.47 -23.81
CA ILE J 142 17.98 19.98 -22.48
C ILE J 142 16.75 19.33 -21.88
N PHE J 143 16.69 18.01 -21.94
CA PHE J 143 15.63 17.22 -21.36
C PHE J 143 16.04 16.83 -19.95
N ASP J 144 15.11 16.25 -19.20
CA ASP J 144 15.41 15.85 -17.83
C ASP J 144 15.78 14.38 -17.77
N LYS J 145 14.97 13.58 -18.44
CA LYS J 145 15.19 12.14 -18.51
C LYS J 145 14.63 11.63 -19.82
N VAL J 146 15.16 10.52 -20.29
CA VAL J 146 14.68 9.92 -21.52
C VAL J 146 14.78 8.40 -21.37
N ASN J 147 13.66 7.71 -21.60
CA ASN J 147 13.64 6.26 -21.54
C ASN J 147 13.08 5.73 -22.85
N TYR J 148 13.76 4.74 -23.42
CA TYR J 148 13.21 4.05 -24.58
C TYR J 148 13.51 2.56 -24.50
N SER J 149 12.94 1.81 -25.44
CA SER J 149 13.12 0.37 -25.50
C SER J 149 12.80 -0.11 -26.89
N LEU J 150 13.30 -1.29 -27.23
CA LEU J 150 13.12 -1.84 -28.56
C LEU J 150 12.65 -3.30 -28.55
N ASP J 151 12.08 -3.77 -27.45
CA ASP J 151 11.50 -5.10 -27.43
C ASP J 151 10.30 -5.16 -28.36
N GLU J 152 10.07 -6.34 -28.94
CA GLU J 152 9.06 -6.49 -29.99
C GLU J 152 7.66 -6.23 -29.47
N TYR J 153 7.45 -6.44 -28.18
CA TYR J 153 6.15 -6.30 -27.56
C TYR J 153 6.07 -5.07 -26.67
N ASN J 154 7.22 -4.47 -26.35
CA ASN J 154 7.23 -3.35 -25.41
C ASN J 154 7.93 -2.03 -25.79
N THR J 155 8.07 -1.76 -27.09
CA THR J 155 8.76 -0.52 -27.46
C THR J 155 8.03 0.72 -26.96
N TYR J 156 8.79 1.68 -26.42
CA TYR J 156 8.22 2.92 -25.92
C TYR J 156 9.22 4.06 -26.04
N LEU J 157 8.69 5.27 -25.89
CA LEU J 157 9.45 6.47 -25.58
C LEU J 157 8.83 7.14 -24.37
N LYS J 158 9.66 7.76 -23.54
CA LYS J 158 9.19 8.64 -22.48
C LYS J 158 10.21 9.74 -22.35
N VAL J 159 9.89 10.93 -22.85
CA VAL J 159 10.75 12.10 -22.70
C VAL J 159 10.19 12.89 -21.54
N TYR J 160 10.98 13.07 -20.49
CA TYR J 160 10.57 13.83 -19.33
C TYR J 160 11.10 15.25 -19.48
N ASP J 161 10.22 16.24 -19.33
CA ASP J 161 10.60 17.62 -19.49
C ASP J 161 10.10 18.46 -18.32
N ARG J 162 10.77 19.58 -18.10
CA ARG J 162 10.44 20.44 -16.97
C ARG J 162 9.86 21.78 -17.40
N GLU J 163 10.13 22.21 -18.62
CA GLU J 163 9.62 23.48 -19.11
C GLU J 163 8.42 23.35 -20.02
N SER J 164 8.24 22.21 -20.66
CA SER J 164 7.20 22.08 -21.68
C SER J 164 5.87 21.82 -21.03
N PHE J 165 4.86 22.57 -21.48
CA PHE J 165 3.51 22.39 -20.97
C PHE J 165 2.88 21.11 -21.48
N SER J 166 3.31 20.65 -22.65
CA SER J 166 2.61 19.55 -23.29
C SER J 166 3.17 18.19 -22.88
N CYS J 167 4.27 18.16 -22.14
CA CYS J 167 4.68 16.90 -21.53
C CYS J 167 3.86 16.66 -20.29
N LYS J 168 3.01 15.65 -20.32
CA LYS J 168 2.11 15.38 -19.21
C LYS J 168 2.53 14.16 -18.42
N ASN J 169 3.81 13.80 -18.49
CA ASN J 169 4.39 12.85 -17.56
C ASN J 169 4.57 13.52 -16.21
N ASP J 170 4.55 12.72 -15.15
CA ASP J 170 4.75 13.25 -13.81
C ASP J 170 6.17 12.97 -13.33
N LEU J 171 6.81 14.00 -12.77
CA LEU J 171 8.18 13.92 -12.32
C LEU J 171 8.31 13.67 -10.83
N SER J 172 7.24 13.25 -10.18
CA SER J 172 7.32 12.94 -8.77
C SER J 172 8.01 11.61 -8.52
N SER J 173 8.05 10.73 -9.53
CA SER J 173 8.73 9.47 -9.40
C SER J 173 10.24 9.60 -9.46
N ILE J 174 10.73 10.64 -10.12
CA ILE J 174 12.18 10.83 -10.29
C ILE J 174 12.77 11.19 -8.94
N TYR J 175 13.72 10.38 -8.50
CA TYR J 175 14.32 10.59 -7.19
C TYR J 175 15.40 11.67 -7.24
N GLU J 196 15.11 21.11 -8.56
CA GLU J 196 15.25 19.67 -8.31
C GLU J 196 13.91 18.96 -8.24
N TYR J 197 12.99 19.37 -9.11
CA TYR J 197 11.71 18.70 -9.38
C TYR J 197 10.81 18.78 -8.15
N LEU J 198 10.89 19.89 -7.42
CA LEU J 198 10.20 20.04 -6.15
C LEU J 198 8.69 20.16 -6.34
N ILE J 199 8.24 21.17 -7.08
CA ILE J 199 6.81 21.43 -7.25
C ILE J 199 6.51 21.41 -8.74
N ASN J 200 5.58 20.57 -9.13
CA ASN J 200 5.19 20.48 -10.53
C ASN J 200 3.93 21.30 -10.75
N ASP J 201 4.11 22.52 -11.25
CA ASP J 201 2.97 23.35 -11.60
C ASP J 201 3.07 23.79 -13.04
N ASP J 202 1.93 23.79 -13.72
CA ASP J 202 1.83 24.16 -15.12
C ASP J 202 1.83 25.66 -15.33
N SER J 203 1.97 26.44 -14.26
CA SER J 203 1.93 27.88 -14.36
C SER J 203 3.23 28.46 -14.87
N LYS J 204 4.36 27.84 -14.53
CA LYS J 204 5.68 28.28 -14.94
C LYS J 204 6.24 27.47 -16.08
N LYS J 205 5.40 26.91 -16.93
CA LYS J 205 5.87 26.11 -18.04
C LYS J 205 5.66 26.85 -19.35
N VAL J 206 6.52 26.56 -20.32
CA VAL J 206 6.49 27.21 -21.62
C VAL J 206 5.56 26.44 -22.54
N LYS J 207 4.65 27.14 -23.21
CA LYS J 207 3.79 26.49 -24.19
C LYS J 207 4.53 26.33 -25.51
N LYS J 208 3.92 25.62 -26.45
CA LYS J 208 4.65 25.20 -27.65
C LYS J 208 4.80 26.36 -28.62
N LYS J 209 5.98 26.41 -29.27
CA LYS J 209 6.40 27.41 -30.26
C LYS J 209 6.29 28.83 -29.76
N SER J 210 6.38 29.02 -28.45
CA SER J 210 6.12 30.33 -27.87
C SER J 210 7.15 30.68 -26.80
N GLY J 211 8.35 30.14 -26.91
CA GLY J 211 9.37 30.46 -25.94
C GLY J 211 10.63 31.01 -26.54
N TYR J 212 10.57 31.98 -27.47
CA TYR J 212 11.77 32.41 -28.18
C TYR J 212 12.79 33.03 -27.24
N PHE J 213 12.50 34.17 -26.65
CA PHE J 213 13.41 34.74 -25.66
C PHE J 213 12.71 34.64 -24.32
N THR J 214 13.09 33.70 -23.49
CA THR J 214 12.41 33.57 -22.21
C THR J 214 13.38 33.80 -21.05
N THR J 215 12.77 33.98 -19.89
CA THR J 215 13.48 34.40 -18.71
C THR J 215 13.52 33.42 -17.52
N ASP J 216 13.81 33.96 -16.32
CA ASP J 216 13.99 33.12 -15.13
C ASP J 216 12.81 32.26 -14.64
N PRO J 217 11.59 32.80 -14.59
CA PRO J 217 10.55 31.84 -14.17
C PRO J 217 10.35 30.71 -15.14
N TYR J 218 10.42 30.98 -16.43
CA TYR J 218 10.09 30.00 -17.46
C TYR J 218 11.31 29.26 -17.98
N ASP J 219 12.44 29.93 -18.14
CA ASP J 219 13.68 29.29 -18.51
C ASP J 219 14.28 28.64 -17.27
N THR J 220 13.96 27.36 -17.12
CA THR J 220 14.35 26.49 -16.01
C THR J 220 15.82 26.24 -15.92
N SER J 221 16.54 26.39 -17.02
CA SER J 221 17.95 26.12 -16.94
C SER J 221 18.78 27.30 -17.36
N ASN J 222 18.78 28.32 -16.51
CA ASN J 222 19.61 29.49 -16.76
C ASN J 222 20.96 29.40 -16.07
N ILE J 223 21.05 28.66 -14.96
CA ILE J 223 22.31 28.54 -14.23
C ILE J 223 23.27 27.63 -14.98
N ILE J 224 22.74 26.68 -15.75
CA ILE J 224 23.55 25.79 -16.56
C ILE J 224 24.30 26.56 -17.64
N LYS J 225 23.64 27.53 -18.26
CA LYS J 225 24.23 28.21 -19.40
C LYS J 225 25.35 29.15 -18.99
N LEU J 226 25.24 29.75 -17.81
CA LEU J 226 26.34 30.58 -17.33
C LEU J 226 27.53 29.74 -16.89
N ARG J 227 27.31 28.47 -16.57
CA ARG J 227 28.40 27.57 -16.23
C ARG J 227 28.99 26.89 -17.43
N ILE J 228 28.29 26.88 -18.57
CA ILE J 228 28.86 26.34 -19.79
C ILE J 228 29.82 27.37 -20.33
N CYS J 229 29.33 28.61 -20.48
CA CYS J 229 30.13 29.62 -21.15
C CYS J 229 31.20 30.21 -20.22
N ARG J 230 31.11 29.96 -18.93
CA ARG J 230 32.27 30.17 -18.07
C ARG J 230 33.38 29.19 -18.43
N ALA J 231 33.01 27.95 -18.72
CA ALA J 231 33.99 26.93 -19.04
C ALA J 231 34.49 27.02 -20.47
N LEU J 232 33.81 27.77 -21.33
CA LEU J 232 34.26 27.98 -22.69
C LEU J 232 35.10 29.22 -22.85
N ASN J 233 34.81 30.28 -22.10
CA ASN J 233 35.61 31.49 -22.18
C ASN J 233 36.93 31.33 -21.45
N ASP J 234 36.99 30.44 -20.47
CA ASP J 234 38.27 30.15 -19.83
C ASP J 234 39.21 29.40 -20.76
N MET J 235 38.66 28.73 -21.76
CA MET J 235 39.41 27.93 -22.71
C MET J 235 39.70 28.68 -24.01
N ASN J 236 39.42 29.98 -24.04
CA ASN J 236 39.49 30.84 -25.22
C ASN J 236 38.65 30.33 -26.39
N ILE J 237 37.53 29.68 -26.11
CA ILE J 237 36.48 29.46 -27.09
C ILE J 237 35.43 30.52 -26.79
N ASN J 238 35.61 31.71 -27.35
CA ASN J 238 34.82 32.86 -26.92
C ASN J 238 33.41 32.80 -27.49
N VAL J 239 32.43 33.12 -26.64
CA VAL J 239 31.02 33.05 -26.99
C VAL J 239 30.36 34.40 -27.30
N GLN J 240 29.90 34.55 -28.54
CA GLN J 240 29.22 35.76 -29.01
C GLN J 240 27.83 36.11 -28.44
N ARG J 241 26.96 35.12 -28.31
CA ARG J 241 25.58 35.36 -27.82
C ARG J 241 24.90 34.13 -27.23
N TYR J 242 23.79 34.33 -26.52
CA TYR J 242 23.07 33.22 -25.92
C TYR J 242 21.59 33.60 -25.90
N HIS J 243 20.73 32.65 -26.23
CA HIS J 243 19.31 32.81 -25.96
C HIS J 243 18.66 31.44 -25.85
N HIS J 244 17.40 31.45 -25.40
CA HIS J 244 16.45 30.36 -25.55
C HIS J 244 16.01 30.33 -27.01
N GLU J 245 15.29 29.31 -27.43
CA GLU J 245 14.86 29.29 -28.83
C GLU J 245 13.42 28.84 -28.99
N VAL J 246 12.99 28.72 -30.24
CA VAL J 246 11.55 28.57 -30.54
C VAL J 246 11.24 27.09 -30.39
N SER J 247 11.16 26.65 -29.14
CA SER J 247 10.77 25.33 -28.68
C SER J 247 10.86 25.39 -27.17
N THR J 248 10.24 24.42 -26.54
CA THR J 248 10.32 24.31 -25.10
C THR J 248 11.60 23.56 -24.78
N SER J 249 12.48 24.19 -24.01
CA SER J 249 13.83 23.71 -23.66
C SER J 249 14.68 23.43 -24.90
N GLN J 250 14.89 24.47 -25.69
CA GLN J 250 15.86 24.46 -26.77
C GLN J 250 16.67 25.75 -26.72
N HIS J 251 17.97 25.62 -26.61
CA HIS J 251 18.86 26.75 -26.37
C HIS J 251 19.76 26.98 -27.57
N GLU J 252 20.73 27.87 -27.41
CA GLU J 252 21.53 28.33 -28.54
C GLU J 252 22.85 28.91 -28.03
N ILE J 253 23.97 28.52 -28.63
CA ILE J 253 25.26 29.14 -28.39
C ILE J 253 25.84 29.55 -29.74
N SER J 254 26.20 30.81 -29.88
CA SER J 254 26.90 31.27 -31.07
C SER J 254 28.31 31.69 -30.71
N LEU J 255 29.28 31.08 -31.37
CA LEU J 255 30.68 31.24 -31.01
C LEU J 255 31.36 32.27 -31.90
N LYS J 256 32.59 32.59 -31.52
CA LYS J 256 33.45 33.49 -32.26
C LYS J 256 33.91 32.80 -33.55
N TYR J 257 34.40 33.59 -34.50
CA TYR J 257 34.90 33.05 -35.75
C TYR J 257 36.31 32.54 -35.57
N PHE J 258 36.60 31.38 -36.14
CA PHE J 258 37.90 30.76 -35.95
C PHE J 258 38.38 30.24 -37.30
N ASP J 259 39.65 29.84 -37.33
CA ASP J 259 40.21 29.12 -38.45
C ASP J 259 39.48 27.78 -38.62
N ALA J 260 39.39 27.31 -39.87
CA ALA J 260 38.54 26.17 -40.18
C ALA J 260 39.04 24.88 -39.57
N LEU J 261 40.33 24.77 -39.30
CA LEU J 261 40.83 23.57 -38.61
C LEU J 261 40.59 23.66 -37.12
N THR J 262 40.66 24.85 -36.54
CA THR J 262 40.40 24.97 -35.11
C THR J 262 38.94 25.16 -34.81
N ASN J 263 38.10 25.41 -35.82
CA ASN J 263 36.68 25.43 -35.59
C ASN J 263 36.14 24.04 -35.33
N ALA J 264 36.47 23.09 -36.21
CA ALA J 264 35.97 21.74 -36.05
C ALA J 264 36.58 21.06 -34.83
N ASP J 265 37.77 21.48 -34.42
CA ASP J 265 38.31 21.05 -33.14
C ASP J 265 37.50 21.61 -31.99
N PHE J 266 37.07 22.87 -32.09
CA PHE J 266 36.34 23.48 -30.99
C PHE J 266 34.89 23.03 -30.96
N LEU J 267 34.38 22.45 -32.05
CA LEU J 267 33.02 21.95 -32.01
C LEU J 267 32.92 20.64 -31.25
N LEU J 268 33.90 19.76 -31.36
CA LEU J 268 33.88 18.55 -30.55
C LEU J 268 34.06 18.84 -29.08
N ILE J 269 34.91 19.81 -28.74
CA ILE J 269 35.14 20.16 -27.35
C ILE J 269 33.93 20.85 -26.77
N THR J 270 33.21 21.63 -27.58
CA THR J 270 32.00 22.29 -27.09
C THR J 270 30.89 21.29 -26.81
N LYS J 271 30.65 20.36 -27.73
CA LYS J 271 29.59 19.37 -27.55
C LYS J 271 29.83 18.45 -26.36
N GLN J 272 31.08 18.18 -26.02
CA GLN J 272 31.34 17.35 -24.86
C GLN J 272 31.27 18.16 -23.58
N ILE J 273 31.59 19.44 -23.64
CA ILE J 273 31.49 20.29 -22.46
C ILE J 273 30.03 20.61 -22.17
N ILE J 274 29.23 20.77 -23.21
CA ILE J 274 27.79 20.96 -23.03
C ILE J 274 27.16 19.69 -22.46
N LYS J 275 27.60 18.52 -22.93
CA LYS J 275 27.04 17.26 -22.45
C LYS J 275 27.41 16.97 -21.00
N THR J 276 28.63 17.28 -20.59
CA THR J 276 29.06 16.96 -19.23
C THR J 276 28.58 17.96 -18.21
N THR J 277 28.53 19.24 -18.55
CA THR J 277 28.08 20.22 -17.56
C THR J 277 26.57 20.15 -17.38
N VAL J 278 25.84 19.69 -18.38
CA VAL J 278 24.41 19.46 -18.21
C VAL J 278 24.19 18.22 -17.36
N SER J 279 24.95 17.16 -17.59
CA SER J 279 24.75 15.92 -16.85
C SER J 279 25.25 15.99 -15.43
N SER J 280 26.02 17.02 -15.06
CA SER J 280 26.36 17.22 -13.66
C SER J 280 25.25 17.93 -12.92
N PHE J 281 24.25 18.43 -13.64
CA PHE J 281 23.02 18.95 -13.07
C PHE J 281 21.91 17.92 -13.09
N ASN J 282 22.26 16.66 -13.36
CA ASN J 282 21.32 15.55 -13.53
C ASN J 282 20.27 15.81 -14.60
N ARG J 283 20.72 16.25 -15.78
CA ARG J 283 19.87 16.37 -16.94
C ARG J 283 20.59 15.78 -18.14
N THR J 284 19.91 15.74 -19.28
CA THR J 284 20.52 15.30 -20.52
C THR J 284 20.51 16.44 -21.51
N ALA J 285 21.47 16.42 -22.45
CA ALA J 285 21.51 17.42 -23.51
C ALA J 285 21.70 16.68 -24.83
N THR J 286 20.92 17.05 -25.84
CA THR J 286 20.97 16.34 -27.10
C THR J 286 21.24 17.29 -28.26
N PHE J 287 21.74 16.72 -29.34
CA PHE J 287 22.01 17.44 -30.58
C PHE J 287 21.35 16.74 -31.76
N MET J 288 20.28 16.00 -31.50
CA MET J 288 19.52 15.37 -32.57
C MET J 288 18.88 16.43 -33.44
N PRO J 289 18.81 16.23 -34.75
CA PRO J 289 17.83 16.97 -35.53
C PRO J 289 16.47 16.34 -35.38
N LYS J 290 15.50 17.15 -34.98
CA LYS J 290 14.14 16.71 -34.68
C LYS J 290 14.02 15.57 -33.66
N PRO J 291 14.20 15.85 -32.38
CA PRO J 291 13.36 15.19 -31.38
C PRO J 291 12.05 15.96 -31.31
N LEU J 292 11.01 15.30 -30.80
CA LEU J 292 9.71 15.94 -30.53
C LEU J 292 9.06 16.52 -31.78
N VAL J 293 8.32 15.64 -32.49
CA VAL J 293 7.59 15.87 -33.74
C VAL J 293 6.97 17.25 -33.89
N ASN J 294 6.31 17.74 -32.85
CA ASN J 294 5.64 19.02 -32.95
C ASN J 294 6.48 20.20 -32.49
N ASP J 295 7.80 20.10 -32.51
CA ASP J 295 8.65 21.26 -32.21
C ASP J 295 9.76 21.42 -33.24
N ASN J 296 10.62 22.40 -33.05
CA ASN J 296 11.66 22.68 -34.03
C ASN J 296 12.80 21.68 -33.93
N GLY J 297 13.75 21.80 -34.86
CA GLY J 297 14.92 20.97 -34.89
C GLY J 297 16.16 21.71 -34.43
N ASN J 298 17.30 21.06 -34.64
CA ASN J 298 18.59 21.62 -34.28
C ASN J 298 19.46 21.71 -35.52
N GLY J 299 19.95 22.92 -35.81
CA GLY J 299 20.72 23.14 -37.02
C GLY J 299 22.14 23.56 -36.70
N LEU J 300 22.89 23.79 -37.77
CA LEU J 300 24.19 24.45 -37.71
C LEU J 300 24.19 25.54 -38.77
N HIS J 301 24.22 26.79 -38.34
CA HIS J 301 24.43 27.88 -39.27
C HIS J 301 25.94 28.07 -39.39
N CYS J 302 26.48 27.84 -40.59
CA CYS J 302 27.91 27.95 -40.84
C CYS J 302 28.17 29.25 -41.57
N ASN J 303 28.58 30.28 -40.83
CA ASN J 303 28.95 31.54 -41.44
C ASN J 303 30.37 31.46 -41.99
N ILE J 304 30.51 31.46 -43.31
CA ILE J 304 31.78 31.20 -43.98
C ILE J 304 32.27 32.49 -44.63
N SER J 305 33.57 32.70 -44.61
CA SER J 305 34.22 33.79 -45.33
C SER J 305 35.66 33.42 -45.59
N LEU J 306 36.22 33.89 -46.70
CA LEU J 306 37.61 33.57 -47.05
C LEU J 306 38.47 34.83 -46.99
N TRP J 307 39.76 34.62 -46.77
CA TRP J 307 40.68 35.71 -46.53
C TRP J 307 41.96 35.52 -47.30
N LYS J 308 42.50 36.63 -47.81
CA LYS J 308 43.80 36.65 -48.50
C LYS J 308 44.53 37.90 -48.10
N ASN J 309 45.67 37.73 -47.41
CA ASN J 309 46.54 38.82 -46.95
C ASN J 309 45.79 39.82 -46.09
N ASN J 310 45.02 39.26 -45.14
CA ASN J 310 44.11 40.00 -44.25
C ASN J 310 43.11 40.86 -45.01
N LYS J 311 42.67 40.37 -46.17
CA LYS J 311 41.63 41.03 -46.96
C LYS J 311 40.60 40.00 -47.38
N ASN J 312 39.33 40.40 -47.35
CA ASN J 312 38.25 39.52 -47.75
C ASN J 312 38.28 39.25 -49.25
N ILE J 313 38.15 37.97 -49.57
CA ILE J 313 38.01 37.55 -50.95
C ILE J 313 36.64 38.06 -51.39
N PHE J 314 35.67 37.98 -50.46
CA PHE J 314 34.30 38.42 -50.69
C PHE J 314 34.15 39.93 -50.44
N TYR J 315 34.71 40.77 -51.31
CA TYR J 315 34.58 42.22 -51.17
C TYR J 315 35.28 42.87 -52.34
N HIS J 316 34.59 43.81 -53.01
CA HIS J 316 35.17 44.46 -54.18
C HIS J 316 35.15 45.98 -54.10
N ASN J 317 34.53 46.56 -53.07
CA ASN J 317 34.55 48.00 -52.77
C ASN J 317 33.95 48.80 -53.92
N ASP J 318 32.68 48.39 -54.18
CA ASP J 318 31.63 48.84 -55.13
C ASP J 318 30.20 48.33 -54.66
N PRO J 319 29.15 48.93 -55.24
CA PRO J 319 27.70 48.81 -55.12
C PRO J 319 27.09 48.32 -56.43
N SER J 320 25.85 47.83 -56.31
CA SER J 320 24.91 47.23 -57.31
C SER J 320 25.03 45.71 -57.31
N THR J 321 26.15 45.25 -56.77
CA THR J 321 26.44 43.84 -56.51
C THR J 321 26.58 43.67 -54.99
N PHE J 322 26.15 44.69 -54.26
CA PHE J 322 26.25 44.71 -52.81
C PHE J 322 27.69 44.62 -52.32
N PHE J 323 28.62 45.24 -53.05
CA PHE J 323 30.02 45.19 -52.61
C PHE J 323 30.65 43.81 -52.74
N LEU J 324 30.04 42.91 -53.51
CA LEU J 324 30.53 41.56 -53.70
C LEU J 324 31.31 41.50 -54.99
N SER J 325 32.05 40.42 -55.12
CA SER J 325 32.86 40.13 -56.28
C SER J 325 32.33 38.83 -56.84
N LYS J 326 32.59 38.62 -58.12
CA LYS J 326 32.11 37.41 -58.77
C LYS J 326 32.76 36.24 -58.07
N GLU J 327 33.86 36.48 -57.37
CA GLU J 327 34.56 35.37 -56.76
C GLU J 327 33.79 34.84 -55.57
N SER J 328 32.72 35.52 -55.15
CA SER J 328 31.84 35.12 -54.07
C SER J 328 30.64 34.32 -54.56
N PHE J 329 29.98 34.78 -55.62
CA PHE J 329 28.89 34.02 -56.22
C PHE J 329 29.38 32.72 -56.85
N TYR J 330 30.64 32.67 -57.26
CA TYR J 330 31.23 31.41 -57.67
C TYR J 330 31.30 30.43 -56.51
N PHE J 331 31.52 30.93 -55.30
CA PHE J 331 31.59 30.05 -54.15
C PHE J 331 30.21 29.60 -53.69
N MET J 332 29.19 30.44 -53.91
CA MET J 332 27.83 30.06 -53.54
C MET J 332 27.28 29.02 -54.50
N TYR J 333 27.42 29.27 -55.80
CA TYR J 333 26.89 28.35 -56.80
C TYR J 333 27.66 27.05 -56.83
N GLY J 334 28.90 27.01 -56.33
CA GLY J 334 29.59 25.75 -56.16
C GLY J 334 28.95 24.88 -55.10
N ILE J 335 28.29 25.48 -54.13
CA ILE J 335 27.55 24.74 -53.12
C ILE J 335 26.18 24.31 -53.65
N VAL J 336 25.49 25.21 -54.34
CA VAL J 336 24.13 24.94 -54.80
C VAL J 336 24.13 23.91 -55.93
N LYS J 337 25.22 23.84 -56.69
CA LYS J 337 25.31 22.79 -57.71
C LYS J 337 25.49 21.42 -57.08
N HIS J 338 26.27 21.34 -56.00
CA HIS J 338 26.63 20.06 -55.39
C HIS J 338 25.91 19.83 -54.07
N ALA J 339 24.74 20.41 -53.88
CA ALA J 339 24.12 20.40 -52.55
C ALA J 339 23.48 19.06 -52.22
N LYS J 340 23.04 18.30 -53.22
CA LYS J 340 22.51 16.97 -52.92
C LYS J 340 23.62 15.98 -52.63
N ALA J 341 24.84 16.27 -53.06
CA ALA J 341 25.97 15.43 -52.67
C ALA J 341 26.49 15.80 -51.30
N LEU J 342 26.36 17.07 -50.90
CA LEU J 342 26.78 17.48 -49.57
C LEU J 342 25.82 16.99 -48.51
N GLN J 343 24.57 16.70 -48.86
CA GLN J 343 23.59 16.25 -47.90
C GLN J 343 23.87 14.86 -47.37
N ALA J 344 24.68 14.09 -48.09
CA ALA J 344 25.08 12.79 -47.63
C ALA J 344 25.93 12.98 -46.38
N PHE J 345 26.82 13.99 -46.42
CA PHE J 345 27.70 14.29 -45.30
C PHE J 345 27.14 15.27 -44.28
N CYS J 346 26.55 16.37 -44.76
CA CYS J 346 25.99 17.40 -43.87
C CYS J 346 24.81 16.94 -43.01
N ASN J 347 23.81 16.30 -43.61
CA ASN J 347 22.79 15.68 -42.77
C ASN J 347 22.70 14.26 -43.26
N ALA J 348 23.24 13.33 -42.50
CA ALA J 348 23.26 11.94 -42.91
C ALA J 348 22.74 11.07 -41.81
N THR J 349 21.47 11.26 -41.51
CA THR J 349 20.75 10.51 -40.51
C THR J 349 19.32 10.43 -40.99
N MET J 350 18.61 9.43 -40.50
CA MET J 350 17.20 9.29 -40.85
C MET J 350 16.34 10.27 -40.08
N ASN J 351 16.86 10.84 -39.01
CA ASN J 351 16.18 11.92 -38.29
C ASN J 351 16.18 13.22 -39.05
N SER J 352 17.23 13.50 -39.81
CA SER J 352 17.40 14.83 -40.35
C SER J 352 16.40 15.13 -41.44
N TYR J 353 15.87 14.13 -42.10
CA TYR J 353 14.86 14.33 -43.11
C TYR J 353 13.46 14.38 -42.52
N LYS J 354 13.35 14.29 -41.20
CA LYS J 354 12.16 14.72 -40.49
C LYS J 354 12.26 16.18 -40.11
N ARG J 355 13.36 16.83 -40.49
CA ARG J 355 13.51 18.26 -40.24
C ARG J 355 13.11 19.09 -41.46
N LEU J 356 12.92 18.44 -42.60
CA LEU J 356 12.56 19.15 -43.84
C LEU J 356 11.12 18.96 -44.36
N VAL J 357 10.46 17.89 -43.94
CA VAL J 357 9.09 17.60 -44.37
C VAL J 357 8.09 18.76 -44.21
N PRO J 358 7.95 19.33 -43.00
CA PRO J 358 6.89 20.33 -42.86
C PRO J 358 7.03 21.55 -43.74
N GLY J 359 8.25 22.07 -43.85
CA GLY J 359 8.51 23.26 -44.65
C GLY J 359 8.34 24.57 -43.90
N PHE J 360 7.84 24.50 -42.66
CA PHE J 360 7.68 25.73 -41.90
C PHE J 360 9.06 26.08 -41.37
N GLU J 361 9.53 27.28 -41.72
CA GLU J 361 10.85 27.77 -41.32
C GLU J 361 11.87 26.72 -41.76
N THR J 362 11.64 26.16 -42.94
CA THR J 362 12.48 25.10 -43.46
C THR J 362 12.90 25.44 -44.88
N CYS J 363 13.99 24.81 -45.31
CA CYS J 363 14.50 25.02 -46.65
C CYS J 363 13.76 24.12 -47.61
N GLN J 364 12.98 24.69 -48.52
CA GLN J 364 12.37 23.90 -49.58
C GLN J 364 13.14 23.94 -50.87
N LYS J 365 13.76 25.08 -51.20
CA LYS J 365 14.32 25.29 -52.51
C LYS J 365 15.82 25.55 -52.38
N LEU J 366 16.52 25.38 -53.50
CA LEU J 366 17.98 25.38 -53.52
C LEU J 366 18.44 26.63 -54.26
N PHE J 367 18.51 27.75 -53.53
CA PHE J 367 18.98 29.02 -54.06
C PHE J 367 19.50 29.84 -52.90
N TYR J 368 20.01 31.04 -53.21
CA TYR J 368 20.48 31.95 -52.17
C TYR J 368 19.68 33.26 -52.21
N SER J 369 19.12 33.65 -51.07
CA SER J 369 18.31 34.88 -50.99
C SER J 369 18.57 35.70 -49.73
N PHE J 370 18.43 37.01 -49.84
CA PHE J 370 18.62 37.93 -48.73
C PHE J 370 17.63 37.76 -47.57
N GLY J 371 16.36 37.56 -47.89
CA GLY J 371 15.33 37.39 -46.88
C GLY J 371 14.27 36.36 -47.18
N SER J 372 14.59 35.31 -47.92
CA SER J 372 13.64 34.24 -48.18
C SER J 372 13.87 33.14 -47.16
N ARG J 373 12.79 32.74 -46.46
CA ARG J 373 12.92 31.73 -45.42
C ARG J 373 13.20 30.35 -45.98
N SER J 374 12.80 30.09 -47.22
CA SER J 374 12.99 28.79 -47.84
C SER J 374 14.28 28.72 -48.65
N ALA J 375 15.26 29.54 -48.33
CA ALA J 375 16.54 29.53 -49.02
C ALA J 375 17.56 28.74 -48.20
N VAL J 376 18.49 28.12 -48.89
CA VAL J 376 19.52 27.33 -48.22
C VAL J 376 20.63 28.23 -47.72
N ILE J 377 21.09 29.15 -48.57
CA ILE J 377 22.13 30.10 -48.23
C ILE J 377 21.48 31.48 -48.09
N ARG J 378 21.77 32.17 -46.99
CA ARG J 378 21.22 33.50 -46.79
C ARG J 378 22.34 34.51 -46.62
N LEU J 379 22.30 35.57 -47.42
CA LEU J 379 23.32 36.60 -47.34
C LEU J 379 22.91 37.70 -46.36
N SER J 380 23.90 38.35 -45.80
CA SER J 380 23.71 39.25 -44.67
C SER J 380 23.50 40.67 -45.19
N LEU J 381 22.42 41.31 -44.76
CA LEU J 381 22.15 42.70 -45.09
C LEU J 381 22.49 43.64 -43.94
N ILE J 382 22.90 43.12 -42.78
CA ILE J 382 23.49 43.95 -41.73
C ILE J 382 24.90 44.36 -42.10
N ASN J 383 25.16 45.67 -42.07
CA ASN J 383 26.46 46.29 -42.32
C ASN J 383 27.05 45.85 -43.67
N TYR J 384 26.30 46.14 -44.72
CA TYR J 384 26.74 45.78 -46.07
C TYR J 384 27.97 46.56 -46.50
N SER J 385 28.23 47.73 -45.90
CA SER J 385 29.39 48.51 -46.27
C SER J 385 30.66 48.04 -45.59
N ASN J 386 30.54 47.25 -44.52
CA ASN J 386 31.72 46.85 -43.77
C ASN J 386 32.34 45.61 -44.40
N PRO J 387 33.66 45.60 -44.64
CA PRO J 387 34.27 44.45 -45.32
C PRO J 387 34.46 43.23 -44.44
N SER J 388 34.74 43.44 -43.15
CA SER J 388 34.91 42.38 -42.20
C SER J 388 33.60 41.63 -42.02
N GLU J 389 32.50 42.38 -41.97
CA GLU J 389 31.17 41.79 -41.80
C GLU J 389 30.54 41.32 -43.10
N LYS J 390 31.17 40.35 -43.74
CA LYS J 390 30.68 39.76 -44.98
C LYS J 390 30.71 38.26 -44.74
N ARG J 391 29.65 37.55 -45.09
CA ARG J 391 29.68 36.12 -44.85
C ARG J 391 28.65 35.42 -45.72
N ILE J 392 28.64 34.09 -45.61
CA ILE J 392 27.72 33.23 -46.34
C ILE J 392 27.17 32.24 -45.32
N GLU J 393 25.87 32.28 -45.09
CA GLU J 393 25.24 31.47 -44.05
C GLU J 393 24.60 30.25 -44.67
N PHE J 394 25.30 29.12 -44.61
CA PHE J 394 24.80 27.84 -45.09
C PHE J 394 23.92 27.24 -43.99
N ARG J 395 22.66 26.96 -44.26
CA ARG J 395 21.78 26.43 -43.20
C ARG J 395 21.36 24.96 -43.22
N LEU J 396 21.84 24.19 -44.18
CA LEU J 396 21.49 22.77 -44.28
C LEU J 396 21.96 21.75 -43.21
N PRO J 397 23.21 21.87 -42.75
CA PRO J 397 23.86 20.92 -41.84
C PRO J 397 23.31 20.74 -40.43
N ASP J 398 23.64 19.58 -39.82
CA ASP J 398 23.28 19.18 -38.44
C ASP J 398 24.55 18.95 -37.67
N CYS J 399 24.39 18.93 -36.36
CA CYS J 399 25.50 18.65 -35.49
C CYS J 399 25.64 17.13 -35.39
N ALA J 400 24.74 16.36 -36.02
CA ALA J 400 24.89 14.92 -35.85
C ALA J 400 26.17 14.38 -36.48
N ASN J 401 26.54 14.86 -37.66
CA ASN J 401 27.69 14.30 -38.35
C ASN J 401 28.98 14.85 -37.77
N SER J 402 30.10 14.30 -38.25
CA SER J 402 31.39 14.75 -37.78
C SER J 402 31.74 16.10 -38.40
N PRO J 403 32.15 17.08 -37.61
CA PRO J 403 32.35 18.44 -38.14
C PRO J 403 33.56 18.59 -39.05
N HIS J 404 34.49 17.64 -39.02
CA HIS J 404 35.61 17.72 -39.94
C HIS J 404 35.23 17.24 -41.33
N LEU J 405 34.34 16.26 -41.43
CA LEU J 405 33.91 15.79 -42.73
C LEU J 405 32.96 16.77 -43.40
N VAL J 406 32.15 17.49 -42.61
CA VAL J 406 31.20 18.42 -43.20
C VAL J 406 31.92 19.65 -43.71
N MET J 407 32.82 20.22 -42.91
CA MET J 407 33.46 21.46 -43.30
C MET J 407 34.52 21.24 -44.37
N ALA J 408 34.98 20.02 -44.55
CA ALA J 408 35.88 19.75 -45.66
C ALA J 408 35.12 19.54 -46.95
N ALA J 409 33.89 19.04 -46.89
CA ALA J 409 33.12 18.85 -48.09
C ALA J 409 32.57 20.16 -48.62
N ILE J 410 32.33 21.13 -47.74
CA ILE J 410 31.82 22.43 -48.17
C ILE J 410 32.90 23.22 -48.88
N ILE J 411 34.13 23.18 -48.36
CA ILE J 411 35.24 23.88 -48.98
C ILE J 411 35.60 23.24 -50.32
N LEU J 412 35.60 21.91 -50.38
CA LEU J 412 35.92 21.24 -51.63
C LEU J 412 34.81 21.39 -52.67
N ALA J 413 33.58 21.62 -52.22
CA ALA J 413 32.52 21.94 -53.18
C ALA J 413 32.59 23.39 -53.60
N GLY J 414 32.86 24.29 -52.65
CA GLY J 414 32.94 25.70 -52.98
C GLY J 414 34.20 26.05 -53.75
N TYR J 415 35.26 25.27 -53.61
CA TYR J 415 36.44 25.52 -54.40
C TYR J 415 36.24 25.10 -55.84
N ASP J 416 35.40 24.09 -56.08
CA ASP J 416 35.09 23.71 -57.45
C ASP J 416 34.13 24.67 -58.11
N GLY J 417 33.59 25.64 -57.38
CA GLY J 417 32.81 26.68 -58.02
C GLY J 417 33.63 27.83 -58.54
N ILE J 418 34.87 27.96 -58.08
CA ILE J 418 35.72 29.05 -58.55
C ILE J 418 36.56 28.62 -59.73
N LYS J 419 37.10 27.41 -59.70
CA LYS J 419 37.91 26.93 -60.83
C LYS J 419 37.05 26.63 -62.05
N SER J 420 35.77 26.29 -61.87
CA SER J 420 34.95 25.89 -63.00
C SER J 420 34.48 27.07 -63.83
N LYS J 421 34.33 28.24 -63.21
CA LYS J 421 33.91 29.49 -63.86
C LYS J 421 32.54 29.39 -64.53
N GLU J 422 31.64 28.58 -64.00
CA GLU J 422 30.29 28.54 -64.53
C GLU J 422 29.47 29.71 -64.00
N GLN J 423 28.30 29.92 -64.61
CA GLN J 423 27.52 31.07 -64.21
C GLN J 423 26.77 30.80 -62.91
N PRO J 424 26.79 31.75 -61.98
CA PRO J 424 25.95 31.64 -60.78
C PRO J 424 24.48 31.89 -61.12
N LEU J 425 23.63 31.65 -60.14
CA LEU J 425 22.19 31.78 -60.28
C LEU J 425 21.73 33.13 -59.75
N VAL J 426 20.52 33.52 -60.14
CA VAL J 426 19.91 34.77 -59.68
C VAL J 426 19.54 34.64 -58.21
N PRO J 427 19.66 35.70 -57.40
CA PRO J 427 19.28 35.60 -55.98
C PRO J 427 17.81 35.27 -55.66
N PHE J 428 16.84 35.69 -56.48
CA PHE J 428 15.48 35.11 -56.49
C PHE J 428 14.73 35.29 -55.16
N GLU J 429 14.56 36.54 -54.74
CA GLU J 429 13.82 36.80 -53.50
C GLU J 429 12.32 36.71 -53.75
N SER J 430 11.61 35.90 -52.97
CA SER J 430 10.26 35.50 -53.31
C SER J 430 9.25 35.92 -52.26
N LYS J 431 8.45 36.95 -52.55
CA LYS J 431 7.55 37.52 -51.55
C LYS J 431 6.53 36.54 -51.05
N ASP J 432 5.95 35.82 -51.99
CA ASP J 432 4.98 34.80 -51.71
C ASP J 432 5.57 33.69 -52.54
N ASN J 433 4.79 33.21 -53.49
CA ASN J 433 5.25 32.19 -54.39
C ASN J 433 5.89 32.88 -55.59
N HIS J 434 5.69 34.18 -55.69
CA HIS J 434 6.23 34.96 -56.79
C HIS J 434 7.69 35.29 -56.51
N PHE J 435 8.59 34.69 -57.27
CA PHE J 435 10.01 34.99 -57.17
C PHE J 435 10.28 36.33 -57.84
N TYR J 436 10.72 37.32 -57.07
CA TYR J 436 11.12 38.60 -57.61
C TYR J 436 12.64 38.61 -57.85
N ILE J 437 13.09 39.69 -58.47
CA ILE J 437 14.51 39.95 -58.69
C ILE J 437 14.77 41.39 -58.24
N SER J 438 15.86 41.59 -57.50
CA SER J 438 16.16 42.90 -56.93
C SER J 438 16.43 43.94 -58.02
N SER J 439 16.36 45.20 -57.61
CA SER J 439 16.63 46.31 -58.53
C SER J 439 18.08 46.31 -58.97
N ILE J 440 18.98 45.86 -58.09
CA ILE J 440 20.39 45.80 -58.44
C ILE J 440 20.67 44.65 -59.41
N PHE J 441 19.85 43.60 -59.36
CA PHE J 441 20.01 42.51 -60.31
C PHE J 441 19.05 42.60 -61.48
N SER J 442 18.15 43.59 -61.48
CA SER J 442 17.37 43.81 -62.69
C SER J 442 18.24 44.38 -63.80
N LYS J 443 19.24 45.18 -63.46
CA LYS J 443 19.99 45.83 -64.51
C LYS J 443 21.07 44.99 -65.20
N TYR J 444 20.73 44.56 -66.40
CA TYR J 444 21.60 43.82 -67.30
C TYR J 444 22.31 42.55 -66.82
N VAL J 445 21.67 41.64 -66.09
CA VAL J 445 22.47 40.47 -65.73
C VAL J 445 22.05 39.22 -66.47
N GLN J 446 20.89 39.19 -67.12
CA GLN J 446 20.44 38.05 -67.90
C GLN J 446 19.98 38.60 -69.26
N HIS J 447 20.74 38.29 -70.30
CA HIS J 447 20.28 38.61 -71.65
C HIS J 447 19.15 37.71 -72.12
N PRO J 448 19.28 36.38 -72.13
CA PRO J 448 18.16 35.57 -72.63
C PRO J 448 17.26 35.09 -71.50
N GLU J 449 16.11 34.52 -71.91
CA GLU J 449 15.06 34.03 -71.01
C GLU J 449 14.58 35.11 -70.03
N ASN J 450 14.00 36.17 -70.58
CA ASN J 450 13.39 37.22 -69.77
C ASN J 450 11.96 36.80 -69.43
N PHE J 451 11.83 36.05 -68.33
CA PHE J 451 10.56 35.50 -67.89
C PHE J 451 10.02 36.19 -66.65
N ASN J 452 10.89 36.63 -65.75
CA ASN J 452 10.50 37.33 -64.54
C ASN J 452 10.28 38.82 -64.74
N ILE J 453 10.07 39.27 -65.99
CA ILE J 453 9.92 40.69 -66.27
C ILE J 453 8.63 41.23 -65.68
N LEU J 454 7.62 40.37 -65.50
CA LEU J 454 6.41 40.77 -64.78
C LEU J 454 6.69 40.94 -63.29
N THR J 455 7.65 40.20 -62.75
CA THR J 455 7.98 40.26 -61.32
C THR J 455 9.30 41.02 -61.12
N HIS J 456 9.19 42.35 -61.05
CA HIS J 456 10.32 43.21 -60.72
C HIS J 456 9.95 44.33 -59.76
N ALA J 457 8.86 44.19 -59.01
CA ALA J 457 8.39 45.27 -58.13
C ALA J 457 9.25 45.29 -56.88
N LEU J 458 10.36 46.02 -56.93
CA LEU J 458 11.28 46.11 -55.80
C LEU J 458 11.93 47.50 -55.80
N GLU J 459 12.27 47.95 -54.60
CA GLU J 459 12.96 49.23 -54.37
C GLU J 459 14.24 49.08 -53.55
N GLY J 460 14.40 48.00 -52.80
CA GLY J 460 15.64 47.67 -52.13
C GLY J 460 15.97 48.61 -50.97
N TYR J 461 17.27 48.76 -50.73
CA TYR J 461 17.81 49.77 -49.84
C TYR J 461 17.83 51.11 -50.57
N GLU J 462 18.22 52.17 -49.86
CA GLU J 462 18.11 53.49 -50.47
C GLU J 462 19.28 53.72 -51.42
N SER J 463 18.96 54.03 -52.67
CA SER J 463 19.95 54.27 -53.72
C SER J 463 19.28 55.11 -54.79
N LEU J 464 19.86 56.26 -55.08
CA LEU J 464 19.36 57.14 -56.13
C LEU J 464 20.50 57.49 -57.07
N HIS J 465 20.19 57.56 -58.37
CA HIS J 465 21.14 57.78 -59.46
C HIS J 465 22.25 56.74 -59.45
N THR J 466 21.84 55.49 -59.61
CA THR J 466 22.75 54.35 -59.49
C THR J 466 23.66 54.24 -60.71
N ILE J 467 24.78 53.55 -60.52
CA ILE J 467 25.78 53.37 -61.56
C ILE J 467 25.84 51.89 -61.92
N ASN J 468 25.75 51.60 -63.21
CA ASN J 468 25.84 50.23 -63.72
C ASN J 468 27.27 49.93 -64.13
N GLU J 469 27.95 49.08 -63.37
CA GLU J 469 29.30 48.69 -63.71
C GLU J 469 29.29 47.73 -64.87
N SER J 470 30.05 48.05 -65.91
CA SER J 470 30.00 47.29 -67.16
C SER J 470 30.62 45.88 -67.10
N PRO J 471 31.82 45.63 -66.56
CA PRO J 471 32.35 44.26 -66.66
C PRO J 471 31.74 43.28 -65.67
N GLU J 472 31.15 43.76 -64.57
CA GLU J 472 30.53 42.87 -63.62
C GLU J 472 29.09 42.53 -64.01
N PHE J 473 28.46 43.39 -64.80
CA PHE J 473 27.06 43.21 -65.13
C PHE J 473 26.75 42.52 -66.44
N LYS J 474 27.61 41.61 -66.87
CA LYS J 474 27.35 40.97 -68.16
C LYS J 474 26.23 39.99 -67.94
N ASN J 475 26.09 38.98 -68.80
CA ASN J 475 25.01 38.01 -68.60
C ASN J 475 25.21 37.34 -67.24
N PHE J 476 26.45 36.93 -66.97
CA PHE J 476 26.92 36.38 -65.70
C PHE J 476 25.92 35.57 -64.90
N PHE J 477 24.65 35.98 -64.89
CA PHE J 477 23.76 35.14 -64.11
C PHE J 477 22.86 34.36 -65.04
N LYS J 478 22.50 33.15 -64.64
CA LYS J 478 21.55 32.35 -65.39
C LYS J 478 20.20 32.35 -64.69
N CYS J 479 19.14 32.48 -65.47
CA CYS J 479 17.78 32.43 -64.96
C CYS J 479 17.20 31.05 -65.27
N GLU J 480 17.47 30.09 -64.39
CA GLU J 480 16.78 28.82 -64.39
C GLU J 480 15.85 28.79 -63.20
N GLU J 481 15.03 27.75 -63.15
CA GLU J 481 14.20 27.53 -61.98
C GLU J 481 15.06 26.94 -60.86
N PRO J 482 14.90 27.43 -59.63
CA PRO J 482 15.67 26.86 -58.51
C PRO J 482 15.19 25.46 -58.18
N GLN J 483 16.11 24.53 -58.15
CA GLN J 483 15.78 23.13 -57.93
C GLN J 483 15.46 22.87 -56.46
N GLY J 484 15.09 21.63 -56.17
CA GLY J 484 14.77 21.23 -54.82
C GLY J 484 15.95 20.59 -54.12
N ILE J 485 15.68 20.10 -52.91
CA ILE J 485 16.66 19.44 -52.08
C ILE J 485 16.25 17.98 -51.99
N SER J 486 17.18 17.10 -51.65
CA SER J 486 16.81 15.72 -51.41
C SER J 486 16.15 15.59 -50.04
N PHE J 487 15.07 14.82 -49.97
CA PHE J 487 14.30 14.68 -48.74
C PHE J 487 14.43 13.32 -48.10
N SER J 488 15.41 12.51 -48.52
CA SER J 488 15.68 11.22 -47.89
C SER J 488 17.11 10.81 -48.19
N LEU J 489 17.61 9.84 -47.43
CA LEU J 489 18.97 9.35 -47.63
C LEU J 489 19.13 8.55 -48.91
N VAL J 490 18.06 7.92 -49.39
CA VAL J 490 18.19 7.15 -50.61
C VAL J 490 18.30 8.08 -51.82
N GLU J 491 17.86 9.32 -51.69
CA GLU J 491 18.11 10.31 -52.73
C GLU J 491 19.48 10.95 -52.59
N SER J 492 19.98 11.09 -51.37
CA SER J 492 21.25 11.79 -51.17
C SER J 492 22.44 10.89 -51.37
N LEU J 493 22.32 9.60 -51.03
CA LEU J 493 23.41 8.69 -51.27
C LEU J 493 23.53 8.34 -52.74
N ASP J 494 22.43 8.37 -53.49
CA ASP J 494 22.53 8.17 -54.93
C ASP J 494 23.04 9.41 -55.62
N ALA J 495 22.84 10.59 -55.04
CA ALA J 495 23.45 11.79 -55.59
C ALA J 495 24.95 11.83 -55.31
N LEU J 496 25.37 11.21 -54.22
CA LEU J 496 26.80 11.12 -53.94
C LEU J 496 27.48 10.10 -54.86
N GLU J 497 26.77 9.06 -55.28
CA GLU J 497 27.36 8.06 -56.16
C GLU J 497 27.63 8.58 -57.56
N LYS J 498 26.78 9.49 -58.04
CA LYS J 498 26.95 10.04 -59.37
C LYS J 498 27.67 11.38 -59.33
N ASP J 499 27.83 11.91 -58.13
CA ASP J 499 28.49 13.20 -57.96
C ASP J 499 29.55 13.19 -56.86
N HIS J 500 30.65 12.48 -57.10
CA HIS J 500 31.73 12.44 -56.12
C HIS J 500 33.04 12.91 -56.73
N ALA J 501 32.95 13.72 -57.78
CA ALA J 501 34.12 14.12 -58.53
C ALA J 501 34.82 15.33 -57.93
N PHE J 502 34.08 16.25 -57.31
CA PHE J 502 34.69 17.41 -56.69
C PHE J 502 35.41 17.06 -55.40
N LEU J 503 35.15 15.89 -54.83
CA LEU J 503 35.79 15.48 -53.59
C LEU J 503 37.09 14.72 -53.84
N THR J 504 37.25 14.12 -55.01
CA THR J 504 38.40 13.29 -55.31
C THR J 504 39.56 14.06 -55.90
N VAL J 505 39.56 15.39 -55.77
CA VAL J 505 40.63 16.21 -56.30
C VAL J 505 41.86 16.07 -55.40
N ASN J 506 43.00 15.75 -56.03
CA ASN J 506 44.29 15.46 -55.36
C ASN J 506 44.18 14.33 -54.34
N ASN J 507 43.24 13.42 -54.56
CA ASN J 507 43.03 12.21 -53.76
C ASN J 507 42.81 12.52 -52.28
N ILE J 508 42.03 13.56 -52.01
CA ILE J 508 41.72 13.92 -50.62
C ILE J 508 40.71 12.94 -50.04
N PHE J 509 39.56 12.82 -50.67
CA PHE J 509 38.62 11.73 -50.41
C PHE J 509 38.95 10.63 -51.41
N THR J 510 39.32 9.46 -50.92
CA THR J 510 39.62 8.40 -51.87
C THR J 510 38.33 7.77 -52.36
N GLU J 511 38.45 6.96 -53.41
CA GLU J 511 37.30 6.24 -53.93
C GLU J 511 36.82 5.17 -52.98
N GLU J 512 37.73 4.53 -52.26
CA GLU J 512 37.37 3.52 -51.28
C GLU J 512 36.76 4.12 -50.03
N MET J 513 37.13 5.37 -49.72
CA MET J 513 36.53 6.11 -48.61
C MET J 513 35.05 6.32 -48.83
N ILE J 514 34.65 6.68 -50.04
CA ILE J 514 33.25 7.00 -50.29
C ILE J 514 32.43 5.73 -50.44
N GLN J 515 33.01 4.68 -51.03
CA GLN J 515 32.30 3.41 -51.16
C GLN J 515 32.06 2.76 -49.81
N GLU J 516 33.02 2.85 -48.90
CA GLU J 516 32.83 2.29 -47.57
C GLU J 516 31.90 3.14 -46.72
N TYR J 517 31.70 4.41 -47.09
CA TYR J 517 30.78 5.25 -46.34
C TYR J 517 29.35 5.02 -46.79
N ILE J 518 29.13 4.86 -48.09
CA ILE J 518 27.79 4.62 -48.60
C ILE J 518 27.33 3.22 -48.24
N LYS J 519 28.26 2.27 -48.18
CA LYS J 519 27.92 0.92 -47.76
C LYS J 519 27.53 0.86 -46.29
N PHE J 520 28.08 1.76 -45.46
CA PHE J 520 27.70 1.78 -44.06
C PHE J 520 26.31 2.35 -43.87
N LYS J 521 25.99 3.44 -44.57
CA LYS J 521 24.69 4.08 -44.36
C LYS J 521 23.57 3.25 -44.94
N ARG J 522 23.84 2.48 -45.99
CA ARG J 522 22.82 1.63 -46.58
C ARG J 522 22.55 0.39 -45.76
N GLU J 523 23.41 0.08 -44.79
CA GLU J 523 23.07 -0.92 -43.79
C GLU J 523 22.18 -0.32 -42.72
N GLU J 524 22.32 0.98 -42.45
CA GLU J 524 21.51 1.65 -41.43
C GLU J 524 20.09 1.91 -41.88
N ILE J 525 19.88 2.12 -43.18
CA ILE J 525 18.51 2.31 -43.67
C ILE J 525 17.77 0.98 -43.64
N ASP J 526 18.45 -0.11 -43.97
CA ASP J 526 17.79 -1.41 -44.00
C ASP J 526 17.43 -1.91 -42.61
N ALA J 527 18.27 -1.62 -41.63
CA ALA J 527 17.93 -2.00 -40.27
C ALA J 527 16.92 -1.06 -39.64
N TYR J 528 16.68 0.09 -40.25
CA TYR J 528 15.69 1.03 -39.76
C TYR J 528 14.30 0.71 -40.27
N ASN J 529 14.20 0.15 -41.47
CA ASN J 529 12.90 -0.10 -42.07
C ASN J 529 12.29 -1.43 -41.64
N LYS J 530 13.06 -2.29 -40.98
CA LYS J 530 12.49 -3.53 -40.48
C LYS J 530 11.64 -3.30 -39.24
N TYR J 531 11.86 -2.19 -38.55
CA TYR J 531 11.35 -2.00 -37.21
C TYR J 531 9.90 -1.56 -37.27
N VAL J 532 9.01 -2.34 -36.65
CA VAL J 532 7.58 -2.09 -36.70
C VAL J 532 7.21 -1.08 -35.63
N ASN J 533 6.57 -0.01 -36.05
CA ASN J 533 6.32 1.18 -35.26
C ASN J 533 5.06 1.03 -34.41
N ALA J 534 4.72 2.12 -33.71
CA ALA J 534 3.41 2.25 -33.10
C ALA J 534 2.45 3.06 -33.96
N TYR J 535 2.96 3.73 -34.99
CA TYR J 535 2.12 4.33 -36.01
C TYR J 535 1.63 3.31 -37.02
N ASP J 536 2.24 2.14 -37.06
CA ASP J 536 1.76 1.08 -37.93
C ASP J 536 0.51 0.45 -37.36
N TYR J 537 0.40 0.36 -36.05
CA TYR J 537 -0.80 -0.15 -35.42
C TYR J 537 -1.95 0.84 -35.45
N HIS J 538 -1.65 2.13 -35.41
CA HIS J 538 -2.72 3.12 -35.42
C HIS J 538 -3.36 3.22 -36.79
N LEU J 539 -2.50 3.32 -37.79
CA LEU J 539 -2.84 3.41 -39.21
C LEU J 539 -3.37 2.17 -39.95
N TYR J 540 -2.80 1.01 -39.69
CA TYR J 540 -3.15 -0.19 -40.43
C TYR J 540 -3.53 -1.34 -39.55
N TYR J 541 -4.73 -1.27 -39.02
CA TYR J 541 -5.23 -2.31 -38.13
C TYR J 541 -6.76 -2.36 -38.18
N MET K 1 22.12 44.42 -6.91
CA MET K 1 21.04 44.96 -7.71
C MET K 1 21.12 46.46 -7.83
N LYS K 2 22.32 47.00 -7.74
CA LYS K 2 22.49 48.45 -7.82
C LYS K 2 22.22 48.95 -9.22
N SER K 3 21.67 50.15 -9.30
CA SER K 3 21.31 50.76 -10.57
C SER K 3 22.42 51.72 -10.98
N VAL K 4 22.70 51.77 -12.28
CA VAL K 4 23.73 52.63 -12.84
C VAL K 4 23.08 53.54 -13.87
N SER K 5 23.60 54.76 -13.99
CA SER K 5 23.08 55.74 -14.93
C SER K 5 24.15 56.14 -15.93
N PHE K 6 23.70 56.52 -17.13
CA PHE K 6 24.60 56.89 -18.21
C PHE K 6 24.01 58.07 -18.97
N SER K 7 24.87 58.77 -19.71
CA SER K 7 24.43 59.93 -20.48
C SER K 7 24.55 59.80 -21.99
N ASN K 8 25.57 59.05 -22.44
CA ASN K 8 25.81 58.87 -23.87
C ASN K 8 26.18 57.42 -24.14
N ASN K 9 25.96 56.96 -25.36
CA ASN K 9 26.27 55.56 -25.64
C ASN K 9 27.73 55.22 -25.42
N ALA K 10 28.61 56.21 -25.39
CA ALA K 10 30.02 55.94 -25.16
C ALA K 10 30.31 55.59 -23.72
N GLU K 11 29.54 56.14 -22.77
CA GLU K 11 29.76 55.82 -21.37
C GLU K 11 29.33 54.40 -21.02
N LEU K 12 28.54 53.75 -21.86
CA LEU K 12 28.38 52.30 -21.74
C LEU K 12 29.69 51.59 -22.02
N TYR K 13 30.31 51.91 -23.16
CA TYR K 13 31.46 51.14 -23.63
C TYR K 13 32.68 51.35 -22.75
N GLU K 14 32.79 52.49 -22.07
CA GLU K 14 33.85 52.65 -21.11
C GLU K 14 33.54 51.95 -19.79
N TYR K 15 32.26 51.89 -19.42
CA TYR K 15 31.89 51.22 -18.19
C TYR K 15 31.94 49.72 -18.33
N ILE K 16 31.64 49.21 -19.53
CA ILE K 16 31.65 47.77 -19.78
C ILE K 16 33.07 47.24 -19.81
N LYS K 17 33.98 47.93 -20.48
CA LYS K 17 35.34 47.43 -20.66
C LYS K 17 36.24 47.64 -19.45
N ASP K 18 35.80 48.38 -18.44
CA ASP K 18 36.63 48.61 -17.27
C ASP K 18 36.64 47.37 -16.38
N LYS K 19 37.83 47.01 -15.91
CA LYS K 19 38.01 45.75 -15.20
C LYS K 19 37.62 45.80 -13.74
N LYS K 20 37.36 46.98 -13.19
CA LYS K 20 36.95 47.06 -11.79
C LYS K 20 35.53 46.58 -11.57
N ASN K 21 34.65 46.74 -12.56
CA ASN K 21 33.24 46.49 -12.37
C ASN K 21 32.87 45.03 -12.57
N ASP K 22 33.75 44.25 -13.22
CA ASP K 22 33.61 42.80 -13.41
C ASP K 22 32.36 42.46 -14.21
N VAL K 23 31.95 43.35 -15.11
CA VAL K 23 30.75 43.12 -15.91
C VAL K 23 31.06 42.09 -16.99
N GLU K 24 30.38 40.96 -16.95
CA GLU K 24 30.68 39.83 -17.81
C GLU K 24 29.69 39.66 -18.96
N ILE K 25 28.40 39.85 -18.70
CA ILE K 25 27.35 39.65 -19.68
C ILE K 25 26.56 40.95 -19.78
N VAL K 26 26.15 41.31 -21.00
CA VAL K 26 25.25 42.43 -21.23
C VAL K 26 23.95 41.89 -21.78
N ALA K 27 22.86 42.10 -21.07
CA ALA K 27 21.57 41.57 -21.48
C ALA K 27 20.68 42.69 -22.02
N CYS K 28 19.83 42.33 -22.97
CA CYS K 28 18.93 43.26 -23.62
C CYS K 28 17.50 42.85 -23.31
N ILE K 29 16.57 43.80 -23.31
CA ILE K 29 15.19 43.55 -22.91
C ILE K 29 14.27 44.16 -23.96
N ILE K 30 13.42 43.35 -24.56
CA ILE K 30 12.50 43.80 -25.60
C ILE K 30 11.08 43.55 -25.13
N THR K 31 10.10 44.19 -25.76
CA THR K 31 8.70 44.08 -25.37
C THR K 31 7.85 44.06 -26.63
N ASN K 32 6.69 43.40 -26.55
CA ASN K 32 5.72 43.22 -27.61
C ASN K 32 4.61 44.25 -27.55
N LEU K 33 3.73 44.21 -28.56
CA LEU K 33 2.45 44.92 -28.44
C LEU K 33 1.60 44.32 -27.34
N LEU K 34 1.72 43.01 -27.13
CA LEU K 34 1.17 42.36 -25.96
C LEU K 34 2.18 42.55 -24.84
N GLY K 35 1.81 42.18 -23.62
CA GLY K 35 2.79 42.38 -22.57
C GLY K 35 3.68 41.18 -22.38
N THR K 36 4.87 41.21 -22.96
CA THR K 36 5.80 40.09 -22.79
C THR K 36 7.16 40.64 -22.43
N TYR K 37 8.09 39.74 -22.12
CA TYR K 37 9.38 40.14 -21.58
C TYR K 37 10.43 39.23 -22.20
N PHE K 38 11.11 39.74 -23.22
CA PHE K 38 12.10 38.99 -23.97
C PHE K 38 13.48 39.44 -23.54
N LYS K 39 14.46 38.54 -23.67
CA LYS K 39 15.78 38.82 -23.13
C LYS K 39 16.83 37.96 -23.81
N CYS K 40 17.90 38.59 -24.27
CA CYS K 40 18.99 37.91 -24.94
C CYS K 40 20.30 38.32 -24.27
N PHE K 41 21.26 37.40 -24.24
CA PHE K 41 22.48 37.58 -23.47
C PHE K 41 23.69 37.70 -24.40
N PHE K 42 24.47 38.75 -24.20
CA PHE K 42 25.63 39.06 -25.03
C PHE K 42 26.86 39.13 -24.16
N TYR K 43 27.99 38.67 -24.67
CA TYR K 43 29.21 38.66 -23.87
C TYR K 43 30.07 39.87 -24.15
N VAL K 44 30.77 40.31 -23.10
CA VAL K 44 31.46 41.59 -23.09
C VAL K 44 32.66 41.61 -24.04
N LYS K 45 33.47 40.54 -24.07
CA LYS K 45 34.68 40.53 -24.87
C LYS K 45 34.44 40.64 -26.37
N GLU K 46 33.22 40.38 -26.84
CA GLU K 46 32.93 40.45 -28.26
C GLU K 46 32.25 41.75 -28.67
N ILE K 47 31.75 42.52 -27.72
CA ILE K 47 31.12 43.79 -28.03
C ILE K 47 32.20 44.80 -28.42
N THR K 48 31.99 45.49 -29.54
CA THR K 48 32.94 46.47 -30.02
C THR K 48 32.26 47.83 -30.04
N LEU K 49 32.98 48.82 -30.58
CA LEU K 49 32.45 50.17 -30.71
C LEU K 49 31.33 50.23 -31.73
N ASN K 50 31.43 49.41 -32.78
CA ASN K 50 30.50 49.44 -33.89
C ASN K 50 29.16 48.83 -33.56
N LYS K 51 29.14 47.83 -32.68
CA LYS K 51 27.91 47.12 -32.33
C LYS K 51 27.05 47.87 -31.34
N LEU K 52 27.39 49.10 -30.98
CA LEU K 52 26.49 49.88 -30.16
C LEU K 52 25.76 50.94 -31.00
N GLU K 53 26.43 51.48 -32.02
CA GLU K 53 25.75 52.34 -32.99
C GLU K 53 24.82 51.53 -33.87
N SER K 54 25.36 50.49 -34.49
CA SER K 54 24.52 49.46 -35.08
C SER K 54 23.92 48.61 -33.98
N GLY K 55 22.98 47.77 -34.36
CA GLY K 55 22.33 46.91 -33.40
C GLY K 55 22.76 45.47 -33.51
N PHE K 56 22.14 44.66 -32.69
CA PHE K 56 22.41 43.23 -32.63
C PHE K 56 21.43 42.48 -33.53
N SER K 57 21.91 41.41 -34.15
CA SER K 57 21.09 40.62 -35.06
C SER K 57 20.05 39.83 -34.29
N PHE K 58 18.85 39.88 -34.82
CA PHE K 58 17.76 39.30 -34.12
C PHE K 58 16.73 38.83 -35.13
N ASP K 59 16.17 37.65 -34.89
CA ASP K 59 15.17 37.11 -35.78
C ASP K 59 13.86 37.24 -35.03
N ALA K 60 12.92 37.97 -35.61
CA ALA K 60 11.64 38.16 -34.94
C ALA K 60 10.50 37.55 -35.74
N SER K 61 10.77 36.49 -36.49
CA SER K 61 9.72 35.83 -37.24
C SER K 61 8.84 34.97 -36.36
N SER K 62 9.26 34.72 -35.12
CA SER K 62 8.56 33.84 -34.20
C SER K 62 7.90 34.56 -33.04
N ILE K 63 8.23 35.81 -32.83
CA ILE K 63 7.63 36.61 -31.77
C ILE K 63 6.26 37.09 -32.24
N LYS K 64 5.26 36.98 -31.37
CA LYS K 64 3.90 37.32 -31.73
C LYS K 64 3.73 38.81 -31.94
N LEU K 65 3.05 39.18 -33.03
CA LEU K 65 2.86 40.55 -33.49
C LEU K 65 4.18 41.27 -33.70
N CYS K 66 5.15 40.59 -34.30
CA CYS K 66 6.44 41.22 -34.63
C CYS K 66 7.02 40.71 -35.93
N SER K 67 6.16 40.37 -36.89
CA SER K 67 6.60 39.86 -38.19
C SER K 67 6.16 40.69 -39.41
N ASP K 68 7.09 40.89 -40.34
CA ASP K 68 6.86 41.62 -41.58
C ASP K 68 7.02 40.62 -42.73
N THR K 69 6.19 40.69 -43.76
CA THR K 69 6.29 39.69 -44.82
C THR K 69 7.73 39.29 -45.04
N GLU K 70 8.58 40.22 -45.45
CA GLU K 70 9.94 39.89 -45.83
C GLU K 70 11.03 40.48 -44.96
N VAL K 71 10.69 41.34 -44.01
CA VAL K 71 11.71 41.70 -43.04
C VAL K 71 11.81 40.53 -42.06
N SER K 72 12.75 39.63 -42.32
CA SER K 72 13.01 38.50 -41.44
C SER K 72 14.16 38.79 -40.49
N ASP K 73 14.91 39.86 -40.74
CA ASP K 73 16.03 40.24 -39.91
C ASP K 73 15.81 41.66 -39.40
N PHE K 74 15.91 41.84 -38.09
CA PHE K 74 15.74 43.12 -37.46
C PHE K 74 17.01 43.49 -36.72
N PHE K 75 16.94 44.58 -35.98
CA PHE K 75 18.02 45.05 -35.14
C PHE K 75 17.54 45.06 -33.71
N ILE K 76 18.45 45.37 -32.78
CA ILE K 76 18.12 45.65 -31.40
C ILE K 76 18.94 46.87 -31.01
N LYS K 77 18.29 48.01 -30.85
CA LYS K 77 19.00 49.25 -30.61
C LYS K 77 19.14 49.49 -29.12
N VAL K 78 20.37 49.56 -28.65
CA VAL K 78 20.66 49.67 -27.22
C VAL K 78 20.37 51.10 -26.80
N ASP K 79 19.51 51.25 -25.80
CA ASP K 79 19.13 52.56 -25.28
C ASP K 79 19.63 52.70 -23.85
N HIS K 80 20.37 53.78 -23.62
CA HIS K 80 20.94 54.12 -22.31
C HIS K 80 19.94 54.72 -21.32
N SER K 81 20.37 54.89 -20.06
CA SER K 81 19.52 55.48 -19.02
C SER K 81 18.50 54.56 -18.33
N THR K 82 18.56 53.25 -18.61
CA THR K 82 17.66 52.29 -18.01
C THR K 82 18.48 51.03 -17.79
N CYS K 83 19.35 51.03 -16.79
CA CYS K 83 20.22 49.89 -16.61
C CYS K 83 20.25 49.52 -15.14
N TYR K 84 20.55 48.26 -14.84
CA TYR K 84 20.82 47.86 -13.48
C TYR K 84 21.68 46.61 -13.50
N LEU K 85 22.60 46.54 -12.55
CA LEU K 85 23.46 45.39 -12.42
C LEU K 85 22.77 44.26 -11.65
N GLU K 86 23.30 43.06 -11.81
CA GLU K 86 22.82 41.90 -11.09
C GLU K 86 23.99 41.07 -10.57
N GLU K 87 23.66 40.09 -9.74
CA GLU K 87 24.61 39.10 -9.26
C GLU K 87 23.96 37.75 -9.44
N CYS K 88 24.13 37.14 -10.60
CA CYS K 88 23.62 35.79 -10.85
C CYS K 88 24.83 34.86 -10.88
N ASP K 89 24.92 34.01 -9.86
CA ASP K 89 25.98 33.00 -9.71
C ASP K 89 27.37 33.62 -9.72
N GLY K 90 27.54 34.69 -8.95
CA GLY K 90 28.82 35.35 -8.88
C GLY K 90 29.24 36.09 -10.13
N LYS K 91 28.30 36.35 -11.05
CA LYS K 91 28.58 37.02 -12.30
C LYS K 91 27.74 38.27 -12.40
N ASN K 92 28.35 39.36 -12.89
CA ASN K 92 27.66 40.63 -13.00
C ASN K 92 27.06 40.80 -14.40
N ILE K 93 25.78 41.15 -14.45
CA ILE K 93 25.03 41.25 -15.69
C ILE K 93 24.41 42.63 -15.76
N LEU K 94 24.75 43.39 -16.79
CA LEU K 94 23.95 44.56 -17.10
C LEU K 94 22.62 44.14 -17.71
N ASN K 95 21.60 44.95 -17.47
CA ASN K 95 20.27 44.71 -18.05
C ASN K 95 19.82 46.02 -18.64
N ILE K 96 19.81 46.10 -19.96
CA ILE K 96 19.56 47.34 -20.67
C ILE K 96 18.23 47.25 -21.41
N MET K 97 17.41 48.28 -21.30
CA MET K 97 16.21 48.37 -22.12
C MET K 97 16.57 48.73 -23.55
N CYS K 98 15.99 48.01 -24.50
CA CYS K 98 16.46 48.01 -25.88
C CYS K 98 15.30 47.98 -26.85
N ASP K 99 15.27 48.93 -27.79
CA ASP K 99 14.23 48.94 -28.79
C ASP K 99 14.62 48.11 -30.01
N ILE K 100 13.64 47.84 -30.87
CA ILE K 100 13.84 47.13 -32.11
C ILE K 100 13.60 48.06 -33.28
N LYS K 101 14.44 47.95 -34.30
CA LYS K 101 14.37 48.86 -35.43
C LYS K 101 14.50 48.05 -36.71
N ARG K 102 14.32 48.77 -37.81
CA ARG K 102 14.46 48.29 -39.17
C ARG K 102 15.92 48.49 -39.59
N TYR K 103 16.23 48.09 -40.82
CA TYR K 103 17.59 48.19 -41.33
C TYR K 103 18.14 49.62 -41.44
N ASN K 104 17.30 50.58 -41.84
CA ASN K 104 17.77 51.96 -42.03
C ASN K 104 17.90 52.69 -40.71
N GLY K 105 17.20 52.24 -39.68
CA GLY K 105 17.18 52.96 -38.43
C GLY K 105 15.86 53.67 -38.25
N PHE K 106 14.89 53.34 -39.11
CA PHE K 106 13.57 53.91 -38.98
C PHE K 106 12.82 53.28 -37.83
N ASP K 107 11.91 54.05 -37.27
CA ASP K 107 11.11 53.64 -36.13
C ASP K 107 10.13 52.55 -36.55
N TYR K 108 10.27 51.35 -35.98
CA TYR K 108 9.37 50.25 -36.30
C TYR K 108 8.00 50.53 -35.70
N TYR K 109 6.95 50.33 -36.50
CA TYR K 109 5.62 50.75 -36.08
C TYR K 109 4.95 49.76 -35.12
N LYS K 110 5.52 48.58 -34.94
CA LYS K 110 5.02 47.64 -33.95
C LYS K 110 5.96 47.50 -32.77
N CYS K 111 6.67 48.56 -32.41
CA CYS K 111 7.42 48.57 -31.16
C CYS K 111 6.77 49.52 -30.18
N PRO K 112 6.37 49.02 -29.01
CA PRO K 112 5.63 49.88 -28.07
C PRO K 112 6.49 50.89 -27.36
N ARG K 113 7.77 50.60 -27.13
CA ARG K 113 8.64 51.57 -26.49
C ARG K 113 8.99 52.71 -27.43
N THR K 114 8.96 52.47 -28.74
CA THR K 114 9.15 53.55 -29.69
C THR K 114 7.89 54.38 -29.83
N ILE K 115 6.74 53.86 -29.40
CA ILE K 115 5.51 54.65 -29.43
C ILE K 115 5.49 55.65 -28.28
N LEU K 116 5.88 55.22 -27.08
CA LEU K 116 5.98 56.15 -25.96
C LEU K 116 7.08 57.18 -26.14
N LYS K 117 8.15 56.86 -26.86
CA LYS K 117 9.14 57.88 -27.15
C LYS K 117 8.61 58.91 -28.13
N LYS K 118 7.63 58.54 -28.95
CA LYS K 118 7.07 59.45 -29.92
C LYS K 118 5.94 60.28 -29.35
N THR K 119 5.07 59.71 -28.53
CA THR K 119 3.93 60.47 -28.03
C THR K 119 4.34 61.40 -26.89
N CYS K 120 5.45 61.11 -26.22
CA CYS K 120 5.93 62.04 -25.21
C CYS K 120 6.71 63.17 -25.84
N GLU K 121 7.44 62.90 -26.91
CA GLU K 121 8.15 63.94 -27.65
C GLU K 121 7.24 64.65 -28.64
N PHE K 122 6.00 64.20 -28.78
CA PHE K 122 5.01 64.97 -29.52
C PHE K 122 4.32 65.98 -28.62
N VAL K 123 3.97 65.57 -27.40
CA VAL K 123 3.31 66.46 -26.45
C VAL K 123 4.25 67.58 -26.02
N LYS K 124 5.54 67.27 -25.88
CA LYS K 124 6.51 68.26 -25.42
C LYS K 124 6.78 69.32 -26.48
N ASN K 125 6.43 69.05 -27.74
CA ASN K 125 6.72 70.00 -28.80
C ASN K 125 5.65 71.07 -28.96
N GLU K 126 4.56 70.99 -28.22
CA GLU K 126 3.52 72.01 -28.29
C GLU K 126 3.51 72.98 -27.12
N GLY K 127 4.56 72.99 -26.30
CA GLY K 127 4.58 73.87 -25.16
C GLY K 127 3.63 73.49 -24.04
N ILE K 128 3.01 72.33 -24.13
CA ILE K 128 2.07 71.81 -23.15
C ILE K 128 2.64 70.52 -22.59
N ALA K 129 2.78 70.47 -21.26
CA ALA K 129 3.17 69.26 -20.53
C ALA K 129 4.53 68.72 -20.98
N ASP K 130 5.59 69.47 -20.65
CA ASP K 130 6.95 69.02 -20.96
C ASP K 130 7.30 67.73 -20.22
N LYS K 131 6.63 67.48 -19.09
CA LYS K 131 6.82 66.26 -18.32
C LYS K 131 5.44 65.68 -18.02
N VAL K 132 5.35 64.36 -18.04
CA VAL K 132 4.15 63.63 -17.63
C VAL K 132 4.55 62.72 -16.49
N CYS K 133 4.04 62.97 -15.29
CA CYS K 133 4.34 62.15 -14.13
C CYS K 133 3.17 61.20 -13.88
N ILE K 134 3.46 59.90 -13.93
CA ILE K 134 2.46 58.85 -13.76
C ILE K 134 2.92 57.95 -12.63
N GLY K 135 2.03 57.64 -11.69
CA GLY K 135 2.29 56.64 -10.68
C GLY K 135 1.46 55.39 -10.92
N ASN K 136 1.81 54.32 -10.22
CA ASN K 136 1.11 53.06 -10.39
C ASN K 136 0.97 52.32 -9.07
N GLU K 137 0.00 51.41 -9.03
CA GLU K 137 -0.31 50.61 -7.85
C GLU K 137 -0.56 49.18 -8.32
N LEU K 138 0.46 48.33 -8.22
CA LEU K 138 0.35 46.97 -8.73
C LEU K 138 -0.35 46.06 -7.74
N GLU K 139 -1.21 45.18 -8.24
CA GLU K 139 -1.90 44.21 -7.41
C GLU K 139 -1.68 42.83 -8.00
N PHE K 140 -1.27 41.88 -7.18
CA PHE K 140 -0.91 40.56 -7.66
C PHE K 140 -1.35 39.52 -6.64
N PHE K 141 -1.60 38.30 -7.11
CA PHE K 141 -1.91 37.17 -6.25
C PHE K 141 -0.65 36.33 -6.11
N ILE K 142 -0.51 35.65 -4.99
CA ILE K 142 0.58 34.71 -4.80
C ILE K 142 -0.03 33.38 -4.44
N PHE K 143 -0.12 32.48 -5.42
CA PHE K 143 -0.61 31.12 -5.24
C PHE K 143 0.58 30.23 -4.95
N ASP K 144 0.30 28.98 -4.60
CA ASP K 144 1.37 28.04 -4.28
C ASP K 144 1.69 27.18 -5.48
N LYS K 145 0.63 26.67 -6.10
CA LYS K 145 0.76 25.83 -7.28
C LYS K 145 -0.50 26.01 -8.11
N VAL K 146 -0.37 25.77 -9.41
CA VAL K 146 -1.51 25.86 -10.31
C VAL K 146 -1.35 24.79 -11.38
N ASN K 147 -2.37 23.96 -11.55
CA ASN K 147 -2.37 22.93 -12.58
C ASN K 147 -3.62 23.08 -13.43
N TYR K 148 -3.44 23.05 -14.74
CA TYR K 148 -4.58 23.01 -15.63
C TYR K 148 -4.30 22.09 -16.82
N SER K 149 -5.34 21.88 -17.63
CA SER K 149 -5.24 21.02 -18.79
C SER K 149 -6.36 21.36 -19.76
N LEU K 150 -6.17 20.99 -21.01
CA LEU K 150 -7.13 21.31 -22.06
C LEU K 150 -7.50 20.11 -22.92
N ASP K 151 -7.28 18.89 -22.45
CA ASP K 151 -7.73 17.70 -23.16
C ASP K 151 -9.25 17.69 -23.21
N GLU K 152 -9.81 17.12 -24.29
CA GLU K 152 -11.25 17.18 -24.53
C GLU K 152 -12.03 16.43 -23.48
N TYR K 153 -11.41 15.44 -22.85
CA TYR K 153 -12.06 14.60 -21.88
C TYR K 153 -11.57 14.86 -20.48
N ASN K 154 -10.46 15.59 -20.34
CA ASN K 154 -9.86 15.82 -19.02
C ASN K 154 -9.54 17.24 -18.54
N THR K 155 -10.21 18.25 -19.09
CA THR K 155 -9.89 19.61 -18.67
C THR K 155 -10.16 19.83 -17.18
N TYR K 156 -9.22 20.50 -16.51
CA TYR K 156 -9.35 20.79 -15.09
C TYR K 156 -8.63 22.08 -14.74
N LEU K 157 -8.94 22.59 -13.55
CA LEU K 157 -8.15 23.56 -12.81
C LEU K 157 -7.89 23.02 -11.42
N LYS K 158 -6.72 23.33 -10.88
CA LYS K 158 -6.45 23.10 -9.46
C LYS K 158 -5.55 24.23 -9.01
N VAL K 159 -6.10 25.18 -8.26
CA VAL K 159 -5.33 26.25 -7.68
C VAL K 159 -5.05 25.87 -6.24
N TYR K 160 -3.78 25.74 -5.89
CA TYR K 160 -3.39 25.39 -4.54
C TYR K 160 -3.05 26.67 -3.80
N ASP K 161 -3.65 26.87 -2.63
CA ASP K 161 -3.44 28.06 -1.85
C ASP K 161 -3.12 27.72 -0.40
N ARG K 162 -2.44 28.65 0.27
CA ARG K 162 -2.00 28.44 1.63
C ARG K 162 -2.72 29.33 2.63
N GLU K 163 -3.26 30.46 2.20
CA GLU K 163 -3.94 31.38 3.08
C GLU K 163 -5.45 31.28 3.00
N SER K 164 -5.99 30.79 1.89
CA SER K 164 -7.43 30.84 1.69
C SER K 164 -8.09 29.69 2.41
N PHE K 165 -9.16 30.00 3.14
CA PHE K 165 -9.91 28.98 3.85
C PHE K 165 -10.73 28.14 2.89
N SER K 166 -11.12 28.70 1.75
CA SER K 166 -12.07 28.02 0.89
C SER K 166 -11.38 27.11 -0.13
N CYS K 167 -10.06 27.15 -0.22
CA CYS K 167 -9.37 26.12 -0.99
C CYS K 167 -9.26 24.87 -0.15
N LYS K 168 -9.96 23.82 -0.57
CA LYS K 168 -9.99 22.59 0.21
C LYS K 168 -9.18 21.48 -0.45
N ASN K 169 -8.22 21.86 -1.29
CA ASN K 169 -7.19 20.93 -1.74
C ASN K 169 -6.22 20.67 -0.59
N ASP K 170 -5.60 19.50 -0.61
CA ASP K 170 -4.62 19.17 0.40
C ASP K 170 -3.20 19.33 -0.13
N LEU K 171 -2.34 19.98 0.65
CA LEU K 171 -0.98 20.30 0.26
C LEU K 171 0.02 19.30 0.81
N SER K 172 -0.43 18.16 1.30
CA SER K 172 0.51 17.15 1.79
C SER K 172 1.20 16.44 0.65
N SER K 173 0.60 16.44 -0.54
CA SER K 173 1.22 15.81 -1.70
C SER K 173 2.37 16.60 -2.25
N ILE K 174 2.37 17.91 -2.06
CA ILE K 174 3.40 18.79 -2.61
C ILE K 174 4.70 18.51 -1.88
N TYR K 175 5.72 18.13 -2.63
CA TYR K 175 6.99 17.78 -2.03
C TYR K 175 7.82 19.02 -1.72
N GLU K 196 6.85 26.05 4.65
CA GLU K 196 7.10 25.00 3.66
C GLU K 196 6.08 23.87 3.74
N TYR K 197 4.82 24.24 3.97
CA TYR K 197 3.64 23.37 3.87
C TYR K 197 3.68 22.31 4.96
N LEU K 198 4.19 22.68 6.13
CA LEU K 198 4.43 21.73 7.19
C LEU K 198 3.12 21.24 7.82
N ILE K 199 2.32 22.15 8.36
CA ILE K 199 1.09 21.79 9.06
C ILE K 199 -0.05 22.51 8.38
N ASN K 200 -1.04 21.76 7.93
CA ASN K 200 -2.21 22.33 7.29
C ASN K 200 -3.33 22.47 8.30
N ASP K 201 -3.49 23.66 8.86
CA ASP K 201 -4.60 23.93 9.77
C ASP K 201 -5.41 25.11 9.27
N ASP K 202 -6.72 24.99 9.39
CA ASP K 202 -7.64 26.02 8.96
C ASP K 202 -7.76 27.15 9.96
N SER K 203 -7.00 27.12 11.03
CA SER K 203 -7.08 28.14 12.06
C SER K 203 -6.35 29.41 11.67
N LYS K 204 -5.26 29.29 10.93
CA LYS K 204 -4.46 30.43 10.48
C LYS K 204 -4.73 30.79 9.03
N LYS K 205 -5.93 30.53 8.53
CA LYS K 205 -6.24 30.85 7.15
C LYS K 205 -7.20 32.02 7.09
N VAL K 206 -7.11 32.77 5.99
CA VAL K 206 -7.93 33.96 5.81
C VAL K 206 -9.24 33.57 5.13
N LYS K 207 -10.36 34.03 5.67
CA LYS K 207 -11.64 33.77 5.03
C LYS K 207 -11.86 34.76 3.90
N LYS K 208 -12.92 34.56 3.12
CA LYS K 208 -13.09 35.31 1.88
C LYS K 208 -13.55 36.73 2.14
N LYS K 209 -13.02 37.66 1.34
CA LYS K 209 -13.29 39.10 1.38
C LYS K 209 -13.07 39.72 2.74
N SER K 210 -12.18 39.13 3.54
CA SER K 210 -12.02 39.56 4.91
C SER K 210 -10.56 39.64 5.31
N GLY K 211 -9.68 39.87 4.36
CA GLY K 211 -8.28 39.98 4.68
C GLY K 211 -7.64 41.27 4.23
N TYR K 212 -8.25 42.43 4.49
CA TYR K 212 -7.73 43.67 3.92
C TYR K 212 -6.35 44.00 4.45
N PHE K 213 -6.22 44.31 5.72
CA PHE K 213 -4.88 44.52 6.29
C PHE K 213 -4.63 43.35 7.23
N THR K 214 -3.82 42.39 6.81
CA THR K 214 -3.56 41.25 7.69
C THR K 214 -2.09 41.17 8.06
N THR K 215 -1.86 40.34 9.07
CA THR K 215 -0.57 40.26 9.70
C THR K 215 0.18 38.91 9.61
N ASP K 216 1.15 38.71 10.51
CA ASP K 216 2.01 37.53 10.46
C ASP K 216 1.38 36.13 10.57
N PRO K 217 0.44 35.91 11.51
CA PRO K 217 -0.12 34.56 11.48
C PRO K 217 -0.88 34.27 10.20
N TYR K 218 -1.62 35.24 9.68
CA TYR K 218 -2.52 35.02 8.56
C TYR K 218 -1.88 35.38 7.22
N ASP K 219 -1.08 36.43 7.17
CA ASP K 219 -0.32 36.76 5.97
C ASP K 219 0.91 35.87 5.91
N THR K 220 0.73 34.78 5.18
CA THR K 220 1.70 33.72 4.96
C THR K 220 2.94 34.14 4.22
N SER K 221 2.83 35.21 3.44
CA SER K 221 3.99 35.61 2.69
C SER K 221 4.39 37.02 2.99
N ASN K 222 4.93 37.22 4.18
CA ASN K 222 5.44 38.53 4.56
C ASN K 222 6.93 38.67 4.30
N ILE K 223 7.67 37.57 4.31
CA ILE K 223 9.11 37.62 4.08
C ILE K 223 9.40 37.87 2.62
N ILE K 224 8.49 37.44 1.73
CA ILE K 224 8.65 37.66 0.30
C ILE K 224 8.59 39.15 -0.02
N LYS K 225 7.69 39.89 0.64
CA LYS K 225 7.47 41.28 0.28
C LYS K 225 8.60 42.17 0.73
N LEU K 226 9.25 41.84 1.84
CA LEU K 226 10.41 42.62 2.25
C LEU K 226 11.61 42.33 1.37
N ARG K 227 11.63 41.18 0.70
CA ARG K 227 12.69 40.85 -0.24
C ARG K 227 12.42 41.35 -1.63
N ILE K 228 11.18 41.70 -1.95
CA ILE K 228 10.87 42.30 -3.24
C ILE K 228 11.30 43.75 -3.16
N CYS K 229 10.84 44.46 -2.14
CA CYS K 229 11.06 45.89 -2.07
C CYS K 229 12.47 46.23 -1.60
N ARG K 230 13.20 45.26 -1.05
CA ARG K 230 14.64 45.43 -0.94
C ARG K 230 15.30 45.46 -2.31
N ALA K 231 14.81 44.63 -3.23
CA ALA K 231 15.39 44.56 -4.56
C ALA K 231 14.91 45.69 -5.44
N LEU K 232 13.85 46.38 -5.08
CA LEU K 232 13.37 47.53 -5.84
C LEU K 232 13.94 48.84 -5.36
N ASN K 233 14.18 48.98 -4.05
CA ASN K 233 14.77 50.21 -3.55
C ASN K 233 16.26 50.27 -3.83
N ASP K 234 16.91 49.12 -3.99
CA ASP K 234 18.31 49.12 -4.40
C ASP K 234 18.48 49.58 -5.83
N MET K 235 17.43 49.46 -6.64
CA MET K 235 17.43 49.81 -8.04
C MET K 235 16.86 51.21 -8.30
N ASN K 236 16.64 51.97 -7.24
CA ASN K 236 15.98 53.28 -7.27
C ASN K 236 14.60 53.24 -7.92
N ILE K 237 13.87 52.13 -7.78
CA ILE K 237 12.43 52.10 -8.02
C ILE K 237 11.80 52.17 -6.63
N ASN K 238 11.61 53.37 -6.14
CA ASN K 238 11.26 53.56 -4.73
C ASN K 238 9.79 53.21 -4.49
N VAL K 239 9.55 52.49 -3.39
CA VAL K 239 8.21 52.03 -3.03
C VAL K 239 7.50 52.82 -1.93
N GLN K 240 6.37 53.44 -2.29
CA GLN K 240 5.56 54.23 -1.36
C GLN K 240 4.82 53.52 -0.23
N ARG K 241 4.20 52.37 -0.51
CA ARG K 241 3.42 51.64 0.49
C ARG K 241 3.23 50.16 0.19
N TYR K 242 2.79 49.39 1.19
CA TYR K 242 2.59 47.96 0.99
C TYR K 242 1.43 47.54 1.89
N HIS K 243 0.54 46.71 1.38
CA HIS K 243 -0.42 46.02 2.24
C HIS K 243 -0.88 44.73 1.57
N HIS K 244 -1.59 43.92 2.34
CA HIS K 244 -2.44 42.84 1.85
C HIS K 244 -3.68 43.48 1.25
N GLU K 245 -4.52 42.71 0.55
CA GLU K 245 -5.71 43.33 -0.02
C GLU K 245 -6.95 42.47 0.17
N VAL K 246 -8.06 42.92 -0.40
CA VAL K 246 -9.38 42.36 -0.07
C VAL K 246 -9.54 41.13 -0.96
N SER K 247 -8.84 40.07 -0.58
CA SER K 247 -8.88 38.73 -1.14
C SER K 247 -7.89 37.93 -0.33
N THR K 248 -8.00 36.63 -0.44
CA THR K 248 -7.05 35.74 0.20
C THR K 248 -5.85 35.61 -0.72
N SER K 249 -4.68 35.99 -0.21
CA SER K 249 -3.40 36.07 -0.94
C SER K 249 -3.49 36.98 -2.16
N GLN K 250 -3.80 38.24 -1.90
CA GLN K 250 -3.69 39.30 -2.89
C GLN K 250 -3.02 40.51 -2.25
N HIS K 251 -1.92 40.94 -2.84
CA HIS K 251 -1.06 41.96 -2.25
C HIS K 251 -1.08 43.22 -3.10
N GLU K 252 -0.22 44.17 -2.76
CA GLU K 252 -0.26 45.49 -3.35
C GLU K 252 1.09 46.17 -3.21
N ILE K 253 1.60 46.75 -4.29
CA ILE K 253 2.77 47.62 -4.25
C ILE K 253 2.40 48.94 -4.90
N SER K 254 2.62 50.04 -4.20
CA SER K 254 2.44 51.36 -4.78
C SER K 254 3.77 52.07 -4.89
N LEU K 255 4.14 52.48 -6.09
CA LEU K 255 5.47 52.99 -6.36
C LEU K 255 5.46 54.51 -6.37
N LYS K 256 6.67 55.06 -6.44
CA LYS K 256 6.91 56.49 -6.54
C LYS K 256 6.47 56.98 -7.92
N TYR K 257 6.28 58.29 -8.06
CA TYR K 257 5.90 58.88 -9.32
C TYR K 257 7.13 59.07 -10.19
N PHE K 258 7.01 58.73 -11.46
CA PHE K 258 8.14 58.78 -12.37
C PHE K 258 7.70 59.44 -13.67
N ASP K 259 8.68 59.75 -14.52
CA ASP K 259 8.42 60.17 -15.89
C ASP K 259 7.74 59.03 -16.65
N ALA K 260 6.90 59.40 -17.62
CA ALA K 260 6.02 58.43 -18.27
C ALA K 260 6.79 57.42 -19.10
N LEU K 261 7.98 57.78 -19.58
CA LEU K 261 8.77 56.79 -20.30
C LEU K 261 9.50 55.86 -19.34
N THR K 262 9.93 56.36 -18.19
CA THR K 262 10.59 55.49 -17.23
C THR K 262 9.62 54.78 -16.32
N ASN K 263 8.36 55.18 -16.33
CA ASN K 263 7.36 54.41 -15.59
C ASN K 263 7.08 53.08 -16.25
N ALA K 264 6.81 53.10 -17.55
CA ALA K 264 6.50 51.87 -18.26
C ALA K 264 7.72 50.97 -18.36
N ASP K 265 8.92 51.55 -18.33
CA ASP K 265 10.12 50.75 -18.19
C ASP K 265 10.20 50.10 -16.82
N PHE K 266 9.79 50.82 -15.77
CA PHE K 266 9.89 50.26 -14.43
C PHE K 266 8.77 49.29 -14.14
N LEU K 267 7.70 49.31 -14.94
CA LEU K 267 6.64 48.33 -14.72
C LEU K 267 7.01 46.96 -15.23
N LEU K 268 7.73 46.87 -16.34
CA LEU K 268 8.20 45.58 -16.80
C LEU K 268 9.24 44.99 -15.88
N ILE K 269 10.12 45.83 -15.33
CA ILE K 269 11.16 45.35 -14.45
C ILE K 269 10.56 44.93 -13.11
N THR K 270 9.50 45.60 -12.67
CA THR K 270 8.85 45.23 -11.42
C THR K 270 8.15 43.90 -11.54
N LYS K 271 7.38 43.69 -12.62
CA LYS K 271 6.64 42.45 -12.81
C LYS K 271 7.56 41.24 -12.95
N GLN K 272 8.76 41.41 -13.49
CA GLN K 272 9.67 40.29 -13.58
C GLN K 272 10.40 40.05 -12.28
N ILE K 273 10.62 41.11 -11.50
CA ILE K 273 11.28 40.95 -10.21
C ILE K 273 10.31 40.34 -9.22
N ILE K 274 9.03 40.70 -9.31
CA ILE K 274 8.00 40.08 -8.49
C ILE K 274 7.85 38.61 -8.85
N LYS K 275 7.89 38.28 -10.15
CA LYS K 275 7.74 36.89 -10.57
C LYS K 275 8.92 36.02 -10.17
N THR K 276 10.14 36.54 -10.23
CA THR K 276 11.30 35.72 -9.93
C THR K 276 11.56 35.58 -8.44
N THR K 277 11.32 36.63 -7.66
CA THR K 277 11.57 36.52 -6.23
C THR K 277 10.50 35.69 -5.55
N VAL K 278 9.30 35.64 -6.11
CA VAL K 278 8.28 34.74 -5.60
C VAL K 278 8.62 33.30 -5.96
N SER K 279 9.06 33.06 -7.19
CA SER K 279 9.34 31.70 -7.62
C SER K 279 10.62 31.13 -7.02
N SER K 280 11.46 31.97 -6.39
CA SER K 280 12.58 31.43 -5.65
C SER K 280 12.17 30.98 -4.25
N PHE K 281 10.94 31.30 -3.87
CA PHE K 281 10.32 30.77 -2.66
C PHE K 281 9.42 29.57 -2.96
N ASN K 282 9.52 29.05 -4.18
CA ASN K 282 8.67 27.97 -4.69
C ASN K 282 7.19 28.31 -4.62
N ARG K 283 6.82 29.49 -5.11
CA ARG K 283 5.44 29.87 -5.29
C ARG K 283 5.28 30.48 -6.67
N THR K 284 4.04 30.83 -7.02
CA THR K 284 3.76 31.53 -8.26
C THR K 284 3.15 32.88 -7.95
N ALA K 285 3.33 33.84 -8.84
CA ALA K 285 2.72 35.15 -8.71
C ALA K 285 2.06 35.51 -10.03
N THR K 286 0.83 36.00 -9.97
CA THR K 286 0.09 36.29 -11.19
C THR K 286 -0.40 37.72 -11.21
N PHE K 287 -0.67 38.18 -12.42
CA PHE K 287 -1.22 39.52 -12.66
C PHE K 287 -2.46 39.45 -13.52
N MET K 288 -3.15 38.30 -13.49
CA MET K 288 -4.41 38.17 -14.20
C MET K 288 -5.44 39.12 -13.61
N PRO K 289 -6.31 39.70 -14.43
CA PRO K 289 -7.56 40.23 -13.89
C PRO K 289 -8.54 39.10 -13.72
N LYS K 290 -9.07 38.98 -12.49
CA LYS K 290 -9.95 37.90 -12.08
C LYS K 290 -9.43 36.48 -12.33
N PRO K 291 -8.51 36.00 -11.52
CA PRO K 291 -8.55 34.60 -11.12
C PRO K 291 -9.54 34.49 -9.97
N LEU K 292 -10.06 33.29 -9.75
CA LEU K 292 -10.91 32.97 -8.59
C LEU K 292 -12.20 33.80 -8.57
N VAL K 293 -13.21 33.30 -9.27
CA VAL K 293 -14.55 33.86 -9.46
C VAL K 293 -15.13 34.61 -8.26
N ASN K 294 -15.01 34.03 -7.07
CA ASN K 294 -15.59 34.66 -5.90
C ASN K 294 -14.64 35.57 -5.14
N ASP K 295 -13.61 36.10 -5.78
CA ASP K 295 -12.76 37.08 -5.13
C ASP K 295 -12.51 38.29 -6.02
N ASN K 296 -11.70 39.23 -5.56
CA ASN K 296 -11.47 40.46 -6.31
C ASN K 296 -10.51 40.23 -7.46
N GLY K 297 -10.34 41.28 -8.26
CA GLY K 297 -9.44 41.25 -9.39
C GLY K 297 -8.18 42.05 -9.12
N ASN K 298 -7.40 42.25 -10.18
CA ASN K 298 -6.15 42.98 -10.12
C ASN K 298 -6.23 44.17 -11.08
N GLY K 299 -6.01 45.36 -10.56
CA GLY K 299 -6.13 46.56 -11.35
C GLY K 299 -4.82 47.30 -11.47
N LEU K 300 -4.87 48.42 -12.20
CA LEU K 300 -3.81 49.41 -12.21
C LEU K 300 -4.46 50.77 -11.98
N HIS K 301 -4.16 51.37 -10.84
CA HIS K 301 -4.55 52.76 -10.62
C HIS K 301 -3.44 53.63 -11.18
N CYS K 302 -3.75 54.41 -12.21
CA CYS K 302 -2.76 55.28 -12.86
C CYS K 302 -3.00 56.70 -12.39
N ASN K 303 -2.21 57.15 -11.42
CA ASN K 303 -2.29 58.53 -10.98
C ASN K 303 -1.50 59.42 -11.92
N ILE K 304 -2.20 60.26 -12.68
CA ILE K 304 -1.60 61.04 -13.76
C ILE K 304 -1.61 62.50 -13.37
N SER K 305 -0.56 63.24 -13.75
CA SER K 305 -0.49 64.67 -13.59
C SER K 305 0.49 65.22 -14.62
N LEU K 306 0.26 66.43 -15.10
CA LEU K 306 1.13 67.05 -16.09
C LEU K 306 1.86 68.25 -15.50
N TRP K 307 3.02 68.55 -16.07
CA TRP K 307 3.89 69.56 -15.52
C TRP K 307 4.43 70.46 -16.61
N LYS K 308 4.55 71.75 -16.30
CA LYS K 308 5.15 72.74 -17.20
C LYS K 308 5.99 73.68 -16.36
N ASN K 309 7.32 73.69 -16.60
CA ASN K 309 8.29 74.54 -15.92
C ASN K 309 8.24 74.36 -14.41
N ASN K 310 8.19 73.09 -13.99
CA ASN K 310 8.03 72.67 -12.59
C ASN K 310 6.78 73.25 -11.95
N LYS K 311 5.71 73.40 -12.73
CA LYS K 311 4.41 73.84 -12.23
C LYS K 311 3.34 72.93 -12.79
N ASN K 312 2.35 72.62 -11.96
CA ASN K 312 1.25 71.76 -12.35
C ASN K 312 0.36 72.47 -13.36
N ILE K 313 0.04 71.74 -14.43
CA ILE K 313 -0.92 72.20 -15.41
C ILE K 313 -2.27 72.19 -14.68
N PHE K 314 -2.46 71.16 -13.85
CA PHE K 314 -3.68 70.97 -13.07
C PHE K 314 -3.63 71.79 -11.77
N TYR K 315 -3.72 73.11 -11.85
CA TYR K 315 -3.72 73.94 -10.65
C TYR K 315 -3.89 75.39 -11.08
N HIS K 316 -4.83 76.11 -10.48
CA HIS K 316 -5.10 77.49 -10.86
C HIS K 316 -5.05 78.47 -9.68
N ASN K 317 -4.90 77.98 -8.44
CA ASN K 317 -4.70 78.79 -7.24
C ASN K 317 -5.87 79.74 -7.01
N ASP K 318 -7.03 79.04 -6.91
CA ASP K 318 -8.44 79.43 -6.65
C ASP K 318 -9.28 78.17 -6.18
N PRO K 319 -10.46 78.45 -5.61
CA PRO K 319 -11.54 77.65 -5.02
C PRO K 319 -12.83 77.82 -5.82
N SER K 320 -13.74 76.86 -5.61
CA SER K 320 -15.10 76.61 -6.18
C SER K 320 -15.01 75.64 -7.35
N THR K 321 -13.80 75.51 -7.87
CA THR K 321 -13.43 74.53 -8.89
C THR K 321 -12.38 73.59 -8.26
N PHE K 322 -12.26 73.66 -6.95
CA PHE K 322 -11.30 72.87 -6.20
C PHE K 322 -9.86 73.18 -6.61
N PHE K 323 -9.57 74.44 -6.93
CA PHE K 323 -8.20 74.77 -7.33
C PHE K 323 -7.79 74.19 -8.68
N LEU K 324 -8.75 73.76 -9.49
CA LEU K 324 -8.48 73.17 -10.79
C LEU K 324 -8.66 74.24 -11.85
N SER K 325 -8.15 73.91 -13.03
CA SER K 325 -8.22 74.76 -14.18
C SER K 325 -9.01 73.98 -15.22
N LYS K 326 -9.58 74.68 -16.17
CA LYS K 326 -10.36 74.04 -17.20
C LYS K 326 -9.44 73.12 -17.97
N GLU K 327 -8.13 73.37 -17.87
CA GLU K 327 -7.21 72.57 -18.66
C GLU K 327 -7.10 71.17 -18.10
N SER K 328 -7.69 70.91 -16.92
CA SER K 328 -7.72 69.62 -16.27
C SER K 328 -8.97 68.83 -16.62
N PHE K 329 -10.14 69.46 -16.56
CA PHE K 329 -11.37 68.81 -16.99
C PHE K 329 -11.38 68.52 -18.49
N TYR K 330 -10.63 69.28 -19.27
CA TYR K 330 -10.43 68.93 -20.66
C TYR K 330 -9.67 67.63 -20.80
N PHE K 331 -8.75 67.36 -19.88
CA PHE K 331 -7.99 66.12 -19.95
C PHE K 331 -8.82 64.94 -19.44
N MET K 332 -9.74 65.17 -18.52
CA MET K 332 -10.59 64.08 -18.04
C MET K 332 -11.62 63.70 -19.08
N TYR K 333 -12.31 64.69 -19.64
CA TYR K 333 -13.34 64.41 -20.63
C TYR K 333 -12.76 63.89 -21.93
N GLY K 334 -11.48 64.14 -22.20
CA GLY K 334 -10.84 63.49 -23.33
C GLY K 334 -10.71 62.00 -23.15
N ILE K 335 -10.63 61.54 -21.91
CA ILE K 335 -10.60 60.11 -21.61
C ILE K 335 -12.00 59.52 -21.64
N VAL K 336 -12.97 60.22 -21.05
CA VAL K 336 -14.32 59.70 -20.92
C VAL K 336 -15.02 59.66 -22.28
N LYS K 337 -14.63 60.55 -23.20
CA LYS K 337 -15.19 60.47 -24.55
C LYS K 337 -14.67 59.26 -25.30
N HIS K 338 -13.39 58.92 -25.11
CA HIS K 338 -12.75 57.86 -25.87
C HIS K 338 -12.50 56.61 -25.04
N ALA K 339 -13.32 56.36 -24.01
CA ALA K 339 -12.98 55.30 -23.07
C ALA K 339 -13.30 53.92 -23.61
N LYS K 340 -14.26 53.80 -24.52
CA LYS K 340 -14.50 52.49 -25.10
C LYS K 340 -13.46 52.13 -26.14
N ALA K 341 -12.76 53.13 -26.68
CA ALA K 341 -11.63 52.84 -27.55
C ALA K 341 -10.37 52.52 -26.78
N LEU K 342 -10.23 53.10 -25.58
CA LEU K 342 -9.08 52.78 -24.74
C LEU K 342 -9.18 51.40 -24.13
N GLN K 343 -10.39 50.85 -24.01
CA GLN K 343 -10.58 49.53 -23.41
C GLN K 343 -10.04 48.42 -24.28
N ALA K 344 -9.85 48.68 -25.56
CA ALA K 344 -9.26 47.71 -26.44
C ALA K 344 -7.83 47.50 -26.00
N PHE K 345 -7.14 48.59 -25.65
CA PHE K 345 -5.76 48.54 -25.19
C PHE K 345 -5.58 48.35 -23.69
N CYS K 346 -6.32 49.11 -22.90
CA CYS K 346 -6.21 49.04 -21.43
C CYS K 346 -6.62 47.71 -20.82
N ASN K 347 -7.78 47.16 -21.19
CA ASN K 347 -8.07 45.80 -20.77
C ASN K 347 -8.46 45.09 -22.04
N ALA K 348 -7.56 44.26 -22.55
CA ALA K 348 -7.82 43.56 -23.79
C ALA K 348 -7.55 42.10 -23.62
N THR K 349 -8.38 41.48 -22.81
CA THR K 349 -8.33 40.07 -22.52
C THR K 349 -9.76 39.65 -22.24
N MET K 350 -10.03 38.37 -22.41
CA MET K 350 -11.36 37.86 -22.11
C MET K 350 -11.57 37.68 -20.62
N ASN K 351 -10.49 37.67 -19.84
CA ASN K 351 -10.59 37.68 -18.39
C ASN K 351 -11.03 39.00 -17.83
N SER K 352 -10.68 40.10 -18.47
CA SER K 352 -10.87 41.41 -17.85
C SER K 352 -12.32 41.80 -17.79
N TYR K 353 -13.14 41.26 -18.67
CA TYR K 353 -14.56 41.55 -18.62
C TYR K 353 -15.30 40.60 -17.70
N LYS K 354 -14.59 39.72 -17.01
CA LYS K 354 -15.08 39.07 -15.82
C LYS K 354 -14.77 39.88 -14.58
N ARG K 355 -14.12 41.03 -14.76
CA ARG K 355 -13.84 41.92 -13.64
C ARG K 355 -14.90 43.01 -13.51
N LEU K 356 -15.76 43.16 -14.53
CA LEU K 356 -16.80 44.20 -14.51
C LEU K 356 -18.25 43.73 -14.32
N VAL K 357 -18.52 42.47 -14.61
CA VAL K 357 -19.87 41.91 -14.47
C VAL K 357 -20.55 42.16 -13.12
N PRO K 358 -19.93 41.77 -11.99
CA PRO K 358 -20.67 41.89 -10.73
C PRO K 358 -21.09 43.30 -10.37
N GLY K 359 -20.19 44.27 -10.55
CA GLY K 359 -20.47 45.65 -10.22
C GLY K 359 -20.14 46.01 -8.78
N PHE K 360 -19.76 45.03 -7.96
CA PHE K 360 -19.42 45.35 -6.59
C PHE K 360 -18.00 45.88 -6.62
N GLU K 361 -17.83 47.12 -6.12
CA GLU K 361 -16.56 47.81 -6.11
C GLU K 361 -16.02 47.80 -7.53
N THR K 362 -16.93 48.01 -8.48
CA THR K 362 -16.58 47.97 -9.90
C THR K 362 -17.12 49.22 -10.58
N CYS K 363 -16.53 49.54 -11.72
CA CYS K 363 -16.94 50.70 -12.49
C CYS K 363 -18.13 50.30 -13.37
N GLN K 364 -19.29 50.88 -13.09
CA GLN K 364 -20.43 50.69 -13.98
C GLN K 364 -20.60 51.82 -14.97
N LYS K 365 -20.32 53.05 -14.56
CA LYS K 365 -20.67 54.22 -15.35
C LYS K 365 -19.41 54.98 -15.71
N LEU K 366 -19.54 55.83 -16.73
CA LEU K 366 -18.40 56.51 -17.35
C LEU K 366 -18.47 57.98 -17.01
N PHE K 367 -17.97 58.34 -15.83
CA PHE K 367 -17.92 59.73 -15.38
C PHE K 367 -16.79 59.84 -14.37
N TYR K 368 -16.57 61.06 -13.86
CA TYR K 368 -15.55 61.28 -12.83
C TYR K 368 -16.20 61.84 -11.56
N SER K 369 -15.95 61.18 -10.44
CA SER K 369 -16.53 61.61 -9.15
C SER K 369 -15.54 61.53 -7.98
N PHE K 370 -15.72 62.43 -7.00
CA PHE K 370 -14.87 62.48 -5.82
C PHE K 370 -14.95 61.26 -4.92
N GLY K 371 -16.15 60.74 -4.71
CA GLY K 371 -16.35 59.57 -3.87
C GLY K 371 -17.38 58.57 -4.33
N SER K 372 -17.58 58.44 -5.64
CA SER K 372 -18.50 57.43 -6.16
C SER K 372 -17.70 56.20 -6.53
N ARG K 373 -18.12 55.05 -6.00
CA ARG K 373 -17.39 53.81 -6.25
C ARG K 373 -17.53 53.33 -7.67
N SER K 374 -18.61 53.69 -8.36
CA SER K 374 -18.84 53.26 -9.73
C SER K 374 -18.33 54.26 -10.75
N ALA K 375 -17.35 55.08 -10.38
CA ALA K 375 -16.76 56.04 -11.30
C ALA K 375 -15.46 55.48 -11.86
N VAL K 376 -15.14 55.89 -13.08
CA VAL K 376 -13.93 55.42 -13.73
C VAL K 376 -12.73 56.23 -13.27
N ILE K 377 -12.89 57.55 -13.24
CA ILE K 377 -11.85 58.46 -12.79
C ILE K 377 -12.26 59.02 -11.43
N ARG K 378 -11.37 58.98 -10.45
CA ARG K 378 -11.66 59.51 -9.14
C ARG K 378 -10.67 60.60 -8.78
N LEU K 379 -11.17 61.78 -8.42
CA LEU K 379 -10.32 62.89 -8.03
C LEU K 379 -10.04 62.87 -6.53
N SER K 380 -8.90 63.43 -6.17
CA SER K 380 -8.36 63.29 -4.82
C SER K 380 -8.83 64.45 -3.97
N LEU K 381 -9.42 64.15 -2.82
CA LEU K 381 -9.83 65.17 -1.86
C LEU K 381 -8.85 65.29 -0.69
N ILE K 382 -7.82 64.44 -0.64
CA ILE K 382 -6.71 64.65 0.30
C ILE K 382 -5.81 65.78 -0.19
N ASN K 383 -5.57 66.76 0.68
CA ASN K 383 -4.70 67.91 0.45
C ASN K 383 -5.06 68.66 -0.84
N TYR K 384 -6.29 69.14 -0.87
CA TYR K 384 -6.78 69.87 -2.03
C TYR K 384 -6.06 71.21 -2.20
N SER K 385 -5.48 71.76 -1.13
CA SER K 385 -4.79 73.04 -1.24
C SER K 385 -3.37 72.88 -1.76
N ASN K 386 -2.81 71.68 -1.71
CA ASN K 386 -1.42 71.49 -2.11
C ASN K 386 -1.33 71.30 -3.62
N PRO K 387 -0.43 72.02 -4.30
CA PRO K 387 -0.36 71.90 -5.76
C PRO K 387 0.31 70.64 -6.28
N SER K 388 1.32 70.18 -5.55
CA SER K 388 2.03 68.96 -5.89
C SER K 388 1.10 67.76 -5.80
N GLU K 389 0.26 67.76 -4.77
CA GLU K 389 -0.68 66.65 -4.56
C GLU K 389 -1.99 66.83 -5.33
N LYS K 390 -1.89 66.82 -6.65
CA LYS K 390 -3.03 66.92 -7.54
C LYS K 390 -2.87 65.79 -8.53
N ARG K 391 -3.93 65.04 -8.80
CA ARG K 391 -3.77 63.93 -9.72
C ARG K 391 -5.12 63.51 -10.28
N ILE K 392 -5.07 62.55 -11.19
CA ILE K 392 -6.24 61.97 -11.83
C ILE K 392 -6.07 60.46 -11.79
N GLU K 393 -6.96 59.77 -11.09
CA GLU K 393 -6.82 58.34 -10.86
C GLU K 393 -7.72 57.58 -11.83
N PHE K 394 -7.14 57.10 -12.92
CA PHE K 394 -7.83 56.28 -13.90
C PHE K 394 -7.85 54.85 -13.40
N ARG K 395 -9.03 54.25 -13.20
CA ARG K 395 -9.07 52.88 -12.66
C ARG K 395 -9.42 51.71 -13.58
N LEU K 396 -9.63 51.96 -14.87
CA LEU K 396 -9.98 50.90 -15.82
C LEU K 396 -8.96 49.80 -16.19
N PRO K 397 -7.70 50.16 -16.38
CA PRO K 397 -6.61 49.29 -16.87
C PRO K 397 -6.20 48.09 -16.02
N ASP K 398 -5.56 47.11 -16.68
CA ASP K 398 -5.01 45.87 -16.09
C ASP K 398 -3.54 45.83 -16.39
N CYS K 399 -2.86 44.97 -15.64
CA CYS K 399 -1.46 44.77 -15.86
C CYS K 399 -1.30 43.74 -16.97
N ALA K 400 -2.40 43.19 -17.49
CA ALA K 400 -2.19 42.18 -18.53
C ALA K 400 -1.56 42.75 -19.79
N ASN K 401 -1.99 43.94 -20.22
CA ASN K 401 -1.51 44.47 -21.48
C ASN K 401 -0.12 45.09 -21.32
N SER K 402 0.46 45.50 -22.44
CA SER K 402 1.77 46.10 -22.40
C SER K 402 1.67 47.54 -21.89
N PRO K 403 2.49 47.92 -20.91
CA PRO K 403 2.33 49.24 -20.28
C PRO K 403 2.74 50.41 -21.15
N HIS K 404 3.48 50.17 -22.23
CA HIS K 404 3.81 51.27 -23.14
C HIS K 404 2.65 51.58 -24.07
N LEU K 405 1.88 50.57 -24.47
CA LEU K 405 0.73 50.83 -25.32
C LEU K 405 -0.42 51.46 -24.56
N VAL K 406 -0.57 51.12 -23.29
CA VAL K 406 -1.67 51.66 -22.51
C VAL K 406 -1.41 53.13 -22.17
N MET K 407 -0.21 53.45 -21.70
CA MET K 407 0.07 54.80 -21.27
C MET K 407 0.26 55.75 -22.43
N ALA K 408 0.50 55.23 -23.63
CA ALA K 408 0.53 56.09 -24.80
C ALA K 408 -0.86 56.37 -25.32
N ALA K 409 -1.80 55.44 -25.14
CA ALA K 409 -3.15 55.68 -25.60
C ALA K 409 -3.90 56.63 -24.69
N ILE K 410 -3.54 56.66 -23.40
CA ILE K 410 -4.21 57.57 -22.46
C ILE K 410 -3.77 59.00 -22.71
N ILE K 411 -2.49 59.21 -22.97
CA ILE K 411 -1.98 60.55 -23.25
C ILE K 411 -2.53 61.06 -24.58
N LEU K 412 -2.57 60.19 -25.60
CA LEU K 412 -3.09 60.61 -26.90
C LEU K 412 -4.59 60.83 -26.86
N ALA K 413 -5.30 60.17 -25.95
CA ALA K 413 -6.72 60.47 -25.78
C ALA K 413 -6.92 61.73 -24.96
N GLY K 414 -6.12 61.91 -23.91
CA GLY K 414 -6.24 63.09 -23.09
C GLY K 414 -5.73 64.35 -23.76
N TYR K 415 -4.79 64.20 -24.70
CA TYR K 415 -4.34 65.37 -25.45
C TYR K 415 -5.40 65.83 -26.44
N ASP K 416 -6.21 64.91 -26.94
CA ASP K 416 -7.29 65.32 -27.84
C ASP K 416 -8.46 65.93 -27.08
N GLY K 417 -8.42 65.91 -25.75
CA GLY K 417 -9.42 66.63 -25.00
C GLY K 417 -9.08 68.09 -24.77
N ILE K 418 -7.82 68.47 -24.95
CA ILE K 418 -7.43 69.86 -24.74
C ILE K 418 -7.50 70.64 -26.05
N LYS K 419 -7.06 70.04 -27.15
CA LYS K 419 -7.11 70.73 -28.43
C LYS K 419 -8.54 70.86 -28.95
N SER K 420 -9.44 69.95 -28.57
CA SER K 420 -10.78 69.98 -29.11
C SER K 420 -11.67 71.05 -28.49
N LYS K 421 -11.39 71.41 -27.24
CA LYS K 421 -12.11 72.45 -26.49
C LYS K 421 -13.61 72.15 -26.34
N GLU K 422 -14.01 70.89 -26.28
CA GLU K 422 -15.39 70.58 -26.03
C GLU K 422 -15.71 70.70 -24.55
N GLN K 423 -17.01 70.67 -24.23
CA GLN K 423 -17.37 70.87 -22.83
C GLN K 423 -17.17 69.59 -22.03
N PRO K 424 -16.57 69.69 -20.85
CA PRO K 424 -16.51 68.55 -19.93
C PRO K 424 -17.88 68.27 -19.32
N LEU K 425 -17.95 67.14 -18.62
CA LEU K 425 -19.17 66.68 -18.00
C LEU K 425 -19.19 67.06 -16.52
N VAL K 426 -20.39 67.02 -15.94
CA VAL K 426 -20.59 67.33 -14.52
C VAL K 426 -19.97 66.21 -13.68
N PRO K 427 -19.37 66.51 -12.52
CA PRO K 427 -18.81 65.44 -11.68
C PRO K 427 -19.78 64.38 -11.15
N PHE K 428 -21.05 64.70 -10.86
CA PHE K 428 -22.13 63.72 -10.71
C PHE K 428 -21.91 62.73 -9.55
N GLU K 429 -21.77 63.24 -8.35
CA GLU K 429 -21.60 62.36 -7.19
C GLU K 429 -22.94 61.78 -6.76
N SER K 430 -23.02 60.45 -6.64
CA SER K 430 -24.31 59.78 -6.56
C SER K 430 -24.46 59.00 -5.26
N LYS K 431 -25.26 59.51 -4.33
CA LYS K 431 -25.35 58.91 -2.99
C LYS K 431 -25.87 57.49 -3.03
N ASP K 432 -26.91 57.30 -3.80
CA ASP K 432 -27.51 56.00 -4.00
C ASP K 432 -27.56 56.00 -5.50
N ASN K 433 -28.76 55.89 -6.04
CA ASN K 433 -28.95 55.94 -7.47
C ASN K 433 -29.17 57.38 -7.88
N HIS K 434 -29.38 58.23 -6.88
CA HIS K 434 -29.62 59.65 -7.12
C HIS K 434 -28.29 60.36 -7.33
N PHE K 435 -28.05 60.80 -8.57
CA PHE K 435 -26.86 61.58 -8.88
C PHE K 435 -27.06 63.00 -8.36
N TYR K 436 -26.23 63.41 -7.41
CA TYR K 436 -26.24 64.78 -6.92
C TYR K 436 -25.19 65.60 -7.67
N ILE K 437 -25.20 66.89 -7.40
CA ILE K 437 -24.21 67.83 -7.92
C ILE K 437 -23.72 68.66 -6.74
N SER K 438 -22.41 68.86 -6.65
CA SER K 438 -21.80 69.55 -5.50
C SER K 438 -22.26 71.00 -5.43
N SER K 439 -22.06 71.59 -4.26
CA SER K 439 -22.40 73.00 -4.05
C SER K 439 -21.52 73.91 -4.89
N ILE K 440 -20.27 73.49 -5.13
CA ILE K 440 -19.37 74.28 -5.95
C ILE K 440 -19.75 74.19 -7.42
N PHE K 441 -20.38 73.09 -7.83
CA PHE K 441 -20.84 72.98 -9.20
C PHE K 441 -22.32 73.30 -9.35
N SER K 442 -23.02 73.56 -8.26
CA SER K 442 -24.38 74.06 -8.41
C SER K 442 -24.37 75.49 -8.94
N LYS K 443 -23.36 76.27 -8.59
CA LYS K 443 -23.40 77.67 -9.00
C LYS K 443 -22.98 77.98 -10.43
N TYR K 444 -23.99 78.24 -11.24
CA TYR K 444 -23.85 78.66 -12.63
C TYR K 444 -23.00 77.83 -13.60
N VAL K 445 -23.08 76.51 -13.61
CA VAL K 445 -22.23 75.86 -14.61
C VAL K 445 -23.03 75.26 -15.76
N GLN K 446 -24.33 75.10 -15.64
CA GLN K 446 -25.18 74.59 -16.70
C GLN K 446 -26.37 75.54 -16.83
N HIS K 447 -26.41 76.29 -17.93
CA HIS K 447 -27.60 77.09 -18.22
C HIS K 447 -28.79 76.23 -18.66
N PRO K 448 -28.70 75.40 -19.71
CA PRO K 448 -29.90 74.65 -20.09
C PRO K 448 -29.93 73.25 -19.47
N GLU K 449 -31.08 72.61 -19.62
CA GLU K 449 -31.37 71.27 -19.07
C GLU K 449 -31.14 71.21 -17.55
N ASN K 450 -31.93 71.99 -16.82
CA ASN K 450 -31.91 71.96 -15.36
C ASN K 450 -32.82 70.84 -14.89
N PHE K 451 -32.26 69.63 -14.81
CA PHE K 451 -33.00 68.43 -14.43
C PHE K 451 -32.66 67.92 -13.05
N ASN K 452 -31.42 68.09 -12.61
CA ASN K 452 -30.98 67.69 -11.28
C ASN K 452 -31.27 68.72 -10.20
N ILE K 453 -32.20 69.65 -10.45
CA ILE K 453 -32.49 70.72 -9.49
C ILE K 453 -33.14 70.17 -8.24
N LEU K 454 -33.82 69.02 -8.35
CA LEU K 454 -34.34 68.34 -7.17
C LEU K 454 -33.21 67.70 -6.36
N THR K 455 -32.12 67.31 -7.03
CA THR K 455 -30.99 66.67 -6.36
C THR K 455 -29.81 67.65 -6.25
N HIS K 456 -29.85 68.46 -5.19
CA HIS K 456 -28.75 69.36 -4.85
C HIS K 456 -28.45 69.39 -3.36
N ALA K 457 -28.84 68.37 -2.61
CA ALA K 457 -28.67 68.37 -1.16
C ALA K 457 -27.23 68.04 -0.82
N LEU K 458 -26.37 69.06 -0.78
CA LEU K 458 -24.96 68.88 -0.49
C LEU K 458 -24.44 70.11 0.25
N GLU K 459 -23.42 69.86 1.09
CA GLU K 459 -22.73 70.90 1.85
C GLU K 459 -21.23 70.90 1.64
N GLY K 460 -20.65 69.79 1.19
CA GLY K 460 -19.24 69.73 0.78
C GLY K 460 -18.27 69.84 1.94
N TYR K 461 -17.10 70.37 1.65
CA TYR K 461 -16.12 70.79 2.63
C TYR K 461 -16.54 72.13 3.22
N GLU K 462 -15.79 72.62 4.21
CA GLU K 462 -16.25 73.81 4.90
C GLU K 462 -15.90 75.04 4.09
N SER K 463 -16.92 75.84 3.78
CA SER K 463 -16.78 77.06 2.98
C SER K 463 -17.95 77.95 3.31
N LEU K 464 -17.67 79.17 3.76
CA LEU K 464 -18.70 80.15 4.06
C LEU K 464 -18.37 81.44 3.34
N HIS K 465 -19.42 82.11 2.84
CA HIS K 465 -19.33 83.32 2.02
C HIS K 465 -18.45 83.11 0.79
N THR K 466 -18.88 82.17 -0.05
CA THR K 466 -18.10 81.75 -1.20
C THR K 466 -18.12 82.78 -2.31
N ILE K 467 -17.12 82.71 -3.19
CA ILE K 467 -16.97 83.64 -4.30
C ILE K 467 -17.16 82.87 -5.59
N ASN K 468 -18.02 83.39 -6.47
CA ASN K 468 -18.27 82.80 -7.78
C ASN K 468 -17.39 83.49 -8.81
N GLU K 469 -16.39 82.76 -9.32
CA GLU K 469 -15.54 83.30 -10.35
C GLU K 469 -16.27 83.33 -11.68
N SER K 470 -16.30 84.49 -12.31
CA SER K 470 -17.11 84.68 -13.52
C SER K 470 -16.59 83.97 -14.77
N PRO K 471 -15.31 84.03 -15.18
CA PRO K 471 -14.96 83.39 -16.46
C PRO K 471 -14.85 81.88 -16.40
N GLU K 472 -14.64 81.30 -15.22
CA GLU K 472 -14.56 79.84 -15.10
C GLU K 472 -15.94 79.21 -14.96
N PHE K 473 -16.90 79.97 -14.48
CA PHE K 473 -18.22 79.42 -14.21
C PHE K 473 -19.27 79.57 -15.29
N LYS K 474 -18.86 79.59 -16.54
CA LYS K 474 -19.85 79.80 -17.58
C LYS K 474 -20.62 78.51 -17.72
N ASN K 475 -21.27 78.27 -18.87
CA ASN K 475 -22.00 77.02 -19.01
C ASN K 475 -21.01 75.86 -18.87
N PHE K 476 -19.87 75.98 -19.55
CA PHE K 476 -18.73 75.06 -19.48
C PHE K 476 -19.03 73.60 -19.23
N PHE K 477 -20.02 73.31 -18.39
CA PHE K 477 -20.25 71.88 -18.22
C PHE K 477 -21.54 71.50 -18.90
N LYS K 478 -21.59 70.28 -19.43
CA LYS K 478 -22.80 69.76 -20.03
C LYS K 478 -23.44 68.74 -19.09
N CYS K 479 -24.76 68.82 -18.96
CA CYS K 479 -25.52 67.86 -18.16
C CYS K 479 -26.18 66.86 -19.10
N GLU K 480 -25.43 65.82 -19.45
CA GLU K 480 -25.98 64.65 -20.10
C GLU K 480 -25.99 63.51 -19.10
N GLU K 481 -26.62 62.42 -19.49
CA GLU K 481 -26.55 61.21 -18.68
C GLU K 481 -25.19 60.55 -18.87
N PRO K 482 -24.56 60.08 -17.80
CA PRO K 482 -23.27 59.39 -17.94
C PRO K 482 -23.47 58.04 -18.60
N GLN K 483 -22.71 57.79 -19.66
CA GLN K 483 -22.85 56.57 -20.43
C GLN K 483 -22.21 55.40 -19.70
N GLY K 484 -22.33 54.21 -20.30
CA GLY K 484 -21.76 53.01 -19.74
C GLY K 484 -20.40 52.70 -20.34
N ILE K 485 -19.88 51.55 -19.94
CA ILE K 485 -18.59 51.05 -20.40
C ILE K 485 -18.89 49.82 -21.25
N SER K 486 -17.95 49.44 -22.10
CA SER K 486 -18.10 48.19 -22.84
C SER K 486 -17.78 47.03 -21.92
N PHE K 487 -18.60 45.98 -22.00
CA PHE K 487 -18.46 44.82 -21.13
C PHE K 487 -17.96 43.57 -21.85
N SER K 488 -17.46 43.72 -23.08
CA SER K 488 -16.87 42.59 -23.80
C SER K 488 -15.93 43.14 -24.87
N LEU K 489 -15.05 42.25 -25.37
CA LEU K 489 -14.11 42.66 -26.41
C LEU K 489 -14.78 42.92 -27.75
N VAL K 490 -15.92 42.31 -28.02
CA VAL K 490 -16.58 42.56 -29.30
C VAL K 490 -17.22 43.93 -29.31
N GLU K 491 -17.48 44.51 -28.13
CA GLU K 491 -17.91 45.89 -28.07
C GLU K 491 -16.74 46.86 -28.09
N SER K 492 -15.59 46.46 -27.55
CA SER K 492 -14.47 47.39 -27.45
C SER K 492 -13.66 47.43 -28.73
N LEU K 493 -13.55 46.30 -29.43
CA LEU K 493 -12.83 46.31 -30.70
C LEU K 493 -13.64 46.99 -31.79
N ASP K 494 -14.98 46.95 -31.70
CA ASP K 494 -15.77 47.70 -32.66
C ASP K 494 -15.79 49.18 -32.33
N ALA K 495 -15.59 49.54 -31.07
CA ALA K 495 -15.44 50.95 -30.74
C ALA K 495 -14.08 51.48 -31.17
N LEU K 496 -13.08 50.62 -31.23
CA LEU K 496 -11.79 51.03 -31.76
C LEU K 496 -11.81 51.19 -33.27
N GLU K 497 -12.64 50.41 -33.97
CA GLU K 497 -12.72 50.51 -35.41
C GLU K 497 -13.36 51.81 -35.89
N LYS K 498 -14.32 52.31 -35.14
CA LYS K 498 -15.01 53.55 -35.50
C LYS K 498 -14.39 54.74 -34.79
N ASP K 499 -13.52 54.48 -33.83
CA ASP K 499 -12.89 55.54 -33.08
C ASP K 499 -11.38 55.36 -32.94
N HIS K 500 -10.66 55.52 -34.05
CA HIS K 500 -9.21 55.41 -34.00
C HIS K 500 -8.54 56.67 -34.53
N ALA K 501 -9.25 57.79 -34.45
CA ALA K 501 -8.78 59.03 -35.05
C ALA K 501 -7.85 59.80 -34.14
N PHE K 502 -8.05 59.73 -32.82
CA PHE K 502 -7.18 60.43 -31.89
C PHE K 502 -5.83 59.76 -31.75
N LEU K 503 -5.69 58.52 -32.21
CA LEU K 503 -4.43 57.81 -32.13
C LEU K 503 -3.56 58.01 -33.35
N THR K 504 -4.15 58.36 -34.48
CA THR K 504 -3.43 58.49 -35.74
C THR K 504 -2.88 59.88 -35.96
N VAL K 505 -2.78 60.70 -34.92
CA VAL K 505 -2.26 62.04 -35.05
C VAL K 505 -0.74 61.98 -35.20
N ASN K 506 -0.22 62.63 -36.24
CA ASN K 506 1.20 62.63 -36.64
C ASN K 506 1.74 61.22 -36.88
N ASN K 507 0.85 60.30 -37.27
CA ASN K 507 1.17 58.92 -37.65
C ASN K 507 1.90 58.17 -36.54
N ILE K 508 1.46 58.37 -35.30
CA ILE K 508 2.06 57.66 -34.17
C ILE K 508 1.62 56.21 -34.16
N PHE K 509 0.32 55.98 -34.10
CA PHE K 509 -0.28 54.68 -34.36
C PHE K 509 -0.63 54.66 -35.85
N THR K 510 -0.05 53.74 -36.60
CA THR K 510 -0.40 53.72 -38.01
C THR K 510 -1.72 53.00 -38.21
N GLU K 511 -2.27 53.12 -39.41
CA GLU K 511 -3.51 52.43 -39.74
C GLU K 511 -3.31 50.93 -39.81
N GLU K 512 -2.15 50.48 -40.27
CA GLU K 512 -1.85 49.06 -40.35
C GLU K 512 -1.56 48.47 -38.99
N MET K 513 -1.07 49.29 -38.06
CA MET K 513 -0.85 48.88 -36.68
C MET K 513 -2.16 48.48 -36.01
N ILE K 514 -3.22 49.26 -36.23
CA ILE K 514 -4.47 49.00 -35.54
C ILE K 514 -5.23 47.86 -36.21
N GLN K 515 -5.13 47.75 -37.54
CA GLN K 515 -5.78 46.65 -38.25
C GLN K 515 -5.15 45.31 -37.90
N GLU K 516 -3.83 45.27 -37.76
CA GLU K 516 -3.17 44.03 -37.38
C GLU K 516 -3.37 43.69 -35.91
N TYR K 517 -3.75 44.67 -35.10
CA TYR K 517 -4.01 44.40 -33.70
C TYR K 517 -5.42 43.87 -33.50
N ILE K 518 -6.39 44.42 -34.22
CA ILE K 518 -7.77 43.95 -34.10
C ILE K 518 -7.92 42.59 -34.74
N LYS K 519 -7.16 42.33 -35.81
CA LYS K 519 -7.18 41.01 -36.44
C LYS K 519 -6.58 39.95 -35.54
N PHE K 520 -5.63 40.31 -34.66
CA PHE K 520 -5.07 39.34 -33.75
C PHE K 520 -6.06 39.00 -32.64
N LYS K 521 -6.73 40.00 -32.07
CA LYS K 521 -7.62 39.73 -30.95
C LYS K 521 -8.88 39.01 -31.40
N ARG K 522 -9.31 39.21 -32.64
CA ARG K 522 -10.48 38.52 -33.14
C ARG K 522 -10.20 37.08 -33.52
N GLU K 523 -8.93 36.69 -33.59
CA GLU K 523 -8.60 35.28 -33.64
C GLU K 523 -8.64 34.66 -32.25
N GLU K 524 -8.35 35.45 -31.22
CA GLU K 524 -8.35 34.95 -29.85
C GLU K 524 -9.76 34.76 -29.30
N ILE K 525 -10.72 35.55 -29.74
CA ILE K 525 -12.10 35.36 -29.30
C ILE K 525 -12.68 34.11 -29.95
N ASP K 526 -12.34 33.87 -31.21
CA ASP K 526 -12.90 32.71 -31.91
C ASP K 526 -12.33 31.41 -31.39
N ALA K 527 -11.07 31.39 -31.00
CA ALA K 527 -10.49 30.19 -30.41
C ALA K 527 -10.91 30.01 -28.96
N TYR K 528 -11.47 31.04 -28.35
CA TYR K 528 -11.94 30.95 -26.97
C TYR K 528 -13.35 30.41 -26.90
N ASN K 529 -14.17 30.68 -27.91
CA ASN K 529 -15.58 30.29 -27.88
C ASN K 529 -15.79 28.87 -28.35
N LYS K 530 -14.79 28.24 -28.97
CA LYS K 530 -14.95 26.85 -29.38
C LYS K 530 -14.85 25.90 -28.19
N TYR K 531 -14.25 26.35 -27.11
CA TYR K 531 -13.83 25.47 -26.03
C TYR K 531 -15.01 25.14 -25.13
N VAL K 532 -15.34 23.86 -25.02
CA VAL K 532 -16.50 23.42 -24.25
C VAL K 532 -16.12 23.31 -22.78
N ASN K 533 -16.88 24.00 -21.94
CA ASN K 533 -16.60 24.23 -20.55
C ASN K 533 -17.06 23.07 -19.68
N ALA K 534 -16.91 23.24 -18.37
CA ALA K 534 -17.56 22.39 -17.39
C ALA K 534 -18.83 23.01 -16.86
N TYR K 535 -19.07 24.29 -17.13
CA TYR K 535 -20.35 24.92 -16.87
C TYR K 535 -21.35 24.60 -17.95
N ASP K 536 -20.91 24.10 -19.09
CA ASP K 536 -21.82 23.68 -20.13
C ASP K 536 -22.48 22.36 -19.78
N TYR K 537 -21.76 21.49 -19.09
CA TYR K 537 -22.33 20.23 -18.63
C TYR K 537 -23.24 20.41 -17.44
N HIS K 538 -22.98 21.38 -16.59
CA HIS K 538 -23.82 21.59 -15.42
C HIS K 538 -25.16 22.18 -15.80
N LEU K 539 -25.10 23.21 -16.63
CA LEU K 539 -26.22 23.94 -17.18
C LEU K 539 -27.11 23.31 -18.25
N TYR K 540 -26.51 22.62 -19.21
CA TYR K 540 -27.26 22.08 -20.34
C TYR K 540 -27.03 20.62 -20.56
N TYR K 541 -27.65 19.82 -19.72
CA TYR K 541 -27.50 18.37 -19.81
C TYR K 541 -28.75 17.69 -19.24
N MET L 1 13.55 43.99 19.75
CA MET L 1 12.21 44.33 20.18
C MET L 1 12.21 45.46 21.18
N LYS L 2 13.22 46.32 21.12
CA LYS L 2 13.32 47.41 22.08
C LYS L 2 12.25 48.45 21.82
N SER L 3 11.77 49.08 22.88
CA SER L 3 10.72 50.07 22.81
C SER L 3 11.34 51.45 22.83
N VAL L 4 10.78 52.37 22.06
CA VAL L 4 11.26 53.74 21.96
C VAL L 4 10.11 54.67 22.35
N SER L 5 10.46 55.79 22.98
CA SER L 5 9.47 56.78 23.41
C SER L 5 9.71 58.12 22.72
N PHE L 6 8.64 58.88 22.56
CA PHE L 6 8.68 60.15 21.87
C PHE L 6 7.77 61.13 22.59
N SER L 7 7.98 62.42 22.35
CA SER L 7 7.19 63.46 22.98
C SER L 7 6.36 64.31 22.01
N ASN L 8 6.87 64.53 20.81
CA ASN L 8 6.19 65.35 19.81
C ASN L 8 6.31 64.69 18.45
N ASN L 9 5.38 64.99 17.54
CA ASN L 9 5.44 64.35 16.24
C ASN L 9 6.73 64.64 15.49
N ALA L 10 7.46 65.68 15.88
CA ALA L 10 8.71 65.99 15.21
C ALA L 10 9.82 65.04 15.60
N GLU L 11 9.79 64.52 16.83
CA GLU L 11 10.82 63.57 17.25
C GLU L 11 10.70 62.23 16.56
N LEU L 12 9.54 61.92 15.97
CA LEU L 12 9.48 60.81 15.03
C LEU L 12 10.34 61.07 13.82
N TYR L 13 10.14 62.23 13.18
CA TYR L 13 10.76 62.50 11.88
C TYR L 13 12.26 62.68 12.00
N GLU L 14 12.76 63.09 13.16
CA GLU L 14 14.20 63.11 13.34
C GLU L 14 14.75 61.73 13.67
N TYR L 15 13.97 60.90 14.34
CA TYR L 15 14.42 59.56 14.67
C TYR L 15 14.36 58.64 13.46
N ILE L 16 13.39 58.87 12.58
CA ILE L 16 13.23 58.05 11.39
C ILE L 16 14.33 58.33 10.37
N LYS L 17 14.66 59.61 10.15
CA LYS L 17 15.62 59.98 9.12
C LYS L 17 17.07 59.81 9.54
N ASP L 18 17.33 59.53 10.81
CA ASP L 18 18.71 59.37 11.26
C ASP L 18 19.26 58.02 10.80
N LYS L 19 20.49 58.03 10.30
CA LYS L 19 21.06 56.85 9.66
C LYS L 19 21.64 55.85 10.65
N LYS L 20 21.79 56.21 11.92
CA LYS L 20 22.31 55.27 12.90
C LYS L 20 21.32 54.17 13.25
N ASN L 21 20.02 54.47 13.21
CA ASN L 21 19.02 53.56 13.72
C ASN L 21 18.60 52.52 12.69
N ASP L 22 18.88 52.77 11.40
CA ASP L 22 18.64 51.84 10.29
C ASP L 22 17.16 51.50 10.14
N VAL L 23 16.31 52.45 10.47
CA VAL L 23 14.86 52.24 10.39
C VAL L 23 14.44 52.31 8.93
N GLU L 24 13.92 51.22 8.41
CA GLU L 24 13.62 51.08 6.99
C GLU L 24 12.14 51.20 6.67
N ILE L 25 11.27 50.60 7.49
CA ILE L 25 9.84 50.57 7.26
C ILE L 25 9.16 51.16 8.48
N VAL L 26 8.09 51.93 8.28
CA VAL L 26 7.25 52.43 9.36
C VAL L 26 5.88 51.80 9.21
N ALA L 27 5.45 51.03 10.20
CA ALA L 27 4.18 50.34 10.13
C ALA L 27 3.15 51.02 11.03
N CYS L 28 1.90 50.95 10.62
CA CYS L 28 0.79 51.56 11.34
C CYS L 28 -0.15 50.46 11.80
N ILE L 29 -0.88 50.68 12.88
CA ILE L 29 -1.72 49.67 13.50
C ILE L 29 -3.08 50.29 13.77
N ILE L 30 -4.14 49.70 13.20
CA ILE L 30 -5.51 50.20 13.37
C ILE L 30 -6.34 49.12 14.04
N THR L 31 -7.49 49.49 14.58
CA THR L 31 -8.36 48.57 15.29
C THR L 31 -9.81 48.90 14.96
N ASN L 32 -10.67 47.89 14.99
CA ASN L 32 -12.10 47.97 14.69
C ASN L 32 -12.93 48.13 15.96
N LEU L 33 -14.24 48.30 15.77
CA LEU L 33 -15.17 48.14 16.88
C LEU L 33 -15.17 46.71 17.38
N LEU L 34 -14.97 45.75 16.49
CA LEU L 34 -14.68 44.38 16.87
C LEU L 34 -13.20 44.30 17.18
N GLY L 35 -12.75 43.18 17.71
CA GLY L 35 -11.33 43.14 18.00
C GLY L 35 -10.53 42.62 16.84
N THR L 36 -9.93 43.50 16.05
CA THR L 36 -9.10 43.07 14.94
C THR L 36 -7.80 43.83 14.97
N TYR L 37 -6.89 43.45 14.08
CA TYR L 37 -5.53 43.98 14.12
C TYR L 37 -5.08 44.20 12.69
N PHE L 38 -5.17 45.44 12.23
CA PHE L 38 -4.86 45.82 10.87
C PHE L 38 -3.49 46.49 10.84
N LYS L 39 -2.80 46.39 9.70
CA LYS L 39 -1.43 46.86 9.65
C LYS L 39 -1.02 47.14 8.22
N CYS L 40 -0.45 48.32 7.99
CA CYS L 40 0.01 48.74 6.67
C CYS L 40 1.45 49.20 6.78
N PHE L 41 2.22 48.99 5.72
CA PHE L 41 3.66 49.21 5.74
C PHE L 41 4.04 50.37 4.84
N PHE L 42 4.79 51.32 5.39
CA PHE L 42 5.20 52.53 4.69
C PHE L 42 6.72 52.62 4.70
N TYR L 43 7.29 53.12 3.61
CA TYR L 43 8.73 53.18 3.51
C TYR L 43 9.26 54.55 3.89
N VAL L 44 10.45 54.54 4.49
CA VAL L 44 11.02 55.72 5.14
C VAL L 44 11.39 56.82 4.15
N LYS L 45 11.99 56.48 3.02
CA LYS L 45 12.47 57.48 2.06
C LYS L 45 11.35 58.32 1.45
N GLU L 46 10.10 57.87 1.52
CA GLU L 46 9.01 58.62 0.94
C GLU L 46 8.23 59.44 1.95
N ILE L 47 8.42 59.19 3.24
CA ILE L 47 7.74 59.95 4.29
C ILE L 47 8.36 61.33 4.37
N THR L 48 7.52 62.36 4.37
CA THR L 48 7.98 63.74 4.43
C THR L 48 7.44 64.37 5.70
N LEU L 49 7.69 65.67 5.85
CA LEU L 49 7.20 66.42 6.99
C LEU L 49 5.69 66.56 6.96
N ASN L 50 5.12 66.66 5.77
CA ASN L 50 3.70 66.92 5.58
C ASN L 50 2.83 65.70 5.85
N LYS L 51 3.36 64.51 5.61
CA LYS L 51 2.60 63.28 5.78
C LYS L 51 2.52 62.82 7.22
N LEU L 52 3.02 63.59 8.18
CA LEU L 52 2.81 63.24 9.57
C LEU L 52 1.74 64.12 10.20
N GLU L 53 1.65 65.38 9.77
CA GLU L 53 0.52 66.22 10.18
C GLU L 53 -0.76 65.78 9.50
N SER L 54 -0.73 65.68 8.18
CA SER L 54 -1.76 64.96 7.46
C SER L 54 -1.56 63.47 7.67
N GLY L 55 -2.55 62.70 7.24
CA GLY L 55 -2.47 61.27 7.40
C GLY L 55 -2.21 60.55 6.09
N PHE L 56 -2.20 59.24 6.19
CA PHE L 56 -1.98 58.36 5.06
C PHE L 56 -3.31 57.94 4.44
N SER L 57 -3.30 57.79 3.12
CA SER L 57 -4.52 57.42 2.41
C SER L 57 -4.87 55.97 2.65
N PHE L 58 -6.14 55.78 2.92
CA PHE L 58 -6.58 54.50 3.32
C PHE L 58 -8.01 54.31 2.87
N ASP L 59 -8.32 53.12 2.36
CA ASP L 59 -9.67 52.83 1.92
C ASP L 59 -10.24 51.89 2.96
N ALA L 60 -11.33 52.30 3.58
CA ALA L 60 -11.94 51.47 4.61
C ALA L 60 -13.33 51.00 4.21
N SER L 61 -13.58 50.86 2.91
CA SER L 61 -14.88 50.38 2.47
C SER L 61 -15.04 48.89 2.68
N SER L 62 -13.95 48.17 2.98
CA SER L 62 -13.95 46.72 3.11
C SER L 62 -13.75 46.25 4.53
N ILE L 63 -13.34 47.12 5.43
CA ILE L 63 -13.17 46.77 6.83
C ILE L 63 -14.53 46.76 7.51
N LYS L 64 -14.80 45.73 8.30
CA LYS L 64 -16.10 45.56 8.94
C LYS L 64 -16.34 46.62 10.00
N LEU L 65 -17.55 47.20 9.96
CA LEU L 65 -17.97 48.32 10.80
C LEU L 65 -17.05 49.53 10.67
N CYS L 66 -16.65 49.84 9.45
CA CYS L 66 -15.84 51.03 9.21
C CYS L 66 -16.17 51.71 7.88
N SER L 67 -17.45 51.66 7.49
CA SER L 67 -17.90 52.27 6.23
C SER L 67 -18.98 53.35 6.37
N ASP L 68 -18.81 54.44 5.63
CA ASP L 68 -19.76 55.56 5.61
C ASP L 68 -20.33 55.63 4.20
N THR L 69 -21.63 55.91 4.06
CA THR L 69 -22.20 55.89 2.72
C THR L 69 -21.20 56.39 1.69
N GLU L 70 -20.77 57.64 1.81
CA GLU L 70 -19.93 58.25 0.79
C GLU L 70 -18.54 58.62 1.23
N VAL L 71 -18.21 58.51 2.52
CA VAL L 71 -16.81 58.63 2.87
C VAL L 71 -16.14 57.32 2.49
N SER L 72 -15.57 57.27 1.30
CA SER L 72 -14.83 56.11 0.83
C SER L 72 -13.34 56.27 1.06
N ASP L 73 -12.89 57.46 1.40
CA ASP L 73 -11.49 57.75 1.66
C ASP L 73 -11.35 58.31 3.06
N PHE L 74 -10.46 57.71 3.84
CA PHE L 74 -10.20 58.12 5.20
C PHE L 74 -8.74 58.52 5.33
N PHE L 75 -8.33 58.78 6.56
CA PHE L 75 -6.96 59.10 6.90
C PHE L 75 -6.46 58.05 7.88
N ILE L 76 -5.18 58.13 8.20
CA ILE L 76 -4.59 57.37 9.30
C ILE L 76 -3.69 58.34 10.05
N LYS L 77 -4.10 58.71 11.25
CA LYS L 77 -3.39 59.73 12.00
C LYS L 77 -2.36 59.07 12.91
N VAL L 78 -1.09 59.41 12.69
CA VAL L 78 0.01 58.79 13.41
C VAL L 78 0.04 59.36 14.82
N ASP L 79 -0.03 58.49 15.81
CA ASP L 79 0.00 58.91 17.20
C ASP L 79 1.27 58.40 17.88
N HIS L 80 2.00 59.32 18.48
CA HIS L 80 3.26 59.04 19.18
C HIS L 80 3.09 58.43 20.57
N SER L 81 4.19 57.99 21.19
CA SER L 81 4.16 57.40 22.53
C SER L 81 3.77 55.92 22.64
N THR L 82 3.64 55.22 21.51
CA THR L 82 3.28 53.82 21.51
C THR L 82 4.05 53.21 20.35
N CYS L 83 5.36 53.01 20.52
CA CYS L 83 6.15 52.52 19.40
C CYS L 83 7.07 51.43 19.91
N TYR L 84 7.48 50.53 19.01
CA TYR L 84 8.52 49.58 19.33
C TYR L 84 9.18 49.12 18.04
N LEU L 85 10.50 48.94 18.11
CA LEU L 85 11.26 48.47 16.96
C LEU L 85 11.16 46.96 16.84
N GLU L 86 11.48 46.47 15.64
CA GLU L 86 11.52 45.04 15.38
C GLU L 86 12.76 44.71 14.56
N GLU L 87 13.01 43.41 14.41
CA GLU L 87 14.05 42.89 13.54
C GLU L 87 13.41 41.77 12.73
N CYS L 88 12.83 42.13 11.59
CA CYS L 88 12.27 41.13 10.67
C CYS L 88 13.21 41.06 9.47
N ASP L 89 13.90 39.92 9.34
CA ASP L 89 14.81 39.61 8.24
C ASP L 89 15.91 40.66 8.11
N GLY L 90 16.52 41.03 9.24
CA GLY L 90 17.59 42.00 9.23
C GLY L 90 17.15 43.41 8.93
N LYS L 91 15.86 43.71 9.02
CA LYS L 91 15.31 45.02 8.72
C LYS L 91 14.59 45.56 9.95
N ASN L 92 14.78 46.85 10.23
CA ASN L 92 14.18 47.47 11.41
C ASN L 92 12.86 48.13 11.03
N ILE L 93 11.81 47.83 11.79
CA ILE L 93 10.46 48.28 11.53
C ILE L 93 9.94 48.98 12.76
N LEU L 94 9.58 50.26 12.63
CA LEU L 94 8.76 50.87 13.67
C LEU L 94 7.34 50.34 13.59
N ASN L 95 6.68 50.29 14.74
CA ASN L 95 5.29 49.88 14.81
C ASN L 95 4.56 50.92 15.65
N ILE L 96 3.75 51.73 15.01
CA ILE L 96 3.13 52.87 15.65
C ILE L 96 1.63 52.66 15.74
N MET L 97 1.04 52.92 16.90
CA MET L 97 -0.40 52.92 17.03
C MET L 97 -0.99 54.17 16.39
N CYS L 98 -2.04 53.98 15.60
CA CYS L 98 -2.49 54.98 14.66
C CYS L 98 -4.02 55.02 14.61
N ASP L 99 -4.61 56.19 14.83
CA ASP L 99 -6.06 56.32 14.73
C ASP L 99 -6.49 56.65 13.30
N ILE L 100 -7.79 56.52 13.07
CA ILE L 100 -8.41 56.86 11.79
C ILE L 100 -9.30 58.07 11.97
N LYS L 101 -9.26 58.97 10.99
CA LYS L 101 -9.99 60.22 11.08
C LYS L 101 -10.68 60.48 9.74
N ARG L 102 -11.50 61.53 9.77
CA ARG L 102 -12.22 62.06 8.63
C ARG L 102 -11.33 63.09 7.93
N TYR L 103 -11.83 63.67 6.86
CA TYR L 103 -11.08 64.66 6.10
C TYR L 103 -10.70 65.93 6.87
N ASN L 104 -11.59 66.44 7.71
CA ASN L 104 -11.33 67.69 8.42
C ASN L 104 -10.41 67.48 9.62
N GLY L 105 -10.35 66.26 10.13
CA GLY L 105 -9.58 65.99 11.33
C GLY L 105 -10.52 65.79 12.50
N PHE L 106 -11.81 65.63 12.20
CA PHE L 106 -12.77 65.36 13.24
C PHE L 106 -12.66 63.91 13.70
N ASP L 107 -13.04 63.71 14.95
CA ASP L 107 -12.98 62.40 15.59
C ASP L 107 -14.02 61.48 14.97
N TYR L 108 -13.57 60.40 14.33
CA TYR L 108 -14.48 59.44 13.74
C TYR L 108 -15.20 58.65 14.82
N TYR L 109 -16.51 58.52 14.70
CA TYR L 109 -17.31 57.96 15.79
C TYR L 109 -17.25 56.44 15.84
N LYS L 110 -16.70 55.79 14.83
CA LYS L 110 -16.50 54.35 14.88
C LYS L 110 -15.03 53.98 15.01
N CYS L 111 -14.24 54.81 15.69
CA CYS L 111 -12.89 54.42 16.04
C CYS L 111 -12.79 54.20 17.54
N PRO L 112 -12.40 53.00 17.97
CA PRO L 112 -12.40 52.70 19.40
C PRO L 112 -11.27 53.36 20.17
N ARG L 113 -10.13 53.59 19.54
CA ARG L 113 -9.04 54.27 20.23
C ARG L 113 -9.34 55.74 20.42
N THR L 114 -10.16 56.33 19.55
CA THR L 114 -10.59 57.70 19.77
C THR L 114 -11.66 57.79 20.83
N ILE L 115 -12.30 56.67 21.17
CA ILE L 115 -13.29 56.67 22.23
C ILE L 115 -12.60 56.67 23.59
N LEU L 116 -11.56 55.85 23.76
CA LEU L 116 -10.79 55.87 24.99
C LEU L 116 -10.02 57.16 25.20
N LYS L 117 -9.61 57.84 24.14
CA LYS L 117 -9.02 59.14 24.31
C LYS L 117 -10.02 60.17 24.76
N LYS L 118 -11.30 59.97 24.46
CA LYS L 118 -12.33 60.90 24.86
C LYS L 118 -12.87 60.63 26.25
N THR L 119 -13.06 59.37 26.62
CA THR L 119 -13.64 59.09 27.93
C THR L 119 -12.62 59.24 29.04
N CYS L 120 -11.33 59.13 28.73
CA CYS L 120 -10.33 59.39 29.74
C CYS L 120 -10.09 60.87 29.93
N GLU L 121 -10.17 61.64 28.84
CA GLU L 121 -10.06 63.10 28.92
C GLU L 121 -11.37 63.75 29.29
N PHE L 122 -12.45 62.98 29.41
CA PHE L 122 -13.68 63.49 30.00
C PHE L 122 -13.66 63.33 31.51
N VAL L 123 -13.20 62.19 32.00
CA VAL L 123 -13.15 61.95 33.44
C VAL L 123 -12.12 62.87 34.10
N LYS L 124 -11.02 63.15 33.41
CA LYS L 124 -9.96 63.99 33.97
C LYS L 124 -10.38 65.44 34.08
N ASN L 125 -11.44 65.85 33.36
CA ASN L 125 -11.85 67.24 33.36
C ASN L 125 -12.79 67.58 34.51
N GLU L 126 -13.20 66.60 35.31
CA GLU L 126 -14.06 66.87 36.45
C GLU L 126 -13.34 66.83 37.79
N GLY L 127 -12.01 66.83 37.80
CA GLY L 127 -11.28 66.77 39.05
C GLY L 127 -11.35 65.44 39.76
N ILE L 128 -11.91 64.42 39.11
CA ILE L 128 -12.05 63.08 39.66
C ILE L 128 -11.27 62.14 38.77
N ALA L 129 -10.34 61.39 39.36
CA ALA L 129 -9.60 60.31 38.71
C ALA L 129 -8.80 60.81 37.50
N ASP L 130 -7.75 61.60 37.78
CA ASP L 130 -6.87 62.08 36.72
C ASP L 130 -6.15 60.94 36.03
N LYS L 131 -5.99 59.80 36.71
CA LYS L 131 -5.39 58.61 36.15
C LYS L 131 -6.29 57.44 36.46
N VAL L 132 -6.38 56.50 35.51
CA VAL L 132 -7.09 55.24 35.71
C VAL L 132 -6.07 54.14 35.47
N CYS L 133 -5.75 53.38 36.50
CA CYS L 133 -4.81 52.27 36.39
C CYS L 133 -5.59 50.97 36.30
N ILE L 134 -5.40 50.24 35.21
CA ILE L 134 -6.09 48.99 34.95
C ILE L 134 -5.04 47.92 34.69
N GLY L 135 -5.17 46.76 35.34
CA GLY L 135 -4.35 45.61 35.04
C GLY L 135 -5.17 44.54 34.34
N ASN L 136 -4.46 43.56 33.78
CA ASN L 136 -5.14 42.49 33.05
C ASN L 136 -4.44 41.16 33.27
N GLU L 137 -5.19 40.09 33.01
CA GLU L 137 -4.71 38.72 33.19
C GLU L 137 -5.21 37.91 31.99
N LEU L 138 -4.36 37.73 30.99
CA LEU L 138 -4.77 37.06 29.77
C LEU L 138 -4.72 35.55 29.92
N GLU L 139 -5.70 34.87 29.36
CA GLU L 139 -5.75 33.41 29.38
C GLU L 139 -5.95 32.93 27.96
N PHE L 140 -5.12 31.98 27.53
CA PHE L 140 -5.15 31.53 26.15
C PHE L 140 -4.87 30.03 26.11
N PHE L 141 -5.37 29.38 25.06
CA PHE L 141 -5.10 27.97 24.82
C PHE L 141 -4.02 27.89 23.75
N ILE L 142 -3.23 26.83 23.78
CA ILE L 142 -2.26 26.56 22.74
C ILE L 142 -2.53 25.18 22.20
N PHE L 143 -3.20 25.10 21.06
CA PHE L 143 -3.49 23.86 20.36
C PHE L 143 -2.38 23.61 19.37
N ASP L 144 -2.40 22.44 18.74
CA ASP L 144 -1.37 22.09 17.78
C ASP L 144 -1.85 22.36 16.37
N LYS L 145 -3.07 21.90 16.11
CA LYS L 145 -3.70 22.08 14.82
C LYS L 145 -5.20 22.12 15.02
N VAL L 146 -5.89 22.78 14.10
CA VAL L 146 -7.34 22.86 14.17
C VAL L 146 -7.88 22.83 12.75
N ASN L 147 -8.79 21.92 12.47
CA ASN L 147 -9.43 21.81 11.16
C ASN L 147 -10.94 21.87 11.34
N TYR L 148 -11.60 22.69 10.55
CA TYR L 148 -13.05 22.67 10.52
C TYR L 148 -13.56 22.86 9.10
N SER L 149 -14.88 22.73 8.95
CA SER L 149 -15.52 22.88 7.65
C SER L 149 -16.99 23.17 7.86
N LEU L 150 -17.61 23.74 6.83
CA LEU L 150 -19.01 24.14 6.91
C LEU L 150 -19.84 23.67 5.73
N ASP L 151 -19.39 22.65 4.99
CA ASP L 151 -20.19 22.08 3.93
C ASP L 151 -21.42 21.40 4.52
N GLU L 152 -22.52 21.41 3.76
CA GLU L 152 -23.80 20.95 4.28
C GLU L 152 -23.78 19.47 4.62
N TYR L 153 -22.92 18.73 3.96
CA TYR L 153 -22.85 17.29 4.13
C TYR L 153 -21.59 16.87 4.87
N ASN L 154 -20.63 17.78 5.02
CA ASN L 154 -19.34 17.42 5.63
C ASN L 154 -18.80 18.25 6.80
N THR L 155 -19.65 18.96 7.53
CA THR L 155 -19.13 19.78 8.63
C THR L 155 -18.42 18.93 9.69
N TYR L 156 -17.27 19.41 10.15
CA TYR L 156 -16.51 18.73 11.17
C TYR L 156 -15.71 19.71 12.02
N LEU L 157 -15.22 19.21 13.14
CA LEU L 157 -14.14 19.79 13.91
C LEU L 157 -13.09 18.73 14.15
N LYS L 158 -11.83 19.14 14.18
CA LYS L 158 -10.75 18.29 14.65
C LYS L 158 -9.75 19.19 15.34
N VAL L 159 -9.73 19.15 16.67
CA VAL L 159 -8.74 19.89 17.45
C VAL L 159 -7.65 18.91 17.81
N TYR L 160 -6.44 19.18 17.38
CA TYR L 160 -5.30 18.32 17.68
C TYR L 160 -4.57 18.91 18.88
N ASP L 161 -4.32 18.10 19.89
CA ASP L 161 -3.67 18.54 21.10
C ASP L 161 -2.53 17.61 21.49
N ARG L 162 -1.59 18.14 22.24
CA ARG L 162 -0.40 17.40 22.62
C ARG L 162 -0.35 17.10 24.11
N GLU L 163 -1.04 17.88 24.93
CA GLU L 163 -1.04 17.67 26.36
C GLU L 163 -2.27 16.98 26.89
N SER L 164 -3.38 17.06 26.17
CA SER L 164 -4.64 16.57 26.69
C SER L 164 -4.74 15.08 26.51
N PHE L 165 -5.13 14.38 27.58
CA PHE L 165 -5.30 12.94 27.52
C PHE L 165 -6.54 12.56 26.73
N SER L 166 -7.54 13.43 26.70
CA SER L 166 -8.83 13.05 26.13
C SER L 166 -8.91 13.33 24.64
N CYS L 167 -7.92 14.01 24.07
CA CYS L 167 -7.85 14.07 22.61
C CYS L 167 -7.26 12.78 22.08
N LYS L 168 -8.07 12.01 21.38
CA LYS L 168 -7.64 10.71 20.91
C LYS L 168 -7.41 10.71 19.41
N ASN L 169 -7.15 11.87 18.83
CA ASN L 169 -6.62 11.97 17.48
C ASN L 169 -5.16 11.57 17.49
N ASP L 170 -4.68 11.05 16.36
CA ASP L 170 -3.28 10.67 16.25
C ASP L 170 -2.50 11.74 15.49
N LEU L 171 -1.34 12.10 16.02
CA LEU L 171 -0.50 13.15 15.48
C LEU L 171 0.63 12.60 14.62
N SER L 172 0.57 11.34 14.23
CA SER L 172 1.59 10.79 13.35
C SER L 172 1.44 11.28 11.93
N SER L 173 0.24 11.71 11.55
CA SER L 173 0.02 12.24 10.21
C SER L 173 0.59 13.62 10.02
N ILE L 174 0.72 14.38 11.09
CA ILE L 174 1.20 15.76 11.02
C ILE L 174 2.68 15.73 10.65
N TYR L 175 3.02 16.37 9.54
CA TYR L 175 4.39 16.35 9.07
C TYR L 175 5.25 17.37 9.80
N GLU L 196 8.42 17.97 18.78
CA GLU L 196 8.02 17.95 17.37
C GLU L 196 7.25 16.69 17.00
N TYR L 197 6.38 16.24 17.93
CA TYR L 197 5.39 15.19 17.73
C TYR L 197 6.08 13.85 17.51
N LEU L 198 7.20 13.65 18.19
CA LEU L 198 8.04 12.48 17.96
C LEU L 198 7.38 11.21 18.49
N ILE L 199 7.08 11.15 19.78
CA ILE L 199 6.54 9.95 20.39
C ILE L 199 5.22 10.32 21.04
N ASN L 200 4.16 9.63 20.66
CA ASN L 200 2.84 9.87 21.23
C ASN L 200 2.59 8.87 22.34
N ASP L 201 2.80 9.27 23.58
CA ASP L 201 2.49 8.43 24.71
C ASP L 201 1.56 9.15 25.67
N ASP L 202 0.59 8.42 26.19
CA ASP L 202 -0.40 8.96 27.10
C ASP L 202 0.12 9.10 28.52
N SER L 203 1.39 8.78 28.75
CA SER L 203 1.96 8.83 30.09
C SER L 203 2.30 10.25 30.50
N LYS L 204 2.71 11.08 29.56
CA LYS L 204 3.07 12.47 29.83
C LYS L 204 1.98 13.44 29.43
N LYS L 205 0.72 13.03 29.47
CA LYS L 205 -0.37 13.91 29.11
C LYS L 205 -1.16 14.32 30.34
N VAL L 206 -1.75 15.50 30.28
CA VAL L 206 -2.50 16.05 31.40
C VAL L 206 -3.95 15.59 31.28
N LYS L 207 -4.51 15.09 32.38
CA LYS L 207 -5.91 14.72 32.38
C LYS L 207 -6.78 15.95 32.61
N LYS L 208 -8.09 15.78 32.50
CA LYS L 208 -8.97 16.95 32.45
C LYS L 208 -9.17 17.54 33.83
N LYS L 209 -9.23 18.89 33.87
CA LYS L 209 -9.42 19.72 35.06
C LYS L 209 -8.40 19.45 36.15
N SER L 210 -7.22 18.97 35.76
CA SER L 210 -6.25 18.53 36.76
C SER L 210 -4.86 19.01 36.41
N GLY L 211 -4.73 20.11 35.69
CA GLY L 211 -3.42 20.63 35.37
C GLY L 211 -3.18 22.05 35.81
N TYR L 212 -3.50 22.41 37.05
CA TYR L 212 -3.43 23.81 37.46
C TYR L 212 -2.01 24.35 37.39
N PHE L 213 -1.12 23.88 38.25
CA PHE L 213 0.27 24.28 38.14
C PHE L 213 1.04 23.06 37.68
N THR L 214 1.43 23.00 36.41
CA THR L 214 2.15 21.84 35.94
C THR L 214 3.54 22.22 35.46
N THR L 215 4.34 21.17 35.29
CA THR L 215 5.74 21.32 35.02
C THR L 215 6.28 20.81 33.67
N ASP L 216 7.59 20.57 33.60
CA ASP L 216 8.23 20.18 32.34
C ASP L 216 7.80 18.89 31.63
N PRO L 217 7.62 17.78 32.37
CA PRO L 217 7.15 16.63 31.58
C PRO L 217 5.76 16.84 31.01
N TYR L 218 4.86 17.47 31.76
CA TYR L 218 3.47 17.59 31.38
C TYR L 218 3.15 18.89 30.66
N ASP L 219 3.77 19.99 31.07
CA ASP L 219 3.63 21.25 30.37
C ASP L 219 4.56 21.24 29.16
N THR L 220 3.97 20.85 28.04
CA THR L 220 4.60 20.68 26.73
C THR L 220 5.12 21.97 26.14
N SER L 221 4.57 23.09 26.56
CA SER L 221 5.03 24.32 25.96
C SER L 221 5.54 25.28 26.99
N ASN L 222 6.70 24.95 27.55
CA ASN L 222 7.35 25.85 28.50
C ASN L 222 8.36 26.76 27.84
N ILE L 223 8.95 26.34 26.72
CA ILE L 223 9.95 27.15 26.05
C ILE L 223 9.27 28.30 25.31
N ILE L 224 8.01 28.13 24.90
CA ILE L 224 7.26 29.19 24.25
C ILE L 224 7.03 30.35 25.20
N LYS L 225 6.73 30.07 26.46
CA LYS L 225 6.34 31.11 27.40
C LYS L 225 7.52 31.97 27.81
N LEU L 226 8.71 31.38 27.90
CA LEU L 226 9.88 32.19 28.19
C LEU L 226 10.28 33.04 27.01
N ARG L 227 9.89 32.67 25.80
CA ARG L 227 10.16 33.47 24.62
C ARG L 227 9.09 34.50 24.37
N ILE L 228 7.91 34.36 24.97
CA ILE L 228 6.89 35.39 24.86
C ILE L 228 7.28 36.52 25.78
N CYS L 229 7.55 36.19 27.04
CA CYS L 229 7.77 37.22 28.04
C CYS L 229 9.19 37.81 27.95
N ARG L 230 10.08 37.15 27.22
CA ARG L 230 11.30 37.84 26.80
C ARG L 230 10.98 38.95 25.81
N ALA L 231 10.03 38.71 24.92
CA ALA L 231 9.67 39.70 23.92
C ALA L 231 8.75 40.77 24.47
N LEU L 232 8.15 40.56 25.64
CA LEU L 232 7.31 41.57 26.27
C LEU L 232 8.07 42.43 27.25
N ASN L 233 9.05 41.86 27.95
CA ASN L 233 9.83 42.67 28.88
C ASN L 233 10.84 43.53 28.15
N ASP L 234 11.25 43.14 26.94
CA ASP L 234 12.10 44.00 26.14
C ASP L 234 11.37 45.22 25.64
N MET L 235 10.04 45.15 25.57
CA MET L 235 9.18 46.21 25.08
C MET L 235 8.59 47.05 26.20
N ASN L 236 9.06 46.86 27.43
CA ASN L 236 8.53 47.46 28.66
C ASN L 236 7.04 47.19 28.85
N ILE L 237 6.55 46.04 28.42
CA ILE L 237 5.27 45.51 28.87
C ILE L 237 5.62 44.47 29.91
N ASN L 238 5.77 44.91 31.15
CA ASN L 238 6.35 44.05 32.19
C ASN L 238 5.35 43.03 32.67
N VAL L 239 5.82 41.78 32.83
CA VAL L 239 4.98 40.65 33.24
C VAL L 239 5.10 40.24 34.70
N GLN L 240 3.99 40.37 35.43
CA GLN L 240 3.92 40.01 36.85
C GLN L 240 4.03 38.51 37.24
N ARG L 241 3.35 37.64 36.51
CA ARG L 241 3.35 36.20 36.83
C ARG L 241 3.00 35.28 35.66
N TYR L 242 3.26 33.98 35.80
CA TYR L 242 2.97 33.04 34.73
C TYR L 242 2.60 31.72 35.39
N HIS L 243 1.58 31.05 34.88
CA HIS L 243 1.35 29.65 35.22
C HIS L 243 0.56 28.97 34.11
N HIS L 244 0.46 27.65 34.22
CA HIS L 244 -0.52 26.83 33.53
C HIS L 244 -1.87 27.06 34.19
N GLU L 245 -2.96 26.57 33.61
CA GLU L 245 -4.25 26.79 34.26
C GLU L 245 -5.12 25.55 34.25
N VAL L 246 -6.35 25.69 34.74
CA VAL L 246 -7.19 24.53 35.05
C VAL L 246 -7.86 24.14 33.74
N SER L 247 -7.08 23.51 32.88
CA SER L 247 -7.47 22.92 31.61
C SER L 247 -6.20 22.34 31.02
N THR L 248 -6.36 21.48 30.06
CA THR L 248 -5.23 20.93 29.34
C THR L 248 -4.84 21.92 28.26
N SER L 249 -3.60 22.40 28.32
CA SER L 249 -3.03 23.44 27.45
C SER L 249 -3.84 24.74 27.52
N GLN L 250 -3.92 25.30 28.72
CA GLN L 250 -4.44 26.64 28.93
C GLN L 250 -3.51 27.39 29.87
N HIS L 251 -3.00 28.52 29.41
CA HIS L 251 -1.94 29.24 30.11
C HIS L 251 -2.47 30.59 30.60
N GLU L 252 -1.57 31.42 31.12
CA GLU L 252 -1.97 32.64 31.80
C GLU L 252 -0.81 33.62 31.81
N ILE L 253 -1.06 34.88 31.45
CA ILE L 253 -0.10 35.96 31.62
C ILE L 253 -0.77 37.07 32.39
N SER L 254 -0.18 37.50 33.49
CA SER L 254 -0.67 38.66 34.22
C SER L 254 0.34 39.79 34.13
N LEU L 255 -0.11 40.93 33.63
CA LEU L 255 0.77 42.04 33.31
C LEU L 255 0.79 43.07 34.43
N LYS L 256 1.70 44.02 34.29
CA LYS L 256 1.83 45.15 35.20
C LYS L 256 0.65 46.10 35.00
N TYR L 257 0.43 46.97 35.98
CA TYR L 257 -0.65 47.95 35.89
C TYR L 257 -0.22 49.13 35.05
N PHE L 258 -1.10 49.59 34.18
CA PHE L 258 -0.75 50.67 33.26
C PHE L 258 -1.89 51.68 33.23
N ASP L 259 -1.63 52.81 32.60
CA ASP L 259 -2.67 53.79 32.29
C ASP L 259 -3.68 53.16 31.34
N ALA L 260 -4.94 53.60 31.44
CA ALA L 260 -6.04 52.93 30.75
C ALA L 260 -5.95 53.07 29.25
N LEU L 261 -5.29 54.12 28.75
CA LEU L 261 -5.11 54.24 27.31
C LEU L 261 -3.96 53.37 26.83
N THR L 262 -2.92 53.22 27.63
CA THR L 262 -1.81 52.38 27.22
C THR L 262 -2.02 50.93 27.59
N ASN L 263 -3.02 50.63 28.41
CA ASN L 263 -3.36 49.24 28.66
C ASN L 263 -3.99 48.60 27.45
N ALA L 264 -5.01 49.26 26.88
CA ALA L 264 -5.69 48.69 25.73
C ALA L 264 -4.80 48.69 24.50
N ASP L 265 -3.83 49.61 24.44
CA ASP L 265 -2.80 49.51 23.42
C ASP L 265 -1.91 48.31 23.64
N PHE L 266 -1.57 48.00 24.89
CA PHE L 266 -0.68 46.88 25.16
C PHE L 266 -1.40 45.55 25.08
N LEU L 267 -2.74 45.55 25.11
CA LEU L 267 -3.44 44.29 24.95
C LEU L 267 -3.47 43.83 23.51
N LEU L 268 -3.59 44.75 22.56
CA LEU L 268 -3.50 44.34 21.16
C LEU L 268 -2.12 43.87 20.79
N ILE L 269 -1.09 44.51 21.32
CA ILE L 269 0.28 44.13 21.00
C ILE L 269 0.63 42.80 21.66
N THR L 270 0.05 42.53 22.84
CA THR L 270 0.30 41.26 23.50
C THR L 270 -0.34 40.10 22.74
N LYS L 271 -1.60 40.25 22.34
CA LYS L 271 -2.31 39.19 21.64
C LYS L 271 -1.68 38.87 20.29
N GLN L 272 -1.07 39.84 19.63
CA GLN L 272 -0.42 39.54 18.36
C GLN L 272 0.96 38.94 18.59
N ILE L 273 1.63 39.31 19.68
CA ILE L 273 2.93 38.72 19.98
C ILE L 273 2.77 37.30 20.46
N ILE L 274 1.70 37.03 21.21
CA ILE L 274 1.40 35.66 21.63
C ILE L 274 1.04 34.82 20.41
N LYS L 275 0.29 35.38 19.46
CA LYS L 275 -0.11 34.62 18.29
C LYS L 275 1.05 34.32 17.36
N THR L 276 1.99 35.25 17.19
CA THR L 276 3.10 35.04 16.26
C THR L 276 4.21 34.19 16.85
N THR L 277 4.50 34.33 18.13
CA THR L 277 5.57 33.53 18.71
C THR L 277 5.14 32.10 18.91
N VAL L 278 3.85 31.85 19.07
CA VAL L 278 3.35 30.48 19.11
C VAL L 278 3.37 29.88 17.72
N SER L 279 2.98 30.63 16.71
CA SER L 279 2.92 30.09 15.35
C SER L 279 4.30 29.92 14.73
N SER L 280 5.35 30.49 15.32
CA SER L 280 6.70 30.21 14.85
C SER L 280 7.21 28.90 15.43
N PHE L 281 6.48 28.33 16.40
CA PHE L 281 6.73 26.99 16.90
C PHE L 281 5.84 25.96 16.24
N ASN L 282 5.15 26.36 15.17
CA ASN L 282 4.16 25.55 14.44
C ASN L 282 3.03 25.08 15.35
N ARG L 283 2.46 26.00 16.12
CA ARG L 283 1.25 25.74 16.89
C ARG L 283 0.28 26.90 16.67
N THR L 284 -0.91 26.78 17.25
CA THR L 284 -1.88 27.85 17.22
C THR L 284 -2.17 28.31 18.64
N ALA L 285 -2.57 29.57 18.79
CA ALA L 285 -2.96 30.11 20.09
C ALA L 285 -4.27 30.82 19.92
N THR L 286 -5.22 30.58 20.84
CA THR L 286 -6.54 31.14 20.70
C THR L 286 -6.94 31.91 21.95
N PHE L 287 -7.89 32.81 21.77
CA PHE L 287 -8.45 33.61 22.84
C PHE L 287 -9.98 33.51 22.85
N MET L 288 -10.51 32.42 22.32
CA MET L 288 -11.93 32.17 22.37
C MET L 288 -12.38 32.01 23.81
N PRO L 289 -13.56 32.49 24.17
CA PRO L 289 -14.22 31.99 25.37
C PRO L 289 -14.89 30.67 25.04
N LYS L 290 -14.56 29.64 25.82
CA LYS L 290 -15.03 28.28 25.62
C LYS L 290 -14.77 27.69 24.21
N PRO L 291 -13.54 27.31 23.91
CA PRO L 291 -13.36 26.10 23.11
C PRO L 291 -13.43 24.91 24.06
N LEU L 292 -13.71 23.74 23.51
CA LEU L 292 -13.68 22.47 24.24
C LEU L 292 -14.67 22.45 25.41
N VAL L 293 -15.91 22.06 25.09
CA VAL L 293 -17.08 21.95 25.96
C VAL L 293 -16.80 21.50 27.38
N ASN L 294 -15.98 20.46 27.55
CA ASN L 294 -15.72 19.94 28.88
C ASN L 294 -14.50 20.55 29.55
N ASP L 295 -14.06 21.73 29.17
CA ASP L 295 -12.99 22.41 29.89
C ASP L 295 -13.33 23.85 30.20
N ASN L 296 -12.40 24.58 30.80
CA ASN L 296 -12.67 25.95 31.22
C ASN L 296 -12.63 26.90 30.03
N GLY L 297 -12.96 28.16 30.30
CA GLY L 297 -12.94 29.21 29.31
C GLY L 297 -11.77 30.14 29.50
N ASN L 298 -11.81 31.24 28.75
CA ASN L 298 -10.79 32.27 28.81
C ASN L 298 -11.42 33.59 29.21
N GLY L 299 -10.92 34.20 30.27
CA GLY L 299 -11.50 35.42 30.78
C GLY L 299 -10.53 36.57 30.71
N LEU L 300 -11.00 37.72 31.17
CA LEU L 300 -10.16 38.88 31.46
C LEU L 300 -10.52 39.38 32.85
N HIS L 301 -9.59 39.26 33.77
CA HIS L 301 -9.76 39.89 35.06
C HIS L 301 -9.21 41.31 34.95
N CYS L 302 -10.08 42.30 35.11
CA CYS L 302 -9.69 43.71 34.98
C CYS L 302 -9.59 44.29 36.38
N ASN L 303 -8.37 44.37 36.89
CA ASN L 303 -8.15 45.02 38.18
C ASN L 303 -8.09 46.53 38.00
N ILE L 304 -9.11 47.23 38.51
CA ILE L 304 -9.28 48.65 38.26
C ILE L 304 -9.05 49.41 39.55
N SER L 305 -8.44 50.59 39.45
CA SER L 305 -8.28 51.51 40.56
C SER L 305 -8.13 52.91 40.00
N LEU L 306 -8.59 53.92 40.74
CA LEU L 306 -8.52 55.30 40.30
C LEU L 306 -7.57 56.09 41.19
N TRP L 307 -7.00 57.16 40.62
CA TRP L 307 -5.95 57.91 41.30
C TRP L 307 -6.20 59.40 41.15
N LYS L 308 -5.90 60.14 42.21
CA LYS L 308 -5.97 61.61 42.21
C LYS L 308 -4.78 62.13 43.01
N ASN L 309 -3.88 62.86 42.32
CA ASN L 309 -2.70 63.47 42.90
C ASN L 309 -1.81 62.44 43.61
N ASN L 310 -1.59 61.32 42.92
CA ASN L 310 -0.87 60.15 43.41
C ASN L 310 -1.48 59.61 44.71
N LYS L 311 -2.80 59.70 44.84
CA LYS L 311 -3.51 59.12 45.97
C LYS L 311 -4.70 58.34 45.46
N ASN L 312 -4.98 57.20 46.08
CA ASN L 312 -6.10 56.37 45.71
C ASN L 312 -7.41 57.03 46.07
N ILE L 313 -8.32 57.03 45.09
CA ILE L 313 -9.68 57.48 45.30
C ILE L 313 -10.30 56.44 46.25
N PHE L 314 -9.95 55.18 46.02
CA PHE L 314 -10.44 54.04 46.80
C PHE L 314 -9.60 53.85 48.07
N TYR L 315 -9.71 54.76 49.05
CA TYR L 315 -8.98 54.63 50.30
C TYR L 315 -9.35 55.78 51.20
N HIS L 316 -9.73 55.49 52.45
CA HIS L 316 -10.16 56.53 53.37
C HIS L 316 -9.40 56.53 54.70
N ASN L 317 -8.52 55.54 54.93
CA ASN L 317 -7.62 55.47 56.09
C ASN L 317 -8.41 55.45 57.40
N ASP L 318 -9.26 54.41 57.41
CA ASP L 318 -10.21 53.89 58.44
C ASP L 318 -10.60 52.39 58.12
N PRO L 319 -11.18 51.72 59.12
CA PRO L 319 -11.69 50.36 59.29
C PRO L 319 -13.19 50.36 59.53
N SER L 320 -13.79 49.18 59.32
CA SER L 320 -15.22 48.74 59.40
C SER L 320 -15.87 48.80 58.03
N THR L 321 -15.24 49.56 57.14
CA THR L 321 -15.56 49.65 55.73
C THR L 321 -14.36 49.12 54.93
N PHE L 322 -13.46 48.45 55.63
CA PHE L 322 -12.25 47.90 55.05
C PHE L 322 -11.36 49.00 54.45
N PHE L 323 -11.32 50.17 55.09
CA PHE L 323 -10.47 51.24 54.55
C PHE L 323 -10.98 51.82 53.23
N LEU L 324 -12.23 51.57 52.89
CA LEU L 324 -12.82 52.05 51.65
C LEU L 324 -13.61 53.32 51.94
N SER L 325 -13.93 54.01 50.86
CA SER L 325 -14.69 55.24 50.90
C SER L 325 -15.95 54.96 50.09
N LYS L 326 -16.98 55.73 50.35
CA LYS L 326 -18.23 55.54 49.66
C LYS L 326 -17.97 55.79 48.19
N GLU L 327 -16.89 56.49 47.88
CA GLU L 327 -16.63 56.82 46.49
C GLU L 327 -16.22 55.60 45.71
N SER L 328 -15.97 54.47 46.39
CA SER L 328 -15.60 53.19 45.79
C SER L 328 -16.81 52.31 45.54
N PHE L 329 -17.70 52.18 46.53
CA PHE L 329 -18.94 51.44 46.34
C PHE L 329 -19.86 52.10 45.34
N TYR L 330 -19.74 53.43 45.17
CA TYR L 330 -20.44 54.10 44.09
C TYR L 330 -19.93 53.63 42.73
N PHE L 331 -18.64 53.32 42.64
CA PHE L 331 -18.08 52.85 41.38
C PHE L 331 -18.44 51.40 41.12
N MET L 332 -18.61 50.60 42.17
CA MET L 332 -18.99 49.20 41.98
C MET L 332 -20.45 49.09 41.58
N TYR L 333 -21.33 49.78 42.29
CA TYR L 333 -22.75 49.71 41.99
C TYR L 333 -23.09 50.38 40.67
N GLY L 334 -22.24 51.27 40.18
CA GLY L 334 -22.44 51.78 38.83
C GLY L 334 -22.23 50.72 37.77
N ILE L 335 -21.41 49.72 38.07
CA ILE L 335 -21.22 48.60 37.16
C ILE L 335 -22.34 47.58 37.29
N VAL L 336 -22.75 47.29 38.53
CA VAL L 336 -23.75 46.25 38.79
C VAL L 336 -25.13 46.71 38.32
N LYS L 337 -25.37 48.01 38.32
CA LYS L 337 -26.64 48.50 37.79
C LYS L 337 -26.69 48.36 36.27
N HIS L 338 -25.58 48.59 35.59
CA HIS L 338 -25.54 48.60 34.13
C HIS L 338 -24.84 47.39 33.56
N ALA L 339 -24.86 46.25 34.26
CA ALA L 339 -24.02 45.13 33.85
C ALA L 339 -24.61 44.37 32.68
N LYS L 340 -25.93 44.39 32.49
CA LYS L 340 -26.49 43.74 31.32
C LYS L 340 -26.30 44.57 30.07
N ALA L 341 -26.07 45.88 30.23
CA ALA L 341 -25.72 46.69 29.08
C ALA L 341 -24.24 46.58 28.73
N LEU L 342 -23.39 46.33 29.72
CA LEU L 342 -21.98 46.14 29.46
C LEU L 342 -21.70 44.80 28.81
N GLN L 343 -22.58 43.83 28.98
CA GLN L 343 -22.38 42.50 28.41
C GLN L 343 -22.48 42.49 26.90
N ALA L 344 -23.12 43.50 26.34
CA ALA L 344 -23.20 43.63 24.89
C ALA L 344 -21.78 43.86 24.38
N PHE L 345 -21.03 44.70 25.09
CA PHE L 345 -19.66 45.02 24.71
C PHE L 345 -18.59 44.10 25.29
N CYS L 346 -18.68 43.82 26.59
CA CYS L 346 -17.71 42.96 27.27
C CYS L 346 -17.67 41.52 26.79
N ASN L 347 -18.81 40.85 26.67
CA ASN L 347 -18.79 39.55 26.02
C ASN L 347 -19.89 39.63 24.98
N ALA L 348 -19.49 39.76 23.72
CA ALA L 348 -20.47 39.91 22.66
C ALA L 348 -20.16 38.94 21.55
N THR L 349 -20.32 37.68 21.88
CA THR L 349 -20.11 36.57 20.98
C THR L 349 -21.07 35.48 21.41
N MET L 350 -21.40 34.59 20.50
CA MET L 350 -22.27 33.49 20.83
C MET L 350 -21.53 32.40 21.59
N ASN L 351 -20.20 32.42 21.54
CA ASN L 351 -19.38 31.54 22.36
C ASN L 351 -19.39 31.90 23.82
N SER L 352 -19.49 33.18 24.14
CA SER L 352 -19.25 33.62 25.50
C SER L 352 -20.36 33.19 26.44
N TYR L 353 -21.55 32.98 25.92
CA TYR L 353 -22.64 32.50 26.74
C TYR L 353 -22.67 30.99 26.85
N LYS L 354 -21.69 30.32 26.27
CA LYS L 354 -21.37 28.96 26.63
C LYS L 354 -20.34 28.92 27.75
N ARG L 355 -19.95 30.10 28.24
CA ARG L 355 -19.02 30.18 29.37
C ARG L 355 -19.77 30.36 30.70
N LEU L 356 -21.07 30.67 30.62
CA LEU L 356 -21.87 30.90 31.82
C LEU L 356 -22.91 29.83 32.19
N VAL L 357 -23.32 29.02 31.22
CA VAL L 357 -24.29 27.96 31.45
C VAL L 357 -24.01 27.02 32.64
N PRO L 358 -22.82 26.39 32.68
CA PRO L 358 -22.64 25.41 33.75
C PRO L 358 -22.74 25.95 35.16
N GLY L 359 -22.14 27.11 35.39
CA GLY L 359 -22.14 27.73 36.71
C GLY L 359 -21.00 27.29 37.61
N PHE L 360 -20.21 26.31 37.16
CA PHE L 360 -19.10 25.88 37.98
C PHE L 360 -17.98 26.90 37.76
N GLU L 361 -17.54 27.50 38.87
CA GLU L 361 -16.51 28.54 38.85
C GLU L 361 -16.96 29.61 37.86
N THR L 362 -18.27 29.90 37.88
CA THR L 362 -18.85 30.85 36.97
C THR L 362 -19.69 31.86 37.75
N CYS L 363 -19.92 33.01 37.13
CA CYS L 363 -20.72 34.05 37.74
C CYS L 363 -22.18 33.77 37.48
N GLN L 364 -22.94 33.48 38.53
CA GLN L 364 -24.38 33.36 38.39
C GLN L 364 -25.11 34.63 38.78
N LYS L 365 -24.63 35.35 39.78
CA LYS L 365 -25.39 36.44 40.37
C LYS L 365 -24.61 37.74 40.22
N LEU L 366 -25.32 38.85 40.35
CA LEU L 366 -24.80 40.17 40.04
C LEU L 366 -24.64 40.95 41.34
N PHE L 367 -23.51 40.73 42.02
CA PHE L 367 -23.19 41.42 43.26
C PHE L 367 -21.67 41.41 43.40
N TYR L 368 -21.18 42.04 44.48
CA TYR L 368 -19.75 42.05 44.76
C TYR L 368 -19.48 41.39 46.12
N SER L 369 -18.59 40.40 46.14
CA SER L 369 -18.26 39.68 47.37
C SER L 369 -16.77 39.38 47.53
N PHE L 370 -16.32 39.34 48.78
CA PHE L 370 -14.91 39.07 49.10
C PHE L 370 -14.43 37.67 48.71
N GLY L 371 -15.25 36.65 48.94
CA GLY L 371 -14.90 35.28 48.61
C GLY L 371 -16.01 34.42 48.06
N SER L 372 -16.98 35.00 47.36
CA SER L 372 -18.02 34.23 46.72
C SER L 372 -17.63 33.95 45.28
N ARG L 373 -17.65 32.67 44.90
CA ARG L 373 -17.23 32.31 43.54
C ARG L 373 -18.21 32.76 42.48
N SER L 374 -19.48 32.91 42.84
CA SER L 374 -20.50 33.33 41.89
C SER L 374 -20.71 34.83 41.87
N ALA L 375 -19.71 35.61 42.26
CA ALA L 375 -19.80 37.06 42.23
C ALA L 375 -19.11 37.59 40.98
N VAL L 376 -19.62 38.71 40.48
CA VAL L 376 -19.05 39.32 39.29
C VAL L 376 -17.83 40.14 39.64
N ILE L 377 -17.92 40.95 40.69
CA ILE L 377 -16.81 41.76 41.16
C ILE L 377 -16.31 41.17 42.47
N ARG L 378 -15.00 40.97 42.59
CA ARG L 378 -14.43 40.43 43.80
C ARG L 378 -13.41 41.39 44.38
N LEU L 379 -13.58 41.75 45.64
CA LEU L 379 -12.66 42.65 46.31
C LEU L 379 -11.53 41.89 46.98
N SER L 380 -10.39 42.56 47.11
CA SER L 380 -9.15 41.93 47.49
C SER L 380 -8.98 42.02 49.01
N LEU L 381 -8.74 40.87 49.64
CA LEU L 381 -8.47 40.82 51.06
C LEU L 381 -6.99 40.65 51.37
N ILE L 382 -6.15 40.50 50.34
CA ILE L 382 -4.70 40.60 50.54
C ILE L 382 -4.29 42.05 50.73
N ASN L 383 -3.55 42.31 51.82
CA ASN L 383 -2.99 43.62 52.18
C ASN L 383 -4.06 44.72 52.19
N TYR L 384 -5.06 44.51 53.04
CA TYR L 384 -6.14 45.47 53.17
C TYR L 384 -5.67 46.79 53.76
N SER L 385 -4.55 46.80 54.49
CA SER L 385 -4.05 48.03 55.09
C SER L 385 -3.25 48.86 54.10
N ASN L 386 -2.80 48.27 53.00
CA ASN L 386 -1.94 48.99 52.07
C ASN L 386 -2.79 49.79 51.09
N PRO L 387 -2.50 51.07 50.88
CA PRO L 387 -3.35 51.89 49.99
C PRO L 387 -3.14 51.64 48.51
N SER L 388 -1.90 51.34 48.14
CA SER L 388 -1.54 51.04 46.75
C SER L 388 -2.23 49.76 46.31
N GLU L 389 -2.26 48.78 47.21
CA GLU L 389 -2.89 47.49 46.91
C GLU L 389 -4.39 47.47 47.17
N LYS L 390 -5.13 48.28 46.42
CA LYS L 390 -6.57 48.36 46.50
C LYS L 390 -7.06 48.24 45.07
N ARG L 391 -8.06 47.41 44.82
CA ARG L 391 -8.51 47.28 43.45
C ARG L 391 -9.92 46.71 43.40
N ILE L 392 -10.45 46.62 42.19
CA ILE L 392 -11.77 46.08 41.92
C ILE L 392 -11.61 45.11 40.75
N GLU L 393 -11.90 43.84 41.00
CA GLU L 393 -11.66 42.79 40.00
C GLU L 393 -12.97 42.46 39.31
N PHE L 394 -13.17 43.02 38.13
CA PHE L 394 -14.33 42.73 37.29
C PHE L 394 -14.05 41.46 36.52
N ARG L 395 -14.86 40.42 36.66
CA ARG L 395 -14.57 39.16 35.96
C ARG L 395 -15.42 38.74 34.76
N LEU L 396 -16.37 39.57 34.35
CA LEU L 396 -17.24 39.24 33.21
C LEU L 396 -16.68 39.17 31.77
N PRO L 397 -15.78 40.10 31.41
CA PRO L 397 -15.24 40.27 30.05
C PRO L 397 -14.39 39.15 29.44
N ASP L 398 -14.31 39.16 28.11
CA ASP L 398 -13.51 38.22 27.28
C ASP L 398 -12.52 39.02 26.48
N CYS L 399 -11.54 38.32 25.96
CA CYS L 399 -10.56 38.93 25.10
C CYS L 399 -11.13 38.96 23.69
N ALA L 400 -12.32 38.40 23.47
CA ALA L 400 -12.80 38.42 22.09
C ALA L 400 -13.07 39.82 21.57
N ASN L 401 -13.66 40.68 22.39
CA ASN L 401 -14.06 41.99 21.91
C ASN L 401 -12.85 42.94 21.88
N SER L 402 -13.07 44.12 21.34
CA SER L 402 -12.00 45.10 21.26
C SER L 402 -11.77 45.74 22.62
N PRO L 403 -10.51 45.79 23.09
CA PRO L 403 -10.25 46.24 24.45
C PRO L 403 -10.45 47.72 24.68
N HIS L 404 -10.53 48.52 23.63
CA HIS L 404 -10.82 49.94 23.81
C HIS L 404 -12.30 50.18 24.04
N LEU L 405 -13.16 49.39 23.39
CA LEU L 405 -14.59 49.56 23.62
C LEU L 405 -15.02 49.02 24.97
N VAL L 406 -14.36 47.96 25.45
CA VAL L 406 -14.76 47.39 26.73
C VAL L 406 -14.34 48.30 27.88
N MET L 407 -13.10 48.78 27.85
CA MET L 407 -12.60 49.58 28.97
C MET L 407 -13.17 50.98 28.97
N ALA L 408 -13.71 51.43 27.85
CA ALA L 408 -14.40 52.71 27.85
C ALA L 408 -15.81 52.59 28.37
N ALA L 409 -16.44 51.43 28.17
CA ALA L 409 -17.80 51.25 28.66
C ALA L 409 -17.82 51.03 30.16
N ILE L 410 -16.76 50.46 30.72
CA ILE L 410 -16.70 50.23 32.15
C ILE L 410 -16.50 51.53 32.90
N ILE L 411 -15.63 52.41 32.38
CA ILE L 411 -15.41 53.70 33.00
C ILE L 411 -16.64 54.58 32.90
N LEU L 412 -17.30 54.57 31.74
CA LEU L 412 -18.50 55.38 31.58
C LEU L 412 -19.68 54.83 32.38
N ALA L 413 -19.68 53.54 32.68
CA ALA L 413 -20.69 53.02 33.59
C ALA L 413 -20.33 53.30 35.02
N GLY L 414 -19.07 53.16 35.38
CA GLY L 414 -18.66 53.43 36.75
C GLY L 414 -18.65 54.90 37.09
N TYR L 415 -18.50 55.76 36.10
CA TYR L 415 -18.58 57.19 36.37
C TYR L 415 -20.01 57.62 36.62
N ASP L 416 -20.98 56.93 36.02
CA ASP L 416 -22.36 57.24 36.30
C ASP L 416 -22.82 56.68 37.64
N GLY L 417 -21.99 55.91 38.32
CA GLY L 417 -22.31 55.53 39.67
C GLY L 417 -21.89 56.51 40.72
N ILE L 418 -21.00 57.45 40.37
CA ILE L 418 -20.56 58.44 41.34
C ILE L 418 -21.41 59.71 41.25
N LYS L 419 -21.74 60.13 40.04
CA LYS L 419 -22.56 61.34 39.88
C LYS L 419 -24.00 61.09 40.30
N SER L 420 -24.48 59.85 40.21
CA SER L 420 -25.89 59.58 40.50
C SER L 420 -26.19 59.55 41.99
N LYS L 421 -25.20 59.18 42.82
CA LYS L 421 -25.32 59.12 44.28
C LYS L 421 -26.40 58.18 44.77
N GLU L 422 -26.69 57.11 44.03
CA GLU L 422 -27.64 56.12 44.52
C GLU L 422 -26.98 55.20 45.53
N GLN L 423 -27.81 54.42 46.22
CA GLN L 423 -27.25 53.57 47.26
C GLN L 423 -26.59 52.33 46.66
N PRO L 424 -25.41 51.97 47.12
CA PRO L 424 -24.81 50.69 46.73
C PRO L 424 -25.51 49.53 47.43
N LEU L 425 -25.15 48.32 47.00
CA LEU L 425 -25.73 47.09 47.49
C LEU L 425 -24.85 46.49 48.58
N VAL L 426 -25.43 45.58 49.36
CA VAL L 426 -24.72 44.87 50.43
C VAL L 426 -23.73 43.91 49.79
N PRO L 427 -22.55 43.68 50.38
CA PRO L 427 -21.60 42.73 49.81
C PRO L 427 -22.04 41.26 49.71
N PHE L 428 -22.86 40.75 50.63
CA PHE L 428 -23.64 39.51 50.43
C PHE L 428 -22.76 38.26 50.23
N GLU L 429 -21.91 37.96 51.19
CA GLU L 429 -21.07 36.78 51.10
C GLU L 429 -21.87 35.53 51.46
N SER L 430 -21.87 34.53 50.58
CA SER L 430 -22.85 33.44 50.67
C SER L 430 -22.18 32.09 50.84
N LYS L 431 -22.24 31.53 52.05
CA LYS L 431 -21.50 30.30 52.35
C LYS L 431 -21.93 29.13 51.51
N ASP L 432 -23.23 28.99 51.40
CA ASP L 432 -23.83 27.97 50.58
C ASP L 432 -24.79 28.82 49.81
N ASN L 433 -26.08 28.51 49.94
CA ASN L 433 -27.10 29.30 49.30
C ASN L 433 -27.52 30.42 50.23
N HIS L 434 -27.06 30.32 51.49
CA HIS L 434 -27.39 31.31 52.50
C HIS L 434 -26.47 32.51 52.34
N PHE L 435 -27.02 33.63 51.92
CA PHE L 435 -26.27 34.88 51.83
C PHE L 435 -26.10 35.45 53.23
N TYR L 436 -24.87 35.54 53.69
CA TYR L 436 -24.56 36.19 54.95
C TYR L 436 -24.18 37.64 54.72
N ILE L 437 -24.02 38.36 55.83
CA ILE L 437 -23.54 39.74 55.82
C ILE L 437 -22.43 39.82 56.86
N SER L 438 -21.32 40.49 56.50
CA SER L 438 -20.16 40.56 57.37
C SER L 438 -20.46 41.30 58.66
N SER L 439 -19.57 41.10 59.65
CA SER L 439 -19.71 41.78 60.92
C SER L 439 -19.53 43.28 60.78
N ILE L 440 -18.69 43.69 59.83
CA ILE L 440 -18.47 45.11 59.60
C ILE L 440 -19.67 45.75 58.90
N PHE L 441 -20.42 44.95 58.14
CA PHE L 441 -21.63 45.48 57.51
C PHE L 441 -22.89 45.12 58.30
N SER L 442 -22.77 44.34 59.37
CA SER L 442 -23.94 44.17 60.21
C SER L 442 -24.24 45.45 60.98
N LYS L 443 -23.23 46.22 61.33
CA LYS L 443 -23.49 47.39 62.16
C LYS L 443 -24.04 48.62 61.45
N TYR L 444 -25.33 48.82 61.63
CA TYR L 444 -26.07 49.98 61.14
C TYR L 444 -26.00 50.37 59.66
N VAL L 445 -26.08 49.45 58.70
CA VAL L 445 -26.02 49.98 57.34
C VAL L 445 -27.35 49.88 56.62
N GLN L 446 -28.31 49.11 57.11
CA GLN L 446 -29.64 49.02 56.52
C GLN L 446 -30.65 49.19 57.66
N HIS L 447 -31.36 50.33 57.64
CA HIS L 447 -32.46 50.51 58.57
C HIS L 447 -33.68 49.67 58.21
N PRO L 448 -34.25 49.74 57.00
CA PRO L 448 -35.44 48.92 56.74
C PRO L 448 -35.09 47.61 56.06
N GLU L 449 -36.11 46.74 55.98
CA GLU L 449 -36.01 45.39 55.42
C GLU L 449 -34.89 44.56 56.08
N ASN L 450 -35.07 44.31 57.38
CA ASN L 450 -34.16 43.44 58.13
C ASN L 450 -34.60 41.99 57.93
N PHE L 451 -34.12 41.38 56.85
CA PHE L 451 -34.48 40.02 56.48
C PHE L 451 -33.36 39.02 56.70
N ASN L 452 -32.11 39.44 56.53
CA ASN L 452 -30.96 38.57 56.75
C ASN L 452 -30.52 38.52 58.22
N ILE L 453 -31.40 38.88 59.16
CA ILE L 453 -31.03 38.91 60.57
C ILE L 453 -30.78 37.51 61.11
N LEU L 454 -31.40 36.50 60.49
CA LEU L 454 -31.09 35.11 60.84
C LEU L 454 -29.70 34.72 60.33
N THR L 455 -29.26 35.33 59.22
CA THR L 455 -27.95 35.01 58.64
C THR L 455 -26.95 36.12 58.93
N HIS L 456 -26.32 36.05 60.10
CA HIS L 456 -25.24 36.95 60.49
C HIS L 456 -24.09 36.23 61.17
N ALA L 457 -23.95 34.91 60.99
CA ALA L 457 -22.93 34.14 61.69
C ALA L 457 -21.59 34.37 61.02
N LEU L 458 -20.88 35.43 61.44
CA LEU L 458 -19.58 35.77 60.86
C LEU L 458 -18.71 36.39 61.94
N GLU L 459 -17.39 36.20 61.78
CA GLU L 459 -16.37 36.76 62.67
C GLU L 459 -15.32 37.55 61.92
N GLY L 460 -15.14 37.33 60.62
CA GLY L 460 -14.28 38.15 59.78
C GLY L 460 -12.80 37.98 60.07
N TYR L 461 -12.05 39.04 59.82
CA TYR L 461 -10.67 39.18 60.23
C TYR L 461 -10.63 39.56 61.71
N GLU L 462 -9.43 39.64 62.28
CA GLU L 462 -9.36 39.84 63.72
C GLU L 462 -9.58 41.31 64.05
N SER L 463 -10.56 41.58 64.89
CA SER L 463 -10.93 42.93 65.30
C SER L 463 -11.66 42.82 66.63
N LEU L 464 -11.14 43.50 67.65
CA LEU L 464 -11.78 43.54 68.96
C LEU L 464 -11.93 44.98 69.39
N HIS L 465 -13.07 45.26 70.05
CA HIS L 465 -13.49 46.59 70.48
C HIS L 465 -13.56 47.56 69.29
N THR L 466 -14.42 47.22 68.34
CA THR L 466 -14.50 47.95 67.08
C THR L 466 -15.20 49.30 67.27
N ILE L 467 -14.95 50.20 66.33
CA ILE L 467 -15.49 51.55 66.36
C ILE L 467 -16.44 51.71 65.18
N ASN L 468 -17.66 52.18 65.46
CA ASN L 468 -18.66 52.44 64.44
C ASN L 468 -18.59 53.91 64.02
N GLU L 469 -18.12 54.15 62.80
CA GLU L 469 -18.07 55.51 62.28
C GLU L 469 -19.46 55.97 61.90
N SER L 470 -19.87 57.12 62.44
CA SER L 470 -21.24 57.59 62.27
C SER L 470 -21.61 58.08 60.86
N PRO L 471 -20.84 58.93 60.15
CA PRO L 471 -21.35 59.40 58.86
C PRO L 471 -21.23 58.38 57.73
N GLU L 472 -20.35 57.39 57.85
CA GLU L 472 -20.22 56.39 56.81
C GLU L 472 -21.22 55.26 56.98
N PHE L 473 -21.70 55.06 58.21
CA PHE L 473 -22.57 53.93 58.50
C PHE L 473 -24.06 54.20 58.47
N LYS L 474 -24.51 55.13 57.65
CA LYS L 474 -25.93 55.44 57.67
C LYS L 474 -26.64 54.30 56.96
N ASN L 475 -27.84 54.52 56.45
CA ASN L 475 -28.53 53.43 55.75
C ASN L 475 -27.67 53.00 54.57
N PHE L 476 -27.17 53.99 53.80
CA PHE L 476 -26.23 53.84 52.70
C PHE L 476 -26.33 52.57 51.89
N PHE L 477 -26.60 51.44 52.52
CA PHE L 477 -26.69 50.27 51.66
C PHE L 477 -28.14 49.83 51.55
N LYS L 478 -28.50 49.30 50.40
CA LYS L 478 -29.83 48.75 50.21
C LYS L 478 -29.77 47.23 50.23
N CYS L 479 -30.74 46.62 50.90
CA CYS L 479 -30.85 45.16 50.94
C CYS L 479 -31.94 44.75 49.98
N GLU L 480 -31.58 44.57 48.71
CA GLU L 480 -32.42 43.92 47.74
C GLU L 480 -31.82 42.55 47.43
N GLU L 481 -32.57 41.76 46.69
CA GLU L 481 -32.02 40.50 46.20
C GLU L 481 -31.07 40.77 45.04
N PRO L 482 -29.92 40.11 45.00
CA PRO L 482 -29.00 40.30 43.88
C PRO L 482 -29.56 39.68 42.62
N GLN L 483 -29.62 40.47 41.56
CA GLN L 483 -30.21 40.03 40.31
C GLN L 483 -29.26 39.10 39.57
N GLY L 484 -29.73 38.60 38.42
CA GLY L 484 -28.94 37.71 37.60
C GLY L 484 -28.24 38.46 36.48
N ILE L 485 -27.59 37.67 35.63
CA ILE L 485 -26.86 38.18 34.48
C ILE L 485 -27.62 37.72 33.25
N SER L 486 -27.39 38.38 32.12
CA SER L 486 -27.97 37.90 30.87
C SER L 486 -27.17 36.71 30.37
N PHE L 487 -27.87 35.68 29.89
CA PHE L 487 -27.23 34.45 29.45
C PHE L 487 -27.30 34.25 27.94
N SER L 488 -27.64 35.29 27.18
CA SER L 488 -27.62 35.22 25.73
C SER L 488 -27.53 36.63 25.16
N LEU L 489 -27.16 36.72 23.88
CA LEU L 489 -27.05 38.02 23.23
C LEU L 489 -28.39 38.68 23.00
N VAL L 490 -29.47 37.92 22.87
CA VAL L 490 -30.77 38.53 22.65
C VAL L 490 -31.27 39.19 23.93
N GLU L 491 -30.74 38.78 25.08
CA GLU L 491 -31.03 39.48 26.32
C GLU L 491 -30.13 40.67 26.53
N SER L 492 -28.89 40.61 26.05
CA SER L 492 -27.94 41.67 26.30
C SER L 492 -28.08 42.81 25.31
N LEU L 493 -28.43 42.51 24.07
CA LEU L 493 -28.64 43.57 23.10
C LEU L 493 -29.94 44.31 23.36
N ASP L 494 -30.94 43.63 23.93
CA ASP L 494 -32.15 44.35 24.31
C ASP L 494 -31.95 45.15 25.58
N ALA L 495 -31.02 44.75 26.44
CA ALA L 495 -30.69 45.58 27.59
C ALA L 495 -29.88 46.79 27.18
N LEU L 496 -29.13 46.70 26.09
CA LEU L 496 -28.42 47.86 25.57
C LEU L 496 -29.36 48.83 24.89
N GLU L 497 -30.45 48.34 24.30
CA GLU L 497 -31.40 49.23 23.63
C GLU L 497 -32.19 50.10 24.59
N LYS L 498 -32.49 49.57 25.78
CA LYS L 498 -33.24 50.31 26.78
C LYS L 498 -32.32 50.98 27.78
N ASP L 499 -31.04 50.62 27.74
CA ASP L 499 -30.07 51.19 28.65
C ASP L 499 -28.80 51.66 27.96
N HIS L 500 -28.90 52.73 27.18
CA HIS L 500 -27.72 53.28 26.52
C HIS L 500 -27.52 54.75 26.89
N ALA L 501 -28.03 55.13 28.05
CA ALA L 501 -28.01 56.54 28.45
C ALA L 501 -26.71 56.94 29.12
N PHE L 502 -26.07 56.02 29.84
CA PHE L 502 -24.80 56.35 30.48
C PHE L 502 -23.65 56.43 29.50
N LEU L 503 -23.83 55.91 28.29
CA LEU L 503 -22.79 55.94 27.28
C LEU L 503 -22.84 57.19 26.42
N THR L 504 -24.01 57.82 26.32
CA THR L 504 -24.21 58.96 25.45
C THR L 504 -23.89 60.28 26.12
N VAL L 505 -23.18 60.26 27.23
CA VAL L 505 -22.83 61.49 27.94
C VAL L 505 -21.72 62.21 27.18
N ASN L 506 -21.94 63.50 26.89
CA ASN L 506 -21.06 64.36 26.08
C ASN L 506 -20.80 63.79 24.69
N ASN L 507 -21.74 63.00 24.18
CA ASN L 507 -21.74 62.43 22.83
C ASN L 507 -20.48 61.61 22.56
N ILE L 508 -20.07 60.81 23.55
CA ILE L 508 -18.90 59.94 23.37
C ILE L 508 -19.26 58.76 22.49
N PHE L 509 -20.26 57.99 22.90
CA PHE L 509 -20.89 56.99 22.05
C PHE L 509 -22.08 57.68 21.40
N THR L 510 -22.09 57.77 20.07
CA THR L 510 -23.23 58.42 19.46
C THR L 510 -24.40 57.45 19.37
N GLU L 511 -25.57 57.99 19.06
CA GLU L 511 -26.75 57.16 18.89
C GLU L 511 -26.65 56.27 17.67
N GLU L 512 -26.02 56.77 16.60
CA GLU L 512 -25.84 55.99 15.39
C GLU L 512 -24.78 54.92 15.56
N MET L 513 -23.82 55.15 16.44
CA MET L 513 -22.81 54.16 16.80
C MET L 513 -23.43 52.92 17.41
N ILE L 514 -24.40 53.10 18.31
CA ILE L 514 -24.97 51.96 19.01
C ILE L 514 -25.98 51.24 18.13
N GLN L 515 -26.71 51.98 17.30
CA GLN L 515 -27.68 51.37 16.38
C GLN L 515 -26.98 50.54 15.32
N GLU L 516 -25.84 51.02 14.81
CA GLU L 516 -25.11 50.25 13.81
C GLU L 516 -24.37 49.07 14.45
N TYR L 517 -24.16 49.09 15.76
CA TYR L 517 -23.51 47.97 16.41
C TYR L 517 -24.51 46.86 16.72
N ILE L 518 -25.71 47.23 17.14
CA ILE L 518 -26.73 46.23 17.44
C ILE L 518 -27.26 45.61 16.15
N LYS L 519 -27.30 46.40 15.08
CA LYS L 519 -27.71 45.87 13.78
C LYS L 519 -26.69 44.88 13.23
N PHE L 520 -25.41 45.05 13.57
CA PHE L 520 -24.42 44.09 13.09
C PHE L 520 -24.52 42.78 13.85
N LYS L 521 -24.69 42.82 15.17
CA LYS L 521 -24.71 41.59 15.94
C LYS L 521 -25.99 40.80 15.69
N ARG L 522 -27.08 41.48 15.37
CA ARG L 522 -28.33 40.78 15.08
C ARG L 522 -28.34 40.15 13.70
N GLU L 523 -27.38 40.51 12.85
CA GLU L 523 -27.16 39.72 11.64
C GLU L 523 -26.36 38.47 11.94
N GLU L 524 -25.49 38.52 12.96
CA GLU L 524 -24.65 37.38 13.32
C GLU L 524 -25.43 36.30 14.06
N ILE L 525 -26.45 36.68 14.81
CA ILE L 525 -27.28 35.67 15.47
C ILE L 525 -28.14 34.95 14.46
N ASP L 526 -28.65 35.67 13.46
CA ASP L 526 -29.53 35.04 12.48
C ASP L 526 -28.77 34.11 11.56
N ALA L 527 -27.52 34.44 11.22
CA ALA L 527 -26.72 33.53 10.42
C ALA L 527 -26.16 32.38 11.22
N TYR L 528 -26.23 32.46 12.55
CA TYR L 528 -25.76 31.40 13.40
C TYR L 528 -26.83 30.36 13.64
N ASN L 529 -28.09 30.76 13.64
CA ASN L 529 -29.18 29.85 13.96
C ASN L 529 -29.66 29.07 12.75
N LYS L 530 -29.25 29.45 11.54
CA LYS L 530 -29.62 28.68 10.36
C LYS L 530 -28.84 27.39 10.25
N TYR L 531 -27.70 27.32 10.91
CA TYR L 531 -26.71 26.28 10.66
C TYR L 531 -27.09 25.01 11.40
N VAL L 532 -27.29 23.92 10.65
CA VAL L 532 -27.74 22.66 11.22
C VAL L 532 -26.54 21.90 11.77
N ASN L 533 -26.64 21.53 13.03
CA ASN L 533 -25.55 21.00 13.83
C ASN L 533 -25.40 19.50 13.63
N ALA L 534 -24.47 18.92 14.39
CA ALA L 534 -24.39 17.48 14.56
C ALA L 534 -25.07 17.02 15.84
N TYR L 535 -25.41 17.94 16.73
CA TYR L 535 -26.26 17.65 17.87
C TYR L 535 -27.73 17.62 17.48
N ASP L 536 -28.07 18.15 16.31
CA ASP L 536 -29.43 18.05 15.83
C ASP L 536 -29.74 16.66 15.33
N TYR L 537 -28.76 15.98 14.75
CA TYR L 537 -28.93 14.62 14.30
C TYR L 537 -28.93 13.63 15.44
N HIS L 538 -28.19 13.92 16.51
CA HIS L 538 -28.15 12.99 17.63
C HIS L 538 -29.44 13.01 18.43
N LEU L 539 -29.88 14.22 18.72
CA LEU L 539 -31.11 14.53 19.44
C LEU L 539 -32.47 14.33 18.77
N TYR L 540 -32.58 14.71 17.50
CA TYR L 540 -33.87 14.67 16.81
C TYR L 540 -33.83 13.91 15.53
N TYR L 541 -33.82 12.60 15.65
CA TYR L 541 -33.76 11.74 14.47
C TYR L 541 -34.40 10.38 14.80
#